data_3T8W
#
_entry.id   3T8W
#
_cell.length_a   173.748
_cell.length_b   177.057
_cell.length_c   231.221
_cell.angle_alpha   90.00
_cell.angle_beta   90.00
_cell.angle_gamma   90.00
#
_symmetry.space_group_name_H-M   'P 21 21 21'
#
loop_
_entity.id
_entity.type
_entity.pdbx_description
1 polymer 'M17 leucyl aminopeptidase'
2 non-polymer 'CARBONATE ION'
3 non-polymer 'ZINC ION'
4 non-polymer N-((2R,3S,6S,18S,21S)-2-amino-18-(4-benzoylbenzyl)-21-carbamoyl-3-hydroxy-6-(naphthalen-2-ylmethyl)-4,7,16,19-tetraoxo-1-phenyl-11,14-dioxa-5,8,17,20-tetraazapentacosan-25-yl)hex-5-ynamide
5 non-polymer 'SULFATE ION'
6 non-polymer 'PENTAETHYLENE GLYCOL'
7 non-polymer 'NONAETHYLENE GLYCOL'
8 water water
#
_entity_poly.entity_id   1
_entity_poly.type   'polypeptide(L)'
_entity_poly.pdbx_seq_one_letter_code
;MASEVPQVVSLDPTSIPIEYNTPIHDIKVQVYDIKGGCNVEEGLTIFLVNNPGKENGPVKISSKVNDKQVSEFLKDENME
KFNVKLGTSKHFYMFNDNKNSVAVGYVGCGSVADLSEADMKRVVLSLVTMLHDNKLSKLTVVFEINVDKNLFRFFLETLF
YEYMTDERFKSTDKNVNMEYIKHLGVYINNADTYKEEVEKARVYYFGTYYASQLIAAPSNYCNPVSLSNAAVELAQKLNL
EYKILGVKELEELKMGAYLSVGKGSMYPNKFIHLTYKSKGDVKKKIALVGKGITFDSGGYNLKAAPGSMIDLMKFDMSGC
AAVLGCAYCVGTLKPENVEIHFLSAVCENMVSKNSYRPGDIITASNGKTIEVGNTDAEGRLTLADALVYAEKLGVDYIVD
IATLTGAMLYSLGTSYAGVFGNNEELINKILQSSKTSNEPVWWLPIINEYRATLNSKYADINQISSSVKASSIVASLFLK
EFVQNTAWAHIDIAGVSWNFKARKPKGFGVRLLTEFVLNDALHHHHHH
;
_entity_poly.pdbx_strand_id   A,B,C,D,E,F,G,H,I,J,K,L
#
# COMPACT_ATOMS: atom_id res chain seq x y z
N ALA A 2 -69.83 17.25 13.83
CA ALA A 2 -70.16 15.85 14.03
C ALA A 2 -71.27 15.38 13.10
N SER A 3 -71.05 14.24 12.43
CA SER A 3 -72.03 13.66 11.52
C SER A 3 -72.68 12.42 12.13
N GLU A 4 -73.93 12.13 11.73
CA GLU A 4 -74.65 10.94 12.20
C GLU A 4 -74.12 9.69 11.47
N VAL A 5 -73.68 8.70 12.24
CA VAL A 5 -73.13 7.45 11.67
C VAL A 5 -74.29 6.56 11.19
N PRO A 6 -74.33 6.20 9.90
CA PRO A 6 -75.42 5.33 9.43
C PRO A 6 -75.27 3.93 10.02
N GLN A 7 -76.41 3.27 10.23
CA GLN A 7 -76.49 1.93 10.81
C GLN A 7 -77.31 1.04 9.90
N VAL A 8 -76.97 -0.26 9.86
CA VAL A 8 -77.78 -1.22 9.13
C VAL A 8 -78.85 -1.73 10.12
N VAL A 9 -78.40 -2.07 11.34
CA VAL A 9 -79.25 -2.52 12.46
C VAL A 9 -78.98 -1.60 13.65
N SER A 10 -79.91 -1.54 14.61
CA SER A 10 -79.78 -0.66 15.78
C SER A 10 -78.60 -1.04 16.67
N LEU A 11 -78.10 -2.29 16.52
CA LEU A 11 -76.95 -2.78 17.29
C LEU A 11 -75.60 -2.32 16.73
N ASP A 12 -75.60 -1.72 15.53
CA ASP A 12 -74.37 -1.20 14.93
C ASP A 12 -73.85 0.00 15.74
N PRO A 13 -72.56 -0.02 16.13
CA PRO A 13 -72.03 1.12 16.94
C PRO A 13 -72.00 2.43 16.19
N THR A 14 -72.18 3.54 16.92
CA THR A 14 -72.21 4.88 16.31
C THR A 14 -71.03 5.76 16.72
N SER A 15 -70.04 5.21 17.44
CA SER A 15 -68.82 5.94 17.80
C SER A 15 -67.70 4.98 18.10
N ILE A 16 -66.45 5.49 18.06
CA ILE A 16 -65.29 4.71 18.44
C ILE A 16 -65.12 4.94 19.93
N PRO A 17 -65.10 3.91 20.80
CA PRO A 17 -64.80 4.18 22.24
C PRO A 17 -63.33 4.59 22.36
N ILE A 18 -63.05 5.66 23.07
CA ILE A 18 -61.68 6.17 23.22
C ILE A 18 -61.44 6.41 24.69
N GLU A 19 -60.29 5.91 25.18
CA GLU A 19 -59.86 6.11 26.55
C GLU A 19 -58.83 7.24 26.51
N TYR A 20 -59.17 8.42 27.08
CA TYR A 20 -58.24 9.56 27.12
C TYR A 20 -57.47 9.54 28.45
N ASN A 21 -58.19 9.36 29.57
CA ASN A 21 -57.61 9.32 30.90
C ASN A 21 -57.20 7.89 31.17
N THR A 22 -55.95 7.55 30.85
CA THR A 22 -55.51 6.16 31.02
C THR A 22 -54.83 6.00 32.40
N PRO A 23 -54.70 4.77 32.93
CA PRO A 23 -53.98 4.59 34.21
C PRO A 23 -52.53 5.11 34.17
N ILE A 24 -51.89 5.14 32.98
CA ILE A 24 -50.54 5.70 32.82
C ILE A 24 -50.51 7.18 33.24
N HIS A 25 -51.60 7.93 32.93
CA HIS A 25 -51.70 9.35 33.30
C HIS A 25 -51.77 9.58 34.81
N ASP A 26 -52.13 8.53 35.59
CA ASP A 26 -52.21 8.61 37.06
C ASP A 26 -50.90 8.27 37.74
N ILE A 27 -49.88 7.85 36.95
CA ILE A 27 -48.57 7.49 37.51
C ILE A 27 -47.78 8.76 37.84
N LYS A 28 -47.39 8.89 39.11
CA LYS A 28 -46.56 9.99 39.57
C LYS A 28 -45.12 9.53 39.38
N VAL A 29 -44.37 10.27 38.52
CA VAL A 29 -42.98 9.95 38.18
C VAL A 29 -42.02 10.87 38.94
N GLN A 30 -41.02 10.27 39.59
CA GLN A 30 -39.98 10.99 40.32
C GLN A 30 -38.63 10.52 39.79
N VAL A 31 -37.76 11.46 39.41
CA VAL A 31 -36.42 11.19 38.91
C VAL A 31 -35.42 11.65 39.97
N TYR A 32 -34.54 10.74 40.39
CA TYR A 32 -33.52 11.03 41.39
C TYR A 32 -32.15 10.81 40.80
N ASP A 33 -31.18 11.58 41.31
CA ASP A 33 -29.81 11.39 40.88
C ASP A 33 -29.24 10.19 41.65
N ILE A 34 -28.60 9.27 40.91
CA ILE A 34 -28.01 8.06 41.45
C ILE A 34 -26.88 8.34 42.49
N LYS A 35 -26.22 9.52 42.38
CA LYS A 35 -25.16 9.94 43.31
C LYS A 35 -25.60 10.07 44.79
N GLY A 36 -26.90 10.32 45.02
CA GLY A 36 -27.47 10.46 46.37
C GLY A 36 -27.85 9.14 47.01
N GLY A 37 -27.65 8.05 46.27
CA GLY A 37 -27.97 6.71 46.72
C GLY A 37 -29.40 6.32 46.47
N CYS A 38 -29.67 5.00 46.49
CA CYS A 38 -30.99 4.44 46.22
C CYS A 38 -31.70 4.07 47.52
N ASN A 39 -32.94 4.54 47.67
CA ASN A 39 -33.80 4.18 48.80
C ASN A 39 -34.65 3.00 48.31
N VAL A 40 -34.68 1.91 49.09
CA VAL A 40 -35.39 0.69 48.70
C VAL A 40 -36.54 0.42 49.68
N GLU A 41 -37.76 0.77 49.26
CA GLU A 41 -38.96 0.59 50.06
C GLU A 41 -40.03 -0.20 49.31
N GLU A 42 -41.30 0.20 49.41
CA GLU A 42 -42.42 -0.52 48.81
C GLU A 42 -42.32 -0.68 47.31
N GLY A 43 -43.16 -1.55 46.79
CA GLY A 43 -43.21 -1.82 45.37
C GLY A 43 -42.08 -2.73 44.97
N LEU A 44 -41.59 -2.53 43.77
CA LEU A 44 -40.54 -3.35 43.19
C LEU A 44 -39.45 -2.43 42.66
N THR A 45 -38.20 -2.67 43.08
CA THR A 45 -37.03 -1.91 42.65
C THR A 45 -36.20 -2.76 41.70
N ILE A 46 -36.11 -2.34 40.42
CA ILE A 46 -35.36 -3.07 39.42
C ILE A 46 -34.08 -2.32 38.98
N PHE A 47 -32.95 -3.02 39.00
CA PHE A 47 -31.69 -2.49 38.49
C PHE A 47 -31.55 -2.91 37.02
N LEU A 48 -31.22 -1.97 36.12
CA LEU A 48 -30.95 -2.27 34.72
C LEU A 48 -29.44 -2.40 34.64
N VAL A 49 -28.95 -3.63 34.52
CA VAL A 49 -27.53 -3.91 34.56
C VAL A 49 -27.01 -4.56 33.27
N ASN A 50 -25.75 -4.29 32.94
CA ASN A 50 -25.06 -4.91 31.80
C ASN A 50 -23.65 -5.35 32.26
N ASN A 51 -22.85 -5.93 31.37
CA ASN A 51 -21.47 -6.31 31.65
C ASN A 51 -20.71 -6.18 30.33
N PRO A 52 -20.18 -4.98 30.01
CA PRO A 52 -19.48 -4.79 28.72
C PRO A 52 -18.32 -5.75 28.47
N GLY A 53 -18.33 -6.37 27.28
CA GLY A 53 -17.32 -7.32 26.86
C GLY A 53 -17.64 -8.75 27.26
N LYS A 54 -17.81 -8.98 28.59
CA LYS A 54 -18.13 -10.29 29.17
C LYS A 54 -19.54 -10.75 28.81
N GLU A 55 -19.66 -11.49 27.67
CA GLU A 55 -20.91 -12.05 27.15
C GLU A 55 -21.50 -12.99 28.20
N ASN A 56 -22.76 -12.70 28.61
CA ASN A 56 -23.48 -13.38 29.70
C ASN A 56 -22.67 -13.31 30.98
N GLY A 57 -21.99 -12.19 31.18
CA GLY A 57 -21.17 -11.92 32.35
C GLY A 57 -21.96 -11.78 33.64
N PRO A 58 -21.28 -11.82 34.81
CA PRO A 58 -22.02 -11.71 36.09
C PRO A 58 -22.65 -10.35 36.35
N VAL A 59 -23.70 -10.35 37.18
CA VAL A 59 -24.42 -9.15 37.61
C VAL A 59 -23.58 -8.56 38.73
N LYS A 60 -23.33 -7.26 38.65
CA LYS A 60 -22.65 -6.46 39.67
C LYS A 60 -23.47 -5.19 39.80
N ILE A 61 -23.91 -4.85 41.03
CA ILE A 61 -24.71 -3.64 41.29
C ILE A 61 -23.73 -2.53 41.72
N SER A 62 -23.60 -1.47 40.90
CA SER A 62 -22.65 -0.35 41.15
C SER A 62 -23.19 0.77 42.03
N SER A 63 -24.51 1.01 42.00
CA SER A 63 -25.15 2.11 42.74
C SER A 63 -25.03 1.96 44.25
N LYS A 64 -24.89 3.10 44.95
CA LYS A 64 -24.92 3.11 46.39
C LYS A 64 -26.40 2.92 46.75
N VAL A 65 -26.67 2.01 47.67
CA VAL A 65 -28.03 1.72 48.15
C VAL A 65 -28.03 2.17 49.62
N ASN A 66 -28.99 3.02 50.02
CA ASN A 66 -29.12 3.59 51.37
C ASN A 66 -29.82 2.67 52.37
N ASP A 67 -29.34 1.43 52.43
CA ASP A 67 -29.89 0.41 53.32
C ASP A 67 -28.80 -0.62 53.50
N LYS A 68 -28.39 -0.83 54.75
CA LYS A 68 -27.33 -1.79 55.08
C LYS A 68 -27.72 -3.22 54.69
N GLN A 69 -28.96 -3.64 54.97
CA GLN A 69 -29.46 -4.99 54.65
C GLN A 69 -29.49 -5.22 53.16
N VAL A 70 -30.03 -4.27 52.40
CA VAL A 70 -30.17 -4.40 50.94
C VAL A 70 -28.79 -4.39 50.29
N SER A 71 -27.87 -3.51 50.77
CA SER A 71 -26.47 -3.43 50.27
C SER A 71 -25.78 -4.77 50.41
N GLU A 72 -25.94 -5.42 51.57
CA GLU A 72 -25.37 -6.73 51.89
C GLU A 72 -25.90 -7.77 50.92
N PHE A 73 -27.23 -7.81 50.71
CA PHE A 73 -27.85 -8.76 49.79
C PHE A 73 -27.30 -8.59 48.37
N LEU A 74 -27.14 -7.34 47.91
CA LEU A 74 -26.70 -6.99 46.55
C LEU A 74 -25.19 -6.96 46.31
N LYS A 75 -24.40 -7.53 47.22
CA LYS A 75 -22.94 -7.57 47.08
C LYS A 75 -22.52 -8.54 45.98
N ASP A 76 -21.35 -8.26 45.38
CA ASP A 76 -20.77 -9.01 44.26
C ASP A 76 -20.81 -10.52 44.41
N GLU A 77 -20.40 -11.04 45.59
CA GLU A 77 -20.39 -12.47 45.92
C GLU A 77 -21.79 -13.07 45.82
N ASN A 78 -22.82 -12.32 46.26
CA ASN A 78 -24.22 -12.76 46.22
C ASN A 78 -24.81 -12.68 44.80
N MET A 79 -24.37 -11.69 43.98
CA MET A 79 -24.89 -11.43 42.62
C MET A 79 -24.23 -12.21 41.50
N GLU A 80 -23.00 -12.72 41.72
CA GLU A 80 -22.21 -13.44 40.70
C GLU A 80 -22.83 -14.71 40.13
N LYS A 81 -23.77 -15.35 40.85
CA LYS A 81 -24.50 -16.51 40.34
C LYS A 81 -25.51 -16.12 39.22
N PHE A 82 -25.76 -14.81 39.06
CA PHE A 82 -26.70 -14.32 38.07
C PHE A 82 -25.96 -13.64 36.93
N ASN A 83 -26.54 -13.68 35.75
CA ASN A 83 -25.87 -13.10 34.59
C ASN A 83 -26.69 -12.02 33.88
N VAL A 84 -26.03 -11.20 33.09
CA VAL A 84 -26.61 -10.06 32.38
C VAL A 84 -27.28 -10.36 31.04
N LYS A 85 -27.40 -11.64 30.61
CA LYS A 85 -28.00 -11.97 29.31
C LYS A 85 -29.21 -11.07 28.99
N LEU A 86 -29.16 -10.36 27.84
CA LEU A 86 -30.22 -9.46 27.38
C LEU A 86 -31.61 -10.03 27.56
N GLY A 87 -32.46 -9.28 28.27
CA GLY A 87 -33.83 -9.67 28.59
C GLY A 87 -34.00 -10.60 29.77
N THR A 88 -32.89 -11.11 30.36
CA THR A 88 -32.97 -12.00 31.55
C THR A 88 -33.45 -11.14 32.73
N SER A 89 -34.15 -11.76 33.70
CA SER A 89 -34.58 -11.05 34.91
C SER A 89 -34.66 -11.96 36.13
N LYS A 90 -34.45 -11.41 37.31
CA LYS A 90 -34.59 -12.15 38.57
C LYS A 90 -35.28 -11.29 39.60
N HIS A 91 -36.08 -11.93 40.51
CA HIS A 91 -36.78 -11.27 41.63
C HIS A 91 -36.08 -11.63 42.93
N PHE A 92 -35.93 -10.65 43.81
CA PHE A 92 -35.30 -10.83 45.13
C PHE A 92 -36.27 -10.38 46.22
N TYR A 93 -36.20 -11.00 47.40
CA TYR A 93 -37.05 -10.68 48.54
C TYR A 93 -36.19 -10.64 49.76
N MET A 94 -36.34 -9.58 50.56
CA MET A 94 -35.54 -9.41 51.76
C MET A 94 -36.17 -8.40 52.71
N PHE A 95 -35.62 -8.30 53.93
CA PHE A 95 -36.02 -7.31 54.94
C PHE A 95 -35.01 -6.21 54.90
N ASN A 96 -35.46 -4.96 54.89
CA ASN A 96 -34.55 -3.82 54.89
C ASN A 96 -34.21 -3.45 56.34
N ASP A 97 -33.51 -2.31 56.55
CA ASP A 97 -33.10 -1.76 57.85
C ASP A 97 -34.27 -1.43 58.80
N ASN A 98 -35.44 -1.12 58.23
CA ASN A 98 -36.66 -0.81 58.98
C ASN A 98 -37.53 -2.05 59.25
N LYS A 99 -36.95 -3.26 59.01
CA LYS A 99 -37.63 -4.55 59.22
C LYS A 99 -38.88 -4.71 58.33
N ASN A 100 -38.85 -4.06 57.14
CA ASN A 100 -39.95 -4.15 56.18
C ASN A 100 -39.55 -5.01 55.01
N SER A 101 -40.49 -5.84 54.50
CA SER A 101 -40.23 -6.68 53.35
C SER A 101 -40.14 -5.83 52.10
N VAL A 102 -39.07 -6.03 51.34
CA VAL A 102 -38.86 -5.31 50.07
C VAL A 102 -38.61 -6.27 48.92
N ALA A 103 -39.15 -5.92 47.74
CA ALA A 103 -38.97 -6.69 46.54
C ALA A 103 -37.99 -5.95 45.66
N VAL A 104 -36.90 -6.65 45.28
CA VAL A 104 -35.85 -6.08 44.43
C VAL A 104 -35.62 -7.02 43.26
N GLY A 105 -34.93 -6.56 42.23
CA GLY A 105 -34.63 -7.39 41.07
C GLY A 105 -33.78 -6.70 40.05
N TYR A 106 -33.63 -7.34 38.91
CA TYR A 106 -32.84 -6.76 37.83
C TYR A 106 -33.32 -7.26 36.50
N VAL A 107 -33.00 -6.51 35.44
CA VAL A 107 -33.21 -6.89 34.05
C VAL A 107 -31.80 -6.83 33.42
N GLY A 108 -31.39 -7.94 32.80
CA GLY A 108 -30.12 -8.03 32.10
C GLY A 108 -30.18 -7.20 30.83
N CYS A 109 -29.14 -6.37 30.59
CA CYS A 109 -29.04 -5.49 29.41
C CYS A 109 -27.92 -5.92 28.45
N GLY A 110 -27.42 -7.14 28.62
CA GLY A 110 -26.40 -7.73 27.77
C GLY A 110 -24.99 -7.23 27.98
N SER A 111 -24.19 -7.28 26.91
CA SER A 111 -22.78 -6.92 26.95
C SER A 111 -22.38 -5.78 26.00
N VAL A 112 -23.34 -5.21 25.26
CA VAL A 112 -23.06 -4.10 24.35
C VAL A 112 -23.43 -2.80 25.07
N ALA A 113 -22.46 -1.89 25.26
CA ALA A 113 -22.61 -0.60 25.97
C ALA A 113 -23.72 0.28 25.41
N ASP A 114 -23.88 0.33 24.08
CA ASP A 114 -24.94 1.14 23.46
C ASP A 114 -26.09 0.26 22.98
N LEU A 115 -27.25 0.35 23.66
CA LEU A 115 -28.43 -0.45 23.30
C LEU A 115 -29.14 0.17 22.09
N SER A 116 -29.56 -0.67 21.15
CA SER A 116 -30.35 -0.21 20.01
C SER A 116 -31.81 -0.10 20.50
N GLU A 117 -32.67 0.54 19.69
CA GLU A 117 -34.10 0.68 19.96
C GLU A 117 -34.72 -0.75 20.16
N ALA A 118 -34.28 -1.74 19.33
CA ALA A 118 -34.74 -3.14 19.40
C ALA A 118 -34.33 -3.81 20.72
N ASP A 119 -33.07 -3.57 21.15
CA ASP A 119 -32.54 -4.09 22.42
C ASP A 119 -33.29 -3.48 23.61
N MET A 120 -33.55 -2.15 23.57
CA MET A 120 -34.27 -1.45 24.63
C MET A 120 -35.68 -1.99 24.76
N LYS A 121 -36.31 -2.31 23.61
CA LYS A 121 -37.65 -2.89 23.59
C LYS A 121 -37.66 -4.24 24.34
N ARG A 122 -36.62 -5.08 24.15
CA ARG A 122 -36.49 -6.38 24.83
C ARG A 122 -36.36 -6.20 26.35
N VAL A 123 -35.57 -5.19 26.77
CA VAL A 123 -35.41 -4.82 28.20
C VAL A 123 -36.75 -4.42 28.76
N VAL A 124 -37.48 -3.52 28.06
CA VAL A 124 -38.80 -3.04 28.49
C VAL A 124 -39.81 -4.20 28.61
N LEU A 125 -39.85 -5.09 27.60
CA LEU A 125 -40.75 -6.25 27.61
C LEU A 125 -40.53 -7.13 28.86
N SER A 126 -39.23 -7.35 29.24
CA SER A 126 -38.86 -8.13 30.43
C SER A 126 -39.34 -7.44 31.69
N LEU A 127 -39.14 -6.11 31.75
CA LEU A 127 -39.63 -5.31 32.87
C LEU A 127 -41.16 -5.41 33.02
N VAL A 128 -41.92 -5.36 31.90
CA VAL A 128 -43.38 -5.43 31.84
C VAL A 128 -43.88 -6.79 32.32
N THR A 129 -43.14 -7.90 32.03
CA THR A 129 -43.52 -9.23 32.54
C THR A 129 -43.45 -9.22 34.10
N MET A 130 -42.51 -8.45 34.69
CA MET A 130 -42.44 -8.33 36.15
C MET A 130 -43.61 -7.46 36.68
N LEU A 131 -44.17 -6.56 35.85
CA LEU A 131 -45.31 -5.74 36.30
C LEU A 131 -46.63 -6.48 36.21
N HIS A 132 -46.75 -7.35 35.19
CA HIS A 132 -47.96 -8.12 34.98
C HIS A 132 -48.05 -9.22 36.01
N ASP A 133 -49.27 -9.47 36.49
CA ASP A 133 -49.57 -10.52 37.46
C ASP A 133 -48.95 -10.32 38.82
N ASN A 134 -48.62 -9.07 39.15
CA ASN A 134 -48.10 -8.70 40.45
C ASN A 134 -48.77 -7.36 40.83
N LYS A 135 -49.61 -7.38 41.88
CA LYS A 135 -50.32 -6.17 42.34
C LYS A 135 -49.33 -5.26 43.08
N LEU A 136 -48.76 -4.26 42.36
CA LEU A 136 -47.75 -3.32 42.83
C LEU A 136 -48.27 -1.89 42.88
N SER A 137 -47.91 -1.15 43.93
CA SER A 137 -48.31 0.25 44.03
C SER A 137 -47.21 1.11 43.40
N LYS A 138 -45.99 0.56 43.34
CA LYS A 138 -44.81 1.28 42.87
C LYS A 138 -43.79 0.43 42.12
N LEU A 139 -43.13 1.05 41.15
CA LEU A 139 -42.00 0.48 40.47
C LEU A 139 -40.86 1.50 40.58
N THR A 140 -39.66 1.05 40.89
CA THR A 140 -38.46 1.90 40.90
C THR A 140 -37.47 1.28 39.92
N VAL A 141 -36.92 2.11 39.01
CA VAL A 141 -35.97 1.65 38.01
C VAL A 141 -34.64 2.35 38.26
N VAL A 142 -33.56 1.57 38.42
CA VAL A 142 -32.21 2.12 38.65
C VAL A 142 -31.41 1.85 37.36
N PHE A 143 -31.01 2.92 36.68
CA PHE A 143 -30.22 2.82 35.46
C PHE A 143 -28.75 2.66 35.75
N GLU A 144 -28.23 1.45 35.54
CA GLU A 144 -26.79 1.20 35.69
C GLU A 144 -26.18 0.92 34.32
N ILE A 145 -26.83 1.49 33.29
CA ILE A 145 -26.48 1.43 31.88
C ILE A 145 -26.45 2.86 31.36
N ASN A 146 -25.71 3.09 30.26
CA ASN A 146 -25.62 4.42 29.65
C ASN A 146 -26.65 4.60 28.58
N VAL A 147 -27.51 5.60 28.78
CA VAL A 147 -28.57 5.95 27.82
C VAL A 147 -28.53 7.45 27.57
N ASP A 148 -28.69 7.86 26.30
CA ASP A 148 -28.75 9.28 26.03
C ASP A 148 -30.18 9.78 26.33
N LYS A 149 -30.43 11.09 26.23
CA LYS A 149 -31.74 11.67 26.54
C LYS A 149 -32.88 11.05 25.72
N ASN A 150 -32.66 10.88 24.41
CA ASN A 150 -33.66 10.30 23.50
C ASN A 150 -33.98 8.85 23.84
N LEU A 151 -32.94 8.05 24.17
CA LEU A 151 -33.15 6.63 24.52
C LEU A 151 -33.86 6.49 25.88
N PHE A 152 -33.55 7.37 26.83
CA PHE A 152 -34.22 7.42 28.13
C PHE A 152 -35.72 7.70 27.90
N ARG A 153 -36.05 8.68 27.03
CA ARG A 153 -37.43 9.01 26.70
C ARG A 153 -38.12 7.83 26.02
N PHE A 154 -37.39 7.13 25.12
CA PHE A 154 -37.90 5.95 24.40
C PHE A 154 -38.22 4.83 25.41
N PHE A 155 -37.33 4.64 26.40
CA PHE A 155 -37.55 3.65 27.46
C PHE A 155 -38.91 3.90 28.15
N LEU A 156 -39.16 5.17 28.56
CA LEU A 156 -40.41 5.56 29.25
C LEU A 156 -41.64 5.40 28.36
N GLU A 157 -41.57 5.90 27.11
CA GLU A 157 -42.67 5.75 26.14
C GLU A 157 -43.05 4.30 25.92
N THR A 158 -42.03 3.45 25.73
CA THR A 158 -42.20 2.01 25.45
C THR A 158 -42.77 1.33 26.66
N LEU A 159 -42.25 1.67 27.85
CA LEU A 159 -42.78 1.12 29.11
C LEU A 159 -44.26 1.45 29.24
N PHE A 160 -44.62 2.73 29.10
CA PHE A 160 -46.01 3.17 29.21
C PHE A 160 -46.92 2.47 28.17
N TYR A 161 -46.47 2.44 26.89
CA TYR A 161 -47.24 1.81 25.82
C TYR A 161 -47.46 0.31 26.03
N GLU A 162 -46.41 -0.43 26.35
CA GLU A 162 -46.47 -1.88 26.53
C GLU A 162 -47.22 -2.30 27.80
N TYR A 163 -47.15 -1.47 28.83
CA TYR A 163 -47.80 -1.74 30.12
C TYR A 163 -49.33 -1.61 30.01
N MET A 164 -49.77 -0.63 29.23
CA MET A 164 -51.17 -0.32 29.00
C MET A 164 -51.91 -1.49 28.29
N THR A 165 -53.06 -1.91 28.83
CA THR A 165 -53.87 -2.99 28.23
C THR A 165 -55.21 -2.40 27.74
N ASP A 166 -55.49 -2.58 26.46
CA ASP A 166 -56.71 -2.07 25.83
C ASP A 166 -57.89 -3.02 26.08
N GLU A 167 -58.82 -2.63 27.00
CA GLU A 167 -60.00 -3.42 27.33
C GLU A 167 -61.33 -2.84 26.84
N ARG A 168 -61.27 -1.92 25.87
CA ARG A 168 -62.49 -1.27 25.34
C ARG A 168 -63.52 -2.25 24.78
N PHE A 169 -63.05 -3.36 24.17
CA PHE A 169 -63.95 -4.34 23.53
C PHE A 169 -64.25 -5.55 24.38
N LYS A 170 -63.73 -5.58 25.61
CA LYS A 170 -63.98 -6.65 26.57
C LYS A 170 -65.29 -6.34 27.30
N SER A 171 -66.09 -7.38 27.53
CA SER A 171 -67.36 -7.22 28.24
C SER A 171 -67.38 -8.27 29.39
N THR A 172 -67.50 -9.56 29.03
CA THR A 172 -67.50 -10.68 29.99
C THR A 172 -66.08 -11.17 30.32
N ASP A 173 -65.03 -10.72 29.58
CA ASP A 173 -63.65 -11.19 29.76
C ASP A 173 -62.63 -10.12 30.20
N LYS A 174 -63.07 -9.13 30.98
CA LYS A 174 -62.15 -8.13 31.52
C LYS A 174 -61.23 -8.83 32.55
N ASN A 175 -59.94 -8.41 32.63
CA ASN A 175 -58.97 -9.01 33.54
C ASN A 175 -59.31 -8.52 34.97
N VAL A 176 -59.89 -9.43 35.78
CA VAL A 176 -60.30 -9.12 37.16
C VAL A 176 -59.14 -8.64 38.06
N ASN A 177 -57.89 -9.04 37.72
CA ASN A 177 -56.70 -8.72 38.52
C ASN A 177 -55.91 -7.49 38.04
N MET A 178 -56.41 -6.80 36.99
CA MET A 178 -55.82 -5.59 36.39
C MET A 178 -55.70 -4.47 37.44
N GLU A 179 -54.46 -4.13 37.80
CA GLU A 179 -54.11 -3.13 38.81
C GLU A 179 -52.81 -2.46 38.37
N TYR A 180 -52.79 -1.13 38.25
CA TYR A 180 -51.60 -0.43 37.78
C TYR A 180 -50.86 0.23 38.94
N ILE A 181 -49.54 0.40 38.78
CA ILE A 181 -48.71 1.12 39.76
C ILE A 181 -49.24 2.58 39.80
N LYS A 182 -49.06 3.25 40.92
CA LYS A 182 -49.47 4.65 41.05
C LYS A 182 -48.22 5.55 41.04
N HIS A 183 -47.06 4.93 41.23
CA HIS A 183 -45.79 5.65 41.33
C HIS A 183 -44.69 4.98 40.56
N LEU A 184 -43.83 5.80 39.95
CA LEU A 184 -42.67 5.34 39.21
C LEU A 184 -41.48 6.17 39.63
N GLY A 185 -40.50 5.50 40.23
CA GLY A 185 -39.26 6.13 40.65
C GLY A 185 -38.19 5.78 39.65
N VAL A 186 -37.33 6.74 39.30
CA VAL A 186 -36.22 6.54 38.36
C VAL A 186 -34.93 7.06 38.97
N TYR A 187 -33.86 6.24 38.99
CA TYR A 187 -32.54 6.65 39.45
C TYR A 187 -31.62 6.57 38.26
N ILE A 188 -30.94 7.67 37.98
CA ILE A 188 -30.07 7.78 36.83
C ILE A 188 -29.00 8.85 37.12
N ASN A 189 -27.81 8.71 36.50
CA ASN A 189 -26.72 9.67 36.65
C ASN A 189 -27.10 10.94 35.89
N ASN A 190 -26.77 12.12 36.45
CA ASN A 190 -27.08 13.46 35.89
C ASN A 190 -28.60 13.61 35.65
N ALA A 191 -29.40 13.25 36.67
CA ALA A 191 -30.86 13.21 36.63
C ALA A 191 -31.53 14.48 36.18
N ASP A 192 -30.99 15.65 36.58
CA ASP A 192 -31.53 16.96 36.21
C ASP A 192 -31.65 17.12 34.67
N THR A 193 -30.70 16.57 33.90
CA THR A 193 -30.72 16.63 32.43
C THR A 193 -31.83 15.74 31.81
N TYR A 194 -32.24 14.66 32.51
CA TYR A 194 -33.27 13.71 32.04
C TYR A 194 -34.71 14.06 32.41
N LYS A 195 -34.90 14.90 33.45
CA LYS A 195 -36.21 15.31 33.95
C LYS A 195 -37.16 15.85 32.89
N GLU A 196 -36.68 16.68 31.93
CA GLU A 196 -37.53 17.24 30.89
C GLU A 196 -38.11 16.17 29.94
N GLU A 197 -37.48 14.98 29.89
CA GLU A 197 -37.95 13.88 29.04
C GLU A 197 -39.20 13.20 29.56
N VAL A 198 -39.46 13.30 30.88
CA VAL A 198 -40.60 12.63 31.51
C VAL A 198 -41.95 13.01 30.90
N GLU A 199 -42.30 14.30 30.93
CA GLU A 199 -43.58 14.71 30.39
C GLU A 199 -43.66 14.63 28.88
N LYS A 200 -42.51 14.74 28.19
CA LYS A 200 -42.47 14.56 26.74
C LYS A 200 -42.80 13.09 26.42
N ALA A 201 -42.22 12.13 27.20
CA ALA A 201 -42.50 10.68 27.06
C ALA A 201 -43.98 10.39 27.29
N ARG A 202 -44.60 11.05 28.30
CA ARG A 202 -46.02 10.84 28.59
C ARG A 202 -46.92 11.29 27.43
N VAL A 203 -46.58 12.43 26.81
CA VAL A 203 -47.30 12.96 25.64
C VAL A 203 -47.12 12.02 24.44
N TYR A 204 -45.87 11.59 24.17
CA TYR A 204 -45.51 10.69 23.06
C TYR A 204 -46.21 9.35 23.24
N TYR A 205 -46.23 8.83 24.49
CA TYR A 205 -46.96 7.60 24.78
C TYR A 205 -48.44 7.78 24.40
N PHE A 206 -49.10 8.87 24.86
CA PHE A 206 -50.51 9.03 24.55
C PHE A 206 -50.82 9.19 23.07
N GLY A 207 -49.97 9.92 22.35
CA GLY A 207 -50.16 10.10 20.91
C GLY A 207 -50.13 8.76 20.21
N THR A 208 -49.16 7.92 20.60
CA THR A 208 -48.96 6.55 20.09
C THR A 208 -50.12 5.64 20.49
N TYR A 209 -50.49 5.66 21.77
CA TYR A 209 -51.58 4.83 22.26
C TYR A 209 -52.93 5.23 21.66
N TYR A 210 -53.18 6.55 21.47
CA TYR A 210 -54.39 7.07 20.85
C TYR A 210 -54.48 6.53 19.41
N ALA A 211 -53.35 6.60 18.64
CA ALA A 211 -53.28 6.09 17.26
C ALA A 211 -53.62 4.59 17.27
N SER A 212 -53.01 3.85 18.23
CA SER A 212 -53.24 2.43 18.45
C SER A 212 -54.72 2.10 18.69
N GLN A 213 -55.41 2.93 19.50
CA GLN A 213 -56.81 2.74 19.82
C GLN A 213 -57.68 2.82 18.57
N LEU A 214 -57.38 3.80 17.69
CA LEU A 214 -58.10 4.01 16.41
C LEU A 214 -57.85 2.84 15.48
N ILE A 215 -56.58 2.39 15.37
CA ILE A 215 -56.20 1.25 14.51
C ILE A 215 -56.87 -0.04 14.98
N ALA A 216 -56.74 -0.36 16.29
CA ALA A 216 -57.32 -1.58 16.87
C ALA A 216 -58.84 -1.61 16.77
N ALA A 217 -59.50 -0.44 16.84
CA ALA A 217 -60.95 -0.33 16.73
C ALA A 217 -61.38 -0.95 15.38
N PRO A 218 -62.24 -1.99 15.41
CA PRO A 218 -62.66 -2.65 14.16
C PRO A 218 -63.44 -1.71 13.24
N SER A 219 -63.58 -2.12 11.98
CA SER A 219 -64.22 -1.34 10.93
C SER A 219 -65.70 -1.03 11.12
N ASN A 220 -66.42 -1.81 11.95
CA ASN A 220 -67.83 -1.49 12.26
C ASN A 220 -67.86 -0.31 13.28
N TYR A 221 -66.86 -0.23 14.17
CA TYR A 221 -66.75 0.88 15.13
C TYR A 221 -66.08 2.10 14.46
N CYS A 222 -64.94 1.88 13.79
CA CYS A 222 -64.13 2.90 13.15
C CYS A 222 -64.37 2.88 11.64
N ASN A 223 -65.28 3.73 11.20
CA ASN A 223 -65.69 3.88 9.81
C ASN A 223 -65.43 5.36 9.42
N PRO A 224 -65.61 5.79 8.15
CA PRO A 224 -65.28 7.19 7.80
C PRO A 224 -66.01 8.27 8.61
N VAL A 225 -67.27 8.01 8.99
CA VAL A 225 -68.06 8.94 9.78
C VAL A 225 -67.56 9.00 11.23
N SER A 226 -67.45 7.83 11.92
CA SER A 226 -67.02 7.80 13.32
C SER A 226 -65.56 8.25 13.48
N LEU A 227 -64.68 7.94 12.48
CA LEU A 227 -63.28 8.37 12.52
C LEU A 227 -63.14 9.88 12.35
N SER A 228 -63.92 10.49 11.45
CA SER A 228 -63.90 11.96 11.32
C SER A 228 -64.55 12.62 12.55
N ASN A 229 -65.55 11.98 13.18
CA ASN A 229 -66.14 12.49 14.42
C ASN A 229 -65.13 12.47 15.57
N ALA A 230 -64.32 11.42 15.65
CA ALA A 230 -63.28 11.31 16.67
C ALA A 230 -62.21 12.40 16.46
N ALA A 231 -61.87 12.72 15.19
CA ALA A 231 -60.89 13.76 14.87
C ALA A 231 -61.43 15.14 15.28
N VAL A 232 -62.74 15.36 15.13
CA VAL A 232 -63.42 16.61 15.56
C VAL A 232 -63.32 16.74 17.09
N GLU A 233 -63.62 15.66 17.82
CA GLU A 233 -63.57 15.65 19.28
C GLU A 233 -62.14 15.94 19.76
N LEU A 234 -61.13 15.32 19.13
CA LEU A 234 -59.73 15.56 19.46
C LEU A 234 -59.38 17.04 19.24
N ALA A 235 -59.77 17.61 18.08
CA ALA A 235 -59.51 19.01 17.72
C ALA A 235 -60.14 19.96 18.74
N GLN A 236 -61.38 19.65 19.19
CA GLN A 236 -62.10 20.46 20.18
C GLN A 236 -61.40 20.43 21.53
N LYS A 237 -60.89 19.26 21.94
CA LYS A 237 -60.17 19.11 23.20
C LYS A 237 -58.82 19.84 23.17
N LEU A 238 -58.16 19.91 22.02
CA LEU A 238 -56.85 20.55 21.88
C LEU A 238 -56.90 21.99 21.41
N ASN A 239 -58.12 22.52 21.13
CA ASN A 239 -58.32 23.87 20.59
C ASN A 239 -57.65 24.03 19.23
N LEU A 240 -57.73 22.98 18.38
CA LEU A 240 -57.19 23.03 17.03
C LEU A 240 -58.32 23.43 16.11
N GLU A 241 -57.98 24.08 15.00
CA GLU A 241 -58.97 24.40 13.98
C GLU A 241 -59.30 23.14 13.26
N TYR A 242 -60.55 22.95 12.84
CA TYR A 242 -60.91 21.74 12.11
C TYR A 242 -61.95 22.04 11.03
N LYS A 243 -61.95 21.21 10.02
CA LYS A 243 -62.87 21.24 8.90
C LYS A 243 -62.99 19.80 8.40
N ILE A 244 -64.21 19.28 8.30
CA ILE A 244 -64.52 17.97 7.77
C ILE A 244 -65.25 18.24 6.47
N LEU A 245 -64.64 17.80 5.35
CA LEU A 245 -65.27 17.98 4.04
C LEU A 245 -66.12 16.78 3.74
N GLY A 246 -67.39 17.04 3.44
CA GLY A 246 -68.36 16.03 3.07
C GLY A 246 -68.41 15.85 1.56
N VAL A 247 -69.21 14.89 1.09
CA VAL A 247 -69.35 14.54 -0.33
C VAL A 247 -69.62 15.74 -1.25
N LYS A 248 -70.59 16.61 -0.89
CA LYS A 248 -70.94 17.80 -1.68
C LYS A 248 -69.73 18.71 -1.92
N GLU A 249 -68.95 18.98 -0.87
CA GLU A 249 -67.74 19.80 -0.94
C GLU A 249 -66.65 19.09 -1.74
N LEU A 250 -66.52 17.73 -1.56
CA LEU A 250 -65.53 16.94 -2.30
C LEU A 250 -65.85 16.92 -3.82
N GLU A 251 -67.14 16.88 -4.16
CA GLU A 251 -67.59 16.94 -5.55
C GLU A 251 -67.23 18.30 -6.16
N GLU A 252 -67.48 19.41 -5.40
CA GLU A 252 -67.15 20.77 -5.85
C GLU A 252 -65.63 20.90 -6.10
N LEU A 253 -64.83 20.25 -5.25
CA LEU A 253 -63.36 20.24 -5.37
C LEU A 253 -62.85 19.26 -6.43
N LYS A 254 -63.78 18.51 -7.07
CA LYS A 254 -63.49 17.57 -8.16
C LYS A 254 -62.51 16.46 -7.74
N MET A 255 -62.67 15.97 -6.50
CA MET A 255 -61.83 14.89 -5.98
C MET A 255 -62.32 13.51 -6.47
N GLY A 256 -62.27 13.31 -7.79
CA GLY A 256 -62.75 12.11 -8.44
C GLY A 256 -62.04 10.81 -8.09
N ALA A 257 -60.72 10.86 -7.82
CA ALA A 257 -59.96 9.65 -7.50
C ALA A 257 -60.36 9.15 -6.11
N TYR A 258 -60.40 10.06 -5.13
CA TYR A 258 -60.80 9.77 -3.76
C TYR A 258 -62.29 9.38 -3.68
N LEU A 259 -63.17 10.12 -4.36
CA LEU A 259 -64.60 9.80 -4.35
C LEU A 259 -64.91 8.44 -4.97
N SER A 260 -64.17 8.03 -6.02
CA SER A 260 -64.42 6.74 -6.69
C SER A 260 -64.17 5.57 -5.75
N VAL A 261 -63.12 5.66 -4.92
CA VAL A 261 -62.81 4.63 -3.93
C VAL A 261 -63.97 4.37 -2.96
N GLY A 262 -64.58 5.44 -2.48
CA GLY A 262 -65.67 5.38 -1.49
C GLY A 262 -67.07 5.11 -2.03
N LYS A 263 -67.23 5.07 -3.36
CA LYS A 263 -68.53 4.87 -4.02
C LYS A 263 -69.32 3.65 -3.52
N GLY A 264 -68.62 2.53 -3.30
CA GLY A 264 -69.23 1.29 -2.86
C GLY A 264 -69.53 1.17 -1.38
N SER A 265 -69.21 2.21 -0.61
CA SER A 265 -69.43 2.18 0.85
C SER A 265 -70.80 2.76 1.28
N MET A 266 -71.32 2.24 2.40
CA MET A 266 -72.55 2.76 3.02
C MET A 266 -72.21 4.01 3.82
N TYR A 267 -70.90 4.26 4.06
CA TYR A 267 -70.43 5.42 4.81
C TYR A 267 -69.96 6.50 3.85
N PRO A 268 -70.54 7.72 3.94
CA PRO A 268 -70.06 8.81 3.05
C PRO A 268 -68.60 9.16 3.34
N ASN A 269 -67.84 9.52 2.29
CA ASN A 269 -66.45 9.95 2.43
C ASN A 269 -66.38 11.19 3.32
N LYS A 270 -65.36 11.27 4.17
CA LYS A 270 -65.13 12.40 5.05
C LYS A 270 -63.65 12.78 4.99
N PHE A 271 -63.35 14.00 4.55
CA PHE A 271 -61.97 14.45 4.46
C PHE A 271 -61.63 15.25 5.70
N ILE A 272 -60.66 14.77 6.50
CA ILE A 272 -60.25 15.43 7.75
C ILE A 272 -59.18 16.49 7.46
N HIS A 273 -59.38 17.70 7.98
CA HIS A 273 -58.41 18.78 7.89
C HIS A 273 -58.34 19.48 9.23
N LEU A 274 -57.31 19.17 10.01
CA LEU A 274 -57.05 19.79 11.31
C LEU A 274 -55.89 20.76 11.11
N THR A 275 -55.87 21.88 11.84
CA THR A 275 -54.77 22.85 11.75
C THR A 275 -54.30 23.28 13.11
N TYR A 276 -52.97 23.25 13.29
CA TYR A 276 -52.30 23.80 14.43
C TYR A 276 -51.55 25.04 13.93
N LYS A 277 -51.75 26.17 14.58
CA LYS A 277 -50.99 27.37 14.21
C LYS A 277 -50.35 27.96 15.43
N SER A 278 -49.04 28.17 15.41
CA SER A 278 -48.29 28.81 16.52
C SER A 278 -48.76 30.26 16.70
N LYS A 279 -48.79 30.77 17.95
CA LYS A 279 -49.24 32.15 18.22
C LYS A 279 -48.42 33.30 17.58
N GLY A 280 -47.09 33.13 17.48
CA GLY A 280 -46.19 34.13 16.91
C GLY A 280 -46.01 34.04 15.41
N ASP A 281 -44.85 34.48 14.90
CA ASP A 281 -44.52 34.46 13.47
C ASP A 281 -44.34 33.03 12.96
N VAL A 282 -45.01 32.68 11.85
CA VAL A 282 -44.93 31.35 11.25
C VAL A 282 -43.73 31.32 10.28
N LYS A 283 -42.75 30.46 10.59
CA LYS A 283 -41.54 30.31 9.79
C LYS A 283 -41.56 29.07 8.88
N LYS A 284 -42.38 28.06 9.23
CA LYS A 284 -42.49 26.83 8.45
C LYS A 284 -43.94 26.36 8.42
N LYS A 285 -44.39 25.95 7.23
CA LYS A 285 -45.73 25.41 7.02
C LYS A 285 -45.59 23.99 6.55
N ILE A 286 -46.27 23.06 7.23
CA ILE A 286 -46.17 21.64 6.93
C ILE A 286 -47.56 21.01 6.77
N ALA A 287 -47.70 20.10 5.78
CA ALA A 287 -48.91 19.30 5.61
C ALA A 287 -48.51 17.84 5.86
N LEU A 288 -49.20 17.18 6.81
CA LEU A 288 -49.02 15.77 7.14
C LEU A 288 -50.27 15.06 6.65
N VAL A 289 -50.08 14.11 5.74
CA VAL A 289 -51.17 13.41 5.04
C VAL A 289 -51.15 11.93 5.43
N GLY A 290 -52.26 11.44 5.97
CA GLY A 290 -52.35 10.03 6.33
C GLY A 290 -53.37 9.27 5.52
N LYS A 291 -53.03 8.04 5.09
CA LYS A 291 -53.97 7.17 4.36
C LYS A 291 -55.04 6.73 5.38
N GLY A 292 -56.31 6.96 5.00
CA GLY A 292 -57.44 6.68 5.89
C GLY A 292 -58.47 5.73 5.35
N ILE A 293 -58.07 4.50 5.02
CA ILE A 293 -59.01 3.48 4.54
C ILE A 293 -59.47 2.69 5.78
N THR A 294 -60.71 2.90 6.22
CA THR A 294 -61.22 2.27 7.45
C THR A 294 -61.36 0.76 7.36
N PHE A 295 -61.62 0.26 6.15
CA PHE A 295 -61.62 -1.15 5.80
C PHE A 295 -61.26 -1.29 4.36
N ASP A 296 -60.29 -2.15 4.07
CA ASP A 296 -59.91 -2.39 2.69
C ASP A 296 -60.26 -3.82 2.30
N SER A 297 -61.40 -4.02 1.62
CA SER A 297 -61.78 -5.36 1.15
C SER A 297 -60.99 -5.69 -0.11
N GLY A 298 -60.47 -4.66 -0.76
CA GLY A 298 -59.81 -4.74 -2.06
C GLY A 298 -60.74 -4.27 -3.17
N GLY A 299 -62.05 -4.19 -2.85
CA GLY A 299 -63.08 -3.83 -3.82
C GLY A 299 -63.32 -5.00 -4.76
N TYR A 300 -63.72 -4.72 -6.02
CA TYR A 300 -63.93 -5.79 -7.01
C TYR A 300 -62.71 -6.70 -7.20
N ASN A 301 -61.47 -6.15 -7.01
CA ASN A 301 -60.23 -6.94 -6.93
C ASN A 301 -60.13 -7.38 -5.46
N LEU A 302 -61.11 -8.18 -5.03
CA LEU A 302 -61.24 -8.64 -3.66
C LEU A 302 -59.99 -9.34 -3.13
N LYS A 303 -59.65 -9.08 -1.86
CA LYS A 303 -58.52 -9.74 -1.18
C LYS A 303 -58.99 -11.18 -0.87
N ALA A 304 -58.94 -12.05 -1.89
CA ALA A 304 -59.37 -13.44 -1.80
C ALA A 304 -58.20 -14.42 -1.85
N ALA A 305 -57.03 -13.97 -2.32
CA ALA A 305 -55.83 -14.81 -2.45
C ALA A 305 -55.32 -15.26 -1.07
N PRO A 306 -54.78 -16.50 -0.92
CA PRO A 306 -54.27 -16.91 0.41
C PRO A 306 -53.12 -15.98 0.81
N GLY A 307 -53.13 -15.54 2.06
CA GLY A 307 -52.13 -14.61 2.57
C GLY A 307 -52.40 -13.15 2.25
N SER A 308 -53.59 -12.82 1.67
CA SER A 308 -53.92 -11.42 1.38
C SER A 308 -54.33 -10.61 2.63
N MET A 309 -54.48 -11.30 3.80
CA MET A 309 -54.72 -10.70 5.12
C MET A 309 -55.93 -9.74 5.21
N ILE A 310 -57.05 -10.08 4.55
CA ILE A 310 -58.27 -9.27 4.59
C ILE A 310 -58.74 -9.03 6.06
N ASP A 311 -58.50 -10.00 6.97
CA ASP A 311 -58.90 -9.90 8.37
C ASP A 311 -58.16 -8.79 9.15
N LEU A 312 -57.04 -8.29 8.61
CA LEU A 312 -56.23 -7.25 9.23
C LEU A 312 -56.57 -5.84 8.70
N MET A 313 -57.39 -5.76 7.65
CA MET A 313 -57.67 -4.53 6.92
C MET A 313 -58.33 -3.36 7.63
N LYS A 314 -58.76 -3.55 8.90
CA LYS A 314 -59.21 -2.45 9.76
C LYS A 314 -57.98 -1.52 10.02
N PHE A 315 -56.73 -2.03 9.80
CA PHE A 315 -55.49 -1.29 10.05
C PHE A 315 -55.13 -0.35 8.91
N ASP A 316 -55.93 -0.36 7.81
CA ASP A 316 -55.62 0.44 6.64
C ASP A 316 -55.78 1.98 6.81
N MET A 317 -56.16 2.41 8.04
CA MET A 317 -56.27 3.81 8.40
C MET A 317 -55.13 4.18 9.40
N SER A 318 -54.07 3.32 9.49
CA SER A 318 -52.90 3.53 10.38
C SER A 318 -52.19 4.85 10.09
N GLY A 319 -52.14 5.24 8.82
CA GLY A 319 -51.52 6.50 8.40
C GLY A 319 -52.29 7.68 8.96
N CYS A 320 -53.62 7.64 8.81
CA CYS A 320 -54.50 8.66 9.38
C CYS A 320 -54.33 8.68 10.91
N ALA A 321 -54.28 7.48 11.54
CA ALA A 321 -54.12 7.38 13.01
C ALA A 321 -52.79 7.99 13.46
N ALA A 322 -51.69 7.79 12.71
CA ALA A 322 -50.37 8.37 13.05
C ALA A 322 -50.45 9.89 12.98
N VAL A 323 -51.14 10.42 11.96
CA VAL A 323 -51.32 11.88 11.74
C VAL A 323 -52.14 12.50 12.90
N LEU A 324 -53.23 11.82 13.32
CA LEU A 324 -54.06 12.29 14.44
C LEU A 324 -53.31 12.20 15.79
N GLY A 325 -52.49 11.15 15.96
CA GLY A 325 -51.66 11.00 17.15
C GLY A 325 -50.64 12.11 17.20
N CYS A 326 -50.08 12.46 16.02
CA CYS A 326 -49.14 13.59 15.91
C CYS A 326 -49.87 14.90 16.28
N ALA A 327 -51.14 15.08 15.83
CA ALA A 327 -51.94 16.27 16.17
C ALA A 327 -52.10 16.37 17.69
N TYR A 328 -52.28 15.22 18.38
CA TYR A 328 -52.39 15.23 19.84
C TYR A 328 -51.08 15.77 20.43
N CYS A 329 -49.92 15.22 20.01
CA CYS A 329 -48.60 15.64 20.55
C CYS A 329 -48.31 17.11 20.28
N VAL A 330 -48.55 17.55 19.03
CA VAL A 330 -48.30 18.93 18.61
C VAL A 330 -49.24 19.89 19.36
N GLY A 331 -50.52 19.55 19.43
CA GLY A 331 -51.52 20.35 20.13
C GLY A 331 -51.25 20.46 21.62
N THR A 332 -50.58 19.46 22.21
CA THR A 332 -50.25 19.44 23.64
C THR A 332 -48.94 20.17 23.91
N LEU A 333 -47.90 19.89 23.12
CA LEU A 333 -46.57 20.49 23.30
C LEU A 333 -46.48 21.93 22.83
N LYS A 334 -47.38 22.32 21.93
CA LYS A 334 -47.48 23.67 21.38
C LYS A 334 -46.15 24.24 20.84
N PRO A 335 -45.53 23.64 19.78
CA PRO A 335 -44.29 24.23 19.23
C PRO A 335 -44.51 25.63 18.67
N GLU A 336 -43.45 26.44 18.66
CA GLU A 336 -43.49 27.81 18.14
C GLU A 336 -43.07 27.86 16.69
N ASN A 337 -43.43 28.96 16.00
CA ASN A 337 -43.07 29.32 14.62
C ASN A 337 -43.48 28.34 13.52
N VAL A 338 -44.51 27.53 13.78
CA VAL A 338 -44.96 26.53 12.83
C VAL A 338 -46.48 26.50 12.61
N GLU A 339 -46.90 26.15 11.41
CA GLU A 339 -48.30 25.94 11.05
C GLU A 339 -48.35 24.54 10.47
N ILE A 340 -49.14 23.65 11.11
CA ILE A 340 -49.25 22.26 10.67
C ILE A 340 -50.68 21.93 10.29
N HIS A 341 -50.84 21.32 9.10
CA HIS A 341 -52.11 20.84 8.58
C HIS A 341 -52.08 19.31 8.69
N PHE A 342 -53.09 18.74 9.34
CA PHE A 342 -53.23 17.30 9.57
C PHE A 342 -54.38 16.83 8.68
N LEU A 343 -54.04 16.10 7.62
CA LEU A 343 -55.00 15.72 6.59
C LEU A 343 -55.21 14.23 6.41
N SER A 344 -56.44 13.84 6.08
CA SER A 344 -56.77 12.46 5.72
C SER A 344 -58.02 12.35 4.89
N ALA A 345 -57.90 11.74 3.71
CA ALA A 345 -59.02 11.49 2.81
C ALA A 345 -59.59 10.14 3.27
N VAL A 346 -60.52 10.18 4.24
CA VAL A 346 -61.08 8.98 4.87
C VAL A 346 -62.24 8.38 4.04
N CYS A 347 -62.18 7.06 3.83
CA CYS A 347 -63.20 6.30 3.12
C CYS A 347 -63.04 4.81 3.38
N GLU A 348 -63.95 4.01 2.82
CA GLU A 348 -63.96 2.57 2.97
C GLU A 348 -64.04 1.93 1.58
N ASN A 349 -63.20 0.90 1.31
CA ASN A 349 -63.10 0.23 -0.01
C ASN A 349 -63.90 -1.07 -0.03
N MET A 350 -65.12 -1.01 -0.58
CA MET A 350 -66.12 -2.09 -0.50
C MET A 350 -66.64 -2.61 -1.84
N VAL A 351 -67.38 -3.73 -1.78
CA VAL A 351 -67.98 -4.40 -2.93
C VAL A 351 -69.49 -4.15 -2.88
N SER A 352 -70.00 -3.58 -3.98
CA SER A 352 -71.39 -3.14 -4.04
C SER A 352 -71.77 -2.96 -5.49
N LYS A 353 -73.07 -2.78 -5.75
CA LYS A 353 -73.53 -2.41 -7.10
C LYS A 353 -72.97 -1.02 -7.42
N ASN A 354 -72.67 -0.22 -6.36
CA ASN A 354 -72.19 1.16 -6.53
C ASN A 354 -70.69 1.34 -6.59
N SER A 355 -69.90 0.29 -6.43
CA SER A 355 -68.43 0.41 -6.42
C SER A 355 -67.82 0.81 -7.74
N TYR A 356 -66.60 1.41 -7.66
CA TYR A 356 -65.86 1.65 -8.89
C TYR A 356 -65.34 0.29 -9.38
N ARG A 357 -65.08 0.18 -10.67
CA ARG A 357 -64.66 -1.10 -11.27
C ARG A 357 -63.22 -1.07 -11.78
N PRO A 358 -62.57 -2.26 -11.88
CA PRO A 358 -61.27 -2.29 -12.58
C PRO A 358 -61.51 -1.82 -14.03
N GLY A 359 -60.64 -0.96 -14.52
CA GLY A 359 -60.75 -0.42 -15.88
C GLY A 359 -61.39 0.95 -15.94
N ASP A 360 -62.09 1.38 -14.87
CA ASP A 360 -62.75 2.71 -14.86
C ASP A 360 -61.71 3.81 -15.04
N ILE A 361 -62.08 4.87 -15.75
CA ILE A 361 -61.23 6.05 -15.92
C ILE A 361 -61.84 7.16 -15.08
N ILE A 362 -61.05 7.65 -14.13
CA ILE A 362 -61.50 8.64 -13.16
C ILE A 362 -60.61 9.89 -13.23
N THR A 363 -61.15 11.05 -12.85
CA THR A 363 -60.42 12.31 -12.95
C THR A 363 -60.07 12.84 -11.58
N ALA A 364 -58.77 13.05 -11.31
CA ALA A 364 -58.29 13.62 -10.06
C ALA A 364 -58.57 15.13 -10.05
N SER A 365 -58.50 15.75 -8.86
CA SER A 365 -58.75 17.19 -8.66
C SER A 365 -57.78 18.13 -9.40
N ASN A 366 -56.65 17.61 -9.91
CA ASN A 366 -55.69 18.43 -10.68
C ASN A 366 -55.95 18.24 -12.20
N GLY A 367 -57.03 17.52 -12.54
CA GLY A 367 -57.42 17.28 -13.92
C GLY A 367 -56.83 16.05 -14.58
N LYS A 368 -55.90 15.36 -13.90
CA LYS A 368 -55.29 14.14 -14.49
C LYS A 368 -56.29 12.98 -14.51
N THR A 369 -56.43 12.34 -15.69
CA THR A 369 -57.29 11.16 -15.82
C THR A 369 -56.45 9.94 -15.46
N ILE A 370 -57.05 9.03 -14.70
CA ILE A 370 -56.40 7.83 -14.21
C ILE A 370 -57.15 6.61 -14.65
N GLU A 371 -56.44 5.62 -15.21
CA GLU A 371 -57.05 4.35 -15.55
C GLU A 371 -56.83 3.41 -14.36
N VAL A 372 -57.94 2.92 -13.79
CA VAL A 372 -57.89 2.00 -12.64
C VAL A 372 -57.54 0.60 -13.16
N GLY A 373 -56.38 0.08 -12.79
CA GLY A 373 -55.97 -1.25 -13.21
C GLY A 373 -56.36 -2.30 -12.18
N ASN A 374 -56.51 -1.88 -10.90
CA ASN A 374 -56.83 -2.76 -9.79
C ASN A 374 -57.46 -1.95 -8.67
N THR A 375 -58.72 -2.28 -8.28
CA THR A 375 -59.43 -1.54 -7.21
C THR A 375 -58.79 -1.66 -5.82
N ASP A 376 -57.88 -2.66 -5.64
CA ASP A 376 -57.14 -2.87 -4.39
C ASP A 376 -55.90 -1.92 -4.30
N ALA A 377 -55.62 -1.12 -5.35
CA ALA A 377 -54.55 -0.11 -5.24
C ALA A 377 -55.27 1.25 -4.96
N GLU A 378 -56.19 1.23 -3.99
CA GLU A 378 -57.05 2.36 -3.67
C GLU A 378 -56.36 3.50 -2.90
N GLY A 379 -55.38 3.15 -2.07
CA GLY A 379 -54.65 4.09 -1.23
C GLY A 379 -54.03 5.22 -2.01
N ARG A 380 -53.36 4.89 -3.14
CA ARG A 380 -52.70 5.88 -3.98
C ARG A 380 -53.70 6.85 -4.64
N LEU A 381 -54.96 6.39 -4.87
CA LEU A 381 -56.02 7.22 -5.45
C LEU A 381 -56.50 8.24 -4.46
N THR A 382 -56.74 7.81 -3.21
CA THR A 382 -57.17 8.74 -2.15
C THR A 382 -56.06 9.74 -1.85
N LEU A 383 -54.80 9.24 -1.81
CA LEU A 383 -53.63 10.07 -1.55
C LEU A 383 -53.38 11.08 -2.67
N ALA A 384 -53.66 10.72 -3.94
CA ALA A 384 -53.48 11.64 -5.08
C ALA A 384 -54.30 12.92 -4.83
N ASP A 385 -55.60 12.77 -4.49
CA ASP A 385 -56.45 13.94 -4.22
C ASP A 385 -56.06 14.66 -2.92
N ALA A 386 -55.62 13.91 -1.90
CA ALA A 386 -55.16 14.56 -0.63
C ALA A 386 -53.88 15.38 -0.87
N LEU A 387 -53.00 14.89 -1.77
CA LEU A 387 -51.74 15.57 -2.11
C LEU A 387 -51.99 16.85 -2.89
N VAL A 388 -52.98 16.84 -3.81
CA VAL A 388 -53.37 18.02 -4.60
C VAL A 388 -53.91 19.08 -3.61
N TYR A 389 -54.77 18.65 -2.68
CA TYR A 389 -55.34 19.50 -1.64
C TYR A 389 -54.22 20.10 -0.78
N ALA A 390 -53.27 19.27 -0.31
CA ALA A 390 -52.15 19.73 0.52
C ALA A 390 -51.30 20.77 -0.18
N GLU A 391 -50.98 20.54 -1.47
CA GLU A 391 -50.15 21.50 -2.20
C GLU A 391 -50.84 22.85 -2.40
N LYS A 392 -52.18 22.86 -2.53
CA LYS A 392 -52.96 24.10 -2.66
C LYS A 392 -52.90 24.94 -1.37
N LEU A 393 -52.48 24.34 -0.24
CA LEU A 393 -52.35 25.05 1.04
C LEU A 393 -51.11 25.96 1.08
N GLY A 394 -50.18 25.78 0.14
CA GLY A 394 -48.96 26.59 0.06
C GLY A 394 -48.02 26.30 1.21
N VAL A 395 -47.64 25.04 1.39
CA VAL A 395 -46.78 24.61 2.49
C VAL A 395 -45.32 24.48 2.04
N ASP A 396 -44.39 24.36 3.00
CA ASP A 396 -42.98 24.14 2.71
C ASP A 396 -42.69 22.65 2.48
N TYR A 397 -43.36 21.77 3.24
CA TYR A 397 -43.19 20.33 3.13
C TYR A 397 -44.52 19.62 3.17
N ILE A 398 -44.63 18.55 2.37
CA ILE A 398 -45.76 17.63 2.42
C ILE A 398 -45.15 16.28 2.78
N VAL A 399 -45.65 15.67 3.85
CA VAL A 399 -45.21 14.34 4.25
C VAL A 399 -46.45 13.44 4.33
N ASP A 400 -46.46 12.35 3.57
CA ASP A 400 -47.55 11.42 3.65
C ASP A 400 -47.10 10.14 4.36
N ILE A 401 -48.01 9.49 5.04
CA ILE A 401 -47.75 8.25 5.78
C ILE A 401 -48.90 7.29 5.47
N ALA A 402 -48.59 6.08 5.03
CA ALA A 402 -49.63 5.14 4.55
C ALA A 402 -49.22 3.68 4.58
N THR A 403 -50.19 2.78 4.84
CA THR A 403 -50.04 1.32 4.79
C THR A 403 -50.35 0.99 3.31
N LEU A 404 -49.45 1.41 2.44
CA LEU A 404 -49.66 1.36 1.00
C LEU A 404 -49.41 0.07 0.27
N THR A 405 -48.26 -0.54 0.46
CA THR A 405 -47.91 -1.74 -0.31
C THR A 405 -47.48 -2.94 0.54
N GLY A 406 -48.08 -4.11 0.25
CA GLY A 406 -47.74 -5.39 0.89
C GLY A 406 -46.27 -5.75 0.70
N ALA A 407 -45.66 -5.30 -0.43
CA ALA A 407 -44.24 -5.53 -0.75
C ALA A 407 -43.27 -5.02 0.31
N MET A 408 -43.67 -4.03 1.13
CA MET A 408 -42.83 -3.54 2.24
C MET A 408 -42.43 -4.68 3.18
N LEU A 409 -43.34 -5.66 3.39
CA LEU A 409 -43.06 -6.84 4.24
C LEU A 409 -41.92 -7.67 3.68
N TYR A 410 -41.76 -7.67 2.36
CA TYR A 410 -40.71 -8.41 1.65
C TYR A 410 -39.42 -7.63 1.54
N SER A 411 -39.51 -6.30 1.46
CA SER A 411 -38.33 -5.46 1.28
C SER A 411 -37.67 -5.09 2.58
N LEU A 412 -38.40 -4.44 3.52
CA LEU A 412 -37.80 -4.03 4.79
C LEU A 412 -38.28 -4.83 5.98
N GLY A 413 -39.39 -5.52 5.81
CA GLY A 413 -39.96 -6.33 6.88
C GLY A 413 -40.85 -5.57 7.83
N THR A 414 -40.88 -6.05 9.06
CA THR A 414 -41.75 -5.52 10.12
C THR A 414 -41.14 -4.45 11.04
N SER A 415 -39.82 -4.19 10.97
CA SER A 415 -39.19 -3.21 11.87
C SER A 415 -38.94 -1.83 11.27
N TYR A 416 -38.54 -1.76 10.01
CA TYR A 416 -38.19 -0.49 9.36
C TYR A 416 -39.22 -0.10 8.34
N ALA A 417 -39.70 1.16 8.41
CA ALA A 417 -40.62 1.69 7.39
C ALA A 417 -39.74 2.21 6.25
N GLY A 418 -40.33 2.36 5.07
CA GLY A 418 -39.60 2.92 3.93
C GLY A 418 -39.97 4.37 3.70
N VAL A 419 -38.97 5.21 3.37
CA VAL A 419 -39.22 6.61 3.02
C VAL A 419 -38.80 6.85 1.58
N PHE A 420 -39.66 7.48 0.78
CA PHE A 420 -39.41 7.84 -0.61
C PHE A 420 -39.68 9.35 -0.72
N GLY A 421 -39.07 10.04 -1.67
CA GLY A 421 -39.33 11.46 -1.80
C GLY A 421 -38.76 12.10 -3.04
N ASN A 422 -39.09 13.38 -3.27
CA ASN A 422 -38.61 14.14 -4.42
C ASN A 422 -37.56 15.17 -3.99
N ASN A 423 -37.19 15.18 -2.70
CA ASN A 423 -36.31 16.19 -2.15
C ASN A 423 -35.38 15.61 -1.08
N GLU A 424 -34.07 15.63 -1.34
CA GLU A 424 -33.05 15.07 -0.45
C GLU A 424 -32.99 15.71 0.95
N GLU A 425 -33.12 17.05 1.04
CA GLU A 425 -33.11 17.77 2.32
C GLU A 425 -34.26 17.30 3.21
N LEU A 426 -35.48 17.16 2.64
CA LEU A 426 -36.64 16.67 3.38
C LEU A 426 -36.44 15.19 3.82
N ILE A 427 -35.91 14.33 2.91
CA ILE A 427 -35.63 12.91 3.24
C ILE A 427 -34.67 12.85 4.45
N ASN A 428 -33.57 13.66 4.43
CA ASN A 428 -32.61 13.71 5.51
C ASN A 428 -33.23 14.15 6.84
N LYS A 429 -34.21 15.10 6.79
CA LYS A 429 -34.93 15.56 7.97
C LYS A 429 -35.78 14.43 8.55
N ILE A 430 -36.38 13.60 7.68
CA ILE A 430 -37.17 12.44 8.11
C ILE A 430 -36.24 11.40 8.74
N LEU A 431 -35.06 11.17 8.10
CA LEU A 431 -34.06 10.23 8.64
C LEU A 431 -33.56 10.68 10.01
N GLN A 432 -33.35 11.99 10.19
CA GLN A 432 -32.94 12.56 11.48
C GLN A 432 -34.04 12.38 12.53
N SER A 433 -35.31 12.58 12.14
CA SER A 433 -36.48 12.41 13.03
C SER A 433 -36.62 10.94 13.44
N SER A 434 -36.25 10.02 12.52
CA SER A 434 -36.25 8.59 12.78
C SER A 434 -35.25 8.25 13.89
N LYS A 435 -34.05 8.86 13.83
CA LYS A 435 -32.99 8.65 14.82
C LYS A 435 -33.40 9.15 16.21
N THR A 436 -33.99 10.35 16.31
CA THR A 436 -34.36 10.93 17.60
C THR A 436 -35.66 10.36 18.18
N SER A 437 -36.59 9.86 17.32
CA SER A 437 -37.83 9.25 17.82
C SER A 437 -37.61 7.77 18.13
N ASN A 438 -36.55 7.17 17.54
CA ASN A 438 -36.23 5.75 17.62
C ASN A 438 -37.32 4.90 16.93
N GLU A 439 -37.96 5.46 15.87
CA GLU A 439 -38.93 4.75 15.02
C GLU A 439 -38.16 4.56 13.71
N PRO A 440 -37.64 3.33 13.44
CA PRO A 440 -36.74 3.11 12.30
C PRO A 440 -37.35 3.29 10.94
N VAL A 441 -36.60 3.99 10.06
CA VAL A 441 -37.00 4.28 8.68
C VAL A 441 -35.77 4.08 7.80
N TRP A 442 -35.97 3.62 6.55
CA TRP A 442 -34.86 3.47 5.61
C TRP A 442 -35.24 4.15 4.31
N TRP A 443 -34.29 4.89 3.74
CA TRP A 443 -34.51 5.60 2.48
C TRP A 443 -34.49 4.64 1.30
N LEU A 444 -35.58 4.64 0.54
CA LEU A 444 -35.73 3.83 -0.67
C LEU A 444 -35.85 4.72 -1.89
N PRO A 445 -35.40 4.28 -3.08
CA PRO A 445 -35.39 5.21 -4.23
C PRO A 445 -36.68 5.27 -5.03
N ILE A 446 -36.89 6.41 -5.68
CA ILE A 446 -37.97 6.57 -6.66
C ILE A 446 -37.24 6.42 -8.00
N ILE A 447 -37.32 5.22 -8.56
CA ILE A 447 -36.60 4.89 -9.82
C ILE A 447 -37.38 5.38 -11.03
N ASN A 448 -36.89 6.49 -11.64
CA ASN A 448 -37.51 7.12 -12.80
C ASN A 448 -37.69 6.24 -14.01
N GLU A 449 -36.82 5.22 -14.19
CA GLU A 449 -36.90 4.28 -15.31
C GLU A 449 -38.25 3.51 -15.33
N TYR A 450 -38.88 3.36 -14.15
CA TYR A 450 -40.15 2.63 -14.05
C TYR A 450 -41.36 3.50 -14.42
N ARG A 451 -41.18 4.84 -14.57
CA ARG A 451 -42.28 5.75 -14.89
C ARG A 451 -43.05 5.37 -16.16
N ALA A 452 -42.34 4.92 -17.20
CA ALA A 452 -42.96 4.49 -18.47
C ALA A 452 -43.98 3.36 -18.32
N THR A 453 -43.89 2.57 -17.22
CA THR A 453 -44.84 1.47 -16.95
C THR A 453 -46.22 2.02 -16.52
N LEU A 454 -46.30 3.30 -16.18
CA LEU A 454 -47.55 3.96 -15.80
C LEU A 454 -48.20 4.70 -16.98
N ASN A 455 -47.62 4.57 -18.19
CA ASN A 455 -48.19 5.20 -19.38
C ASN A 455 -49.44 4.42 -19.78
N SER A 456 -50.60 5.10 -19.78
CA SER A 456 -51.88 4.49 -20.13
C SER A 456 -52.15 4.72 -21.60
N LYS A 457 -52.79 3.74 -22.28
CA LYS A 457 -53.15 3.93 -23.70
C LYS A 457 -54.28 4.98 -23.85
N TYR A 458 -55.16 5.07 -22.87
CA TYR A 458 -56.34 5.95 -22.89
C TYR A 458 -56.34 7.13 -21.97
N ALA A 459 -56.03 6.90 -20.69
CA ALA A 459 -56.03 7.93 -19.67
C ALA A 459 -54.65 8.63 -19.66
N ASP A 460 -54.51 9.70 -18.88
CA ASP A 460 -53.23 10.41 -18.78
C ASP A 460 -52.20 9.51 -18.08
N ILE A 461 -52.66 8.63 -17.16
CA ILE A 461 -51.79 7.78 -16.39
C ILE A 461 -52.51 6.52 -15.89
N ASN A 462 -51.74 5.45 -15.71
CA ASN A 462 -52.20 4.22 -15.11
C ASN A 462 -52.01 4.34 -13.61
N GLN A 463 -52.94 3.78 -12.86
CA GLN A 463 -52.87 3.69 -11.40
C GLN A 463 -51.73 2.70 -11.03
N ILE A 464 -51.63 1.56 -11.75
CA ILE A 464 -50.62 0.51 -11.51
C ILE A 464 -49.82 0.18 -12.75
N SER A 465 -48.67 -0.46 -12.52
CA SER A 465 -47.83 -1.03 -13.55
C SER A 465 -48.46 -2.38 -13.91
N SER A 466 -48.20 -2.91 -15.11
CA SER A 466 -48.66 -4.26 -15.47
C SER A 466 -47.89 -5.31 -14.59
N SER A 467 -46.80 -4.85 -13.88
CA SER A 467 -45.87 -5.51 -12.94
C SER A 467 -44.72 -6.22 -13.71
N VAL A 468 -43.43 -5.78 -13.68
CA VAL A 468 -42.63 -4.82 -12.85
C VAL A 468 -42.23 -5.34 -11.43
N LYS A 469 -43.25 -5.57 -10.56
CA LYS A 469 -43.14 -6.09 -9.20
C LYS A 469 -42.62 -5.11 -8.13
N ALA A 470 -41.74 -4.11 -8.49
CA ALA A 470 -41.24 -3.06 -7.55
C ALA A 470 -42.42 -2.13 -7.16
N SER A 471 -43.44 -2.75 -6.56
CA SER A 471 -44.72 -2.13 -6.20
C SER A 471 -44.63 -0.87 -5.38
N SER A 472 -43.78 -0.89 -4.34
CA SER A 472 -43.66 0.26 -3.43
C SER A 472 -43.07 1.47 -4.17
N ILE A 473 -42.14 1.20 -5.10
CA ILE A 473 -41.49 2.25 -5.90
C ILE A 473 -42.47 2.79 -6.94
N VAL A 474 -43.19 1.90 -7.65
CA VAL A 474 -44.20 2.30 -8.65
C VAL A 474 -45.31 3.15 -7.97
N ALA A 475 -45.77 2.75 -6.76
CA ALA A 475 -46.77 3.52 -6.02
C ALA A 475 -46.24 4.94 -5.73
N SER A 476 -44.93 5.07 -5.36
CA SER A 476 -44.27 6.36 -5.11
C SER A 476 -44.17 7.20 -6.38
N LEU A 477 -43.93 6.58 -7.54
CA LEU A 477 -43.87 7.28 -8.83
C LEU A 477 -45.24 7.84 -9.17
N PHE A 478 -46.31 7.07 -8.87
CA PHE A 478 -47.69 7.52 -9.10
C PHE A 478 -47.98 8.75 -8.24
N LEU A 479 -47.67 8.68 -6.92
CA LEU A 479 -47.89 9.78 -5.98
C LEU A 479 -47.14 11.04 -6.36
N LYS A 480 -45.89 10.88 -6.84
CA LYS A 480 -45.02 11.99 -7.26
C LYS A 480 -45.71 12.86 -8.36
N GLU A 481 -46.58 12.25 -9.19
CA GLU A 481 -47.29 12.95 -10.26
C GLU A 481 -48.32 13.96 -9.71
N PHE A 482 -48.63 13.88 -8.41
CA PHE A 482 -49.62 14.74 -7.76
C PHE A 482 -49.04 15.85 -6.89
N VAL A 483 -47.69 16.02 -6.96
CA VAL A 483 -46.95 17.08 -6.26
C VAL A 483 -46.13 17.78 -7.34
N GLN A 484 -46.51 19.03 -7.65
CA GLN A 484 -45.90 19.78 -8.74
C GLN A 484 -44.61 20.52 -8.38
N ASN A 485 -44.60 21.28 -7.28
CA ASN A 485 -43.46 22.11 -6.94
C ASN A 485 -43.21 22.27 -5.44
N THR A 486 -43.41 21.19 -4.67
CA THR A 486 -43.21 21.23 -3.22
C THR A 486 -42.38 20.02 -2.80
N ALA A 487 -41.48 20.23 -1.81
CA ALA A 487 -40.69 19.17 -1.20
C ALA A 487 -41.69 18.19 -0.57
N TRP A 488 -41.61 16.93 -1.00
CA TRP A 488 -42.54 15.87 -0.58
C TRP A 488 -41.82 14.57 -0.24
N ALA A 489 -42.28 13.89 0.81
CA ALA A 489 -41.79 12.59 1.23
C ALA A 489 -42.97 11.69 1.53
N HIS A 490 -42.81 10.39 1.31
CA HIS A 490 -43.86 9.38 1.47
C HIS A 490 -43.29 8.27 2.33
N ILE A 491 -43.97 7.97 3.44
CA ILE A 491 -43.54 6.93 4.38
C ILE A 491 -44.48 5.73 4.26
N ASP A 492 -43.97 4.61 3.73
CA ASP A 492 -44.79 3.40 3.57
C ASP A 492 -44.64 2.55 4.83
N ILE A 493 -45.71 2.47 5.62
CA ILE A 493 -45.77 1.76 6.90
C ILE A 493 -46.56 0.46 6.84
N ALA A 494 -46.84 -0.05 5.63
CA ALA A 494 -47.59 -1.32 5.47
C ALA A 494 -46.98 -2.49 6.24
N GLY A 495 -45.65 -2.55 6.30
CA GLY A 495 -44.94 -3.62 6.99
C GLY A 495 -44.78 -3.46 8.49
N VAL A 496 -44.64 -2.21 8.95
CA VAL A 496 -44.37 -1.89 10.35
C VAL A 496 -45.55 -1.59 11.24
N SER A 497 -46.70 -1.27 10.67
CA SER A 497 -47.83 -0.80 11.47
C SER A 497 -48.38 -1.81 12.49
N TRP A 498 -48.48 -3.08 12.09
CA TRP A 498 -49.06 -4.12 12.93
C TRP A 498 -48.00 -4.97 13.60
N ASN A 499 -48.12 -5.16 14.91
CA ASN A 499 -47.22 -6.04 15.64
C ASN A 499 -47.85 -7.45 15.59
N PHE A 500 -47.42 -8.28 14.63
CA PHE A 500 -47.98 -9.62 14.42
C PHE A 500 -47.83 -10.53 15.63
N LYS A 501 -46.65 -10.53 16.28
CA LYS A 501 -46.36 -11.34 17.46
C LYS A 501 -47.26 -11.00 18.66
N ALA A 502 -47.43 -9.69 18.96
CA ALA A 502 -48.24 -9.22 20.09
C ALA A 502 -49.72 -9.06 19.74
N ARG A 503 -50.10 -9.23 18.43
CA ARG A 503 -51.48 -9.15 17.91
C ARG A 503 -52.13 -7.77 18.21
N LYS A 504 -51.35 -6.70 18.03
CA LYS A 504 -51.80 -5.35 18.31
C LYS A 504 -51.13 -4.31 17.40
N PRO A 505 -51.68 -3.08 17.26
CA PRO A 505 -50.96 -2.08 16.44
C PRO A 505 -49.77 -1.52 17.20
N LYS A 506 -48.88 -0.85 16.48
CA LYS A 506 -47.74 -0.21 17.11
C LYS A 506 -47.98 1.28 17.32
N GLY A 507 -48.92 1.87 16.59
CA GLY A 507 -49.11 3.31 16.60
C GLY A 507 -47.90 3.96 15.94
N PHE A 508 -47.29 3.24 14.98
CA PHE A 508 -46.07 3.68 14.29
C PHE A 508 -46.23 5.01 13.56
N GLY A 509 -45.24 5.89 13.72
CA GLY A 509 -45.18 7.16 13.00
C GLY A 509 -45.54 8.39 13.82
N VAL A 510 -46.28 8.22 14.93
CA VAL A 510 -46.64 9.36 15.78
C VAL A 510 -45.39 10.11 16.25
N ARG A 511 -44.45 9.39 16.87
CA ARG A 511 -43.22 9.99 17.42
C ARG A 511 -42.30 10.50 16.33
N LEU A 512 -42.21 9.77 15.22
CA LEU A 512 -41.42 10.15 14.06
C LEU A 512 -41.90 11.51 13.51
N LEU A 513 -43.23 11.62 13.27
CA LEU A 513 -43.80 12.86 12.73
C LEU A 513 -43.71 14.02 13.73
N THR A 514 -43.89 13.75 15.03
CA THR A 514 -43.80 14.82 16.05
C THR A 514 -42.38 15.35 16.12
N GLU A 515 -41.38 14.46 16.15
CA GLU A 515 -39.95 14.86 16.18
C GLU A 515 -39.62 15.69 14.94
N PHE A 516 -40.20 15.32 13.80
CA PHE A 516 -40.02 16.06 12.54
C PHE A 516 -40.54 17.50 12.68
N VAL A 517 -41.78 17.65 13.20
CA VAL A 517 -42.42 18.97 13.41
C VAL A 517 -41.66 19.82 14.43
N LEU A 518 -41.28 19.20 15.58
CA LEU A 518 -40.60 19.86 16.69
C LEU A 518 -39.18 20.30 16.39
N ASN A 519 -38.40 19.45 15.72
CA ASN A 519 -37.01 19.74 15.44
C ASN A 519 -36.76 20.59 14.19
N ASP A 520 -37.85 21.03 13.53
CA ASP A 520 -37.78 21.90 12.35
C ASP A 520 -37.63 23.35 12.80
N SER B 3 -83.37 6.15 -20.12
CA SER B 3 -82.69 7.37 -20.60
C SER B 3 -81.76 8.12 -19.64
N GLU B 4 -82.22 8.45 -18.40
CA GLU B 4 -81.35 9.15 -17.44
C GLU B 4 -80.34 8.17 -16.83
N VAL B 5 -79.04 8.46 -16.96
CA VAL B 5 -78.02 7.57 -16.41
C VAL B 5 -77.86 7.79 -14.92
N PRO B 6 -78.08 6.76 -14.07
CA PRO B 6 -77.92 6.97 -12.62
C PRO B 6 -76.45 7.21 -12.28
N GLN B 7 -76.23 7.98 -11.22
CA GLN B 7 -74.90 8.35 -10.73
C GLN B 7 -74.80 8.06 -9.26
N VAL B 8 -73.60 7.68 -8.78
CA VAL B 8 -73.37 7.50 -7.33
C VAL B 8 -72.98 8.89 -6.80
N VAL B 9 -72.03 9.55 -7.49
CA VAL B 9 -71.55 10.89 -7.17
C VAL B 9 -71.75 11.76 -8.41
N SER B 10 -71.82 13.08 -8.24
CA SER B 10 -72.01 14.03 -9.36
C SER B 10 -70.90 13.95 -10.43
N LEU B 11 -69.73 13.39 -10.06
CA LEU B 11 -68.58 13.24 -10.95
C LEU B 11 -68.69 12.01 -11.86
N ASP B 12 -69.66 11.13 -11.62
CA ASP B 12 -69.87 9.96 -12.47
C ASP B 12 -70.36 10.40 -13.87
N PRO B 13 -69.73 9.93 -14.94
CA PRO B 13 -70.15 10.38 -16.29
C PRO B 13 -71.54 9.87 -16.66
N THR B 14 -72.27 10.67 -17.48
CA THR B 14 -73.64 10.33 -17.88
C THR B 14 -73.78 10.02 -19.37
N SER B 15 -72.67 9.96 -20.10
CA SER B 15 -72.68 9.61 -21.52
C SER B 15 -71.32 9.08 -21.94
N ILE B 16 -71.32 8.33 -23.05
CA ILE B 16 -70.06 7.84 -23.63
C ILE B 16 -69.60 8.93 -24.60
N PRO B 17 -68.38 9.51 -24.46
CA PRO B 17 -67.91 10.44 -25.50
C PRO B 17 -67.64 9.65 -26.78
N ILE B 18 -68.18 10.13 -27.89
CA ILE B 18 -68.04 9.49 -29.19
C ILE B 18 -67.54 10.52 -30.18
N GLU B 19 -66.52 10.15 -30.96
CA GLU B 19 -65.98 10.99 -32.02
C GLU B 19 -66.58 10.44 -33.32
N TYR B 20 -67.42 11.24 -34.02
CA TYR B 20 -68.02 10.81 -35.29
C TYR B 20 -67.16 11.31 -36.47
N ASN B 21 -66.86 12.61 -36.47
CA ASN B 21 -66.01 13.18 -37.50
C ASN B 21 -64.58 13.11 -37.02
N THR B 22 -63.88 12.09 -37.50
CA THR B 22 -62.50 11.85 -37.11
C THR B 22 -61.54 12.51 -38.10
N PRO B 23 -60.25 12.74 -37.76
CA PRO B 23 -59.32 13.30 -38.75
C PRO B 23 -59.18 12.46 -40.03
N ILE B 24 -59.42 11.13 -39.96
CA ILE B 24 -59.39 10.24 -41.13
C ILE B 24 -60.43 10.72 -42.16
N HIS B 25 -61.61 11.16 -41.71
CA HIS B 25 -62.67 11.67 -42.59
C HIS B 25 -62.26 12.92 -43.36
N ASP B 26 -61.30 13.72 -42.81
CA ASP B 26 -60.81 14.96 -43.43
C ASP B 26 -59.73 14.70 -44.49
N ILE B 27 -59.31 13.42 -44.64
CA ILE B 27 -58.33 13.06 -45.64
C ILE B 27 -58.98 12.98 -47.02
N LYS B 28 -58.47 13.78 -47.96
CA LYS B 28 -58.91 13.76 -49.36
C LYS B 28 -58.10 12.67 -50.04
N VAL B 29 -58.79 11.64 -50.56
CA VAL B 29 -58.16 10.48 -51.20
C VAL B 29 -58.31 10.57 -52.71
N GLN B 30 -57.20 10.39 -53.43
CA GLN B 30 -57.19 10.39 -54.89
C GLN B 30 -56.49 9.11 -55.35
N VAL B 31 -57.11 8.40 -56.31
CA VAL B 31 -56.57 7.16 -56.88
C VAL B 31 -56.19 7.44 -58.34
N TYR B 32 -54.93 7.15 -58.69
CA TYR B 32 -54.40 7.36 -60.04
C TYR B 32 -53.90 6.07 -60.61
N ASP B 33 -53.95 5.96 -61.94
CA ASP B 33 -53.43 4.77 -62.59
C ASP B 33 -51.92 4.89 -62.68
N ILE B 34 -51.24 3.81 -62.29
CA ILE B 34 -49.78 3.72 -62.30
C ILE B 34 -49.17 3.94 -63.71
N LYS B 35 -49.93 3.54 -64.78
CA LYS B 35 -49.59 3.81 -66.21
C LYS B 35 -49.94 5.29 -66.31
N GLY B 36 -49.00 6.09 -66.71
CA GLY B 36 -49.29 7.50 -66.69
C GLY B 36 -48.28 8.20 -65.83
N GLY B 37 -47.58 7.40 -65.01
CA GLY B 37 -46.46 7.84 -64.16
C GLY B 37 -46.81 8.45 -62.83
N CYS B 38 -45.83 8.41 -61.90
CA CYS B 38 -45.98 8.96 -60.55
C CYS B 38 -45.39 10.35 -60.46
N ASN B 39 -46.19 11.32 -59.99
CA ASN B 39 -45.69 12.65 -59.73
C ASN B 39 -45.20 12.64 -58.28
N VAL B 40 -43.97 13.13 -58.05
CA VAL B 40 -43.34 13.22 -56.72
C VAL B 40 -43.07 14.69 -56.43
N GLU B 41 -43.96 15.34 -55.66
CA GLU B 41 -43.83 16.78 -55.47
C GLU B 41 -44.06 17.38 -54.08
N GLU B 42 -44.58 16.59 -53.09
CA GLU B 42 -44.93 17.11 -51.76
C GLU B 42 -45.28 15.98 -50.76
N GLY B 43 -44.89 16.17 -49.50
CA GLY B 43 -45.13 15.21 -48.42
C GLY B 43 -44.24 13.98 -48.53
N LEU B 44 -44.86 12.80 -48.36
CA LEU B 44 -44.14 11.52 -48.41
C LEU B 44 -44.68 10.56 -49.45
N THR B 45 -43.78 10.03 -50.32
CA THR B 45 -44.17 9.05 -51.35
C THR B 45 -43.53 7.71 -51.01
N ILE B 46 -44.38 6.71 -50.74
CA ILE B 46 -43.95 5.37 -50.36
C ILE B 46 -44.30 4.36 -51.43
N PHE B 47 -43.28 3.59 -51.85
CA PHE B 47 -43.45 2.49 -52.80
C PHE B 47 -43.63 1.20 -52.04
N LEU B 48 -44.67 0.41 -52.37
CA LEU B 48 -44.88 -0.89 -51.74
C LEU B 48 -44.21 -1.89 -52.68
N VAL B 49 -43.03 -2.37 -52.30
CA VAL B 49 -42.19 -3.22 -53.13
C VAL B 49 -41.94 -4.63 -52.58
N ASN B 50 -41.95 -5.61 -53.48
CA ASN B 50 -41.63 -7.00 -53.16
C ASN B 50 -40.57 -7.49 -54.17
N ASN B 51 -40.11 -8.73 -53.99
CA ASN B 51 -39.19 -9.38 -54.92
C ASN B 51 -39.54 -10.85 -54.93
N PRO B 52 -40.45 -11.28 -55.84
CA PRO B 52 -40.86 -12.69 -55.86
C PRO B 52 -39.71 -13.67 -56.07
N GLY B 53 -39.66 -14.70 -55.23
CA GLY B 53 -38.62 -15.72 -55.27
C GLY B 53 -37.40 -15.39 -54.42
N LYS B 54 -36.70 -14.29 -54.76
CA LYS B 54 -35.50 -13.84 -54.03
C LYS B 54 -35.82 -13.46 -52.57
N GLU B 55 -35.38 -14.32 -51.62
CA GLU B 55 -35.55 -14.27 -50.16
C GLU B 55 -35.79 -12.88 -49.54
N ASN B 56 -34.71 -12.07 -49.41
CA ASN B 56 -34.69 -10.70 -48.93
C ASN B 56 -33.98 -9.97 -50.07
N GLY B 57 -34.57 -10.12 -51.26
CA GLY B 57 -34.09 -9.61 -52.53
C GLY B 57 -33.98 -8.10 -52.59
N PRO B 58 -33.25 -7.57 -53.61
CA PRO B 58 -33.10 -6.10 -53.70
C PRO B 58 -34.38 -5.36 -54.05
N VAL B 59 -34.43 -4.06 -53.68
CA VAL B 59 -35.57 -3.24 -54.04
C VAL B 59 -35.34 -2.73 -55.46
N LYS B 60 -36.35 -2.86 -56.31
CA LYS B 60 -36.31 -2.40 -57.69
C LYS B 60 -37.66 -1.73 -58.04
N ILE B 61 -37.65 -0.37 -58.16
CA ILE B 61 -38.84 0.45 -58.48
C ILE B 61 -39.20 0.35 -59.97
N SER B 62 -40.29 -0.38 -60.25
CA SER B 62 -40.81 -0.62 -61.60
C SER B 62 -41.60 0.56 -62.19
N SER B 63 -42.31 1.34 -61.34
CA SER B 63 -43.13 2.47 -61.80
C SER B 63 -42.36 3.57 -62.47
N LYS B 64 -43.00 4.21 -63.46
CA LYS B 64 -42.44 5.38 -64.12
C LYS B 64 -42.70 6.56 -63.18
N VAL B 65 -41.68 7.38 -62.93
CA VAL B 65 -41.75 8.55 -62.07
C VAL B 65 -41.58 9.76 -62.97
N ASN B 66 -42.53 10.71 -62.95
CA ASN B 66 -42.53 11.89 -63.82
C ASN B 66 -41.64 13.02 -63.30
N ASP B 67 -40.36 12.69 -63.07
CA ASP B 67 -39.32 13.57 -62.54
C ASP B 67 -37.98 12.93 -62.90
N LYS B 68 -37.10 13.70 -63.57
CA LYS B 68 -35.77 13.22 -63.99
C LYS B 68 -34.91 12.91 -62.77
N GLN B 69 -34.81 13.87 -61.84
CA GLN B 69 -34.06 13.81 -60.58
C GLN B 69 -34.49 12.65 -59.67
N VAL B 70 -35.82 12.46 -59.49
CA VAL B 70 -36.34 11.36 -58.65
C VAL B 70 -36.11 10.00 -59.31
N SER B 71 -36.21 9.91 -60.67
CA SER B 71 -35.95 8.67 -61.42
C SER B 71 -34.48 8.26 -61.28
N GLU B 72 -33.56 9.26 -61.35
CA GLU B 72 -32.11 9.05 -61.20
C GLU B 72 -31.79 8.46 -59.82
N PHE B 73 -32.41 9.03 -58.76
CA PHE B 73 -32.23 8.57 -57.38
C PHE B 73 -32.74 7.14 -57.22
N LEU B 74 -33.89 6.82 -57.85
CA LEU B 74 -34.53 5.51 -57.73
C LEU B 74 -34.07 4.41 -58.68
N LYS B 75 -32.95 4.65 -59.42
CA LYS B 75 -32.33 3.68 -60.34
C LYS B 75 -31.85 2.45 -59.57
N ASP B 76 -31.88 1.28 -60.23
CA ASP B 76 -31.52 -0.02 -59.66
C ASP B 76 -30.22 -0.04 -58.86
N GLU B 77 -29.15 0.58 -59.42
CA GLU B 77 -27.82 0.68 -58.80
C GLU B 77 -27.88 1.33 -57.44
N ASN B 78 -28.68 2.41 -57.30
CA ASN B 78 -28.83 3.12 -56.04
C ASN B 78 -29.71 2.35 -55.04
N MET B 79 -30.67 1.58 -55.56
CA MET B 79 -31.63 0.81 -54.76
C MET B 79 -31.13 -0.59 -54.36
N GLU B 80 -30.02 -1.06 -54.97
CA GLU B 80 -29.45 -2.39 -54.78
C GLU B 80 -29.11 -2.74 -53.32
N LYS B 81 -28.70 -1.73 -52.54
CA LYS B 81 -28.31 -1.85 -51.12
C LYS B 81 -29.46 -2.16 -50.16
N PHE B 82 -30.71 -1.86 -50.57
CA PHE B 82 -31.89 -2.09 -49.73
C PHE B 82 -32.57 -3.37 -50.12
N ASN B 83 -33.19 -4.04 -49.15
CA ASN B 83 -33.89 -5.28 -49.38
C ASN B 83 -35.39 -5.17 -49.09
N VAL B 84 -36.17 -6.19 -49.52
CA VAL B 84 -37.62 -6.21 -49.45
C VAL B 84 -38.19 -6.92 -48.24
N LYS B 85 -37.35 -7.34 -47.26
CA LYS B 85 -37.83 -8.06 -46.07
C LYS B 85 -39.13 -7.44 -45.54
N LEU B 86 -40.18 -8.27 -45.38
CA LEU B 86 -41.51 -7.87 -44.92
C LEU B 86 -41.48 -6.93 -43.71
N GLY B 87 -42.02 -5.72 -43.91
CA GLY B 87 -42.07 -4.69 -42.88
C GLY B 87 -40.88 -3.74 -42.83
N THR B 88 -39.78 -4.06 -43.56
CA THR B 88 -38.60 -3.18 -43.62
C THR B 88 -38.99 -1.89 -44.34
N SER B 89 -38.47 -0.75 -43.89
CA SER B 89 -38.76 0.54 -44.53
C SER B 89 -37.57 1.47 -44.51
N LYS B 90 -37.51 2.35 -45.52
CA LYS B 90 -36.46 3.36 -45.66
C LYS B 90 -37.02 4.71 -46.08
N HIS B 91 -36.33 5.77 -45.66
CA HIS B 91 -36.63 7.16 -45.96
C HIS B 91 -35.54 7.73 -46.87
N PHE B 92 -35.95 8.47 -47.91
CA PHE B 92 -35.07 9.13 -48.88
C PHE B 92 -35.44 10.59 -48.99
N TYR B 93 -34.44 11.43 -49.12
CA TYR B 93 -34.61 12.88 -49.26
C TYR B 93 -33.83 13.31 -50.50
N MET B 94 -34.43 14.16 -51.35
CA MET B 94 -33.81 14.67 -52.58
C MET B 94 -34.55 15.90 -53.14
N PHE B 95 -34.00 16.50 -54.21
CA PHE B 95 -34.61 17.64 -54.88
C PHE B 95 -35.18 17.19 -56.21
N ASN B 96 -36.41 17.61 -56.51
CA ASN B 96 -37.07 17.27 -57.78
C ASN B 96 -36.64 18.19 -58.95
N ASP B 97 -37.36 18.13 -60.09
CA ASP B 97 -37.07 18.96 -61.28
C ASP B 97 -37.29 20.45 -61.03
N ASN B 98 -38.23 20.78 -60.11
CA ASN B 98 -38.54 22.15 -59.70
C ASN B 98 -37.53 22.66 -58.66
N LYS B 99 -36.50 21.84 -58.35
CA LYS B 99 -35.44 22.10 -57.37
C LYS B 99 -35.99 22.23 -55.94
N ASN B 100 -37.18 21.63 -55.71
CA ASN B 100 -37.89 21.58 -54.42
C ASN B 100 -37.61 20.23 -53.73
N SER B 101 -37.41 20.26 -52.40
CA SER B 101 -37.12 19.06 -51.62
C SER B 101 -38.32 18.13 -51.51
N VAL B 102 -38.10 16.83 -51.78
CA VAL B 102 -39.13 15.78 -51.71
C VAL B 102 -38.71 14.62 -50.77
N ALA B 103 -39.69 14.02 -50.06
CA ALA B 103 -39.44 12.84 -49.22
C ALA B 103 -40.04 11.62 -49.91
N VAL B 104 -39.19 10.60 -50.15
CA VAL B 104 -39.51 9.35 -50.85
C VAL B 104 -39.07 8.17 -49.96
N GLY B 105 -39.59 6.99 -50.24
CA GLY B 105 -39.26 5.79 -49.48
C GLY B 105 -40.00 4.56 -49.93
N TYR B 106 -39.86 3.47 -49.17
CA TYR B 106 -40.50 2.20 -49.51
C TYR B 106 -40.81 1.41 -48.26
N VAL B 107 -41.73 0.43 -48.39
CA VAL B 107 -42.04 -0.56 -47.36
C VAL B 107 -41.86 -1.91 -48.06
N GLY B 108 -41.09 -2.78 -47.41
CA GLY B 108 -40.80 -4.13 -47.87
C GLY B 108 -41.99 -5.06 -47.74
N CYS B 109 -42.40 -5.68 -48.87
CA CYS B 109 -43.55 -6.59 -48.90
C CYS B 109 -43.16 -8.06 -49.07
N GLY B 110 -41.89 -8.36 -48.81
CA GLY B 110 -41.36 -9.73 -48.86
C GLY B 110 -41.16 -10.32 -50.24
N SER B 111 -41.21 -11.66 -50.30
CA SER B 111 -40.98 -12.42 -51.53
C SER B 111 -42.16 -13.27 -52.01
N VAL B 112 -43.28 -13.26 -51.27
CA VAL B 112 -44.48 -14.01 -51.63
C VAL B 112 -45.42 -13.07 -52.38
N ALA B 113 -45.77 -13.43 -53.64
CA ALA B 113 -46.63 -12.64 -54.52
C ALA B 113 -48.00 -12.29 -53.93
N ASP B 114 -48.63 -13.23 -53.20
CA ASP B 114 -49.93 -12.96 -52.57
C ASP B 114 -49.76 -12.76 -51.07
N LEU B 115 -49.98 -11.51 -50.57
CA LEU B 115 -49.84 -11.19 -49.15
C LEU B 115 -51.07 -11.63 -48.38
N SER B 116 -50.85 -12.25 -47.22
CA SER B 116 -51.96 -12.66 -46.36
C SER B 116 -52.44 -11.42 -45.59
N GLU B 117 -53.60 -11.55 -44.97
CA GLU B 117 -54.25 -10.58 -44.10
C GLU B 117 -53.26 -10.14 -42.97
N ALA B 118 -52.48 -11.09 -42.42
CA ALA B 118 -51.49 -10.84 -41.36
C ALA B 118 -50.27 -10.08 -41.92
N ASP B 119 -49.80 -10.45 -43.13
CA ASP B 119 -48.68 -9.81 -43.83
C ASP B 119 -49.04 -8.37 -44.17
N MET B 120 -50.28 -8.12 -44.69
CA MET B 120 -50.75 -6.78 -45.03
C MET B 120 -50.78 -5.87 -43.81
N LYS B 121 -51.17 -6.43 -42.66
CA LYS B 121 -51.19 -5.70 -41.39
C LYS B 121 -49.78 -5.24 -41.01
N ARG B 122 -48.74 -6.10 -41.24
CA ARG B 122 -47.34 -5.76 -40.96
C ARG B 122 -46.86 -4.63 -41.88
N VAL B 123 -47.28 -4.64 -43.16
CA VAL B 123 -46.94 -3.61 -44.14
C VAL B 123 -47.55 -2.28 -43.66
N VAL B 124 -48.85 -2.30 -43.29
CA VAL B 124 -49.58 -1.14 -42.80
C VAL B 124 -48.93 -0.54 -41.54
N LEU B 125 -48.57 -1.40 -40.57
CA LEU B 125 -47.92 -0.97 -39.32
C LEU B 125 -46.62 -0.22 -39.60
N SER B 126 -45.81 -0.70 -40.57
CA SER B 126 -44.56 -0.06 -40.99
C SER B 126 -44.85 1.30 -41.59
N LEU B 127 -45.92 1.40 -42.42
CA LEU B 127 -46.36 2.66 -43.03
C LEU B 127 -46.76 3.68 -41.95
N VAL B 128 -47.52 3.24 -40.92
CA VAL B 128 -47.99 4.09 -39.83
C VAL B 128 -46.80 4.58 -38.97
N THR B 129 -45.70 3.80 -38.89
CA THR B 129 -44.47 4.21 -38.18
C THR B 129 -43.82 5.41 -38.91
N MET B 130 -43.97 5.47 -40.23
CA MET B 130 -43.44 6.58 -41.03
C MET B 130 -44.37 7.80 -40.91
N LEU B 131 -45.67 7.58 -40.62
CA LEU B 131 -46.64 8.68 -40.47
C LEU B 131 -46.51 9.32 -39.08
N HIS B 132 -46.33 8.50 -38.04
CA HIS B 132 -46.19 9.01 -36.67
C HIS B 132 -44.83 9.71 -36.52
N ASP B 133 -44.77 10.76 -35.67
CA ASP B 133 -43.54 11.55 -35.40
C ASP B 133 -42.95 12.30 -36.61
N ASN B 134 -43.80 12.62 -37.58
CA ASN B 134 -43.40 13.36 -38.76
C ASN B 134 -44.60 14.16 -39.27
N LYS B 135 -44.50 15.49 -39.14
CA LYS B 135 -45.53 16.43 -39.53
C LYS B 135 -45.60 16.55 -41.04
N LEU B 136 -46.51 15.75 -41.62
CA LEU B 136 -46.75 15.66 -43.08
C LEU B 136 -48.14 16.11 -43.43
N SER B 137 -48.28 16.76 -44.59
CA SER B 137 -49.57 17.21 -45.10
C SER B 137 -50.14 16.16 -46.06
N LYS B 138 -49.25 15.35 -46.67
CA LYS B 138 -49.65 14.37 -47.67
C LYS B 138 -48.85 13.09 -47.65
N LEU B 139 -49.54 11.98 -47.88
CA LEU B 139 -48.93 10.68 -48.08
C LEU B 139 -49.32 10.17 -49.46
N THR B 140 -48.33 9.70 -50.23
CA THR B 140 -48.59 9.02 -51.50
C THR B 140 -48.14 7.56 -51.39
N VAL B 141 -49.03 6.62 -51.78
CA VAL B 141 -48.70 5.19 -51.73
C VAL B 141 -48.72 4.64 -53.17
N VAL B 142 -47.60 4.04 -53.60
CA VAL B 142 -47.47 3.47 -54.96
C VAL B 142 -47.45 1.94 -54.82
N PHE B 143 -48.48 1.28 -55.38
CA PHE B 143 -48.61 -0.16 -55.31
C PHE B 143 -47.81 -0.85 -56.40
N GLU B 144 -46.67 -1.45 -56.03
CA GLU B 144 -45.86 -2.22 -56.97
C GLU B 144 -45.98 -3.70 -56.59
N ILE B 145 -47.11 -4.06 -55.97
CA ILE B 145 -47.48 -5.40 -55.51
C ILE B 145 -48.88 -5.68 -56.03
N ASN B 146 -49.25 -6.97 -56.15
CA ASN B 146 -50.57 -7.34 -56.64
C ASN B 146 -51.53 -7.55 -55.49
N VAL B 147 -52.62 -6.77 -55.50
CA VAL B 147 -53.67 -6.85 -54.48
C VAL B 147 -55.03 -6.91 -55.16
N ASP B 148 -55.94 -7.77 -54.68
CA ASP B 148 -57.29 -7.77 -55.27
C ASP B 148 -58.09 -6.58 -54.65
N LYS B 149 -59.31 -6.26 -55.16
CA LYS B 149 -60.14 -5.14 -54.68
C LYS B 149 -60.35 -5.20 -53.15
N ASN B 150 -60.47 -6.42 -52.66
CA ASN B 150 -60.69 -6.79 -51.28
C ASN B 150 -59.52 -6.48 -50.36
N LEU B 151 -58.32 -6.91 -50.74
CA LEU B 151 -57.10 -6.65 -49.99
C LEU B 151 -56.71 -5.17 -50.12
N PHE B 152 -57.10 -4.49 -51.23
CA PHE B 152 -56.85 -3.05 -51.38
C PHE B 152 -57.71 -2.29 -50.34
N ARG B 153 -59.00 -2.67 -50.23
CA ARG B 153 -59.93 -2.09 -49.28
C ARG B 153 -59.43 -2.37 -47.84
N PHE B 154 -58.92 -3.60 -47.58
CA PHE B 154 -58.38 -4.00 -46.28
C PHE B 154 -57.14 -3.15 -45.92
N PHE B 155 -56.28 -2.87 -46.93
CA PHE B 155 -55.11 -2.02 -46.74
C PHE B 155 -55.60 -0.64 -46.25
N LEU B 156 -56.59 -0.07 -46.94
CA LEU B 156 -57.15 1.25 -46.60
C LEU B 156 -57.81 1.26 -45.21
N GLU B 157 -58.71 0.29 -44.93
CA GLU B 157 -59.40 0.15 -43.65
C GLU B 157 -58.41 0.08 -42.50
N THR B 158 -57.34 -0.73 -42.67
CA THR B 158 -56.29 -0.99 -41.68
C THR B 158 -55.44 0.25 -41.47
N LEU B 159 -55.04 0.89 -42.57
CA LEU B 159 -54.29 2.14 -42.48
C LEU B 159 -55.06 3.18 -41.67
N PHE B 160 -56.37 3.38 -41.99
CA PHE B 160 -57.21 4.36 -41.33
C PHE B 160 -57.37 4.04 -39.85
N TYR B 161 -57.67 2.79 -39.55
CA TYR B 161 -57.87 2.33 -38.18
C TYR B 161 -56.61 2.47 -37.32
N GLU B 162 -55.48 2.00 -37.82
CA GLU B 162 -54.21 2.04 -37.07
C GLU B 162 -53.63 3.44 -36.91
N TYR B 163 -53.87 4.32 -37.89
CA TYR B 163 -53.39 5.69 -37.88
C TYR B 163 -54.13 6.52 -36.83
N MET B 164 -55.44 6.27 -36.70
CA MET B 164 -56.33 6.96 -35.78
C MET B 164 -55.93 6.71 -34.31
N THR B 165 -55.78 7.79 -33.52
CA THR B 165 -55.44 7.71 -32.10
C THR B 165 -56.62 8.23 -31.27
N ASP B 166 -57.11 7.38 -30.35
CA ASP B 166 -58.22 7.68 -29.48
C ASP B 166 -57.74 8.50 -28.27
N GLU B 167 -58.06 9.79 -28.24
CA GLU B 167 -57.66 10.69 -27.15
C GLU B 167 -58.84 11.18 -26.30
N ARG B 168 -60.00 10.52 -26.38
CA ARG B 168 -61.20 10.90 -25.62
C ARG B 168 -61.00 10.99 -24.11
N PHE B 169 -60.11 10.16 -23.53
CA PHE B 169 -59.92 10.11 -22.08
C PHE B 169 -58.63 10.75 -21.61
N LYS B 170 -57.92 11.40 -22.54
CA LYS B 170 -56.70 12.16 -22.25
C LYS B 170 -57.15 13.57 -21.86
N SER B 171 -56.43 14.20 -20.94
CA SER B 171 -56.67 15.59 -20.53
C SER B 171 -55.31 16.27 -20.44
N THR B 172 -54.42 15.77 -19.55
CA THR B 172 -53.02 16.11 -19.20
C THR B 172 -52.88 17.07 -18.04
N LYS B 174 -52.54 14.73 -23.64
CA LYS B 174 -52.77 14.73 -25.09
C LYS B 174 -51.45 14.94 -25.82
N ASN B 175 -51.26 14.23 -26.96
CA ASN B 175 -50.04 14.37 -27.75
C ASN B 175 -50.02 15.74 -28.46
N VAL B 176 -49.13 16.65 -27.99
CA VAL B 176 -48.97 18.02 -28.53
C VAL B 176 -48.54 18.04 -30.01
N ASN B 177 -47.85 16.97 -30.46
CA ASN B 177 -47.33 16.84 -31.83
C ASN B 177 -48.22 16.06 -32.79
N MET B 178 -49.42 15.67 -32.33
CA MET B 178 -50.38 14.93 -33.13
C MET B 178 -50.97 15.84 -34.24
N GLU B 179 -50.57 15.56 -35.50
CA GLU B 179 -50.99 16.27 -36.72
C GLU B 179 -51.21 15.22 -37.83
N TYR B 180 -52.41 15.18 -38.41
CA TYR B 180 -52.78 14.20 -39.44
C TYR B 180 -52.59 14.73 -40.86
N ILE B 181 -52.29 13.82 -41.82
CA ILE B 181 -52.19 14.19 -43.24
C ILE B 181 -53.58 14.67 -43.69
N LYS B 182 -53.63 15.55 -44.69
CA LYS B 182 -54.89 16.08 -45.22
C LYS B 182 -55.17 15.45 -46.58
N HIS B 183 -54.17 14.80 -47.16
CA HIS B 183 -54.27 14.19 -48.47
C HIS B 183 -53.62 12.83 -48.53
N LEU B 184 -54.25 11.92 -49.28
CA LEU B 184 -53.74 10.58 -49.55
C LEU B 184 -53.84 10.31 -51.03
N GLY B 185 -52.70 10.13 -51.67
CA GLY B 185 -52.61 9.77 -53.09
C GLY B 185 -52.30 8.29 -53.20
N VAL B 186 -52.98 7.59 -54.12
CA VAL B 186 -52.77 6.16 -54.32
C VAL B 186 -52.50 5.92 -55.81
N TYR B 187 -51.37 5.27 -56.11
CA TYR B 187 -51.03 4.86 -57.46
C TYR B 187 -51.16 3.34 -57.55
N ILE B 188 -52.11 2.85 -58.36
CA ILE B 188 -52.36 1.42 -58.56
C ILE B 188 -52.69 1.11 -60.03
N ASN B 189 -52.39 -0.12 -60.49
CA ASN B 189 -52.71 -0.60 -61.84
C ASN B 189 -54.23 -0.89 -61.86
N ASN B 190 -54.90 -0.52 -62.97
CA ASN B 190 -56.37 -0.66 -63.16
C ASN B 190 -57.12 0.12 -62.07
N ALA B 191 -56.66 1.38 -61.84
CA ALA B 191 -57.16 2.29 -60.81
C ALA B 191 -58.67 2.44 -60.77
N ASP B 192 -59.32 2.51 -61.95
CA ASP B 192 -60.78 2.66 -62.06
C ASP B 192 -61.57 1.60 -61.31
N THR B 193 -61.08 0.35 -61.31
CA THR B 193 -61.72 -0.77 -60.60
C THR B 193 -61.60 -0.65 -59.05
N TYR B 194 -60.57 0.04 -58.55
CA TYR B 194 -60.30 0.20 -57.12
C TYR B 194 -60.94 1.43 -56.48
N LYS B 195 -61.32 2.43 -57.28
CA LYS B 195 -61.93 3.68 -56.81
C LYS B 195 -63.15 3.50 -55.91
N GLU B 196 -64.04 2.52 -56.23
CA GLU B 196 -65.24 2.23 -55.43
C GLU B 196 -64.91 1.73 -54.01
N GLU B 197 -63.69 1.18 -53.83
CA GLU B 197 -63.20 0.65 -52.56
C GLU B 197 -62.84 1.72 -51.55
N VAL B 198 -62.57 2.97 -52.01
CA VAL B 198 -62.17 4.08 -51.14
C VAL B 198 -63.24 4.46 -50.11
N GLU B 199 -64.45 4.80 -50.59
CA GLU B 199 -65.51 5.16 -49.67
C GLU B 199 -66.07 3.98 -48.89
N LYS B 200 -65.94 2.76 -49.46
CA LYS B 200 -66.33 1.53 -48.78
C LYS B 200 -65.36 1.31 -47.60
N ALA B 201 -64.05 1.52 -47.83
CA ALA B 201 -63.03 1.40 -46.80
C ALA B 201 -63.26 2.42 -45.70
N ARG B 202 -63.67 3.66 -46.07
CA ARG B 202 -63.92 4.71 -45.09
C ARG B 202 -65.15 4.41 -44.24
N VAL B 203 -66.18 3.80 -44.85
CA VAL B 203 -67.38 3.40 -44.09
C VAL B 203 -67.00 2.27 -43.11
N TYR B 204 -66.28 1.25 -43.64
CA TYR B 204 -65.84 0.08 -42.88
C TYR B 204 -64.92 0.47 -41.75
N TYR B 205 -63.97 1.40 -41.99
CA TYR B 205 -63.07 1.92 -40.96
C TYR B 205 -63.93 2.54 -39.84
N PHE B 206 -64.90 3.42 -40.19
CA PHE B 206 -65.67 4.07 -39.13
C PHE B 206 -66.51 3.11 -38.29
N GLY B 207 -67.13 2.10 -38.90
CA GLY B 207 -67.92 1.12 -38.16
C GLY B 207 -67.06 0.37 -37.18
N THR B 208 -65.86 -0.02 -37.63
CA THR B 208 -64.84 -0.71 -36.83
C THR B 208 -64.34 0.21 -35.73
N TYR B 209 -64.02 1.48 -36.07
CA TYR B 209 -63.52 2.47 -35.11
C TYR B 209 -64.59 2.86 -34.09
N TYR B 210 -65.86 2.97 -34.53
CA TYR B 210 -66.99 3.28 -33.68
C TYR B 210 -67.15 2.13 -32.64
N ALA B 211 -67.10 0.86 -33.10
CA ALA B 211 -67.17 -0.31 -32.22
C ALA B 211 -66.05 -0.25 -31.18
N SER B 212 -64.82 0.08 -31.64
CA SER B 212 -63.62 0.23 -30.84
C SER B 212 -63.80 1.30 -29.75
N GLN B 213 -64.42 2.45 -30.11
CA GLN B 213 -64.68 3.54 -29.16
C GLN B 213 -65.59 3.08 -28.02
N LEU B 214 -66.63 2.31 -28.34
CA LEU B 214 -67.57 1.80 -27.33
C LEU B 214 -66.86 0.79 -26.43
N ILE B 215 -66.04 -0.12 -27.04
CA ILE B 215 -65.31 -1.15 -26.28
C ILE B 215 -64.29 -0.51 -25.33
N ALA B 216 -63.43 0.38 -25.87
CA ALA B 216 -62.40 1.06 -25.10
C ALA B 216 -62.97 1.93 -23.98
N ALA B 217 -64.19 2.51 -24.18
CA ALA B 217 -64.86 3.32 -23.15
C ALA B 217 -65.03 2.46 -21.89
N PRO B 218 -64.48 2.90 -20.74
CA PRO B 218 -64.59 2.10 -19.51
C PRO B 218 -66.03 1.95 -19.04
N SER B 219 -66.24 1.00 -18.13
CA SER B 219 -67.55 0.63 -17.61
C SER B 219 -68.28 1.72 -16.85
N ASN B 220 -67.55 2.73 -16.30
CA ASN B 220 -68.22 3.87 -15.65
C ASN B 220 -68.82 4.81 -16.72
N TYR B 221 -68.17 4.91 -17.89
CA TYR B 221 -68.70 5.71 -19.01
C TYR B 221 -69.76 4.91 -19.80
N CYS B 222 -69.41 3.68 -20.17
CA CYS B 222 -70.21 2.78 -21.00
C CYS B 222 -70.89 1.76 -20.09
N ASN B 223 -72.12 2.06 -19.72
CA ASN B 223 -72.97 1.23 -18.86
C ASN B 223 -74.25 0.92 -19.65
N PRO B 224 -75.18 0.07 -19.16
CA PRO B 224 -76.38 -0.28 -19.97
C PRO B 224 -77.23 0.90 -20.45
N VAL B 225 -77.34 1.93 -19.61
CA VAL B 225 -78.13 3.12 -19.94
C VAL B 225 -77.40 3.98 -21.01
N SER B 226 -76.12 4.33 -20.78
CA SER B 226 -75.36 5.17 -21.73
C SER B 226 -75.13 4.47 -23.06
N LEU B 227 -74.92 3.13 -23.05
CA LEU B 227 -74.74 2.37 -24.28
C LEU B 227 -76.03 2.32 -25.11
N SER B 228 -77.19 2.10 -24.47
CA SER B 228 -78.47 2.13 -25.19
C SER B 228 -78.78 3.55 -25.68
N ASN B 229 -78.38 4.59 -24.94
CA ASN B 229 -78.56 5.98 -25.37
C ASN B 229 -77.72 6.27 -26.61
N ALA B 230 -76.47 5.71 -26.65
CA ALA B 230 -75.57 5.87 -27.79
C ALA B 230 -76.17 5.18 -29.02
N ALA B 231 -76.80 3.98 -28.83
CA ALA B 231 -77.45 3.23 -29.92
C ALA B 231 -78.63 4.02 -30.49
N VAL B 232 -79.40 4.73 -29.62
CA VAL B 232 -80.53 5.57 -30.06
C VAL B 232 -80.00 6.72 -30.93
N GLU B 233 -78.92 7.39 -30.47
CA GLU B 233 -78.29 8.51 -31.18
C GLU B 233 -77.81 8.06 -32.56
N LEU B 234 -77.16 6.87 -32.62
CA LEU B 234 -76.70 6.28 -33.88
C LEU B 234 -77.89 6.02 -34.81
N ALA B 235 -78.97 5.42 -34.28
CA ALA B 235 -80.20 5.11 -35.02
C ALA B 235 -80.84 6.38 -35.60
N GLN B 236 -80.87 7.46 -34.82
CA GLN B 236 -81.39 8.77 -35.23
C GLN B 236 -80.57 9.36 -36.37
N LYS B 237 -79.23 9.27 -36.29
CA LYS B 237 -78.33 9.79 -37.34
C LYS B 237 -78.49 9.02 -38.66
N LEU B 238 -78.71 7.71 -38.58
CA LEU B 238 -78.85 6.84 -39.77
C LEU B 238 -80.30 6.64 -40.23
N ASN B 239 -81.28 7.23 -39.52
CA ASN B 239 -82.70 7.06 -39.84
C ASN B 239 -83.11 5.58 -39.77
N LEU B 240 -82.60 4.87 -38.75
CA LEU B 240 -82.97 3.48 -38.50
C LEU B 240 -84.13 3.51 -37.52
N GLU B 241 -85.04 2.53 -37.62
CA GLU B 241 -86.11 2.39 -36.63
C GLU B 241 -85.41 1.91 -35.35
N TYR B 242 -85.89 2.34 -34.19
CA TYR B 242 -85.28 1.91 -32.93
C TYR B 242 -86.33 1.76 -31.86
N LYS B 243 -86.03 0.89 -30.91
CA LYS B 243 -86.85 0.61 -29.74
C LYS B 243 -85.87 0.14 -28.65
N ILE B 244 -85.95 0.75 -27.46
CA ILE B 244 -85.17 0.34 -26.30
C ILE B 244 -86.17 -0.21 -25.33
N LEU B 245 -86.04 -1.50 -24.99
CA LEU B 245 -86.95 -2.14 -24.07
C LEU B 245 -86.39 -1.99 -22.67
N GLY B 246 -87.20 -1.43 -21.79
CA GLY B 246 -86.86 -1.22 -20.38
C GLY B 246 -87.35 -2.38 -19.53
N VAL B 247 -87.05 -2.33 -18.23
CA VAL B 247 -87.39 -3.39 -17.27
C VAL B 247 -88.85 -3.84 -17.29
N LYS B 248 -89.81 -2.90 -17.28
CA LYS B 248 -91.25 -3.19 -17.31
C LYS B 248 -91.62 -4.04 -18.53
N GLU B 249 -91.13 -3.65 -19.71
CA GLU B 249 -91.39 -4.39 -20.96
C GLU B 249 -90.68 -5.76 -20.94
N LEU B 250 -89.44 -5.82 -20.38
CA LEU B 250 -88.67 -7.07 -20.29
C LEU B 250 -89.36 -8.06 -19.35
N GLU B 251 -89.98 -7.56 -18.25
CA GLU B 251 -90.74 -8.38 -17.32
C GLU B 251 -91.98 -8.96 -18.01
N GLU B 252 -92.71 -8.13 -18.79
CA GLU B 252 -93.91 -8.54 -19.54
C GLU B 252 -93.54 -9.63 -20.56
N LEU B 253 -92.34 -9.51 -21.16
CA LEU B 253 -91.83 -10.48 -22.13
C LEU B 253 -91.22 -11.72 -21.46
N LYS B 254 -91.22 -11.75 -20.12
CA LYS B 254 -90.73 -12.86 -19.29
C LYS B 254 -89.25 -13.21 -19.55
N MET B 255 -88.42 -12.19 -19.80
CA MET B 255 -86.99 -12.36 -20.02
C MET B 255 -86.24 -12.58 -18.68
N GLY B 256 -86.58 -13.69 -18.00
CA GLY B 256 -86.03 -14.03 -16.70
C GLY B 256 -84.54 -14.34 -16.66
N ALA B 257 -83.99 -14.92 -17.74
CA ALA B 257 -82.57 -15.25 -17.77
C ALA B 257 -81.73 -13.97 -17.86
N TYR B 258 -82.10 -13.09 -18.79
CA TYR B 258 -81.47 -11.79 -19.00
C TYR B 258 -81.68 -10.85 -17.79
N LEU B 259 -82.91 -10.78 -17.24
CA LEU B 259 -83.16 -9.93 -16.07
C LEU B 259 -82.39 -10.37 -14.82
N SER B 260 -82.19 -11.69 -14.65
CA SER B 260 -81.45 -12.20 -13.47
C SER B 260 -80.00 -11.73 -13.46
N VAL B 261 -79.36 -11.68 -14.64
CA VAL B 261 -77.97 -11.24 -14.76
C VAL B 261 -77.80 -9.81 -14.26
N GLY B 262 -78.73 -8.93 -14.65
CA GLY B 262 -78.68 -7.52 -14.31
C GLY B 262 -79.18 -7.13 -12.93
N LYS B 263 -79.72 -8.08 -12.17
CA LYS B 263 -80.30 -7.82 -10.84
C LYS B 263 -79.36 -7.08 -9.86
N GLY B 264 -78.08 -7.45 -9.86
CA GLY B 264 -77.09 -6.84 -8.97
C GLY B 264 -76.52 -5.52 -9.41
N SER B 265 -76.97 -4.97 -10.57
CA SER B 265 -76.45 -3.72 -11.09
C SER B 265 -77.26 -2.51 -10.66
N MET B 266 -76.59 -1.34 -10.55
CA MET B 266 -77.25 -0.06 -10.25
C MET B 266 -77.87 0.49 -11.54
N TYR B 267 -77.51 -0.08 -12.70
CA TYR B 267 -78.01 0.34 -14.01
C TYR B 267 -79.12 -0.59 -14.48
N PRO B 268 -80.34 -0.05 -14.72
CA PRO B 268 -81.42 -0.92 -15.23
C PRO B 268 -81.06 -1.55 -16.58
N ASN B 269 -81.51 -2.80 -16.80
CA ASN B 269 -81.29 -3.48 -18.09
C ASN B 269 -81.94 -2.70 -19.22
N LYS B 270 -81.28 -2.67 -20.39
CA LYS B 270 -81.77 -1.98 -21.58
C LYS B 270 -81.56 -2.89 -22.78
N PHE B 271 -82.67 -3.28 -23.45
CA PHE B 271 -82.57 -4.17 -24.60
C PHE B 271 -82.63 -3.31 -25.86
N ILE B 272 -81.57 -3.33 -26.65
CA ILE B 272 -81.45 -2.54 -27.88
C ILE B 272 -82.06 -3.30 -29.06
N HIS B 273 -82.97 -2.65 -29.80
CA HIS B 273 -83.54 -3.20 -31.02
C HIS B 273 -83.56 -2.12 -32.09
N LEU B 274 -82.60 -2.19 -33.02
CA LEU B 274 -82.53 -1.27 -34.16
C LEU B 274 -82.97 -2.06 -35.39
N THR B 275 -83.61 -1.39 -36.37
CA THR B 275 -84.01 -2.08 -37.60
C THR B 275 -83.64 -1.27 -38.83
N TYR B 276 -83.09 -1.97 -39.83
CA TYR B 276 -82.83 -1.42 -41.14
C TYR B 276 -83.78 -2.16 -42.08
N LYS B 277 -84.55 -1.44 -42.89
CA LYS B 277 -85.39 -2.08 -43.89
C LYS B 277 -85.15 -1.44 -45.24
N SER B 278 -84.87 -2.25 -46.27
CA SER B 278 -84.67 -1.78 -47.65
C SER B 278 -86.00 -1.26 -48.20
N LYS B 279 -85.95 -0.32 -49.15
CA LYS B 279 -87.15 0.30 -49.72
C LYS B 279 -88.06 -0.63 -50.56
N GLY B 280 -87.45 -1.56 -51.29
CA GLY B 280 -88.21 -2.47 -52.16
C GLY B 280 -88.64 -3.77 -51.51
N ASP B 281 -88.70 -4.85 -52.31
CA ASP B 281 -89.09 -6.20 -51.89
C ASP B 281 -88.03 -6.77 -50.96
N VAL B 282 -88.43 -7.28 -49.79
CA VAL B 282 -87.51 -7.86 -48.82
C VAL B 282 -87.35 -9.34 -49.13
N LYS B 283 -86.14 -9.74 -49.51
CA LYS B 283 -85.82 -11.12 -49.88
C LYS B 283 -85.17 -11.93 -48.75
N LYS B 284 -84.53 -11.23 -47.79
CA LYS B 284 -83.86 -11.87 -46.68
C LYS B 284 -84.06 -11.04 -45.41
N LYS B 285 -84.40 -11.72 -44.31
CA LYS B 285 -84.58 -11.10 -43.00
C LYS B 285 -83.53 -11.68 -42.09
N ILE B 286 -82.76 -10.81 -41.44
CA ILE B 286 -81.64 -11.22 -40.59
C ILE B 286 -81.71 -10.56 -39.22
N ALA B 287 -81.41 -11.32 -38.16
CA ALA B 287 -81.26 -10.79 -36.81
C ALA B 287 -79.80 -10.98 -36.41
N LEU B 288 -79.13 -9.87 -36.05
CA LEU B 288 -77.74 -9.84 -35.56
C LEU B 288 -77.82 -9.55 -34.08
N VAL B 289 -77.31 -10.49 -33.26
CA VAL B 289 -77.41 -10.43 -31.81
C VAL B 289 -76.01 -10.27 -31.20
N GLY B 290 -75.80 -9.21 -30.42
CA GLY B 290 -74.50 -8.99 -29.79
C GLY B 290 -74.55 -9.10 -28.27
N LYS B 291 -73.59 -9.79 -27.65
CA LYS B 291 -73.50 -9.88 -26.19
C LYS B 291 -73.13 -8.47 -25.68
N GLY B 292 -73.94 -7.95 -24.76
CA GLY B 292 -73.76 -6.60 -24.25
C GLY B 292 -73.58 -6.49 -22.75
N ILE B 293 -72.53 -7.11 -22.21
CA ILE B 293 -72.21 -7.02 -20.78
C ILE B 293 -71.24 -5.86 -20.64
N THR B 294 -71.70 -4.74 -20.06
CA THR B 294 -70.86 -3.54 -19.98
C THR B 294 -69.68 -3.68 -19.04
N PHE B 295 -69.84 -4.51 -18.01
CA PHE B 295 -68.78 -4.92 -17.09
C PHE B 295 -69.10 -6.29 -16.59
N ASP B 296 -68.12 -7.21 -16.67
CA ASP B 296 -68.32 -8.56 -16.15
C ASP B 296 -67.43 -8.80 -14.95
N SER B 297 -67.96 -8.64 -13.73
CA SER B 297 -67.18 -8.93 -12.54
C SER B 297 -67.11 -10.45 -12.28
N GLY B 298 -68.03 -11.17 -12.90
CA GLY B 298 -68.22 -12.59 -12.69
C GLY B 298 -69.42 -12.85 -11.78
N GLY B 299 -69.85 -11.81 -11.06
CA GLY B 299 -70.92 -11.91 -10.07
C GLY B 299 -70.41 -12.63 -8.83
N TYR B 300 -71.28 -13.36 -8.11
CA TYR B 300 -70.87 -14.11 -6.92
C TYR B 300 -69.72 -15.11 -7.19
N ASN B 301 -69.64 -15.63 -8.45
CA ASN B 301 -68.50 -16.42 -8.94
C ASN B 301 -67.49 -15.37 -9.46
N LEU B 302 -67.00 -14.52 -8.55
CA LEU B 302 -66.12 -13.39 -8.85
C LEU B 302 -64.87 -13.80 -9.61
N LYS B 303 -64.45 -12.97 -10.59
CA LYS B 303 -63.22 -13.20 -11.36
C LYS B 303 -62.04 -12.84 -10.44
N ALA B 304 -61.71 -13.78 -9.53
CA ALA B 304 -60.66 -13.55 -8.53
C ALA B 304 -59.38 -14.37 -8.80
N ALA B 305 -59.51 -15.43 -9.62
CA ALA B 305 -58.39 -16.31 -9.97
C ALA B 305 -57.29 -15.57 -10.76
N PRO B 306 -55.99 -15.90 -10.58
CA PRO B 306 -54.95 -15.25 -11.39
C PRO B 306 -55.18 -15.58 -12.86
N GLY B 307 -55.07 -14.56 -13.71
CA GLY B 307 -55.30 -14.71 -15.15
C GLY B 307 -56.77 -14.64 -15.54
N SER B 308 -57.68 -14.27 -14.60
CA SER B 308 -59.09 -14.15 -14.95
C SER B 308 -59.44 -12.88 -15.69
N MET B 309 -58.47 -11.94 -15.80
CA MET B 309 -58.56 -10.70 -16.58
C MET B 309 -59.74 -9.77 -16.25
N ILE B 310 -60.10 -9.66 -14.96
CA ILE B 310 -61.20 -8.78 -14.55
C ILE B 310 -61.02 -7.30 -15.04
N ASP B 311 -59.76 -6.83 -15.12
CA ASP B 311 -59.43 -5.48 -15.55
C ASP B 311 -59.77 -5.18 -17.02
N LEU B 312 -59.96 -6.23 -17.82
CA LEU B 312 -60.30 -6.13 -19.24
C LEU B 312 -61.82 -6.23 -19.50
N MET B 313 -62.61 -6.55 -18.45
CA MET B 313 -64.04 -6.83 -18.59
C MET B 313 -64.99 -5.74 -19.09
N LYS B 314 -64.48 -4.52 -19.30
CA LYS B 314 -65.23 -3.47 -19.98
C LYS B 314 -65.45 -3.90 -21.46
N PHE B 315 -64.63 -4.85 -21.95
CA PHE B 315 -64.68 -5.35 -23.34
C PHE B 315 -65.81 -6.38 -23.54
N ASP B 316 -66.53 -6.74 -22.46
CA ASP B 316 -67.55 -7.77 -22.53
C ASP B 316 -68.83 -7.40 -23.32
N MET B 317 -68.86 -6.17 -23.86
CA MET B 317 -69.94 -5.68 -24.71
C MET B 317 -69.42 -5.55 -26.16
N SER B 318 -68.27 -6.20 -26.48
CA SER B 318 -67.66 -6.20 -27.83
C SER B 318 -68.61 -6.71 -28.90
N GLY B 319 -69.43 -7.70 -28.55
CA GLY B 319 -70.42 -8.27 -29.47
C GLY B 319 -71.46 -7.24 -29.83
N CYS B 320 -71.98 -6.53 -28.80
CA CYS B 320 -72.92 -5.43 -28.99
C CYS B 320 -72.28 -4.33 -29.85
N ALA B 321 -71.00 -3.99 -29.54
CA ALA B 321 -70.27 -2.96 -30.30
C ALA B 321 -70.11 -3.35 -31.77
N ALA B 322 -69.79 -4.64 -32.07
CA ALA B 322 -69.68 -5.12 -33.46
C ALA B 322 -71.02 -4.97 -34.20
N VAL B 323 -72.14 -5.30 -33.52
CA VAL B 323 -73.51 -5.20 -34.06
C VAL B 323 -73.87 -3.74 -34.38
N LEU B 324 -73.53 -2.80 -33.46
CA LEU B 324 -73.78 -1.36 -33.68
C LEU B 324 -72.88 -0.79 -34.78
N GLY B 325 -71.63 -1.28 -34.87
CA GLY B 325 -70.71 -0.87 -35.93
C GLY B 325 -71.25 -1.35 -37.29
N CYS B 326 -71.83 -2.56 -37.30
CA CYS B 326 -72.46 -3.11 -38.49
C CYS B 326 -73.69 -2.25 -38.86
N ALA B 327 -74.50 -1.82 -37.84
CA ALA B 327 -75.66 -0.93 -38.09
C ALA B 327 -75.21 0.35 -38.74
N TYR B 328 -74.01 0.87 -38.35
CA TYR B 328 -73.44 2.05 -39.00
C TYR B 328 -73.17 1.76 -40.48
N CYS B 329 -72.42 0.68 -40.81
CA CYS B 329 -72.10 0.36 -42.22
C CYS B 329 -73.35 0.08 -43.05
N VAL B 330 -74.32 -0.70 -42.51
CA VAL B 330 -75.56 -1.05 -43.22
C VAL B 330 -76.43 0.20 -43.46
N GLY B 331 -76.60 1.01 -42.41
CA GLY B 331 -77.37 2.24 -42.48
C GLY B 331 -76.78 3.26 -43.44
N THR B 332 -75.45 3.23 -43.64
CA THR B 332 -74.72 4.14 -44.52
C THR B 332 -74.74 3.61 -45.96
N LEU B 333 -74.42 2.33 -46.16
CA LEU B 333 -74.35 1.73 -47.48
C LEU B 333 -75.70 1.42 -48.11
N LYS B 334 -76.74 1.31 -47.27
CA LYS B 334 -78.12 1.08 -47.67
C LYS B 334 -78.32 -0.10 -48.66
N PRO B 335 -78.02 -1.36 -48.25
CA PRO B 335 -78.24 -2.50 -49.17
C PRO B 335 -79.71 -2.66 -49.53
N GLU B 336 -79.97 -3.27 -50.67
CA GLU B 336 -81.33 -3.52 -51.17
C GLU B 336 -81.79 -4.91 -50.75
N ASN B 337 -83.12 -5.15 -50.80
CA ASN B 337 -83.81 -6.42 -50.58
C ASN B 337 -83.58 -7.12 -49.25
N VAL B 338 -83.22 -6.34 -48.22
CA VAL B 338 -82.91 -6.93 -46.91
C VAL B 338 -83.57 -6.17 -45.75
N GLU B 339 -83.88 -6.88 -44.68
CA GLU B 339 -84.39 -6.32 -43.44
C GLU B 339 -83.47 -6.87 -42.34
N ILE B 340 -82.78 -5.98 -41.62
CA ILE B 340 -81.83 -6.37 -40.58
C ILE B 340 -82.27 -5.82 -39.22
N HIS B 341 -82.30 -6.70 -38.23
CA HIS B 341 -82.59 -6.37 -36.83
C HIS B 341 -81.27 -6.45 -36.07
N PHE B 342 -80.91 -5.35 -35.39
CA PHE B 342 -79.66 -5.22 -34.63
C PHE B 342 -80.06 -5.26 -33.16
N LEU B 343 -79.72 -6.37 -32.48
CA LEU B 343 -80.16 -6.62 -31.13
C LEU B 343 -79.07 -6.79 -30.10
N SER B 344 -79.31 -6.30 -28.89
CA SER B 344 -78.44 -6.53 -27.75
C SER B 344 -79.16 -6.45 -26.42
N ALA B 345 -79.09 -7.52 -25.64
CA ALA B 345 -79.66 -7.57 -24.28
C ALA B 345 -78.53 -6.99 -23.37
N VAL B 346 -78.53 -5.66 -23.21
CA VAL B 346 -77.48 -4.95 -22.47
C VAL B 346 -77.73 -4.96 -20.94
N CYS B 347 -76.69 -5.31 -20.17
CA CYS B 347 -76.71 -5.30 -18.71
C CYS B 347 -75.30 -5.34 -18.16
N GLU B 348 -75.17 -5.34 -16.83
CA GLU B 348 -73.89 -5.34 -16.14
C GLU B 348 -73.94 -6.44 -15.08
N ASN B 349 -72.87 -7.29 -15.00
CA ASN B 349 -72.80 -8.45 -14.06
C ASN B 349 -72.01 -8.09 -12.80
N MET B 350 -72.73 -7.78 -11.73
CA MET B 350 -72.18 -7.24 -10.48
C MET B 350 -72.46 -8.03 -9.21
N VAL B 351 -71.76 -7.66 -8.12
CA VAL B 351 -71.89 -8.28 -6.79
C VAL B 351 -72.63 -7.29 -5.88
N SER B 352 -73.74 -7.77 -5.29
CA SER B 352 -74.63 -6.93 -4.53
C SER B 352 -75.52 -7.82 -3.67
N LYS B 353 -76.26 -7.21 -2.74
CA LYS B 353 -77.28 -7.93 -1.98
C LYS B 353 -78.39 -8.37 -2.97
N ASN B 354 -78.52 -7.67 -4.09
CA ASN B 354 -79.55 -7.92 -5.11
C ASN B 354 -79.17 -8.88 -6.22
N SER B 355 -77.92 -9.34 -6.27
CA SER B 355 -77.47 -10.21 -7.37
C SER B 355 -78.13 -11.58 -7.38
N TYR B 356 -78.15 -12.19 -8.58
CA TYR B 356 -78.53 -13.58 -8.70
C TYR B 356 -77.40 -14.42 -8.12
N ARG B 357 -77.73 -15.61 -7.66
CA ARG B 357 -76.75 -16.46 -7.00
C ARG B 357 -76.47 -17.73 -7.76
N PRO B 358 -75.27 -18.36 -7.52
CA PRO B 358 -75.05 -19.71 -8.07
C PRO B 358 -76.12 -20.64 -7.46
N GLY B 359 -76.71 -21.48 -8.29
CA GLY B 359 -77.76 -22.39 -7.84
C GLY B 359 -79.16 -21.90 -8.12
N ASP B 360 -79.35 -20.57 -8.36
CA ASP B 360 -80.69 -20.03 -8.63
C ASP B 360 -81.33 -20.69 -9.85
N ILE B 361 -82.64 -20.89 -9.81
CA ILE B 361 -83.37 -21.43 -10.94
C ILE B 361 -84.20 -20.29 -11.51
N ILE B 362 -83.94 -19.98 -12.78
CA ILE B 362 -84.56 -18.85 -13.47
C ILE B 362 -85.31 -19.34 -14.71
N THR B 363 -86.29 -18.58 -15.15
CA THR B 363 -87.15 -18.96 -16.28
C THR B 363 -86.91 -18.06 -17.47
N ALA B 364 -86.47 -18.63 -18.61
CA ALA B 364 -86.26 -17.89 -19.85
C ALA B 364 -87.62 -17.55 -20.49
N SER B 365 -87.64 -16.61 -21.44
CA SER B 365 -88.84 -16.16 -22.13
C SER B 365 -89.56 -17.23 -22.96
N ASN B 366 -88.93 -18.39 -23.24
CA ASN B 366 -89.59 -19.49 -23.94
C ASN B 366 -90.13 -20.52 -22.93
N GLY B 367 -90.07 -20.18 -21.64
CA GLY B 367 -90.56 -21.03 -20.54
C GLY B 367 -89.59 -22.06 -20.01
N LYS B 368 -88.39 -22.19 -20.60
CA LYS B 368 -87.40 -23.15 -20.10
C LYS B 368 -86.80 -22.69 -18.78
N THR B 369 -86.80 -23.57 -17.77
CA THR B 369 -86.19 -23.27 -16.47
C THR B 369 -84.71 -23.61 -16.56
N ILE B 370 -83.85 -22.73 -16.03
CA ILE B 370 -82.41 -22.87 -16.10
C ILE B 370 -81.83 -22.88 -14.70
N GLU B 371 -80.98 -23.86 -14.40
CA GLU B 371 -80.28 -23.89 -13.12
C GLU B 371 -78.93 -23.20 -13.34
N VAL B 372 -78.67 -22.11 -12.60
CA VAL B 372 -77.43 -21.35 -12.69
C VAL B 372 -76.34 -22.12 -11.96
N GLY B 373 -75.32 -22.57 -12.67
CA GLY B 373 -74.20 -23.28 -12.05
C GLY B 373 -73.06 -22.33 -11.71
N ASN B 374 -72.98 -21.21 -12.44
CA ASN B 374 -71.91 -20.25 -12.24
C ASN B 374 -72.36 -18.90 -12.75
N THR B 375 -72.37 -17.88 -11.88
CA THR B 375 -72.83 -16.54 -12.26
C THR B 375 -71.94 -15.85 -13.32
N ASP B 376 -70.71 -16.38 -13.54
CA ASP B 376 -69.76 -15.86 -14.54
C ASP B 376 -70.05 -16.44 -15.94
N ALA B 377 -71.04 -17.33 -16.06
CA ALA B 377 -71.44 -17.80 -17.41
C ALA B 377 -72.71 -17.02 -17.76
N GLU B 378 -72.68 -15.68 -17.53
CA GLU B 378 -73.82 -14.79 -17.70
C GLU B 378 -74.21 -14.49 -19.14
N GLY B 379 -73.23 -14.47 -20.04
CA GLY B 379 -73.43 -14.13 -21.43
C GLY B 379 -74.44 -15.03 -22.10
N ARG B 380 -74.35 -16.35 -21.86
CA ARG B 380 -75.28 -17.32 -22.45
C ARG B 380 -76.72 -17.14 -21.96
N LEU B 381 -76.91 -16.61 -20.74
CA LEU B 381 -78.23 -16.35 -20.15
C LEU B 381 -78.87 -15.16 -20.86
N THR B 382 -78.10 -14.06 -21.05
CA THR B 382 -78.64 -12.88 -21.73
C THR B 382 -78.92 -13.21 -23.20
N LEU B 383 -78.03 -14.03 -23.82
CA LEU B 383 -78.17 -14.45 -25.22
C LEU B 383 -79.36 -15.37 -25.41
N ALA B 384 -79.66 -16.24 -24.43
CA ALA B 384 -80.82 -17.14 -24.49
C ALA B 384 -82.10 -16.33 -24.71
N ASP B 385 -82.33 -15.27 -23.89
CA ASP B 385 -83.50 -14.42 -24.05
C ASP B 385 -83.45 -13.57 -25.33
N ALA B 386 -82.24 -13.10 -25.74
CA ALA B 386 -82.12 -12.33 -26.98
C ALA B 386 -82.44 -13.21 -28.20
N LEU B 387 -82.02 -14.50 -28.15
CA LEU B 387 -82.28 -15.48 -29.21
C LEU B 387 -83.78 -15.80 -29.31
N VAL B 388 -84.49 -15.94 -28.14
CA VAL B 388 -85.93 -16.17 -28.24
C VAL B 388 -86.64 -14.97 -28.85
N TYR B 389 -86.21 -13.75 -28.48
CA TYR B 389 -86.73 -12.51 -29.02
C TYR B 389 -86.48 -12.46 -30.54
N ALA B 390 -85.24 -12.79 -30.99
CA ALA B 390 -84.86 -12.77 -32.40
C ALA B 390 -85.70 -13.75 -33.21
N GLU B 391 -85.91 -14.99 -32.69
CA GLU B 391 -86.71 -15.98 -33.41
C GLU B 391 -88.18 -15.57 -33.57
N LYS B 392 -88.74 -14.85 -32.59
CA LYS B 392 -90.13 -14.34 -32.66
C LYS B 392 -90.31 -13.31 -33.78
N LEU B 393 -89.19 -12.72 -34.27
CA LEU B 393 -89.22 -11.74 -35.37
C LEU B 393 -89.48 -12.39 -36.75
N GLY B 394 -89.36 -13.71 -36.84
CA GLY B 394 -89.57 -14.46 -38.07
C GLY B 394 -88.52 -14.16 -39.12
N VAL B 395 -87.25 -14.35 -38.77
CA VAL B 395 -86.14 -14.07 -39.67
C VAL B 395 -85.64 -15.35 -40.39
N ASP B 396 -84.83 -15.18 -41.41
CA ASP B 396 -84.22 -16.30 -42.15
C ASP B 396 -82.96 -16.76 -41.43
N TYR B 397 -82.17 -15.82 -40.91
CA TYR B 397 -80.92 -16.14 -40.19
C TYR B 397 -80.83 -15.36 -38.92
N ILE B 398 -80.30 -16.02 -37.88
CA ILE B 398 -79.96 -15.39 -36.61
C ILE B 398 -78.46 -15.61 -36.47
N VAL B 399 -77.71 -14.53 -36.30
CA VAL B 399 -76.28 -14.61 -36.07
C VAL B 399 -75.98 -13.89 -34.77
N ASP B 400 -75.37 -14.58 -33.81
CA ASP B 400 -74.95 -13.93 -32.58
C ASP B 400 -73.44 -13.79 -32.56
N ILE B 401 -72.95 -12.77 -31.89
CA ILE B 401 -71.51 -12.49 -31.76
C ILE B 401 -71.26 -12.11 -30.31
N ALA B 402 -70.30 -12.76 -29.66
CA ALA B 402 -70.09 -12.62 -28.22
C ALA B 402 -68.68 -12.96 -27.76
N THR B 403 -68.18 -12.24 -26.73
CA THR B 403 -66.92 -12.55 -26.02
C THR B 403 -67.36 -13.56 -24.95
N LEU B 404 -67.73 -14.76 -25.39
CA LEU B 404 -68.33 -15.76 -24.53
C LEU B 404 -67.44 -16.62 -23.66
N THR B 405 -66.41 -17.25 -24.24
CA THR B 405 -65.60 -18.18 -23.47
C THR B 405 -64.12 -17.89 -23.51
N GLY B 406 -63.50 -17.85 -22.33
CA GLY B 406 -62.06 -17.67 -22.20
C GLY B 406 -61.25 -18.77 -22.89
N ALA B 407 -61.84 -20.00 -23.05
CA ALA B 407 -61.22 -21.15 -23.74
C ALA B 407 -60.87 -20.88 -25.23
N MET B 408 -61.50 -19.87 -25.85
CA MET B 408 -61.18 -19.49 -27.25
C MET B 408 -59.69 -19.12 -27.37
N LEU B 409 -59.12 -18.48 -26.33
CA LEU B 409 -57.69 -18.13 -26.27
C LEU B 409 -56.80 -19.38 -26.35
N TYR B 410 -57.28 -20.50 -25.84
CA TYR B 410 -56.55 -21.77 -25.85
C TYR B 410 -56.80 -22.58 -27.10
N SER B 411 -57.96 -22.43 -27.71
CA SER B 411 -58.29 -23.21 -28.90
C SER B 411 -57.83 -22.55 -30.18
N LEU B 412 -58.24 -21.31 -30.47
CA LEU B 412 -57.85 -20.64 -31.72
C LEU B 412 -56.89 -19.50 -31.51
N GLY B 413 -56.78 -19.03 -30.27
CA GLY B 413 -55.90 -17.93 -29.93
C GLY B 413 -56.50 -16.55 -30.20
N THR B 414 -55.62 -15.61 -30.52
CA THR B 414 -55.96 -14.19 -30.72
C THR B 414 -56.25 -13.74 -32.14
N SER B 415 -56.02 -14.59 -33.15
CA SER B 415 -56.25 -14.17 -34.54
C SER B 415 -57.55 -14.64 -35.18
N TYR B 416 -57.97 -15.86 -34.87
CA TYR B 416 -59.16 -16.43 -35.50
C TYR B 416 -60.29 -16.58 -34.50
N ALA B 417 -61.48 -16.09 -34.85
CA ALA B 417 -62.66 -16.27 -34.00
C ALA B 417 -63.24 -17.65 -34.36
N GLY B 418 -64.07 -18.20 -33.49
CA GLY B 418 -64.72 -19.47 -33.74
C GLY B 418 -66.18 -19.26 -34.16
N VAL B 419 -66.64 -20.05 -35.12
CA VAL B 419 -68.04 -20.02 -35.54
C VAL B 419 -68.66 -21.40 -35.29
N PHE B 420 -69.85 -21.42 -34.68
CA PHE B 420 -70.62 -22.64 -34.38
C PHE B 420 -72.03 -22.40 -34.93
N GLY B 421 -72.77 -23.45 -35.25
CA GLY B 421 -74.11 -23.25 -35.77
C GLY B 421 -74.91 -24.52 -35.96
N ASN B 422 -76.20 -24.37 -36.31
CA ASN B 422 -77.11 -25.49 -36.51
C ASN B 422 -77.41 -25.68 -38.02
N ASN B 423 -76.79 -24.87 -38.88
CA ASN B 423 -77.06 -24.88 -40.32
C ASN B 423 -75.78 -24.65 -41.16
N GLU B 424 -75.40 -25.65 -41.96
CA GLU B 424 -74.20 -25.63 -42.81
C GLU B 424 -74.17 -24.49 -43.83
N GLU B 425 -75.31 -24.20 -44.49
CA GLU B 425 -75.39 -23.11 -45.47
C GLU B 425 -75.07 -21.78 -44.82
N LEU B 426 -75.64 -21.51 -43.64
CA LEU B 426 -75.35 -20.27 -42.90
C LEU B 426 -73.87 -20.20 -42.47
N ILE B 427 -73.31 -21.31 -41.95
CA ILE B 427 -71.90 -21.36 -41.56
C ILE B 427 -71.01 -21.01 -42.77
N ASN B 428 -71.29 -21.61 -43.93
CA ASN B 428 -70.54 -21.33 -45.17
C ASN B 428 -70.62 -19.86 -45.58
N LYS B 429 -71.79 -19.22 -45.41
CA LYS B 429 -71.98 -17.79 -45.70
C LYS B 429 -71.10 -16.95 -44.75
N ILE B 430 -71.00 -17.34 -43.47
CA ILE B 430 -70.13 -16.64 -42.50
C ILE B 430 -68.67 -16.83 -42.90
N LEU B 431 -68.29 -18.07 -43.31
CA LEU B 431 -66.91 -18.35 -43.74
C LEU B 431 -66.53 -17.55 -45.00
N GLN B 432 -67.48 -17.40 -45.92
CA GLN B 432 -67.27 -16.61 -47.14
C GLN B 432 -67.12 -15.11 -46.75
N SER B 433 -67.94 -14.64 -45.79
CA SER B 433 -67.89 -13.23 -45.32
C SER B 433 -66.57 -12.97 -44.62
N SER B 434 -66.00 -14.00 -43.96
CA SER B 434 -64.71 -13.95 -43.28
C SER B 434 -63.61 -13.73 -44.31
N LYS B 435 -63.67 -14.43 -45.45
CA LYS B 435 -62.69 -14.29 -46.54
C LYS B 435 -62.72 -12.90 -47.17
N THR B 436 -63.92 -12.35 -47.43
CA THR B 436 -64.06 -11.04 -48.08
C THR B 436 -63.86 -9.85 -47.13
N SER B 437 -64.10 -10.01 -45.81
CA SER B 437 -63.86 -8.92 -44.85
C SER B 437 -62.44 -8.97 -44.34
N ASN B 438 -61.77 -10.12 -44.54
CA ASN B 438 -60.42 -10.42 -44.07
C ASN B 438 -60.36 -10.43 -42.55
N GLU B 439 -61.46 -10.84 -41.90
CA GLU B 439 -61.57 -10.97 -40.43
C GLU B 439 -61.65 -12.49 -40.24
N PRO B 440 -60.54 -13.14 -39.85
CA PRO B 440 -60.52 -14.63 -39.86
C PRO B 440 -61.38 -15.34 -38.84
N VAL B 441 -62.08 -16.36 -39.33
CA VAL B 441 -63.00 -17.18 -38.54
C VAL B 441 -62.75 -18.66 -38.89
N TRP B 442 -62.91 -19.57 -37.91
CA TRP B 442 -62.75 -21.00 -38.14
C TRP B 442 -63.98 -21.72 -37.62
N TRP B 443 -64.48 -22.67 -38.41
CA TRP B 443 -65.67 -23.43 -38.04
C TRP B 443 -65.32 -24.48 -36.99
N LEU B 444 -66.03 -24.42 -35.86
CA LEU B 444 -65.88 -25.36 -34.75
C LEU B 444 -67.17 -26.15 -34.57
N PRO B 445 -67.11 -27.42 -34.11
CA PRO B 445 -68.33 -28.24 -34.05
C PRO B 445 -69.21 -28.06 -32.82
N ILE B 446 -70.50 -28.35 -32.98
CA ILE B 446 -71.42 -28.44 -31.85
C ILE B 446 -71.54 -29.94 -31.64
N ILE B 447 -70.81 -30.46 -30.64
CA ILE B 447 -70.75 -31.90 -30.37
C ILE B 447 -71.95 -32.32 -29.51
N ASN B 448 -72.95 -32.97 -30.15
CA ASN B 448 -74.19 -33.39 -29.51
C ASN B 448 -74.02 -34.32 -28.35
N GLU B 449 -72.93 -35.12 -28.32
CA GLU B 449 -72.61 -36.04 -27.23
C GLU B 449 -72.48 -35.31 -25.89
N TYR B 450 -72.09 -34.02 -25.90
CA TYR B 450 -71.93 -33.26 -24.67
C TYR B 450 -73.24 -32.69 -24.11
N ARG B 451 -74.35 -32.77 -24.89
CA ARG B 451 -75.64 -32.22 -24.45
C ARG B 451 -76.12 -32.79 -23.11
N ALA B 452 -75.90 -34.08 -22.85
CA ALA B 452 -76.30 -34.75 -21.62
C ALA B 452 -75.67 -34.12 -20.37
N THR B 453 -74.53 -33.41 -20.52
CA THR B 453 -73.86 -32.73 -19.39
C THR B 453 -74.65 -31.48 -18.94
N LEU B 454 -75.63 -31.05 -19.75
CA LEU B 454 -76.50 -29.92 -19.41
C LEU B 454 -77.83 -30.38 -18.79
N ASN B 455 -77.98 -31.70 -18.55
CA ASN B 455 -79.20 -32.21 -17.92
C ASN B 455 -79.18 -31.83 -16.44
N SER B 456 -80.18 -31.08 -16.00
CA SER B 456 -80.29 -30.62 -14.61
C SER B 456 -81.20 -31.59 -13.85
N LYS B 457 -80.92 -31.83 -12.57
CA LYS B 457 -81.76 -32.69 -11.74
C LYS B 457 -83.12 -32.00 -11.44
N TYR B 458 -83.10 -30.67 -11.30
CA TYR B 458 -84.26 -29.87 -10.91
C TYR B 458 -84.88 -29.00 -11.98
N ALA B 459 -84.05 -28.25 -12.74
CA ALA B 459 -84.54 -27.37 -13.80
C ALA B 459 -84.62 -28.13 -15.11
N ASP B 460 -85.17 -27.51 -16.16
CA ASP B 460 -85.22 -28.12 -17.49
C ASP B 460 -83.82 -28.29 -18.07
N ILE B 461 -82.88 -27.40 -17.72
CA ILE B 461 -81.52 -27.41 -18.23
C ILE B 461 -80.54 -26.72 -17.29
N ASN B 462 -79.29 -27.15 -17.34
CA ASN B 462 -78.18 -26.52 -16.62
C ASN B 462 -77.61 -25.47 -17.54
N GLN B 463 -77.17 -24.37 -16.97
CA GLN B 463 -76.49 -23.29 -17.67
C GLN B 463 -75.09 -23.79 -18.10
N ILE B 464 -74.44 -24.59 -17.22
CA ILE B 464 -73.08 -25.08 -17.48
C ILE B 464 -72.95 -26.54 -17.25
N SER B 465 -71.87 -27.09 -17.80
CA SER B 465 -71.51 -28.48 -17.57
C SER B 465 -70.62 -28.48 -16.33
N SER B 466 -70.64 -29.58 -15.60
CA SER B 466 -69.72 -29.76 -14.47
C SER B 466 -68.43 -30.42 -15.03
N SER B 467 -68.61 -31.61 -15.70
CA SER B 467 -67.56 -32.49 -16.26
C SER B 467 -66.89 -32.01 -17.53
N VAL B 468 -67.70 -31.75 -18.56
CA VAL B 468 -67.15 -31.36 -19.85
C VAL B 468 -66.45 -30.00 -19.86
N LYS B 469 -65.12 -30.05 -20.16
CA LYS B 469 -64.35 -28.87 -20.42
C LYS B 469 -64.94 -28.58 -21.84
N ALA B 470 -64.19 -28.47 -22.95
CA ALA B 470 -64.83 -28.07 -24.23
C ALA B 470 -65.92 -27.01 -23.93
N SER B 471 -65.56 -26.04 -23.11
CA SER B 471 -66.46 -24.99 -22.66
C SER B 471 -67.12 -24.15 -23.76
N SER B 472 -66.41 -23.82 -24.84
CA SER B 472 -66.96 -23.04 -25.98
C SER B 472 -68.03 -23.86 -26.72
N ILE B 473 -67.85 -25.18 -26.80
CA ILE B 473 -68.81 -26.10 -27.43
C ILE B 473 -70.04 -26.24 -26.55
N VAL B 474 -69.86 -26.44 -25.23
CA VAL B 474 -70.96 -26.57 -24.27
C VAL B 474 -71.82 -25.29 -24.28
N ALA B 475 -71.19 -24.10 -24.33
CA ALA B 475 -71.91 -22.82 -24.39
C ALA B 475 -72.77 -22.77 -25.66
N SER B 476 -72.22 -23.27 -26.80
CA SER B 476 -72.97 -23.35 -28.08
C SER B 476 -74.17 -24.31 -27.98
N LEU B 477 -74.01 -25.43 -27.29
CA LEU B 477 -75.10 -26.40 -27.06
C LEU B 477 -76.21 -25.76 -26.24
N PHE B 478 -75.83 -24.94 -25.23
CA PHE B 478 -76.82 -24.23 -24.41
C PHE B 478 -77.62 -23.24 -25.28
N LEU B 479 -76.91 -22.44 -26.09
CA LEU B 479 -77.55 -21.44 -26.97
C LEU B 479 -78.49 -22.07 -27.98
N LYS B 480 -78.10 -23.25 -28.53
CA LYS B 480 -78.86 -23.99 -29.52
C LYS B 480 -80.27 -24.34 -28.99
N GLU B 481 -80.42 -24.51 -27.66
CA GLU B 481 -81.70 -24.84 -27.03
C GLU B 481 -82.71 -23.67 -27.11
N PHE B 482 -82.24 -22.47 -27.49
CA PHE B 482 -83.08 -21.27 -27.56
C PHE B 482 -83.43 -20.84 -28.98
N VAL B 483 -83.11 -21.70 -29.95
CA VAL B 483 -83.43 -21.51 -31.37
C VAL B 483 -84.14 -22.80 -31.80
N GLN B 484 -85.44 -22.71 -32.05
CA GLN B 484 -86.25 -23.89 -32.38
C GLN B 484 -86.24 -24.32 -33.83
N ASN B 485 -86.42 -23.38 -34.77
CA ASN B 485 -86.55 -23.73 -36.17
C ASN B 485 -86.02 -22.67 -37.14
N THR B 486 -84.88 -22.07 -36.80
CA THR B 486 -84.27 -21.03 -37.64
C THR B 486 -82.79 -21.31 -37.77
N ALA B 487 -82.24 -21.05 -38.97
CA ALA B 487 -80.81 -21.17 -39.26
C ALA B 487 -80.12 -20.18 -38.32
N TRP B 488 -79.19 -20.68 -37.51
CA TRP B 488 -78.50 -19.88 -36.49
C TRP B 488 -77.01 -20.20 -36.46
N ALA B 489 -76.19 -19.16 -36.27
CA ALA B 489 -74.75 -19.27 -36.12
C ALA B 489 -74.32 -18.39 -34.93
N HIS B 490 -73.25 -18.79 -34.26
CA HIS B 490 -72.72 -18.13 -33.06
C HIS B 490 -71.22 -17.89 -33.27
N ILE B 491 -70.79 -16.64 -33.15
CA ILE B 491 -69.39 -16.28 -33.35
C ILE B 491 -68.78 -15.92 -32.00
N ASP B 492 -67.85 -16.75 -31.51
CA ASP B 492 -67.20 -16.50 -30.23
C ASP B 492 -65.92 -15.70 -30.47
N ILE B 493 -65.95 -14.44 -30.06
CA ILE B 493 -64.86 -13.46 -30.25
C ILE B 493 -64.06 -13.15 -28.97
N ALA B 494 -64.23 -13.98 -27.91
CA ALA B 494 -63.52 -13.79 -26.65
C ALA B 494 -61.98 -13.70 -26.81
N GLY B 495 -61.42 -14.47 -27.74
CA GLY B 495 -59.99 -14.48 -27.99
C GLY B 495 -59.46 -13.39 -28.90
N VAL B 496 -60.27 -12.96 -29.88
CA VAL B 496 -59.85 -12.00 -30.90
C VAL B 496 -60.21 -10.54 -30.66
N SER B 497 -61.15 -10.24 -29.77
CA SER B 497 -61.66 -8.88 -29.62
C SER B 497 -60.62 -7.86 -29.17
N TRP B 498 -59.77 -8.23 -28.22
CA TRP B 498 -58.77 -7.32 -27.67
C TRP B 498 -57.39 -7.53 -28.27
N ASN B 499 -56.75 -6.44 -28.69
CA ASN B 499 -55.38 -6.52 -29.21
C ASN B 499 -54.47 -6.32 -28.01
N PHE B 500 -54.00 -7.43 -27.40
CA PHE B 500 -53.16 -7.39 -26.20
C PHE B 500 -51.84 -6.64 -26.39
N LYS B 501 -51.16 -6.83 -27.53
CA LYS B 501 -49.88 -6.18 -27.83
C LYS B 501 -50.03 -4.64 -27.96
N ALA B 502 -51.06 -4.16 -28.69
CA ALA B 502 -51.32 -2.73 -28.89
C ALA B 502 -52.15 -2.10 -27.76
N ARG B 503 -52.67 -2.92 -26.81
CA ARG B 503 -53.47 -2.48 -25.63
C ARG B 503 -54.73 -1.72 -26.06
N LYS B 504 -55.41 -2.21 -27.11
CA LYS B 504 -56.61 -1.57 -27.64
C LYS B 504 -57.59 -2.58 -28.24
N PRO B 505 -58.88 -2.23 -28.44
CA PRO B 505 -59.78 -3.20 -29.10
C PRO B 505 -59.49 -3.27 -30.59
N LYS B 506 -60.00 -4.29 -31.25
CA LYS B 506 -59.86 -4.45 -32.69
C LYS B 506 -61.14 -3.97 -33.40
N GLY B 507 -62.27 -3.96 -32.69
CA GLY B 507 -63.57 -3.68 -33.29
C GLY B 507 -63.95 -4.85 -34.17
N PHE B 508 -63.51 -6.07 -33.76
CA PHE B 508 -63.67 -7.31 -34.53
C PHE B 508 -65.12 -7.65 -34.79
N GLY B 509 -65.41 -8.00 -36.04
CA GLY B 509 -66.76 -8.46 -36.39
C GLY B 509 -67.59 -7.49 -37.20
N VAL B 510 -67.28 -6.18 -37.13
CA VAL B 510 -68.01 -5.16 -37.90
C VAL B 510 -68.01 -5.48 -39.39
N ARG B 511 -66.82 -5.63 -40.00
CA ARG B 511 -66.71 -5.89 -41.43
C ARG B 511 -67.26 -7.26 -41.80
N LEU B 512 -66.95 -8.28 -40.95
CA LEU B 512 -67.44 -9.63 -41.13
C LEU B 512 -68.98 -9.63 -41.27
N LEU B 513 -69.66 -8.99 -40.32
CA LEU B 513 -71.13 -8.92 -40.33
C LEU B 513 -71.67 -8.09 -41.45
N THR B 514 -70.97 -7.02 -41.82
CA THR B 514 -71.44 -6.18 -42.92
C THR B 514 -71.35 -6.92 -44.25
N GLU B 515 -70.20 -7.60 -44.52
CA GLU B 515 -70.00 -8.42 -45.75
C GLU B 515 -71.07 -9.50 -45.82
N PHE B 516 -71.40 -10.09 -44.65
CA PHE B 516 -72.45 -11.09 -44.56
C PHE B 516 -73.79 -10.48 -45.01
N VAL B 517 -74.16 -9.29 -44.47
CA VAL B 517 -75.41 -8.59 -44.83
C VAL B 517 -75.45 -8.22 -46.33
N LEU B 518 -74.37 -7.59 -46.82
CA LEU B 518 -74.25 -7.09 -48.19
C LEU B 518 -74.21 -8.19 -49.24
N ASN B 519 -73.35 -9.19 -49.05
CA ASN B 519 -73.17 -10.28 -50.01
C ASN B 519 -74.24 -11.36 -50.04
N ASP B 520 -75.27 -11.25 -49.18
CA ASP B 520 -76.41 -12.18 -49.12
C ASP B 520 -77.38 -11.86 -50.24
N SER C 3 -93.43 -11.05 6.37
CA SER C 3 -94.35 -11.78 5.48
C SER C 3 -94.21 -11.52 3.98
N GLU C 4 -94.22 -10.25 3.49
CA GLU C 4 -94.06 -9.99 2.05
C GLU C 4 -92.59 -10.20 1.63
N VAL C 5 -92.36 -11.09 0.65
CA VAL C 5 -91.01 -11.39 0.18
C VAL C 5 -90.57 -10.27 -0.76
N PRO C 6 -89.44 -9.58 -0.46
CA PRO C 6 -88.97 -8.53 -1.37
C PRO C 6 -88.50 -9.11 -2.71
N GLN C 7 -88.72 -8.34 -3.76
CA GLN C 7 -88.34 -8.73 -5.14
C GLN C 7 -87.45 -7.65 -5.74
N VAL C 8 -86.51 -8.02 -6.61
CA VAL C 8 -85.68 -7.05 -7.33
C VAL C 8 -86.47 -6.77 -8.64
N VAL C 9 -86.96 -7.83 -9.30
CA VAL C 9 -87.76 -7.76 -10.52
C VAL C 9 -89.07 -8.52 -10.25
N SER C 10 -90.13 -8.23 -11.01
CA SER C 10 -91.44 -8.88 -10.83
C SER C 10 -91.39 -10.40 -11.08
N LEU C 11 -90.32 -10.88 -11.77
CA LEU C 11 -90.14 -12.30 -12.07
C LEU C 11 -89.53 -13.07 -10.88
N ASP C 12 -89.07 -12.36 -9.83
CA ASP C 12 -88.51 -13.02 -8.65
C ASP C 12 -89.63 -13.77 -7.88
N PRO C 13 -89.44 -15.07 -7.60
CA PRO C 13 -90.50 -15.81 -6.88
C PRO C 13 -90.75 -15.29 -5.47
N THR C 14 -92.00 -15.40 -5.00
CA THR C 14 -92.40 -14.91 -3.66
C THR C 14 -92.78 -16.01 -2.67
N SER C 15 -92.59 -17.29 -3.06
CA SER C 15 -92.84 -18.42 -2.18
C SER C 15 -92.04 -19.61 -2.63
N ILE C 16 -91.87 -20.59 -1.74
CA ILE C 16 -91.23 -21.84 -2.08
C ILE C 16 -92.36 -22.75 -2.55
N PRO C 17 -92.34 -23.33 -3.78
CA PRO C 17 -93.39 -24.30 -4.13
C PRO C 17 -93.19 -25.56 -3.28
N ILE C 18 -94.25 -26.03 -2.63
CA ILE C 18 -94.20 -27.20 -1.77
C ILE C 18 -95.28 -28.17 -2.20
N GLU C 19 -94.91 -29.42 -2.37
CA GLU C 19 -95.86 -30.48 -2.70
C GLU C 19 -96.15 -31.20 -1.37
N TYR C 20 -97.39 -31.12 -0.88
CA TYR C 20 -97.80 -31.80 0.36
C TYR C 20 -98.44 -33.14 0.02
N ASN C 21 -99.40 -33.15 -0.93
CA ASN C 21 -100.08 -34.36 -1.38
C ASN C 21 -99.26 -34.94 -2.51
N THR C 22 -98.31 -35.84 -2.16
CA THR C 22 -97.42 -36.45 -3.15
C THR C 22 -98.03 -37.75 -3.69
N PRO C 23 -97.57 -38.28 -4.84
CA PRO C 23 -98.10 -39.57 -5.33
C PRO C 23 -97.90 -40.72 -4.34
N ILE C 24 -96.88 -40.65 -3.48
CA ILE C 24 -96.64 -41.66 -2.43
C ILE C 24 -97.85 -41.73 -1.49
N HIS C 25 -98.47 -40.56 -1.18
CA HIS C 25 -99.64 -40.52 -0.29
C HIS C 25 -100.88 -41.18 -0.90
N ASP C 26 -100.91 -41.36 -2.23
CA ASP C 26 -102.03 -42.03 -2.94
C ASP C 26 -101.84 -43.54 -3.06
N ILE C 27 -100.69 -44.06 -2.57
CA ILE C 27 -100.43 -45.50 -2.61
C ILE C 27 -101.20 -46.18 -1.47
N LYS C 28 -102.08 -47.12 -1.82
CA LYS C 28 -102.80 -47.94 -0.84
C LYS C 28 -101.87 -49.10 -0.50
N VAL C 29 -101.47 -49.20 0.77
CA VAL C 29 -100.54 -50.22 1.27
C VAL C 29 -101.29 -51.31 2.04
N GLN C 30 -101.05 -52.57 1.69
CA GLN C 30 -101.64 -53.72 2.38
C GLN C 30 -100.52 -54.64 2.82
N VAL C 31 -100.55 -55.09 4.09
CA VAL C 31 -99.54 -55.99 4.66
C VAL C 31 -100.22 -57.34 4.96
N TYR C 32 -99.65 -58.42 4.39
CA TYR C 32 -100.19 -59.77 4.58
C TYR C 32 -99.15 -60.67 5.21
N ASP C 33 -99.62 -61.67 5.96
CA ASP C 33 -98.72 -62.64 6.56
C ASP C 33 -98.30 -63.62 5.49
N ILE C 34 -96.99 -63.84 5.39
CA ILE C 34 -96.39 -64.74 4.41
C ILE C 34 -96.88 -66.20 4.55
N LYS C 35 -97.25 -66.64 5.77
CA LYS C 35 -97.76 -68.00 6.01
C LYS C 35 -99.06 -68.38 5.25
N GLY C 36 -99.86 -67.37 4.86
CA GLY C 36 -101.10 -67.62 4.11
C GLY C 36 -100.89 -67.76 2.60
N GLY C 37 -99.64 -67.64 2.18
CA GLY C 37 -99.25 -67.73 0.78
C GLY C 37 -99.37 -66.41 0.04
N CYS C 38 -98.72 -66.34 -1.13
CA CYS C 38 -98.70 -65.15 -1.97
C CYS C 38 -99.60 -65.25 -3.17
N ASN C 39 -100.47 -64.25 -3.35
CA ASN C 39 -101.33 -64.19 -4.53
C ASN C 39 -100.57 -63.35 -5.56
N VAL C 40 -100.45 -63.86 -6.79
CA VAL C 40 -99.71 -63.19 -7.88
C VAL C 40 -100.72 -62.87 -8.96
N GLU C 41 -101.31 -61.69 -8.88
CA GLU C 41 -102.42 -61.35 -9.76
C GLU C 41 -102.24 -60.26 -10.81
N GLU C 42 -101.38 -59.28 -10.54
CA GLU C 42 -101.15 -58.13 -11.41
C GLU C 42 -99.84 -57.40 -11.05
N GLY C 43 -99.57 -56.31 -11.76
CA GLY C 43 -98.38 -55.46 -11.63
C GLY C 43 -97.09 -56.26 -11.57
N LEU C 44 -96.29 -55.96 -10.58
CA LEU C 44 -95.02 -56.65 -10.45
C LEU C 44 -94.84 -57.15 -9.04
N THR C 45 -94.43 -58.42 -8.91
CA THR C 45 -94.20 -59.09 -7.62
C THR C 45 -92.70 -59.35 -7.46
N ILE C 46 -92.09 -58.71 -6.48
CA ILE C 46 -90.66 -58.85 -6.21
C ILE C 46 -90.39 -59.61 -4.92
N PHE C 47 -89.56 -60.63 -5.03
CA PHE C 47 -89.11 -61.42 -3.89
C PHE C 47 -87.76 -60.87 -3.43
N LEU C 48 -87.62 -60.61 -2.12
CA LEU C 48 -86.35 -60.16 -1.55
C LEU C 48 -85.69 -61.41 -1.00
N VAL C 49 -84.64 -61.86 -1.68
CA VAL C 49 -84.00 -63.15 -1.39
C VAL C 49 -82.49 -63.07 -1.13
N ASN C 50 -82.03 -63.86 -0.18
CA ASN C 50 -80.62 -63.97 0.15
C ASN C 50 -80.22 -65.47 0.12
N ASN C 51 -78.97 -65.78 0.45
CA ASN C 51 -78.48 -67.16 0.55
C ASN C 51 -77.34 -67.11 1.57
N PRO C 52 -77.67 -67.26 2.88
CA PRO C 52 -76.62 -67.17 3.93
C PRO C 52 -75.49 -68.16 3.76
N GLY C 53 -74.26 -67.65 3.85
CA GLY C 53 -73.04 -68.44 3.70
C GLY C 53 -72.56 -68.53 2.28
N LYS C 54 -73.42 -69.07 1.39
CA LYS C 54 -73.12 -69.25 -0.04
C LYS C 54 -73.06 -67.91 -0.78
N GLU C 55 -71.82 -67.35 -0.87
CA GLU C 55 -71.54 -66.07 -1.56
C GLU C 55 -71.93 -66.20 -3.04
N ASN C 56 -72.80 -65.28 -3.51
CA ASN C 56 -73.39 -65.29 -4.86
C ASN C 56 -74.07 -66.65 -5.13
N GLY C 57 -74.70 -67.18 -4.08
CA GLY C 57 -75.40 -68.46 -4.14
C GLY C 57 -76.67 -68.41 -4.95
N PRO C 58 -77.30 -69.57 -5.26
CA PRO C 58 -78.50 -69.54 -6.09
C PRO C 58 -79.73 -68.95 -5.41
N VAL C 59 -80.68 -68.50 -6.26
CA VAL C 59 -81.97 -68.00 -5.84
C VAL C 59 -82.84 -69.21 -5.58
N LYS C 60 -83.50 -69.23 -4.44
CA LYS C 60 -84.45 -70.23 -4.04
C LYS C 60 -85.62 -69.47 -3.41
N ILE C 61 -86.84 -69.65 -3.93
CA ILE C 61 -88.03 -68.98 -3.42
C ILE C 61 -88.70 -69.89 -2.38
N SER C 62 -88.68 -69.45 -1.10
CA SER C 62 -89.23 -70.23 0.01
C SER C 62 -90.72 -70.09 0.21
N SER C 63 -91.29 -68.90 -0.06
CA SER C 63 -92.71 -68.61 0.13
C SER C 63 -93.64 -69.50 -0.65
N LYS C 64 -94.80 -69.79 -0.08
CA LYS C 64 -95.81 -70.53 -0.81
C LYS C 64 -96.50 -69.50 -1.73
N VAL C 65 -96.69 -69.83 -3.00
CA VAL C 65 -97.34 -68.97 -3.98
C VAL C 65 -98.67 -69.66 -4.30
N ASN C 66 -99.80 -68.93 -4.15
CA ASN C 66 -101.15 -69.46 -4.35
C ASN C 66 -101.57 -69.44 -5.82
N ASP C 67 -100.70 -69.99 -6.66
CA ASP C 67 -100.89 -70.07 -8.10
C ASP C 67 -100.00 -71.17 -8.58
N LYS C 68 -100.62 -72.21 -9.19
CA LYS C 68 -99.94 -73.40 -9.69
C LYS C 68 -98.92 -73.03 -10.78
N GLN C 69 -99.31 -72.17 -11.74
CA GLN C 69 -98.44 -71.75 -12.84
C GLN C 69 -97.22 -71.00 -12.36
N VAL C 70 -97.43 -70.02 -11.45
CA VAL C 70 -96.36 -69.19 -10.91
C VAL C 70 -95.45 -70.04 -10.02
N SER C 71 -96.03 -70.92 -9.18
CA SER C 71 -95.25 -71.84 -8.31
C SER C 71 -94.29 -72.71 -9.15
N GLU C 72 -94.77 -73.23 -10.26
CA GLU C 72 -93.95 -73.99 -11.20
C GLU C 72 -92.80 -73.16 -11.78
N PHE C 73 -93.09 -71.95 -12.21
CA PHE C 73 -92.06 -71.09 -12.76
C PHE C 73 -90.97 -70.85 -11.75
N LEU C 74 -91.35 -70.63 -10.49
CA LEU C 74 -90.43 -70.29 -9.43
C LEU C 74 -89.75 -71.46 -8.72
N LYS C 75 -89.91 -72.70 -9.23
CA LYS C 75 -89.24 -73.89 -8.66
C LYS C 75 -87.72 -73.72 -8.71
N ASP C 76 -87.02 -74.36 -7.75
CA ASP C 76 -85.56 -74.29 -7.61
C ASP C 76 -84.79 -74.55 -8.91
N GLU C 77 -85.20 -75.57 -9.69
CA GLU C 77 -84.55 -75.93 -10.96
C GLU C 77 -84.54 -74.75 -11.94
N ASN C 78 -85.64 -73.99 -11.99
CA ASN C 78 -85.74 -72.81 -12.86
C ASN C 78 -85.00 -71.59 -12.32
N MET C 79 -84.93 -71.49 -10.99
CA MET C 79 -84.31 -70.37 -10.30
C MET C 79 -82.81 -70.44 -10.12
N GLU C 80 -82.22 -71.66 -10.13
CA GLU C 80 -80.79 -71.88 -9.88
C GLU C 80 -79.82 -71.13 -10.80
N LYS C 81 -80.27 -70.76 -12.01
CA LYS C 81 -79.46 -69.97 -12.96
C LYS C 81 -79.25 -68.52 -12.46
N PHE C 82 -80.04 -68.10 -11.47
CA PHE C 82 -79.96 -66.74 -10.91
C PHE C 82 -79.29 -66.74 -9.54
N ASN C 83 -78.53 -65.68 -9.25
CA ASN C 83 -77.84 -65.58 -7.99
C ASN C 83 -78.30 -64.40 -7.10
N VAL C 84 -77.99 -64.49 -5.80
CA VAL C 84 -78.37 -63.51 -4.78
C VAL C 84 -77.47 -62.29 -4.61
N LYS C 85 -76.40 -62.12 -5.44
CA LYS C 85 -75.46 -60.99 -5.27
C LYS C 85 -76.21 -59.68 -4.91
N LEU C 86 -75.80 -59.02 -3.81
CA LEU C 86 -76.42 -57.79 -3.28
C LEU C 86 -76.71 -56.78 -4.37
N GLY C 87 -77.99 -56.44 -4.53
CA GLY C 87 -78.44 -55.48 -5.54
C GLY C 87 -78.75 -56.04 -6.91
N THR C 88 -78.43 -57.34 -7.17
CA THR C 88 -78.75 -57.99 -8.46
C THR C 88 -80.26 -58.12 -8.55
N SER C 89 -80.83 -57.95 -9.74
CA SER C 89 -82.25 -58.13 -9.95
C SER C 89 -82.56 -58.74 -11.30
N LYS C 90 -83.69 -59.44 -11.39
CA LYS C 90 -84.16 -60.02 -12.62
C LYS C 90 -85.67 -59.89 -12.65
N HIS C 91 -86.21 -59.79 -13.89
CA HIS C 91 -87.63 -59.69 -14.24
C HIS C 91 -88.07 -60.97 -14.91
N PHE C 92 -89.26 -61.45 -14.56
CA PHE C 92 -89.85 -62.63 -15.19
C PHE C 92 -91.22 -62.30 -15.70
N TYR C 93 -91.66 -63.00 -16.75
CA TYR C 93 -92.97 -62.82 -17.37
C TYR C 93 -93.58 -64.19 -17.54
N MET C 94 -94.84 -64.34 -17.14
CA MET C 94 -95.53 -65.63 -17.26
C MET C 94 -97.06 -65.45 -17.15
N PHE C 95 -97.80 -66.52 -17.42
CA PHE C 95 -99.25 -66.57 -17.31
C PHE C 95 -99.58 -67.26 -16.01
N ASN C 96 -100.45 -66.67 -15.18
CA ASN C 96 -100.88 -67.27 -13.91
C ASN C 96 -102.04 -68.27 -14.14
N ASP C 97 -102.67 -68.82 -13.07
CA ASP C 97 -103.79 -69.77 -13.19
C ASP C 97 -105.02 -69.18 -13.91
N ASN C 98 -105.26 -67.86 -13.75
CA ASN C 98 -106.38 -67.15 -14.36
C ASN C 98 -106.13 -66.81 -15.83
N LYS C 99 -105.06 -67.40 -16.44
CA LYS C 99 -104.62 -67.21 -17.83
C LYS C 99 -104.28 -65.72 -18.13
N ASN C 100 -103.84 -64.96 -17.10
CA ASN C 100 -103.49 -63.53 -17.23
C ASN C 100 -102.00 -63.37 -17.14
N SER C 101 -101.44 -62.38 -17.87
CA SER C 101 -100.02 -62.08 -17.85
C SER C 101 -99.64 -61.44 -16.53
N VAL C 102 -98.54 -61.92 -15.99
CA VAL C 102 -98.07 -61.48 -14.70
C VAL C 102 -96.54 -61.26 -14.73
N ALA C 103 -96.07 -60.19 -14.07
CA ALA C 103 -94.65 -59.88 -13.98
C ALA C 103 -94.17 -60.19 -12.56
N VAL C 104 -93.11 -60.96 -12.45
CA VAL C 104 -92.53 -61.40 -11.18
C VAL C 104 -91.04 -61.09 -11.32
N GLY C 105 -90.33 -61.08 -10.20
CA GLY C 105 -88.90 -60.84 -10.17
C GLY C 105 -88.35 -61.00 -8.77
N TYR C 106 -87.09 -60.65 -8.60
CA TYR C 106 -86.42 -60.70 -7.31
C TYR C 106 -85.32 -59.64 -7.24
N VAL C 107 -84.90 -59.31 -6.03
CA VAL C 107 -83.74 -58.46 -5.75
C VAL C 107 -82.87 -59.29 -4.82
N GLY C 108 -81.60 -59.44 -5.19
CA GLY C 108 -80.63 -60.19 -4.41
C GLY C 108 -80.22 -59.41 -3.18
N CYS C 109 -80.26 -60.06 -2.01
CA CYS C 109 -79.92 -59.44 -0.73
C CYS C 109 -78.61 -59.99 -0.14
N GLY C 110 -77.80 -60.62 -0.98
CA GLY C 110 -76.48 -61.14 -0.62
C GLY C 110 -76.47 -62.38 0.24
N SER C 111 -75.37 -62.54 0.99
CA SER C 111 -75.14 -63.71 1.83
C SER C 111 -75.02 -63.44 3.32
N VAL C 112 -75.15 -62.17 3.74
CA VAL C 112 -75.08 -61.77 5.15
C VAL C 112 -76.52 -61.67 5.66
N ALA C 113 -76.86 -62.47 6.68
CA ALA C 113 -78.20 -62.54 7.30
C ALA C 113 -78.73 -61.20 7.79
N ASP C 114 -77.86 -60.34 8.38
CA ASP C 114 -78.27 -59.03 8.88
C ASP C 114 -77.78 -57.93 7.95
N LEU C 115 -78.70 -57.28 7.22
CA LEU C 115 -78.36 -56.19 6.31
C LEU C 115 -78.14 -54.88 7.07
N SER C 116 -77.10 -54.15 6.69
CA SER C 116 -76.84 -52.83 7.27
C SER C 116 -77.74 -51.81 6.54
N GLU C 117 -77.81 -50.57 7.06
CA GLU C 117 -78.56 -49.48 6.47
C GLU C 117 -78.05 -49.24 5.02
N ALA C 118 -76.72 -49.33 4.79
CA ALA C 118 -76.09 -49.14 3.48
C ALA C 118 -76.49 -50.26 2.51
N ASP C 119 -76.54 -51.52 3.00
CA ASP C 119 -76.95 -52.69 2.22
C ASP C 119 -78.42 -52.59 1.83
N MET C 120 -79.28 -52.19 2.80
CA MET C 120 -80.72 -52.02 2.57
C MET C 120 -80.98 -50.95 1.52
N LYS C 121 -80.19 -49.87 1.54
CA LYS C 121 -80.29 -48.79 0.58
C LYS C 121 -80.00 -49.33 -0.84
N ARG C 122 -78.99 -50.21 -1.00
CA ARG C 122 -78.64 -50.85 -2.28
C ARG C 122 -79.80 -51.71 -2.79
N VAL C 123 -80.47 -52.46 -1.87
CA VAL C 123 -81.64 -53.30 -2.21
C VAL C 123 -82.77 -52.39 -2.72
N VAL C 124 -83.03 -51.28 -1.98
CA VAL C 124 -84.09 -50.33 -2.34
C VAL C 124 -83.82 -49.68 -3.70
N LEU C 125 -82.57 -49.25 -3.95
CA LEU C 125 -82.17 -48.63 -5.21
C LEU C 125 -82.40 -49.57 -6.39
N SER C 126 -82.13 -50.87 -6.22
CA SER C 126 -82.35 -51.90 -7.25
C SER C 126 -83.81 -52.08 -7.53
N LEU C 127 -84.62 -52.16 -6.46
CA LEU C 127 -86.07 -52.24 -6.58
C LEU C 127 -86.63 -50.97 -7.28
N VAL C 128 -86.05 -49.80 -6.97
CA VAL C 128 -86.48 -48.54 -7.59
C VAL C 128 -86.17 -48.52 -9.12
N THR C 129 -85.05 -49.13 -9.56
CA THR C 129 -84.74 -49.18 -11.01
C THR C 129 -85.83 -50.03 -11.72
N MET C 130 -86.41 -51.01 -11.00
CA MET C 130 -87.48 -51.83 -11.58
C MET C 130 -88.78 -51.05 -11.69
N LEU C 131 -88.95 -50.01 -10.86
CA LEU C 131 -90.19 -49.25 -10.93
C LEU C 131 -90.11 -48.16 -11.94
N HIS C 132 -88.91 -47.60 -12.10
CA HIS C 132 -88.68 -46.55 -13.08
C HIS C 132 -88.74 -47.12 -14.50
N ASP C 133 -89.27 -46.32 -15.45
CA ASP C 133 -89.36 -46.70 -16.88
C ASP C 133 -90.22 -47.94 -17.15
N ASN C 134 -91.19 -48.16 -16.28
CA ASN C 134 -92.13 -49.27 -16.38
C ASN C 134 -93.45 -48.79 -15.79
N LYS C 135 -94.45 -48.62 -16.66
CA LYS C 135 -95.77 -48.13 -16.26
C LYS C 135 -96.56 -49.24 -15.57
N LEU C 136 -96.53 -49.23 -14.23
CA LEU C 136 -97.19 -50.23 -13.36
C LEU C 136 -98.25 -49.58 -12.47
N SER C 137 -99.32 -50.32 -12.19
CA SER C 137 -100.38 -49.86 -11.29
C SER C 137 -100.14 -50.40 -9.86
N LYS C 138 -99.36 -51.48 -9.75
CA LYS C 138 -99.15 -52.13 -8.45
C LYS C 138 -97.80 -52.84 -8.30
N LEU C 139 -97.22 -52.75 -7.09
CA LEU C 139 -96.00 -53.44 -6.70
C LEU C 139 -96.31 -54.32 -5.49
N THR C 140 -95.84 -55.56 -5.51
CA THR C 140 -95.90 -56.43 -4.34
C THR C 140 -94.51 -56.85 -3.96
N VAL C 141 -94.18 -56.74 -2.67
CA VAL C 141 -92.85 -57.07 -2.14
C VAL C 141 -92.98 -58.23 -1.17
N VAL C 142 -92.26 -59.33 -1.44
CA VAL C 142 -92.27 -60.52 -0.59
C VAL C 142 -90.94 -60.60 0.15
N PHE C 143 -91.01 -60.46 1.49
CA PHE C 143 -89.84 -60.48 2.33
C PHE C 143 -89.43 -61.92 2.67
N GLU C 144 -88.33 -62.41 2.04
CA GLU C 144 -87.79 -63.75 2.34
C GLU C 144 -86.41 -63.58 3.01
N ILE C 145 -86.21 -62.40 3.61
CA ILE C 145 -85.01 -62.03 4.36
C ILE C 145 -85.48 -61.66 5.77
N ASN C 146 -84.55 -61.59 6.75
CA ASN C 146 -84.93 -61.24 8.11
C ASN C 146 -84.67 -59.79 8.38
N VAL C 147 -85.72 -59.06 8.77
CA VAL C 147 -85.63 -57.63 9.08
C VAL C 147 -86.34 -57.33 10.39
N ASP C 148 -85.76 -56.49 11.24
CA ASP C 148 -86.48 -56.10 12.46
C ASP C 148 -87.49 -54.98 12.10
N LYS C 149 -88.31 -54.53 13.06
CA LYS C 149 -89.31 -53.49 12.83
C LYS C 149 -88.70 -52.17 12.31
N ASN C 150 -87.57 -51.73 12.89
CA ASN C 150 -86.89 -50.50 12.45
C ASN C 150 -86.36 -50.59 11.02
N LEU C 151 -85.80 -51.77 10.64
CA LEU C 151 -85.26 -51.93 9.29
C LEU C 151 -86.40 -52.04 8.26
N PHE C 152 -87.56 -52.64 8.65
CA PHE C 152 -88.72 -52.72 7.75
C PHE C 152 -89.21 -51.31 7.47
N ARG C 153 -89.30 -50.50 8.54
CA ARG C 153 -89.71 -49.11 8.39
C ARG C 153 -88.72 -48.34 7.52
N PHE C 154 -87.38 -48.59 7.71
CA PHE C 154 -86.33 -47.93 6.92
C PHE C 154 -86.50 -48.31 5.45
N PHE C 155 -86.78 -49.59 5.17
CA PHE C 155 -87.04 -50.08 3.81
C PHE C 155 -88.18 -49.24 3.14
N LEU C 156 -89.33 -49.10 3.80
CA LEU C 156 -90.47 -48.34 3.26
C LEU C 156 -90.16 -46.86 3.10
N GLU C 157 -89.58 -46.21 4.14
CA GLU C 157 -89.18 -44.78 4.08
C GLU C 157 -88.27 -44.54 2.88
N THR C 158 -87.25 -45.42 2.73
CA THR C 158 -86.23 -45.30 1.66
C THR C 158 -86.88 -45.52 0.30
N LEU C 159 -87.73 -46.53 0.21
CA LEU C 159 -88.48 -46.82 -1.01
C LEU C 159 -89.30 -45.60 -1.42
N PHE C 160 -90.13 -45.08 -0.50
CA PHE C 160 -90.96 -43.90 -0.76
C PHE C 160 -90.12 -42.68 -1.18
N TYR C 161 -89.04 -42.38 -0.44
CA TYR C 161 -88.17 -41.24 -0.73
C TYR C 161 -87.48 -41.34 -2.09
N GLU C 162 -86.88 -42.50 -2.40
CA GLU C 162 -86.15 -42.72 -3.64
C GLU C 162 -87.05 -42.78 -4.86
N TYR C 163 -88.25 -43.32 -4.69
CA TYR C 163 -89.25 -43.45 -5.76
C TYR C 163 -89.78 -42.07 -6.23
N MET C 164 -89.97 -41.19 -5.27
CA MET C 164 -90.49 -39.85 -5.47
C MET C 164 -89.53 -38.99 -6.33
N THR C 165 -90.05 -38.35 -7.37
CA THR C 165 -89.24 -37.47 -8.23
C THR C 165 -89.75 -36.04 -8.08
N ASP C 166 -88.83 -35.11 -7.74
CA ASP C 166 -89.14 -33.70 -7.52
C ASP C 166 -89.16 -32.95 -8.85
N GLU C 167 -90.37 -32.62 -9.32
CA GLU C 167 -90.57 -31.92 -10.59
C GLU C 167 -91.06 -30.48 -10.44
N ARG C 168 -90.96 -29.88 -9.22
CA ARG C 168 -91.42 -28.50 -8.96
C ARG C 168 -90.78 -27.47 -9.87
N PHE C 169 -89.51 -27.68 -10.28
CA PHE C 169 -88.78 -26.70 -11.10
C PHE C 169 -88.68 -27.06 -12.56
N LYS C 170 -89.35 -28.13 -12.96
CA LYS C 170 -89.44 -28.57 -14.35
C LYS C 170 -90.61 -27.84 -14.99
N SER C 171 -90.44 -27.37 -16.23
CA SER C 171 -91.49 -26.66 -16.94
C SER C 171 -91.70 -27.31 -18.30
N THR C 172 -90.70 -27.18 -19.20
CA THR C 172 -90.74 -27.78 -20.55
C THR C 172 -90.15 -29.21 -20.55
N ASP C 173 -89.49 -29.64 -19.45
CA ASP C 173 -88.81 -30.94 -19.33
C ASP C 173 -89.40 -31.93 -18.29
N LYS C 174 -90.70 -31.83 -18.01
CA LYS C 174 -91.36 -32.81 -17.13
C LYS C 174 -91.30 -34.18 -17.80
N ASN C 175 -91.17 -35.23 -17.01
CA ASN C 175 -91.09 -36.61 -17.53
C ASN C 175 -92.52 -37.01 -17.99
N VAL C 176 -92.74 -37.09 -19.31
CA VAL C 176 -94.05 -37.43 -19.91
C VAL C 176 -94.52 -38.82 -19.53
N ASN C 177 -93.58 -39.72 -19.19
CA ASN C 177 -93.85 -41.12 -18.85
C ASN C 177 -93.91 -41.39 -17.34
N MET C 178 -93.92 -40.32 -16.52
CA MET C 178 -94.02 -40.44 -15.07
C MET C 178 -95.39 -40.99 -14.68
N GLU C 179 -95.42 -42.18 -14.09
CA GLU C 179 -96.62 -42.86 -13.62
C GLU C 179 -96.22 -43.62 -12.37
N TYR C 180 -96.93 -43.36 -11.26
CA TYR C 180 -96.65 -44.00 -9.98
C TYR C 180 -97.64 -45.11 -9.73
N ILE C 181 -97.21 -46.17 -9.05
CA ILE C 181 -98.09 -47.27 -8.63
C ILE C 181 -99.20 -46.69 -7.72
N LYS C 182 -100.36 -47.36 -7.70
CA LYS C 182 -101.49 -46.92 -6.86
C LYS C 182 -101.63 -47.86 -5.67
N HIS C 183 -100.98 -49.03 -5.75
CA HIS C 183 -101.05 -50.07 -4.73
C HIS C 183 -99.72 -50.66 -4.42
N LEU C 184 -99.48 -50.94 -3.12
CA LEU C 184 -98.31 -51.63 -2.62
C LEU C 184 -98.75 -52.78 -1.71
N GLY C 185 -98.45 -54.00 -2.11
CA GLY C 185 -98.69 -55.19 -1.31
C GLY C 185 -97.40 -55.64 -0.67
N VAL C 186 -97.44 -56.03 0.62
CA VAL C 186 -96.25 -56.47 1.36
C VAL C 186 -96.57 -57.82 2.00
N TYR C 187 -95.71 -58.81 1.76
CA TYR C 187 -95.81 -60.11 2.38
C TYR C 187 -94.62 -60.27 3.29
N ILE C 188 -94.88 -60.49 4.58
CA ILE C 188 -93.83 -60.64 5.58
C ILE C 188 -94.28 -61.62 6.68
N ASN C 189 -93.31 -62.22 7.37
CA ASN C 189 -93.55 -63.13 8.49
C ASN C 189 -93.99 -62.28 9.68
N ASN C 190 -95.02 -62.72 10.42
CA ASN C 190 -95.58 -62.02 11.60
C ASN C 190 -96.03 -60.59 11.23
N ALA C 191 -96.78 -60.48 10.11
CA ALA C 191 -97.28 -59.23 9.52
C ALA C 191 -97.92 -58.24 10.51
N ASP C 192 -98.74 -58.76 11.46
CA ASP C 192 -99.43 -57.93 12.46
C ASP C 192 -98.49 -57.03 13.26
N THR C 193 -97.24 -57.47 13.50
CA THR C 193 -96.25 -56.69 14.22
C THR C 193 -95.65 -55.56 13.36
N TYR C 194 -95.68 -55.72 12.02
CA TYR C 194 -95.12 -54.77 11.04
C TYR C 194 -96.10 -53.74 10.53
N LYS C 195 -97.40 -54.00 10.67
CA LYS C 195 -98.48 -53.11 10.21
C LYS C 195 -98.37 -51.68 10.76
N GLU C 196 -98.02 -51.52 12.06
CA GLU C 196 -97.90 -50.19 12.64
C GLU C 196 -96.74 -49.38 12.03
N GLU C 197 -95.78 -50.06 11.38
CA GLU C 197 -94.63 -49.40 10.75
C GLU C 197 -94.99 -48.68 9.46
N VAL C 198 -96.10 -49.08 8.81
CA VAL C 198 -96.51 -48.52 7.51
C VAL C 198 -96.81 -47.04 7.59
N GLU C 199 -97.75 -46.63 8.46
CA GLU C 199 -98.05 -45.21 8.53
C GLU C 199 -96.94 -44.39 9.17
N LYS C 200 -96.12 -45.01 10.06
CA LYS C 200 -94.95 -44.33 10.66
C LYS C 200 -93.94 -44.04 9.51
N ALA C 201 -93.69 -45.04 8.63
CA ALA C 201 -92.82 -44.89 7.47
C ALA C 201 -93.32 -43.77 6.54
N ARG C 202 -94.66 -43.70 6.32
CA ARG C 202 -95.22 -42.66 5.45
C ARG C 202 -94.97 -41.25 6.03
N VAL C 203 -95.13 -41.09 7.35
CA VAL C 203 -94.88 -39.82 8.07
C VAL C 203 -93.38 -39.48 7.98
N TYR C 204 -92.49 -40.45 8.28
CA TYR C 204 -91.03 -40.27 8.23
C TYR C 204 -90.57 -39.91 6.83
N TYR C 205 -91.16 -40.58 5.82
CA TYR C 205 -90.86 -40.28 4.43
C TYR C 205 -91.20 -38.80 4.17
N PHE C 206 -92.44 -38.36 4.53
CA PHE C 206 -92.82 -36.98 4.25
C PHE C 206 -91.97 -35.94 4.98
N GLY C 207 -91.62 -36.17 6.25
CA GLY C 207 -90.75 -35.25 6.97
C GLY C 207 -89.43 -35.06 6.23
N THR C 208 -88.82 -36.19 5.81
CA THR C 208 -87.57 -36.25 5.05
C THR C 208 -87.74 -35.57 3.69
N TYR C 209 -88.81 -35.93 2.97
CA TYR C 209 -89.08 -35.38 1.65
C TYR C 209 -89.36 -33.89 1.70
N TYR C 210 -90.10 -33.44 2.73
CA TYR C 210 -90.40 -32.02 2.97
C TYR C 210 -89.09 -31.27 3.20
N ALA C 211 -88.18 -31.81 4.05
CA ALA C 211 -86.87 -31.19 4.32
C ALA C 211 -86.09 -31.08 3.00
N SER C 212 -86.09 -32.16 2.21
CA SER C 212 -85.47 -32.26 0.89
C SER C 212 -85.99 -31.18 -0.08
N GLN C 213 -87.33 -30.95 -0.09
CA GLN C 213 -87.96 -29.93 -0.95
C GLN C 213 -87.44 -28.53 -0.61
N LEU C 214 -87.30 -28.21 0.68
CA LEU C 214 -86.79 -26.92 1.15
C LEU C 214 -85.32 -26.76 0.77
N ILE C 215 -84.51 -27.82 0.98
CA ILE C 215 -83.07 -27.80 0.68
C ILE C 215 -82.85 -27.62 -0.83
N ALA C 216 -83.51 -28.47 -1.65
CA ALA C 216 -83.38 -28.42 -3.12
C ALA C 216 -83.86 -27.09 -3.71
N ALA C 217 -84.85 -26.44 -3.08
CA ALA C 217 -85.36 -25.14 -3.52
C ALA C 217 -84.19 -24.13 -3.54
N PRO C 218 -83.91 -23.53 -4.71
CA PRO C 218 -82.77 -22.60 -4.81
C PRO C 218 -82.96 -21.35 -3.95
N SER C 219 -81.87 -20.61 -3.75
CA SER C 219 -81.83 -19.42 -2.90
C SER C 219 -82.72 -18.26 -3.33
N ASN C 220 -83.10 -18.20 -4.63
CA ASN C 220 -84.04 -17.16 -5.09
C ASN C 220 -85.46 -17.52 -4.64
N TYR C 221 -85.78 -18.81 -4.57
CA TYR C 221 -87.09 -19.30 -4.10
C TYR C 221 -87.11 -19.36 -2.55
N CYS C 222 -86.08 -19.99 -1.97
CA CYS C 222 -85.95 -20.23 -0.55
C CYS C 222 -85.00 -19.23 0.05
N ASN C 223 -85.57 -18.14 0.57
CA ASN C 223 -84.85 -17.05 1.20
C ASN C 223 -85.39 -16.92 2.64
N PRO C 224 -84.80 -16.07 3.51
CA PRO C 224 -85.30 -16.00 4.90
C PRO C 224 -86.79 -15.72 5.10
N VAL C 225 -87.37 -14.89 4.21
CA VAL C 225 -88.78 -14.52 4.26
C VAL C 225 -89.66 -15.69 3.81
N SER C 226 -89.40 -16.26 2.61
CA SER C 226 -90.20 -17.37 2.10
C SER C 226 -90.07 -18.64 2.96
N LEU C 227 -88.88 -18.91 3.54
CA LEU C 227 -88.66 -20.08 4.39
C LEU C 227 -89.45 -19.95 5.72
N SER C 228 -89.43 -18.76 6.33
CA SER C 228 -90.21 -18.52 7.55
C SER C 228 -91.71 -18.54 7.24
N ASN C 229 -92.13 -18.07 6.05
CA ASN C 229 -93.53 -18.16 5.63
C ASN C 229 -93.97 -19.62 5.49
N ALA C 230 -93.08 -20.46 4.92
CA ALA C 230 -93.34 -21.90 4.75
C ALA C 230 -93.48 -22.57 6.14
N ALA C 231 -92.65 -22.18 7.13
CA ALA C 231 -92.70 -22.70 8.50
C ALA C 231 -94.03 -22.32 9.18
N VAL C 232 -94.54 -21.11 8.91
CA VAL C 232 -95.84 -20.65 9.46
C VAL C 232 -96.97 -21.52 8.88
N GLU C 233 -96.94 -21.74 7.56
CA GLU C 233 -97.95 -22.55 6.86
C GLU C 233 -97.95 -23.99 7.40
N LEU C 234 -96.75 -24.55 7.63
CA LEU C 234 -96.61 -25.90 8.20
C LEU C 234 -97.21 -25.93 9.61
N ALA C 235 -96.89 -24.93 10.45
CA ALA C 235 -97.38 -24.83 11.83
C ALA C 235 -98.92 -24.73 11.87
N GLN C 236 -99.50 -23.96 10.93
CA GLN C 236 -100.96 -23.82 10.80
C GLN C 236 -101.61 -25.12 10.42
N LYS C 237 -101.00 -25.87 9.48
CA LYS C 237 -101.54 -27.18 9.05
C LYS C 237 -101.47 -28.22 10.17
N LEU C 238 -100.47 -28.13 11.06
CA LEU C 238 -100.28 -29.09 12.14
C LEU C 238 -100.85 -28.64 13.47
N ASN C 239 -101.42 -27.42 13.55
CA ASN C 239 -101.92 -26.84 14.79
C ASN C 239 -100.82 -26.68 15.85
N LEU C 240 -99.62 -26.28 15.38
CA LEU C 240 -98.49 -26.01 16.27
C LEU C 240 -98.52 -24.54 16.60
N GLU C 241 -98.07 -24.16 17.80
CA GLU C 241 -97.92 -22.74 18.17
C GLU C 241 -96.74 -22.22 17.35
N TYR C 242 -96.80 -20.98 16.90
CA TYR C 242 -95.70 -20.41 16.12
C TYR C 242 -95.51 -18.96 16.41
N LYS C 243 -94.28 -18.51 16.21
CA LYS C 243 -93.85 -17.13 16.39
C LYS C 243 -92.67 -16.92 15.41
N ILE C 244 -92.73 -15.85 14.61
CA ILE C 244 -91.64 -15.46 13.74
C ILE C 244 -91.10 -14.17 14.32
N LEU C 245 -89.81 -14.15 14.69
CA LEU C 245 -89.24 -12.92 15.24
C LEU C 245 -88.60 -12.13 14.09
N GLY C 246 -89.03 -10.89 13.96
CA GLY C 246 -88.48 -9.97 12.96
C GLY C 246 -87.33 -9.18 13.53
N VAL C 247 -86.70 -8.35 12.69
CA VAL C 247 -85.54 -7.51 13.03
C VAL C 247 -85.73 -6.66 14.30
N LYS C 248 -86.87 -5.95 14.44
CA LYS C 248 -87.12 -5.13 15.63
C LYS C 248 -87.08 -5.94 16.94
N GLU C 249 -87.69 -7.13 16.94
CA GLU C 249 -87.70 -8.03 18.11
C GLU C 249 -86.29 -8.59 18.35
N LEU C 250 -85.57 -8.94 17.27
CA LEU C 250 -84.19 -9.44 17.36
C LEU C 250 -83.23 -8.39 17.91
N GLU C 251 -83.44 -7.10 17.54
CA GLU C 251 -82.63 -5.99 18.09
C GLU C 251 -82.92 -5.83 19.60
N GLU C 252 -84.20 -5.90 20.01
CA GLU C 252 -84.59 -5.82 21.44
C GLU C 252 -83.93 -6.95 22.23
N LEU C 253 -83.87 -8.17 21.64
CA LEU C 253 -83.24 -9.33 22.25
C LEU C 253 -81.71 -9.30 22.16
N LYS C 254 -81.14 -8.24 21.53
CA LYS C 254 -79.69 -8.00 21.40
C LYS C 254 -78.95 -9.14 20.69
N MET C 255 -79.59 -9.72 19.68
CA MET C 255 -79.01 -10.81 18.90
C MET C 255 -78.01 -10.26 17.85
N GLY C 256 -76.94 -9.63 18.33
CA GLY C 256 -75.91 -9.00 17.50
C GLY C 256 -75.09 -9.91 16.61
N ALA C 257 -74.85 -11.17 17.04
CA ALA C 257 -74.07 -12.11 16.22
C ALA C 257 -74.91 -12.55 15.00
N TYR C 258 -76.16 -12.95 15.25
CA TYR C 258 -77.10 -13.37 14.21
C TYR C 258 -77.45 -12.20 13.29
N LEU C 259 -77.73 -11.01 13.84
CA LEU C 259 -78.06 -9.85 13.00
C LEU C 259 -76.93 -9.37 12.11
N SER C 260 -75.67 -9.46 12.59
CA SER C 260 -74.50 -9.06 11.78
C SER C 260 -74.36 -9.90 10.52
N VAL C 261 -74.63 -11.22 10.61
CA VAL C 261 -74.54 -12.13 9.45
C VAL C 261 -75.50 -11.70 8.32
N GLY C 262 -76.73 -11.33 8.69
CA GLY C 262 -77.76 -10.94 7.73
C GLY C 262 -77.73 -9.51 7.22
N LYS C 263 -76.83 -8.67 7.76
CA LYS C 263 -76.70 -7.25 7.40
C LYS C 263 -76.60 -7.00 5.88
N GLY C 264 -75.83 -7.81 5.19
CA GLY C 264 -75.63 -7.64 3.75
C GLY C 264 -76.69 -8.22 2.85
N SER C 265 -77.76 -8.80 3.42
CA SER C 265 -78.84 -9.38 2.61
C SER C 265 -79.99 -8.40 2.32
N MET C 266 -80.66 -8.58 1.16
CA MET C 266 -81.87 -7.83 0.79
C MET C 266 -83.08 -8.42 1.55
N TYR C 267 -82.91 -9.62 2.14
CA TYR C 267 -83.97 -10.28 2.88
C TYR C 267 -83.79 -10.05 4.38
N PRO C 268 -84.80 -9.47 5.07
CA PRO C 268 -84.67 -9.30 6.54
C PRO C 268 -84.56 -10.65 7.25
N ASN C 269 -83.78 -10.68 8.34
CA ASN C 269 -83.62 -11.88 9.18
C ASN C 269 -84.98 -12.27 9.76
N LYS C 270 -85.25 -13.58 9.81
CA LYS C 270 -86.49 -14.12 10.36
C LYS C 270 -86.14 -15.27 11.28
N PHE C 271 -86.49 -15.17 12.57
CA PHE C 271 -86.19 -16.23 13.53
C PHE C 271 -87.45 -17.07 13.72
N ILE C 272 -87.37 -18.36 13.33
CA ILE C 272 -88.49 -19.29 13.42
C ILE C 272 -88.54 -19.94 14.82
N HIS C 273 -89.71 -19.90 15.45
CA HIS C 273 -89.96 -20.55 16.73
C HIS C 273 -91.32 -21.25 16.68
N LEU C 274 -91.29 -22.56 16.47
CA LEU C 274 -92.50 -23.39 16.46
C LEU C 274 -92.49 -24.17 17.77
N THR C 275 -93.67 -24.46 18.31
CA THR C 275 -93.75 -25.23 19.56
C THR C 275 -94.81 -26.32 19.47
N TYR C 276 -94.44 -27.52 19.88
CA TYR C 276 -95.37 -28.63 20.02
C TYR C 276 -95.46 -28.87 21.55
N LYS C 277 -96.67 -28.95 22.08
CA LYS C 277 -96.84 -29.26 23.50
C LYS C 277 -97.84 -30.39 23.63
N SER C 278 -97.46 -31.45 24.34
CA SER C 278 -98.34 -32.60 24.59
C SER C 278 -99.48 -32.17 25.52
N LYS C 279 -100.65 -32.78 25.35
CA LYS C 279 -101.78 -32.58 26.25
C LYS C 279 -101.37 -33.54 27.37
N GLY C 280 -101.43 -33.09 28.59
CA GLY C 280 -100.97 -33.93 29.68
C GLY C 280 -99.71 -33.38 30.28
N ASP C 281 -99.19 -34.05 31.33
CA ASP C 281 -98.00 -33.64 32.07
C ASP C 281 -96.75 -33.65 31.18
N VAL C 282 -96.00 -32.55 31.18
CA VAL C 282 -94.78 -32.44 30.39
C VAL C 282 -93.61 -32.95 31.24
N LYS C 283 -92.98 -34.03 30.79
CA LYS C 283 -91.88 -34.68 31.49
C LYS C 283 -90.51 -34.28 30.94
N LYS C 284 -90.46 -33.88 29.66
CA LYS C 284 -89.23 -33.47 29.01
C LYS C 284 -89.47 -32.27 28.10
N LYS C 285 -88.58 -31.27 28.18
CA LYS C 285 -88.61 -30.07 27.35
C LYS C 285 -87.37 -30.09 26.50
N ILE C 286 -87.54 -29.95 25.17
CA ILE C 286 -86.46 -30.02 24.21
C ILE C 286 -86.47 -28.84 23.27
N ALA C 287 -85.28 -28.29 22.98
CA ALA C 287 -85.12 -27.27 21.94
C ALA C 287 -84.26 -27.88 20.82
N LEU C 288 -84.80 -27.87 19.60
CA LEU C 288 -84.11 -28.35 18.40
C LEU C 288 -83.78 -27.11 17.59
N VAL C 289 -82.48 -26.91 17.34
CA VAL C 289 -81.95 -25.71 16.67
C VAL C 289 -81.32 -26.10 15.34
N GLY C 290 -81.83 -25.55 14.25
CA GLY C 290 -81.31 -25.83 12.92
C GLY C 290 -80.65 -24.61 12.30
N LYS C 291 -79.44 -24.76 11.72
CA LYS C 291 -78.74 -23.66 11.04
C LYS C 291 -79.57 -23.36 9.77
N GLY C 292 -79.94 -22.09 9.61
CA GLY C 292 -80.76 -21.65 8.51
C GLY C 292 -80.18 -20.57 7.64
N ILE C 293 -79.06 -20.86 6.99
CA ILE C 293 -78.44 -19.93 6.05
C ILE C 293 -79.01 -20.28 4.67
N THR C 294 -79.86 -19.42 4.10
CA THR C 294 -80.54 -19.72 2.83
C THR C 294 -79.62 -19.73 1.63
N PHE C 295 -78.54 -18.95 1.72
CA PHE C 295 -77.44 -18.92 0.77
C PHE C 295 -76.20 -18.47 1.50
N ASP C 296 -75.12 -19.22 1.32
CA ASP C 296 -73.85 -18.85 1.94
C ASP C 296 -72.83 -18.48 0.87
N SER C 297 -72.67 -17.19 0.60
CA SER C 297 -71.67 -16.75 -0.37
C SER C 297 -70.27 -16.77 0.26
N GLY C 298 -70.25 -16.78 1.60
CA GLY C 298 -69.03 -16.65 2.39
C GLY C 298 -68.89 -15.23 2.92
N GLY C 299 -69.63 -14.29 2.33
CA GLY C 299 -69.54 -12.87 2.64
C GLY C 299 -68.25 -12.29 2.08
N TYR C 300 -67.67 -11.26 2.74
CA TYR C 300 -66.41 -10.68 2.29
C TYR C 300 -65.26 -11.71 2.14
N ASN C 301 -65.28 -12.78 2.97
CA ASN C 301 -64.40 -13.95 2.81
C ASN C 301 -65.16 -14.87 1.81
N LEU C 302 -65.31 -14.37 0.58
CA LEU C 302 -66.06 -15.02 -0.49
C LEU C 302 -65.57 -16.43 -0.80
N LYS C 303 -66.50 -17.36 -1.04
CA LYS C 303 -66.17 -18.74 -1.45
C LYS C 303 -65.68 -18.68 -2.90
N ALA C 304 -64.42 -18.26 -3.08
CA ALA C 304 -63.81 -18.07 -4.39
C ALA C 304 -62.76 -19.16 -4.69
N ALA C 305 -62.24 -19.82 -3.66
CA ALA C 305 -61.22 -20.87 -3.78
C ALA C 305 -61.74 -22.08 -4.60
N PRO C 306 -60.90 -22.75 -5.41
CA PRO C 306 -61.37 -23.95 -6.14
C PRO C 306 -61.78 -25.00 -5.11
N GLY C 307 -62.91 -25.65 -5.34
CA GLY C 307 -63.42 -26.65 -4.40
C GLY C 307 -64.23 -26.07 -3.24
N SER C 308 -64.50 -24.73 -3.25
CA SER C 308 -65.26 -24.14 -2.15
C SER C 308 -66.78 -24.39 -2.22
N MET C 309 -67.25 -24.98 -3.35
CA MET C 309 -68.63 -25.41 -3.57
C MET C 309 -69.72 -24.32 -3.36
N ILE C 310 -69.44 -23.09 -3.80
CA ILE C 310 -70.43 -21.99 -3.69
C ILE C 310 -71.78 -22.35 -4.37
N ASP C 311 -71.73 -23.16 -5.46
CA ASP C 311 -72.93 -23.58 -6.22
C ASP C 311 -73.87 -24.49 -5.41
N LEU C 312 -73.37 -25.06 -4.31
CA LEU C 312 -74.15 -25.98 -3.46
C LEU C 312 -74.77 -25.24 -2.25
N MET C 313 -74.35 -23.97 -2.02
CA MET C 313 -74.71 -23.20 -0.81
C MET C 313 -76.16 -22.90 -0.52
N LYS C 314 -77.09 -23.24 -1.45
CA LYS C 314 -78.54 -23.18 -1.17
C LYS C 314 -78.85 -24.25 -0.06
N PHE C 315 -77.94 -25.24 0.14
CA PHE C 315 -78.11 -26.34 1.08
C PHE C 315 -77.75 -25.93 2.52
N ASP C 316 -77.28 -24.69 2.70
CA ASP C 316 -76.82 -24.22 4.01
C ASP C 316 -77.93 -24.01 5.06
N MET C 317 -79.19 -24.26 4.67
CA MET C 317 -80.36 -24.23 5.56
C MET C 317 -80.87 -25.68 5.82
N SER C 318 -80.02 -26.71 5.52
CA SER C 318 -80.34 -28.13 5.75
C SER C 318 -80.69 -28.44 7.20
N GLY C 319 -80.01 -27.76 8.13
CA GLY C 319 -80.27 -27.92 9.55
C GLY C 319 -81.67 -27.46 9.89
N CYS C 320 -82.04 -26.26 9.38
CA CYS C 320 -83.39 -25.71 9.57
C CYS C 320 -84.42 -26.65 8.92
N ALA C 321 -84.11 -27.16 7.71
CA ALA C 321 -85.01 -28.09 7.01
C ALA C 321 -85.22 -29.36 7.81
N ALA C 322 -84.16 -29.92 8.44
CA ALA C 322 -84.27 -31.14 9.27
C ALA C 322 -85.18 -30.89 10.48
N VAL C 323 -85.04 -29.70 11.10
CA VAL C 323 -85.84 -29.27 12.25
C VAL C 323 -87.33 -29.12 11.87
N LEU C 324 -87.60 -28.53 10.69
CA LEU C 324 -88.98 -28.36 10.20
C LEU C 324 -89.60 -29.69 9.79
N GLY C 325 -88.79 -30.59 9.22
CA GLY C 325 -89.24 -31.94 8.85
C GLY C 325 -89.59 -32.70 10.11
N CYS C 326 -88.78 -32.51 11.18
CA CYS C 326 -89.04 -33.13 12.48
C CYS C 326 -90.36 -32.57 13.04
N ALA C 327 -90.61 -31.24 12.90
CA ALA C 327 -91.87 -30.61 13.36
C ALA C 327 -93.06 -31.25 12.65
N TYR C 328 -92.92 -31.58 11.35
CA TYR C 328 -93.99 -32.27 10.62
C TYR C 328 -94.26 -33.66 11.29
N CYS C 329 -93.21 -34.46 11.50
CA CYS C 329 -93.34 -35.80 12.08
C CYS C 329 -93.93 -35.77 13.50
N VAL C 330 -93.40 -34.88 14.36
CA VAL C 330 -93.85 -34.72 15.75
C VAL C 330 -95.32 -34.22 15.80
N GLY C 331 -95.62 -33.21 15.00
CA GLY C 331 -96.96 -32.66 14.91
C GLY C 331 -97.99 -33.65 14.40
N THR C 332 -97.56 -34.61 13.56
CA THR C 332 -98.41 -35.65 13.01
C THR C 332 -98.58 -36.82 13.99
N LEU C 333 -97.46 -37.31 14.55
CA LEU C 333 -97.46 -38.48 15.44
C LEU C 333 -97.95 -38.18 16.85
N LYS C 334 -97.90 -36.90 17.24
CA LYS C 334 -98.37 -36.39 18.51
C LYS C 334 -97.84 -37.17 19.75
N PRO C 335 -96.52 -37.17 20.02
CA PRO C 335 -96.02 -37.87 21.23
C PRO C 335 -96.56 -37.23 22.52
N GLU C 336 -96.65 -38.03 23.57
CA GLU C 336 -97.13 -37.59 24.88
C GLU C 336 -95.95 -37.18 25.76
N ASN C 337 -96.24 -36.40 26.81
CA ASN C 337 -95.33 -35.95 27.88
C ASN C 337 -94.12 -35.13 27.46
N VAL C 338 -94.21 -34.47 26.30
CA VAL C 338 -93.10 -33.68 25.78
C VAL C 338 -93.51 -32.29 25.31
N GLU C 339 -92.58 -31.35 25.40
CA GLU C 339 -92.74 -30.00 24.87
C GLU C 339 -91.50 -29.77 24.00
N ILE C 340 -91.71 -29.53 22.70
CA ILE C 340 -90.61 -29.36 21.74
C ILE C 340 -90.67 -27.99 21.11
N HIS C 341 -89.52 -27.29 21.13
CA HIS C 341 -89.34 -25.99 20.50
C HIS C 341 -88.47 -26.22 19.26
N PHE C 342 -88.96 -25.78 18.09
CA PHE C 342 -88.30 -25.95 16.80
C PHE C 342 -87.82 -24.56 16.41
N LEU C 343 -86.51 -24.35 16.50
CA LEU C 343 -85.89 -23.05 16.33
C LEU C 343 -84.95 -22.96 15.13
N SER C 344 -84.92 -21.79 14.47
CA SER C 344 -83.94 -21.49 13.42
C SER C 344 -83.77 -20.00 13.24
N ALA C 345 -82.51 -19.54 13.37
CA ALA C 345 -82.13 -18.15 13.17
C ALA C 345 -81.83 -18.05 11.66
N VAL C 346 -82.90 -17.78 10.86
CA VAL C 346 -82.79 -17.76 9.39
C VAL C 346 -82.24 -16.43 8.84
N CYS C 347 -81.27 -16.50 7.93
CA CYS C 347 -80.68 -15.33 7.27
C CYS C 347 -79.90 -15.78 6.03
N GLU C 348 -79.34 -14.82 5.31
CA GLU C 348 -78.58 -15.06 4.09
C GLU C 348 -77.24 -14.32 4.22
N ASN C 349 -76.11 -14.99 3.88
CA ASN C 349 -74.74 -14.44 4.02
C ASN C 349 -74.25 -13.90 2.68
N MET C 350 -74.34 -12.57 2.50
CA MET C 350 -74.10 -11.89 1.23
C MET C 350 -73.02 -10.82 1.24
N VAL C 351 -72.66 -10.35 0.00
CA VAL C 351 -71.64 -9.29 -0.20
C VAL C 351 -72.34 -8.03 -0.63
N SER C 352 -72.13 -6.97 0.14
CA SER C 352 -72.85 -5.71 -0.04
C SER C 352 -72.07 -4.60 0.65
N LYS C 353 -72.47 -3.34 0.41
CA LYS C 353 -71.92 -2.20 1.16
C LYS C 353 -72.37 -2.36 2.64
N ASN C 354 -73.47 -3.09 2.87
CA ASN C 354 -74.03 -3.26 4.21
C ASN C 354 -73.53 -4.49 4.99
N SER C 355 -72.73 -5.37 4.38
CA SER C 355 -72.27 -6.60 5.05
C SER C 355 -71.35 -6.35 6.22
N TYR C 356 -71.33 -7.32 7.18
CA TYR C 356 -70.35 -7.30 8.25
C TYR C 356 -68.98 -7.63 7.63
N ARG C 357 -67.92 -7.18 8.26
CA ARG C 357 -66.57 -7.35 7.71
C ARG C 357 -65.71 -8.27 8.56
N PRO C 358 -64.68 -8.92 7.94
CA PRO C 358 -63.67 -9.62 8.76
C PRO C 358 -63.03 -8.58 9.69
N GLY C 359 -62.90 -8.95 10.97
CA GLY C 359 -62.32 -8.05 11.97
C GLY C 359 -63.35 -7.36 12.83
N ASP C 360 -64.62 -7.29 12.39
CA ASP C 360 -65.67 -6.63 13.17
C ASP C 360 -65.84 -7.27 14.54
N ILE C 361 -66.11 -6.45 15.54
CA ILE C 361 -66.38 -6.94 16.90
C ILE C 361 -67.86 -6.77 17.12
N ILE C 362 -68.55 -7.87 17.38
CA ILE C 362 -69.99 -7.91 17.54
C ILE C 362 -70.37 -8.45 18.92
N THR C 363 -71.56 -8.11 19.42
CA THR C 363 -71.99 -8.55 20.76
C THR C 363 -73.16 -9.52 20.65
N ALA C 364 -72.97 -10.74 21.20
CA ALA C 364 -74.02 -11.75 21.21
C ALA C 364 -75.06 -11.37 22.29
N SER C 365 -76.25 -11.98 22.25
CA SER C 365 -77.35 -11.76 23.18
C SER C 365 -77.04 -12.10 24.64
N ASN C 366 -75.95 -12.84 24.93
CA ASN C 366 -75.54 -13.12 26.31
C ASN C 366 -74.46 -12.12 26.76
N GLY C 367 -74.20 -11.10 25.94
CA GLY C 367 -73.23 -10.04 26.28
C GLY C 367 -71.79 -10.33 25.87
N LYS C 368 -71.50 -11.54 25.34
CA LYS C 368 -70.13 -11.86 24.94
C LYS C 368 -69.75 -11.12 23.65
N THR C 369 -68.59 -10.43 23.66
CA THR C 369 -68.11 -9.77 22.46
C THR C 369 -67.32 -10.78 21.66
N ILE C 370 -67.51 -10.78 20.34
CA ILE C 370 -66.88 -11.73 19.42
C ILE C 370 -66.11 -10.99 18.34
N GLU C 371 -64.87 -11.39 18.13
CA GLU C 371 -64.08 -10.83 17.04
C GLU C 371 -64.27 -11.75 15.82
N VAL C 372 -64.80 -11.20 14.73
CA VAL C 372 -65.05 -11.95 13.49
C VAL C 372 -63.70 -12.12 12.78
N GLY C 373 -63.24 -13.36 12.64
CA GLY C 373 -61.97 -13.61 11.96
C GLY C 373 -62.23 -13.95 10.50
N ASN C 374 -63.43 -14.46 10.19
CA ASN C 374 -63.76 -14.87 8.82
C ASN C 374 -65.27 -14.85 8.66
N THR C 375 -65.78 -14.05 7.73
CA THR C 375 -67.23 -13.91 7.51
C THR C 375 -67.91 -15.20 7.02
N ASP C 376 -67.11 -16.18 6.59
CA ASP C 376 -67.60 -17.48 6.11
C ASP C 376 -67.79 -18.48 7.26
N ALA C 377 -67.43 -18.10 8.49
CA ALA C 377 -67.73 -18.93 9.64
C ALA C 377 -69.02 -18.32 10.28
N GLU C 378 -70.02 -18.03 9.41
CA GLU C 378 -71.24 -17.37 9.82
C GLU C 378 -72.21 -18.22 10.63
N GLY C 379 -72.24 -19.52 10.35
CA GLY C 379 -73.16 -20.47 10.98
C GLY C 379 -73.05 -20.46 12.48
N ARG C 380 -71.82 -20.46 13.02
CA ARG C 380 -71.59 -20.46 14.46
C ARG C 380 -72.08 -19.17 15.14
N LEU C 381 -72.08 -18.03 14.40
CA LEU C 381 -72.57 -16.74 14.90
C LEU C 381 -74.08 -16.76 15.04
N THR C 382 -74.78 -17.28 14.02
CA THR C 382 -76.25 -17.38 14.07
C THR C 382 -76.66 -18.38 15.16
N LEU C 383 -75.92 -19.51 15.24
CA LEU C 383 -76.17 -20.54 16.25
C LEU C 383 -75.92 -20.06 17.66
N ALA C 384 -74.91 -19.21 17.88
CA ALA C 384 -74.59 -18.65 19.21
C ALA C 384 -75.84 -17.93 19.77
N ASP C 385 -76.46 -17.05 18.97
CA ASP C 385 -77.66 -16.35 19.44
C ASP C 385 -78.87 -17.30 19.54
N ALA C 386 -78.99 -18.29 18.64
CA ALA C 386 -80.11 -19.27 18.73
C ALA C 386 -79.97 -20.13 19.98
N LEU C 387 -78.73 -20.47 20.38
CA LEU C 387 -78.44 -21.26 21.57
C LEU C 387 -78.76 -20.50 22.86
N VAL C 388 -78.44 -19.19 22.90
CA VAL C 388 -78.75 -18.32 24.05
C VAL C 388 -80.28 -18.26 24.19
N TYR C 389 -80.98 -18.07 23.06
CA TYR C 389 -82.45 -18.05 23.01
C TYR C 389 -83.03 -19.38 23.53
N ALA C 390 -82.51 -20.53 23.04
CA ALA C 390 -82.96 -21.87 23.44
C ALA C 390 -82.79 -22.08 24.94
N GLU C 391 -81.63 -21.68 25.50
CA GLU C 391 -81.37 -21.88 26.92
C GLU C 391 -82.31 -21.06 27.82
N LYS C 392 -82.70 -19.85 27.35
CA LYS C 392 -83.68 -19.01 28.08
C LYS C 392 -85.05 -19.67 28.17
N LEU C 393 -85.33 -20.68 27.31
CA LEU C 393 -86.62 -21.40 27.34
C LEU C 393 -86.75 -22.37 28.53
N GLY C 394 -85.64 -22.67 29.21
CA GLY C 394 -85.60 -23.59 30.34
C GLY C 394 -85.90 -25.01 29.93
N VAL C 395 -85.12 -25.54 28.99
CA VAL C 395 -85.32 -26.90 28.46
C VAL C 395 -84.36 -27.89 29.12
N ASP C 396 -84.63 -29.19 28.95
CA ASP C 396 -83.77 -30.26 29.45
C ASP C 396 -82.63 -30.54 28.49
N TYR C 397 -82.90 -30.50 27.17
CA TYR C 397 -81.90 -30.74 26.14
C TYR C 397 -81.99 -29.72 25.04
N ILE C 398 -80.81 -29.31 24.55
CA ILE C 398 -80.68 -28.45 23.38
C ILE C 398 -79.91 -29.29 22.38
N VAL C 399 -80.48 -29.49 21.19
CA VAL C 399 -79.78 -30.22 20.14
C VAL C 399 -79.75 -29.30 18.93
N ASP C 400 -78.55 -28.99 18.44
CA ASP C 400 -78.44 -28.22 17.22
C ASP C 400 -77.98 -29.13 16.07
N ILE C 401 -78.39 -28.80 14.86
CA ILE C 401 -78.05 -29.55 13.65
C ILE C 401 -77.68 -28.52 12.58
N ALA C 402 -76.51 -28.68 11.97
CA ALA C 402 -75.99 -27.65 11.06
C ALA C 402 -74.97 -28.17 10.05
N THR C 403 -74.97 -27.58 8.84
CA THR C 403 -73.98 -27.84 7.79
C THR C 403 -72.86 -26.85 8.11
N LEU C 404 -72.16 -27.10 9.20
CA LEU C 404 -71.19 -26.18 9.74
C LEU C 404 -69.82 -26.13 9.15
N THR C 405 -69.16 -27.30 9.01
CA THR C 405 -67.77 -27.30 8.56
C THR C 405 -67.49 -28.27 7.44
N GLY C 406 -66.75 -27.76 6.45
CA GLY C 406 -66.32 -28.55 5.30
C GLY C 406 -65.36 -29.65 5.70
N ALA C 407 -64.66 -29.49 6.85
CA ALA C 407 -63.74 -30.52 7.36
C ALA C 407 -64.44 -31.86 7.67
N MET C 408 -65.78 -31.85 7.85
CA MET C 408 -66.54 -33.09 8.05
C MET C 408 -66.33 -34.06 6.87
N LEU C 409 -66.23 -33.52 5.64
CA LEU C 409 -65.99 -34.33 4.44
C LEU C 409 -64.64 -35.08 4.52
N TYR C 410 -63.67 -34.51 5.24
CA TYR C 410 -62.34 -35.10 5.40
C TYR C 410 -62.26 -36.00 6.63
N SER C 411 -63.10 -35.76 7.63
CA SER C 411 -63.05 -36.56 8.85
C SER C 411 -63.95 -37.79 8.78
N LEU C 412 -65.26 -37.61 8.51
CA LEU C 412 -66.19 -38.72 8.47
C LEU C 412 -66.71 -39.03 7.06
N GLY C 413 -66.55 -38.08 6.16
CA GLY C 413 -67.02 -38.25 4.78
C GLY C 413 -68.50 -37.94 4.59
N THR C 414 -69.11 -38.62 3.63
CA THR C 414 -70.50 -38.38 3.22
C THR C 414 -71.57 -39.26 3.84
N SER C 415 -71.20 -40.30 4.62
CA SER C 415 -72.19 -41.21 5.22
C SER C 415 -72.54 -40.95 6.67
N TYR C 416 -71.54 -40.63 7.49
CA TYR C 416 -71.73 -40.43 8.93
C TYR C 416 -71.63 -38.98 9.30
N ALA C 417 -72.62 -38.47 10.05
CA ALA C 417 -72.58 -37.09 10.58
C ALA C 417 -71.76 -37.17 11.88
N GLY C 418 -71.24 -36.03 12.32
CA GLY C 418 -70.50 -35.98 13.59
C GLY C 418 -71.36 -35.39 14.68
N VAL C 419 -71.27 -35.93 15.90
CA VAL C 419 -71.99 -35.39 17.05
C VAL C 419 -70.95 -34.98 18.12
N PHE C 420 -71.13 -33.78 18.64
CA PHE C 420 -70.25 -33.21 19.69
C PHE C 420 -71.21 -32.77 20.81
N GLY C 421 -70.74 -32.67 22.04
CA GLY C 421 -71.61 -32.21 23.11
C GLY C 421 -70.92 -32.02 24.44
N ASN C 422 -71.66 -31.46 25.42
CA ASN C 422 -71.16 -31.21 26.77
C ASN C 422 -71.72 -32.21 27.77
N ASN C 423 -72.51 -33.18 27.29
CA ASN C 423 -73.21 -34.14 28.17
C ASN C 423 -73.25 -35.54 27.56
N GLU C 424 -72.61 -36.51 28.24
CA GLU C 424 -72.51 -37.89 27.75
C GLU C 424 -73.85 -38.61 27.60
N GLU C 425 -74.79 -38.41 28.55
CA GLU C 425 -76.11 -39.02 28.51
C GLU C 425 -76.87 -38.56 27.26
N LEU C 426 -76.82 -37.25 26.94
CA LEU C 426 -77.47 -36.71 25.75
C LEU C 426 -76.81 -37.26 24.47
N ILE C 427 -75.48 -37.32 24.42
CA ILE C 427 -74.74 -37.89 23.27
C ILE C 427 -75.21 -39.33 23.03
N ASN C 428 -75.28 -40.13 24.09
CA ASN C 428 -75.74 -41.54 24.00
C ASN C 428 -77.16 -41.66 23.48
N LYS C 429 -78.06 -40.74 23.87
CA LYS C 429 -79.45 -40.70 23.39
C LYS C 429 -79.47 -40.43 21.89
N ILE C 430 -78.57 -39.53 21.40
CA ILE C 430 -78.46 -39.23 19.97
C ILE C 430 -77.93 -40.47 19.23
N LEU C 431 -76.90 -41.13 19.81
CA LEU C 431 -76.33 -42.35 19.21
C LEU C 431 -77.40 -43.46 19.13
N GLN C 432 -78.23 -43.59 20.16
CA GLN C 432 -79.31 -44.58 20.15
C GLN C 432 -80.37 -44.22 19.07
N SER C 433 -80.70 -42.92 18.93
CA SER C 433 -81.66 -42.44 17.92
C SER C 433 -81.11 -42.66 16.52
N SER C 434 -79.77 -42.59 16.36
CA SER C 434 -79.06 -42.84 15.12
C SER C 434 -79.25 -44.30 14.71
N LYS C 435 -79.15 -45.22 15.68
CA LYS C 435 -79.34 -46.65 15.43
C LYS C 435 -80.78 -47.01 15.01
N THR C 436 -81.78 -46.43 15.66
CA THR C 436 -83.19 -46.76 15.36
C THR C 436 -83.73 -46.03 14.13
N SER C 437 -83.17 -44.84 13.80
CA SER C 437 -83.56 -44.10 12.60
C SER C 437 -82.79 -44.57 11.38
N ASN C 438 -81.66 -45.25 11.60
CA ASN C 438 -80.72 -45.72 10.58
C ASN C 438 -80.07 -44.55 9.82
N GLU C 439 -79.90 -43.39 10.51
CA GLU C 439 -79.22 -42.19 9.99
C GLU C 439 -77.92 -42.15 10.77
N PRO C 440 -76.79 -42.61 10.15
CA PRO C 440 -75.55 -42.77 10.94
C PRO C 440 -74.85 -41.53 11.45
N VAL C 441 -74.42 -41.62 12.71
CA VAL C 441 -73.75 -40.54 13.45
C VAL C 441 -72.55 -41.11 14.22
N TRP C 442 -71.45 -40.35 14.34
CA TRP C 442 -70.29 -40.79 15.11
C TRP C 442 -69.91 -39.72 16.11
N TRP C 443 -69.61 -40.14 17.34
CA TRP C 443 -69.26 -39.21 18.40
C TRP C 443 -67.82 -38.70 18.23
N LEU C 444 -67.68 -37.37 18.18
CA LEU C 444 -66.40 -36.71 18.03
C LEU C 444 -66.13 -35.85 19.27
N PRO C 445 -64.85 -35.66 19.67
CA PRO C 445 -64.59 -34.94 20.94
C PRO C 445 -64.57 -33.43 20.85
N ILE C 446 -64.87 -32.77 21.97
CA ILE C 446 -64.69 -31.34 22.10
C ILE C 446 -63.38 -31.27 22.91
N ILE C 447 -62.28 -30.98 22.21
CA ILE C 447 -60.94 -30.98 22.84
C ILE C 447 -60.67 -29.62 23.50
N ASN C 448 -60.77 -29.59 24.82
CA ASN C 448 -60.59 -28.40 25.65
C ASN C 448 -59.25 -27.70 25.48
N GLU C 449 -58.19 -28.45 25.12
CA GLU C 449 -56.86 -27.89 24.89
C GLU C 449 -56.87 -26.84 23.76
N TYR C 450 -57.82 -26.96 22.81
CA TYR C 450 -57.89 -26.01 21.69
C TYR C 450 -58.61 -24.71 22.05
N ARG C 451 -59.28 -24.64 23.22
CA ARG C 451 -60.01 -23.44 23.66
C ARG C 451 -59.15 -22.17 23.64
N ALA C 452 -57.88 -22.26 24.05
CA ALA C 452 -56.95 -21.12 24.08
C ALA C 452 -56.75 -20.47 22.70
N THR C 453 -57.01 -21.22 21.60
CA THR C 453 -56.88 -20.68 20.23
C THR C 453 -57.99 -19.66 19.93
N LEU C 454 -59.06 -19.65 20.76
CA LEU C 454 -60.19 -18.73 20.61
C LEU C 454 -60.03 -17.49 21.49
N ASN C 455 -58.88 -17.35 22.19
CA ASN C 455 -58.63 -16.17 23.00
C ASN C 455 -58.34 -14.99 22.10
N SER C 456 -59.17 -13.94 22.19
CA SER C 456 -59.02 -12.74 21.37
C SER C 456 -58.22 -11.71 22.15
N LYS C 457 -57.40 -10.91 21.47
CA LYS C 457 -56.63 -9.85 22.12
C LYS C 457 -57.58 -8.70 22.57
N TYR C 458 -58.65 -8.45 21.81
CA TYR C 458 -59.59 -7.33 22.03
C TYR C 458 -60.97 -7.71 22.51
N ALA C 459 -61.62 -8.69 21.86
CA ALA C 459 -62.96 -9.13 22.22
C ALA C 459 -62.89 -10.19 23.31
N ASP C 460 -64.05 -10.62 23.85
CA ASP C 460 -64.07 -11.69 24.85
C ASP C 460 -63.65 -13.02 24.23
N ILE C 461 -63.96 -13.22 22.93
CA ILE C 461 -63.64 -14.45 22.22
C ILE C 461 -63.48 -14.23 20.73
N ASN C 462 -62.68 -15.10 20.09
CA ASN C 462 -62.52 -15.16 18.64
C ASN C 462 -63.58 -16.10 18.10
N GLN C 463 -64.11 -15.78 16.93
CA GLN C 463 -65.08 -16.61 16.21
C GLN C 463 -64.30 -17.88 15.70
N ILE C 464 -63.05 -17.71 15.23
CA ILE C 464 -62.23 -18.79 14.67
C ILE C 464 -60.86 -18.86 15.32
N SER C 465 -60.22 -20.00 15.15
CA SER C 465 -58.85 -20.21 15.58
C SER C 465 -57.91 -19.65 14.50
N SER C 466 -56.70 -19.22 14.90
CA SER C 466 -55.62 -18.78 13.99
C SER C 466 -54.28 -18.73 14.70
N LYS C 469 -56.24 -26.43 12.91
CA LYS C 469 -56.93 -26.79 11.68
C LYS C 469 -58.13 -27.77 11.94
N ALA C 470 -58.28 -28.31 13.22
CA ALA C 470 -59.38 -29.18 13.70
C ALA C 470 -60.66 -28.30 13.77
N SER C 471 -61.08 -27.80 12.61
CA SER C 471 -62.19 -26.86 12.42
C SER C 471 -63.50 -27.24 13.04
N SER C 472 -63.91 -28.52 12.87
CA SER C 472 -65.21 -28.94 13.39
C SER C 472 -65.21 -28.94 14.92
N ILE C 473 -64.04 -29.22 15.52
CA ILE C 473 -63.88 -29.24 16.99
C ILE C 473 -63.85 -27.81 17.51
N VAL C 474 -63.08 -26.92 16.85
CA VAL C 474 -63.00 -25.51 17.25
C VAL C 474 -64.40 -24.85 17.15
N ALA C 475 -65.16 -25.14 16.08
CA ALA C 475 -66.53 -24.62 15.94
C ALA C 475 -67.41 -25.08 17.13
N SER C 476 -67.26 -26.34 17.56
CA SER C 476 -67.99 -26.90 18.72
C SER C 476 -67.57 -26.22 20.02
N LEU C 477 -66.26 -25.88 20.19
CA LEU C 477 -65.77 -25.16 21.37
C LEU C 477 -66.38 -23.77 21.42
N PHE C 478 -66.51 -23.12 20.25
CA PHE C 478 -67.13 -21.80 20.18
C PHE C 478 -68.61 -21.89 20.62
N LEU C 479 -69.35 -22.87 20.10
CA LEU C 479 -70.78 -23.04 20.40
C LEU C 479 -71.01 -23.34 21.87
N LYS C 480 -70.11 -24.14 22.46
CA LYS C 480 -70.15 -24.51 23.88
C LYS C 480 -70.16 -23.28 24.80
N GLU C 481 -69.51 -22.17 24.36
CA GLU C 481 -69.47 -20.91 25.14
C GLU C 481 -70.85 -20.23 25.24
N PHE C 482 -71.85 -20.69 24.46
CA PHE C 482 -73.19 -20.11 24.42
C PHE C 482 -74.25 -20.95 25.12
N VAL C 483 -73.80 -22.01 25.82
CA VAL C 483 -74.64 -22.90 26.62
C VAL C 483 -74.00 -22.93 28.02
N GLN C 484 -74.69 -22.34 28.99
CA GLN C 484 -74.13 -22.22 30.34
C GLN C 484 -74.32 -23.42 31.24
N ASN C 485 -75.57 -23.94 31.32
CA ASN C 485 -75.88 -25.02 32.25
C ASN C 485 -76.99 -25.95 31.77
N THR C 486 -76.95 -26.29 30.48
CA THR C 486 -77.96 -27.20 29.90
C THR C 486 -77.23 -28.26 29.09
N ALA C 487 -77.76 -29.49 29.09
CA ALA C 487 -77.24 -30.61 28.31
C ALA C 487 -77.44 -30.20 26.84
N TRP C 488 -76.35 -30.18 26.08
CA TRP C 488 -76.35 -29.74 24.70
C TRP C 488 -75.53 -30.67 23.80
N ALA C 489 -76.03 -30.91 22.58
CA ALA C 489 -75.34 -31.68 21.56
C ALA C 489 -75.44 -30.94 20.25
N HIS C 490 -74.42 -31.10 19.40
CA HIS C 490 -74.29 -30.41 18.13
C HIS C 490 -74.01 -31.46 17.06
N ILE C 491 -74.85 -31.49 16.03
CA ILE C 491 -74.72 -32.48 14.95
C ILE C 491 -74.25 -31.76 13.70
N ASP C 492 -73.00 -32.03 13.28
CA ASP C 492 -72.46 -31.40 12.07
C ASP C 492 -72.77 -32.29 10.87
N ILE C 493 -73.69 -31.80 10.02
CA ILE C 493 -74.18 -32.51 8.83
C ILE C 493 -73.62 -31.96 7.50
N ALA C 494 -72.55 -31.15 7.56
CA ALA C 494 -71.94 -30.57 6.35
C ALA C 494 -71.53 -31.62 5.31
N GLY C 495 -71.06 -32.77 5.78
CA GLY C 495 -70.62 -33.84 4.88
C GLY C 495 -71.71 -34.76 4.39
N VAL C 496 -72.76 -34.97 5.19
CA VAL C 496 -73.85 -35.92 4.89
C VAL C 496 -75.10 -35.36 4.25
N SER C 497 -75.33 -34.05 4.32
CA SER C 497 -76.58 -33.47 3.85
C SER C 497 -76.90 -33.67 2.37
N TRP C 498 -75.89 -33.50 1.51
CA TRP C 498 -76.06 -33.58 0.08
C TRP C 498 -75.63 -34.89 -0.47
N ASN C 499 -76.48 -35.51 -1.30
CA ASN C 499 -76.13 -36.76 -1.97
C ASN C 499 -75.48 -36.38 -3.30
N PHE C 500 -74.13 -36.33 -3.31
CA PHE C 500 -73.38 -35.91 -4.50
C PHE C 500 -73.61 -36.79 -5.71
N LYS C 501 -73.64 -38.14 -5.52
CA LYS C 501 -73.87 -39.09 -6.63
C LYS C 501 -75.27 -38.91 -7.28
N ALA C 502 -76.34 -38.81 -6.46
CA ALA C 502 -77.71 -38.65 -6.97
C ALA C 502 -78.08 -37.17 -7.29
N ARG C 503 -77.20 -36.20 -6.96
CA ARG C 503 -77.39 -34.76 -7.19
C ARG C 503 -78.65 -34.22 -6.51
N LYS C 504 -78.88 -34.64 -5.24
CA LYS C 504 -80.08 -34.25 -4.51
C LYS C 504 -79.84 -34.23 -3.00
N PRO C 505 -80.68 -33.54 -2.19
CA PRO C 505 -80.48 -33.60 -0.74
C PRO C 505 -80.93 -34.96 -0.19
N LYS C 506 -80.50 -35.27 1.03
CA LYS C 506 -80.92 -36.48 1.70
C LYS C 506 -82.09 -36.23 2.64
N GLY C 507 -82.25 -34.99 3.08
CA GLY C 507 -83.21 -34.65 4.12
C GLY C 507 -82.71 -35.23 5.44
N PHE C 508 -81.38 -35.31 5.58
CA PHE C 508 -80.69 -35.91 6.73
C PHE C 508 -81.04 -35.25 8.05
N GLY C 509 -81.36 -36.09 9.04
CA GLY C 509 -81.61 -35.61 10.39
C GLY C 509 -83.05 -35.62 10.83
N VAL C 510 -84.01 -35.62 9.87
CA VAL C 510 -85.43 -35.62 10.23
C VAL C 510 -85.77 -36.84 11.09
N ARG C 511 -85.42 -38.03 10.59
CA ARG C 511 -85.74 -39.28 11.27
C ARG C 511 -84.97 -39.44 12.55
N LEU C 512 -83.69 -39.01 12.56
CA LEU C 512 -82.81 -39.03 13.73
C LEU C 512 -83.43 -38.18 14.85
N LEU C 513 -83.83 -36.92 14.55
CA LEU C 513 -84.42 -36.03 15.54
C LEU C 513 -85.81 -36.49 16.00
N THR C 514 -86.62 -37.06 15.09
CA THR C 514 -87.93 -37.56 15.47
C THR C 514 -87.80 -38.76 16.42
N GLU C 515 -86.89 -39.70 16.09
CA GLU C 515 -86.63 -40.87 16.96
C GLU C 515 -86.15 -40.42 18.33
N PHE C 516 -85.31 -39.37 18.35
CA PHE C 516 -84.83 -38.77 19.60
C PHE C 516 -86.00 -38.24 20.46
N VAL C 517 -86.91 -37.47 19.86
CA VAL C 517 -88.09 -36.90 20.54
C VAL C 517 -89.04 -38.03 21.00
N LEU C 518 -89.33 -39.00 20.12
CA LEU C 518 -90.27 -40.11 20.36
C LEU C 518 -89.79 -41.12 21.39
N ASN C 519 -88.51 -41.53 21.32
CA ASN C 519 -87.95 -42.52 22.24
C ASN C 519 -87.52 -41.97 23.61
N ASP C 520 -87.66 -40.66 23.83
CA ASP C 520 -87.35 -40.02 25.11
C ASP C 520 -88.50 -40.25 26.11
N ALA D 2 -24.63 -55.03 11.61
CA ALA D 2 -24.54 -53.63 11.20
C ALA D 2 -24.15 -53.50 9.74
N SER D 3 -24.95 -52.73 8.97
CA SER D 3 -24.71 -52.47 7.56
C SER D 3 -23.97 -51.16 7.33
N GLU D 4 -23.20 -51.09 6.25
CA GLU D 4 -22.42 -49.90 5.91
C GLU D 4 -23.35 -48.85 5.29
N VAL D 5 -23.36 -47.66 5.87
CA VAL D 5 -24.20 -46.58 5.33
C VAL D 5 -23.56 -45.95 4.10
N PRO D 6 -24.25 -45.95 2.94
CA PRO D 6 -23.68 -45.32 1.74
C PRO D 6 -23.59 -43.80 1.90
N GLN D 7 -22.58 -43.19 1.28
CA GLN D 7 -22.30 -41.77 1.34
C GLN D 7 -22.18 -41.24 -0.08
N VAL D 8 -22.53 -39.96 -0.29
CA VAL D 8 -22.34 -39.30 -1.59
C VAL D 8 -20.97 -38.62 -1.50
N VAL D 9 -20.73 -37.91 -0.40
CA VAL D 9 -19.46 -37.25 -0.11
C VAL D 9 -18.94 -37.80 1.23
N SER D 10 -17.63 -37.68 1.50
CA SER D 10 -17.05 -38.18 2.75
C SER D 10 -17.58 -37.45 3.99
N LEU D 11 -18.22 -36.28 3.79
CA LEU D 11 -18.79 -35.48 4.88
C LEU D 11 -20.18 -35.98 5.30
N ASP D 12 -20.76 -36.91 4.53
CA ASP D 12 -22.08 -37.46 4.87
C ASP D 12 -21.97 -38.32 6.13
N PRO D 13 -22.85 -38.10 7.13
CA PRO D 13 -22.77 -38.91 8.36
C PRO D 13 -23.12 -40.38 8.13
N THR D 14 -22.50 -41.27 8.93
CA THR D 14 -22.72 -42.72 8.79
C THR D 14 -23.43 -43.37 10.00
N SER D 15 -23.87 -42.56 10.96
CA SER D 15 -24.64 -43.06 12.10
C SER D 15 -25.49 -41.95 12.70
N ILE D 16 -26.52 -42.32 13.45
CA ILE D 16 -27.35 -41.39 14.18
C ILE D 16 -26.66 -41.21 15.54
N PRO D 17 -26.27 -39.98 15.96
CA PRO D 17 -25.74 -39.81 17.33
C PRO D 17 -26.90 -40.02 18.33
N ILE D 18 -26.66 -40.82 19.36
CA ILE D 18 -27.68 -41.13 20.38
C ILE D 18 -27.10 -40.90 21.77
N GLU D 19 -27.84 -40.21 22.62
CA GLU D 19 -27.47 -39.97 24.02
C GLU D 19 -28.29 -40.95 24.84
N TYR D 20 -27.64 -41.92 25.50
CA TYR D 20 -28.30 -42.91 26.37
C TYR D 20 -28.25 -42.42 27.83
N ASN D 21 -27.06 -42.00 28.32
CA ASN D 21 -26.87 -41.50 29.68
C ASN D 21 -27.17 -40.02 29.67
N THR D 22 -28.38 -39.65 30.06
CA THR D 22 -28.78 -38.24 30.04
C THR D 22 -28.66 -37.64 31.45
N PRO D 23 -28.59 -36.29 31.59
CA PRO D 23 -28.57 -35.68 32.94
C PRO D 23 -29.81 -36.01 33.78
N ILE D 24 -30.95 -36.33 33.14
CA ILE D 24 -32.16 -36.76 33.85
C ILE D 24 -31.89 -38.02 34.66
N HIS D 25 -31.07 -38.93 34.11
CA HIS D 25 -30.70 -40.19 34.78
C HIS D 25 -29.92 -39.96 36.08
N ASP D 26 -29.30 -38.77 36.23
CA ASP D 26 -28.51 -38.43 37.42
C ASP D 26 -29.32 -37.74 38.51
N ILE D 27 -30.62 -37.51 38.27
CA ILE D 27 -31.47 -36.85 39.25
C ILE D 27 -31.94 -37.85 40.32
N LYS D 28 -31.60 -37.59 41.58
CA LYS D 28 -32.04 -38.39 42.74
C LYS D 28 -33.40 -37.85 43.16
N VAL D 29 -34.43 -38.69 43.10
CA VAL D 29 -35.81 -38.29 43.39
C VAL D 29 -36.25 -38.78 44.78
N GLN D 30 -36.83 -37.88 45.60
CA GLN D 30 -37.34 -38.21 46.93
C GLN D 30 -38.79 -37.72 47.01
N VAL D 31 -39.68 -38.59 47.50
CA VAL D 31 -41.10 -38.27 47.64
C VAL D 31 -41.45 -38.26 49.14
N TYR D 32 -42.00 -37.14 49.61
CA TYR D 32 -42.37 -36.96 51.01
C TYR D 32 -43.85 -36.68 51.12
N ASP D 33 -44.46 -37.06 52.26
CA ASP D 33 -45.87 -36.78 52.47
C ASP D 33 -46.06 -35.30 52.84
N ILE D 34 -47.05 -34.64 52.21
CA ILE D 34 -47.36 -33.23 52.46
C ILE D 34 -47.81 -32.97 53.93
N LYS D 35 -48.46 -33.95 54.61
CA LYS D 35 -48.95 -33.80 55.99
C LYS D 35 -47.93 -33.39 57.02
N GLY D 36 -46.67 -33.75 56.83
CA GLY D 36 -45.61 -33.45 57.81
C GLY D 36 -44.95 -32.09 57.69
N GLY D 37 -45.42 -31.24 56.78
CA GLY D 37 -44.81 -29.92 56.57
C GLY D 37 -43.67 -29.97 55.57
N CYS D 38 -43.25 -28.82 55.03
CA CYS D 38 -42.21 -28.77 54.00
C CYS D 38 -40.87 -28.23 54.49
N ASN D 39 -39.78 -28.92 54.11
CA ASN D 39 -38.41 -28.46 54.41
C ASN D 39 -37.96 -27.64 53.19
N VAL D 40 -37.74 -26.33 53.36
CA VAL D 40 -37.39 -25.42 52.28
C VAL D 40 -35.96 -24.86 52.34
N GLU D 41 -35.07 -25.55 53.04
CA GLU D 41 -33.68 -25.13 53.22
C GLU D 41 -32.71 -25.15 52.00
N GLU D 42 -33.06 -25.76 50.85
CA GLU D 42 -32.15 -25.81 49.69
C GLU D 42 -32.82 -25.61 48.30
N GLY D 43 -32.13 -24.93 47.38
CA GLY D 43 -32.53 -24.72 45.98
C GLY D 43 -33.87 -24.06 45.69
N LEU D 44 -34.55 -24.53 44.62
CA LEU D 44 -35.84 -23.96 44.22
C LEU D 44 -37.01 -24.77 44.77
N THR D 45 -37.94 -24.08 45.44
CA THR D 45 -39.16 -24.72 45.93
C THR D 45 -40.36 -24.11 45.20
N ILE D 46 -41.11 -24.94 44.50
CA ILE D 46 -42.29 -24.50 43.76
C ILE D 46 -43.54 -25.16 44.29
N PHE D 47 -44.53 -24.32 44.60
CA PHE D 47 -45.84 -24.78 45.05
C PHE D 47 -46.79 -24.80 43.85
N LEU D 48 -47.52 -25.91 43.67
CA LEU D 48 -48.54 -26.03 42.62
C LEU D 48 -49.85 -25.68 43.32
N VAL D 49 -50.40 -24.51 42.99
CA VAL D 49 -51.55 -23.96 43.68
C VAL D 49 -52.73 -23.57 42.77
N ASN D 50 -53.93 -23.87 43.22
CA ASN D 50 -55.13 -23.52 42.47
C ASN D 50 -56.07 -22.70 43.36
N ASN D 51 -57.23 -22.33 42.84
CA ASN D 51 -58.25 -21.62 43.61
C ASN D 51 -59.60 -22.05 43.04
N PRO D 52 -60.17 -23.17 43.53
CA PRO D 52 -61.45 -23.66 42.97
C PRO D 52 -62.59 -22.64 43.06
N GLY D 53 -63.28 -22.48 41.94
CA GLY D 53 -64.38 -21.54 41.81
C GLY D 53 -63.95 -20.17 41.36
N LYS D 54 -63.08 -19.50 42.19
CA LYS D 54 -62.55 -18.15 41.95
C LYS D 54 -61.60 -18.11 40.76
N GLU D 55 -62.15 -17.83 39.55
CA GLU D 55 -61.41 -17.75 38.29
C GLU D 55 -60.33 -16.69 38.40
N ASN D 56 -59.06 -17.08 38.15
CA ASN D 56 -57.85 -16.24 38.27
C ASN D 56 -57.80 -15.64 39.67
N GLY D 57 -58.25 -16.41 40.66
CA GLY D 57 -58.28 -15.99 42.04
C GLY D 57 -56.89 -15.90 42.64
N PRO D 58 -56.79 -15.34 43.86
CA PRO D 58 -55.45 -15.20 44.47
C PRO D 58 -54.78 -16.51 44.88
N VAL D 59 -53.44 -16.46 44.97
CA VAL D 59 -52.58 -17.55 45.42
C VAL D 59 -52.66 -17.55 46.95
N LYS D 60 -52.85 -18.73 47.57
CA LYS D 60 -52.85 -18.92 49.01
C LYS D 60 -52.12 -20.27 49.27
N ILE D 61 -51.04 -20.25 50.08
CA ILE D 61 -50.23 -21.43 50.36
C ILE D 61 -50.66 -22.02 51.70
N SER D 62 -51.10 -23.27 51.69
CA SER D 62 -51.58 -23.94 52.90
C SER D 62 -50.52 -24.64 53.73
N SER D 63 -49.51 -25.26 53.08
CA SER D 63 -48.44 -26.00 53.77
C SER D 63 -47.64 -25.19 54.77
N LYS D 64 -47.29 -25.84 55.88
CA LYS D 64 -46.40 -25.29 56.88
C LYS D 64 -45.01 -25.57 56.36
N VAL D 65 -44.15 -24.55 56.41
CA VAL D 65 -42.76 -24.69 55.98
C VAL D 65 -41.88 -24.48 57.19
N ASN D 66 -40.86 -25.32 57.34
CA ASN D 66 -39.94 -25.29 58.48
C ASN D 66 -38.83 -24.23 58.36
N ASP D 67 -39.17 -23.03 57.87
CA ASP D 67 -38.24 -21.91 57.78
C ASP D 67 -39.02 -20.63 58.05
N LYS D 68 -38.54 -19.83 59.03
CA LYS D 68 -39.20 -18.58 59.44
C LYS D 68 -39.21 -17.54 58.33
N GLN D 69 -38.06 -17.38 57.61
CA GLN D 69 -37.94 -16.44 56.49
C GLN D 69 -38.91 -16.78 55.38
N VAL D 70 -38.94 -18.06 54.98
CA VAL D 70 -39.80 -18.54 53.91
C VAL D 70 -41.28 -18.49 54.32
N SER D 71 -41.61 -18.80 55.60
CA SER D 71 -43.01 -18.72 56.08
C SER D 71 -43.53 -17.28 55.94
N GLU D 72 -42.69 -16.30 56.30
CA GLU D 72 -43.02 -14.89 56.19
C GLU D 72 -43.25 -14.49 54.73
N PHE D 73 -42.39 -14.95 53.80
CA PHE D 73 -42.55 -14.67 52.37
C PHE D 73 -43.89 -15.23 51.87
N LEU D 74 -44.25 -16.43 52.36
CA LEU D 74 -45.43 -17.19 51.96
C LEU D 74 -46.75 -16.77 52.60
N LYS D 75 -46.73 -15.72 53.45
CA LYS D 75 -47.95 -15.22 54.12
C LYS D 75 -49.00 -14.78 53.12
N ASP D 76 -50.29 -14.95 53.48
CA ASP D 76 -51.43 -14.66 52.62
C ASP D 76 -51.39 -13.28 51.97
N GLU D 77 -51.01 -12.24 52.75
CA GLU D 77 -50.92 -10.83 52.29
C GLU D 77 -49.93 -10.69 51.13
N ASN D 78 -48.80 -11.42 51.18
CA ASN D 78 -47.81 -11.41 50.08
C ASN D 78 -48.27 -12.21 48.88
N MET D 79 -48.89 -13.37 49.13
CA MET D 79 -49.30 -14.28 48.07
C MET D 79 -50.52 -13.85 47.27
N GLU D 80 -51.41 -13.05 47.89
CA GLU D 80 -52.62 -12.56 47.26
C GLU D 80 -52.33 -11.59 46.10
N LYS D 81 -51.09 -11.06 46.06
CA LYS D 81 -50.62 -10.14 45.01
C LYS D 81 -50.54 -10.87 43.67
N PHE D 82 -50.47 -12.22 43.75
CA PHE D 82 -50.34 -13.13 42.63
C PHE D 82 -51.63 -13.91 42.44
N ASN D 83 -51.85 -14.39 41.21
CA ASN D 83 -53.05 -15.14 40.88
C ASN D 83 -52.75 -16.54 40.31
N VAL D 84 -53.77 -17.42 40.33
CA VAL D 84 -53.65 -18.83 39.92
C VAL D 84 -53.84 -19.13 38.44
N LYS D 85 -53.99 -18.10 37.56
CA LYS D 85 -54.20 -18.36 36.12
C LYS D 85 -53.25 -19.45 35.65
N LEU D 86 -53.81 -20.50 35.05
CA LEU D 86 -53.07 -21.69 34.59
C LEU D 86 -51.76 -21.35 33.87
N GLY D 87 -50.65 -21.80 34.44
CA GLY D 87 -49.32 -21.58 33.89
C GLY D 87 -48.62 -20.34 34.35
N THR D 88 -49.32 -19.42 35.04
CA THR D 88 -48.70 -18.19 35.55
C THR D 88 -47.71 -18.61 36.65
N SER D 89 -46.53 -17.98 36.70
CA SER D 89 -45.56 -18.29 37.74
C SER D 89 -44.84 -17.06 38.24
N LYS D 90 -44.37 -17.13 39.48
CA LYS D 90 -43.52 -16.13 40.09
C LYS D 90 -42.52 -16.88 40.97
N HIS D 91 -41.26 -16.46 41.01
CA HIS D 91 -40.30 -17.07 41.93
C HIS D 91 -39.33 -15.99 42.39
N PHE D 92 -38.89 -16.08 43.65
CA PHE D 92 -38.05 -15.08 44.28
C PHE D 92 -36.86 -15.71 44.98
N TYR D 93 -35.70 -15.03 44.89
CA TYR D 93 -34.49 -15.42 45.61
C TYR D 93 -34.47 -14.71 46.96
N MET D 94 -34.12 -15.45 48.01
CA MET D 94 -34.03 -14.94 49.36
C MET D 94 -33.08 -15.82 50.20
N PHE D 95 -32.76 -15.34 51.40
CA PHE D 95 -31.96 -16.10 52.35
C PHE D 95 -32.90 -16.77 53.32
N ASN D 96 -32.63 -18.04 53.63
CA ASN D 96 -33.42 -18.77 54.61
C ASN D 96 -32.84 -18.48 56.00
N ASP D 97 -33.38 -19.13 57.05
CA ASP D 97 -32.95 -18.98 58.44
C ASP D 97 -31.47 -19.25 58.66
N ASN D 98 -30.88 -20.14 57.84
CA ASN D 98 -29.47 -20.54 57.93
C ASN D 98 -28.56 -19.67 57.06
N LYS D 99 -29.11 -18.53 56.55
CA LYS D 99 -28.43 -17.58 55.68
C LYS D 99 -27.95 -18.21 54.36
N ASN D 100 -28.66 -19.26 53.92
CA ASN D 100 -28.37 -19.92 52.65
C ASN D 100 -29.32 -19.37 51.59
N SER D 101 -28.81 -19.19 50.38
CA SER D 101 -29.61 -18.69 49.27
C SER D 101 -30.55 -19.79 48.78
N VAL D 102 -31.83 -19.47 48.71
CA VAL D 102 -32.90 -20.36 48.25
C VAL D 102 -33.81 -19.57 47.28
N ALA D 103 -34.63 -20.26 46.50
CA ALA D 103 -35.59 -19.59 45.63
C ALA D 103 -36.93 -20.26 45.88
N VAL D 104 -37.98 -19.45 46.04
CA VAL D 104 -39.34 -19.92 46.35
C VAL D 104 -40.29 -19.32 45.35
N GLY D 105 -41.25 -20.13 44.92
CA GLY D 105 -42.26 -19.68 43.98
C GLY D 105 -43.46 -20.59 43.88
N TYR D 106 -44.25 -20.37 42.82
CA TYR D 106 -45.45 -21.13 42.56
C TYR D 106 -45.72 -21.18 41.05
N VAL D 107 -46.56 -22.14 40.66
CA VAL D 107 -47.11 -22.22 39.31
C VAL D 107 -48.64 -22.31 39.53
N GLY D 108 -49.37 -21.41 38.91
CA GLY D 108 -50.82 -21.37 38.99
C GLY D 108 -51.44 -22.58 38.28
N CYS D 109 -52.40 -23.23 38.94
CA CYS D 109 -53.05 -24.42 38.36
C CYS D 109 -54.52 -24.18 38.04
N GLY D 110 -54.90 -22.90 37.91
CA GLY D 110 -56.26 -22.47 37.57
C GLY D 110 -57.33 -22.67 38.63
N SER D 111 -58.58 -22.82 38.21
CA SER D 111 -59.73 -22.93 39.11
C SER D 111 -60.53 -24.24 39.02
N VAL D 112 -60.08 -25.19 38.19
CA VAL D 112 -60.70 -26.50 38.05
C VAL D 112 -59.86 -27.51 38.84
N ALA D 113 -60.49 -28.14 39.85
CA ALA D 113 -59.88 -29.12 40.75
C ALA D 113 -59.18 -30.30 40.05
N ASP D 114 -59.76 -30.80 38.95
CA ASP D 114 -59.18 -31.92 38.22
C ASP D 114 -58.46 -31.43 36.95
N LEU D 115 -57.12 -31.52 36.95
CA LEU D 115 -56.30 -31.13 35.81
C LEU D 115 -56.31 -32.20 34.72
N SER D 116 -56.46 -31.77 33.46
CA SER D 116 -56.35 -32.69 32.35
C SER D 116 -54.84 -32.84 32.05
N GLU D 117 -54.50 -33.81 31.20
CA GLU D 117 -53.17 -34.05 30.68
C GLU D 117 -52.62 -32.73 30.03
N ALA D 118 -53.49 -32.00 29.28
CA ALA D 118 -53.14 -30.73 28.61
C ALA D 118 -52.80 -29.64 29.64
N ASP D 119 -53.62 -29.53 30.70
CA ASP D 119 -53.43 -28.58 31.79
C ASP D 119 -52.11 -28.86 32.51
N MET D 120 -51.81 -30.14 32.77
CA MET D 120 -50.58 -30.56 33.47
C MET D 120 -49.34 -30.23 32.63
N LYS D 121 -49.48 -30.39 31.32
CA LYS D 121 -48.41 -30.04 30.41
C LYS D 121 -48.08 -28.53 30.52
N ARG D 122 -49.11 -27.66 30.63
CA ARG D 122 -48.93 -26.22 30.78
C ARG D 122 -48.24 -25.89 32.11
N VAL D 123 -48.60 -26.62 33.18
CA VAL D 123 -47.98 -26.45 34.51
C VAL D 123 -46.49 -26.82 34.40
N VAL D 124 -46.19 -27.99 33.78
CA VAL D 124 -44.82 -28.47 33.59
C VAL D 124 -43.99 -27.47 32.75
N LEU D 125 -44.57 -26.93 31.67
CA LEU D 125 -43.88 -25.97 30.80
C LEU D 125 -43.44 -24.75 31.58
N SER D 126 -44.31 -24.26 32.46
CA SER D 126 -44.02 -23.10 33.30
C SER D 126 -42.86 -23.41 34.28
N LEU D 127 -42.85 -24.62 34.84
CA LEU D 127 -41.81 -25.12 35.75
C LEU D 127 -40.48 -25.26 34.99
N VAL D 128 -40.53 -25.77 33.74
CA VAL D 128 -39.37 -25.94 32.87
C VAL D 128 -38.68 -24.61 32.54
N THR D 129 -39.48 -23.55 32.31
CA THR D 129 -38.98 -22.19 32.03
C THR D 129 -38.10 -21.73 33.20
N MET D 130 -38.54 -21.98 34.44
CA MET D 130 -37.77 -21.63 35.63
C MET D 130 -36.52 -22.47 35.71
N LEU D 131 -36.63 -23.78 35.40
CA LEU D 131 -35.44 -24.65 35.42
C LEU D 131 -34.37 -24.23 34.38
N HIS D 132 -34.79 -23.82 33.16
CA HIS D 132 -33.88 -23.40 32.09
C HIS D 132 -33.15 -22.10 32.39
N ASP D 133 -33.62 -21.39 33.40
CA ASP D 133 -32.97 -20.19 33.89
C ASP D 133 -32.44 -20.32 35.34
N ASN D 134 -32.34 -21.55 35.90
CA ASN D 134 -31.89 -21.83 37.28
C ASN D 134 -30.58 -22.60 37.31
N LYS D 135 -29.69 -22.24 38.25
CA LYS D 135 -28.43 -22.94 38.47
C LYS D 135 -28.42 -23.69 39.82
N LEU D 136 -29.56 -23.68 40.55
CA LEU D 136 -29.63 -24.43 41.82
C LEU D 136 -29.63 -25.94 41.58
N SER D 137 -29.04 -26.68 42.54
CA SER D 137 -28.80 -28.13 42.51
C SER D 137 -30.05 -28.97 42.73
N LYS D 138 -31.07 -28.34 43.28
CA LYS D 138 -32.28 -29.02 43.67
C LYS D 138 -33.53 -28.27 43.31
N LEU D 139 -34.57 -29.03 42.96
CA LEU D 139 -35.92 -28.54 42.76
C LEU D 139 -36.85 -29.33 43.71
N THR D 140 -37.70 -28.61 44.43
CA THR D 140 -38.74 -29.22 45.29
C THR D 140 -40.07 -28.78 44.73
N VAL D 141 -40.97 -29.73 44.49
CA VAL D 141 -42.31 -29.43 44.01
C VAL D 141 -43.32 -29.85 45.06
N VAL D 142 -44.10 -28.88 45.59
CA VAL D 142 -45.12 -29.11 46.61
C VAL D 142 -46.48 -29.16 45.93
N PHE D 143 -47.13 -30.33 45.92
CA PHE D 143 -48.42 -30.50 45.27
C PHE D 143 -49.54 -30.04 46.20
N GLU D 144 -50.05 -28.80 46.01
CA GLU D 144 -51.23 -28.36 46.80
C GLU D 144 -52.50 -28.49 45.93
N ILE D 145 -52.46 -29.49 45.03
CA ILE D 145 -53.48 -29.86 44.05
C ILE D 145 -53.68 -31.37 44.15
N ASN D 146 -54.76 -31.90 43.55
CA ASN D 146 -55.07 -33.33 43.55
C ASN D 146 -54.73 -33.97 42.24
N VAL D 147 -53.84 -34.97 42.29
CA VAL D 147 -53.43 -35.74 41.12
C VAL D 147 -53.50 -37.23 41.42
N ASP D 148 -54.02 -38.05 40.51
CA ASP D 148 -54.02 -39.51 40.73
C ASP D 148 -52.60 -40.06 40.39
N LYS D 149 -52.35 -41.37 40.64
CA LYS D 149 -51.04 -42.00 40.40
C LYS D 149 -50.55 -41.85 38.95
N ASN D 150 -51.45 -42.07 37.97
CA ASN D 150 -51.09 -41.96 36.56
C ASN D 150 -50.74 -40.54 36.18
N LEU D 151 -51.50 -39.55 36.70
CA LEU D 151 -51.21 -38.13 36.38
C LEU D 151 -49.91 -37.66 37.05
N PHE D 152 -49.62 -38.16 38.24
CA PHE D 152 -48.37 -37.85 38.93
C PHE D 152 -47.20 -38.43 38.10
N ARG D 153 -47.33 -39.67 37.59
CA ARG D 153 -46.30 -40.26 36.73
C ARG D 153 -46.15 -39.44 35.43
N PHE D 154 -47.27 -38.97 34.87
CA PHE D 154 -47.28 -38.14 33.67
C PHE D 154 -46.55 -36.83 33.93
N PHE D 155 -46.77 -36.20 35.13
CA PHE D 155 -46.09 -34.97 35.54
C PHE D 155 -44.58 -35.18 35.49
N LEU D 156 -44.09 -36.30 36.09
CA LEU D 156 -42.65 -36.61 36.12
C LEU D 156 -42.06 -36.84 34.74
N GLU D 157 -42.73 -37.68 33.91
CA GLU D 157 -42.29 -37.99 32.56
C GLU D 157 -42.19 -36.73 31.74
N THR D 158 -43.23 -35.85 31.83
CA THR D 158 -43.33 -34.59 31.08
C THR D 158 -42.25 -33.64 31.56
N LEU D 159 -42.06 -33.55 32.89
CA LEU D 159 -40.99 -32.72 33.44
C LEU D 159 -39.63 -33.16 32.88
N PHE D 160 -39.30 -34.46 33.00
CA PHE D 160 -38.05 -35.00 32.51
C PHE D 160 -37.86 -34.74 31.00
N TYR D 161 -38.89 -35.05 30.21
CA TYR D 161 -38.85 -34.88 28.75
C TYR D 161 -38.66 -33.43 28.34
N GLU D 162 -39.47 -32.51 28.90
CA GLU D 162 -39.37 -31.08 28.54
C GLU D 162 -38.10 -30.42 29.02
N TYR D 163 -37.57 -30.86 30.16
CA TYR D 163 -36.35 -30.30 30.76
C TYR D 163 -35.12 -30.62 29.93
N MET D 164 -35.04 -31.85 29.43
CA MET D 164 -33.95 -32.36 28.64
C MET D 164 -33.83 -31.60 27.31
N THR D 165 -32.63 -31.10 26.98
CA THR D 165 -32.44 -30.37 25.73
C THR D 165 -31.51 -31.14 24.82
N ASP D 166 -31.95 -31.39 23.59
CA ASP D 166 -31.21 -32.13 22.58
C ASP D 166 -30.17 -31.20 21.91
N GLU D 167 -28.91 -31.43 22.24
CA GLU D 167 -27.79 -30.66 21.72
C GLU D 167 -26.84 -31.44 20.83
N ARG D 168 -27.25 -32.64 20.36
CA ARG D 168 -26.44 -33.51 19.50
C ARG D 168 -25.95 -32.82 18.20
N PHE D 169 -26.74 -31.89 17.65
CA PHE D 169 -26.39 -31.23 16.38
C PHE D 169 -25.84 -29.82 16.54
N LYS D 170 -25.64 -29.40 17.80
CA LYS D 170 -25.08 -28.10 18.13
C LYS D 170 -23.57 -28.27 18.18
N SER D 171 -22.84 -27.24 17.78
CA SER D 171 -21.38 -27.30 17.81
C SER D 171 -20.78 -26.26 18.75
N ASN D 177 -25.89 -19.94 32.20
CA ASN D 177 -27.32 -20.03 31.87
C ASN D 177 -28.11 -20.86 32.90
N MET D 178 -27.77 -22.16 32.97
CA MET D 178 -28.36 -23.17 33.86
C MET D 178 -27.39 -24.35 34.02
N GLU D 179 -27.73 -25.25 34.93
CA GLU D 179 -27.02 -26.49 35.19
C GLU D 179 -28.13 -27.45 35.52
N TYR D 180 -28.04 -28.73 35.10
CA TYR D 180 -29.12 -29.64 35.49
C TYR D 180 -29.12 -29.89 37.01
N ILE D 181 -30.31 -29.94 37.59
CA ILE D 181 -30.49 -30.26 39.01
C ILE D 181 -29.97 -31.69 39.26
N LYS D 182 -29.54 -31.98 40.47
CA LYS D 182 -29.05 -33.29 40.86
C LYS D 182 -30.08 -33.97 41.76
N HIS D 183 -31.03 -33.19 42.27
CA HIS D 183 -32.04 -33.68 43.20
C HIS D 183 -33.41 -33.12 42.87
N LEU D 184 -34.41 -33.96 43.04
CA LEU D 184 -35.80 -33.59 42.89
C LEU D 184 -36.57 -34.06 44.14
N GLY D 185 -37.11 -33.11 44.89
CA GLY D 185 -37.94 -33.38 46.05
C GLY D 185 -39.39 -33.19 45.67
N VAL D 186 -40.26 -34.09 46.11
CA VAL D 186 -41.71 -33.98 45.81
C VAL D 186 -42.48 -34.13 47.12
N TYR D 187 -43.38 -33.17 47.42
CA TYR D 187 -44.28 -33.23 48.58
C TYR D 187 -45.69 -33.44 48.05
N ILE D 188 -46.35 -34.54 48.45
CA ILE D 188 -47.69 -34.86 47.97
C ILE D 188 -48.46 -35.67 49.02
N ASN D 189 -49.80 -35.56 49.05
CA ASN D 189 -50.61 -36.32 50.01
C ASN D 189 -50.52 -37.80 49.65
N ASN D 190 -50.37 -38.69 50.65
CA ASN D 190 -50.22 -40.16 50.48
C ASN D 190 -48.99 -40.52 49.61
N ALA D 191 -47.84 -39.86 49.88
CA ALA D 191 -46.54 -40.06 49.21
C ALA D 191 -46.11 -41.51 48.97
N ASP D 192 -46.38 -42.42 49.94
CA ASP D 192 -46.02 -43.84 49.82
C ASP D 192 -46.62 -44.52 48.60
N THR D 193 -47.85 -44.19 48.23
CA THR D 193 -48.54 -44.75 47.06
C THR D 193 -47.94 -44.25 45.71
N TYR D 194 -47.29 -43.08 45.70
CA TYR D 194 -46.74 -42.46 44.50
C TYR D 194 -45.29 -42.85 44.20
N LYS D 195 -44.57 -43.38 45.21
CA LYS D 195 -43.17 -43.76 45.12
C LYS D 195 -42.83 -44.72 43.99
N GLU D 196 -43.71 -45.72 43.72
CA GLU D 196 -43.50 -46.71 42.65
C GLU D 196 -43.57 -46.09 41.23
N GLU D 197 -44.21 -44.92 41.11
CA GLU D 197 -44.32 -44.22 39.82
C GLU D 197 -43.00 -43.56 39.38
N VAL D 198 -42.09 -43.31 40.32
CA VAL D 198 -40.85 -42.59 40.02
C VAL D 198 -39.96 -43.31 39.01
N GLU D 199 -39.58 -44.57 39.30
CA GLU D 199 -38.71 -45.28 38.35
C GLU D 199 -39.41 -45.67 37.04
N LYS D 200 -40.72 -45.85 37.10
CA LYS D 200 -41.51 -46.13 35.92
C LYS D 200 -41.50 -44.85 35.04
N ALA D 201 -41.66 -43.66 35.66
CA ALA D 201 -41.60 -42.36 34.93
C ALA D 201 -40.23 -42.17 34.26
N ARG D 202 -39.14 -42.58 34.94
CA ARG D 202 -37.79 -42.44 34.38
C ARG D 202 -37.59 -43.30 33.12
N VAL D 203 -38.16 -44.53 33.14
CA VAL D 203 -38.11 -45.45 31.99
C VAL D 203 -38.95 -44.88 30.84
N TYR D 204 -40.18 -44.42 31.16
CA TYR D 204 -41.13 -43.86 30.18
C TYR D 204 -40.55 -42.61 29.54
N TYR D 205 -39.87 -41.79 30.36
CA TYR D 205 -39.19 -40.60 29.85
C TYR D 205 -38.13 -41.03 28.82
N PHE D 206 -37.26 -42.01 29.16
CA PHE D 206 -36.21 -42.37 28.20
C PHE D 206 -36.72 -42.98 26.90
N GLY D 207 -37.74 -43.83 26.99
CA GLY D 207 -38.34 -44.41 25.81
C GLY D 207 -38.85 -43.32 24.87
N THR D 208 -39.53 -42.31 25.45
CA THR D 208 -40.08 -41.14 24.74
C THR D 208 -38.96 -40.28 24.20
N TYR D 209 -37.91 -40.02 25.02
CA TYR D 209 -36.81 -39.19 24.62
C TYR D 209 -35.97 -39.84 23.52
N TYR D 210 -35.79 -41.17 23.61
CA TYR D 210 -35.08 -41.95 22.61
C TYR D 210 -35.84 -41.87 21.26
N ALA D 211 -37.19 -42.05 21.28
CA ALA D 211 -38.02 -41.92 20.08
C ALA D 211 -37.83 -40.52 19.47
N SER D 212 -37.87 -39.49 20.33
CA SER D 212 -37.68 -38.09 19.98
C SER D 212 -36.31 -37.85 19.30
N GLN D 213 -35.24 -38.46 19.83
CA GLN D 213 -33.88 -38.34 19.25
C GLN D 213 -33.82 -38.89 17.83
N LEU D 214 -34.50 -40.02 17.57
CA LEU D 214 -34.56 -40.63 16.22
C LEU D 214 -35.35 -39.74 15.27
N ILE D 215 -36.51 -39.21 15.74
CA ILE D 215 -37.38 -38.35 14.93
C ILE D 215 -36.66 -37.05 14.58
N ALA D 216 -36.10 -36.36 15.59
CA ALA D 216 -35.41 -35.10 15.40
C ALA D 216 -34.17 -35.23 14.52
N ALA D 217 -33.51 -36.42 14.52
CA ALA D 217 -32.33 -36.68 13.71
C ALA D 217 -32.72 -36.47 12.24
N PRO D 218 -32.06 -35.54 11.53
CA PRO D 218 -32.43 -35.28 10.11
C PRO D 218 -32.21 -36.50 9.22
N SER D 219 -32.82 -36.47 8.05
CA SER D 219 -32.78 -37.56 7.08
C SER D 219 -31.40 -37.94 6.52
N ASN D 220 -30.41 -37.00 6.57
CA ASN D 220 -29.04 -37.33 6.17
C ASN D 220 -28.38 -38.20 7.28
N TYR D 221 -28.73 -37.97 8.55
CA TYR D 221 -28.23 -38.77 9.68
C TYR D 221 -29.04 -40.06 9.84
N CYS D 222 -30.37 -39.93 9.85
CA CYS D 222 -31.33 -41.02 10.08
C CYS D 222 -31.93 -41.44 8.74
N ASN D 223 -31.34 -42.47 8.16
CA ASN D 223 -31.73 -43.05 6.89
C ASN D 223 -32.04 -44.55 7.15
N PRO D 224 -32.55 -45.33 6.17
CA PRO D 224 -32.91 -46.72 6.46
C PRO D 224 -31.79 -47.60 7.04
N VAL D 225 -30.55 -47.37 6.59
CA VAL D 225 -29.38 -48.12 7.06
C VAL D 225 -28.99 -47.71 8.50
N SER D 226 -28.81 -46.40 8.76
CA SER D 226 -28.42 -45.94 10.11
C SER D 226 -29.51 -46.18 11.14
N LEU D 227 -30.82 -46.09 10.74
CA LEU D 227 -31.94 -46.36 11.66
C LEU D 227 -31.98 -47.84 12.06
N SER D 228 -31.78 -48.75 11.09
CA SER D 228 -31.75 -50.18 11.39
C SER D 228 -30.52 -50.53 12.21
N ASN D 229 -29.38 -49.84 11.98
CA ASN D 229 -28.16 -50.04 12.79
C ASN D 229 -28.41 -49.60 14.24
N ALA D 230 -29.14 -48.47 14.43
CA ALA D 230 -29.49 -47.98 15.76
C ALA D 230 -30.40 -48.99 16.49
N ALA D 231 -31.35 -49.60 15.75
CA ALA D 231 -32.27 -50.62 16.31
C ALA D 231 -31.51 -51.87 16.76
N VAL D 232 -30.47 -52.28 16.01
CA VAL D 232 -29.59 -53.40 16.36
C VAL D 232 -28.83 -53.09 17.66
N GLU D 233 -28.26 -51.86 17.76
CA GLU D 233 -27.52 -51.42 18.95
C GLU D 233 -28.45 -51.44 20.17
N LEU D 234 -29.70 -50.94 20.01
CA LEU D 234 -30.67 -50.92 21.10
C LEU D 234 -30.98 -52.35 21.55
N ALA D 235 -31.24 -53.27 20.58
CA ALA D 235 -31.54 -54.67 20.83
C ALA D 235 -30.42 -55.35 21.61
N GLN D 236 -29.16 -55.07 21.22
CA GLN D 236 -27.95 -55.62 21.87
C GLN D 236 -27.84 -55.15 23.30
N LYS D 237 -28.11 -53.84 23.55
CA LYS D 237 -28.07 -53.27 24.89
C LYS D 237 -29.16 -53.83 25.80
N LEU D 238 -30.32 -54.18 25.23
CA LEU D 238 -31.46 -54.70 26.01
C LEU D 238 -31.55 -56.21 26.05
N ASN D 239 -30.66 -56.91 25.33
CA ASN D 239 -30.68 -58.37 25.21
C ASN D 239 -31.95 -58.87 24.53
N LEU D 240 -32.42 -58.13 23.52
CA LEU D 240 -33.59 -58.52 22.72
C LEU D 240 -33.08 -59.27 21.51
N GLU D 241 -33.87 -60.22 21.00
CA GLU D 241 -33.56 -60.94 19.76
C GLU D 241 -33.76 -59.91 18.64
N TYR D 242 -32.94 -59.99 17.59
CA TYR D 242 -33.08 -59.06 16.47
C TYR D 242 -32.74 -59.72 15.17
N LYS D 243 -33.33 -59.18 14.09
CA LYS D 243 -33.15 -59.59 12.72
C LYS D 243 -33.41 -58.36 11.85
N ILE D 244 -32.48 -58.05 10.94
CA ILE D 244 -32.65 -56.98 9.96
C ILE D 244 -32.72 -57.67 8.61
N LEU D 245 -33.85 -57.56 7.93
CA LEU D 245 -34.02 -58.19 6.61
C LEU D 245 -33.58 -57.18 5.57
N GLY D 246 -32.66 -57.60 4.71
CA GLY D 246 -32.14 -56.81 3.59
C GLY D 246 -32.91 -57.06 2.31
N VAL D 247 -32.56 -56.34 1.23
CA VAL D 247 -33.22 -56.40 -0.07
C VAL D 247 -33.44 -57.82 -0.63
N LYS D 248 -32.39 -58.64 -0.64
CA LYS D 248 -32.42 -60.02 -1.12
C LYS D 248 -33.49 -60.85 -0.39
N GLU D 249 -33.53 -60.74 0.95
CA GLU D 249 -34.53 -61.44 1.77
C GLU D 249 -35.93 -60.88 1.51
N LEU D 250 -36.05 -59.54 1.35
CA LEU D 250 -37.33 -58.88 1.07
C LEU D 250 -37.88 -59.29 -0.30
N GLU D 251 -36.99 -59.48 -1.28
CA GLU D 251 -37.39 -59.96 -2.62
C GLU D 251 -37.91 -61.40 -2.53
N GLU D 252 -37.21 -62.26 -1.75
CA GLU D 252 -37.62 -63.67 -1.55
C GLU D 252 -39.01 -63.73 -0.89
N LEU D 253 -39.28 -62.79 0.05
CA LEU D 253 -40.56 -62.68 0.74
C LEU D 253 -41.63 -61.99 -0.10
N LYS D 254 -41.26 -61.54 -1.32
CA LYS D 254 -42.15 -60.91 -2.31
C LYS D 254 -42.82 -59.62 -1.79
N MET D 255 -42.06 -58.81 -1.05
CA MET D 255 -42.58 -57.57 -0.46
C MET D 255 -42.54 -56.45 -1.52
N GLY D 256 -43.32 -56.63 -2.59
CA GLY D 256 -43.38 -55.71 -3.72
C GLY D 256 -43.90 -54.33 -3.43
N ALA D 257 -44.87 -54.18 -2.48
CA ALA D 257 -45.42 -52.87 -2.16
C ALA D 257 -44.37 -52.03 -1.41
N TYR D 258 -43.75 -52.63 -0.39
CA TYR D 258 -42.69 -52.00 0.40
C TYR D 258 -41.43 -51.73 -0.44
N LEU D 259 -41.00 -52.69 -1.27
CA LEU D 259 -39.81 -52.50 -2.10
C LEU D 259 -39.98 -51.42 -3.16
N SER D 260 -41.22 -51.27 -3.70
CA SER D 260 -41.48 -50.24 -4.74
C SER D 260 -41.26 -48.83 -4.20
N VAL D 261 -41.66 -48.60 -2.94
CA VAL D 261 -41.51 -47.29 -2.29
C VAL D 261 -40.01 -46.86 -2.22
N GLY D 262 -39.14 -47.80 -1.85
CA GLY D 262 -37.73 -47.57 -1.70
C GLY D 262 -36.88 -47.58 -2.95
N LYS D 263 -37.48 -47.93 -4.10
CA LYS D 263 -36.76 -48.02 -5.39
C LYS D 263 -35.93 -46.77 -5.76
N GLY D 264 -36.46 -45.58 -5.51
CA GLY D 264 -35.80 -44.33 -5.84
C GLY D 264 -34.76 -43.83 -4.85
N SER D 265 -34.54 -44.58 -3.75
CA SER D 265 -33.58 -44.19 -2.71
C SER D 265 -32.18 -44.72 -2.93
N MET D 266 -31.16 -43.95 -2.47
CA MET D 266 -29.76 -44.41 -2.50
C MET D 266 -29.51 -45.37 -1.33
N TYR D 267 -30.45 -45.42 -0.35
CA TYR D 267 -30.33 -46.30 0.81
C TYR D 267 -31.15 -47.55 0.63
N PRO D 268 -30.54 -48.75 0.72
CA PRO D 268 -31.32 -49.99 0.59
C PRO D 268 -32.35 -50.11 1.70
N ASN D 269 -33.53 -50.67 1.38
CA ASN D 269 -34.60 -50.94 2.37
C ASN D 269 -34.08 -51.87 3.45
N LYS D 270 -34.49 -51.62 4.70
CA LYS D 270 -34.10 -52.44 5.85
C LYS D 270 -35.33 -52.70 6.70
N PHE D 271 -35.70 -53.97 6.89
CA PHE D 271 -36.88 -54.31 7.66
C PHE D 271 -36.43 -54.71 9.06
N ILE D 272 -36.85 -53.94 10.07
CA ILE D 272 -36.49 -54.16 11.47
C ILE D 272 -37.44 -55.14 12.11
N HIS D 273 -36.89 -56.16 12.78
CA HIS D 273 -37.67 -57.12 13.54
C HIS D 273 -36.93 -57.41 14.85
N LEU D 274 -37.39 -56.79 15.96
CA LEU D 274 -36.88 -57.04 17.31
C LEU D 274 -37.92 -57.88 18.02
N THR D 275 -37.47 -58.73 18.96
CA THR D 275 -38.41 -59.57 19.73
C THR D 275 -38.06 -59.56 21.21
N TYR D 276 -39.09 -59.33 22.04
CA TYR D 276 -38.99 -59.47 23.47
C TYR D 276 -39.79 -60.73 23.80
N LYS D 277 -39.18 -61.66 24.54
CA LYS D 277 -39.91 -62.84 25.00
C LYS D 277 -39.74 -63.00 26.48
N SER D 278 -40.86 -63.12 27.24
CA SER D 278 -40.84 -63.32 28.70
C SER D 278 -40.21 -64.66 29.02
N LYS D 279 -39.57 -64.76 30.19
CA LYS D 279 -38.90 -65.98 30.66
C LYS D 279 -39.83 -67.21 30.84
N GLY D 280 -41.04 -66.99 31.35
CA GLY D 280 -42.00 -68.07 31.60
C GLY D 280 -42.91 -68.42 30.45
N ASP D 281 -44.12 -68.85 30.77
CA ASP D 281 -45.15 -69.24 29.79
C ASP D 281 -45.65 -67.99 29.05
N VAL D 282 -45.74 -68.05 27.73
CA VAL D 282 -46.25 -66.95 26.92
C VAL D 282 -47.76 -67.09 26.77
N LYS D 283 -48.49 -66.11 27.29
CA LYS D 283 -49.95 -66.10 27.26
C LYS D 283 -50.53 -65.20 26.17
N LYS D 284 -49.77 -64.18 25.74
CA LYS D 284 -50.19 -63.24 24.70
C LYS D 284 -49.01 -62.92 23.78
N LYS D 285 -49.29 -62.88 22.47
CA LYS D 285 -48.31 -62.55 21.44
C LYS D 285 -48.81 -61.33 20.74
N ILE D 286 -47.95 -60.30 20.63
CA ILE D 286 -48.30 -59.01 20.05
C ILE D 286 -47.27 -58.58 19.02
N ALA D 287 -47.75 -58.02 17.90
CA ALA D 287 -46.89 -57.39 16.89
C ALA D 287 -47.20 -55.89 16.89
N LEU D 288 -46.17 -55.07 17.10
CA LEU D 288 -46.24 -53.61 17.05
C LEU D 288 -45.54 -53.19 15.78
N VAL D 289 -46.26 -52.51 14.87
CA VAL D 289 -45.77 -52.14 13.55
C VAL D 289 -45.70 -50.61 13.44
N GLY D 290 -44.52 -50.09 13.13
CA GLY D 290 -44.34 -48.65 12.99
C GLY D 290 -43.99 -48.23 11.58
N LYS D 291 -44.62 -47.15 11.08
CA LYS D 291 -44.30 -46.63 9.74
C LYS D 291 -42.89 -46.02 9.86
N GLY D 292 -41.99 -46.47 8.99
CA GLY D 292 -40.59 -46.05 9.01
C GLY D 292 -40.10 -45.41 7.74
N ILE D 293 -40.71 -44.29 7.34
CA ILE D 293 -40.23 -43.53 6.16
C ILE D 293 -39.25 -42.47 6.70
N THR D 294 -37.95 -42.65 6.42
CA THR D 294 -36.91 -41.75 6.95
C THR D 294 -36.96 -40.33 6.38
N PHE D 295 -37.45 -40.21 5.16
CA PHE D 295 -37.73 -38.95 4.49
C PHE D 295 -38.82 -39.19 3.49
N ASP D 296 -39.86 -38.36 3.55
CA ASP D 296 -40.94 -38.47 2.58
C ASP D 296 -40.96 -37.25 1.67
N SER D 297 -40.37 -37.37 0.48
CA SER D 297 -40.44 -36.25 -0.46
C SER D 297 -41.82 -36.20 -1.15
N GLY D 298 -42.53 -37.31 -1.08
CA GLY D 298 -43.78 -37.53 -1.79
C GLY D 298 -43.55 -38.38 -3.03
N GLY D 299 -42.29 -38.47 -3.45
CA GLY D 299 -41.91 -39.18 -4.69
C GLY D 299 -42.34 -38.37 -5.88
N TYR D 300 -42.66 -39.02 -7.03
CA TYR D 300 -43.11 -38.30 -8.22
C TYR D 300 -44.30 -37.38 -7.97
N ASN D 301 -45.19 -37.73 -6.99
CA ASN D 301 -46.27 -36.86 -6.51
C ASN D 301 -45.60 -36.00 -5.41
N LEU D 302 -44.61 -35.19 -5.82
CA LEU D 302 -43.80 -34.38 -4.93
C LEU D 302 -44.61 -33.46 -4.02
N LYS D 303 -44.19 -33.35 -2.75
CA LYS D 303 -44.79 -32.42 -1.80
C LYS D 303 -44.35 -30.98 -2.19
N ALA D 304 -45.00 -30.43 -3.20
CA ALA D 304 -44.72 -29.11 -3.72
C ALA D 304 -45.87 -28.11 -3.43
N ALA D 305 -47.05 -28.61 -3.03
CA ALA D 305 -48.19 -27.75 -2.71
C ALA D 305 -47.92 -26.88 -1.46
N PRO D 306 -48.44 -25.63 -1.39
CA PRO D 306 -48.20 -24.82 -0.17
C PRO D 306 -48.84 -25.53 1.03
N GLY D 307 -48.13 -25.56 2.15
CA GLY D 307 -48.62 -26.27 3.33
C GLY D 307 -48.41 -27.78 3.30
N SER D 308 -47.67 -28.32 2.30
CA SER D 308 -47.41 -29.76 2.27
C SER D 308 -46.31 -30.20 3.24
N MET D 309 -45.63 -29.23 3.91
CA MET D 309 -44.66 -29.46 4.99
C MET D 309 -43.49 -30.42 4.65
N ILE D 310 -42.94 -30.35 3.42
CA ILE D 310 -41.84 -31.22 3.03
C ILE D 310 -40.63 -31.10 4.00
N ASP D 311 -40.40 -29.89 4.55
CA ASP D 311 -39.29 -29.61 5.47
C ASP D 311 -39.38 -30.37 6.82
N LEU D 312 -40.55 -30.90 7.13
CA LEU D 312 -40.83 -31.66 8.37
C LEU D 312 -40.72 -33.18 8.17
N MET D 313 -40.62 -33.65 6.90
CA MET D 313 -40.71 -35.05 6.53
C MET D 313 -39.67 -36.04 7.06
N LYS D 314 -38.65 -35.54 7.80
CA LYS D 314 -37.73 -36.40 8.55
C LYS D 314 -38.56 -37.11 9.67
N PHE D 315 -39.75 -36.55 10.02
CA PHE D 315 -40.62 -37.09 11.09
C PHE D 315 -41.47 -38.27 10.63
N ASP D 316 -41.37 -38.66 9.35
CA ASP D 316 -42.21 -39.72 8.79
C ASP D 316 -41.87 -41.14 9.26
N MET D 317 -40.87 -41.26 10.14
CA MET D 317 -40.47 -42.51 10.77
C MET D 317 -40.87 -42.48 12.27
N SER D 318 -41.76 -41.53 12.67
CA SER D 318 -42.25 -41.37 14.05
C SER D 318 -42.91 -42.63 14.58
N GLY D 319 -43.60 -43.38 13.70
CA GLY D 319 -44.25 -44.64 14.07
C GLY D 319 -43.20 -45.67 14.45
N CYS D 320 -42.14 -45.78 13.61
CA CYS D 320 -41.02 -46.67 13.89
C CYS D 320 -40.33 -46.25 15.19
N ALA D 321 -40.11 -44.94 15.38
CA ALA D 321 -39.50 -44.41 16.60
C ALA D 321 -40.32 -44.75 17.86
N ALA D 322 -41.68 -44.63 17.79
CA ALA D 322 -42.57 -44.99 18.91
C ALA D 322 -42.44 -46.48 19.27
N VAL D 323 -42.35 -47.34 18.23
CA VAL D 323 -42.18 -48.79 18.41
C VAL D 323 -40.82 -49.13 19.05
N LEU D 324 -39.74 -48.44 18.61
CA LEU D 324 -38.41 -48.66 19.19
C LEU D 324 -38.31 -48.13 20.62
N GLY D 325 -38.97 -47.01 20.90
CA GLY D 325 -39.04 -46.44 22.24
C GLY D 325 -39.79 -47.39 23.15
N CYS D 326 -40.86 -48.02 22.63
CA CYS D 326 -41.62 -49.04 23.37
C CYS D 326 -40.72 -50.25 23.66
N ALA D 327 -39.90 -50.69 22.67
CA ALA D 327 -38.94 -51.79 22.86
C ALA D 327 -37.99 -51.47 24.01
N TYR D 328 -37.54 -50.19 24.12
CA TYR D 328 -36.69 -49.79 25.27
C TYR D 328 -37.44 -49.99 26.59
N CYS D 329 -38.69 -49.45 26.71
CA CYS D 329 -39.49 -49.59 27.95
C CYS D 329 -39.77 -51.03 28.32
N VAL D 330 -40.21 -51.84 27.33
CA VAL D 330 -40.53 -53.26 27.52
C VAL D 330 -39.27 -54.07 27.90
N GLY D 331 -38.16 -53.83 27.17
CA GLY D 331 -36.90 -54.49 27.43
C GLY D 331 -36.32 -54.16 28.79
N THR D 332 -36.64 -52.96 29.33
CA THR D 332 -36.19 -52.51 30.63
C THR D 332 -37.10 -53.02 31.75
N LEU D 333 -38.42 -52.88 31.59
CA LEU D 333 -39.41 -53.26 32.61
C LEU D 333 -39.65 -54.75 32.69
N LYS D 334 -39.32 -55.49 31.60
CA LYS D 334 -39.43 -56.95 31.52
C LYS D 334 -40.79 -57.52 31.95
N PRO D 335 -41.90 -57.21 31.24
CA PRO D 335 -43.19 -57.82 31.62
C PRO D 335 -43.17 -59.34 31.47
N GLU D 336 -44.03 -60.00 32.24
CA GLU D 336 -44.16 -61.47 32.23
C GLU D 336 -45.26 -61.91 31.26
N ASN D 337 -45.22 -63.19 30.85
CA ASN D 337 -46.22 -63.88 30.02
C ASN D 337 -46.54 -63.29 28.65
N VAL D 338 -45.59 -62.54 28.09
CA VAL D 338 -45.80 -61.90 26.81
C VAL D 338 -44.63 -62.07 25.83
N GLU D 339 -44.94 -62.12 24.54
CA GLU D 339 -43.97 -62.12 23.47
C GLU D 339 -44.35 -60.95 22.56
N ILE D 340 -43.44 -59.99 22.40
CA ILE D 340 -43.69 -58.79 21.59
C ILE D 340 -42.71 -58.74 20.44
N HIS D 341 -43.25 -58.51 19.24
CA HIS D 341 -42.48 -58.31 18.01
C HIS D 341 -42.58 -56.82 17.65
N PHE D 342 -41.42 -56.17 17.49
CA PHE D 342 -41.28 -54.74 17.19
C PHE D 342 -40.83 -54.68 15.73
N LEU D 343 -41.75 -54.22 14.85
CA LEU D 343 -41.53 -54.26 13.41
C LEU D 343 -41.57 -52.92 12.73
N SER D 344 -40.72 -52.75 11.73
CA SER D 344 -40.75 -51.57 10.86
C SER D 344 -40.15 -51.83 9.51
N ALA D 345 -40.93 -51.59 8.46
CA ALA D 345 -40.49 -51.69 7.08
C ALA D 345 -39.89 -50.31 6.75
N VAL D 346 -38.59 -50.16 7.03
CA VAL D 346 -37.89 -48.89 6.88
C VAL D 346 -37.41 -48.61 5.43
N CYS D 347 -37.68 -47.41 4.93
CA CYS D 347 -37.24 -46.98 3.60
C CYS D 347 -37.35 -45.46 3.47
N GLU D 348 -36.96 -44.93 2.31
CA GLU D 348 -36.97 -43.51 2.04
C GLU D 348 -37.70 -43.29 0.69
N ASN D 349 -38.64 -42.30 0.64
CA ASN D 349 -39.48 -42.03 -0.54
C ASN D 349 -38.91 -40.86 -1.33
N MET D 350 -38.18 -41.18 -2.40
CA MET D 350 -37.42 -40.21 -3.19
C MET D 350 -37.76 -40.11 -4.67
N VAL D 351 -37.19 -39.09 -5.34
CA VAL D 351 -37.38 -38.80 -6.77
C VAL D 351 -36.08 -39.13 -7.48
N SER D 352 -36.16 -40.00 -8.48
CA SER D 352 -35.01 -40.56 -9.17
C SER D 352 -35.48 -41.18 -10.47
N LYS D 353 -34.52 -41.53 -11.36
CA LYS D 353 -34.83 -42.29 -12.56
C LYS D 353 -35.34 -43.70 -12.12
N ASN D 354 -34.99 -44.12 -10.89
CA ASN D 354 -35.33 -45.45 -10.36
C ASN D 354 -36.60 -45.54 -9.56
N SER D 355 -37.28 -44.40 -9.31
CA SER D 355 -38.49 -44.39 -8.46
C SER D 355 -39.67 -45.10 -9.06
N TYR D 356 -40.59 -45.55 -8.20
CA TYR D 356 -41.87 -46.06 -8.68
C TYR D 356 -42.71 -44.86 -9.16
N ARG D 357 -43.66 -45.10 -10.06
CA ARG D 357 -44.43 -44.02 -10.65
C ARG D 357 -45.90 -44.07 -10.28
N PRO D 358 -46.61 -42.91 -10.31
CA PRO D 358 -48.09 -42.96 -10.20
C PRO D 358 -48.61 -43.83 -11.37
N GLY D 359 -49.55 -44.71 -11.07
CA GLY D 359 -50.09 -45.62 -12.06
C GLY D 359 -49.48 -47.01 -12.03
N ASP D 360 -48.27 -47.17 -11.44
CA ASP D 360 -47.62 -48.50 -11.39
C ASP D 360 -48.49 -49.52 -10.67
N ILE D 361 -48.45 -50.76 -11.13
CA ILE D 361 -49.17 -51.87 -10.49
C ILE D 361 -48.12 -52.73 -9.86
N ILE D 362 -48.23 -52.87 -8.55
CA ILE D 362 -47.26 -53.61 -7.74
C ILE D 362 -47.94 -54.75 -7.01
N THR D 363 -47.18 -55.81 -6.69
CA THR D 363 -47.74 -56.99 -6.02
C THR D 363 -47.26 -57.08 -4.57
N ALA D 364 -48.19 -57.09 -3.61
CA ALA D 364 -47.86 -57.23 -2.19
C ALA D 364 -47.49 -58.72 -1.91
N SER D 365 -46.86 -58.96 -0.75
CA SER D 365 -46.43 -60.30 -0.31
C SER D 365 -47.55 -61.32 -0.13
N ASN D 366 -48.83 -60.87 -0.07
CA ASN D 366 -49.97 -61.81 0.05
C ASN D 366 -50.57 -62.08 -1.34
N GLY D 367 -49.91 -61.57 -2.39
CA GLY D 367 -50.34 -61.78 -3.77
C GLY D 367 -51.28 -60.75 -4.33
N LYS D 368 -51.79 -59.81 -3.49
CA LYS D 368 -52.70 -58.77 -3.96
C LYS D 368 -51.99 -57.73 -4.84
N THR D 369 -52.56 -57.48 -6.02
CA THR D 369 -52.01 -56.45 -6.91
C THR D 369 -52.62 -55.12 -6.50
N ILE D 370 -51.78 -54.07 -6.46
CA ILE D 370 -52.18 -52.73 -6.04
C ILE D 370 -51.88 -51.72 -7.16
N GLU D 371 -52.87 -50.89 -7.50
CA GLU D 371 -52.63 -49.82 -8.44
C GLU D 371 -52.26 -48.55 -7.64
N VAL D 372 -51.07 -48.01 -7.91
CA VAL D 372 -50.57 -46.80 -7.23
C VAL D 372 -51.26 -45.59 -7.85
N GLY D 373 -52.06 -44.88 -7.06
CA GLY D 373 -52.75 -43.69 -7.53
C GLY D 373 -51.96 -42.44 -7.23
N ASN D 374 -51.12 -42.51 -6.18
CA ASN D 374 -50.31 -41.37 -5.74
C ASN D 374 -49.09 -41.89 -4.96
N THR D 375 -47.87 -41.57 -5.42
CA THR D 375 -46.62 -42.02 -4.77
C THR D 375 -46.43 -41.46 -3.34
N ASP D 376 -47.19 -40.42 -2.97
CA ASP D 376 -47.14 -39.80 -1.62
C ASP D 376 -48.04 -40.57 -0.62
N ALA D 377 -48.81 -41.57 -1.08
CA ALA D 377 -49.56 -42.43 -0.15
C ALA D 377 -48.69 -43.71 0.04
N GLU D 378 -47.37 -43.51 0.26
CA GLU D 378 -46.38 -44.58 0.37
C GLU D 378 -46.46 -45.39 1.67
N GLY D 379 -46.89 -44.75 2.76
CA GLY D 379 -46.96 -45.35 4.08
C GLY D 379 -47.82 -46.59 4.10
N ARG D 380 -49.00 -46.53 3.47
CA ARG D 380 -49.92 -47.67 3.44
C ARG D 380 -49.36 -48.86 2.66
N LEU D 381 -48.48 -48.59 1.68
CA LEU D 381 -47.83 -49.64 0.87
C LEU D 381 -46.81 -50.38 1.70
N THR D 382 -45.98 -49.64 2.45
CA THR D 382 -44.96 -50.28 3.31
C THR D 382 -45.65 -51.05 4.44
N LEU D 383 -46.74 -50.46 4.99
CA LEU D 383 -47.52 -51.07 6.07
C LEU D 383 -48.25 -52.32 5.61
N ALA D 384 -48.73 -52.38 4.35
CA ALA D 384 -49.42 -53.54 3.81
C ALA D 384 -48.50 -54.77 3.90
N ASP D 385 -47.23 -54.64 3.45
CA ASP D 385 -46.27 -55.73 3.53
C ASP D 385 -45.88 -56.04 4.96
N ALA D 386 -45.73 -55.00 5.82
CA ALA D 386 -45.38 -55.23 7.23
C ALA D 386 -46.52 -55.98 7.96
N LEU D 387 -47.79 -55.66 7.60
CA LEU D 387 -48.96 -56.32 8.19
C LEU D 387 -49.05 -57.79 7.80
N VAL D 388 -48.73 -58.11 6.52
CA VAL D 388 -48.72 -59.49 6.02
C VAL D 388 -47.67 -60.27 6.81
N TYR D 389 -46.48 -59.65 6.98
CA TYR D 389 -45.36 -60.23 7.74
C TYR D 389 -45.78 -60.49 9.20
N ALA D 390 -46.40 -59.47 9.86
CA ALA D 390 -46.86 -59.56 11.25
C ALA D 390 -47.86 -60.69 11.44
N GLU D 391 -48.84 -60.82 10.52
CA GLU D 391 -49.87 -61.86 10.63
C GLU D 391 -49.29 -63.27 10.51
N LYS D 392 -48.24 -63.44 9.67
CA LYS D 392 -47.55 -64.73 9.52
C LYS D 392 -46.87 -65.17 10.83
N LEU D 393 -46.63 -64.23 11.78
CA LEU D 393 -46.00 -64.55 13.07
C LEU D 393 -46.94 -65.29 14.04
N GLY D 394 -48.24 -65.33 13.72
CA GLY D 394 -49.26 -65.96 14.55
C GLY D 394 -49.44 -65.27 15.89
N VAL D 395 -49.77 -63.99 15.86
CA VAL D 395 -49.94 -63.19 17.07
C VAL D 395 -51.41 -63.04 17.44
N ASP D 396 -51.69 -62.56 18.65
CA ASP D 396 -53.06 -62.31 19.12
C ASP D 396 -53.53 -60.94 18.68
N TYR D 397 -52.62 -59.95 18.70
CA TYR D 397 -52.94 -58.58 18.31
C TYR D 397 -51.86 -58.01 17.43
N ILE D 398 -52.29 -57.22 16.44
CA ILE D 398 -51.39 -56.45 15.59
C ILE D 398 -51.81 -55.01 15.80
N VAL D 399 -50.87 -54.15 16.22
CA VAL D 399 -51.15 -52.73 16.38
C VAL D 399 -50.14 -51.97 15.51
N ASP D 400 -50.63 -51.18 14.55
CA ASP D 400 -49.72 -50.34 13.78
C ASP D 400 -49.86 -48.89 14.23
N ILE D 401 -48.78 -48.12 14.08
CA ILE D 401 -48.71 -46.71 14.46
C ILE D 401 -47.98 -45.99 13.35
N ALA D 402 -48.58 -44.93 12.81
CA ALA D 402 -48.05 -44.27 11.61
C ALA D 402 -48.48 -42.84 11.44
N THR D 403 -47.57 -42.00 10.88
CA THR D 403 -47.87 -40.59 10.50
C THR D 403 -48.45 -40.72 9.07
N LEU D 404 -49.64 -41.28 8.98
CA LEU D 404 -50.25 -41.65 7.73
C LEU D 404 -50.95 -40.61 6.90
N THR D 405 -51.90 -39.86 7.49
CA THR D 405 -52.72 -38.94 6.73
C THR D 405 -52.74 -37.53 7.28
N GLY D 406 -52.51 -36.56 6.39
CA GLY D 406 -52.57 -35.14 6.73
C GLY D 406 -53.94 -34.73 7.25
N ALA D 407 -55.02 -35.43 6.80
CA ALA D 407 -56.40 -35.14 7.21
C ALA D 407 -56.63 -35.26 8.73
N MET D 408 -55.74 -35.98 9.46
CA MET D 408 -55.81 -36.07 10.93
C MET D 408 -55.74 -34.67 11.56
N LEU D 409 -54.93 -33.77 10.96
CA LEU D 409 -54.81 -32.38 11.42
C LEU D 409 -56.15 -31.64 11.36
N TYR D 410 -57.01 -32.02 10.40
CA TYR D 410 -58.32 -31.41 10.20
C TYR D 410 -59.40 -32.10 11.01
N SER D 411 -59.24 -33.39 11.28
CA SER D 411 -60.27 -34.12 12.01
C SER D 411 -60.07 -34.02 13.54
N LEU D 412 -58.91 -34.43 14.06
CA LEU D 412 -58.68 -34.41 15.50
C LEU D 412 -57.70 -33.35 15.95
N GLY D 413 -56.90 -32.85 15.02
CA GLY D 413 -55.92 -31.83 15.31
C GLY D 413 -54.60 -32.36 15.81
N THR D 414 -53.93 -31.57 16.61
CA THR D 414 -52.59 -31.85 17.12
C THR D 414 -52.51 -32.54 18.48
N SER D 415 -53.64 -32.70 19.20
CA SER D 415 -53.61 -33.32 20.54
C SER D 415 -54.02 -34.77 20.60
N TYR D 416 -55.04 -35.16 19.83
CA TYR D 416 -55.56 -36.52 19.89
C TYR D 416 -55.20 -37.28 18.62
N ALA D 417 -54.67 -38.49 18.79
CA ALA D 417 -54.40 -39.38 17.64
C ALA D 417 -55.72 -40.12 17.37
N GLY D 418 -55.85 -40.66 16.18
CA GLY D 418 -57.02 -41.45 15.82
C GLY D 418 -56.72 -42.93 15.85
N VAL D 419 -57.66 -43.74 16.33
CA VAL D 419 -57.52 -45.20 16.33
C VAL D 419 -58.64 -45.82 15.52
N PHE D 420 -58.29 -46.74 14.62
CA PHE D 420 -59.22 -47.46 13.74
C PHE D 420 -58.91 -48.94 13.95
N GLY D 421 -59.87 -49.82 13.71
CA GLY D 421 -59.58 -51.24 13.83
C GLY D 421 -60.68 -52.16 13.36
N ASN D 422 -60.39 -53.48 13.36
CA ASN D 422 -61.37 -54.49 12.91
C ASN D 422 -61.93 -55.24 14.12
N ASN D 423 -61.51 -54.85 15.35
CA ASN D 423 -61.88 -55.57 16.57
C ASN D 423 -62.13 -54.60 17.74
N GLU D 424 -63.37 -54.59 18.24
CA GLU D 424 -63.81 -53.72 19.31
C GLU D 424 -63.06 -53.91 20.63
N GLU D 425 -62.78 -55.17 21.03
CA GLU D 425 -62.05 -55.48 22.26
C GLU D 425 -60.64 -54.87 22.20
N LEU D 426 -59.94 -55.02 21.06
CA LEU D 426 -58.60 -54.43 20.91
C LEU D 426 -58.66 -52.90 20.95
N ILE D 427 -59.65 -52.28 20.26
CA ILE D 427 -59.82 -50.81 20.26
C ILE D 427 -60.00 -50.32 21.72
N ASN D 428 -60.86 -51.01 22.50
CA ASN D 428 -61.10 -50.67 23.91
C ASN D 428 -59.85 -50.76 24.77
N LYS D 429 -58.99 -51.78 24.51
CA LYS D 429 -57.71 -51.94 25.20
C LYS D 429 -56.78 -50.76 24.88
N ILE D 430 -56.78 -50.29 23.63
CA ILE D 430 -55.98 -49.11 23.20
C ILE D 430 -56.54 -47.85 23.90
N LEU D 431 -57.88 -47.71 23.95
CA LEU D 431 -58.51 -46.56 24.61
C LEU D 431 -58.17 -46.54 26.10
N GLN D 432 -58.14 -47.71 26.74
CA GLN D 432 -57.79 -47.81 28.15
C GLN D 432 -56.30 -47.45 28.36
N SER D 433 -55.42 -47.89 27.44
CA SER D 433 -53.97 -47.58 27.49
C SER D 433 -53.74 -46.09 27.29
N SER D 434 -54.60 -45.45 26.47
CA SER D 434 -54.57 -44.01 26.22
C SER D 434 -54.88 -43.26 27.52
N LYS D 435 -55.87 -43.74 28.29
CA LYS D 435 -56.26 -43.11 29.57
C LYS D 435 -55.15 -43.20 30.60
N THR D 436 -54.51 -44.38 30.74
CA THR D 436 -53.46 -44.57 31.73
C THR D 436 -52.11 -43.97 31.35
N SER D 437 -51.79 -43.88 30.03
CA SER D 437 -50.53 -43.26 29.59
C SER D 437 -50.68 -41.75 29.49
N ASN D 438 -51.95 -41.26 29.45
CA ASN D 438 -52.29 -39.85 29.22
C ASN D 438 -51.81 -39.36 27.84
N GLU D 439 -51.77 -40.27 26.86
CA GLU D 439 -51.46 -39.93 25.46
C GLU D 439 -52.80 -40.07 24.76
N PRO D 440 -53.50 -38.95 24.51
CA PRO D 440 -54.90 -39.04 24.04
C PRO D 440 -55.13 -39.59 22.65
N VAL D 441 -56.13 -40.48 22.58
CA VAL D 441 -56.53 -41.17 21.35
C VAL D 441 -58.07 -41.14 21.24
N TRP D 442 -58.61 -41.07 20.04
CA TRP D 442 -60.06 -41.10 19.85
C TRP D 442 -60.38 -42.15 18.81
N TRP D 443 -61.42 -42.94 19.08
CA TRP D 443 -61.85 -43.99 18.17
C TRP D 443 -62.60 -43.41 16.97
N LEU D 444 -62.12 -43.73 15.77
CA LEU D 444 -62.72 -43.29 14.51
C LEU D 444 -63.18 -44.50 13.73
N PRO D 445 -64.29 -44.41 12.96
CA PRO D 445 -64.81 -45.62 12.31
C PRO D 445 -64.13 -46.03 11.02
N ILE D 446 -64.21 -47.33 10.71
CA ILE D 446 -63.81 -47.86 9.41
C ILE D 446 -65.17 -48.04 8.73
N ILE D 447 -65.53 -47.09 7.86
CA ILE D 447 -66.84 -47.07 7.20
C ILE D 447 -66.80 -47.97 5.96
N ASN D 448 -67.41 -49.15 6.09
CA ASN D 448 -67.45 -50.17 5.03
C ASN D 448 -68.02 -49.70 3.71
N GLU D 449 -68.96 -48.73 3.75
CA GLU D 449 -69.58 -48.17 2.53
C GLU D 449 -68.53 -47.56 1.58
N TYR D 450 -67.39 -47.08 2.12
CA TYR D 450 -66.36 -46.45 1.29
C TYR D 450 -65.41 -47.47 0.63
N ARG D 451 -65.52 -48.79 0.98
CA ARG D 451 -64.65 -49.81 0.41
C ARG D 451 -64.67 -49.85 -1.13
N ALA D 452 -65.86 -49.68 -1.74
CA ALA D 452 -66.04 -49.69 -3.19
C ALA D 452 -65.18 -48.63 -3.91
N THR D 453 -64.79 -47.55 -3.22
CA THR D 453 -63.94 -46.50 -3.81
C THR D 453 -62.50 -47.02 -4.09
N LEU D 454 -62.13 -48.17 -3.48
CA LEU D 454 -60.83 -48.78 -3.66
C LEU D 454 -60.84 -49.87 -4.75
N ASN D 455 -61.99 -50.06 -5.43
CA ASN D 455 -62.06 -51.05 -6.49
C ASN D 455 -61.30 -50.50 -7.70
N SER D 456 -60.26 -51.20 -8.12
CA SER D 456 -59.42 -50.80 -9.25
C SER D 456 -59.98 -51.43 -10.53
N LYS D 457 -59.88 -50.74 -11.65
CA LYS D 457 -60.28 -51.27 -12.94
C LYS D 457 -59.36 -52.43 -13.38
N TYR D 458 -58.05 -52.35 -13.03
CA TYR D 458 -57.02 -53.31 -13.45
C TYR D 458 -56.43 -54.20 -12.39
N ALA D 459 -56.04 -53.62 -11.25
CA ALA D 459 -55.42 -54.33 -10.15
C ALA D 459 -56.52 -54.88 -9.22
N ASP D 460 -56.10 -55.68 -8.22
CA ASP D 460 -57.04 -56.23 -7.25
C ASP D 460 -57.63 -55.11 -6.40
N ILE D 461 -56.84 -54.05 -6.16
CA ILE D 461 -57.22 -52.92 -5.32
C ILE D 461 -56.48 -51.64 -5.69
N ASN D 462 -57.11 -50.51 -5.42
CA ASN D 462 -56.51 -49.18 -5.53
C ASN D 462 -55.85 -48.85 -4.22
N GLN D 463 -54.73 -48.14 -4.28
CA GLN D 463 -54.00 -47.64 -3.12
C GLN D 463 -54.85 -46.49 -2.47
N ILE D 464 -55.46 -45.63 -3.31
CA ILE D 464 -56.26 -44.48 -2.90
C ILE D 464 -57.61 -44.40 -3.60
N SER D 465 -58.40 -43.76 -3.07
CA SER D 465 -59.72 -43.37 -3.56
C SER D 465 -59.49 -42.21 -4.57
N SER D 466 -60.50 -41.99 -5.52
CA SER D 466 -60.43 -40.86 -6.47
C SER D 466 -60.59 -39.50 -5.74
N SER D 467 -61.43 -39.46 -4.69
CA SER D 467 -61.69 -38.25 -3.88
C SER D 467 -60.85 -38.13 -2.60
N VAL D 468 -60.77 -36.90 -2.07
CA VAL D 468 -60.08 -36.58 -0.81
C VAL D 468 -61.06 -36.86 0.40
N LYS D 469 -62.33 -37.19 0.06
CA LYS D 469 -63.38 -37.51 1.02
C LYS D 469 -62.97 -38.67 1.92
N ALA D 470 -62.83 -38.36 3.22
CA ALA D 470 -62.52 -39.27 4.32
C ALA D 470 -61.22 -40.07 4.13
N SER D 471 -60.11 -39.38 3.85
CA SER D 471 -58.83 -40.05 3.56
C SER D 471 -58.24 -40.92 4.66
N SER D 472 -58.40 -40.53 5.93
CA SER D 472 -57.88 -41.35 7.05
C SER D 472 -58.65 -42.66 7.17
N ILE D 473 -59.97 -42.64 6.87
CA ILE D 473 -60.84 -43.82 6.90
C ILE D 473 -60.52 -44.72 5.71
N VAL D 474 -60.37 -44.12 4.49
CA VAL D 474 -60.02 -44.88 3.30
C VAL D 474 -58.66 -45.58 3.46
N ALA D 475 -57.66 -44.90 4.04
CA ALA D 475 -56.34 -45.48 4.31
C ALA D 475 -56.51 -46.72 5.25
N SER D 476 -57.41 -46.63 6.24
CA SER D 476 -57.69 -47.74 7.18
C SER D 476 -58.36 -48.90 6.48
N LEU D 477 -59.27 -48.61 5.52
CA LEU D 477 -59.93 -49.66 4.70
C LEU D 477 -58.89 -50.38 3.85
N PHE D 478 -57.89 -49.65 3.32
CA PHE D 478 -56.82 -50.24 2.53
C PHE D 478 -56.00 -51.20 3.42
N LEU D 479 -55.56 -50.72 4.59
CA LEU D 479 -54.76 -51.53 5.53
C LEU D 479 -55.49 -52.78 5.98
N LYS D 480 -56.81 -52.66 6.21
CA LYS D 480 -57.66 -53.77 6.65
C LYS D 480 -57.60 -54.96 5.67
N GLU D 481 -57.36 -54.69 4.38
CA GLU D 481 -57.24 -55.72 3.34
C GLU D 481 -56.01 -56.61 3.52
N PHE D 482 -55.06 -56.20 4.38
CA PHE D 482 -53.82 -56.94 4.60
C PHE D 482 -53.75 -57.68 5.94
N VAL D 483 -54.89 -57.73 6.64
CA VAL D 483 -55.09 -58.47 7.90
C VAL D 483 -56.31 -59.39 7.68
N GLN D 484 -56.09 -60.69 7.63
CA GLN D 484 -57.15 -61.63 7.32
C GLN D 484 -57.96 -62.11 8.50
N ASN D 485 -57.29 -62.56 9.56
CA ASN D 485 -58.00 -63.15 10.70
C ASN D 485 -57.36 -62.91 12.05
N THR D 486 -56.89 -61.68 12.28
CA THR D 486 -56.26 -61.30 13.54
C THR D 486 -56.83 -59.94 13.95
N ALA D 487 -57.02 -59.75 15.26
CA ALA D 487 -57.45 -58.50 15.87
C ALA D 487 -56.34 -57.48 15.54
N TRP D 488 -56.75 -56.40 14.87
CA TRP D 488 -55.83 -55.36 14.42
C TRP D 488 -56.37 -53.95 14.69
N ALA D 489 -55.48 -53.05 15.07
CA ALA D 489 -55.79 -51.64 15.29
C ALA D 489 -54.71 -50.80 14.64
N HIS D 490 -55.10 -49.61 14.17
CA HIS D 490 -54.22 -48.69 13.45
C HIS D 490 -54.32 -47.34 14.13
N ILE D 491 -53.17 -46.80 14.57
CA ILE D 491 -53.13 -45.51 15.24
C ILE D 491 -52.50 -44.49 14.28
N ASP D 492 -53.31 -43.50 13.82
CA ASP D 492 -52.80 -42.49 12.92
C ASP D 492 -52.32 -41.30 13.75
N ILE D 493 -50.99 -41.08 13.77
CA ILE D 493 -50.32 -40.05 14.57
C ILE D 493 -49.78 -38.88 13.73
N ALA D 494 -50.24 -38.75 12.47
CA ALA D 494 -49.81 -37.67 11.57
C ALA D 494 -50.03 -36.27 12.16
N GLY D 495 -51.12 -36.10 12.90
CA GLY D 495 -51.44 -34.82 13.52
C GLY D 495 -50.73 -34.54 14.84
N VAL D 496 -50.47 -35.58 15.64
CA VAL D 496 -49.93 -35.43 16.99
C VAL D 496 -48.42 -35.58 17.17
N SER D 497 -47.73 -36.17 16.20
CA SER D 497 -46.33 -36.50 16.36
C SER D 497 -45.39 -35.30 16.60
N TRP D 498 -45.62 -34.21 15.86
CA TRP D 498 -44.74 -33.05 15.92
C TRP D 498 -45.34 -31.94 16.75
N ASN D 499 -44.54 -31.38 17.66
CA ASN D 499 -44.97 -30.25 18.46
C ASN D 499 -44.55 -28.98 17.66
N PHE D 500 -45.48 -28.44 16.88
CA PHE D 500 -45.24 -27.27 16.02
C PHE D 500 -44.79 -26.03 16.79
N LYS D 501 -45.43 -25.73 17.93
CA LYS D 501 -45.10 -24.56 18.75
C LYS D 501 -43.67 -24.65 19.33
N ALA D 502 -43.28 -25.81 19.87
CA ALA D 502 -41.95 -26.03 20.46
C ALA D 502 -40.88 -26.42 19.42
N ARG D 503 -41.28 -26.66 18.16
CA ARG D 503 -40.38 -27.03 17.03
C ARG D 503 -39.60 -28.32 17.33
N LYS D 504 -40.28 -29.33 17.89
CA LYS D 504 -39.63 -30.59 18.27
C LYS D 504 -40.61 -31.77 18.26
N PRO D 505 -40.13 -33.03 18.24
CA PRO D 505 -41.08 -34.16 18.27
C PRO D 505 -41.65 -34.34 19.67
N LYS D 506 -42.74 -35.10 19.77
CA LYS D 506 -43.32 -35.44 21.05
C LYS D 506 -42.88 -36.83 21.52
N GLY D 507 -42.43 -37.68 20.60
CA GLY D 507 -42.14 -39.09 20.91
C GLY D 507 -43.46 -39.78 21.23
N PHE D 508 -44.57 -39.32 20.57
CA PHE D 508 -45.93 -39.80 20.79
C PHE D 508 -46.08 -41.28 20.52
N GLY D 509 -46.74 -41.98 21.44
CA GLY D 509 -47.05 -43.39 21.27
C GLY D 509 -46.22 -44.35 22.09
N VAL D 510 -45.02 -43.93 22.54
CA VAL D 510 -44.16 -44.81 23.36
C VAL D 510 -44.92 -45.29 24.60
N ARG D 511 -45.44 -44.33 25.39
CA ARG D 511 -46.12 -44.62 26.66
C ARG D 511 -47.42 -45.35 26.45
N LEU D 512 -48.15 -44.96 25.39
CA LEU D 512 -49.41 -45.59 25.01
C LEU D 512 -49.18 -47.08 24.72
N LEU D 513 -48.18 -47.40 23.84
CA LEU D 513 -47.88 -48.79 23.47
C LEU D 513 -47.33 -49.59 24.65
N THR D 514 -46.50 -48.99 25.52
CA THR D 514 -45.97 -49.69 26.68
C THR D 514 -47.10 -50.03 27.66
N GLU D 515 -47.99 -49.07 27.95
CA GLU D 515 -49.15 -49.30 28.84
C GLU D 515 -50.01 -50.44 28.27
N PHE D 516 -50.19 -50.46 26.94
CA PHE D 516 -50.94 -51.52 26.25
C PHE D 516 -50.31 -52.89 26.49
N VAL D 517 -48.98 -52.99 26.33
CA VAL D 517 -48.29 -54.27 26.55
C VAL D 517 -48.29 -54.70 28.02
N LEU D 518 -48.02 -53.76 28.93
CA LEU D 518 -47.93 -53.98 30.37
C LEU D 518 -49.26 -54.32 31.03
N ASN D 519 -50.34 -53.60 30.67
CA ASN D 519 -51.66 -53.80 31.27
C ASN D 519 -52.50 -54.90 30.61
N ASP D 520 -51.92 -55.64 29.65
CA ASP D 520 -52.59 -56.76 28.96
C ASP D 520 -52.51 -58.02 29.81
N SER E 3 -32.96 -55.04 -25.80
CA SER E 3 -33.71 -56.25 -25.47
C SER E 3 -33.90 -56.62 -23.99
N GLU E 4 -32.83 -56.63 -23.15
CA GLU E 4 -33.00 -56.97 -21.73
C GLU E 4 -33.57 -55.77 -20.98
N VAL E 5 -34.72 -55.96 -20.31
CA VAL E 5 -35.36 -54.86 -19.58
C VAL E 5 -34.64 -54.67 -18.24
N PRO E 6 -34.09 -53.46 -17.97
CA PRO E 6 -33.41 -53.25 -16.68
C PRO E 6 -34.41 -53.27 -15.52
N GLN E 7 -33.95 -53.71 -14.37
CA GLN E 7 -34.75 -53.81 -13.15
C GLN E 7 -34.04 -53.08 -12.03
N VAL E 8 -34.81 -52.48 -11.09
CA VAL E 8 -34.23 -51.89 -9.87
C VAL E 8 -34.19 -53.02 -8.83
N VAL E 9 -35.31 -53.75 -8.71
CA VAL E 9 -35.46 -54.90 -7.81
C VAL E 9 -35.87 -56.11 -8.66
N SER E 10 -35.62 -57.33 -8.17
CA SER E 10 -35.97 -58.56 -8.90
C SER E 10 -37.49 -58.71 -9.16
N LEU E 11 -38.32 -57.96 -8.40
CA LEU E 11 -39.77 -57.99 -8.55
C LEU E 11 -40.26 -57.13 -9.69
N ASP E 12 -39.38 -56.28 -10.26
CA ASP E 12 -39.76 -55.41 -11.38
C ASP E 12 -40.09 -56.25 -12.61
N PRO E 13 -41.28 -56.06 -13.23
CA PRO E 13 -41.61 -56.85 -14.44
C PRO E 13 -40.69 -56.59 -15.63
N THR E 14 -40.47 -57.63 -16.46
CA THR E 14 -39.57 -57.55 -17.60
C THR E 14 -40.27 -57.67 -18.94
N SER E 15 -41.62 -57.73 -18.96
CA SER E 15 -42.39 -57.76 -20.20
C SER E 15 -43.79 -57.24 -19.96
N ILE E 16 -44.45 -56.84 -21.02
CA ILE E 16 -45.86 -56.43 -20.95
C ILE E 16 -46.68 -57.71 -21.18
N PRO E 17 -47.56 -58.14 -20.25
CA PRO E 17 -48.41 -59.29 -20.56
C PRO E 17 -49.41 -58.89 -21.66
N ILE E 18 -49.55 -59.74 -22.68
CA ILE E 18 -50.46 -59.49 -23.79
C ILE E 18 -51.36 -60.69 -23.99
N GLU E 19 -52.67 -60.45 -24.14
CA GLU E 19 -53.65 -61.50 -24.47
C GLU E 19 -53.93 -61.38 -25.97
N TYR E 20 -53.56 -62.39 -26.74
CA TYR E 20 -53.77 -62.44 -28.19
C TYR E 20 -55.10 -63.13 -28.51
N ASN E 21 -55.31 -64.36 -27.98
CA ASN E 21 -56.53 -65.14 -28.16
C ASN E 21 -57.53 -64.76 -27.07
N THR E 22 -58.49 -63.93 -27.42
CA THR E 22 -59.48 -63.45 -26.46
C THR E 22 -60.81 -64.22 -26.61
N PRO E 23 -61.69 -64.20 -25.59
CA PRO E 23 -63.00 -64.88 -25.72
C PRO E 23 -63.87 -64.34 -26.88
N ILE E 24 -63.66 -63.08 -27.29
CA ILE E 24 -64.35 -62.50 -28.44
C ILE E 24 -64.05 -63.31 -29.72
N HIS E 25 -62.82 -63.79 -29.86
CA HIS E 25 -62.40 -64.59 -31.01
C HIS E 25 -63.16 -65.93 -31.09
N ASP E 26 -63.76 -66.38 -29.98
CA ASP E 26 -64.53 -67.65 -29.93
C ASP E 26 -66.03 -67.47 -30.23
N ILE E 27 -66.48 -66.21 -30.41
CA ILE E 27 -67.89 -65.94 -30.69
C ILE E 27 -68.19 -66.21 -32.17
N LYS E 28 -69.14 -67.11 -32.42
CA LYS E 28 -69.61 -67.45 -33.76
C LYS E 28 -70.75 -66.47 -34.10
N VAL E 29 -70.62 -65.75 -35.22
CA VAL E 29 -71.57 -64.73 -35.65
C VAL E 29 -72.40 -65.17 -36.84
N GLN E 30 -73.72 -65.03 -36.71
CA GLN E 30 -74.64 -65.36 -37.80
C GLN E 30 -75.51 -64.12 -38.07
N VAL E 31 -75.61 -63.74 -39.34
CA VAL E 31 -76.42 -62.58 -39.76
C VAL E 31 -77.59 -63.11 -40.60
N TYR E 32 -78.82 -62.78 -40.21
CA TYR E 32 -80.03 -63.19 -40.89
C TYR E 32 -80.83 -61.98 -41.32
N ASP E 33 -81.57 -62.13 -42.42
CA ASP E 33 -82.47 -61.08 -42.87
C ASP E 33 -83.68 -61.10 -41.94
N ILE E 34 -84.15 -59.92 -41.58
CA ILE E 34 -85.32 -59.68 -40.71
C ILE E 34 -86.64 -60.18 -41.40
N LYS E 35 -86.64 -60.23 -42.74
CA LYS E 35 -87.73 -60.74 -43.57
C LYS E 35 -87.69 -62.24 -43.38
N GLY E 36 -88.83 -62.83 -43.09
CA GLY E 36 -88.87 -64.24 -42.77
C GLY E 36 -89.12 -64.47 -41.30
N GLY E 37 -89.03 -63.40 -40.50
CA GLY E 37 -89.31 -63.44 -39.07
C GLY E 37 -88.13 -63.85 -38.22
N CYS E 38 -88.21 -63.56 -36.93
CA CYS E 38 -87.12 -63.84 -36.00
C CYS E 38 -87.45 -65.07 -35.18
N ASN E 39 -86.51 -66.02 -35.09
CA ASN E 39 -86.67 -67.19 -34.21
C ASN E 39 -86.12 -66.79 -32.84
N VAL E 40 -86.84 -67.15 -31.75
CA VAL E 40 -86.47 -66.88 -30.37
C VAL E 40 -86.41 -68.24 -29.70
N GLU E 41 -85.21 -68.84 -29.72
CA GLU E 41 -85.05 -70.21 -29.27
C GLU E 41 -84.30 -70.34 -27.97
N GLU E 42 -83.28 -69.46 -27.73
CA GLU E 42 -82.43 -69.52 -26.54
C GLU E 42 -81.75 -68.17 -26.23
N GLY E 43 -81.00 -68.15 -25.13
CA GLY E 43 -80.23 -67.00 -24.69
C GLY E 43 -81.04 -65.73 -24.52
N LEU E 44 -80.42 -64.61 -24.90
CA LEU E 44 -81.01 -63.29 -24.79
C LEU E 44 -81.24 -62.72 -26.18
N THR E 45 -82.46 -62.22 -26.42
CA THR E 45 -82.83 -61.56 -27.69
C THR E 45 -83.19 -60.14 -27.34
N ILE E 46 -82.46 -59.19 -27.94
CA ILE E 46 -82.63 -57.76 -27.74
C ILE E 46 -83.04 -57.08 -29.05
N PHE E 47 -84.11 -56.29 -28.99
CA PHE E 47 -84.63 -55.48 -30.08
C PHE E 47 -84.09 -54.08 -29.94
N LEU E 48 -83.48 -53.53 -31.01
CA LEU E 48 -82.98 -52.14 -31.01
C LEU E 48 -84.10 -51.32 -31.62
N VAL E 49 -84.75 -50.50 -30.78
CA VAL E 49 -85.98 -49.76 -31.09
C VAL E 49 -85.87 -48.24 -30.89
N ASN E 50 -86.44 -47.47 -31.85
CA ASN E 50 -86.55 -46.03 -31.72
C ASN E 50 -88.03 -45.62 -31.84
N ASN E 51 -88.33 -44.32 -31.71
CA ASN E 51 -89.68 -43.80 -31.92
C ASN E 51 -89.53 -42.44 -32.57
N PRO E 52 -89.39 -42.38 -33.91
CA PRO E 52 -89.13 -41.07 -34.58
C PRO E 52 -90.17 -40.01 -34.36
N LYS E 54 -93.58 -39.66 -29.52
CA LYS E 54 -92.26 -39.80 -30.13
C LYS E 54 -91.03 -39.54 -29.20
N GLU E 55 -90.75 -38.27 -28.75
CA GLU E 55 -89.62 -38.07 -27.81
C GLU E 55 -89.93 -38.86 -26.51
N ASN E 56 -89.04 -39.83 -26.16
CA ASN E 56 -89.23 -40.79 -25.05
C ASN E 56 -90.55 -41.55 -25.25
N GLY E 57 -90.89 -41.79 -26.52
CA GLY E 57 -92.12 -42.45 -26.92
C GLY E 57 -92.17 -43.91 -26.54
N PRO E 58 -93.34 -44.55 -26.69
CA PRO E 58 -93.45 -45.96 -26.33
C PRO E 58 -92.66 -46.89 -27.25
N VAL E 59 -92.27 -48.03 -26.71
CA VAL E 59 -91.59 -49.10 -27.46
C VAL E 59 -92.69 -49.84 -28.20
N LYS E 60 -92.47 -50.09 -29.50
CA LYS E 60 -93.34 -50.87 -30.38
C LYS E 60 -92.42 -51.76 -31.22
N ILE E 61 -92.66 -53.06 -31.22
CA ILE E 61 -91.85 -54.03 -31.98
C ILE E 61 -92.48 -54.26 -33.35
N SER E 62 -91.72 -54.03 -34.42
CA SER E 62 -92.24 -54.22 -35.80
C SER E 62 -92.04 -55.65 -36.32
N SER E 63 -90.91 -56.32 -35.97
CA SER E 63 -90.57 -57.66 -36.46
C SER E 63 -91.52 -58.74 -36.01
N LYS E 64 -91.82 -59.66 -36.92
CA LYS E 64 -92.61 -60.86 -36.67
C LYS E 64 -91.64 -61.81 -35.96
N VAL E 65 -92.09 -62.42 -34.85
CA VAL E 65 -91.33 -63.38 -34.05
C VAL E 65 -91.98 -64.77 -34.22
N ASN E 66 -91.20 -65.75 -34.69
CA ASN E 66 -91.74 -67.08 -34.96
C ASN E 66 -91.93 -67.97 -33.71
N ASP E 67 -92.41 -67.37 -32.57
CA ASP E 67 -92.71 -68.02 -31.28
C ASP E 67 -93.94 -67.34 -30.69
N LYS E 68 -95.00 -68.12 -30.39
CA LYS E 68 -96.28 -67.61 -29.90
C LYS E 68 -96.22 -66.96 -28.51
N GLN E 69 -95.48 -67.58 -27.57
CA GLN E 69 -95.29 -67.06 -26.21
C GLN E 69 -94.55 -65.71 -26.24
N VAL E 70 -93.46 -65.64 -26.98
CA VAL E 70 -92.65 -64.43 -27.10
C VAL E 70 -93.43 -63.34 -27.87
N SER E 71 -94.20 -63.70 -28.93
CA SER E 71 -95.05 -62.73 -29.66
C SER E 71 -96.06 -62.06 -28.72
N GLU E 72 -96.64 -62.85 -27.80
CA GLU E 72 -97.58 -62.35 -26.80
C GLU E 72 -96.89 -61.36 -25.85
N PHE E 73 -95.65 -61.68 -25.43
CA PHE E 73 -94.88 -60.78 -24.58
C PHE E 73 -94.63 -59.43 -25.30
N LEU E 74 -94.31 -59.50 -26.60
CA LEU E 74 -93.95 -58.36 -27.45
C LEU E 74 -95.13 -57.58 -28.04
N LYS E 75 -96.37 -57.91 -27.63
CA LYS E 75 -97.56 -57.18 -28.12
C LYS E 75 -97.51 -55.70 -27.68
N ASP E 76 -98.09 -54.82 -28.52
CA ASP E 76 -98.12 -53.38 -28.32
C ASP E 76 -98.57 -52.94 -26.92
N GLU E 77 -99.62 -53.58 -26.37
CA GLU E 77 -100.14 -53.28 -25.03
C GLU E 77 -99.07 -53.50 -23.95
N ASN E 78 -98.23 -54.54 -24.09
CA ASN E 78 -97.15 -54.77 -23.13
C ASN E 78 -95.95 -53.83 -23.31
N MET E 79 -95.46 -53.65 -24.55
CA MET E 79 -94.24 -52.86 -24.85
C MET E 79 -94.36 -51.36 -24.63
N GLU E 80 -95.60 -50.87 -24.70
CA GLU E 80 -95.90 -49.45 -24.54
C GLU E 80 -95.73 -48.93 -23.11
N LYS E 81 -95.65 -49.84 -22.14
CA LYS E 81 -95.36 -49.52 -20.73
C LYS E 81 -93.88 -49.13 -20.60
N PHE E 82 -93.10 -49.37 -21.67
CA PHE E 82 -91.69 -49.02 -21.76
C PHE E 82 -91.44 -47.93 -22.80
N ASN E 83 -90.33 -47.19 -22.63
CA ASN E 83 -90.01 -46.09 -23.55
C ASN E 83 -88.63 -46.23 -24.23
N VAL E 84 -88.44 -45.46 -25.30
CA VAL E 84 -87.25 -45.52 -26.15
C VAL E 84 -86.10 -44.61 -25.76
N LYS E 85 -86.22 -43.82 -24.66
CA LYS E 85 -85.13 -42.92 -24.24
C LYS E 85 -83.79 -43.63 -24.44
N LEU E 86 -82.89 -42.96 -25.19
CA LEU E 86 -81.59 -43.49 -25.60
C LEU E 86 -80.84 -44.19 -24.47
N GLY E 87 -80.58 -45.47 -24.67
CA GLY E 87 -79.88 -46.30 -23.69
C GLY E 87 -80.74 -46.97 -22.63
N THR E 88 -82.05 -46.61 -22.55
CA THR E 88 -82.96 -47.27 -21.58
C THR E 88 -83.13 -48.73 -22.05
N SER E 89 -83.14 -49.67 -21.10
CA SER E 89 -83.33 -51.08 -21.43
C SER E 89 -84.19 -51.81 -20.42
N LYS E 90 -84.89 -52.84 -20.87
CA LYS E 90 -85.63 -53.77 -20.03
C LYS E 90 -85.45 -55.15 -20.65
N HIS E 91 -85.31 -56.20 -19.82
CA HIS E 91 -85.25 -57.56 -20.33
C HIS E 91 -85.91 -58.50 -19.34
N PHE E 92 -86.68 -59.47 -19.85
CA PHE E 92 -87.46 -60.41 -19.04
C PHE E 92 -87.12 -61.84 -19.37
N TYR E 93 -87.23 -62.74 -18.38
CA TYR E 93 -87.11 -64.19 -18.55
C TYR E 93 -88.50 -64.77 -18.63
N MET E 94 -88.69 -65.70 -19.56
CA MET E 94 -89.96 -66.37 -19.82
C MET E 94 -89.68 -67.70 -20.54
N PHE E 95 -90.71 -68.51 -20.66
CA PHE E 95 -90.63 -69.75 -21.41
C PHE E 95 -91.19 -69.51 -22.79
N ASN E 96 -90.50 -70.01 -23.82
CA ASN E 96 -91.01 -69.88 -25.17
C ASN E 96 -91.98 -71.10 -25.46
N ASP E 97 -92.37 -71.31 -26.72
CA ASP E 97 -93.28 -72.40 -27.12
C ASP E 97 -92.77 -73.80 -26.77
N ASN E 98 -91.46 -73.97 -26.68
CA ASN E 98 -90.84 -75.28 -26.42
C ASN E 98 -90.59 -75.48 -24.92
N LYS E 99 -91.09 -74.57 -24.08
CA LYS E 99 -90.84 -74.58 -22.64
C LYS E 99 -89.34 -74.41 -22.32
N ASN E 100 -88.62 -73.69 -23.20
CA ASN E 100 -87.20 -73.39 -22.96
C ASN E 100 -87.11 -71.96 -22.40
N SER E 101 -86.24 -71.77 -21.40
CA SER E 101 -86.04 -70.46 -20.81
C SER E 101 -85.31 -69.56 -21.82
N VAL E 102 -85.88 -68.40 -22.07
CA VAL E 102 -85.30 -67.41 -22.98
C VAL E 102 -85.41 -66.08 -22.25
N ALA E 103 -84.54 -65.11 -22.60
CA ALA E 103 -84.66 -63.72 -22.11
C ALA E 103 -84.86 -62.83 -23.35
N VAL E 104 -85.80 -61.89 -23.24
CA VAL E 104 -86.24 -61.03 -24.33
C VAL E 104 -86.32 -59.61 -23.81
N GLY E 105 -85.82 -58.68 -24.59
CA GLY E 105 -85.81 -57.30 -24.18
C GLY E 105 -85.55 -56.33 -25.30
N TYR E 106 -85.22 -55.09 -24.93
CA TYR E 106 -84.97 -54.04 -25.90
C TYR E 106 -83.97 -53.05 -25.34
N VAL E 107 -83.38 -52.25 -26.25
CA VAL E 107 -82.56 -51.10 -25.90
C VAL E 107 -83.20 -49.95 -26.68
N GLY E 108 -83.54 -48.87 -25.97
CA GLY E 108 -84.11 -47.70 -26.59
C GLY E 108 -83.09 -46.97 -27.44
N CYS E 109 -83.46 -46.63 -28.67
CA CYS E 109 -82.54 -45.89 -29.55
C CYS E 109 -83.00 -44.46 -29.80
N GLY E 110 -83.77 -43.92 -28.85
CA GLY E 110 -84.29 -42.56 -28.92
C GLY E 110 -85.29 -42.26 -30.01
N SER E 111 -85.28 -41.01 -30.46
CA SER E 111 -86.25 -40.52 -31.44
C SER E 111 -85.64 -39.96 -32.73
N VAL E 112 -84.31 -40.05 -32.87
CA VAL E 112 -83.63 -39.60 -34.09
C VAL E 112 -83.32 -40.84 -34.94
N ALA E 113 -83.85 -40.87 -36.16
CA ALA E 113 -83.71 -41.97 -37.13
C ALA E 113 -82.24 -42.32 -37.45
N ASP E 114 -81.35 -41.32 -37.57
CA ASP E 114 -79.95 -41.59 -37.85
C ASP E 114 -79.10 -41.44 -36.58
N LEU E 115 -78.59 -42.57 -36.06
CA LEU E 115 -77.76 -42.60 -34.85
C LEU E 115 -76.35 -42.16 -35.16
N SER E 116 -75.77 -41.34 -34.31
CA SER E 116 -74.39 -40.94 -34.42
C SER E 116 -73.55 -42.05 -33.76
N GLU E 117 -72.21 -41.99 -33.93
CA GLU E 117 -71.33 -42.96 -33.29
C GLU E 117 -71.48 -42.88 -31.76
N ALA E 118 -71.64 -41.65 -31.22
CA ALA E 118 -71.81 -41.44 -29.79
C ALA E 118 -73.11 -42.10 -29.31
N ASP E 119 -74.21 -41.98 -30.09
CA ASP E 119 -75.51 -42.60 -29.76
C ASP E 119 -75.39 -44.11 -29.79
N MET E 120 -74.74 -44.66 -30.83
CA MET E 120 -74.49 -46.09 -30.99
C MET E 120 -73.68 -46.65 -29.81
N LYS E 121 -72.70 -45.89 -29.33
CA LYS E 121 -71.89 -46.29 -28.18
C LYS E 121 -72.79 -46.44 -26.94
N ARG E 122 -73.75 -45.50 -26.73
CA ARG E 122 -74.68 -45.55 -25.61
C ARG E 122 -75.59 -46.80 -25.72
N VAL E 123 -76.01 -47.16 -26.95
CA VAL E 123 -76.85 -48.34 -27.19
C VAL E 123 -76.04 -49.59 -26.81
N VAL E 124 -74.80 -49.65 -27.26
CA VAL E 124 -73.89 -50.76 -26.97
C VAL E 124 -73.62 -50.93 -25.47
N LEU E 125 -73.38 -49.82 -24.78
CA LEU E 125 -73.10 -49.84 -23.34
C LEU E 125 -74.25 -50.45 -22.57
N SER E 126 -75.48 -50.19 -23.00
CA SER E 126 -76.67 -50.74 -22.35
C SER E 126 -76.78 -52.25 -22.65
N LEU E 127 -76.36 -52.65 -23.87
CA LEU E 127 -76.35 -54.05 -24.27
C LEU E 127 -75.31 -54.83 -23.44
N VAL E 128 -74.13 -54.26 -23.23
CA VAL E 128 -73.01 -54.84 -22.49
C VAL E 128 -73.31 -54.97 -21.02
N THR E 129 -74.04 -54.01 -20.45
CA THR E 129 -74.48 -54.11 -19.04
C THR E 129 -75.31 -55.37 -18.90
N MET E 130 -76.21 -55.64 -19.85
CA MET E 130 -76.99 -56.88 -19.80
C MET E 130 -76.09 -58.11 -19.96
N LEU E 131 -75.08 -58.04 -20.87
CA LEU E 131 -74.19 -59.18 -21.07
C LEU E 131 -73.35 -59.52 -19.84
N HIS E 132 -72.89 -58.49 -19.12
CA HIS E 132 -72.10 -58.67 -17.89
C HIS E 132 -72.95 -59.20 -16.73
N ASP E 133 -74.29 -58.96 -16.77
CA ASP E 133 -75.23 -59.34 -15.70
C ASP E 133 -75.99 -60.66 -15.94
N ASN E 134 -75.75 -61.34 -17.06
CA ASN E 134 -76.45 -62.61 -17.33
C ASN E 134 -75.47 -63.64 -17.92
N LYS E 135 -75.59 -64.91 -17.50
CA LYS E 135 -74.80 -66.05 -17.98
C LYS E 135 -75.60 -66.60 -19.16
N LEU E 136 -75.11 -66.32 -20.36
CA LEU E 136 -75.80 -66.67 -21.58
C LEU E 136 -74.85 -67.30 -22.55
N SER E 137 -75.34 -68.29 -23.28
CA SER E 137 -74.54 -68.93 -24.31
C SER E 137 -74.70 -68.14 -25.61
N LYS E 138 -75.81 -67.40 -25.73
CA LYS E 138 -76.14 -66.68 -26.95
C LYS E 138 -76.80 -65.33 -26.75
N LEU E 139 -76.42 -64.37 -27.60
CA LEU E 139 -77.07 -63.08 -27.68
C LEU E 139 -77.59 -62.93 -29.12
N THR E 140 -78.82 -62.45 -29.27
CA THR E 140 -79.40 -62.15 -30.56
C THR E 140 -79.79 -60.68 -30.55
N VAL E 141 -79.38 -59.95 -31.57
CA VAL E 141 -79.71 -58.53 -31.68
C VAL E 141 -80.58 -58.34 -32.93
N VAL E 142 -81.76 -57.71 -32.75
CA VAL E 142 -82.70 -57.44 -33.85
C VAL E 142 -82.68 -55.95 -34.12
N PHE E 143 -82.21 -55.56 -35.32
CA PHE E 143 -82.12 -54.16 -35.72
C PHE E 143 -83.46 -53.65 -36.25
N GLU E 144 -84.16 -52.84 -35.46
CA GLU E 144 -85.41 -52.21 -35.94
C GLU E 144 -85.16 -50.72 -36.14
N ILE E 145 -83.89 -50.39 -36.43
CA ILE E 145 -83.38 -49.03 -36.68
C ILE E 145 -82.58 -49.10 -37.96
N ASN E 146 -82.33 -47.97 -38.60
CA ASN E 146 -81.56 -47.91 -39.86
C ASN E 146 -80.10 -47.63 -39.60
N VAL E 147 -79.23 -48.53 -40.04
CA VAL E 147 -77.76 -48.40 -39.85
C VAL E 147 -77.09 -48.71 -41.18
N ASP E 148 -76.11 -47.90 -41.58
CA ASP E 148 -75.37 -48.21 -42.82
C ASP E 148 -74.30 -49.27 -42.51
N LYS E 149 -73.58 -49.78 -43.53
CA LYS E 149 -72.53 -50.80 -43.36
C LYS E 149 -71.44 -50.42 -42.36
N ASN E 150 -70.92 -49.18 -42.47
CA ASN E 150 -69.88 -48.71 -41.56
C ASN E 150 -70.36 -48.61 -40.11
N LEU E 151 -71.60 -48.14 -39.89
CA LEU E 151 -72.14 -48.03 -38.54
C LEU E 151 -72.45 -49.42 -37.94
N PHE E 152 -72.88 -50.38 -38.78
CA PHE E 152 -73.09 -51.76 -38.35
C PHE E 152 -71.75 -52.35 -37.90
N ARG E 153 -70.67 -52.14 -38.69
CA ARG E 153 -69.34 -52.62 -38.31
C ARG E 153 -68.90 -51.97 -36.99
N PHE E 154 -69.17 -50.64 -36.83
CA PHE E 154 -68.85 -49.89 -35.61
C PHE E 154 -69.59 -50.51 -34.42
N PHE E 155 -70.88 -50.88 -34.61
CA PHE E 155 -71.69 -51.54 -33.57
C PHE E 155 -70.99 -52.81 -33.07
N LEU E 156 -70.59 -53.68 -33.99
CA LEU E 156 -69.89 -54.95 -33.72
C LEU E 156 -68.53 -54.73 -33.04
N GLU E 157 -67.68 -53.81 -33.59
CA GLU E 157 -66.38 -53.47 -32.99
C GLU E 157 -66.52 -53.00 -31.55
N THR E 158 -67.49 -52.08 -31.33
CA THR E 158 -67.77 -51.45 -30.02
C THR E 158 -68.30 -52.50 -29.07
N LEU E 159 -69.21 -53.33 -29.53
CA LEU E 159 -69.74 -54.42 -28.72
C LEU E 159 -68.61 -55.32 -28.25
N PHE E 160 -67.74 -55.78 -29.17
CA PHE E 160 -66.61 -56.65 -28.86
C PHE E 160 -65.65 -55.98 -27.87
N TYR E 161 -65.27 -54.74 -28.12
CA TYR E 161 -64.35 -53.99 -27.29
C TYR E 161 -64.89 -53.76 -25.89
N GLU E 162 -66.14 -53.27 -25.78
CA GLU E 162 -66.75 -52.98 -24.48
C GLU E 162 -67.03 -54.23 -23.65
N TYR E 163 -67.34 -55.33 -24.31
CA TYR E 163 -67.69 -56.60 -23.66
C TYR E 163 -66.46 -57.24 -23.03
N MET E 164 -65.32 -57.15 -23.75
CA MET E 164 -64.03 -57.70 -23.33
C MET E 164 -63.53 -57.04 -22.02
N THR E 165 -63.14 -57.84 -21.01
CA THR E 165 -62.65 -57.32 -19.73
C THR E 165 -61.17 -57.67 -19.58
N ASP E 166 -60.33 -56.66 -19.38
CA ASP E 166 -58.90 -56.83 -19.21
C ASP E 166 -58.53 -57.26 -17.78
N GLU E 167 -58.17 -58.53 -17.61
CA GLU E 167 -57.82 -59.12 -16.30
C GLU E 167 -56.35 -59.47 -16.12
N ARG E 168 -55.46 -58.94 -16.99
CA ARG E 168 -54.02 -59.21 -16.93
C ARG E 168 -53.38 -58.85 -15.59
N PHE E 169 -53.89 -57.79 -14.93
CA PHE E 169 -53.29 -57.33 -13.67
C PHE E 169 -54.03 -57.77 -12.41
N LYS E 170 -55.07 -58.58 -12.59
CA LYS E 170 -55.86 -59.15 -11.50
C LYS E 170 -55.18 -60.42 -11.06
N SER E 171 -55.18 -60.69 -9.75
CA SER E 171 -54.57 -61.90 -9.23
C SER E 171 -55.54 -62.60 -8.27
N GLU E 179 -67.94 -66.29 -17.81
CA GLU E 179 -68.42 -66.98 -19.00
C GLU E 179 -69.01 -66.04 -20.06
N TYR E 180 -68.35 -65.97 -21.22
CA TYR E 180 -68.74 -65.16 -22.37
C TYR E 180 -69.73 -65.93 -23.26
N ILE E 181 -70.58 -65.22 -24.02
CA ILE E 181 -71.46 -65.84 -25.03
C ILE E 181 -70.57 -66.57 -26.07
N LYS E 182 -71.08 -67.63 -26.66
CA LYS E 182 -70.36 -68.39 -27.69
C LYS E 182 -70.93 -68.07 -29.06
N HIS E 183 -72.13 -67.44 -29.06
CA HIS E 183 -72.85 -67.15 -30.29
C HIS E 183 -73.47 -65.78 -30.28
N LEU E 184 -73.42 -65.12 -31.44
CA LEU E 184 -74.05 -63.84 -31.66
C LEU E 184 -74.90 -63.94 -32.92
N GLY E 185 -76.20 -63.77 -32.78
CA GLY E 185 -77.14 -63.75 -33.89
C GLY E 185 -77.53 -62.31 -34.16
N VAL E 186 -77.64 -61.94 -35.44
CA VAL E 186 -78.02 -60.57 -35.84
C VAL E 186 -79.12 -60.62 -36.88
N TYR E 187 -80.28 -59.97 -36.60
CA TYR E 187 -81.35 -59.84 -37.60
C TYR E 187 -81.33 -58.40 -38.06
N ILE E 188 -81.26 -58.22 -39.39
CA ILE E 188 -81.20 -56.91 -40.00
C ILE E 188 -81.73 -56.98 -41.43
N ASN E 189 -82.31 -55.88 -41.91
CA ASN E 189 -82.80 -55.82 -43.27
C ASN E 189 -81.58 -55.75 -44.21
N ASN E 190 -81.64 -56.49 -45.34
CA ASN E 190 -80.56 -56.61 -46.33
C ASN E 190 -79.29 -57.21 -45.72
N ALA E 191 -79.45 -58.29 -44.93
CA ALA E 191 -78.41 -59.01 -44.21
C ALA E 191 -77.19 -59.36 -45.04
N ASP E 192 -77.38 -59.78 -46.30
CA ASP E 192 -76.29 -60.17 -47.19
C ASP E 192 -75.22 -59.09 -47.36
N THR E 193 -75.64 -57.82 -47.41
CA THR E 193 -74.72 -56.69 -47.58
C THR E 193 -73.86 -56.44 -46.31
N TYR E 194 -74.32 -56.87 -45.14
CA TYR E 194 -73.64 -56.64 -43.85
C TYR E 194 -72.67 -57.75 -43.43
N LYS E 195 -72.82 -58.94 -44.00
CA LYS E 195 -72.01 -60.12 -43.70
C LYS E 195 -70.50 -59.91 -43.78
N GLU E 196 -70.00 -59.16 -44.80
CA GLU E 196 -68.57 -58.90 -44.94
C GLU E 196 -67.98 -58.02 -43.83
N GLU E 197 -68.83 -57.27 -43.11
CA GLU E 197 -68.41 -56.40 -42.00
C GLU E 197 -68.03 -57.18 -40.75
N VAL E 198 -68.53 -58.41 -40.61
CA VAL E 198 -68.29 -59.23 -39.42
C VAL E 198 -66.83 -59.50 -39.14
N GLU E 199 -66.12 -60.13 -40.09
CA GLU E 199 -64.71 -60.44 -39.87
C GLU E 199 -63.79 -59.23 -39.90
N LYS E 200 -64.22 -58.14 -40.54
CA LYS E 200 -63.49 -56.85 -40.53
C LYS E 200 -63.61 -56.25 -39.12
N ALA E 201 -64.83 -56.29 -38.54
CA ALA E 201 -65.10 -55.82 -37.17
C ALA E 201 -64.25 -56.59 -36.16
N ARG E 202 -64.10 -57.95 -36.31
CA ARG E 202 -63.28 -58.73 -35.39
C ARG E 202 -61.82 -58.25 -35.42
N VAL E 203 -61.29 -58.01 -36.63
CA VAL E 203 -59.91 -57.50 -36.83
C VAL E 203 -59.74 -56.11 -36.19
N TYR E 204 -60.65 -55.18 -36.51
CA TYR E 204 -60.65 -53.82 -35.97
C TYR E 204 -60.76 -53.83 -34.46
N TYR E 205 -61.62 -54.72 -33.91
CA TYR E 205 -61.74 -54.89 -32.47
C TYR E 205 -60.36 -55.27 -31.90
N PHE E 206 -59.69 -56.29 -32.46
CA PHE E 206 -58.41 -56.69 -31.86
C PHE E 206 -57.31 -55.64 -31.93
N GLY E 207 -57.22 -54.93 -33.06
CA GLY E 207 -56.24 -53.86 -33.19
C GLY E 207 -56.45 -52.80 -32.13
N THR E 208 -57.73 -52.45 -31.87
CA THR E 208 -58.16 -51.46 -30.87
C THR E 208 -57.90 -52.00 -29.47
N TYR E 209 -58.24 -53.28 -29.23
CA TYR E 209 -58.05 -53.92 -27.94
C TYR E 209 -56.56 -54.10 -27.62
N TYR E 210 -55.75 -54.42 -28.63
CA TYR E 210 -54.31 -54.58 -28.49
C TYR E 210 -53.69 -53.22 -28.10
N ALA E 211 -54.10 -52.12 -28.78
CA ALA E 211 -53.66 -50.76 -28.44
C ALA E 211 -54.01 -50.45 -26.99
N SER E 212 -55.25 -50.77 -26.59
CA SER E 212 -55.77 -50.61 -25.25
C SER E 212 -54.91 -51.34 -24.20
N GLN E 213 -54.49 -52.60 -24.51
CA GLN E 213 -53.66 -53.40 -23.62
C GLN E 213 -52.31 -52.73 -23.35
N LEU E 214 -51.70 -52.16 -24.40
CA LEU E 214 -50.41 -51.43 -24.25
C LEU E 214 -50.58 -50.15 -23.43
N ILE E 215 -51.68 -49.39 -23.70
CA ILE E 215 -51.96 -48.14 -22.98
C ILE E 215 -52.24 -48.42 -21.50
N ALA E 216 -53.17 -49.35 -21.22
CA ALA E 216 -53.56 -49.70 -19.86
C ALA E 216 -52.42 -50.26 -19.05
N ALA E 217 -51.47 -50.98 -19.71
CA ALA E 217 -50.28 -51.52 -19.04
C ALA E 217 -49.52 -50.36 -18.36
N PRO E 218 -49.33 -50.45 -17.02
CA PRO E 218 -48.64 -49.35 -16.30
C PRO E 218 -47.20 -49.19 -16.74
N SER E 219 -46.61 -48.05 -16.39
CA SER E 219 -45.26 -47.67 -16.78
C SER E 219 -44.13 -48.57 -16.27
N ASN E 220 -44.37 -49.32 -15.18
CA ASN E 220 -43.36 -50.27 -14.68
C ASN E 220 -43.37 -51.52 -15.61
N TYR E 221 -44.54 -51.89 -16.17
CA TYR E 221 -44.65 -53.00 -17.12
C TYR E 221 -44.25 -52.55 -18.54
N CYS E 222 -44.85 -51.44 -18.99
CA CYS E 222 -44.69 -50.87 -20.32
C CYS E 222 -43.72 -49.70 -20.25
N ASN E 223 -42.45 -50.00 -20.54
CA ASN E 223 -41.34 -49.05 -20.54
C ASN E 223 -40.73 -49.08 -21.96
N PRO E 224 -39.76 -48.20 -22.31
CA PRO E 224 -39.24 -48.21 -23.68
C PRO E 224 -38.69 -49.54 -24.19
N VAL E 225 -38.08 -50.33 -23.29
CA VAL E 225 -37.51 -51.63 -23.65
C VAL E 225 -38.61 -52.69 -23.87
N SER E 226 -39.52 -52.84 -22.90
CA SER E 226 -40.60 -53.83 -23.02
C SER E 226 -41.59 -53.50 -24.15
N LEU E 227 -41.86 -52.21 -24.38
CA LEU E 227 -42.75 -51.79 -25.49
C LEU E 227 -42.14 -52.08 -26.85
N SER E 228 -40.84 -51.81 -27.03
CA SER E 228 -40.18 -52.14 -28.29
C SER E 228 -40.08 -53.67 -28.46
N ASN E 229 -39.90 -54.43 -27.35
CA ASN E 229 -39.88 -55.90 -27.43
C ASN E 229 -41.26 -56.42 -27.86
N ALA E 230 -42.35 -55.79 -27.36
CA ALA E 230 -43.74 -56.16 -27.70
C ALA E 230 -43.96 -55.91 -29.20
N ALA E 231 -43.43 -54.77 -29.72
CA ALA E 231 -43.55 -54.42 -31.16
C ALA E 231 -42.82 -55.45 -32.03
N VAL E 232 -41.67 -55.97 -31.58
CA VAL E 232 -40.90 -56.99 -32.30
C VAL E 232 -41.72 -58.29 -32.35
N GLU E 233 -42.32 -58.69 -31.22
CA GLU E 233 -43.13 -59.91 -31.13
C GLU E 233 -44.34 -59.81 -32.08
N LEU E 234 -45.00 -58.64 -32.12
CA LEU E 234 -46.12 -58.40 -32.99
C LEU E 234 -45.69 -58.54 -34.44
N ALA E 235 -44.56 -57.90 -34.81
CA ALA E 235 -43.99 -57.91 -36.17
C ALA E 235 -43.69 -59.33 -36.60
N GLN E 236 -43.12 -60.16 -35.69
CA GLN E 236 -42.77 -61.56 -35.94
C GLN E 236 -44.01 -62.39 -36.20
N LYS E 237 -45.09 -62.17 -35.42
CA LYS E 237 -46.34 -62.89 -35.58
C LYS E 237 -47.05 -62.51 -36.90
N LEU E 238 -46.87 -61.28 -37.38
CA LEU E 238 -47.53 -60.79 -38.60
C LEU E 238 -46.64 -60.88 -39.85
N ASN E 239 -45.39 -61.31 -39.69
CA ASN E 239 -44.40 -61.38 -40.78
C ASN E 239 -44.10 -60.00 -41.36
N LEU E 240 -44.03 -58.99 -40.48
CA LEU E 240 -43.68 -57.63 -40.88
C LEU E 240 -42.18 -57.50 -40.68
N GLU E 241 -41.53 -56.67 -41.49
CA GLU E 241 -40.10 -56.35 -41.34
C GLU E 241 -40.01 -55.44 -40.11
N TYR E 242 -38.94 -55.56 -39.33
CA TYR E 242 -38.78 -54.74 -38.14
C TYR E 242 -37.33 -54.37 -37.90
N LYS E 243 -37.15 -53.26 -37.21
CA LYS E 243 -35.85 -52.71 -36.82
C LYS E 243 -36.10 -51.88 -35.56
N ILE E 244 -35.33 -52.16 -34.48
CA ILE E 244 -35.35 -51.36 -33.26
C ILE E 244 -34.01 -50.64 -33.22
N LEU E 245 -34.04 -49.32 -33.21
CA LEU E 245 -32.81 -48.52 -33.15
C LEU E 245 -32.51 -48.19 -31.69
N GLY E 246 -31.30 -48.55 -31.26
CA GLY E 246 -30.81 -48.29 -29.91
C GLY E 246 -30.04 -46.99 -29.81
N VAL E 247 -29.61 -46.63 -28.60
CA VAL E 247 -28.90 -45.36 -28.30
C VAL E 247 -27.70 -45.08 -29.22
N LYS E 248 -26.81 -46.06 -29.44
CA LYS E 248 -25.64 -45.92 -30.32
C LYS E 248 -26.04 -45.50 -31.73
N GLU E 249 -27.07 -46.15 -32.31
CA GLU E 249 -27.58 -45.83 -33.65
C GLU E 249 -28.26 -44.45 -33.64
N LEU E 250 -29.00 -44.13 -32.57
CA LEU E 250 -29.68 -42.83 -32.43
C LEU E 250 -28.69 -41.69 -32.33
N GLU E 251 -27.54 -41.92 -31.64
CA GLU E 251 -26.45 -40.94 -31.54
C GLU E 251 -25.82 -40.70 -32.93
N GLU E 252 -25.58 -41.78 -33.70
CA GLU E 252 -25.03 -41.70 -35.07
C GLU E 252 -25.96 -40.90 -35.98
N LEU E 253 -27.28 -41.06 -35.78
CA LEU E 253 -28.31 -40.35 -36.55
C LEU E 253 -28.54 -38.92 -36.03
N LYS E 254 -27.80 -38.53 -34.95
CA LYS E 254 -27.85 -37.18 -34.35
C LYS E 254 -29.25 -36.78 -33.87
N MET E 255 -30.00 -37.74 -33.34
CA MET E 255 -31.35 -37.50 -32.81
C MET E 255 -31.32 -36.86 -31.41
N GLY E 256 -30.73 -35.66 -31.34
CA GLY E 256 -30.53 -34.90 -30.10
C GLY E 256 -31.77 -34.47 -29.36
N ALA E 257 -32.87 -34.17 -30.08
CA ALA E 257 -34.11 -33.74 -29.44
C ALA E 257 -34.76 -34.94 -28.72
N TYR E 258 -34.86 -36.08 -29.43
CA TYR E 258 -35.40 -37.32 -28.89
C TYR E 258 -34.51 -37.88 -27.75
N LEU E 259 -33.18 -37.91 -27.97
CA LEU E 259 -32.28 -38.42 -26.92
C LEU E 259 -32.27 -37.60 -25.64
N SER E 260 -32.45 -36.25 -25.74
CA SER E 260 -32.48 -35.37 -24.58
C SER E 260 -33.62 -35.69 -23.66
N VAL E 261 -34.80 -36.01 -24.23
CA VAL E 261 -35.98 -36.37 -23.46
C VAL E 261 -35.75 -37.61 -22.56
N GLY E 262 -35.09 -38.62 -23.12
CA GLY E 262 -34.85 -39.87 -22.42
C GLY E 262 -33.65 -39.91 -21.50
N LYS E 263 -32.84 -38.83 -21.46
CA LYS E 263 -31.62 -38.76 -20.64
C LYS E 263 -31.83 -39.11 -19.15
N GLY E 264 -32.91 -38.65 -18.56
CA GLY E 264 -33.22 -38.90 -17.15
C GLY E 264 -33.82 -40.23 -16.80
N SER E 265 -34.02 -41.12 -17.81
CA SER E 265 -34.63 -42.43 -17.59
C SER E 265 -33.61 -43.55 -17.36
N MET E 266 -33.99 -44.57 -16.57
CA MET E 266 -33.18 -45.78 -16.37
C MET E 266 -33.35 -46.72 -17.59
N TYR E 267 -34.36 -46.45 -18.45
CA TYR E 267 -34.62 -47.25 -19.63
C TYR E 267 -33.99 -46.61 -20.86
N PRO E 268 -33.10 -47.31 -21.59
CA PRO E 268 -32.54 -46.71 -22.82
C PRO E 268 -33.63 -46.46 -23.87
N ASN E 269 -33.48 -45.36 -24.63
CA ASN E 269 -34.41 -45.02 -25.72
C ASN E 269 -34.42 -46.14 -26.76
N LYS E 270 -35.59 -46.43 -27.32
CA LYS E 270 -35.76 -47.46 -28.36
C LYS E 270 -36.65 -46.90 -29.44
N PHE E 271 -36.14 -46.83 -30.69
CA PHE E 271 -36.92 -46.31 -31.79
C PHE E 271 -37.51 -47.49 -32.58
N ILE E 272 -38.84 -47.60 -32.60
CA ILE E 272 -39.55 -48.67 -33.31
C ILE E 272 -39.74 -48.33 -34.78
N HIS E 273 -39.37 -49.26 -35.68
CA HIS E 273 -39.58 -49.12 -37.11
C HIS E 273 -40.06 -50.45 -37.67
N LEU E 274 -41.37 -50.57 -37.90
CA LEU E 274 -41.97 -51.76 -38.49
C LEU E 274 -42.35 -51.40 -39.92
N THR E 275 -42.31 -52.38 -40.83
CA THR E 275 -42.70 -52.12 -42.22
C THR E 275 -43.63 -53.20 -42.77
N TYR E 276 -44.72 -52.75 -43.40
CA TYR E 276 -45.59 -53.62 -44.16
C TYR E 276 -45.35 -53.27 -45.62
N LYS E 277 -45.10 -54.27 -46.45
CA LYS E 277 -44.96 -54.00 -47.88
C LYS E 277 -45.86 -54.97 -48.64
N SER E 278 -46.71 -54.44 -49.53
CA SER E 278 -47.60 -55.26 -50.37
C SER E 278 -46.76 -56.10 -51.33
N LYS E 279 -47.26 -57.29 -51.73
CA LYS E 279 -46.55 -58.19 -52.64
C LYS E 279 -46.28 -57.64 -54.05
N GLY E 280 -47.23 -56.89 -54.62
CA GLY E 280 -47.09 -56.33 -55.96
C GLY E 280 -46.39 -55.00 -56.05
N ASP E 281 -46.78 -54.19 -57.04
CA ASP E 281 -46.23 -52.86 -57.25
C ASP E 281 -46.69 -51.91 -56.15
N VAL E 282 -45.77 -51.12 -55.60
CA VAL E 282 -46.09 -50.16 -54.56
C VAL E 282 -46.45 -48.82 -55.20
N LYS E 283 -47.70 -48.39 -54.99
CA LYS E 283 -48.23 -47.15 -55.55
C LYS E 283 -48.25 -45.99 -54.56
N LYS E 284 -48.29 -46.30 -53.25
CA LYS E 284 -48.30 -45.30 -52.19
C LYS E 284 -47.40 -45.75 -51.03
N LYS E 285 -46.60 -44.80 -50.50
CA LYS E 285 -45.73 -45.04 -49.36
C LYS E 285 -46.20 -44.13 -48.25
N ILE E 286 -46.47 -44.71 -47.07
CA ILE E 286 -46.98 -43.98 -45.92
C ILE E 286 -46.13 -44.23 -44.69
N ALA E 287 -45.87 -43.18 -43.91
CA ALA E 287 -45.23 -43.28 -42.60
C ALA E 287 -46.25 -42.87 -41.55
N LEU E 288 -46.51 -43.77 -40.58
CA LEU E 288 -47.39 -43.50 -39.44
C LEU E 288 -46.50 -43.37 -38.24
N VAL E 289 -46.54 -42.19 -37.59
CA VAL E 289 -45.68 -41.83 -36.47
C VAL E 289 -46.51 -41.67 -35.20
N GLY E 290 -46.17 -42.43 -34.18
CA GLY E 290 -46.89 -42.37 -32.90
C GLY E 290 -46.02 -41.86 -31.77
N LYS E 291 -46.56 -40.94 -30.94
CA LYS E 291 -45.83 -40.45 -29.77
C LYS E 291 -45.74 -41.61 -28.78
N GLY E 292 -44.53 -41.93 -28.34
CA GLY E 292 -44.28 -43.07 -27.47
C GLY E 292 -43.62 -42.74 -26.14
N ILE E 293 -44.24 -41.90 -25.33
CA ILE E 293 -43.71 -41.58 -23.99
C ILE E 293 -44.36 -42.57 -23.02
N THR E 294 -43.59 -43.53 -22.51
CA THR E 294 -44.13 -44.60 -21.63
C THR E 294 -44.61 -44.10 -20.29
N PHE E 295 -44.01 -43.02 -19.81
CA PHE E 295 -44.43 -42.28 -18.63
C PHE E 295 -43.97 -40.86 -18.78
N ASP E 296 -44.89 -39.93 -18.56
CA ASP E 296 -44.54 -38.52 -18.64
C ASP E 296 -44.69 -37.87 -17.26
N SER E 297 -43.59 -37.72 -16.54
CA SER E 297 -43.64 -37.06 -15.23
C SER E 297 -43.70 -35.54 -15.43
N GLY E 298 -43.31 -35.08 -16.63
CA GLY E 298 -43.14 -33.68 -16.97
C GLY E 298 -41.66 -33.29 -16.93
N GLY E 299 -40.84 -34.13 -16.30
CA GLY E 299 -39.41 -33.85 -16.13
C GLY E 299 -39.23 -32.79 -15.06
N TYR E 300 -38.16 -31.96 -15.15
CA TYR E 300 -37.94 -30.87 -14.20
C TYR E 300 -39.13 -29.91 -14.08
N ASN E 301 -39.91 -29.73 -15.19
CA ASN E 301 -41.19 -29.04 -15.18
C ASN E 301 -42.23 -30.09 -14.76
N LEU E 302 -42.08 -30.59 -13.52
CA LEU E 302 -42.91 -31.67 -12.98
C LEU E 302 -44.40 -31.40 -13.04
N LYS E 303 -45.20 -32.44 -13.36
CA LYS E 303 -46.66 -32.32 -13.36
C LYS E 303 -47.11 -32.33 -11.88
N ALA E 304 -46.98 -31.19 -11.22
CA ALA E 304 -47.29 -31.03 -9.79
C ALA E 304 -48.55 -30.19 -9.56
N ALA E 305 -48.95 -29.39 -10.56
CA ALA E 305 -50.13 -28.52 -10.50
C ALA E 305 -51.43 -29.32 -10.33
N PRO E 306 -52.42 -28.83 -9.56
CA PRO E 306 -53.70 -29.57 -9.44
C PRO E 306 -54.34 -29.71 -10.82
N GLY E 307 -54.82 -30.92 -11.13
CA GLY E 307 -55.41 -31.23 -12.43
C GLY E 307 -54.40 -31.51 -13.53
N SER E 308 -53.09 -31.69 -13.16
CA SER E 308 -52.10 -32.00 -14.20
C SER E 308 -52.10 -33.49 -14.59
N MET E 309 -52.90 -34.32 -13.87
CA MET E 309 -53.16 -35.74 -14.17
C MET E 309 -51.91 -36.63 -14.33
N ILE E 310 -50.88 -36.43 -13.48
CA ILE E 310 -49.66 -37.25 -13.53
C ILE E 310 -49.97 -38.76 -13.40
N ASP E 311 -51.03 -39.12 -12.64
CA ASP E 311 -51.44 -40.51 -12.41
C ASP E 311 -51.93 -41.22 -13.69
N LEU E 312 -52.24 -40.46 -14.73
CA LEU E 312 -52.73 -40.97 -16.01
C LEU E 312 -51.63 -41.11 -17.06
N MET E 313 -50.44 -40.57 -16.78
CA MET E 313 -49.33 -40.46 -17.74
C MET E 313 -48.71 -41.73 -18.35
N LYS E 314 -49.16 -42.90 -17.88
CA LYS E 314 -48.81 -44.18 -18.55
C LYS E 314 -49.46 -44.17 -19.96
N PHE E 315 -50.50 -43.31 -20.18
CA PHE E 315 -51.24 -43.22 -21.44
C PHE E 315 -50.51 -42.39 -22.50
N ASP E 316 -49.35 -41.81 -22.16
CA ASP E 316 -48.61 -40.93 -23.07
C ASP E 316 -47.96 -41.63 -24.28
N MET E 317 -48.11 -42.95 -24.37
CA MET E 317 -47.65 -43.78 -25.50
C MET E 317 -48.86 -44.25 -26.33
N SER E 318 -50.06 -43.63 -26.13
CA SER E 318 -51.31 -43.93 -26.87
C SER E 318 -51.15 -43.80 -28.38
N GLY E 319 -50.33 -42.85 -28.82
CA GLY E 319 -50.06 -42.62 -30.24
C GLY E 319 -49.30 -43.80 -30.80
N CYS E 320 -48.26 -44.25 -30.07
CA CYS E 320 -47.48 -45.43 -30.45
C CYS E 320 -48.42 -46.67 -30.46
N ALA E 321 -49.29 -46.79 -29.44
CA ALA E 321 -50.23 -47.90 -29.35
C ALA E 321 -51.20 -47.94 -30.53
N ALA E 322 -51.72 -46.76 -30.95
CA ALA E 322 -52.62 -46.67 -32.11
C ALA E 322 -51.90 -47.13 -33.38
N VAL E 323 -50.62 -46.74 -33.55
CA VAL E 323 -49.79 -47.11 -34.70
C VAL E 323 -49.55 -48.64 -34.73
N LEU E 324 -49.26 -49.24 -33.56
CA LEU E 324 -49.05 -50.69 -33.47
C LEU E 324 -50.35 -51.49 -33.67
N GLY E 325 -51.47 -50.95 -33.19
CA GLY E 325 -52.78 -51.55 -33.41
C GLY E 325 -53.14 -51.50 -34.89
N CYS E 326 -52.75 -50.39 -35.56
CA CYS E 326 -52.94 -50.26 -37.00
C CYS E 326 -52.05 -51.30 -37.72
N ALA E 327 -50.80 -51.51 -37.26
CA ALA E 327 -49.89 -52.53 -37.84
C ALA E 327 -50.54 -53.92 -37.74
N TYR E 328 -51.25 -54.22 -36.60
CA TYR E 328 -51.95 -55.50 -36.49
C TYR E 328 -53.04 -55.60 -37.61
N CYS E 329 -53.91 -54.58 -37.75
CA CYS E 329 -55.00 -54.58 -38.75
C CYS E 329 -54.46 -54.69 -40.18
N VAL E 330 -53.44 -53.88 -40.51
CA VAL E 330 -52.81 -53.85 -41.84
C VAL E 330 -52.13 -55.19 -42.15
N GLY E 331 -51.36 -55.71 -41.17
CA GLY E 331 -50.67 -56.98 -41.30
C GLY E 331 -51.60 -58.17 -41.47
N THR E 332 -52.82 -58.08 -40.91
CA THR E 332 -53.86 -59.11 -40.99
C THR E 332 -54.66 -58.98 -42.29
N LEU E 333 -55.12 -57.77 -42.63
CA LEU E 333 -55.96 -57.55 -43.81
C LEU E 333 -55.20 -57.53 -45.12
N LYS E 334 -53.90 -57.27 -45.05
CA LYS E 334 -52.96 -57.29 -46.18
C LYS E 334 -53.42 -56.43 -47.39
N PRO E 335 -53.51 -55.10 -47.26
CA PRO E 335 -53.88 -54.29 -48.44
C PRO E 335 -52.83 -54.36 -49.54
N GLU E 336 -53.26 -54.12 -50.79
CA GLU E 336 -52.38 -54.17 -51.95
C GLU E 336 -51.84 -52.77 -52.28
N ASN E 337 -50.75 -52.73 -53.06
CA ASN E 337 -50.09 -51.54 -53.64
C ASN E 337 -49.63 -50.47 -52.66
N VAL E 338 -49.37 -50.86 -51.41
CA VAL E 338 -48.94 -49.94 -50.37
C VAL E 338 -47.71 -50.43 -49.61
N GLU E 339 -46.90 -49.48 -49.13
CA GLU E 339 -45.77 -49.73 -48.25
C GLU E 339 -46.01 -48.81 -47.05
N ILE E 340 -46.15 -49.39 -45.85
CA ILE E 340 -46.43 -48.64 -44.63
C ILE E 340 -45.31 -48.81 -43.62
N HIS E 341 -44.81 -47.69 -43.10
CA HIS E 341 -43.77 -47.64 -42.07
C HIS E 341 -44.46 -47.23 -40.78
N PHE E 342 -44.31 -48.06 -39.73
CA PHE E 342 -44.93 -47.85 -38.43
C PHE E 342 -43.80 -47.42 -37.49
N LEU E 343 -43.82 -46.15 -37.08
CA LEU E 343 -42.71 -45.55 -36.33
C LEU E 343 -43.08 -45.00 -34.98
N SER E 344 -42.15 -45.11 -34.02
CA SER E 344 -42.29 -44.50 -32.70
C SER E 344 -40.95 -44.31 -32.03
N ALA E 345 -40.66 -43.04 -31.66
CA ALA E 345 -39.45 -42.68 -30.91
C ALA E 345 -39.85 -42.88 -29.43
N VAL E 346 -39.64 -44.10 -28.92
CA VAL E 346 -40.06 -44.48 -27.56
C VAL E 346 -39.03 -44.07 -26.49
N CYS E 347 -39.51 -43.46 -25.41
CA CYS E 347 -38.69 -43.06 -24.26
C CYS E 347 -39.58 -42.75 -23.08
N GLU E 348 -38.96 -42.40 -21.95
CA GLU E 348 -39.66 -42.08 -20.70
C GLU E 348 -39.12 -40.72 -20.19
N ASN E 349 -40.04 -39.78 -19.77
CA ASN E 349 -39.68 -38.41 -19.34
C ASN E 349 -39.63 -38.34 -17.80
N MET E 350 -38.42 -38.41 -17.25
CA MET E 350 -38.18 -38.54 -15.82
C MET E 350 -37.33 -37.45 -15.18
N VAL E 351 -37.29 -37.44 -13.82
CA VAL E 351 -36.52 -36.50 -13.01
C VAL E 351 -35.33 -37.24 -12.42
N SER E 352 -34.14 -36.71 -12.65
CA SER E 352 -32.89 -37.36 -12.30
C SER E 352 -31.76 -36.36 -12.36
N LYS E 353 -30.58 -36.74 -11.86
CA LYS E 353 -29.39 -35.89 -12.01
C LYS E 353 -29.07 -35.82 -13.50
N ASN E 354 -29.49 -36.85 -14.28
CA ASN E 354 -29.18 -36.97 -15.71
C ASN E 354 -30.17 -36.35 -16.66
N SER E 355 -31.29 -35.81 -16.16
CA SER E 355 -32.33 -35.25 -17.02
C SER E 355 -31.93 -34.00 -17.76
N TYR E 356 -32.63 -33.71 -18.87
CA TYR E 356 -32.43 -32.44 -19.57
C TYR E 356 -33.12 -31.39 -18.74
N ARG E 357 -32.68 -30.15 -18.87
CA ARG E 357 -33.22 -29.07 -18.04
C ARG E 357 -33.98 -28.04 -18.86
N PRO E 358 -34.92 -27.29 -18.22
CA PRO E 358 -35.52 -26.13 -18.90
C PRO E 358 -34.38 -25.16 -19.25
N GLY E 359 -34.39 -24.64 -20.46
CA GLY E 359 -33.34 -23.74 -20.94
C GLY E 359 -32.29 -24.41 -21.80
N ASP E 360 -32.17 -25.75 -21.72
CA ASP E 360 -31.15 -26.46 -22.52
C ASP E 360 -31.33 -26.22 -24.00
N ILE E 361 -30.20 -26.09 -24.74
CA ILE E 361 -30.27 -25.97 -26.19
C ILE E 361 -29.79 -27.29 -26.75
N ILE E 362 -30.65 -27.93 -27.53
CA ILE E 362 -30.43 -29.25 -28.09
C ILE E 362 -30.48 -29.19 -29.62
N THR E 363 -29.81 -30.14 -30.29
CA THR E 363 -29.75 -30.16 -31.75
C THR E 363 -30.53 -31.34 -32.32
N ALA E 364 -31.55 -31.07 -33.15
CA ALA E 364 -32.33 -32.10 -33.81
C ALA E 364 -31.48 -32.72 -34.95
N SER E 365 -31.91 -33.90 -35.46
CA SER E 365 -31.23 -34.63 -36.52
C SER E 365 -31.17 -33.90 -37.86
N ASN E 366 -31.95 -32.81 -38.04
CA ASN E 366 -31.87 -32.03 -39.29
C ASN E 366 -30.94 -30.80 -39.08
N GLY E 367 -30.27 -30.75 -37.93
CA GLY E 367 -29.34 -29.66 -37.61
C GLY E 367 -29.95 -28.44 -36.93
N LYS E 368 -31.29 -28.40 -36.78
CA LYS E 368 -31.95 -27.27 -36.11
C LYS E 368 -31.69 -27.28 -34.59
N THR E 369 -31.21 -26.13 -34.05
CA THR E 369 -31.01 -26.03 -32.61
C THR E 369 -32.33 -25.58 -32.00
N ILE E 370 -32.69 -26.20 -30.87
CA ILE E 370 -33.95 -25.94 -30.19
C ILE E 370 -33.69 -25.49 -28.76
N GLU E 371 -34.36 -24.39 -28.35
CA GLU E 371 -34.26 -23.97 -26.96
C GLU E 371 -35.45 -24.59 -26.21
N VAL E 372 -35.15 -25.37 -25.17
CA VAL E 372 -36.17 -26.04 -24.34
C VAL E 372 -36.75 -25.01 -23.37
N GLY E 373 -38.03 -24.70 -23.51
CA GLY E 373 -38.66 -23.75 -22.61
C GLY E 373 -39.35 -24.46 -21.45
N ASN E 374 -39.74 -25.72 -21.68
CA ASN E 374 -40.46 -26.51 -20.67
C ASN E 374 -40.24 -27.98 -20.96
N THR E 375 -39.69 -28.74 -19.98
CA THR E 375 -39.38 -30.17 -20.16
C THR E 375 -40.63 -31.03 -20.33
N ASP E 376 -41.83 -30.48 -20.02
CA ASP E 376 -43.12 -31.17 -20.15
C ASP E 376 -43.68 -31.02 -21.59
N ALA E 377 -42.99 -30.28 -22.47
CA ALA E 377 -43.42 -30.23 -23.89
C ALA E 377 -42.46 -31.19 -24.62
N GLU E 378 -42.28 -32.40 -24.05
CA GLU E 378 -41.36 -33.41 -24.54
C GLU E 378 -41.79 -34.11 -25.83
N GLY E 379 -43.09 -34.30 -26.00
CA GLY E 379 -43.64 -35.02 -27.13
C GLY E 379 -43.22 -34.45 -28.45
N ARG E 380 -43.26 -33.11 -28.57
CA ARG E 380 -42.89 -32.44 -29.83
C ARG E 380 -41.40 -32.62 -30.15
N LEU E 381 -40.55 -32.79 -29.13
CA LEU E 381 -39.11 -32.99 -29.32
C LEU E 381 -38.85 -34.39 -29.87
N THR E 382 -39.51 -35.42 -29.31
CA THR E 382 -39.35 -36.79 -29.80
C THR E 382 -39.91 -36.90 -31.22
N LEU E 383 -41.06 -36.22 -31.46
CA LEU E 383 -41.72 -36.21 -32.77
C LEU E 383 -40.90 -35.49 -33.82
N ALA E 384 -40.18 -34.42 -33.44
CA ALA E 384 -39.33 -33.68 -34.38
C ALA E 384 -38.30 -34.62 -35.03
N ASP E 385 -37.59 -35.42 -34.19
CA ASP E 385 -36.63 -36.39 -34.73
C ASP E 385 -37.29 -37.55 -35.47
N ALA E 386 -38.48 -38.01 -35.01
CA ALA E 386 -39.21 -39.09 -35.71
C ALA E 386 -39.70 -38.61 -37.09
N LEU E 387 -40.10 -37.32 -37.19
CA LEU E 387 -40.56 -36.72 -38.45
C LEU E 387 -39.42 -36.57 -39.45
N VAL E 388 -38.20 -36.20 -38.98
CA VAL E 388 -37.01 -36.08 -39.85
C VAL E 388 -36.69 -37.48 -40.39
N TYR E 389 -36.76 -38.52 -39.50
CA TYR E 389 -36.53 -39.92 -39.87
C TYR E 389 -37.56 -40.36 -40.92
N ALA E 390 -38.85 -40.07 -40.68
CA ALA E 390 -39.94 -40.45 -41.59
C ALA E 390 -39.76 -39.83 -42.98
N GLU E 391 -39.40 -38.53 -43.02
CA GLU E 391 -39.21 -37.84 -44.31
C GLU E 391 -38.04 -38.42 -45.12
N LYS E 392 -36.96 -38.87 -44.42
CA LYS E 392 -35.80 -39.50 -45.10
C LYS E 392 -36.19 -40.80 -45.80
N LEU E 393 -37.34 -41.42 -45.41
CA LEU E 393 -37.83 -42.66 -46.03
C LEU E 393 -38.40 -42.46 -47.44
N GLY E 394 -38.66 -41.20 -47.83
CA GLY E 394 -39.22 -40.85 -49.15
C GLY E 394 -40.63 -41.35 -49.31
N VAL E 395 -41.52 -40.97 -48.40
CA VAL E 395 -42.93 -41.41 -48.42
C VAL E 395 -43.83 -40.34 -49.07
N ASP E 396 -45.06 -40.72 -49.42
CA ASP E 396 -46.06 -39.81 -49.99
C ASP E 396 -46.77 -39.04 -48.89
N TYR E 397 -47.08 -39.71 -47.76
CA TYR E 397 -47.76 -39.11 -46.63
C TYR E 397 -47.10 -39.47 -45.32
N ILE E 398 -47.02 -38.50 -44.41
CA ILE E 398 -46.56 -38.71 -43.04
C ILE E 398 -47.75 -38.32 -42.19
N VAL E 399 -48.21 -39.24 -41.33
CA VAL E 399 -49.30 -38.94 -40.41
C VAL E 399 -48.77 -39.24 -39.02
N ASP E 400 -48.79 -38.24 -38.14
CA ASP E 400 -48.42 -38.49 -36.75
C ASP E 400 -49.68 -38.45 -35.87
N ILE E 401 -49.63 -39.21 -34.77
CA ILE E 401 -50.74 -39.31 -33.82
C ILE E 401 -50.12 -39.25 -32.43
N ALA E 402 -50.63 -38.34 -31.58
CA ALA E 402 -49.99 -38.07 -30.30
C ALA E 402 -50.91 -37.45 -29.25
N THR E 403 -50.70 -37.83 -27.97
CA THR E 403 -51.38 -37.22 -26.82
C THR E 403 -50.51 -35.99 -26.48
N LEU E 404 -50.53 -35.01 -27.37
CA LEU E 404 -49.63 -33.87 -27.30
C LEU E 404 -49.98 -32.71 -26.38
N THR E 405 -51.18 -32.13 -26.54
CA THR E 405 -51.54 -30.93 -25.76
C THR E 405 -52.77 -31.11 -24.92
N GLY E 406 -52.66 -30.73 -23.65
CA GLY E 406 -53.78 -30.75 -22.71
C GLY E 406 -54.90 -29.81 -23.12
N ALA E 407 -54.58 -28.72 -23.87
CA ALA E 407 -55.56 -27.77 -24.37
C ALA E 407 -56.63 -28.40 -25.28
N MET E 408 -56.38 -29.62 -25.83
CA MET E 408 -57.38 -30.35 -26.63
C MET E 408 -58.65 -30.60 -25.81
N LEU E 409 -58.50 -30.85 -24.50
CA LEU E 409 -59.64 -31.06 -23.60
C LEU E 409 -60.54 -29.81 -23.53
N TYR E 410 -59.95 -28.62 -23.73
CA TYR E 410 -60.65 -27.33 -23.70
C TYR E 410 -61.21 -26.95 -25.05
N SER E 411 -60.56 -27.38 -26.13
CA SER E 411 -61.00 -27.01 -27.46
C SER E 411 -62.05 -27.96 -28.02
N LEU E 412 -61.74 -29.27 -28.11
CA LEU E 412 -62.67 -30.24 -28.68
C LEU E 412 -63.26 -31.19 -27.66
N GLY E 413 -62.61 -31.30 -26.51
CA GLY E 413 -63.09 -32.15 -25.44
C GLY E 413 -62.63 -33.58 -25.56
N THR E 414 -63.46 -34.49 -25.05
CA THR E 414 -63.17 -35.92 -24.97
C THR E 414 -63.67 -36.78 -26.12
N SER E 415 -64.48 -36.21 -27.04
CA SER E 415 -65.04 -37.01 -28.14
C SER E 415 -64.36 -36.89 -29.48
N TYR E 416 -63.96 -35.67 -29.86
CA TYR E 416 -63.35 -35.40 -31.17
C TYR E 416 -61.86 -35.11 -31.02
N ALA E 417 -61.01 -35.78 -31.83
CA ALA E 417 -59.58 -35.49 -31.85
C ALA E 417 -59.41 -34.31 -32.84
N GLY E 418 -58.28 -33.63 -32.77
CA GLY E 418 -58.00 -32.54 -33.68
C GLY E 418 -57.00 -32.96 -34.73
N VAL E 419 -57.20 -32.52 -35.97
CA VAL E 419 -56.24 -32.79 -37.04
C VAL E 419 -55.69 -31.46 -37.58
N PHE E 420 -54.37 -31.38 -37.73
CA PHE E 420 -53.65 -30.21 -38.25
C PHE E 420 -52.76 -30.73 -39.38
N GLY E 421 -52.43 -29.90 -40.34
CA GLY E 421 -51.56 -30.35 -41.42
C GLY E 421 -51.07 -29.28 -42.36
N ASN E 422 -50.16 -29.64 -43.27
CA ASN E 422 -49.60 -28.72 -44.28
C ASN E 422 -50.19 -29.00 -45.66
N ASN E 423 -51.14 -29.96 -45.74
CA ASN E 423 -51.70 -30.40 -47.03
C ASN E 423 -53.19 -30.70 -46.93
N GLU E 424 -54.01 -29.92 -47.65
CA GLU E 424 -55.46 -30.04 -47.64
C GLU E 424 -55.98 -31.40 -48.12
N GLU E 425 -55.37 -31.96 -49.18
CA GLU E 425 -55.78 -33.26 -49.73
C GLU E 425 -55.60 -34.35 -48.67
N LEU E 426 -54.46 -34.35 -47.96
CA LEU E 426 -54.20 -35.33 -46.89
C LEU E 426 -55.18 -35.15 -45.73
N ILE E 427 -55.45 -33.89 -45.31
CA ILE E 427 -56.41 -33.61 -44.24
C ILE E 427 -57.79 -34.20 -44.62
N ASN E 428 -58.25 -33.96 -45.87
CA ASN E 428 -59.53 -34.47 -46.37
C ASN E 428 -59.59 -36.00 -46.35
N LYS E 429 -58.47 -36.68 -46.69
CA LYS E 429 -58.38 -38.14 -46.61
C LYS E 429 -58.53 -38.62 -45.17
N ILE E 430 -57.94 -37.90 -44.22
CA ILE E 430 -58.07 -38.24 -42.78
C ILE E 430 -59.50 -38.01 -42.31
N LEU E 431 -60.13 -36.89 -42.75
CA LEU E 431 -61.54 -36.59 -42.43
C LEU E 431 -62.47 -37.66 -43.00
N GLN E 432 -62.19 -38.15 -44.21
CA GLN E 432 -62.95 -39.24 -44.82
C GLN E 432 -62.77 -40.55 -44.01
N SER E 433 -61.55 -40.82 -43.54
CA SER E 433 -61.23 -42.01 -42.70
C SER E 433 -61.94 -41.92 -41.37
N SER E 434 -62.12 -40.70 -40.86
CA SER E 434 -62.85 -40.43 -39.62
C SER E 434 -64.32 -40.82 -39.77
N LYS E 435 -64.92 -40.43 -40.92
CA LYS E 435 -66.32 -40.73 -41.24
C LYS E 435 -66.59 -42.22 -41.36
N THR E 436 -65.70 -42.96 -42.04
CA THR E 436 -65.87 -44.41 -42.24
C THR E 436 -65.48 -45.27 -41.06
N SER E 437 -64.53 -44.84 -40.25
CA SER E 437 -64.14 -45.60 -39.04
C SER E 437 -65.07 -45.25 -37.87
N ASN E 438 -65.75 -44.08 -37.99
CA ASN E 438 -66.63 -43.53 -36.94
C ASN E 438 -65.80 -43.12 -35.69
N GLU E 439 -64.51 -42.74 -35.89
CA GLU E 439 -63.63 -42.21 -34.82
C GLU E 439 -63.56 -40.72 -35.13
N PRO E 440 -64.32 -39.91 -34.41
CA PRO E 440 -64.44 -38.48 -34.80
C PRO E 440 -63.22 -37.60 -34.68
N VAL E 441 -62.98 -36.83 -35.74
CA VAL E 441 -61.86 -35.91 -35.88
C VAL E 441 -62.38 -34.57 -36.42
N TRP E 442 -61.76 -33.44 -36.00
CA TRP E 442 -62.15 -32.15 -36.52
C TRP E 442 -60.90 -31.42 -36.99
N TRP E 443 -60.98 -30.78 -38.15
CA TRP E 443 -59.87 -30.04 -38.71
C TRP E 443 -59.66 -28.71 -37.98
N LEU E 444 -58.44 -28.50 -37.45
CA LEU E 444 -58.04 -27.29 -36.76
C LEU E 444 -56.93 -26.60 -37.55
N PRO E 445 -56.83 -25.25 -37.51
CA PRO E 445 -55.86 -24.58 -38.39
C PRO E 445 -54.45 -24.48 -37.84
N ILE E 446 -53.48 -24.36 -38.74
CA ILE E 446 -52.11 -24.06 -38.36
C ILE E 446 -52.02 -22.57 -38.72
N ILE E 447 -52.14 -21.70 -37.73
CA ILE E 447 -52.17 -20.24 -37.93
C ILE E 447 -50.74 -19.71 -38.01
N ASN E 448 -50.31 -19.40 -39.24
CA ASN E 448 -48.96 -18.90 -39.54
C ASN E 448 -48.55 -17.66 -38.81
N GLU E 449 -49.52 -16.79 -38.43
CA GLU E 449 -49.27 -15.57 -37.66
C GLU E 449 -48.59 -15.88 -36.30
N TYR E 450 -48.80 -17.09 -35.76
CA TYR E 450 -48.22 -17.45 -34.45
C TYR E 450 -46.78 -17.95 -34.55
N ARG E 451 -46.28 -18.19 -35.77
CA ARG E 451 -44.91 -18.71 -35.97
C ARG E 451 -43.82 -17.85 -35.29
N ALA E 452 -43.97 -16.50 -35.32
CA ALA E 452 -43.01 -15.57 -34.69
C ALA E 452 -42.82 -15.82 -33.19
N THR E 453 -43.83 -16.43 -32.52
CA THR E 453 -43.73 -16.74 -31.07
C THR E 453 -42.70 -17.85 -30.79
N LEU E 454 -42.27 -18.58 -31.84
CA LEU E 454 -41.27 -19.63 -31.72
C LEU E 454 -39.87 -19.13 -32.08
N ASN E 455 -39.70 -17.81 -32.33
CA ASN E 455 -38.38 -17.26 -32.64
C ASN E 455 -37.58 -17.20 -31.34
N SER E 456 -36.45 -17.90 -31.29
CA SER E 456 -35.60 -17.95 -30.10
C SER E 456 -34.54 -16.87 -30.20
N LYS E 457 -34.15 -16.28 -29.06
CA LYS E 457 -33.07 -15.30 -29.03
C LYS E 457 -31.71 -15.97 -29.34
N TYR E 458 -31.54 -17.23 -28.89
CA TYR E 458 -30.27 -17.96 -29.00
C TYR E 458 -30.23 -19.11 -29.97
N ALA E 459 -31.24 -19.98 -29.92
CA ALA E 459 -31.31 -21.17 -30.77
C ALA E 459 -32.00 -20.83 -32.08
N ASP E 460 -32.04 -21.79 -33.03
CA ASP E 460 -32.74 -21.58 -34.30
C ASP E 460 -34.25 -21.44 -34.07
N ILE E 461 -34.78 -22.12 -33.06
CA ILE E 461 -36.21 -22.13 -32.75
C ILE E 461 -36.46 -22.44 -31.28
N ASN E 462 -37.58 -21.93 -30.77
CA ASN E 462 -38.07 -22.24 -29.44
C ASN E 462 -38.95 -23.47 -29.57
N GLN E 463 -38.93 -24.33 -28.53
CA GLN E 463 -39.77 -25.51 -28.38
C GLN E 463 -41.23 -25.00 -28.11
N ILE E 464 -41.36 -23.97 -27.28
CA ILE E 464 -42.66 -23.46 -26.92
C ILE E 464 -42.76 -21.98 -27.09
N SER E 465 -44.00 -21.48 -27.13
CA SER E 465 -44.26 -20.04 -27.12
C SER E 465 -44.24 -19.62 -25.64
N SER E 466 -43.89 -18.38 -25.34
CA SER E 466 -43.90 -17.90 -23.94
C SER E 466 -45.33 -17.90 -23.34
N SER E 467 -46.36 -17.59 -24.16
CA SER E 467 -47.76 -17.60 -23.70
C SER E 467 -48.46 -18.94 -23.90
N VAL E 468 -49.58 -19.15 -23.19
CA VAL E 468 -50.42 -20.36 -23.29
C VAL E 468 -51.48 -20.24 -24.42
N LYS E 469 -51.52 -19.07 -25.10
CA LYS E 469 -52.48 -18.87 -26.19
C LYS E 469 -52.20 -19.85 -27.35
N ALA E 470 -53.23 -20.65 -27.71
CA ALA E 470 -53.25 -21.61 -28.83
C ALA E 470 -52.12 -22.68 -28.79
N SER E 471 -52.01 -23.36 -27.64
CA SER E 471 -51.03 -24.40 -27.37
C SER E 471 -50.96 -25.46 -28.45
N SER E 472 -52.14 -26.03 -28.80
CA SER E 472 -52.23 -27.11 -29.77
C SER E 472 -51.77 -26.65 -31.17
N ILE E 473 -52.09 -25.39 -31.52
CA ILE E 473 -51.71 -24.78 -32.79
C ILE E 473 -50.19 -24.51 -32.82
N VAL E 474 -49.66 -23.94 -31.72
CA VAL E 474 -48.22 -23.64 -31.61
C VAL E 474 -47.40 -24.95 -31.70
N ALA E 475 -47.85 -26.04 -31.05
CA ALA E 475 -47.18 -27.34 -31.12
C ALA E 475 -47.14 -27.82 -32.59
N SER E 476 -48.25 -27.62 -33.35
CA SER E 476 -48.32 -27.99 -34.78
C SER E 476 -47.37 -27.16 -35.63
N LEU E 477 -47.20 -25.86 -35.30
CA LEU E 477 -46.26 -24.97 -36.00
C LEU E 477 -44.83 -25.45 -35.77
N PHE E 478 -44.52 -25.90 -34.54
CA PHE E 478 -43.21 -26.46 -34.21
C PHE E 478 -42.95 -27.73 -35.05
N LEU E 479 -43.91 -28.68 -35.07
CA LEU E 479 -43.77 -29.94 -35.81
C LEU E 479 -43.59 -29.72 -37.31
N LYS E 480 -44.33 -28.71 -37.86
CA LYS E 480 -44.27 -28.34 -39.27
C LYS E 480 -42.84 -28.00 -39.72
N GLU E 481 -42.01 -27.47 -38.80
CA GLU E 481 -40.62 -27.11 -39.08
C GLU E 481 -39.72 -28.33 -39.34
N PHE E 482 -40.22 -29.54 -39.05
CA PHE E 482 -39.46 -30.79 -39.21
C PHE E 482 -39.90 -31.63 -40.41
N VAL E 483 -40.77 -31.05 -41.26
CA VAL E 483 -41.25 -31.68 -42.51
C VAL E 483 -41.02 -30.64 -43.61
N GLN E 484 -40.07 -30.92 -44.49
CA GLN E 484 -39.67 -29.98 -45.53
C GLN E 484 -40.49 -29.99 -46.80
N ASN E 485 -40.73 -31.18 -47.36
CA ASN E 485 -41.42 -31.25 -48.66
C ASN E 485 -42.31 -32.49 -48.82
N THR E 486 -43.02 -32.87 -47.76
CA THR E 486 -43.92 -34.03 -47.80
C THR E 486 -45.26 -33.64 -47.20
N ALA E 487 -46.37 -34.17 -47.76
CA ALA E 487 -47.73 -34.01 -47.23
C ALA E 487 -47.73 -34.64 -45.83
N TRP E 488 -48.07 -33.83 -44.83
CA TRP E 488 -48.03 -34.24 -43.44
C TRP E 488 -49.28 -33.77 -42.68
N ALA E 489 -49.78 -34.62 -41.79
CA ALA E 489 -50.91 -34.32 -40.91
C ALA E 489 -50.58 -34.81 -39.52
N HIS E 490 -51.10 -34.11 -38.50
CA HIS E 490 -50.85 -34.35 -37.09
C HIS E 490 -52.18 -34.49 -36.38
N ILE E 491 -52.39 -35.62 -35.69
CA ILE E 491 -53.63 -35.88 -34.99
C ILE E 491 -53.37 -35.79 -33.50
N ASP E 492 -53.95 -34.76 -32.85
CA ASP E 492 -53.76 -34.59 -31.41
C ASP E 492 -54.89 -35.31 -30.68
N ILE E 493 -54.54 -36.42 -30.00
CA ILE E 493 -55.48 -37.30 -29.28
C ILE E 493 -55.41 -37.18 -27.75
N ALA E 494 -54.76 -36.13 -27.24
CA ALA E 494 -54.65 -35.88 -25.80
C ALA E 494 -56.00 -35.87 -25.07
N GLY E 495 -57.02 -35.33 -25.72
CA GLY E 495 -58.37 -35.26 -25.15
C GLY E 495 -59.21 -36.52 -25.27
N VAL E 496 -59.03 -37.27 -26.33
CA VAL E 496 -59.86 -38.44 -26.67
C VAL E 496 -59.32 -39.81 -26.28
N SER E 497 -58.02 -39.92 -25.98
CA SER E 497 -57.42 -41.23 -25.75
C SER E 497 -57.97 -42.02 -24.55
N TRP E 498 -58.19 -41.33 -23.43
CA TRP E 498 -58.63 -41.96 -22.20
C TRP E 498 -60.11 -41.78 -21.96
N ASN E 499 -60.79 -42.88 -21.65
CA ASN E 499 -62.21 -42.83 -21.33
C ASN E 499 -62.27 -42.61 -19.80
N PHE E 500 -62.41 -41.35 -19.37
CA PHE E 500 -62.43 -40.96 -17.95
C PHE E 500 -63.56 -41.59 -17.19
N LYS E 501 -64.76 -41.64 -17.76
CA LYS E 501 -65.93 -42.23 -17.11
C LYS E 501 -65.77 -43.75 -16.85
N ALA E 502 -65.29 -44.51 -17.87
CA ALA E 502 -65.07 -45.96 -17.76
C ALA E 502 -63.70 -46.34 -17.12
N ARG E 503 -62.82 -45.35 -16.89
CA ARG E 503 -61.49 -45.54 -16.29
C ARG E 503 -60.61 -46.52 -17.12
N LYS E 504 -60.64 -46.36 -18.45
CA LYS E 504 -59.89 -47.24 -19.34
C LYS E 504 -59.51 -46.54 -20.66
N PRO E 505 -58.55 -47.05 -21.45
CA PRO E 505 -58.25 -46.40 -22.74
C PRO E 505 -59.34 -46.70 -23.76
N LYS E 506 -59.36 -45.92 -24.84
CA LYS E 506 -60.28 -46.16 -25.95
C LYS E 506 -59.62 -46.94 -27.08
N GLY E 507 -58.28 -46.92 -27.15
CA GLY E 507 -57.54 -47.49 -28.27
C GLY E 507 -57.82 -46.61 -29.48
N PHE E 508 -58.02 -45.29 -29.25
CA PHE E 508 -58.36 -44.32 -30.28
C PHE E 508 -57.32 -44.20 -31.36
N GLY E 509 -57.79 -44.24 -32.61
CA GLY E 509 -56.93 -44.04 -33.76
C GLY E 509 -56.61 -45.26 -34.58
N VAL E 510 -56.72 -46.46 -33.97
CA VAL E 510 -56.45 -47.72 -34.71
C VAL E 510 -57.33 -47.82 -35.98
N ARG E 511 -58.66 -47.75 -35.83
CA ARG E 511 -59.61 -47.88 -36.96
C ARG E 511 -59.46 -46.72 -37.93
N LEU E 512 -59.28 -45.49 -37.41
CA LEU E 512 -59.06 -44.28 -38.21
C LEU E 512 -57.87 -44.48 -39.14
N LEU E 513 -56.70 -44.88 -38.56
CA LEU E 513 -55.49 -45.08 -39.37
C LEU E 513 -55.60 -46.26 -40.32
N THR E 514 -56.28 -47.35 -39.91
CA THR E 514 -56.47 -48.51 -40.81
C THR E 514 -57.36 -48.13 -42.00
N GLU E 515 -58.48 -47.41 -41.75
CA GLU E 515 -59.38 -46.95 -42.82
C GLU E 515 -58.62 -46.03 -43.77
N PHE E 516 -57.73 -45.20 -43.23
CA PHE E 516 -56.85 -44.32 -44.04
C PHE E 516 -55.96 -45.14 -44.99
N VAL E 517 -55.27 -46.16 -44.46
CA VAL E 517 -54.38 -47.03 -45.23
C VAL E 517 -55.18 -47.85 -46.28
N LEU E 518 -56.30 -48.46 -45.86
CA LEU E 518 -57.13 -49.31 -46.69
C LEU E 518 -57.87 -48.59 -47.82
N ASN E 519 -58.43 -47.41 -47.54
CA ASN E 519 -59.21 -46.65 -48.53
C ASN E 519 -58.37 -45.75 -49.39
N SER F 3 -11.59 -31.60 -14.92
CA SER F 3 -11.38 -31.26 -16.32
C SER F 3 -12.27 -31.92 -17.39
N GLU F 4 -12.44 -33.25 -17.39
CA GLU F 4 -13.31 -33.89 -18.39
C GLU F 4 -14.79 -33.74 -18.03
N VAL F 5 -15.57 -33.17 -18.93
CA VAL F 5 -16.99 -32.98 -18.70
C VAL F 5 -17.79 -34.26 -18.86
N PRO F 6 -18.52 -34.73 -17.83
CA PRO F 6 -19.31 -35.96 -18.01
C PRO F 6 -20.46 -35.75 -18.97
N GLN F 7 -20.82 -36.80 -19.69
CA GLN F 7 -21.91 -36.78 -20.65
C GLN F 7 -22.89 -37.92 -20.36
N VAL F 8 -24.18 -37.71 -20.66
CA VAL F 8 -25.20 -38.76 -20.54
C VAL F 8 -25.21 -39.46 -21.91
N VAL F 9 -25.26 -38.67 -22.98
CA VAL F 9 -25.23 -39.17 -24.37
C VAL F 9 -24.04 -38.50 -25.08
N SER F 10 -23.55 -39.10 -26.16
CA SER F 10 -22.42 -38.57 -26.93
C SER F 10 -22.70 -37.18 -27.54
N LEU F 11 -23.98 -36.81 -27.66
CA LEU F 11 -24.40 -35.51 -28.19
C LEU F 11 -24.33 -34.39 -27.15
N ASP F 12 -24.16 -34.73 -25.85
CA ASP F 12 -24.03 -33.71 -24.80
C ASP F 12 -22.75 -32.87 -25.02
N PRO F 13 -22.86 -31.53 -25.01
CA PRO F 13 -21.66 -30.69 -25.20
C PRO F 13 -20.64 -30.81 -24.07
N THR F 14 -19.35 -30.65 -24.40
CA THR F 14 -18.26 -30.77 -23.43
C THR F 14 -17.51 -29.46 -23.15
N SER F 15 -17.99 -28.35 -23.71
CA SER F 15 -17.41 -27.03 -23.47
C SER F 15 -18.41 -25.94 -23.76
N ILE F 16 -18.17 -24.75 -23.20
CA ILE F 16 -18.99 -23.57 -23.49
C ILE F 16 -18.33 -22.90 -24.71
N PRO F 17 -19.04 -22.71 -25.85
CA PRO F 17 -18.44 -21.93 -26.95
C PRO F 17 -18.30 -20.46 -26.48
N ILE F 18 -17.13 -19.87 -26.71
CA ILE F 18 -16.84 -18.50 -26.32
C ILE F 18 -16.26 -17.75 -27.52
N GLU F 19 -16.80 -16.57 -27.80
CA GLU F 19 -16.30 -15.67 -28.82
C GLU F 19 -15.44 -14.62 -28.11
N TYR F 20 -14.13 -14.60 -28.38
CA TYR F 20 -13.20 -13.62 -27.81
C TYR F 20 -13.00 -12.47 -28.78
N ASN F 21 -12.70 -12.79 -30.05
CA ASN F 21 -12.50 -11.80 -31.12
C ASN F 21 -13.85 -11.47 -31.71
N THR F 22 -14.48 -10.41 -31.24
CA THR F 22 -15.81 -10.04 -31.72
C THR F 22 -15.71 -8.95 -32.82
N PRO F 23 -16.77 -8.76 -33.64
CA PRO F 23 -16.73 -7.67 -34.63
C PRO F 23 -16.55 -6.26 -34.02
N ILE F 24 -16.96 -6.07 -32.74
CA ILE F 24 -16.76 -4.81 -32.03
C ILE F 24 -15.25 -4.47 -31.93
N HIS F 25 -14.41 -5.51 -31.75
CA HIS F 25 -12.96 -5.34 -31.67
C HIS F 25 -12.35 -4.81 -32.97
N ASP F 26 -13.06 -4.97 -34.11
CA ASP F 26 -12.61 -4.51 -35.43
C ASP F 26 -13.03 -3.08 -35.76
N ILE F 27 -13.82 -2.44 -34.88
CA ILE F 27 -14.26 -1.06 -35.10
C ILE F 27 -13.16 -0.07 -34.74
N LYS F 28 -12.75 0.76 -35.71
CA LYS F 28 -11.77 1.82 -35.52
C LYS F 28 -12.56 3.06 -35.05
N VAL F 29 -12.23 3.57 -33.87
CA VAL F 29 -12.92 4.71 -33.27
C VAL F 29 -12.10 5.99 -33.35
N GLN F 30 -12.71 7.10 -33.82
CA GLN F 30 -12.08 8.40 -33.93
C GLN F 30 -12.97 9.44 -33.23
N VAL F 31 -12.36 10.27 -32.36
CA VAL F 31 -13.05 11.32 -31.62
C VAL F 31 -12.59 12.71 -32.12
N TYR F 32 -13.56 13.57 -32.45
CA TYR F 32 -13.32 14.91 -32.99
C TYR F 32 -14.05 16.00 -32.23
N ASP F 33 -13.52 17.23 -32.26
CA ASP F 33 -14.15 18.40 -31.65
C ASP F 33 -15.25 18.88 -32.57
N ILE F 34 -16.41 19.23 -32.01
CA ILE F 34 -17.57 19.73 -32.75
C ILE F 34 -17.37 21.15 -33.31
N LYS F 35 -16.41 21.90 -32.71
CA LYS F 35 -16.07 23.27 -33.11
C LYS F 35 -15.61 23.45 -34.56
N GLY F 36 -14.90 22.46 -35.11
CA GLY F 36 -14.39 22.50 -36.49
C GLY F 36 -15.36 22.07 -37.57
N GLY F 37 -16.60 21.78 -37.16
CA GLY F 37 -17.67 21.33 -38.07
C GLY F 37 -17.63 19.83 -38.31
N CYS F 38 -18.78 19.27 -38.71
CA CYS F 38 -18.90 17.84 -38.96
C CYS F 38 -18.77 17.53 -40.44
N ASN F 39 -17.99 16.47 -40.78
CA ASN F 39 -17.83 15.96 -42.13
C ASN F 39 -18.81 14.81 -42.33
N VAL F 40 -19.60 14.87 -43.40
CA VAL F 40 -20.58 13.84 -43.76
C VAL F 40 -20.17 13.33 -45.15
N GLU F 41 -19.34 12.27 -45.17
CA GLU F 41 -18.82 11.73 -46.43
C GLU F 41 -19.33 10.34 -46.76
N GLU F 42 -19.59 9.52 -45.72
CA GLU F 42 -20.05 8.14 -45.87
C GLU F 42 -20.88 7.68 -44.68
N GLY F 43 -21.46 6.50 -44.83
CA GLY F 43 -22.26 5.83 -43.81
C GLY F 43 -23.40 6.64 -43.25
N LEU F 44 -23.67 6.43 -41.97
CA LEU F 44 -24.74 7.06 -41.21
C LEU F 44 -24.17 8.09 -40.22
N THR F 45 -24.79 9.27 -40.15
CA THR F 45 -24.46 10.36 -39.22
C THR F 45 -25.68 10.67 -38.38
N ILE F 46 -25.54 10.53 -37.07
CA ILE F 46 -26.63 10.75 -36.14
C ILE F 46 -26.34 11.89 -35.18
N PHE F 47 -27.30 12.81 -35.04
CA PHE F 47 -27.17 13.90 -34.07
C PHE F 47 -27.96 13.57 -32.81
N LEU F 48 -27.32 13.67 -31.65
CA LEU F 48 -27.99 13.43 -30.36
C LEU F 48 -28.49 14.79 -29.90
N VAL F 49 -29.81 15.02 -30.01
CA VAL F 49 -30.43 16.32 -29.78
C VAL F 49 -31.50 16.34 -28.72
N ASN F 50 -31.54 17.39 -27.90
CA ASN F 50 -32.58 17.53 -26.90
C ASN F 50 -33.25 18.88 -27.09
N ASN F 51 -34.24 19.19 -26.24
CA ASN F 51 -34.86 20.52 -26.29
C ASN F 51 -35.21 20.95 -24.87
N PRO F 52 -34.34 21.70 -24.17
CA PRO F 52 -34.72 22.19 -22.82
C PRO F 52 -35.92 23.14 -23.02
N GLY F 53 -37.08 22.71 -22.51
CA GLY F 53 -38.35 23.41 -22.72
C GLY F 53 -39.10 22.75 -23.88
N LYS F 54 -39.56 21.48 -23.67
CA LYS F 54 -40.22 20.66 -24.69
C LYS F 54 -41.29 19.67 -24.19
N GLU F 55 -42.15 19.18 -25.13
CA GLU F 55 -43.29 18.28 -24.87
C GLU F 55 -43.31 16.80 -25.43
N ASN F 56 -42.33 16.31 -26.23
CA ASN F 56 -41.14 17.02 -26.66
C ASN F 56 -41.27 17.93 -27.87
N GLY F 57 -40.49 19.01 -27.80
CA GLY F 57 -40.40 20.09 -28.76
C GLY F 57 -39.65 19.72 -30.02
N PRO F 58 -39.49 20.71 -30.92
CA PRO F 58 -38.87 20.39 -32.21
C PRO F 58 -37.38 20.08 -32.16
N VAL F 59 -36.91 19.32 -33.17
CA VAL F 59 -35.50 18.99 -33.37
C VAL F 59 -34.84 20.22 -34.04
N LYS F 60 -33.74 20.75 -33.46
CA LYS F 60 -32.98 21.85 -34.05
C LYS F 60 -31.51 21.49 -33.91
N ILE F 61 -30.82 21.40 -35.05
CA ILE F 61 -29.40 21.03 -35.09
C ILE F 61 -28.51 22.26 -34.99
N SER F 62 -27.65 22.28 -33.98
CA SER F 62 -26.74 23.38 -33.69
C SER F 62 -25.40 23.29 -34.42
N SER F 63 -24.86 22.08 -34.61
CA SER F 63 -23.56 21.88 -35.24
C SER F 63 -23.47 22.36 -36.69
N LYS F 64 -22.29 22.85 -37.06
CA LYS F 64 -22.03 23.24 -38.43
C LYS F 64 -21.65 21.94 -39.15
N VAL F 65 -22.17 21.75 -40.35
CA VAL F 65 -21.89 20.57 -41.17
C VAL F 65 -21.20 21.08 -42.46
N ASN F 66 -20.09 20.41 -42.86
CA ASN F 66 -19.25 20.77 -44.03
C ASN F 66 -19.71 20.16 -45.37
N ASP F 67 -21.03 20.16 -45.59
CA ASP F 67 -21.67 19.64 -46.79
C ASP F 67 -22.92 20.47 -47.04
N LYS F 68 -22.98 21.12 -48.21
CA LYS F 68 -24.10 21.98 -48.58
C LYS F 68 -25.41 21.21 -48.64
N GLN F 69 -25.41 19.98 -49.23
CA GLN F 69 -26.60 19.13 -49.36
C GLN F 69 -27.11 18.71 -47.98
N VAL F 70 -26.19 18.22 -47.12
CA VAL F 70 -26.50 17.78 -45.77
C VAL F 70 -27.01 18.94 -44.90
N SER F 71 -26.35 20.13 -45.00
CA SER F 71 -26.76 21.35 -44.26
C SER F 71 -28.18 21.76 -44.61
N GLU F 72 -28.54 21.69 -45.92
CA GLU F 72 -29.89 22.00 -46.43
C GLU F 72 -30.92 21.05 -45.81
N PHE F 73 -30.60 19.74 -45.75
CA PHE F 73 -31.49 18.74 -45.15
C PHE F 73 -31.70 19.07 -43.67
N LEU F 74 -30.63 19.47 -42.98
CA LEU F 74 -30.62 19.77 -41.55
C LEU F 74 -31.12 21.15 -41.13
N LYS F 75 -31.69 21.94 -42.07
CA LYS F 75 -32.21 23.28 -41.79
C LYS F 75 -33.38 23.23 -40.82
N ASP F 76 -33.54 24.31 -40.02
CA ASP F 76 -34.57 24.44 -38.99
C ASP F 76 -36.01 24.10 -39.44
N GLU F 77 -36.44 24.60 -40.62
CA GLU F 77 -37.79 24.34 -41.17
C GLU F 77 -38.10 22.86 -41.36
N ASN F 78 -37.10 22.09 -41.88
CA ASN F 78 -37.24 20.65 -42.11
C ASN F 78 -37.22 19.88 -40.79
N MET F 79 -36.22 20.16 -39.93
CA MET F 79 -36.04 19.49 -38.63
C MET F 79 -37.19 19.70 -37.65
N GLU F 80 -37.90 20.88 -37.74
CA GLU F 80 -39.07 21.23 -36.92
C GLU F 80 -40.24 20.23 -37.06
N LYS F 81 -40.31 19.48 -38.18
CA LYS F 81 -41.35 18.47 -38.43
C LYS F 81 -41.11 17.22 -37.55
N PHE F 82 -39.93 17.15 -36.90
CA PHE F 82 -39.53 16.06 -36.00
C PHE F 82 -39.47 16.54 -34.54
N ASN F 83 -39.67 15.61 -33.61
CA ASN F 83 -39.66 15.93 -32.20
C ASN F 83 -38.61 15.15 -31.40
N VAL F 84 -38.22 15.73 -30.28
CA VAL F 84 -37.14 15.31 -29.40
C VAL F 84 -37.50 14.25 -28.30
N LYS F 85 -38.75 13.69 -28.35
CA LYS F 85 -39.21 12.67 -27.36
C LYS F 85 -38.14 11.58 -27.18
N LEU F 86 -37.74 11.28 -25.91
CA LEU F 86 -36.66 10.33 -25.62
C LEU F 86 -36.78 9.07 -26.45
N GLY F 87 -35.76 8.81 -27.27
CA GLY F 87 -35.70 7.60 -28.08
C GLY F 87 -36.29 7.69 -29.46
N THR F 88 -36.98 8.79 -29.78
CA THR F 88 -37.57 8.97 -31.11
C THR F 88 -36.43 9.17 -32.10
N SER F 89 -36.52 8.54 -33.27
CA SER F 89 -35.50 8.69 -34.29
C SER F 89 -36.11 8.72 -35.65
N LYS F 90 -35.37 9.35 -36.55
CA LYS F 90 -35.65 9.43 -37.96
C LYS F 90 -34.27 9.52 -38.60
N HIS F 91 -34.10 8.88 -39.76
CA HIS F 91 -32.89 8.90 -40.57
C HIS F 91 -33.27 8.76 -42.02
N PHE F 92 -32.60 9.50 -42.88
CA PHE F 92 -32.87 9.58 -44.31
C PHE F 92 -31.61 9.34 -45.11
N TYR F 93 -31.73 8.66 -46.26
CA TYR F 93 -30.64 8.47 -47.21
C TYR F 93 -30.76 9.58 -48.27
N MET F 94 -29.64 10.17 -48.64
CA MET F 94 -29.55 11.25 -49.63
C MET F 94 -28.14 11.30 -50.22
N PHE F 95 -27.94 12.13 -51.28
CA PHE F 95 -26.64 12.33 -51.87
C PHE F 95 -26.00 13.56 -51.27
N ASN F 96 -24.71 13.46 -50.91
CA ASN F 96 -23.96 14.59 -50.36
C ASN F 96 -23.39 15.42 -51.54
N ASP F 97 -22.50 16.41 -51.24
CA ASP F 97 -21.85 17.28 -52.24
C ASP F 97 -21.01 16.54 -53.28
N ASN F 98 -20.43 15.39 -52.89
CA ASN F 98 -19.59 14.56 -53.76
C ASN F 98 -20.40 13.47 -54.49
N LYS F 99 -21.75 13.62 -54.49
CA LYS F 99 -22.73 12.70 -55.11
C LYS F 99 -22.60 11.27 -54.58
N ASN F 100 -22.27 11.16 -53.29
CA ASN F 100 -22.13 9.89 -52.60
C ASN F 100 -23.33 9.64 -51.67
N SER F 101 -23.69 8.37 -51.49
CA SER F 101 -24.81 8.01 -50.62
C SER F 101 -24.42 8.12 -49.16
N VAL F 102 -25.19 8.95 -48.43
CA VAL F 102 -25.03 9.18 -46.99
C VAL F 102 -26.40 9.08 -46.30
N ALA F 103 -26.42 8.59 -45.08
CA ALA F 103 -27.65 8.54 -44.31
C ALA F 103 -27.47 9.49 -43.12
N VAL F 104 -28.47 10.35 -42.89
CA VAL F 104 -28.43 11.36 -41.83
C VAL F 104 -29.75 11.33 -41.02
N GLY F 105 -29.61 11.36 -39.72
CA GLY F 105 -30.75 11.31 -38.80
C GLY F 105 -30.41 11.83 -37.42
N TYR F 106 -31.34 11.61 -36.49
CA TYR F 106 -31.15 12.04 -35.09
C TYR F 106 -31.76 11.02 -34.15
N VAL F 107 -31.39 11.09 -32.88
CA VAL F 107 -32.04 10.36 -31.77
C VAL F 107 -32.50 11.46 -30.77
N GLY F 108 -33.79 11.47 -30.45
CA GLY F 108 -34.37 12.39 -29.48
C GLY F 108 -33.84 12.11 -28.09
N CYS F 109 -33.32 13.16 -27.41
CA CYS F 109 -32.73 13.05 -26.06
C CYS F 109 -33.60 13.70 -24.95
N GLY F 110 -34.88 13.93 -25.27
CA GLY F 110 -35.81 14.53 -24.32
C GLY F 110 -35.57 16.00 -24.05
N SER F 111 -36.00 16.46 -22.87
CA SER F 111 -35.88 17.86 -22.45
C SER F 111 -35.05 18.08 -21.19
N VAL F 112 -34.51 17.00 -20.60
CA VAL F 112 -33.70 17.09 -19.38
C VAL F 112 -32.24 17.15 -19.78
N ALA F 113 -31.53 18.24 -19.41
CA ALA F 113 -30.12 18.49 -19.75
C ALA F 113 -29.19 17.38 -19.25
N ASP F 114 -29.49 16.83 -18.05
CA ASP F 114 -28.72 15.75 -17.45
C ASP F 114 -29.38 14.40 -17.74
N LEU F 115 -28.72 13.58 -18.59
CA LEU F 115 -29.21 12.25 -18.93
C LEU F 115 -28.85 11.25 -17.85
N SER F 116 -29.81 10.41 -17.46
CA SER F 116 -29.54 9.34 -16.52
C SER F 116 -29.04 8.15 -17.35
N GLU F 117 -28.48 7.17 -16.66
CA GLU F 117 -28.03 5.90 -17.24
C GLU F 117 -29.20 5.24 -18.03
N ALA F 118 -30.44 5.27 -17.46
CA ALA F 118 -31.65 4.71 -18.10
C ALA F 118 -32.00 5.46 -19.40
N ASP F 119 -31.92 6.80 -19.38
CA ASP F 119 -32.18 7.67 -20.53
C ASP F 119 -31.16 7.39 -21.63
N MET F 120 -29.87 7.30 -21.26
CA MET F 120 -28.77 7.03 -22.20
C MET F 120 -28.96 5.65 -22.87
N LYS F 121 -29.45 4.66 -22.11
CA LYS F 121 -29.74 3.33 -22.61
C LYS F 121 -30.83 3.40 -23.71
N ARG F 122 -31.88 4.22 -23.51
CA ARG F 122 -32.96 4.43 -24.48
C ARG F 122 -32.41 5.06 -25.75
N VAL F 123 -31.50 6.03 -25.62
CA VAL F 123 -30.85 6.70 -26.76
C VAL F 123 -30.06 5.65 -27.57
N VAL F 124 -29.24 4.84 -26.85
CA VAL F 124 -28.41 3.79 -27.45
C VAL F 124 -29.26 2.75 -28.18
N LEU F 125 -30.37 2.28 -27.55
CA LEU F 125 -31.28 1.30 -28.16
C LEU F 125 -31.83 1.79 -29.49
N SER F 126 -32.18 3.08 -29.57
CA SER F 126 -32.71 3.70 -30.77
C SER F 126 -31.63 3.72 -31.87
N LEU F 127 -30.38 4.00 -31.48
CA LEU F 127 -29.22 4.04 -32.37
C LEU F 127 -28.94 2.63 -32.92
N VAL F 128 -28.99 1.61 -32.03
CA VAL F 128 -28.74 0.21 -32.38
C VAL F 128 -29.82 -0.35 -33.35
N THR F 129 -31.09 0.08 -33.21
CA THR F 129 -32.18 -0.32 -34.11
C THR F 129 -31.83 0.11 -35.53
N MET F 130 -31.23 1.32 -35.68
CA MET F 130 -30.84 1.85 -36.98
C MET F 130 -29.66 1.07 -37.54
N LEU F 131 -28.72 0.68 -36.66
CA LEU F 131 -27.55 -0.12 -37.04
C LEU F 131 -27.94 -1.54 -37.50
N HIS F 132 -28.90 -2.18 -36.80
CA HIS F 132 -29.35 -3.53 -37.14
C HIS F 132 -30.13 -3.63 -38.47
N ASP F 133 -30.69 -2.51 -38.95
CA ASP F 133 -31.43 -2.59 -40.20
C ASP F 133 -30.88 -1.74 -41.33
N ASN F 134 -29.55 -1.53 -41.30
CA ASN F 134 -28.80 -0.78 -42.29
C ASN F 134 -27.39 -1.38 -42.49
N LYS F 135 -27.05 -1.78 -43.74
CA LYS F 135 -25.70 -2.27 -44.09
C LYS F 135 -24.81 -1.02 -44.20
N LEU F 136 -24.04 -0.73 -43.16
CA LEU F 136 -23.20 0.48 -43.11
C LEU F 136 -21.73 0.13 -42.87
N SER F 137 -20.82 0.95 -43.38
CA SER F 137 -19.37 0.76 -43.13
C SER F 137 -18.93 1.66 -41.97
N LYS F 138 -19.65 2.77 -41.77
CA LYS F 138 -19.31 3.77 -40.76
C LYS F 138 -20.55 4.36 -40.10
N LEU F 139 -20.43 4.62 -38.79
CA LEU F 139 -21.43 5.34 -38.01
C LEU F 139 -20.70 6.54 -37.41
N THR F 140 -21.30 7.74 -37.52
CA THR F 140 -20.78 8.93 -36.86
C THR F 140 -21.84 9.50 -35.94
N VAL F 141 -21.46 9.73 -34.69
CA VAL F 141 -22.37 10.25 -33.69
C VAL F 141 -21.94 11.67 -33.33
N VAL F 142 -22.90 12.62 -33.42
CA VAL F 142 -22.67 14.02 -33.09
C VAL F 142 -23.38 14.35 -31.78
N PHE F 143 -22.60 14.66 -30.74
CA PHE F 143 -23.13 14.99 -29.41
C PHE F 143 -23.53 16.45 -29.32
N GLU F 144 -24.85 16.73 -29.37
CA GLU F 144 -25.35 18.09 -29.20
C GLU F 144 -26.04 18.19 -27.83
N ILE F 145 -25.57 17.35 -26.90
CA ILE F 145 -26.02 17.22 -25.50
C ILE F 145 -24.77 17.21 -24.62
N ASN F 146 -24.93 17.51 -23.34
CA ASN F 146 -23.79 17.52 -22.41
C ASN F 146 -23.68 16.20 -21.67
N VAL F 147 -22.53 15.54 -21.81
CA VAL F 147 -22.26 14.28 -21.13
C VAL F 147 -20.89 14.34 -20.46
N ASP F 148 -20.75 13.78 -19.25
CA ASP F 148 -19.42 13.75 -18.65
C ASP F 148 -18.67 12.51 -19.17
N LYS F 149 -17.36 12.45 -18.91
CA LYS F 149 -16.45 11.37 -19.30
C LYS F 149 -17.03 9.98 -18.96
N ASN F 150 -17.53 9.76 -17.71
CA ASN F 150 -18.12 8.46 -17.31
C ASN F 150 -19.35 8.11 -18.13
N LEU F 151 -20.24 9.09 -18.38
CA LEU F 151 -21.45 8.87 -19.16
C LEU F 151 -21.12 8.64 -20.64
N PHE F 152 -20.07 9.32 -21.13
CA PHE F 152 -19.59 9.12 -22.50
C PHE F 152 -19.06 7.68 -22.64
N ARG F 153 -18.31 7.18 -21.63
CA ARG F 153 -17.81 5.81 -21.64
C ARG F 153 -18.98 4.82 -21.58
N PHE F 154 -20.00 5.14 -20.77
CA PHE F 154 -21.19 4.31 -20.65
C PHE F 154 -21.90 4.21 -22.01
N PHE F 155 -22.00 5.35 -22.73
CA PHE F 155 -22.60 5.42 -24.07
C PHE F 155 -21.91 4.38 -25.01
N LEU F 156 -20.57 4.39 -25.06
CA LEU F 156 -19.75 3.53 -25.91
C LEU F 156 -19.92 2.04 -25.55
N GLU F 157 -19.82 1.71 -24.24
CA GLU F 157 -19.96 0.35 -23.74
C GLU F 157 -21.30 -0.20 -24.11
N THR F 158 -22.36 0.59 -23.83
CA THR F 158 -23.75 0.21 -24.09
C THR F 158 -23.94 0.02 -25.58
N LEU F 159 -23.41 0.94 -26.40
CA LEU F 159 -23.49 0.82 -27.84
C LEU F 159 -22.87 -0.49 -28.31
N PHE F 160 -21.63 -0.76 -27.90
CA PHE F 160 -20.91 -1.99 -28.26
C PHE F 160 -21.66 -3.24 -27.80
N TYR F 161 -22.10 -3.27 -26.53
CA TYR F 161 -22.82 -4.41 -25.96
C TYR F 161 -24.14 -4.71 -26.68
N GLU F 162 -24.97 -3.67 -26.89
CA GLU F 162 -26.28 -3.81 -27.51
C GLU F 162 -26.18 -4.15 -28.99
N TYR F 163 -25.14 -3.64 -29.67
CA TYR F 163 -24.94 -3.85 -31.10
C TYR F 163 -24.56 -5.31 -31.38
N MET F 164 -23.72 -5.87 -30.52
CA MET F 164 -23.23 -7.23 -30.64
C MET F 164 -24.37 -8.28 -30.53
N THR F 165 -24.43 -9.23 -31.48
CA THR F 165 -25.44 -10.29 -31.46
C THR F 165 -24.78 -11.63 -31.27
N ASP F 166 -25.23 -12.35 -30.26
CA ASP F 166 -24.72 -13.66 -29.88
C ASP F 166 -25.35 -14.75 -30.76
N GLU F 167 -24.56 -15.29 -31.70
CA GLU F 167 -25.02 -16.34 -32.62
C GLU F 167 -24.42 -17.72 -32.36
N ARG F 168 -23.82 -17.94 -31.17
CA ARG F 168 -23.14 -19.19 -30.84
C ARG F 168 -24.05 -20.41 -30.94
N PHE F 169 -25.36 -20.26 -30.64
CA PHE F 169 -26.28 -21.39 -30.63
C PHE F 169 -27.19 -21.47 -31.86
N LYS F 170 -26.93 -20.60 -32.85
CA LYS F 170 -27.63 -20.57 -34.13
C LYS F 170 -26.89 -21.51 -35.07
N SER F 171 -27.62 -22.25 -35.89
CA SER F 171 -26.95 -23.13 -36.85
C SER F 171 -27.35 -22.84 -38.30
N GLU F 179 -20.76 -7.43 -41.96
CA GLU F 179 -22.15 -7.03 -41.65
C GLU F 179 -22.20 -5.80 -40.71
N TYR F 180 -21.19 -5.70 -39.82
CA TYR F 180 -20.95 -4.69 -38.81
C TYR F 180 -20.15 -3.50 -39.38
N ILE F 181 -20.35 -2.29 -38.79
CA ILE F 181 -19.56 -1.10 -39.16
C ILE F 181 -18.07 -1.39 -38.86
N LYS F 182 -17.18 -0.77 -39.62
CA LYS F 182 -15.73 -0.92 -39.44
C LYS F 182 -15.17 0.34 -38.79
N HIS F 183 -15.96 1.43 -38.80
CA HIS F 183 -15.54 2.72 -38.26
C HIS F 183 -16.61 3.39 -37.44
N LEU F 184 -16.19 4.06 -36.37
CA LEU F 184 -17.05 4.86 -35.52
C LEU F 184 -16.42 6.23 -35.33
N GLY F 185 -17.12 7.25 -35.80
CA GLY F 185 -16.72 8.64 -35.63
C GLY F 185 -17.55 9.28 -34.52
N VAL F 186 -16.92 10.08 -33.66
CA VAL F 186 -17.61 10.77 -32.58
C VAL F 186 -17.23 12.25 -32.63
N TYR F 187 -18.25 13.13 -32.66
CA TYR F 187 -18.07 14.58 -32.62
C TYR F 187 -18.60 15.08 -31.27
N ILE F 188 -17.70 15.65 -30.46
CA ILE F 188 -18.03 16.11 -29.11
C ILE F 188 -17.22 17.36 -28.75
N ASN F 189 -17.80 18.24 -27.91
CA ASN F 189 -17.10 19.42 -27.42
C ASN F 189 -16.06 18.94 -26.41
N ASN F 190 -14.84 19.51 -26.50
CA ASN F 190 -13.67 19.17 -25.68
C ASN F 190 -13.28 17.71 -25.90
N ALA F 191 -13.17 17.30 -27.18
CA ALA F 191 -12.84 15.92 -27.60
C ALA F 191 -11.59 15.28 -26.98
N ASP F 192 -10.57 16.09 -26.64
CA ASP F 192 -9.32 15.60 -26.01
C ASP F 192 -9.60 14.94 -24.65
N THR F 193 -10.58 15.49 -23.91
CA THR F 193 -11.04 15.10 -22.58
C THR F 193 -11.65 13.69 -22.59
N TYR F 194 -12.25 13.30 -23.73
CA TYR F 194 -12.98 12.04 -23.89
C TYR F 194 -12.24 10.85 -24.50
N LYS F 195 -11.11 11.11 -25.16
CA LYS F 195 -10.30 10.11 -25.87
C LYS F 195 -9.88 8.88 -25.09
N GLU F 196 -9.48 9.06 -23.82
CA GLU F 196 -9.01 7.95 -22.98
C GLU F 196 -10.14 7.00 -22.60
N GLU F 197 -11.40 7.45 -22.71
CA GLU F 197 -12.58 6.63 -22.38
C GLU F 197 -12.85 5.52 -23.40
N VAL F 198 -12.41 5.71 -24.67
CA VAL F 198 -12.62 4.80 -25.80
C VAL F 198 -12.11 3.38 -25.56
N GLU F 199 -10.80 3.22 -25.30
CA GLU F 199 -10.27 1.87 -25.09
C GLU F 199 -10.70 1.25 -23.79
N LYS F 200 -11.03 2.10 -22.79
CA LYS F 200 -11.55 1.63 -21.51
C LYS F 200 -12.95 1.05 -21.78
N ALA F 201 -13.77 1.73 -22.61
CA ALA F 201 -15.12 1.27 -22.98
C ALA F 201 -15.06 -0.06 -23.70
N ARG F 202 -14.06 -0.24 -24.59
CA ARG F 202 -13.89 -1.49 -25.33
C ARG F 202 -13.59 -2.67 -24.41
N VAL F 203 -12.74 -2.44 -23.40
CA VAL F 203 -12.41 -3.45 -22.37
C VAL F 203 -13.67 -3.75 -21.51
N TYR F 204 -14.38 -2.69 -21.06
CA TYR F 204 -15.59 -2.83 -20.24
C TYR F 204 -16.69 -3.55 -20.99
N TYR F 205 -16.80 -3.26 -22.29
CA TYR F 205 -17.75 -3.94 -23.16
C TYR F 205 -17.42 -5.44 -23.16
N PHE F 206 -16.14 -5.82 -23.39
CA PHE F 206 -15.82 -7.24 -23.49
C PHE F 206 -16.02 -8.02 -22.18
N GLY F 207 -15.62 -7.45 -21.05
CA GLY F 207 -15.86 -8.12 -19.76
C GLY F 207 -17.36 -8.36 -19.56
N THR F 208 -18.19 -7.36 -19.90
CA THR F 208 -19.65 -7.43 -19.79
C THR F 208 -20.21 -8.47 -20.77
N TYR F 209 -19.72 -8.43 -22.02
CA TYR F 209 -20.15 -9.36 -23.05
C TYR F 209 -19.72 -10.78 -22.76
N TYR F 210 -18.50 -10.95 -22.22
CA TYR F 210 -17.98 -12.25 -21.80
C TYR F 210 -18.88 -12.83 -20.69
N ALA F 211 -19.24 -12.01 -19.68
CA ALA F 211 -20.12 -12.44 -18.59
C ALA F 211 -21.45 -12.90 -19.19
N SER F 212 -21.99 -12.10 -20.12
CA SER F 212 -23.24 -12.35 -20.83
C SER F 212 -23.19 -13.71 -21.59
N GLN F 213 -22.07 -14.00 -22.24
CA GLN F 213 -21.90 -15.27 -22.98
C GLN F 213 -21.99 -16.49 -22.03
N LEU F 214 -21.41 -16.38 -20.83
CA LEU F 214 -21.44 -17.45 -19.84
C LEU F 214 -22.88 -17.64 -19.30
N ILE F 215 -23.56 -16.50 -19.01
CA ILE F 215 -24.92 -16.52 -18.48
C ILE F 215 -25.88 -17.11 -19.50
N ALA F 216 -25.84 -16.59 -20.76
CA ALA F 216 -26.73 -17.02 -21.83
C ALA F 216 -26.52 -18.50 -22.19
N ALA F 217 -25.27 -19.00 -22.05
CA ALA F 217 -24.96 -20.40 -22.31
C ALA F 217 -25.88 -21.29 -21.43
N PRO F 218 -26.69 -22.18 -22.05
CA PRO F 218 -27.60 -23.02 -21.25
C PRO F 218 -26.86 -23.98 -20.34
N SER F 219 -27.58 -24.54 -19.37
CA SER F 219 -27.04 -25.42 -18.34
C SER F 219 -26.42 -26.73 -18.84
N ASN F 220 -26.82 -27.21 -20.04
CA ASN F 220 -26.18 -28.39 -20.61
C ASN F 220 -24.78 -28.02 -21.15
N TYR F 221 -24.60 -26.78 -21.64
CA TYR F 221 -23.30 -26.29 -22.11
C TYR F 221 -22.46 -25.79 -20.94
N CYS F 222 -23.05 -24.93 -20.09
CA CYS F 222 -22.41 -24.30 -18.95
C CYS F 222 -22.80 -25.02 -17.66
N ASN F 223 -21.96 -25.95 -17.26
CA ASN F 223 -22.12 -26.77 -16.07
C ASN F 223 -20.89 -26.52 -15.17
N PRO F 224 -20.82 -27.04 -13.94
CA PRO F 224 -19.65 -26.73 -13.07
C PRO F 224 -18.28 -27.05 -13.65
N VAL F 225 -18.19 -28.14 -14.44
CA VAL F 225 -16.94 -28.57 -15.05
C VAL F 225 -16.56 -27.63 -16.23
N SER F 226 -17.48 -27.40 -17.19
CA SER F 226 -17.19 -26.56 -18.35
C SER F 226 -16.96 -25.10 -17.96
N LEU F 227 -17.67 -24.61 -16.92
CA LEU F 227 -17.51 -23.22 -16.44
C LEU F 227 -16.12 -23.04 -15.78
N SER F 228 -15.69 -23.98 -14.95
CA SER F 228 -14.36 -23.90 -14.33
C SER F 228 -13.27 -24.06 -15.40
N ASN F 229 -13.51 -24.88 -16.45
CA ASN F 229 -12.56 -25.01 -17.58
C ASN F 229 -12.44 -23.69 -18.34
N ALA F 230 -13.57 -23.00 -18.55
CA ALA F 230 -13.59 -21.69 -19.22
C ALA F 230 -12.82 -20.65 -18.39
N ALA F 231 -12.96 -20.69 -17.04
CA ALA F 231 -12.26 -19.78 -16.13
C ALA F 231 -10.73 -20.02 -16.22
N VAL F 232 -10.30 -21.30 -16.35
CA VAL F 232 -8.87 -21.65 -16.50
C VAL F 232 -8.33 -21.06 -17.83
N GLU F 233 -9.09 -21.23 -18.91
CA GLU F 233 -8.71 -20.70 -20.23
C GLU F 233 -8.57 -19.17 -20.18
N LEU F 234 -9.54 -18.48 -19.52
CA LEU F 234 -9.48 -17.03 -19.35
C LEU F 234 -8.22 -16.62 -18.59
N ALA F 235 -7.93 -17.31 -17.46
CA ALA F 235 -6.78 -17.06 -16.61
C ALA F 235 -5.47 -17.21 -17.38
N GLN F 236 -5.39 -18.26 -18.23
CA GLN F 236 -4.23 -18.55 -19.07
C GLN F 236 -4.01 -17.44 -20.09
N LYS F 237 -5.09 -16.96 -20.72
CA LYS F 237 -5.01 -15.87 -21.71
C LYS F 237 -4.57 -14.55 -21.08
N LEU F 238 -4.94 -14.30 -19.81
CA LEU F 238 -4.63 -13.05 -19.11
C LEU F 238 -3.39 -13.12 -18.25
N ASN F 239 -2.74 -14.30 -18.15
CA ASN F 239 -1.59 -14.53 -17.28
C ASN F 239 -1.94 -14.32 -15.80
N LEU F 240 -3.15 -14.75 -15.40
CA LEU F 240 -3.58 -14.70 -14.01
C LEU F 240 -3.23 -16.05 -13.39
N GLU F 241 -2.95 -16.07 -12.08
CA GLU F 241 -2.70 -17.33 -11.40
C GLU F 241 -4.09 -17.98 -11.21
N TYR F 242 -4.15 -19.31 -11.26
CA TYR F 242 -5.40 -20.02 -11.11
C TYR F 242 -5.25 -21.31 -10.38
N LYS F 243 -6.34 -21.75 -9.74
CA LYS F 243 -6.45 -22.97 -8.98
C LYS F 243 -7.93 -23.37 -9.02
N ILE F 244 -8.20 -24.61 -9.42
CA ILE F 244 -9.55 -25.18 -9.38
C ILE F 244 -9.54 -26.24 -8.30
N LEU F 245 -10.37 -26.07 -7.28
CA LEU F 245 -10.46 -27.05 -6.18
C LEU F 245 -11.53 -28.06 -6.54
N GLY F 246 -11.14 -29.34 -6.52
CA GLY F 246 -12.04 -30.46 -6.79
C GLY F 246 -12.63 -31.01 -5.50
N VAL F 247 -13.52 -32.00 -5.63
CA VAL F 247 -14.23 -32.63 -4.51
C VAL F 247 -13.33 -33.10 -3.36
N LYS F 248 -12.23 -33.81 -3.68
CA LYS F 248 -11.27 -34.30 -2.68
C LYS F 248 -10.73 -33.16 -1.80
N GLU F 249 -10.31 -32.05 -2.43
CA GLU F 249 -9.80 -30.86 -1.73
C GLU F 249 -10.92 -30.18 -0.94
N LEU F 250 -12.14 -30.11 -1.52
CA LEU F 250 -13.28 -29.49 -0.84
C LEU F 250 -13.69 -30.28 0.41
N GLU F 251 -13.59 -31.62 0.36
CA GLU F 251 -13.87 -32.50 1.50
C GLU F 251 -12.82 -32.25 2.61
N GLU F 252 -11.52 -32.15 2.23
CA GLU F 252 -10.42 -31.88 3.18
C GLU F 252 -10.64 -30.54 3.86
N LEU F 253 -11.13 -29.54 3.11
CA LEU F 253 -11.44 -28.20 3.63
C LEU F 253 -12.76 -28.16 4.40
N LYS F 254 -13.48 -29.29 4.47
CA LYS F 254 -14.74 -29.44 5.21
C LYS F 254 -15.84 -28.47 4.72
N MET F 255 -15.89 -28.22 3.41
CA MET F 255 -16.90 -27.36 2.83
C MET F 255 -18.26 -28.09 2.67
N GLY F 256 -18.83 -28.49 3.81
CA GLY F 256 -20.08 -29.25 3.88
C GLY F 256 -21.32 -28.55 3.37
N ALA F 257 -21.42 -27.21 3.51
CA ALA F 257 -22.59 -26.47 3.04
C ALA F 257 -22.60 -26.44 1.50
N TYR F 258 -21.46 -26.11 0.92
CA TYR F 258 -21.27 -26.08 -0.53
C TYR F 258 -21.38 -27.48 -1.15
N LEU F 259 -20.72 -28.50 -0.56
CA LEU F 259 -20.80 -29.87 -1.08
C LEU F 259 -22.19 -30.48 -1.03
N SER F 260 -23.00 -30.12 -0.01
CA SER F 260 -24.37 -30.65 0.12
C SER F 260 -25.24 -30.22 -1.04
N VAL F 261 -25.10 -28.97 -1.48
CA VAL F 261 -25.86 -28.41 -2.61
C VAL F 261 -25.63 -29.22 -3.91
N GLY F 262 -24.38 -29.56 -4.17
CA GLY F 262 -24.00 -30.29 -5.38
C GLY F 262 -24.18 -31.79 -5.37
N LYS F 263 -24.57 -32.38 -4.23
CA LYS F 263 -24.75 -33.83 -4.06
C LYS F 263 -25.63 -34.50 -5.12
N GLY F 264 -26.72 -33.85 -5.49
CA GLY F 264 -27.67 -34.39 -6.47
C GLY F 264 -27.28 -34.19 -7.92
N SER F 265 -26.12 -33.60 -8.21
CA SER F 265 -25.69 -33.31 -9.60
C SER F 265 -24.80 -34.39 -10.17
N MET F 266 -24.87 -34.57 -11.51
CA MET F 266 -23.99 -35.49 -12.22
C MET F 266 -22.61 -34.81 -12.44
N TYR F 267 -22.54 -33.48 -12.23
CA TYR F 267 -21.31 -32.71 -12.40
C TYR F 267 -20.62 -32.49 -11.06
N PRO F 268 -19.35 -32.92 -10.91
CA PRO F 268 -18.64 -32.66 -9.64
C PRO F 268 -18.47 -31.16 -9.37
N ASN F 269 -18.56 -30.75 -8.10
CA ASN F 269 -18.36 -29.36 -7.67
C ASN F 269 -16.95 -28.92 -8.05
N LYS F 270 -16.83 -27.68 -8.49
CA LYS F 270 -15.54 -27.08 -8.87
C LYS F 270 -15.45 -25.68 -8.25
N PHE F 271 -14.46 -25.44 -7.42
CA PHE F 271 -14.30 -24.14 -6.78
C PHE F 271 -13.23 -23.36 -7.55
N ILE F 272 -13.63 -22.23 -8.16
CA ILE F 272 -12.74 -21.39 -8.95
C ILE F 272 -12.00 -20.39 -8.04
N HIS F 273 -10.68 -20.31 -8.19
CA HIS F 273 -9.85 -19.32 -7.50
C HIS F 273 -8.83 -18.75 -8.47
N LEU F 274 -9.10 -17.55 -8.96
CA LEU F 274 -8.17 -16.84 -9.84
C LEU F 274 -7.54 -15.73 -9.03
N THR F 275 -6.30 -15.36 -9.32
CA THR F 275 -5.66 -14.26 -8.60
C THR F 275 -4.87 -13.34 -9.48
N TYR F 276 -5.12 -12.04 -9.33
CA TYR F 276 -4.39 -10.98 -10.01
C TYR F 276 -3.46 -10.32 -8.98
N LYS F 277 -2.19 -10.23 -9.31
CA LYS F 277 -1.25 -9.55 -8.43
C LYS F 277 -0.80 -8.31 -9.20
N SER F 278 -0.87 -7.12 -8.57
CA SER F 278 -0.42 -5.88 -9.23
C SER F 278 1.08 -5.74 -9.11
N LYS F 279 1.68 -4.96 -10.05
CA LYS F 279 3.07 -4.58 -10.00
C LYS F 279 3.07 -3.49 -8.92
N GLY F 280 4.16 -3.38 -8.20
CA GLY F 280 4.25 -2.41 -7.12
C GLY F 280 3.72 -2.94 -5.81
N ASP F 281 3.93 -2.16 -4.73
CA ASP F 281 3.53 -2.51 -3.37
C ASP F 281 2.01 -2.67 -3.23
N VAL F 282 1.57 -3.70 -2.49
CA VAL F 282 0.14 -3.95 -2.34
C VAL F 282 -0.42 -3.00 -1.31
N LYS F 283 -1.36 -2.14 -1.72
CA LYS F 283 -2.02 -1.21 -0.81
C LYS F 283 -3.36 -1.76 -0.34
N LYS F 284 -3.97 -2.65 -1.12
CA LYS F 284 -5.25 -3.27 -0.77
C LYS F 284 -5.36 -4.65 -1.37
N LYS F 285 -5.86 -5.62 -0.59
CA LYS F 285 -6.10 -6.98 -1.04
C LYS F 285 -7.62 -7.16 -1.05
N ILE F 286 -8.18 -7.64 -2.17
CA ILE F 286 -9.64 -7.79 -2.27
C ILE F 286 -10.02 -9.21 -2.70
N ALA F 287 -11.12 -9.77 -2.16
CA ALA F 287 -11.70 -11.04 -2.59
C ALA F 287 -13.09 -10.74 -3.16
N LEU F 288 -13.31 -11.14 -4.42
CA LEU F 288 -14.57 -10.96 -5.13
C LEU F 288 -15.17 -12.35 -5.25
N VAL F 289 -16.35 -12.54 -4.68
CA VAL F 289 -17.02 -13.83 -4.58
C VAL F 289 -18.31 -13.82 -5.40
N GLY F 290 -18.43 -14.73 -6.36
CA GLY F 290 -19.62 -14.82 -7.20
C GLY F 290 -20.41 -16.10 -6.98
N LYS F 291 -21.76 -15.99 -6.87
CA LYS F 291 -22.61 -17.19 -6.76
C LYS F 291 -22.54 -17.92 -8.12
N GLY F 292 -22.20 -19.21 -8.09
CA GLY F 292 -22.03 -19.99 -9.30
C GLY F 292 -22.90 -21.22 -9.39
N ILE F 293 -24.23 -21.04 -9.39
CA ILE F 293 -25.17 -22.19 -9.54
C ILE F 293 -25.46 -22.29 -11.02
N THR F 294 -24.95 -23.32 -11.69
CA THR F 294 -25.09 -23.43 -13.17
C THR F 294 -26.52 -23.70 -13.62
N PHE F 295 -27.28 -24.36 -12.77
CA PHE F 295 -28.72 -24.57 -12.92
C PHE F 295 -29.32 -24.74 -11.56
N ASP F 296 -30.40 -24.00 -11.30
CA ASP F 296 -31.14 -24.07 -10.04
C ASP F 296 -32.58 -24.61 -10.26
N SER F 297 -32.75 -25.89 -10.04
CA SER F 297 -34.07 -26.52 -10.13
C SER F 297 -34.85 -26.22 -8.85
N GLY F 298 -34.10 -25.88 -7.80
CA GLY F 298 -34.57 -25.71 -6.43
C GLY F 298 -34.34 -26.93 -5.55
N GLY F 299 -33.95 -28.06 -6.17
CA GLY F 299 -33.75 -29.32 -5.46
C GLY F 299 -35.11 -29.91 -5.08
N TYR F 300 -35.18 -30.63 -3.96
CA TYR F 300 -36.45 -31.20 -3.49
C TYR F 300 -37.57 -30.16 -3.28
N ASN F 301 -37.19 -28.89 -2.93
CA ASN F 301 -38.11 -27.74 -2.88
C ASN F 301 -38.13 -27.20 -4.33
N LEU F 302 -38.64 -28.05 -5.24
CA LEU F 302 -38.63 -27.78 -6.69
C LEU F 302 -39.33 -26.47 -7.06
N LYS F 303 -38.77 -25.73 -8.05
CA LYS F 303 -39.37 -24.52 -8.59
C LYS F 303 -40.56 -24.94 -9.47
N ALA F 304 -41.68 -25.31 -8.85
CA ALA F 304 -42.90 -25.77 -9.49
C ALA F 304 -44.02 -24.74 -9.42
N ALA F 305 -43.92 -23.77 -8.48
CA ALA F 305 -44.92 -22.72 -8.28
C ALA F 305 -45.05 -21.81 -9.51
N PRO F 306 -46.27 -21.30 -9.84
CA PRO F 306 -46.39 -20.38 -11.00
C PRO F 306 -45.54 -19.13 -10.74
N GLY F 307 -44.77 -18.72 -11.75
CA GLY F 307 -43.89 -17.56 -11.61
C GLY F 307 -42.56 -17.85 -10.94
N SER F 308 -42.23 -19.15 -10.71
CA SER F 308 -40.94 -19.48 -10.08
C SER F 308 -39.74 -19.41 -11.04
N MET F 309 -40.02 -19.20 -12.34
CA MET F 309 -39.04 -18.98 -13.42
C MET F 309 -37.94 -20.03 -13.56
N ILE F 310 -38.27 -21.33 -13.37
CA ILE F 310 -37.29 -22.42 -13.51
C ILE F 310 -36.57 -22.36 -14.88
N ASP F 311 -37.27 -21.93 -15.94
CA ASP F 311 -36.72 -21.86 -17.31
C ASP F 311 -35.57 -20.85 -17.46
N LEU F 312 -35.43 -19.92 -16.52
CA LEU F 312 -34.43 -18.87 -16.50
C LEU F 312 -33.20 -19.24 -15.66
N MET F 313 -33.28 -20.35 -14.91
CA MET F 313 -32.28 -20.74 -13.90
C MET F 313 -30.86 -21.07 -14.35
N LYS F 314 -30.61 -21.05 -15.68
CA LYS F 314 -29.24 -21.11 -16.21
C LYS F 314 -28.50 -19.81 -15.79
N PHE F 315 -29.28 -18.73 -15.43
CA PHE F 315 -28.72 -17.42 -15.05
C PHE F 315 -28.21 -17.38 -13.62
N ASP F 316 -28.40 -18.48 -12.88
CA ASP F 316 -28.02 -18.53 -11.46
C ASP F 316 -26.49 -18.55 -11.17
N MET F 317 -25.69 -18.44 -12.23
CA MET F 317 -24.24 -18.31 -12.12
C MET F 317 -23.82 -16.90 -12.58
N SER F 318 -24.79 -15.93 -12.64
CA SER F 318 -24.53 -14.53 -13.05
C SER F 318 -23.51 -13.84 -12.18
N GLY F 319 -23.50 -14.17 -10.87
CA GLY F 319 -22.54 -13.62 -9.92
C GLY F 319 -21.13 -14.06 -10.28
N CYS F 320 -20.98 -15.38 -10.55
CA CYS F 320 -19.69 -15.95 -10.99
C CYS F 320 -19.27 -15.29 -12.33
N ALA F 321 -20.23 -15.15 -13.26
CA ALA F 321 -19.95 -14.51 -14.56
C ALA F 321 -19.49 -13.07 -14.40
N ALA F 322 -20.11 -12.29 -13.48
CA ALA F 322 -19.69 -10.90 -13.22
C ALA F 322 -18.25 -10.86 -12.70
N VAL F 323 -17.90 -11.79 -11.79
CA VAL F 323 -16.56 -11.90 -11.20
C VAL F 323 -15.50 -12.23 -12.28
N LEU F 324 -15.84 -13.16 -13.21
CA LEU F 324 -14.93 -13.56 -14.30
C LEU F 324 -14.78 -12.44 -15.32
N GLY F 325 -15.86 -11.70 -15.58
CA GLY F 325 -15.85 -10.54 -16.47
C GLY F 325 -14.95 -9.47 -15.89
N CYS F 326 -15.03 -9.30 -14.55
CA CYS F 326 -14.17 -8.36 -13.82
C CYS F 326 -12.70 -8.79 -13.93
N ALA F 327 -12.42 -10.11 -13.80
CA ALA F 327 -11.06 -10.65 -13.97
C ALA F 327 -10.52 -10.31 -15.38
N TYR F 328 -11.39 -10.35 -16.42
CA TYR F 328 -10.96 -9.94 -17.77
C TYR F 328 -10.54 -8.47 -17.78
N CYS F 329 -11.39 -7.56 -17.24
CA CYS F 329 -11.10 -6.13 -17.24
C CYS F 329 -9.84 -5.78 -16.42
N VAL F 330 -9.72 -6.35 -15.21
CA VAL F 330 -8.58 -6.15 -14.32
C VAL F 330 -7.29 -6.69 -14.97
N GLY F 331 -7.35 -7.92 -15.50
CA GLY F 331 -6.22 -8.55 -16.16
C GLY F 331 -5.74 -7.80 -17.39
N THR F 332 -6.65 -7.08 -18.06
CA THR F 332 -6.34 -6.30 -19.25
C THR F 332 -5.83 -4.91 -18.89
N LEU F 333 -6.54 -4.22 -17.99
CA LEU F 333 -6.18 -2.84 -17.61
C LEU F 333 -5.01 -2.75 -16.68
N LYS F 334 -4.71 -3.85 -15.98
CA LYS F 334 -3.55 -3.98 -15.08
C LYS F 334 -3.43 -2.83 -14.05
N PRO F 335 -4.40 -2.66 -13.13
CA PRO F 335 -4.26 -1.61 -12.10
C PRO F 335 -3.08 -1.90 -11.17
N GLU F 336 -2.51 -0.85 -10.57
CA GLU F 336 -1.37 -1.01 -9.68
C GLU F 336 -1.83 -1.03 -8.23
N ASN F 337 -0.92 -1.44 -7.31
CA ASN F 337 -1.06 -1.49 -5.86
C ASN F 337 -2.28 -2.25 -5.32
N VAL F 338 -2.73 -3.28 -6.06
CA VAL F 338 -3.88 -4.06 -5.62
C VAL F 338 -3.75 -5.56 -5.94
N GLU F 339 -4.06 -6.42 -4.97
CA GLU F 339 -4.07 -7.87 -5.18
C GLU F 339 -5.53 -8.30 -5.18
N ILE F 340 -5.98 -9.04 -6.22
CA ILE F 340 -7.40 -9.44 -6.28
C ILE F 340 -7.58 -10.96 -6.42
N HIS F 341 -8.50 -11.54 -5.64
CA HIS F 341 -8.85 -12.96 -5.68
C HIS F 341 -10.26 -13.05 -6.25
N PHE F 342 -10.43 -13.82 -7.33
CA PHE F 342 -11.72 -14.00 -8.03
C PHE F 342 -12.20 -15.42 -7.69
N LEU F 343 -13.25 -15.51 -6.86
CA LEU F 343 -13.72 -16.78 -6.35
C LEU F 343 -15.15 -17.14 -6.73
N SER F 344 -15.40 -18.44 -6.90
CA SER F 344 -16.74 -18.98 -7.11
C SER F 344 -16.84 -20.44 -6.73
N ALA F 345 -17.77 -20.75 -5.81
CA ALA F 345 -18.08 -22.12 -5.39
C ALA F 345 -19.13 -22.62 -6.40
N VAL F 346 -18.64 -23.16 -7.51
CA VAL F 346 -19.52 -23.60 -8.63
C VAL F 346 -20.14 -25.01 -8.40
N CYS F 347 -21.45 -25.11 -8.63
CA CYS F 347 -22.18 -26.38 -8.53
C CYS F 347 -23.52 -26.27 -9.20
N GLU F 348 -24.28 -27.37 -9.22
CA GLU F 348 -25.60 -27.42 -9.85
C GLU F 348 -26.59 -28.00 -8.81
N ASN F 349 -27.76 -27.37 -8.64
CA ASN F 349 -28.81 -27.73 -7.67
C ASN F 349 -29.91 -28.61 -8.32
N MET F 350 -29.79 -29.94 -8.16
CA MET F 350 -30.64 -30.92 -8.83
C MET F 350 -31.45 -31.85 -7.92
N VAL F 351 -32.39 -32.60 -8.56
CA VAL F 351 -33.27 -33.58 -7.91
C VAL F 351 -32.76 -34.98 -8.29
N SER F 352 -32.45 -35.77 -7.27
CA SER F 352 -31.84 -37.08 -7.46
C SER F 352 -32.02 -37.89 -6.19
N LYS F 353 -31.71 -39.20 -6.25
CA LYS F 353 -31.70 -40.02 -5.04
C LYS F 353 -30.53 -39.52 -4.16
N ASN F 354 -29.54 -38.84 -4.77
CA ASN F 354 -28.34 -38.34 -4.07
C ASN F 354 -28.44 -36.94 -3.50
N SER F 355 -29.52 -36.20 -3.77
CA SER F 355 -29.66 -34.82 -3.33
C SER F 355 -29.76 -34.62 -1.84
N TYR F 356 -29.40 -33.41 -1.38
CA TYR F 356 -29.64 -33.04 0.00
C TYR F 356 -31.14 -32.79 0.16
N ARG F 357 -31.64 -32.96 1.37
CA ARG F 357 -33.07 -32.84 1.61
C ARG F 357 -33.43 -31.68 2.50
N PRO F 358 -34.68 -31.16 2.40
CA PRO F 358 -35.15 -30.18 3.40
C PRO F 358 -35.08 -30.86 4.77
N GLY F 359 -34.55 -30.14 5.76
CA GLY F 359 -34.39 -30.68 7.12
C GLY F 359 -32.98 -31.16 7.42
N ASP F 360 -32.17 -31.45 6.38
CA ASP F 360 -30.79 -31.95 6.60
C ASP F 360 -29.97 -30.97 7.43
N ILE F 361 -29.10 -31.50 8.31
CA ILE F 361 -28.19 -30.65 9.07
C ILE F 361 -26.82 -30.87 8.50
N ILE F 362 -26.20 -29.79 8.06
CA ILE F 362 -24.90 -29.82 7.39
C ILE F 362 -23.90 -28.95 8.12
N THR F 363 -22.60 -29.26 7.97
CA THR F 363 -21.55 -28.51 8.67
C THR F 363 -20.72 -27.67 7.71
N ALA F 364 -20.66 -26.35 7.93
CA ALA F 364 -19.87 -25.45 7.11
C ALA F 364 -18.39 -25.60 7.49
N SER F 365 -17.49 -25.10 6.65
CA SER F 365 -16.03 -25.16 6.85
C SER F 365 -15.51 -24.45 8.10
N ASN F 366 -16.32 -23.59 8.74
CA ASN F 366 -15.89 -22.92 9.98
C ASN F 366 -16.44 -23.69 11.22
N GLY F 367 -17.05 -24.86 10.98
CA GLY F 367 -17.62 -25.70 12.03
C GLY F 367 -19.05 -25.41 12.40
N LYS F 368 -19.68 -24.38 11.83
CA LYS F 368 -21.09 -24.07 12.14
C LYS F 368 -22.03 -25.07 11.51
N THR F 369 -22.95 -25.65 12.33
CA THR F 369 -23.96 -26.57 11.80
C THR F 369 -25.14 -25.75 11.31
N ILE F 370 -25.68 -26.12 10.17
CA ILE F 370 -26.78 -25.40 9.53
C ILE F 370 -27.96 -26.35 9.29
N GLU F 371 -29.15 -25.94 9.71
CA GLU F 371 -30.35 -26.71 9.42
C GLU F 371 -30.95 -26.18 8.10
N VAL F 372 -31.09 -27.07 7.10
CA VAL F 372 -31.63 -26.71 5.79
C VAL F 372 -33.16 -26.65 5.93
N GLY F 373 -33.74 -25.46 5.76
CA GLY F 373 -35.18 -25.32 5.80
C GLY F 373 -35.79 -25.43 4.40
N ASN F 374 -35.00 -25.14 3.36
CA ASN F 374 -35.48 -25.15 1.98
C ASN F 374 -34.30 -25.34 1.05
N THR F 375 -34.33 -26.42 0.23
CA THR F 375 -33.22 -26.73 -0.68
C THR F 375 -32.99 -25.69 -1.79
N ASP F 376 -33.96 -24.80 -1.99
CA ASP F 376 -33.92 -23.74 -3.00
C ASP F 376 -33.24 -22.47 -2.45
N ALA F 377 -32.85 -22.45 -1.16
CA ALA F 377 -32.07 -21.33 -0.62
C ALA F 377 -30.59 -21.82 -0.62
N GLU F 378 -30.17 -22.38 -1.77
CA GLU F 378 -28.87 -23.03 -1.93
C GLU F 378 -27.69 -22.06 -2.08
N GLY F 379 -27.94 -20.88 -2.65
CA GLY F 379 -26.92 -19.86 -2.89
C GLY F 379 -26.20 -19.48 -1.62
N ARG F 380 -26.97 -19.20 -0.55
CA ARG F 380 -26.38 -18.80 0.72
C ARG F 380 -25.49 -19.87 1.34
N LEU F 381 -25.79 -21.16 1.08
CA LEU F 381 -24.99 -22.30 1.56
C LEU F 381 -23.64 -22.35 0.85
N THR F 382 -23.64 -22.19 -0.49
CA THR F 382 -22.41 -22.20 -1.27
C THR F 382 -21.57 -20.98 -0.91
N LEU F 383 -22.25 -19.82 -0.73
CA LEU F 383 -21.58 -18.56 -0.38
C LEU F 383 -20.98 -18.59 1.00
N ALA F 384 -21.64 -19.27 1.98
CA ALA F 384 -21.11 -19.40 3.34
C ALA F 384 -19.72 -20.01 3.30
N ASP F 385 -19.54 -21.15 2.57
CA ASP F 385 -18.22 -21.78 2.47
C ASP F 385 -17.23 -20.94 1.67
N ALA F 386 -17.71 -20.23 0.61
CA ALA F 386 -16.82 -19.37 -0.20
C ALA F 386 -16.33 -18.17 0.65
N LEU F 387 -17.20 -17.63 1.54
CA LEU F 387 -16.87 -16.52 2.43
C LEU F 387 -15.83 -16.91 3.47
N VAL F 388 -15.96 -18.15 4.05
CA VAL F 388 -14.98 -18.69 5.00
C VAL F 388 -13.60 -18.80 4.31
N TYR F 389 -13.60 -19.30 3.08
CA TYR F 389 -12.40 -19.45 2.25
C TYR F 389 -11.77 -18.07 1.98
N ALA F 390 -12.59 -17.09 1.56
CA ALA F 390 -12.14 -15.72 1.25
C ALA F 390 -11.51 -15.06 2.47
N GLU F 391 -12.13 -15.22 3.66
CA GLU F 391 -11.61 -14.59 4.87
C GLU F 391 -10.24 -15.15 5.27
N LYS F 392 -10.01 -16.45 5.03
CA LYS F 392 -8.72 -17.11 5.32
C LYS F 392 -7.60 -16.55 4.44
N LEU F 393 -7.94 -15.88 3.32
CA LEU F 393 -6.93 -15.26 2.44
C LEU F 393 -6.29 -13.99 3.04
N GLY F 394 -6.88 -13.45 4.12
CA GLY F 394 -6.37 -12.24 4.77
C GLY F 394 -6.50 -11.02 3.88
N VAL F 395 -7.72 -10.72 3.44
CA VAL F 395 -7.97 -9.59 2.55
C VAL F 395 -8.48 -8.37 3.33
N ASP F 396 -8.52 -7.19 2.67
CA ASP F 396 -9.03 -5.97 3.27
C ASP F 396 -10.55 -5.90 3.08
N TYR F 397 -11.02 -6.34 1.90
CA TYR F 397 -12.45 -6.32 1.58
C TYR F 397 -12.86 -7.62 0.95
N ILE F 398 -14.06 -8.07 1.29
CA ILE F 398 -14.71 -9.21 0.66
C ILE F 398 -15.98 -8.65 0.08
N VAL F 399 -16.18 -8.83 -1.22
CA VAL F 399 -17.40 -8.40 -1.88
C VAL F 399 -18.00 -9.61 -2.57
N ASP F 400 -19.22 -9.98 -2.22
CA ASP F 400 -19.90 -11.05 -2.92
C ASP F 400 -20.99 -10.48 -3.82
N ILE F 401 -21.29 -11.18 -4.91
CA ILE F 401 -22.30 -10.78 -5.89
C ILE F 401 -23.07 -12.04 -6.25
N ALA F 402 -24.41 -11.97 -6.13
CA ALA F 402 -25.24 -13.17 -6.29
C ALA F 402 -26.67 -12.90 -6.68
N THR F 403 -27.26 -13.81 -7.45
CA THR F 403 -28.69 -13.79 -7.84
C THR F 403 -29.35 -14.59 -6.73
N LEU F 404 -29.37 -13.97 -5.54
CA LEU F 404 -29.77 -14.65 -4.34
C LEU F 404 -31.23 -14.76 -4.03
N THR F 405 -31.97 -13.64 -4.06
CA THR F 405 -33.36 -13.67 -3.63
C THR F 405 -34.33 -13.07 -4.61
N GLY F 406 -35.40 -13.82 -4.92
CA GLY F 406 -36.48 -13.38 -5.80
C GLY F 406 -37.15 -12.10 -5.31
N ALA F 407 -37.12 -11.84 -3.96
CA ALA F 407 -37.70 -10.65 -3.34
C ALA F 407 -37.09 -9.32 -3.85
N MET F 408 -35.84 -9.35 -4.41
CA MET F 408 -35.22 -8.17 -5.01
C MET F 408 -36.11 -7.57 -6.12
N LEU F 409 -36.81 -8.44 -6.88
CA LEU F 409 -37.76 -8.01 -7.92
C LEU F 409 -38.90 -7.16 -7.35
N TYR F 410 -39.27 -7.43 -6.08
CA TYR F 410 -40.36 -6.73 -5.39
C TYR F 410 -39.87 -5.50 -4.66
N SER F 411 -38.60 -5.49 -4.23
CA SER F 411 -38.08 -4.35 -3.49
C SER F 411 -37.48 -3.29 -4.39
N LEU F 412 -36.48 -3.63 -5.22
CA LEU F 412 -35.86 -2.63 -6.09
C LEU F 412 -36.20 -2.80 -7.55
N GLY F 413 -36.74 -3.96 -7.91
CA GLY F 413 -37.11 -4.23 -9.29
C GLY F 413 -35.95 -4.68 -10.16
N THR F 414 -36.07 -4.37 -11.45
CA THR F 414 -35.13 -4.81 -12.47
C THR F 414 -33.97 -3.87 -12.78
N SER F 415 -33.97 -2.63 -12.26
CA SER F 415 -32.89 -1.68 -12.60
C SER F 415 -31.80 -1.50 -11.57
N TYR F 416 -32.15 -1.51 -10.28
CA TYR F 416 -31.19 -1.27 -9.21
C TYR F 416 -30.92 -2.55 -8.44
N ALA F 417 -29.63 -2.88 -8.24
CA ALA F 417 -29.25 -4.04 -7.41
C ALA F 417 -29.23 -3.53 -5.95
N GLY F 418 -29.31 -4.44 -5.01
CA GLY F 418 -29.22 -4.08 -3.60
C GLY F 418 -27.85 -4.39 -3.03
N VAL F 419 -27.33 -3.52 -2.17
CA VAL F 419 -26.06 -3.76 -1.49
C VAL F 419 -26.31 -3.78 0.01
N PHE F 420 -25.78 -4.80 0.70
CA PHE F 420 -25.87 -4.99 2.14
C PHE F 420 -24.44 -5.18 2.64
N GLY F 421 -24.16 -4.87 3.89
CA GLY F 421 -22.81 -5.05 4.39
C GLY F 421 -22.65 -4.80 5.87
N ASN F 422 -21.46 -5.11 6.39
CA ASN F 422 -21.12 -4.94 7.81
C ASN F 422 -20.18 -3.73 8.00
N ASN F 423 -19.90 -2.97 6.94
CA ASN F 423 -18.93 -1.87 7.00
C ASN F 423 -19.36 -0.70 6.10
N GLU F 424 -19.65 0.46 6.72
CA GLU F 424 -20.13 1.66 6.01
C GLU F 424 -19.13 2.22 4.98
N GLU F 425 -17.83 2.24 5.30
CA GLU F 425 -16.80 2.72 4.38
C GLU F 425 -16.79 1.88 3.08
N LEU F 426 -16.85 0.55 3.21
CA LEU F 426 -16.90 -0.36 2.05
C LEU F 426 -18.19 -0.14 1.24
N ILE F 427 -19.35 -0.03 1.92
CA ILE F 427 -20.63 0.23 1.26
C ILE F 427 -20.54 1.50 0.41
N ASN F 428 -19.98 2.59 0.98
CA ASN F 428 -19.81 3.87 0.30
C ASN F 428 -18.92 3.76 -0.93
N LYS F 429 -17.86 2.93 -0.86
CA LYS F 429 -16.97 2.64 -2.00
C LYS F 429 -17.75 1.93 -3.12
N ILE F 430 -18.66 1.00 -2.76
CA ILE F 430 -19.50 0.31 -3.74
C ILE F 430 -20.49 1.32 -4.39
N LEU F 431 -21.15 2.16 -3.59
CA LEU F 431 -22.09 3.16 -4.13
C LEU F 431 -21.39 4.14 -5.06
N GLN F 432 -20.16 4.50 -4.73
CA GLN F 432 -19.33 5.38 -5.53
C GLN F 432 -19.00 4.71 -6.87
N SER F 433 -18.64 3.40 -6.84
CA SER F 433 -18.33 2.59 -8.04
C SER F 433 -19.57 2.45 -8.90
N SER F 434 -20.75 2.42 -8.26
CA SER F 434 -22.04 2.35 -8.92
C SER F 434 -22.26 3.63 -9.72
N LYS F 435 -21.93 4.78 -9.11
CA LYS F 435 -22.03 6.11 -9.71
C LYS F 435 -21.11 6.23 -10.95
N THR F 436 -19.84 5.79 -10.85
CA THR F 436 -18.89 5.91 -11.96
C THR F 436 -19.05 4.82 -13.06
N SER F 437 -19.55 3.62 -12.71
CA SER F 437 -19.78 2.55 -13.69
C SER F 437 -21.12 2.73 -14.37
N ASN F 438 -22.02 3.51 -13.74
CA ASN F 438 -23.40 3.69 -14.17
C ASN F 438 -24.21 2.37 -14.12
N GLU F 439 -23.85 1.49 -13.16
CA GLU F 439 -24.57 0.23 -12.89
C GLU F 439 -25.22 0.51 -11.55
N PRO F 440 -26.54 0.83 -11.55
CA PRO F 440 -27.16 1.30 -10.30
C PRO F 440 -27.35 0.30 -9.18
N VAL F 441 -26.99 0.76 -7.99
CA VAL F 441 -27.04 -0.02 -6.75
C VAL F 441 -27.67 0.85 -5.67
N TRP F 442 -28.42 0.24 -4.73
CA TRP F 442 -29.02 0.97 -3.63
C TRP F 442 -28.69 0.24 -2.34
N TRP F 443 -28.30 1.00 -1.32
CA TRP F 443 -27.95 0.45 -0.03
C TRP F 443 -29.20 0.03 0.75
N LEU F 444 -29.23 -1.24 1.15
CA LEU F 444 -30.32 -1.83 1.95
C LEU F 444 -29.78 -2.26 3.30
N PRO F 445 -30.58 -2.22 4.39
CA PRO F 445 -30.01 -2.52 5.71
C PRO F 445 -29.95 -4.00 6.09
N ILE F 446 -29.03 -4.31 7.00
CA ILE F 446 -28.95 -5.63 7.62
C ILE F 446 -29.59 -5.36 9.00
N ILE F 447 -30.85 -5.74 9.15
CA ILE F 447 -31.61 -5.48 10.37
C ILE F 447 -31.33 -6.58 11.40
N ASN F 448 -30.52 -6.26 12.41
CA ASN F 448 -30.09 -7.17 13.46
C ASN F 448 -31.23 -7.78 14.27
N GLU F 449 -32.35 -7.08 14.38
CA GLU F 449 -33.56 -7.57 15.07
C GLU F 449 -34.09 -8.89 14.47
N TYR F 450 -33.83 -9.13 13.17
CA TYR F 450 -34.31 -10.34 12.51
C TYR F 450 -33.39 -11.55 12.71
N ARG F 451 -32.19 -11.36 13.31
CA ARG F 451 -31.24 -12.45 13.54
C ARG F 451 -31.83 -13.62 14.33
N ALA F 452 -32.66 -13.33 15.34
CA ALA F 452 -33.31 -14.35 16.17
C ALA F 452 -34.18 -15.34 15.35
N THR F 453 -34.65 -14.94 14.16
CA THR F 453 -35.43 -15.81 13.27
C THR F 453 -34.57 -16.95 12.69
N LEU F 454 -33.23 -16.82 12.76
CA LEU F 454 -32.30 -17.85 12.29
C LEU F 454 -31.84 -18.79 13.41
N ASN F 455 -32.40 -18.64 14.62
CA ASN F 455 -32.05 -19.54 15.72
C ASN F 455 -32.72 -20.89 15.46
N SER F 456 -31.91 -21.94 15.33
CA SER F 456 -32.39 -23.31 15.06
C SER F 456 -32.58 -24.05 16.38
N LYS F 457 -33.59 -24.92 16.46
CA LYS F 457 -33.82 -25.74 17.65
C LYS F 457 -32.68 -26.77 17.81
N TYR F 458 -32.15 -27.30 16.68
CA TYR F 458 -31.15 -28.37 16.69
C TYR F 458 -29.75 -28.00 16.24
N ALA F 459 -29.61 -27.26 15.15
CA ALA F 459 -28.32 -26.87 14.58
C ALA F 459 -27.88 -25.54 15.21
N ASP F 460 -26.67 -25.09 14.92
CA ASP F 460 -26.19 -23.79 15.40
C ASP F 460 -27.00 -22.64 14.79
N ILE F 461 -27.46 -22.82 13.52
CA ILE F 461 -28.20 -21.79 12.81
C ILE F 461 -29.13 -22.40 11.78
N ASN F 462 -30.21 -21.69 11.49
CA ASN F 462 -31.14 -22.02 10.41
C ASN F 462 -30.62 -21.34 9.15
N GLN F 463 -30.83 -21.99 8.01
CA GLN F 463 -30.51 -21.48 6.69
C GLN F 463 -31.52 -20.34 6.37
N ILE F 464 -32.80 -20.55 6.72
CA ILE F 464 -33.87 -19.61 6.43
C ILE F 464 -34.71 -19.32 7.65
N SER F 465 -35.47 -18.26 7.55
CA SER F 465 -36.44 -17.88 8.56
C SER F 465 -37.75 -18.55 8.15
N SER F 466 -38.57 -18.95 9.13
CA SER F 466 -39.90 -19.49 8.83
C SER F 466 -40.74 -18.20 8.60
N SER F 467 -41.24 -18.03 7.37
CA SER F 467 -41.99 -16.87 6.80
C SER F 467 -41.06 -16.06 5.95
N VAL F 468 -39.87 -15.89 6.50
CA VAL F 468 -38.81 -14.98 6.13
C VAL F 468 -39.35 -13.62 6.57
N LYS F 469 -40.21 -13.00 5.68
CA LYS F 469 -40.65 -11.61 5.68
C LYS F 469 -39.24 -11.02 5.48
N ALA F 470 -39.05 -10.00 4.65
CA ALA F 470 -37.70 -9.45 4.44
C ALA F 470 -36.61 -10.54 4.10
N SER F 471 -36.91 -11.39 3.12
CA SER F 471 -36.06 -12.49 2.62
C SER F 471 -34.61 -12.08 2.30
N SER F 472 -34.41 -10.97 1.53
CA SER F 472 -33.09 -10.48 1.13
C SER F 472 -32.25 -10.05 2.33
N ILE F 473 -32.89 -9.47 3.34
CA ILE F 473 -32.24 -9.05 4.59
C ILE F 473 -31.85 -10.27 5.40
N VAL F 474 -32.78 -11.25 5.55
CA VAL F 474 -32.51 -12.49 6.29
C VAL F 474 -31.33 -13.28 5.66
N ALA F 475 -31.28 -13.34 4.31
CA ALA F 475 -30.18 -13.99 3.59
C ALA F 475 -28.85 -13.28 3.93
N SER F 476 -28.86 -11.93 4.02
CA SER F 476 -27.66 -11.12 4.37
C SER F 476 -27.23 -11.39 5.81
N LEU F 477 -28.19 -11.58 6.74
CA LEU F 477 -27.89 -11.91 8.13
C LEU F 477 -27.23 -13.28 8.21
N PHE F 478 -27.68 -14.24 7.38
CA PHE F 478 -27.09 -15.57 7.33
C PHE F 478 -25.63 -15.47 6.84
N LEU F 479 -25.40 -14.75 5.73
CA LEU F 479 -24.06 -14.57 5.16
C LEU F 479 -23.11 -13.90 6.12
N LYS F 480 -23.60 -12.91 6.87
CA LYS F 480 -22.82 -12.15 7.86
C LYS F 480 -22.20 -13.07 8.93
N GLU F 481 -22.86 -14.22 9.23
CA GLU F 481 -22.36 -15.20 10.21
C GLU F 481 -21.06 -15.89 9.77
N PHE F 482 -20.70 -15.78 8.48
CA PHE F 482 -19.53 -16.44 7.89
C PHE F 482 -18.35 -15.50 7.64
N VAL F 483 -18.45 -14.24 8.13
CA VAL F 483 -17.39 -13.22 8.06
C VAL F 483 -17.19 -12.74 9.49
N GLN F 484 -16.01 -13.01 10.04
CA GLN F 484 -15.77 -12.69 11.44
C GLN F 484 -15.17 -11.32 11.72
N ASN F 485 -14.15 -10.93 10.97
CA ASN F 485 -13.44 -9.69 11.25
C ASN F 485 -12.91 -8.98 9.98
N THR F 486 -13.71 -8.98 8.90
CA THR F 486 -13.32 -8.34 7.66
C THR F 486 -14.49 -7.51 7.15
N ALA F 487 -14.18 -6.34 6.54
CA ALA F 487 -15.14 -5.47 5.89
C ALA F 487 -15.72 -6.31 4.72
N TRP F 488 -17.04 -6.47 4.72
CA TRP F 488 -17.75 -7.30 3.74
C TRP F 488 -19.01 -6.63 3.24
N ALA F 489 -19.29 -6.81 1.93
CA ALA F 489 -20.48 -6.30 1.28
C ALA F 489 -21.04 -7.39 0.39
N HIS F 490 -22.37 -7.43 0.25
CA HIS F 490 -23.10 -8.43 -0.51
C HIS F 490 -24.00 -7.70 -1.49
N ILE F 491 -23.87 -7.99 -2.79
CA ILE F 491 -24.65 -7.35 -3.83
C ILE F 491 -25.64 -8.36 -4.37
N ASP F 492 -26.94 -8.15 -4.09
CA ASP F 492 -27.97 -9.05 -4.56
C ASP F 492 -28.47 -8.58 -5.94
N ILE F 493 -28.14 -9.35 -6.99
CA ILE F 493 -28.43 -9.05 -8.40
C ILE F 493 -29.55 -9.92 -9.01
N ALA F 494 -30.33 -10.60 -8.16
CA ALA F 494 -31.42 -11.46 -8.62
C ALA F 494 -32.44 -10.73 -9.49
N GLY F 495 -32.70 -9.45 -9.17
CA GLY F 495 -33.65 -8.65 -9.93
C GLY F 495 -33.10 -8.03 -11.21
N VAL F 496 -31.81 -7.65 -11.18
CA VAL F 496 -31.18 -6.92 -12.30
C VAL F 496 -30.43 -7.71 -13.35
N SER F 497 -30.09 -8.97 -13.07
CA SER F 497 -29.23 -9.72 -13.96
C SER F 497 -29.79 -10.00 -15.36
N TRP F 498 -31.08 -10.35 -15.44
CA TRP F 498 -31.70 -10.70 -16.69
C TRP F 498 -32.52 -9.57 -17.27
N ASN F 499 -32.32 -9.27 -18.56
CA ASN F 499 -33.09 -8.26 -19.26
C ASN F 499 -34.31 -8.99 -19.85
N PHE F 500 -35.43 -8.97 -19.11
CA PHE F 500 -36.67 -9.66 -19.51
C PHE F 500 -37.23 -9.23 -20.86
N LYS F 501 -37.25 -7.91 -21.13
CA LYS F 501 -37.77 -7.37 -22.39
C LYS F 501 -36.92 -7.79 -23.61
N ALA F 502 -35.58 -7.74 -23.50
CA ALA F 502 -34.68 -8.12 -24.61
C ALA F 502 -34.36 -9.62 -24.64
N ARG F 503 -34.83 -10.39 -23.62
CA ARG F 503 -34.64 -11.85 -23.50
C ARG F 503 -33.14 -12.23 -23.50
N LYS F 504 -32.33 -11.48 -22.75
CA LYS F 504 -30.89 -11.71 -22.71
C LYS F 504 -30.28 -11.26 -21.37
N PRO F 505 -29.06 -11.70 -21.00
CA PRO F 505 -28.45 -11.21 -19.75
C PRO F 505 -27.96 -9.77 -19.93
N LYS F 506 -27.69 -9.11 -18.82
CA LYS F 506 -27.14 -7.76 -18.86
C LYS F 506 -25.62 -7.81 -18.65
N GLY F 507 -25.11 -8.89 -18.05
CA GLY F 507 -23.70 -8.98 -17.65
C GLY F 507 -23.49 -7.99 -16.50
N PHE F 508 -24.54 -7.80 -15.68
CA PHE F 508 -24.54 -6.84 -14.58
C PHE F 508 -23.46 -7.11 -13.55
N GLY F 509 -22.75 -6.05 -13.16
CA GLY F 509 -21.76 -6.14 -12.11
C GLY F 509 -20.31 -6.10 -12.55
N VAL F 510 -20.04 -6.43 -13.81
CA VAL F 510 -18.66 -6.41 -14.32
C VAL F 510 -18.04 -5.01 -14.15
N ARG F 511 -18.72 -3.98 -14.68
CA ARG F 511 -18.22 -2.61 -14.65
C ARG F 511 -18.19 -2.05 -13.25
N LEU F 512 -19.23 -2.38 -12.43
CA LEU F 512 -19.32 -1.99 -11.03
C LEU F 512 -18.09 -2.51 -10.25
N LEU F 513 -17.81 -3.82 -10.37
CA LEU F 513 -16.68 -4.41 -9.65
C LEU F 513 -15.33 -3.91 -10.16
N THR F 514 -15.20 -3.67 -11.49
CA THR F 514 -13.94 -3.15 -12.04
C THR F 514 -13.67 -1.74 -11.54
N GLU F 515 -14.72 -0.87 -11.56
CA GLU F 515 -14.60 0.51 -11.06
C GLU F 515 -14.23 0.49 -9.57
N PHE F 516 -14.77 -0.46 -8.81
CA PHE F 516 -14.43 -0.65 -7.40
C PHE F 516 -12.94 -0.93 -7.21
N VAL F 517 -12.40 -1.88 -7.99
CA VAL F 517 -10.98 -2.25 -7.94
C VAL F 517 -10.07 -1.10 -8.43
N LEU F 518 -10.43 -0.45 -9.54
CA LEU F 518 -9.66 0.63 -10.17
C LEU F 518 -9.63 1.93 -9.36
N ASN F 519 -10.77 2.35 -8.82
CA ASN F 519 -10.86 3.60 -8.06
C ASN F 519 -10.37 3.50 -6.61
N ASP F 520 -10.01 2.28 -6.13
CA ASP F 520 -9.50 2.05 -4.77
C ASP F 520 -8.04 2.49 -4.68
N ALA G 2 36.74 60.42 26.18
CA ALA G 2 36.44 59.00 26.38
C ALA G 2 35.33 58.54 25.44
N SER G 3 35.54 57.40 24.78
CA SER G 3 34.58 56.80 23.87
C SER G 3 33.97 55.55 24.46
N GLU G 4 32.71 55.27 24.07
CA GLU G 4 32.00 54.08 24.53
C GLU G 4 32.55 52.83 23.81
N VAL G 5 33.00 51.84 24.59
CA VAL G 5 33.54 50.60 24.03
C VAL G 5 32.37 49.72 23.55
N PRO G 6 32.33 49.36 22.25
CA PRO G 6 31.25 48.47 21.79
C PRO G 6 31.38 47.06 22.38
N GLN G 7 30.24 46.41 22.60
CA GLN G 7 30.17 45.08 23.17
C GLN G 7 29.34 44.18 22.27
N VAL G 8 29.67 42.87 22.24
CA VAL G 8 28.85 41.90 21.52
C VAL G 8 27.78 41.41 22.52
N VAL G 9 28.23 41.06 23.72
CA VAL G 9 27.40 40.62 24.84
C VAL G 9 27.66 41.56 26.02
N SER G 10 26.72 41.66 26.96
CA SER G 10 26.84 42.54 28.12
C SER G 10 28.02 42.18 29.02
N LEU G 11 28.54 40.94 28.89
CA LEU G 11 29.67 40.45 29.69
C LEU G 11 31.01 40.87 29.10
N ASP G 12 31.03 41.48 27.90
CA ASP G 12 32.26 41.97 27.30
C ASP G 12 32.80 43.14 28.10
N PRO G 13 34.08 43.10 28.53
CA PRO G 13 34.63 44.23 29.31
C PRO G 13 34.67 45.55 28.55
N THR G 14 34.51 46.67 29.29
CA THR G 14 34.47 48.01 28.66
C THR G 14 35.64 48.90 29.06
N SER G 15 36.63 48.34 29.77
CA SER G 15 37.85 49.07 30.12
C SER G 15 38.96 48.10 30.45
N ILE G 16 40.21 48.61 30.41
CA ILE G 16 41.36 47.82 30.80
C ILE G 16 41.54 48.07 32.29
N PRO G 17 41.56 47.03 33.16
CA PRO G 17 41.85 47.30 34.59
C PRO G 17 43.33 47.71 34.71
N ILE G 18 43.59 48.80 35.44
CA ILE G 18 44.95 49.31 35.60
C ILE G 18 45.22 49.54 37.07
N GLU G 19 46.35 49.05 37.56
CA GLU G 19 46.79 49.25 38.93
C GLU G 19 47.83 50.39 38.89
N TYR G 20 47.49 51.55 39.47
CA TYR G 20 48.41 52.70 39.52
C TYR G 20 49.18 52.69 40.85
N ASN G 21 48.45 52.49 41.97
CA ASN G 21 49.02 52.45 43.32
C ASN G 21 49.44 51.03 43.60
N THR G 22 50.69 50.68 43.25
CA THR G 22 51.15 49.30 43.42
C THR G 22 51.82 49.14 44.78
N PRO G 23 51.98 47.90 45.31
CA PRO G 23 52.70 47.72 46.59
C PRO G 23 54.14 48.25 46.55
N ILE G 24 54.77 48.31 45.36
CA ILE G 24 56.11 48.86 45.22
C ILE G 24 56.12 50.35 45.64
N HIS G 25 55.03 51.09 45.32
CA HIS G 25 54.92 52.50 45.69
C HIS G 25 54.83 52.74 47.21
N ASP G 26 54.47 51.68 47.98
CA ASP G 26 54.39 51.75 49.45
C ASP G 26 55.71 51.42 50.13
N ILE G 27 56.73 51.00 49.34
CA ILE G 27 58.05 50.66 49.90
C ILE G 27 58.83 51.92 50.23
N LYS G 28 59.22 52.05 51.49
CA LYS G 28 60.06 53.13 51.96
C LYS G 28 61.50 52.69 51.76
N VAL G 29 62.24 53.45 50.92
CA VAL G 29 63.62 53.13 50.60
C VAL G 29 64.58 54.04 51.37
N GLN G 30 65.57 53.44 52.02
CA GLN G 30 66.61 54.16 52.76
C GLN G 30 67.96 53.69 52.22
N VAL G 31 68.84 54.64 51.87
CA VAL G 31 70.18 54.34 51.35
C VAL G 31 71.18 54.80 52.40
N TYR G 32 72.08 53.89 52.81
CA TYR G 32 73.10 54.16 53.80
C TYR G 32 74.49 53.88 53.23
N ASP G 33 75.46 54.60 53.75
CA ASP G 33 76.83 54.39 53.32
C ASP G 33 77.44 53.21 54.08
N ILE G 34 78.05 52.26 53.35
CA ILE G 34 78.71 51.09 53.89
C ILE G 34 79.77 51.44 54.98
N LYS G 35 80.45 52.61 54.84
CA LYS G 35 81.46 53.08 55.80
C LYS G 35 80.96 53.22 57.26
N GLY G 36 79.65 53.50 57.43
CA GLY G 36 79.01 53.62 58.74
C GLY G 36 78.63 52.30 59.39
N GLY G 37 78.86 51.20 58.65
CA GLY G 37 78.58 49.83 59.07
C GLY G 37 77.13 49.45 58.81
N CYS G 38 76.86 48.13 58.85
CA CYS G 38 75.52 47.58 58.62
C CYS G 38 74.80 47.23 59.91
N ASN G 39 73.58 47.74 60.09
CA ASN G 39 72.74 47.36 61.22
C ASN G 39 71.91 46.18 60.72
N VAL G 40 71.93 45.07 61.48
CA VAL G 40 71.24 43.84 61.11
C VAL G 40 70.09 43.56 62.07
N GLU G 41 68.88 43.87 61.59
CA GLU G 41 67.68 43.72 62.41
C GLU G 41 66.59 42.93 61.71
N GLU G 42 65.35 43.40 61.77
CA GLU G 42 64.17 42.73 61.23
C GLU G 42 64.20 42.51 59.72
N GLY G 43 63.45 41.50 59.27
CA GLY G 43 63.35 41.14 57.88
C GLY G 43 64.51 40.30 57.41
N LEU G 44 64.98 40.59 56.19
CA LEU G 44 66.07 39.83 55.56
C LEU G 44 67.15 40.76 55.05
N THR G 45 68.41 40.48 55.43
CA THR G 45 69.56 41.25 55.00
C THR G 45 70.39 40.37 54.06
N ILE G 46 70.52 40.81 52.79
CA ILE G 46 71.26 40.10 51.76
C ILE G 46 72.52 40.84 51.33
N PHE G 47 73.65 40.14 51.34
CA PHE G 47 74.92 40.66 50.87
C PHE G 47 75.10 40.26 49.42
N LEU G 48 75.45 41.22 48.54
CA LEU G 48 75.72 40.92 47.12
C LEU G 48 77.23 40.79 47.03
N VAL G 49 77.70 39.57 46.86
CA VAL G 49 79.12 39.24 46.93
C VAL G 49 79.69 38.55 45.69
N ASN G 50 80.91 38.92 45.34
CA ASN G 50 81.62 38.30 44.24
C ASN G 50 83.02 37.87 44.73
N ASN G 51 83.83 37.28 43.85
CA ASN G 51 85.20 36.89 44.16
C ASN G 51 85.94 37.01 42.83
N PRO G 52 86.49 38.21 42.51
CA PRO G 52 87.19 38.39 41.23
C PRO G 52 88.35 37.45 40.99
N GLY G 53 88.36 36.83 39.80
CA GLY G 53 89.37 35.87 39.37
C GLY G 53 89.04 34.44 39.78
N LYS G 54 88.85 34.21 41.10
CA LYS G 54 88.55 32.90 41.67
C LYS G 54 87.12 32.44 41.29
N GLU G 55 87.03 31.69 40.15
CA GLU G 55 85.77 31.14 39.62
C GLU G 55 85.16 30.21 40.67
N ASN G 56 83.88 30.49 41.06
CA ASN G 56 83.14 29.80 42.12
C ASN G 56 83.96 29.81 43.42
N GLY G 57 84.67 30.92 43.64
CA GLY G 57 85.50 31.11 44.81
C GLY G 57 84.69 31.28 46.09
N PRO G 58 85.35 31.24 47.26
CA PRO G 58 84.60 31.37 48.52
C PRO G 58 83.94 32.73 48.76
N VAL G 59 82.88 32.74 49.59
CA VAL G 59 82.17 33.95 50.01
C VAL G 59 83.01 34.55 51.14
N LYS G 60 83.28 35.84 51.06
CA LYS G 60 83.98 36.63 52.07
C LYS G 60 83.17 37.93 52.24
N ILE G 61 82.69 38.23 53.45
CA ILE G 61 81.92 39.46 53.73
C ILE G 61 82.88 40.57 54.17
N SER G 62 83.00 41.63 53.36
CA SER G 62 83.95 42.72 53.63
C SER G 62 83.40 43.84 54.53
N SER G 63 82.09 44.11 54.45
CA SER G 63 81.44 45.20 55.20
C SER G 63 81.54 45.05 56.70
N LYS G 64 81.60 46.19 57.41
CA LYS G 64 81.56 46.19 58.85
C LYS G 64 80.08 45.98 59.23
N VAL G 65 79.82 45.08 60.17
CA VAL G 65 78.47 44.81 60.65
C VAL G 65 78.45 45.29 62.11
N ASN G 66 77.51 46.17 62.46
CA ASN G 66 77.37 46.76 63.80
C ASN G 66 76.62 45.83 64.76
N ASP G 67 77.15 44.62 64.90
CA ASP G 67 76.61 43.57 65.76
C ASP G 67 77.69 42.55 65.90
N LYS G 68 78.11 42.28 67.15
CA LYS G 68 79.15 41.33 67.46
C LYS G 68 78.78 39.90 67.07
N GLN G 69 77.54 39.46 67.38
CA GLN G 69 77.05 38.11 67.05
C GLN G 69 77.03 37.88 65.55
N VAL G 70 76.50 38.85 64.78
CA VAL G 70 76.39 38.73 63.32
C VAL G 70 77.78 38.74 62.67
N SER G 71 78.70 39.59 63.18
CA SER G 71 80.10 39.67 62.69
C SER G 71 80.79 38.33 62.85
N GLU G 72 80.60 37.68 64.01
CA GLU G 72 81.17 36.36 64.30
C GLU G 72 80.63 35.33 63.32
N PHE G 73 79.29 35.32 63.08
CA PHE G 73 78.67 34.37 62.16
C PHE G 73 79.24 34.54 60.76
N LEU G 74 79.41 35.81 60.31
CA LEU G 74 79.87 36.18 58.97
C LEU G 74 81.39 36.18 58.73
N LYS G 75 82.18 35.77 59.73
CA LYS G 75 83.64 35.69 59.61
C LYS G 75 84.05 34.73 58.49
N ASP G 76 85.25 34.93 57.89
CA ASP G 76 85.78 34.14 56.76
C ASP G 76 85.71 32.62 56.90
N GLU G 77 86.09 32.10 58.09
CA GLU G 77 86.11 30.66 58.37
C GLU G 77 84.73 30.04 58.20
N ASN G 78 83.67 30.77 58.62
CA ASN G 78 82.29 30.30 58.51
C ASN G 78 81.74 30.44 57.10
N MET G 79 82.20 31.46 56.35
CA MET G 79 81.70 31.73 55.00
C MET G 79 82.36 30.95 53.88
N GLU G 80 83.57 30.42 54.13
CA GLU G 80 84.36 29.70 53.13
C GLU G 80 83.73 28.42 52.55
N LYS G 81 82.78 27.80 53.25
CA LYS G 81 82.06 26.63 52.73
C LYS G 81 81.06 27.02 51.61
N PHE G 82 80.78 28.34 51.48
CA PHE G 82 79.84 28.85 50.48
C PHE G 82 80.58 29.50 49.31
N ASN G 83 80.01 29.41 48.11
CA ASN G 83 80.66 29.99 46.94
C ASN G 83 79.86 31.13 46.28
N VAL G 84 80.53 31.87 45.40
CA VAL G 84 79.97 33.03 44.73
C VAL G 84 79.32 32.78 43.37
N LYS G 85 79.18 31.51 42.94
CA LYS G 85 78.58 31.20 41.63
C LYS G 85 77.36 32.08 41.34
N LEU G 86 77.37 32.78 40.17
CA LEU G 86 76.32 33.71 39.76
C LEU G 86 74.92 33.18 39.98
N GLY G 87 74.15 33.87 40.84
CA GLY G 87 72.78 33.49 41.14
C GLY G 87 72.61 32.53 42.32
N THR G 88 73.71 31.98 42.87
CA THR G 88 73.67 31.09 44.04
C THR G 88 73.25 31.94 45.24
N SER G 89 72.47 31.37 46.15
CA SER G 89 72.04 32.08 47.35
C SER G 89 71.95 31.16 48.55
N LYS G 90 72.05 31.72 49.76
CA LYS G 90 71.95 30.98 51.01
C LYS G 90 71.23 31.84 52.03
N HIS G 91 70.43 31.22 52.90
CA HIS G 91 69.73 31.88 54.01
C HIS G 91 70.47 31.49 55.27
N PHE G 92 70.63 32.42 56.20
CA PHE G 92 71.30 32.18 57.48
C PHE G 92 70.36 32.65 58.60
N TYR G 93 70.39 31.97 59.76
CA TYR G 93 69.56 32.31 60.92
C TYR G 93 70.45 32.42 62.14
N MET G 94 70.21 33.43 62.99
CA MET G 94 71.02 33.66 64.19
C MET G 94 70.35 34.72 65.09
N PHE G 95 70.86 34.86 66.33
CA PHE G 95 70.44 35.88 67.29
C PHE G 95 71.44 37.00 67.26
N ASN G 96 70.99 38.25 67.32
CA ASN G 96 71.91 39.38 67.31
C ASN G 96 72.30 39.74 68.75
N ASP G 97 73.00 40.89 68.95
CA ASP G 97 73.44 41.37 70.27
C ASP G 97 72.29 41.69 71.22
N ASN G 98 71.11 41.98 70.66
CA ASN G 98 69.90 42.29 71.40
C ASN G 98 69.00 41.07 71.64
N LYS G 99 69.56 39.86 71.38
CA LYS G 99 68.90 38.55 71.52
C LYS G 99 67.67 38.42 70.66
N ASN G 100 67.60 39.15 69.56
CA ASN G 100 66.51 39.00 68.62
C ASN G 100 67.05 38.15 67.49
N SER G 101 66.24 37.21 66.98
CA SER G 101 66.69 36.39 65.86
C SER G 101 66.65 37.24 64.61
N VAL G 102 67.61 37.01 63.72
CA VAL G 102 67.76 37.74 62.45
C VAL G 102 67.99 36.77 61.30
N ALA G 103 67.47 37.13 60.12
CA ALA G 103 67.63 36.37 58.91
C ALA G 103 68.62 37.15 58.05
N VAL G 104 69.67 36.47 57.62
CA VAL G 104 70.76 37.05 56.82
C VAL G 104 70.96 36.12 55.64
N GLY G 105 71.60 36.61 54.60
CA GLY G 105 71.88 35.80 53.44
C GLY G 105 72.82 36.49 52.48
N TYR G 106 73.07 35.84 51.34
CA TYR G 106 73.88 36.40 50.25
C TYR G 106 73.38 35.90 48.91
N VAL G 107 73.72 36.63 47.85
CA VAL G 107 73.48 36.25 46.47
C VAL G 107 74.87 36.33 45.81
N GLY G 108 75.29 35.23 45.19
CA GLY G 108 76.57 35.16 44.50
C GLY G 108 76.54 35.95 43.21
N CYS G 109 77.55 36.82 43.03
CA CYS G 109 77.64 37.68 41.84
C CYS G 109 78.78 37.26 40.90
N GLY G 110 79.26 36.03 41.06
CA GLY G 110 80.30 35.44 40.22
C GLY G 110 81.70 35.98 40.43
N SER G 111 82.50 35.94 39.37
CA SER G 111 83.91 36.30 39.42
C SER G 111 84.32 37.43 38.48
N VAL G 112 83.38 37.99 37.71
CA VAL G 112 83.66 39.11 36.81
C VAL G 112 83.27 40.40 37.53
N ALA G 113 84.23 41.32 37.71
CA ALA G 113 84.06 42.59 38.42
C ALA G 113 82.93 43.47 37.86
N ASP G 114 82.78 43.52 36.53
CA ASP G 114 81.71 44.30 35.91
C ASP G 114 80.57 43.40 35.43
N LEU G 115 79.41 43.48 36.12
CA LEU G 115 78.24 42.69 35.76
C LEU G 115 77.52 43.30 34.57
N SER G 116 77.09 42.46 33.63
CA SER G 116 76.32 42.89 32.47
C SER G 116 74.86 43.01 32.94
N GLU G 117 74.02 43.63 32.11
CA GLU G 117 72.60 43.78 32.38
C GLU G 117 71.97 42.37 32.57
N ALA G 118 72.40 41.37 31.76
CA ALA G 118 71.94 39.98 31.82
C ALA G 118 72.35 39.31 33.15
N ASP G 119 73.60 39.52 33.59
CA ASP G 119 74.13 39.01 34.87
C ASP G 119 73.36 39.62 36.04
N MET G 120 73.12 40.96 36.01
CA MET G 120 72.39 41.67 37.06
C MET G 120 70.97 41.15 37.17
N LYS G 121 70.34 40.82 36.02
CA LYS G 121 69.00 40.23 36.00
C LYS G 121 68.97 38.89 36.73
N ARG G 122 70.01 38.04 36.54
CA ARG G 122 70.14 36.75 37.25
C ARG G 122 70.29 36.94 38.76
N VAL G 123 71.07 37.96 39.19
CA VAL G 123 71.25 38.31 40.60
C VAL G 123 69.88 38.72 41.17
N VAL G 124 69.15 39.63 40.45
CA VAL G 124 67.84 40.10 40.89
C VAL G 124 66.83 38.95 41.01
N LEU G 125 66.78 38.05 40.01
CA LEU G 125 65.88 36.90 40.02
C LEU G 125 66.12 36.02 41.26
N SER G 126 67.40 35.80 41.65
CA SER G 126 67.77 35.02 42.84
C SER G 126 67.28 35.73 44.10
N LEU G 127 67.44 37.07 44.15
CA LEU G 127 66.95 37.90 45.24
C LEU G 127 65.41 37.79 45.37
N VAL G 128 64.70 37.89 44.23
CA VAL G 128 63.23 37.76 44.18
C VAL G 128 62.78 36.36 44.71
N THR G 129 63.52 35.27 44.41
CA THR G 129 63.12 33.94 44.92
C THR G 129 63.16 33.92 46.45
N MET G 130 64.08 34.69 47.06
CA MET G 130 64.17 34.83 48.52
C MET G 130 63.01 35.70 49.06
N LEU G 131 62.48 36.62 48.22
CA LEU G 131 61.35 37.46 48.64
C LEU G 131 60.01 36.73 48.54
N HIS G 132 59.88 35.86 47.54
CA HIS G 132 58.65 35.11 47.33
C HIS G 132 58.56 34.00 48.35
N ASP G 133 57.34 33.68 48.78
CA ASP G 133 57.06 32.61 49.74
C ASP G 133 57.69 32.83 51.12
N ASN G 134 57.97 34.08 51.44
CA ASN G 134 58.51 34.46 52.73
C ASN G 134 57.84 35.79 53.10
N LYS G 135 56.98 35.78 54.12
CA LYS G 135 56.27 36.97 54.62
C LYS G 135 57.25 37.86 55.38
N LEU G 136 57.82 38.86 54.68
CA LEU G 136 58.82 39.77 55.23
C LEU G 136 58.31 41.20 55.28
N SER G 137 58.70 41.97 56.30
CA SER G 137 58.30 43.38 56.38
C SER G 137 59.43 44.25 55.75
N LYS G 138 60.67 43.72 55.75
CA LYS G 138 61.84 44.46 55.30
C LYS G 138 62.86 43.63 54.57
N LEU G 139 63.48 44.24 53.55
CA LEU G 139 64.62 43.67 52.85
C LEU G 139 65.75 44.69 52.95
N THR G 140 66.95 44.23 53.29
CA THR G 140 68.13 45.08 53.28
C THR G 140 69.12 44.46 52.31
N VAL G 141 69.67 45.26 51.39
CA VAL G 141 70.62 44.81 50.39
C VAL G 141 71.95 45.51 50.63
N VAL G 142 73.03 44.74 50.80
CA VAL G 142 74.38 45.28 51.03
C VAL G 142 75.21 45.04 49.76
N PHE G 143 75.61 46.12 49.09
CA PHE G 143 76.40 46.03 47.86
C PHE G 143 77.89 45.87 48.16
N GLU G 144 78.41 44.67 47.97
CA GLU G 144 79.85 44.41 48.13
C GLU G 144 80.44 44.14 46.75
N ILE G 145 79.78 44.70 45.73
CA ILE G 145 80.13 44.62 44.31
C ILE G 145 80.14 46.06 43.77
N ASN G 146 80.89 46.29 42.70
CA ASN G 146 81.00 47.60 42.09
C ASN G 146 79.95 47.77 41.02
N VAL G 147 79.10 48.78 41.19
CA VAL G 147 78.04 49.11 40.24
C VAL G 147 78.08 50.61 39.98
N ASP G 148 77.94 51.03 38.73
CA ASP G 148 77.90 52.45 38.45
C ASP G 148 76.45 52.94 38.72
N LYS G 149 76.19 54.24 38.65
CA LYS G 149 74.88 54.83 38.93
C LYS G 149 73.75 54.22 38.10
N ASN G 150 73.99 54.01 36.79
CA ASN G 150 73.00 53.43 35.87
C ASN G 150 72.69 51.99 36.21
N LEU G 151 73.72 51.19 36.56
CA LEU G 151 73.51 49.78 36.90
C LEU G 151 72.79 49.62 38.25
N PHE G 152 73.08 50.54 39.21
CA PHE G 152 72.42 50.56 40.51
C PHE G 152 70.93 50.84 40.27
N ARG G 153 70.62 51.83 39.40
CA ARG G 153 69.24 52.15 39.07
C ARG G 153 68.54 50.95 38.40
N PHE G 154 69.25 50.26 37.50
CA PHE G 154 68.75 49.07 36.78
C PHE G 154 68.43 47.98 37.77
N PHE G 155 69.30 47.78 38.78
CA PHE G 155 69.09 46.80 39.86
C PHE G 155 67.73 47.06 40.53
N LEU G 156 67.47 48.32 40.94
CA LEU G 156 66.23 48.72 41.62
C LEU G 156 65.00 48.55 40.74
N GLU G 157 65.07 49.00 39.47
CA GLU G 157 63.97 48.90 38.51
C GLU G 157 63.59 47.44 38.30
N THR G 158 64.61 46.59 38.08
CA THR G 158 64.45 45.15 37.83
C THR G 158 63.88 44.48 39.05
N LEU G 159 64.43 44.80 40.24
CA LEU G 159 63.89 44.27 41.50
C LEU G 159 62.41 44.60 41.64
N PHE G 160 62.05 45.89 41.48
CA PHE G 160 60.66 46.33 41.60
C PHE G 160 59.74 45.62 40.59
N TYR G 161 60.18 45.57 39.30
CA TYR G 161 59.40 44.95 38.23
C TYR G 161 59.17 43.45 38.46
N GLU G 162 60.24 42.70 38.79
CA GLU G 162 60.18 41.25 38.97
C GLU G 162 59.44 40.85 40.22
N TYR G 163 59.52 41.69 41.26
CA TYR G 163 58.84 41.42 42.55
C TYR G 163 57.32 41.54 42.42
N MET G 164 56.89 42.52 41.65
CA MET G 164 55.48 42.84 41.42
C MET G 164 54.75 41.68 40.68
N THR G 165 53.58 41.25 41.22
CA THR G 165 52.78 40.17 40.59
C THR G 165 51.45 40.75 40.14
N ASP G 166 51.16 40.59 38.86
CA ASP G 166 49.94 41.08 38.23
C ASP G 166 48.75 40.13 38.47
N GLU G 167 47.84 40.53 39.38
CA GLU G 167 46.66 39.72 39.71
C GLU G 167 45.33 40.30 39.20
N ARG G 168 45.37 41.25 38.24
CA ARG G 168 44.17 41.86 37.68
C ARG G 168 43.15 40.88 37.10
N PHE G 169 43.64 39.76 36.51
CA PHE G 169 42.76 38.79 35.88
C PHE G 169 42.46 37.56 36.70
N LYS G 170 42.98 37.52 37.93
CA LYS G 170 42.73 36.45 38.89
C LYS G 170 41.42 36.76 39.61
N SER G 171 40.59 35.72 39.84
CA SER G 171 39.34 35.90 40.55
C SER G 171 39.29 34.88 41.67
N THR G 172 39.16 33.59 41.33
CA THR G 172 39.13 32.50 42.30
C THR G 172 40.54 32.01 42.68
N ASP G 173 41.59 32.41 41.92
CA ASP G 173 42.96 31.91 42.12
C ASP G 173 44.01 32.95 42.55
N LYS G 174 43.59 33.97 43.31
CA LYS G 174 44.54 34.97 43.82
C LYS G 174 45.44 34.33 44.93
N ASN G 175 46.68 34.90 45.09
CA ASN G 175 47.78 34.78 46.08
C ASN G 175 48.87 33.70 45.98
N ASN G 177 48.31 34.63 50.67
CA ASN G 177 49.75 34.66 50.96
C ASN G 177 50.55 35.83 50.37
N MET G 178 50.01 36.52 49.34
CA MET G 178 50.64 37.69 48.68
C MET G 178 50.88 38.80 49.72
N GLU G 179 52.15 39.01 50.05
CA GLU G 179 52.53 39.99 51.05
C GLU G 179 53.83 40.66 50.64
N TYR G 180 53.83 41.98 50.60
CA TYR G 180 55.02 42.69 50.17
C TYR G 180 55.73 43.37 51.30
N ILE G 181 57.06 43.54 51.16
CA ILE G 181 57.88 44.29 52.11
C ILE G 181 57.39 45.75 52.14
N LYS G 182 57.54 46.41 53.27
CA LYS G 182 57.14 47.81 53.43
C LYS G 182 58.39 48.70 53.43
N HIS G 183 59.56 48.07 53.62
CA HIS G 183 60.83 48.79 53.73
C HIS G 183 61.92 48.13 52.95
N LEU G 184 62.77 48.97 52.35
CA LEU G 184 63.93 48.52 51.61
C LEU G 184 65.12 49.34 52.05
N GLY G 185 66.09 48.67 52.65
CA GLY G 185 67.35 49.30 53.07
C GLY G 185 68.42 48.95 52.05
N VAL G 186 69.28 49.91 51.72
CA VAL G 186 70.38 49.70 50.76
C VAL G 186 71.66 50.23 51.38
N TYR G 187 72.66 49.38 51.57
CA TYR G 187 73.99 49.82 52.05
C TYR G 187 74.88 49.81 50.82
N ILE G 188 75.52 50.96 50.54
CA ILE G 188 76.43 51.08 49.40
C ILE G 188 77.55 52.08 49.67
N ASN G 189 78.71 51.89 49.02
CA ASN G 189 79.83 52.82 49.12
C ASN G 189 79.48 54.09 48.34
N ASN G 190 79.84 55.28 48.89
CA ASN G 190 79.52 56.61 48.29
C ASN G 190 78.01 56.76 48.06
N ALA G 191 77.23 56.37 49.08
CA ALA G 191 75.77 56.34 49.05
C ALA G 191 75.11 57.62 48.58
N ASP G 192 75.61 58.79 48.99
CA ASP G 192 75.05 60.09 48.59
C ASP G 192 74.94 60.25 47.08
N THR G 193 75.89 59.69 46.31
CA THR G 193 75.87 59.76 44.83
C THR G 193 74.76 58.87 44.19
N TYR G 194 74.33 57.81 44.90
CA TYR G 194 73.32 56.84 44.44
C TYR G 194 71.88 57.19 44.83
N LYS G 195 71.71 58.04 45.84
CA LYS G 195 70.39 58.46 46.34
C LYS G 195 69.44 59.00 45.28
N GLU G 196 69.93 59.81 44.32
CA GLU G 196 69.11 60.38 43.26
C GLU G 196 68.52 59.31 42.31
N GLU G 197 69.16 58.11 42.25
CA GLU G 197 68.70 57.01 41.41
C GLU G 197 67.44 56.33 41.93
N VAL G 198 67.16 56.44 43.24
CA VAL G 198 66.02 55.77 43.89
C VAL G 198 64.68 56.17 43.29
N GLU G 199 64.35 57.47 43.34
CA GLU G 199 63.06 57.88 42.78
C GLU G 199 62.98 57.76 41.27
N LYS G 200 64.12 57.88 40.58
CA LYS G 200 64.19 57.69 39.13
C LYS G 200 63.86 56.21 38.82
N ALA G 201 64.42 55.26 39.59
CA ALA G 201 64.15 53.82 39.44
C ALA G 201 62.67 53.53 39.68
N ARG G 202 62.04 54.19 40.68
CA ARG G 202 60.63 53.96 40.97
C ARG G 202 59.74 54.42 39.81
N VAL G 203 60.08 55.56 39.18
CA VAL G 203 59.36 56.10 38.02
C VAL G 203 59.53 55.15 36.83
N TYR G 204 60.79 54.75 36.55
CA TYR G 204 61.15 53.84 35.45
C TYR G 204 60.46 52.50 35.60
N TYR G 205 60.42 51.98 36.85
CA TYR G 205 59.71 50.75 37.15
C TYR G 205 58.24 50.92 36.76
N PHE G 206 57.56 52.01 37.22
CA PHE G 206 56.14 52.15 36.92
C PHE G 206 55.83 52.30 35.43
N GLY G 207 56.65 53.05 34.70
CA GLY G 207 56.47 53.23 33.27
C GLY G 207 56.52 51.89 32.58
N THR G 208 57.50 51.06 32.97
CA THR G 208 57.71 49.69 32.45
C THR G 208 56.57 48.78 32.87
N TYR G 209 56.17 48.81 34.15
CA TYR G 209 55.09 48.00 34.68
C TYR G 209 53.74 48.37 34.07
N TYR G 210 53.51 49.68 33.86
CA TYR G 210 52.30 50.20 33.22
C TYR G 210 52.22 49.67 31.79
N ALA G 211 53.34 49.75 31.02
CA ALA G 211 53.39 49.22 29.65
C ALA G 211 53.05 47.73 29.66
N SER G 212 53.64 46.98 30.63
CA SER G 212 53.43 45.56 30.85
C SER G 212 51.94 45.23 31.09
N GLN G 213 51.26 46.04 31.92
CA GLN G 213 49.84 45.87 32.23
C GLN G 213 48.98 46.00 30.96
N LEU G 214 49.31 46.95 30.08
CA LEU G 214 48.57 47.15 28.82
C LEU G 214 48.82 45.96 27.88
N ILE G 215 50.09 45.52 27.78
CA ILE G 215 50.46 44.39 26.89
C ILE G 215 49.79 43.09 27.36
N ALA G 216 49.91 42.77 28.68
CA ALA G 216 49.34 41.55 29.26
C ALA G 216 47.82 41.51 29.17
N ALA G 217 47.17 42.68 29.20
CA ALA G 217 45.71 42.78 29.09
C ALA G 217 45.30 42.15 27.74
N PRO G 218 44.42 41.12 27.78
CA PRO G 218 44.00 40.46 26.52
C PRO G 218 43.22 41.39 25.61
N SER G 219 43.11 41.00 24.34
CA SER G 219 42.45 41.78 23.29
C SER G 219 40.98 42.09 23.50
N ASN G 220 40.27 41.31 24.31
CA ASN G 220 38.85 41.62 24.60
C ASN G 220 38.81 42.79 25.62
N TYR G 221 39.82 42.89 26.52
CA TYR G 221 39.92 43.99 27.47
C TYR G 221 40.58 45.21 26.81
N CYS G 222 41.73 45.00 26.15
CA CYS G 222 42.54 46.02 25.52
C CYS G 222 42.31 46.02 24.02
N ASN G 223 41.37 46.86 23.59
CA ASN G 223 40.97 47.02 22.20
C ASN G 223 41.24 48.48 21.81
N PRO G 224 41.09 48.92 20.54
CA PRO G 224 41.43 50.32 20.19
C PRO G 224 40.70 51.40 21.00
N VAL G 225 39.43 51.13 21.37
CA VAL G 225 38.63 52.09 22.17
C VAL G 225 39.12 52.14 23.61
N SER G 226 39.23 50.99 24.29
CA SER G 226 39.66 50.94 25.70
C SER G 226 41.12 51.38 25.87
N LEU G 227 42.00 51.07 24.89
CA LEU G 227 43.42 51.50 24.94
C LEU G 227 43.54 53.02 24.78
N SER G 228 42.79 53.62 23.85
CA SER G 228 42.78 55.09 23.71
C SER G 228 42.14 55.75 24.92
N ASN G 229 41.12 55.12 25.55
CA ASN G 229 40.52 55.64 26.78
C ASN G 229 41.54 55.60 27.93
N ALA G 230 42.37 54.54 28.01
CA ALA G 230 43.42 54.41 29.02
C ALA G 230 44.47 55.51 28.82
N ALA G 231 44.82 55.82 27.56
CA ALA G 231 45.80 56.88 27.22
C ALA G 231 45.26 58.25 27.66
N VAL G 232 43.93 58.47 27.49
CA VAL G 232 43.26 59.71 27.91
C VAL G 232 43.37 59.86 29.44
N GLU G 233 43.06 58.78 30.18
CA GLU G 233 43.11 58.76 31.64
C GLU G 233 44.54 59.05 32.13
N LEU G 234 45.54 58.46 31.47
CA LEU G 234 46.96 58.69 31.81
C LEU G 234 47.33 60.17 31.59
N ALA G 235 46.96 60.78 30.42
CA ALA G 235 47.20 62.20 30.12
C ALA G 235 46.51 63.12 31.15
N GLN G 236 45.29 62.77 31.55
CA GLN G 236 44.55 63.56 32.54
C GLN G 236 45.26 63.55 33.89
N LYS G 237 45.77 62.38 34.29
CA LYS G 237 46.52 62.22 35.55
C LYS G 237 47.86 62.96 35.53
N LEU G 238 48.50 63.04 34.35
CA LEU G 238 49.81 63.68 34.23
C LEU G 238 49.76 65.12 33.78
N ASN G 239 48.56 65.64 33.51
CA ASN G 239 48.38 66.99 32.96
C ASN G 239 49.03 67.12 31.57
N LEU G 240 48.93 66.05 30.76
CA LEU G 240 49.46 66.10 29.39
C LEU G 240 48.37 66.57 28.47
N GLU G 241 48.72 67.12 27.32
CA GLU G 241 47.73 67.51 26.34
C GLU G 241 47.36 66.26 25.60
N TYR G 242 46.10 66.11 25.17
CA TYR G 242 45.74 64.89 24.44
C TYR G 242 44.71 65.19 23.38
N LYS G 243 44.69 64.36 22.37
CA LYS G 243 43.77 64.39 21.26
C LYS G 243 43.66 62.94 20.77
N ILE G 244 42.42 62.42 20.68
CA ILE G 244 42.15 61.10 20.14
C ILE G 244 41.43 61.34 18.84
N LEU G 245 42.03 60.96 17.73
CA LEU G 245 41.44 61.14 16.41
C LEU G 245 40.59 59.91 16.11
N GLY G 246 39.31 60.17 15.80
CA GLY G 246 38.34 59.15 15.41
C GLY G 246 38.27 59.00 13.91
N VAL G 247 37.48 58.05 13.45
CA VAL G 247 37.32 57.71 12.03
C VAL G 247 37.05 58.90 11.11
N LYS G 248 36.10 59.77 11.48
CA LYS G 248 35.76 60.98 10.71
C LYS G 248 36.99 61.87 10.48
N GLU G 249 37.77 62.13 11.54
CA GLU G 249 38.99 62.95 11.44
C GLU G 249 40.06 62.24 10.61
N LEU G 250 40.20 60.90 10.80
CA LEU G 250 41.18 60.08 10.07
C LEU G 250 40.87 60.05 8.57
N GLU G 251 39.57 60.03 8.21
CA GLU G 251 39.13 60.07 6.82
C GLU G 251 39.49 61.43 6.20
N GLU G 252 39.24 62.54 6.95
CA GLU G 252 39.57 63.90 6.51
C GLU G 252 41.07 64.04 6.26
N LEU G 253 41.87 63.40 7.11
CA LEU G 253 43.33 63.38 6.99
C LEU G 253 43.85 62.40 5.94
N LYS G 254 42.92 61.62 5.30
CA LYS G 254 43.22 60.69 4.22
C LYS G 254 44.17 59.57 4.64
N MET G 255 44.02 59.09 5.87
CA MET G 255 44.87 58.02 6.40
C MET G 255 44.40 56.63 5.92
N GLY G 256 44.41 56.45 4.59
CA GLY G 256 43.93 55.24 3.95
C GLY G 256 44.65 53.96 4.29
N ALA G 257 45.98 54.01 4.55
CA ALA G 257 46.75 52.80 4.89
C ALA G 257 46.34 52.30 6.28
N TYR G 258 46.29 53.21 7.25
CA TYR G 258 45.88 52.90 8.62
C TYR G 258 44.40 52.51 8.70
N LEU G 259 43.51 53.25 8.01
CA LEU G 259 42.08 52.92 8.02
C LEU G 259 41.76 51.58 7.39
N SER G 260 42.52 51.17 6.35
CA SER G 260 42.29 49.88 5.68
C SER G 260 42.52 48.72 6.60
N VAL G 261 43.57 48.80 7.44
CA VAL G 261 43.89 47.77 8.42
C VAL G 261 42.71 47.49 9.39
N GLY G 262 42.10 48.55 9.88
CA GLY G 262 41.03 48.47 10.87
C GLY G 262 39.64 48.23 10.33
N LYS G 263 39.47 48.19 8.99
CA LYS G 263 38.17 48.02 8.34
C LYS G 263 37.36 46.80 8.86
N GLY G 264 38.05 45.67 9.06
CA GLY G 264 37.42 44.44 9.51
C GLY G 264 37.14 44.32 10.99
N SER G 265 37.46 45.36 11.77
CA SER G 265 37.25 45.31 13.23
C SER G 265 35.90 45.90 13.67
N MET G 266 35.36 45.38 14.77
CA MET G 266 34.13 45.92 15.40
C MET G 266 34.49 47.17 16.21
N TYR G 267 35.80 47.40 16.46
CA TYR G 267 36.27 48.55 17.21
C TYR G 267 36.75 49.64 16.26
N PRO G 268 36.16 50.85 16.33
CA PRO G 268 36.64 51.92 15.43
C PRO G 268 38.08 52.28 15.73
N ASN G 269 38.85 52.63 14.67
CA ASN G 269 40.25 53.08 14.81
C ASN G 269 40.29 54.32 15.70
N LYS G 270 41.33 54.39 16.55
CA LYS G 270 41.57 55.52 17.44
C LYS G 270 43.03 55.90 17.35
N PHE G 271 43.32 57.13 16.93
CA PHE G 271 44.72 57.58 16.82
C PHE G 271 45.04 58.38 18.06
N ILE G 272 46.00 57.90 18.87
CA ILE G 272 46.41 58.57 20.11
C ILE G 272 47.48 59.63 19.82
N HIS G 273 47.27 60.85 20.33
CA HIS G 273 48.24 61.93 20.24
C HIS G 273 48.32 62.63 21.59
N LEU G 274 49.34 62.29 22.36
CA LEU G 274 49.60 62.92 23.65
C LEU G 274 50.78 63.88 23.45
N THR G 275 50.80 65.01 24.20
CA THR G 275 51.90 65.97 24.08
C THR G 275 52.38 66.41 25.45
N TYR G 276 53.71 66.37 25.65
CA TYR G 276 54.35 66.94 26.80
C TYR G 276 55.09 68.17 26.29
N LYS G 277 54.89 69.32 26.93
CA LYS G 277 55.66 70.50 26.57
C LYS G 277 56.29 71.08 27.82
N SER G 278 57.61 71.33 27.79
CA SER G 278 58.35 71.94 28.92
C SER G 278 57.87 73.39 29.08
N LYS G 279 57.87 73.90 30.32
CA LYS G 279 57.43 75.28 30.61
C LYS G 279 58.31 76.39 30.01
N GLY G 280 59.63 76.17 29.92
CA GLY G 280 60.57 77.15 29.36
C GLY G 280 60.69 77.13 27.85
N ASP G 281 61.86 77.56 27.34
CA ASP G 281 62.14 77.59 25.88
C ASP G 281 62.29 76.17 25.34
N VAL G 282 61.61 75.85 24.22
CA VAL G 282 61.71 74.51 23.63
C VAL G 282 62.90 74.47 22.67
N LYS G 283 63.87 73.60 22.98
CA LYS G 283 65.10 73.45 22.19
C LYS G 283 65.08 72.24 21.25
N LYS G 284 64.29 71.21 21.59
CA LYS G 284 64.18 69.99 20.79
C LYS G 284 62.73 69.50 20.77
N LYS G 285 62.27 69.07 19.60
CA LYS G 285 60.92 68.54 19.40
C LYS G 285 61.09 67.11 18.92
N ILE G 286 60.42 66.18 19.62
CA ILE G 286 60.51 64.76 19.32
C ILE G 286 59.12 64.12 19.15
N ALA G 287 58.99 63.23 18.16
CA ALA G 287 57.78 62.41 17.99
C ALA G 287 58.17 60.96 18.24
N LEU G 288 57.49 60.32 19.18
CA LEU G 288 57.66 58.90 19.50
C LEU G 288 56.40 58.20 19.00
N VAL G 289 56.59 57.27 18.08
CA VAL G 289 55.51 56.53 17.41
C VAL G 289 55.53 55.05 17.81
N GLY G 290 54.43 54.56 18.36
CA GLY G 290 54.35 53.15 18.72
C GLY G 290 53.32 52.39 17.89
N LYS G 291 53.66 51.17 17.45
CA LYS G 291 52.72 50.30 16.72
C LYS G 291 51.66 49.87 17.73
N GLY G 292 50.39 50.09 17.38
CA GLY G 292 49.26 49.81 18.26
C GLY G 292 48.22 48.88 17.72
N ILE G 293 48.62 47.63 17.39
CA ILE G 293 47.67 46.62 16.92
C ILE G 293 47.20 45.83 18.15
N THR G 294 45.94 46.03 18.59
CA THR G 294 45.45 45.42 19.82
C THR G 294 45.31 43.89 19.74
N PHE G 295 45.06 43.41 18.52
CA PHE G 295 45.05 41.99 18.19
C PHE G 295 45.41 41.86 16.74
N ASP G 296 46.37 40.98 16.46
CA ASP G 296 46.77 40.72 15.08
C ASP G 296 46.42 39.31 14.68
N SER G 297 45.26 39.13 14.01
CA SER G 297 44.88 37.80 13.53
C SER G 297 45.68 37.45 12.27
N GLY G 298 46.21 38.49 11.62
CA GLY G 298 46.86 38.40 10.32
C GLY G 298 45.93 38.89 9.22
N GLY G 299 44.62 38.96 9.51
CA GLY G 299 43.59 39.33 8.54
C GLY G 299 43.35 38.18 7.58
N TYR G 300 42.95 38.45 6.31
CA TYR G 300 42.74 37.37 5.33
C TYR G 300 43.96 36.45 5.16
N ASN G 301 45.19 37.00 5.35
CA ASN G 301 46.43 36.21 5.44
C ASN G 301 46.52 35.78 6.92
N LEU G 302 45.55 35.00 7.36
CA LEU G 302 45.41 34.52 8.73
C LEU G 302 46.67 33.84 9.28
N LYS G 303 46.98 34.08 10.57
CA LYS G 303 48.11 33.41 11.23
C LYS G 303 47.65 31.98 11.56
N ALA G 304 47.69 31.11 10.54
CA ALA G 304 47.24 29.71 10.64
C ALA G 304 48.40 28.72 10.59
N ALA G 305 49.57 29.15 10.10
CA ALA G 305 50.76 28.29 9.99
C ALA G 305 51.29 27.87 11.37
N PRO G 306 51.82 26.63 11.53
CA PRO G 306 52.37 26.24 12.84
C PRO G 306 53.53 27.17 13.21
N GLY G 307 53.56 27.62 14.45
CA GLY G 307 54.57 28.56 14.92
C GLY G 307 54.25 30.02 14.63
N SER G 308 53.06 30.32 14.08
CA SER G 308 52.71 31.72 13.79
C SER G 308 52.32 32.54 15.04
N MET G 309 52.18 31.85 16.21
CA MET G 309 51.94 32.46 17.53
C MET G 309 50.73 33.42 17.62
N ILE G 310 49.62 33.07 16.93
CA ILE G 310 48.40 33.88 16.98
C ILE G 310 47.93 34.12 18.45
N ASP G 311 48.18 33.15 19.36
CA ASP G 311 47.79 33.22 20.77
C ASP G 311 48.52 34.32 21.56
N LEU G 312 49.63 34.83 21.02
CA LEU G 312 50.43 35.89 21.63
C LEU G 312 50.08 37.29 21.10
N MET G 313 49.26 37.37 20.05
CA MET G 313 49.00 38.61 19.31
C MET G 313 48.31 39.78 20.02
N LYS G 314 47.90 39.59 21.28
CA LYS G 314 47.46 40.69 22.14
C LYS G 314 48.70 41.61 22.40
N PHE G 315 49.93 41.09 22.18
CA PHE G 315 51.18 41.84 22.44
C PHE G 315 51.54 42.78 21.29
N ASP G 316 50.74 42.78 20.20
CA ASP G 316 51.06 43.58 19.02
C ASP G 316 50.89 45.11 19.19
N MET G 317 50.50 45.54 20.39
CA MET G 317 50.41 46.95 20.77
C MET G 317 51.54 47.31 21.77
N SER G 318 52.60 46.44 21.87
CA SER G 318 53.77 46.66 22.74
C SER G 318 54.49 47.98 22.46
N GLY G 319 54.54 48.37 21.19
CA GLY G 319 55.16 49.63 20.76
C GLY G 319 54.38 50.81 21.34
N CYS G 320 53.05 50.75 21.21
CA CYS G 320 52.17 51.77 21.76
C CYS G 320 52.32 51.79 23.29
N ALA G 321 52.36 50.60 23.95
CA ALA G 321 52.54 50.51 25.39
C ALA G 321 53.86 51.13 25.84
N ALA G 322 54.97 50.90 25.10
CA ALA G 322 56.28 51.49 25.43
C ALA G 322 56.19 53.03 25.36
N VAL G 323 55.52 53.55 24.33
CA VAL G 323 55.33 55.00 24.12
C VAL G 323 54.51 55.63 25.26
N LEU G 324 53.42 54.95 25.69
CA LEU G 324 52.60 55.43 26.81
C LEU G 324 53.36 55.33 28.14
N GLY G 325 54.18 54.28 28.32
CA GLY G 325 55.01 54.13 29.52
C GLY G 325 56.04 55.24 29.56
N CYS G 326 56.58 55.60 28.38
CA CYS G 326 57.50 56.73 28.26
C CYS G 326 56.79 58.05 28.63
N ALA G 327 55.53 58.22 28.19
CA ALA G 327 54.73 59.41 28.53
C ALA G 327 54.56 59.51 30.05
N TYR G 328 54.37 58.37 30.73
CA TYR G 328 54.28 58.37 32.20
C TYR G 328 55.59 58.89 32.81
N CYS G 329 56.76 58.36 32.36
CA CYS G 329 58.07 58.77 32.90
C CYS G 329 58.37 60.25 32.64
N VAL G 330 58.15 60.70 31.40
CA VAL G 330 58.40 62.09 30.97
C VAL G 330 57.44 63.04 31.72
N GLY G 331 56.15 62.69 31.80
CA GLY G 331 55.16 63.49 32.51
C GLY G 331 55.43 63.59 34.00
N THR G 332 56.10 62.58 34.58
CA THR G 332 56.45 62.54 36.01
C THR G 332 57.76 63.29 36.27
N LEU G 333 58.79 63.02 35.47
CA LEU G 333 60.13 63.61 35.64
C LEU G 333 60.22 65.05 35.18
N LYS G 334 59.32 65.45 34.29
CA LYS G 334 59.20 66.80 33.76
C LYS G 334 60.53 67.38 33.22
N PRO G 335 61.13 66.80 32.13
CA PRO G 335 62.38 67.38 31.59
C PRO G 335 62.15 68.78 31.03
N GLU G 336 63.21 69.57 31.00
CA GLU G 336 63.18 70.94 30.51
C GLU G 336 63.58 71.00 29.04
N ASN G 337 63.20 72.11 28.37
CA ASN G 337 63.54 72.46 26.99
C ASN G 337 63.14 71.48 25.89
N VAL G 338 62.11 70.67 26.15
CA VAL G 338 61.68 69.66 25.19
C VAL G 338 60.17 69.63 24.98
N GLU G 339 59.77 69.27 23.78
CA GLU G 339 58.37 69.07 23.43
C GLU G 339 58.31 67.64 22.83
N ILE G 340 57.54 66.76 23.47
CA ILE G 340 57.42 65.36 23.03
C ILE G 340 55.99 65.05 22.65
N HIS G 341 55.83 64.45 21.47
CA HIS G 341 54.56 63.96 20.93
C HIS G 341 54.59 62.44 21.04
N PHE G 342 53.57 61.86 21.70
CA PHE G 342 53.44 60.43 21.94
C PHE G 342 52.30 59.97 21.03
N LEU G 343 52.64 59.22 19.99
CA LEU G 343 51.68 58.84 18.96
C LEU G 343 51.47 57.36 18.78
N SER G 344 50.24 56.97 18.46
CA SER G 344 49.93 55.59 18.10
C SER G 344 48.66 55.49 17.26
N ALA G 345 48.80 54.88 16.08
CA ALA G 345 47.68 54.63 15.18
C ALA G 345 47.09 53.27 15.63
N VAL G 346 46.18 53.31 16.60
CA VAL G 346 45.61 52.11 17.21
C VAL G 346 44.46 51.50 16.40
N CYS G 347 44.51 50.19 16.19
CA CYS G 347 43.48 49.43 15.48
C CYS G 347 43.64 47.96 15.75
N GLU G 348 42.73 47.15 15.19
CA GLU G 348 42.73 45.69 15.37
C GLU G 348 42.65 45.07 13.97
N ASN G 349 43.49 44.04 13.70
CA ASN G 349 43.57 43.37 12.38
C ASN G 349 42.76 42.08 12.37
N MET G 350 41.54 42.16 11.83
CA MET G 350 40.56 41.07 11.89
C MET G 350 40.05 40.55 10.55
N VAL G 351 39.29 39.41 10.62
CA VAL G 351 38.71 38.74 9.44
C VAL G 351 37.20 38.98 9.49
N SER G 352 36.68 39.55 8.41
CA SER G 352 35.30 39.99 8.32
C SER G 352 34.92 40.18 6.86
N LYS G 353 33.61 40.36 6.57
CA LYS G 353 33.16 40.74 5.24
C LYS G 353 33.72 42.16 4.95
N ASN G 354 34.01 42.94 6.02
CA ASN G 354 34.48 44.32 5.89
C ASN G 354 35.99 44.50 5.80
N SER G 355 36.78 43.45 5.97
CA SER G 355 38.25 43.55 5.96
C SER G 355 38.85 43.95 4.63
N TYR G 356 40.08 44.55 4.71
CA TYR G 356 40.82 44.79 3.49
C TYR G 356 41.34 43.42 3.01
N ARG G 357 41.62 43.31 1.72
CA ARG G 357 42.05 42.07 1.13
C ARG G 357 43.48 42.10 0.61
N PRO G 358 44.15 40.91 0.50
CA PRO G 358 45.43 40.87 -0.21
C PRO G 358 45.18 41.34 -1.65
N GLY G 359 46.07 42.19 -2.17
CA GLY G 359 45.94 42.74 -3.51
C GLY G 359 45.30 44.12 -3.54
N ASP G 360 44.58 44.53 -2.48
CA ASP G 360 43.96 45.86 -2.45
C ASP G 360 44.99 46.98 -2.65
N ILE G 361 44.62 48.04 -3.36
CA ILE G 361 45.49 49.21 -3.53
C ILE G 361 44.86 50.32 -2.70
N ILE G 362 45.63 50.81 -1.74
CA ILE G 362 45.21 51.80 -0.77
C ILE G 362 46.09 53.04 -0.86
N THR G 363 45.56 54.21 -0.45
CA THR G 363 46.28 55.45 -0.54
C THR G 363 46.65 55.99 0.82
N ALA G 364 47.96 56.19 1.08
CA ALA G 364 48.41 56.75 2.34
C ALA G 364 48.13 58.26 2.36
N SER G 365 48.20 58.88 3.55
CA SER G 365 47.94 60.33 3.75
C SER G 365 48.90 61.26 3.00
N ASN G 366 50.05 60.76 2.50
CA ASN G 366 50.98 61.58 1.71
C ASN G 366 50.71 61.39 0.19
N GLY G 367 49.61 60.69 -0.14
CA GLY G 367 49.21 60.43 -1.52
C GLY G 367 49.84 59.22 -2.19
N LYS G 368 50.78 58.52 -1.51
CA LYS G 368 51.42 57.31 -2.05
C LYS G 368 50.44 56.13 -2.08
N THR G 369 50.25 55.56 -3.28
CA THR G 369 49.37 54.39 -3.37
C THR G 369 50.23 53.17 -3.01
N ILE G 370 49.64 52.21 -2.32
CA ILE G 370 50.32 51.01 -1.84
C ILE G 370 49.55 49.77 -2.27
N GLU G 371 50.27 48.78 -2.81
CA GLU G 371 49.66 47.51 -3.15
C GLU G 371 49.87 46.58 -1.95
N VAL G 372 48.76 46.08 -1.37
CA VAL G 372 48.80 45.17 -0.22
C VAL G 372 49.16 43.77 -0.74
N GLY G 373 50.31 43.25 -0.34
CA GLY G 373 50.73 41.91 -0.76
C GLY G 373 50.32 40.87 0.25
N ASN G 374 50.17 41.30 1.53
CA ASN G 374 49.85 40.39 2.62
C ASN G 374 49.24 41.20 3.73
N THR G 375 47.98 40.86 4.12
CA THR G 375 47.25 41.59 5.17
C THR G 375 47.90 41.47 6.56
N ASP G 376 48.82 40.49 6.74
CA ASP G 376 49.59 40.26 7.99
C ASP G 376 50.81 41.23 8.11
N ALA G 377 51.11 42.03 7.06
CA ALA G 377 52.17 43.03 7.18
C ALA G 377 51.42 44.38 7.45
N GLU G 378 50.50 44.35 8.39
CA GLU G 378 49.63 45.48 8.70
C GLU G 378 50.32 46.62 9.48
N GLY G 379 51.30 46.27 10.31
CA GLY G 379 52.01 47.21 11.16
C GLY G 379 52.65 48.34 10.37
N ARG G 380 53.32 48.00 9.25
CA ARG G 380 53.97 49.01 8.41
C ARG G 380 52.97 49.97 7.76
N LEU G 381 51.72 49.52 7.49
CA LEU G 381 50.67 50.34 6.91
C LEU G 381 50.19 51.37 7.91
N THR G 382 49.96 50.94 9.18
CA THR G 382 49.50 51.87 10.22
C THR G 382 50.62 52.87 10.53
N LEU G 383 51.87 52.38 10.56
CA LEU G 383 53.05 53.21 10.83
C LEU G 383 53.30 54.22 9.73
N ALA G 384 53.04 53.86 8.45
CA ALA G 384 53.22 54.78 7.32
C ALA G 384 52.41 56.04 7.55
N ASP G 385 51.09 55.91 7.89
CA ASP G 385 50.25 57.07 8.17
C ASP G 385 50.66 57.79 9.45
N ALA G 386 51.10 57.04 10.49
CA ALA G 386 51.54 57.69 11.74
C ALA G 386 52.83 58.51 11.50
N LEU G 387 53.72 58.01 10.62
CA LEU G 387 54.97 58.71 10.29
C LEU G 387 54.71 59.99 9.49
N VAL G 388 53.75 59.96 8.54
CA VAL G 388 53.35 61.15 7.77
C VAL G 388 52.80 62.20 8.76
N TYR G 389 51.95 61.77 9.69
CA TYR G 389 51.37 62.62 10.73
C TYR G 389 52.47 63.24 11.60
N ALA G 390 53.43 62.42 12.08
CA ALA G 390 54.55 62.86 12.91
C ALA G 390 55.39 63.92 12.18
N GLU G 391 55.70 63.68 10.90
CA GLU G 391 56.53 64.63 10.15
C GLU G 391 55.85 65.99 9.96
N LYS G 392 54.51 66.00 9.82
CA LYS G 392 53.73 67.24 9.69
C LYS G 392 53.79 68.09 10.99
N LEU G 393 54.17 67.49 12.13
CA LEU G 393 54.31 68.20 13.40
C LEU G 393 55.57 69.10 13.44
N GLY G 394 56.48 68.93 12.49
CA GLY G 394 57.72 69.72 12.41
C GLY G 394 58.65 69.43 13.58
N VAL G 395 59.03 68.17 13.75
CA VAL G 395 59.89 67.74 14.86
C VAL G 395 61.35 67.59 14.39
N ASP G 396 62.28 67.47 15.35
CA ASP G 396 63.70 67.24 15.06
C ASP G 396 63.99 65.76 14.85
N TYR G 397 63.33 64.88 15.63
CA TYR G 397 63.51 63.45 15.52
C TYR G 397 62.18 62.73 15.57
N ILE G 398 62.08 61.68 14.77
CA ILE G 398 60.95 60.76 14.80
C ILE G 398 61.55 59.41 15.16
N VAL G 399 61.06 58.80 16.23
CA VAL G 399 61.50 57.47 16.62
C VAL G 399 60.24 56.58 16.68
N ASP G 400 60.23 55.49 15.92
CA ASP G 400 59.12 54.56 16.03
C ASP G 400 59.59 53.29 16.74
N ILE G 401 58.68 52.61 17.43
CA ILE G 401 58.94 51.38 18.14
C ILE G 401 57.79 50.40 17.84
N ALA G 402 58.10 49.19 17.38
CA ALA G 402 57.06 48.27 16.91
C ALA G 402 57.47 46.80 16.98
N THR G 403 56.49 45.92 17.25
CA THR G 403 56.65 44.44 17.19
C THR G 403 56.36 44.10 15.72
N LEU G 404 57.25 44.56 14.86
CA LEU G 404 57.05 44.51 13.42
C LEU G 404 57.24 43.21 12.67
N THR G 405 58.41 42.56 12.80
CA THR G 405 58.73 41.37 12.02
C THR G 405 59.18 40.20 12.89
N GLY G 406 58.58 39.04 12.67
CA GLY G 406 58.95 37.79 13.33
C GLY G 406 60.41 37.40 13.12
N ALA G 407 61.02 37.87 11.99
CA ALA G 407 62.43 37.61 11.65
C ALA G 407 63.40 38.11 12.71
N MET G 408 63.00 39.09 13.55
CA MET G 408 63.82 39.58 14.65
C MET G 408 64.25 38.46 15.58
N LEU G 409 63.35 37.47 15.81
CA LEU G 409 63.63 36.30 16.65
C LEU G 409 64.78 35.45 16.08
N TYR G 410 64.94 35.48 14.75
CA TYR G 410 65.98 34.73 14.05
C TYR G 410 67.26 35.51 13.90
N SER G 411 67.16 36.85 13.86
CA SER G 411 68.34 37.67 13.66
C SER G 411 69.01 38.04 14.97
N LEU G 412 68.29 38.69 15.92
CA LEU G 412 68.90 39.09 17.18
C LEU G 412 68.41 38.29 18.37
N GLY G 413 67.28 37.60 18.20
CA GLY G 413 66.73 36.80 19.27
C GLY G 413 65.85 37.56 20.23
N THR G 414 65.80 37.08 21.47
CA THR G 414 64.93 37.60 22.53
C THR G 414 65.56 38.68 23.44
N SER G 415 66.89 38.92 23.35
CA SER G 415 67.50 39.91 24.26
C SER G 415 67.75 41.30 23.67
N TYR G 416 68.14 41.37 22.39
CA TYR G 416 68.49 42.63 21.75
C TYR G 416 67.46 43.03 20.73
N ALA G 417 66.97 44.28 20.78
CA ALA G 417 66.06 44.80 19.77
C ALA G 417 66.94 45.33 18.63
N GLY G 418 66.36 45.49 17.46
CA GLY G 418 67.09 46.05 16.32
C GLY G 418 66.71 47.50 16.08
N VAL G 419 67.70 48.35 15.76
CA VAL G 419 67.44 49.75 15.42
C VAL G 419 67.88 49.99 13.97
N PHE G 420 67.04 50.64 13.18
CA PHE G 420 67.29 50.98 11.77
C PHE G 420 67.01 52.49 11.67
N GLY G 421 67.63 53.19 10.72
CA GLY G 421 67.35 54.61 10.57
C GLY G 421 67.95 55.24 9.34
N ASN G 422 67.64 56.52 9.11
CA ASN G 422 68.12 57.29 7.96
C ASN G 422 69.17 58.30 8.42
N ASN G 423 69.52 58.30 9.72
CA ASN G 423 70.41 59.32 10.28
C ASN G 423 71.32 58.75 11.35
N GLU G 424 72.63 58.79 11.09
CA GLU G 424 73.64 58.23 11.98
C GLU G 424 73.70 58.86 13.38
N GLU G 425 73.56 60.20 13.47
CA GLU G 425 73.56 60.91 14.75
C GLU G 425 72.39 60.44 15.62
N LEU G 426 71.18 60.31 15.05
CA LEU G 426 70.02 59.81 15.80
C LEU G 426 70.22 58.34 16.23
N ILE G 427 70.74 57.47 15.33
CA ILE G 427 71.03 56.06 15.66
C ILE G 427 71.98 56.00 16.87
N ASN G 428 73.06 56.82 16.84
CA ASN G 428 74.04 56.89 17.93
C ASN G 428 73.42 57.33 19.26
N LYS G 429 72.46 58.27 19.22
CA LYS G 429 71.72 58.72 20.40
C LYS G 429 70.88 57.58 20.98
N ILE G 430 70.27 56.75 20.10
CA ILE G 430 69.48 55.58 20.54
C ILE G 430 70.42 54.55 21.16
N LEU G 431 71.59 54.31 20.51
CA LEU G 431 72.59 53.37 21.04
C LEU G 431 73.10 53.82 22.41
N GLN G 432 73.32 55.13 22.60
CA GLN G 432 73.74 55.68 23.88
C GLN G 432 72.62 55.50 24.93
N SER G 433 71.35 55.73 24.54
CA SER G 433 70.19 55.55 25.44
C SER G 433 70.03 54.07 25.84
N SER G 434 70.39 53.15 24.92
CA SER G 434 70.39 51.71 25.17
C SER G 434 71.42 51.37 26.27
N LYS G 435 72.60 51.98 26.20
CA LYS G 435 73.65 51.76 27.19
C LYS G 435 73.25 52.25 28.60
N THR G 436 72.67 53.46 28.68
CA THR G 436 72.31 54.04 29.97
C THR G 436 71.01 53.47 30.56
N SER G 437 70.08 52.97 29.70
CA SER G 437 68.83 52.36 30.19
C SER G 437 69.03 50.89 30.50
N ASN G 438 70.11 50.31 29.95
CA ASN G 438 70.45 48.88 30.01
C ASN G 438 69.39 48.02 29.31
N GLU G 439 68.72 48.57 28.27
CA GLU G 439 67.75 47.87 27.42
C GLU G 439 68.51 47.68 26.10
N PRO G 440 69.04 46.47 25.83
CA PRO G 440 69.93 46.31 24.68
C PRO G 440 69.33 46.40 23.30
N VAL G 441 70.03 47.15 22.44
CA VAL G 441 69.64 47.43 21.06
C VAL G 441 70.88 47.26 20.17
N TRP G 442 70.69 46.78 18.94
CA TRP G 442 71.79 46.64 18.01
C TRP G 442 71.42 47.32 16.70
N TRP G 443 72.35 48.07 16.14
CA TRP G 443 72.15 48.75 14.87
C TRP G 443 72.19 47.78 13.68
N LEU G 444 71.10 47.76 12.91
CA LEU G 444 70.95 46.94 11.72
C LEU G 444 70.82 47.84 10.50
N PRO G 445 71.27 47.39 9.31
CA PRO G 445 71.29 48.32 8.16
C PRO G 445 69.99 48.40 7.36
N ILE G 446 69.79 49.54 6.70
CA ILE G 446 68.72 49.71 5.73
C ILE G 446 69.45 49.56 4.41
N ILE G 447 69.36 48.36 3.82
CA ILE G 447 70.09 48.04 2.59
C ILE G 447 69.30 48.54 1.36
N ASN G 448 69.75 49.66 0.79
CA ASN G 448 69.13 50.30 -0.37
C ASN G 448 68.97 49.42 -1.58
N GLU G 449 69.86 48.42 -1.76
CA GLU G 449 69.80 47.48 -2.89
C GLU G 449 68.46 46.70 -2.91
N TYR G 450 67.82 46.53 -1.73
CA TYR G 450 66.56 45.80 -1.67
C TYR G 450 65.35 46.63 -2.04
N ARG G 451 65.50 47.98 -2.18
CA ARG G 451 64.41 48.89 -2.48
C ARG G 451 63.63 48.51 -3.73
N ALA G 452 64.33 48.05 -4.78
CA ALA G 452 63.72 47.65 -6.05
C ALA G 452 62.70 46.52 -5.90
N THR G 453 62.81 45.70 -4.82
CA THR G 453 61.85 44.62 -4.53
C THR G 453 60.48 45.16 -4.12
N LEU G 454 60.38 46.45 -3.79
CA LEU G 454 59.10 47.07 -3.40
C LEU G 454 58.48 47.83 -4.58
N ASN G 455 59.07 47.72 -5.78
CA ASN G 455 58.51 48.37 -6.96
C ASN G 455 57.27 47.58 -7.37
N SER G 456 56.11 48.24 -7.36
CA SER G 456 54.84 47.64 -7.71
C SER G 456 54.57 47.89 -9.20
N LYS G 457 53.96 46.92 -9.87
CA LYS G 457 53.58 47.08 -11.29
C LYS G 457 52.44 48.14 -11.43
N TYR G 458 51.54 48.20 -10.45
CA TYR G 458 50.35 49.07 -10.48
C TYR G 458 50.35 50.25 -9.54
N ALA G 459 50.69 50.02 -8.26
CA ALA G 459 50.69 51.07 -7.27
C ALA G 459 52.05 51.79 -7.26
N ASP G 460 52.19 52.85 -6.46
CA ASP G 460 53.45 53.57 -6.34
C ASP G 460 54.50 52.69 -5.65
N ILE G 461 54.04 51.79 -4.76
CA ILE G 461 54.92 50.94 -3.98
C ILE G 461 54.19 49.70 -3.50
N ASN G 462 54.96 48.61 -3.32
CA ASN G 462 54.49 47.38 -2.72
C ASN G 462 54.69 47.52 -1.21
N GLN G 463 53.76 46.96 -0.45
CA GLN G 463 53.81 46.88 1.00
C GLN G 463 54.94 45.87 1.37
N ILE G 464 55.05 44.78 0.60
CA ILE G 464 56.02 43.72 0.85
C ILE G 464 56.81 43.37 -0.39
N SER G 465 57.95 42.72 -0.15
CA SER G 465 58.78 42.16 -1.18
C SER G 465 58.22 40.77 -1.47
N SER G 466 58.35 40.30 -2.69
CA SER G 466 57.98 38.91 -3.04
C SER G 466 59.28 38.10 -2.78
N SER G 467 60.42 38.58 -3.39
CA SER G 467 61.77 38.01 -3.34
C SER G 467 62.48 38.12 -1.98
N LYS G 469 64.59 36.73 1.96
CA LYS G 469 63.52 37.43 2.63
C LYS G 469 64.03 38.16 3.89
N ALA G 470 64.97 39.15 3.72
CA ALA G 470 65.49 40.06 4.78
C ALA G 470 64.31 40.99 5.23
N SER G 471 63.26 40.39 5.80
CA SER G 471 61.98 41.01 6.17
C SER G 471 62.04 42.26 7.02
N SER G 472 62.89 42.25 8.05
CA SER G 472 63.01 43.40 8.96
C SER G 472 63.62 44.60 8.23
N ILE G 473 64.55 44.34 7.30
CA ILE G 473 65.21 45.37 6.51
C ILE G 473 64.24 45.93 5.47
N VAL G 474 63.52 45.03 4.77
CA VAL G 474 62.53 45.45 3.76
C VAL G 474 61.41 46.31 4.42
N ALA G 475 60.95 45.91 5.62
CA ALA G 475 59.94 46.70 6.37
C ALA G 475 60.48 48.10 6.64
N SER G 476 61.78 48.22 7.02
CA SER G 476 62.45 49.51 7.28
C SER G 476 62.53 50.37 6.01
N LEU G 477 62.80 49.74 4.85
CA LEU G 477 62.84 50.44 3.57
C LEU G 477 61.46 51.00 3.24
N PHE G 478 60.39 50.24 3.53
CA PHE G 478 59.02 50.68 3.30
C PHE G 478 58.72 51.91 4.17
N LEU G 479 59.05 51.83 5.48
CA LEU G 479 58.81 52.93 6.43
C LEU G 479 59.56 54.20 6.04
N LYS G 480 60.81 54.03 5.56
CA LYS G 480 61.66 55.15 5.13
C LYS G 480 60.98 56.01 4.04
N GLU G 481 60.10 55.41 3.22
CA GLU G 481 59.38 56.10 2.15
C GLU G 481 58.36 57.10 2.68
N PHE G 482 58.06 57.04 4.00
CA PHE G 482 57.05 57.88 4.64
C PHE G 482 57.64 58.99 5.51
N VAL G 483 58.97 59.17 5.44
CA VAL G 483 59.73 60.21 6.14
C VAL G 483 60.56 60.92 5.05
N GLN G 484 60.18 62.15 4.72
CA GLN G 484 60.80 62.88 3.63
C GLN G 484 62.08 63.63 3.99
N ASN G 485 62.09 64.38 5.11
CA ASN G 485 63.24 65.21 5.45
C ASN G 485 63.48 65.36 6.94
N THR G 486 63.26 64.30 7.71
CA THR G 486 63.46 64.33 9.16
C THR G 486 64.33 63.15 9.59
N ALA G 487 65.21 63.36 10.58
CA ALA G 487 66.03 62.31 11.18
C ALA G 487 65.02 61.32 11.81
N TRP G 488 65.09 60.06 11.38
CA TRP G 488 64.17 59.02 11.81
C TRP G 488 64.88 57.71 12.13
N ALA G 489 64.42 57.04 13.18
CA ALA G 489 64.92 55.73 13.61
C ALA G 489 63.72 54.83 13.90
N HIS G 490 63.88 53.53 13.68
CA HIS G 490 62.84 52.52 13.85
C HIS G 490 63.39 51.41 14.72
N ILE G 491 62.70 51.11 15.82
CA ILE G 491 63.14 50.06 16.77
C ILE G 491 62.21 48.87 16.65
N ASP G 492 62.72 47.75 16.13
CA ASP G 492 61.91 46.54 15.98
C ASP G 492 62.07 45.69 17.22
N ILE G 493 60.98 45.60 18.01
CA ILE G 493 60.93 44.88 19.29
C ILE G 493 60.13 43.57 19.24
N ALA G 494 59.86 43.06 18.04
CA ALA G 494 59.11 41.79 17.87
C ALA G 494 59.71 40.62 18.62
N GLY G 495 61.04 40.57 18.69
CA GLY G 495 61.71 39.48 19.40
C GLY G 495 61.89 39.65 20.89
N VAL G 496 62.03 40.90 21.35
CA VAL G 496 62.32 41.21 22.76
C VAL G 496 61.13 41.55 23.65
N SER G 497 59.97 41.86 23.07
CA SER G 497 58.85 42.33 23.85
C SER G 497 58.31 41.32 24.88
N TRP G 498 58.19 40.04 24.48
CA TRP G 498 57.61 39.01 25.32
C TRP G 498 58.66 38.16 25.98
N ASN G 499 58.54 37.95 27.29
CA ASN G 499 59.45 37.08 28.02
C ASN G 499 58.81 35.68 27.99
N PHE G 500 59.23 34.84 27.01
CA PHE G 500 58.69 33.50 26.81
C PHE G 500 58.83 32.59 28.03
N LYS G 501 60.01 32.59 28.68
CA LYS G 501 60.27 31.76 29.87
C LYS G 501 59.36 32.11 31.05
N ALA G 502 59.21 33.42 31.37
CA ALA G 502 58.38 33.90 32.48
C ALA G 502 56.89 34.04 32.11
N ARG G 503 56.54 33.87 30.79
CA ARG G 503 55.16 33.96 30.25
C ARG G 503 54.52 35.34 30.56
N LYS G 504 55.30 36.41 30.39
CA LYS G 504 54.85 37.77 30.68
C LYS G 504 55.53 38.80 29.78
N PRO G 505 54.99 40.04 29.63
CA PRO G 505 55.70 41.06 28.83
C PRO G 505 56.89 41.60 29.58
N LYS G 506 57.78 42.28 28.87
CA LYS G 506 58.93 42.92 29.51
C LYS G 506 58.69 44.41 29.72
N GLY G 507 57.75 44.99 28.98
CA GLY G 507 57.56 46.44 28.98
C GLY G 507 58.77 47.10 28.32
N PHE G 508 59.39 46.38 27.36
CA PHE G 508 60.61 46.80 26.67
C PHE G 508 60.45 48.12 25.93
N GLY G 509 61.42 49.00 26.12
CA GLY G 509 61.44 50.27 25.39
C GLY G 509 61.11 51.50 26.20
N VAL G 510 60.39 51.33 27.32
CA VAL G 510 60.03 52.49 28.16
C VAL G 510 61.28 53.25 28.62
N ARG G 511 62.22 52.54 29.24
CA ARG G 511 63.43 53.14 29.81
C ARG G 511 64.36 53.64 28.72
N LEU G 512 64.46 52.91 27.62
CA LEU G 512 65.23 53.29 26.45
C LEU G 512 64.74 54.64 25.90
N LEU G 513 63.43 54.77 25.65
CA LEU G 513 62.87 56.01 25.11
C LEU G 513 62.96 57.17 26.10
N THR G 514 62.77 56.89 27.41
CA THR G 514 62.86 57.95 28.42
C THR G 514 64.28 58.49 28.51
N GLU G 515 65.29 57.60 28.54
CA GLU G 515 66.72 57.99 28.58
C GLU G 515 67.04 58.82 27.33
N PHE G 516 66.46 58.45 26.17
CA PHE G 516 66.65 59.20 24.92
C PHE G 516 66.13 60.64 25.06
N VAL G 517 64.88 60.80 25.58
CA VAL G 517 64.24 62.11 25.80
C VAL G 517 65.03 62.94 26.85
N LEU G 518 65.40 62.32 27.97
CA LEU G 518 66.09 62.97 29.10
C LEU G 518 67.51 63.39 28.81
N ASN G 519 68.27 62.55 28.12
CA ASN G 519 69.66 62.85 27.82
C ASN G 519 69.88 63.78 26.62
N ASP G 520 68.79 64.15 25.91
CA ASP G 520 68.83 65.10 24.79
C ASP G 520 68.89 66.53 25.30
N SER H 3 23.30 49.37 -7.74
CA SER H 3 24.00 50.56 -8.24
C SER H 3 24.94 51.30 -7.27
N GLU H 4 24.51 51.66 -6.04
CA GLU H 4 25.40 52.35 -5.11
C GLU H 4 26.39 51.35 -4.48
N VAL H 5 27.69 51.62 -4.62
CA VAL H 5 28.69 50.72 -4.05
C VAL H 5 28.84 50.95 -2.55
N PRO H 6 28.60 49.92 -1.71
CA PRO H 6 28.76 50.13 -0.25
C PRO H 6 30.21 50.39 0.11
N GLN H 7 30.42 51.16 1.17
CA GLN H 7 31.77 51.54 1.66
C GLN H 7 31.87 51.24 3.13
N VAL H 8 33.07 50.88 3.61
CA VAL H 8 33.29 50.71 5.06
C VAL H 8 33.72 52.08 5.59
N VAL H 9 34.67 52.73 4.89
CA VAL H 9 35.15 54.08 5.19
C VAL H 9 34.93 54.94 3.95
N SER H 10 34.88 56.27 4.11
CA SER H 10 34.66 57.22 3.00
C SER H 10 35.78 57.15 1.94
N LEU H 11 36.94 56.59 2.32
CA LEU H 11 38.09 56.44 1.42
C LEU H 11 37.99 55.22 0.50
N ASP H 12 37.00 54.34 0.75
CA ASP H 12 36.79 53.16 -0.10
C ASP H 12 36.31 53.60 -1.49
N PRO H 13 36.96 53.13 -2.58
CA PRO H 13 36.54 53.55 -3.92
C PRO H 13 35.14 53.05 -4.29
N THR H 14 34.42 53.83 -5.10
CA THR H 14 33.03 53.50 -5.52
C THR H 14 32.90 53.18 -7.00
N SER H 15 34.01 53.11 -7.73
CA SER H 15 34.01 52.73 -9.14
C SER H 15 35.36 52.21 -9.56
N ILE H 16 35.39 51.46 -10.68
CA ILE H 16 36.65 50.98 -11.24
C ILE H 16 37.10 52.09 -12.20
N PRO H 17 38.31 52.67 -12.07
CA PRO H 17 38.78 53.63 -13.09
C PRO H 17 39.04 52.86 -14.40
N ILE H 18 38.50 53.35 -15.50
CA ILE H 18 38.66 52.69 -16.80
C ILE H 18 39.14 53.72 -17.81
N GLU H 19 40.18 53.36 -18.57
CA GLU H 19 40.70 54.19 -19.63
C GLU H 19 40.13 53.63 -20.93
N TYR H 20 39.29 54.42 -21.64
CA TYR H 20 38.70 53.99 -22.92
C TYR H 20 39.56 54.49 -24.09
N ASN H 21 39.82 55.81 -24.13
CA ASN H 21 40.70 56.38 -25.15
C ASN H 21 42.13 56.31 -24.65
N THR H 22 42.84 55.29 -25.11
CA THR H 22 44.21 55.05 -24.69
C THR H 22 45.18 55.70 -25.69
N PRO H 23 46.48 55.93 -25.35
CA PRO H 23 47.43 56.47 -26.34
C PRO H 23 47.55 55.62 -27.61
N ILE H 24 47.28 54.28 -27.53
CA ILE H 24 47.28 53.41 -28.72
C ILE H 24 46.22 53.89 -29.72
N HIS H 25 45.06 54.34 -29.21
CA HIS H 25 44.01 54.84 -30.06
C HIS H 25 44.40 56.09 -30.87
N ASP H 26 45.41 56.85 -30.39
CA ASP H 26 45.89 58.07 -31.06
C ASP H 26 46.98 57.80 -32.09
N ILE H 27 47.39 56.53 -32.25
CA ILE H 27 48.40 56.16 -33.22
C ILE H 27 47.77 56.07 -34.60
N LYS H 28 48.26 56.88 -35.53
CA LYS H 28 47.81 56.86 -36.92
C LYS H 28 48.62 55.77 -37.62
N VAL H 29 47.94 54.73 -38.11
CA VAL H 29 48.56 53.58 -38.75
C VAL H 29 48.41 53.68 -40.27
N GLN H 30 49.51 53.51 -41.00
CA GLN H 30 49.53 53.52 -42.46
C GLN H 30 50.24 52.25 -42.91
N VAL H 31 49.61 51.55 -43.89
CA VAL H 31 50.15 50.31 -44.46
C VAL H 31 50.51 50.59 -45.92
N TYR H 32 51.77 50.31 -46.27
CA TYR H 32 52.28 50.52 -47.62
C TYR H 32 52.77 49.23 -48.23
N ASP H 33 52.68 49.11 -49.56
CA ASP H 33 53.20 47.92 -50.21
C ASP H 33 54.71 48.06 -50.31
N ILE H 34 55.40 47.01 -49.90
CA ILE H 34 56.86 46.91 -49.90
C ILE H 34 57.47 47.18 -51.31
N LYS H 35 56.72 46.82 -52.40
CA LYS H 35 57.05 47.12 -53.81
C LYS H 35 56.77 48.62 -53.88
N GLY H 36 57.75 49.38 -54.27
CA GLY H 36 57.58 50.81 -54.24
C GLY H 36 58.55 51.42 -53.26
N GLY H 37 59.27 50.53 -52.55
CA GLY H 37 60.34 50.87 -51.62
C GLY H 37 59.93 51.53 -50.32
N CYS H 38 60.92 51.63 -49.42
CA CYS H 38 60.78 52.21 -48.08
C CYS H 38 61.33 53.63 -48.06
N ASN H 39 60.57 54.55 -47.48
CA ASN H 39 61.02 55.93 -47.28
C ASN H 39 61.53 56.02 -45.85
N VAL H 40 62.81 56.40 -45.69
CA VAL H 40 63.43 56.50 -44.37
C VAL H 40 63.62 57.96 -43.95
N GLU H 41 62.73 58.43 -43.06
CA GLU H 41 62.73 59.79 -42.55
C GLU H 41 62.61 59.75 -41.01
N GLU H 42 61.84 60.68 -40.40
CA GLU H 42 61.70 60.78 -38.94
C GLU H 42 61.39 59.48 -38.19
N GLY H 43 61.80 59.48 -36.92
CA GLY H 43 61.59 58.39 -35.98
C GLY H 43 62.51 57.21 -36.13
N LEU H 44 61.95 56.00 -35.92
CA LEU H 44 62.67 54.74 -35.98
C LEU H 44 62.10 53.79 -37.04
N THR H 45 62.98 53.17 -37.86
CA THR H 45 62.60 52.22 -38.91
C THR H 45 63.23 50.86 -38.60
N ILE H 46 62.38 49.87 -38.34
CA ILE H 46 62.79 48.52 -37.98
C ILE H 46 62.44 47.50 -39.06
N PHE H 47 63.44 46.72 -39.48
CA PHE H 47 63.28 45.63 -40.44
C PHE H 47 63.10 44.33 -39.68
N LEU H 48 62.05 43.57 -40.00
CA LEU H 48 61.85 42.25 -39.38
C LEU H 48 62.50 41.26 -40.32
N VAL H 49 63.69 40.78 -39.93
CA VAL H 49 64.52 39.92 -40.76
C VAL H 49 64.79 38.54 -40.21
N ASN H 50 64.74 37.52 -41.08
CA ASN H 50 65.07 36.14 -40.76
C ASN H 50 66.13 35.65 -41.78
N ASN H 51 66.57 34.39 -41.63
CA ASN H 51 67.51 33.75 -42.55
C ASN H 51 67.15 32.26 -42.58
N PRO H 52 66.24 31.86 -43.50
CA PRO H 52 65.80 30.46 -43.53
C PRO H 52 66.93 29.44 -43.72
N GLY H 53 66.95 28.45 -42.82
CA GLY H 53 67.95 27.38 -42.83
C GLY H 53 69.20 27.71 -42.03
N LYS H 54 69.93 28.77 -42.44
CA LYS H 54 71.16 29.23 -41.79
C LYS H 54 70.96 29.51 -40.30
N GLU H 55 71.58 28.64 -39.44
CA GLU H 55 71.55 28.62 -37.96
C GLU H 55 71.24 29.97 -37.32
N ASN H 56 72.26 30.85 -37.24
CA ASN H 56 72.17 32.24 -36.76
C ASN H 56 72.86 33.05 -37.89
N GLY H 57 72.31 32.89 -39.09
CA GLY H 57 72.79 33.48 -40.33
C GLY H 57 72.88 34.99 -40.33
N PRO H 58 73.56 35.58 -41.33
CA PRO H 58 73.69 37.05 -41.35
C PRO H 58 72.37 37.79 -41.66
N VAL H 59 72.33 39.09 -41.32
CA VAL H 59 71.18 39.88 -41.68
C VAL H 59 71.43 40.40 -43.12
N LYS H 60 70.42 40.24 -43.97
CA LYS H 60 70.45 40.69 -45.36
C LYS H 60 69.12 41.40 -45.58
N ILE H 61 69.16 42.69 -45.97
CA ILE H 61 67.95 43.49 -46.18
C ILE H 61 67.52 43.44 -47.66
N SER H 62 66.38 42.78 -47.92
CA SER H 62 65.83 42.56 -49.26
C SER H 62 65.04 43.73 -49.85
N SER H 63 64.33 44.51 -49.00
CA SER H 63 63.52 45.63 -49.46
C SER H 63 64.28 46.72 -50.16
N LYS H 64 63.63 47.35 -51.14
CA LYS H 64 64.19 48.50 -51.84
C LYS H 64 64.01 49.69 -50.87
N VAL H 65 65.08 50.47 -50.68
CA VAL H 65 65.05 51.63 -49.79
C VAL H 65 65.19 52.88 -50.67
N ASN H 66 64.18 53.76 -50.62
CA ASN H 66 64.12 55.00 -51.43
C ASN H 66 64.94 56.16 -50.84
N ASP H 67 66.22 55.88 -50.61
CA ASP H 67 67.24 56.79 -50.12
C ASP H 67 68.59 56.15 -50.40
N LYS H 68 69.42 56.84 -51.19
CA LYS H 68 70.74 56.36 -51.61
C LYS H 68 71.66 56.12 -50.41
N GLN H 69 71.67 57.05 -49.44
CA GLN H 69 72.49 56.95 -48.23
C GLN H 69 72.08 55.76 -47.36
N VAL H 70 70.76 55.59 -47.09
CA VAL H 70 70.28 54.48 -46.27
C VAL H 70 70.52 53.13 -46.96
N SER H 71 70.34 53.06 -48.30
CA SER H 71 70.59 51.83 -49.09
C SER H 71 72.04 51.39 -48.96
N GLU H 72 72.99 52.36 -49.06
CA GLU H 72 74.43 52.16 -48.94
C GLU H 72 74.80 51.62 -47.54
N PHE H 73 74.18 52.19 -46.48
CA PHE H 73 74.40 51.75 -45.09
C PHE H 73 73.93 50.30 -44.93
N LEU H 74 72.75 49.97 -45.53
CA LEU H 74 72.12 48.65 -45.40
C LEU H 74 72.63 47.57 -46.34
N LYS H 75 73.70 47.84 -47.12
CA LYS H 75 74.34 46.87 -48.04
C LYS H 75 74.80 45.63 -47.27
N ASP H 76 74.78 44.47 -47.94
CA ASP H 76 75.11 43.15 -47.38
C ASP H 76 76.41 43.13 -46.57
N GLU H 77 77.49 43.75 -47.12
CA GLU H 77 78.82 43.83 -46.51
C GLU H 77 78.77 44.48 -45.15
N ASN H 78 77.97 45.55 -45.01
CA ASN H 78 77.81 46.25 -43.73
C ASN H 78 76.94 45.47 -42.75
N MET H 79 76.01 44.66 -43.28
CA MET H 79 75.08 43.89 -42.46
C MET H 79 75.58 42.49 -42.05
N GLU H 80 76.68 42.00 -42.68
CA GLU H 80 77.25 40.67 -42.42
C GLU H 80 77.65 40.39 -40.95
N LYS H 81 77.96 41.45 -40.18
CA LYS H 81 78.36 41.35 -38.77
C LYS H 81 77.22 41.06 -37.79
N PHE H 82 75.96 41.20 -38.25
CA PHE H 82 74.78 40.98 -37.42
C PHE H 82 74.07 39.70 -37.77
N ASN H 83 73.46 39.04 -36.77
CA ASN H 83 72.77 37.79 -36.98
C ASN H 83 71.25 37.90 -36.72
N VAL H 84 70.52 36.86 -37.09
CA VAL H 84 69.07 36.83 -37.07
C VAL H 84 68.45 36.16 -35.84
N LYS H 85 69.26 35.80 -34.80
CA LYS H 85 68.75 35.12 -33.61
C LYS H 85 67.46 35.75 -33.15
N LEU H 86 66.44 34.91 -32.95
CA LEU H 86 65.10 35.31 -32.51
C LEU H 86 65.14 36.26 -31.31
N GLY H 87 64.63 37.47 -31.52
CA GLY H 87 64.57 38.50 -30.49
C GLY H 87 65.77 39.43 -30.43
N THR H 88 66.86 39.13 -31.16
CA THR H 88 68.06 40.00 -31.19
C THR H 88 67.70 41.27 -31.93
N SER H 89 68.22 42.42 -31.48
CA SER H 89 67.95 43.69 -32.14
C SER H 89 69.14 44.62 -32.13
N LYS H 90 69.21 45.51 -33.16
CA LYS H 90 70.25 46.52 -33.33
C LYS H 90 69.67 47.87 -33.74
N HIS H 91 70.36 48.96 -33.36
CA HIS H 91 70.05 50.37 -33.66
C HIS H 91 71.18 50.93 -34.52
N PHE H 92 70.81 51.75 -35.50
CA PHE H 92 71.73 52.39 -36.44
C PHE H 92 71.40 53.87 -36.57
N TYR H 93 72.45 54.68 -36.73
CA TYR H 93 72.33 56.14 -36.90
C TYR H 93 73.03 56.54 -38.17
N MET H 94 72.39 57.42 -38.96
CA MET H 94 72.95 57.88 -40.24
C MET H 94 72.20 59.11 -40.78
N PHE H 95 72.78 59.75 -41.81
CA PHE H 95 72.15 60.87 -42.50
C PHE H 95 71.54 60.35 -43.77
N ASN H 96 70.34 60.82 -44.09
CA ASN H 96 69.69 60.42 -45.33
C ASN H 96 70.13 61.34 -46.49
N ASP H 97 69.50 61.20 -47.68
CA ASP H 97 69.77 62.03 -48.87
C ASP H 97 69.48 63.51 -48.62
N ASN H 98 68.57 63.83 -47.69
CA ASN H 98 68.19 65.20 -47.33
C ASN H 98 69.04 65.76 -46.18
N LYS H 99 70.14 65.03 -45.81
CA LYS H 99 71.07 65.34 -44.72
C LYS H 99 70.37 65.44 -43.35
N ASN H 100 69.26 64.71 -43.20
CA ASN H 100 68.53 64.63 -41.94
C ASN H 100 68.94 63.34 -41.23
N SER H 101 69.08 63.42 -39.90
CA SER H 101 69.45 62.25 -39.10
C SER H 101 68.29 61.27 -39.02
N VAL H 102 68.55 59.98 -39.32
CA VAL H 102 67.54 58.91 -39.26
C VAL H 102 67.97 57.73 -38.37
N ALA H 103 67.01 57.14 -37.65
CA ALA H 103 67.24 55.95 -36.82
C ALA H 103 66.63 54.74 -37.49
N VAL H 104 67.48 53.73 -37.72
CA VAL H 104 67.16 52.48 -38.40
C VAL H 104 67.61 51.32 -37.50
N GLY H 105 67.12 50.12 -37.77
CA GLY H 105 67.47 48.91 -37.03
C GLY H 105 66.75 47.68 -37.53
N TYR H 106 66.89 46.57 -36.81
CA TYR H 106 66.25 45.32 -37.16
C TYR H 106 65.91 44.51 -35.90
N VAL H 107 64.99 43.55 -36.02
CA VAL H 107 64.69 42.56 -35.00
C VAL H 107 64.86 41.21 -35.71
N GLY H 108 65.66 40.34 -35.12
CA GLY H 108 65.93 39.01 -35.66
C GLY H 108 64.74 38.09 -35.46
N CYS H 109 64.26 37.46 -36.55
CA CYS H 109 63.11 36.56 -36.53
C CYS H 109 63.50 35.07 -36.72
N GLY H 110 64.77 34.75 -36.41
CA GLY H 110 65.32 33.39 -36.46
C GLY H 110 65.53 32.77 -37.85
N SER H 111 65.49 31.42 -37.90
CA SER H 111 65.71 30.65 -39.13
C SER H 111 64.48 29.92 -39.67
N VAL H 112 63.43 29.75 -38.85
CA VAL H 112 62.21 29.06 -39.22
C VAL H 112 61.29 30.03 -39.95
N ALA H 113 60.94 29.72 -41.22
CA ALA H 113 60.09 30.55 -42.08
C ALA H 113 58.72 30.91 -41.49
N ASP H 114 58.07 29.95 -40.77
CA ASP H 114 56.78 30.20 -40.15
C ASP H 114 56.93 30.40 -38.64
N LEU H 115 56.71 31.64 -38.15
CA LEU H 115 56.82 31.97 -36.73
C LEU H 115 55.57 31.55 -35.99
N SER H 116 55.75 30.94 -34.81
CA SER H 116 54.63 30.55 -33.97
C SER H 116 54.16 31.80 -33.20
N GLU H 117 53.01 31.67 -32.53
CA GLU H 117 52.38 32.68 -31.68
C GLU H 117 53.34 33.08 -30.51
N ALA H 118 54.16 32.12 -30.03
CA ALA H 118 55.16 32.34 -28.97
C ALA H 118 56.37 33.09 -29.53
N ASP H 119 56.84 32.72 -30.75
CA ASP H 119 57.96 33.34 -31.46
C ASP H 119 57.64 34.80 -31.79
N MET H 120 56.40 35.05 -32.31
CA MET H 120 55.94 36.41 -32.66
C MET H 120 55.91 37.30 -31.43
N LYS H 121 55.51 36.74 -30.28
CA LYS H 121 55.48 37.46 -29.02
C LYS H 121 56.90 37.92 -28.64
N ARG H 122 57.93 37.06 -28.83
CA ARG H 122 59.33 37.40 -28.56
C ARG H 122 59.81 38.53 -29.47
N VAL H 123 59.41 38.52 -30.77
CA VAL H 123 59.75 39.56 -31.75
C VAL H 123 59.14 40.89 -31.28
N VAL H 124 57.84 40.87 -30.91
CA VAL H 124 57.12 42.04 -30.42
C VAL H 124 57.76 42.62 -29.16
N LEU H 125 58.11 41.76 -28.17
CA LEU H 125 58.76 42.18 -26.93
C LEU H 125 60.06 42.91 -27.19
N SER H 126 60.85 42.45 -28.19
CA SER H 126 62.11 43.10 -28.57
C SER H 126 61.83 44.46 -29.20
N LEU H 127 60.78 44.54 -30.05
CA LEU H 127 60.37 45.78 -30.69
C LEU H 127 59.95 46.77 -29.61
N VAL H 128 59.20 46.28 -28.60
CA VAL H 128 58.71 47.10 -27.50
C VAL H 128 59.88 47.63 -26.66
N THR H 129 60.97 46.84 -26.55
CA THR H 129 62.20 47.24 -25.84
C THR H 129 62.83 48.47 -26.55
N MET H 130 62.70 48.55 -27.88
CA MET H 130 63.21 49.67 -28.64
C MET H 130 62.33 50.93 -28.50
N LEU H 131 61.03 50.75 -28.17
CA LEU H 131 60.09 51.88 -28.01
C LEU H 131 60.13 52.49 -26.62
N HIS H 132 60.41 51.66 -25.61
CA HIS H 132 60.41 52.12 -24.23
C HIS H 132 61.58 53.04 -23.88
N ASP H 133 62.76 52.80 -24.42
CA ASP H 133 63.88 53.64 -23.98
C ASP H 133 63.98 55.04 -24.61
N ASN H 134 63.26 55.22 -25.72
CA ASN H 134 63.36 56.36 -26.61
C ASN H 134 62.09 57.21 -26.80
N LYS H 135 62.26 58.54 -26.78
CA LYS H 135 61.17 59.47 -27.06
C LYS H 135 61.08 59.63 -28.59
N LEU H 136 60.21 58.83 -29.22
CA LEU H 136 60.00 58.80 -30.68
C LEU H 136 58.58 59.24 -31.05
N SER H 137 58.44 59.92 -32.19
CA SER H 137 57.14 60.35 -32.68
C SER H 137 56.59 59.30 -33.66
N LYS H 138 57.49 58.51 -34.26
CA LYS H 138 57.09 57.53 -35.27
C LYS H 138 57.90 56.25 -35.26
N LEU H 139 57.21 55.12 -35.52
CA LEU H 139 57.83 53.82 -35.71
C LEU H 139 57.42 53.32 -37.08
N THR H 140 58.38 52.81 -37.84
CA THR H 140 58.10 52.16 -39.12
C THR H 140 58.58 50.71 -39.01
N VAL H 141 57.71 49.75 -39.38
CA VAL H 141 58.04 48.33 -39.34
C VAL H 141 58.03 47.79 -40.77
N VAL H 142 59.13 47.17 -41.20
CA VAL H 142 59.26 46.60 -42.56
C VAL H 142 59.26 45.09 -42.44
N PHE H 143 58.22 44.45 -42.99
CA PHE H 143 58.09 42.99 -42.93
C PHE H 143 58.88 42.30 -44.03
N GLU H 144 60.01 41.70 -43.67
CA GLU H 144 60.83 40.93 -44.61
C GLU H 144 60.73 39.45 -44.22
N ILE H 145 59.61 39.09 -43.61
CA ILE H 145 59.24 37.76 -43.14
C ILE H 145 57.83 37.46 -43.65
N ASN H 146 57.47 36.17 -43.75
CA ASN H 146 56.16 35.80 -44.23
C ASN H 146 55.19 35.62 -43.09
N VAL H 147 54.11 36.40 -43.10
CA VAL H 147 53.07 36.32 -42.09
C VAL H 147 51.71 36.27 -42.77
N ASP H 148 50.80 35.40 -42.30
CA ASP H 148 49.46 35.38 -42.89
C ASP H 148 48.64 36.52 -42.25
N LYS H 149 47.39 36.74 -42.70
CA LYS H 149 46.54 37.82 -42.18
C LYS H 149 46.32 37.75 -40.66
N ASN H 150 46.05 36.53 -40.12
CA ASN H 150 45.83 36.34 -38.69
C ASN H 150 47.08 36.65 -37.87
N LEU H 151 48.27 36.23 -38.36
CA LEU H 151 49.52 36.49 -37.63
C LEU H 151 49.91 37.97 -37.69
N PHE H 152 49.62 38.64 -38.82
CA PHE H 152 49.86 40.07 -38.97
C PHE H 152 48.98 40.83 -37.95
N ARG H 153 47.69 40.43 -37.85
CA ARG H 153 46.76 41.01 -36.90
C ARG H 153 47.25 40.71 -35.47
N PHE H 154 47.76 39.48 -35.24
CA PHE H 154 48.31 39.09 -33.94
C PHE H 154 49.51 39.98 -33.55
N PHE H 155 50.38 40.30 -34.53
CA PHE H 155 51.54 41.17 -34.35
C PHE H 155 51.10 42.56 -33.84
N LEU H 156 50.10 43.17 -34.50
CA LEU H 156 49.61 44.51 -34.18
C LEU H 156 48.95 44.55 -32.80
N GLU H 157 48.00 43.61 -32.51
CA GLU H 157 47.33 43.45 -31.21
C GLU H 157 48.33 43.32 -30.08
N THR H 158 49.36 42.45 -30.27
CA THR H 158 50.41 42.18 -29.28
C THR H 158 51.26 43.41 -29.07
N LEU H 159 51.66 44.06 -30.15
CA LEU H 159 52.43 45.31 -30.07
C LEU H 159 51.65 46.35 -29.26
N PHE H 160 50.38 46.59 -29.62
CA PHE H 160 49.51 47.55 -28.92
C PHE H 160 49.35 47.20 -27.45
N TYR H 161 49.03 45.94 -27.15
CA TYR H 161 48.82 45.49 -25.77
C TYR H 161 50.08 45.62 -24.90
N GLU H 162 51.22 45.12 -25.40
CA GLU H 162 52.49 45.15 -24.66
C GLU H 162 53.07 46.57 -24.50
N TYR H 163 52.83 47.44 -25.49
CA TYR H 163 53.31 48.84 -25.48
C TYR H 163 52.56 49.67 -24.44
N MET H 164 51.28 49.42 -24.30
CA MET H 164 50.39 50.12 -23.38
C MET H 164 50.77 49.87 -21.90
N THR H 165 50.91 50.95 -21.12
CA THR H 165 51.26 50.88 -19.71
C THR H 165 50.10 51.39 -18.88
N ASP H 166 49.62 50.55 -17.95
CA ASP H 166 48.49 50.86 -17.09
C ASP H 166 48.96 51.67 -15.89
N GLU H 167 48.65 52.97 -15.88
CA GLU H 167 49.03 53.89 -14.80
C GLU H 167 47.85 54.39 -13.96
N ARG H 168 46.68 53.71 -14.05
CA ARG H 168 45.47 54.10 -13.29
C ARG H 168 45.69 54.19 -11.78
N PHE H 169 46.55 53.34 -11.22
CA PHE H 169 46.76 53.28 -9.77
C PHE H 169 48.06 53.93 -9.31
N LYS H 170 48.75 54.60 -10.24
CA LYS H 170 49.98 55.34 -9.93
C LYS H 170 49.55 56.75 -9.53
N SER H 171 50.24 57.34 -8.55
CA SER H 171 49.94 58.71 -8.14
C SER H 171 51.25 59.48 -8.07
N THR H 172 52.14 59.12 -7.12
CA THR H 172 53.46 59.76 -6.95
C THR H 172 54.54 59.07 -7.81
N ASP H 173 54.24 57.87 -8.40
CA ASP H 173 55.22 57.11 -9.19
C ASP H 173 54.91 56.96 -10.70
N LYS H 174 54.19 57.94 -11.30
CA LYS H 174 53.92 57.92 -12.74
C LYS H 174 55.27 58.08 -13.49
N ASN H 175 55.39 57.45 -14.66
CA ASN H 175 56.63 57.53 -15.43
C ASN H 175 56.69 58.88 -16.15
N VAL H 176 57.56 59.77 -15.64
CA VAL H 176 57.76 61.14 -16.17
C VAL H 176 58.25 61.16 -17.62
N ASN H 177 58.89 60.06 -18.08
CA ASN H 177 59.46 59.92 -19.43
C ASN H 177 58.59 59.20 -20.45
N MET H 178 57.36 58.82 -20.09
CA MET H 178 56.43 58.13 -21.01
C MET H 178 55.89 59.09 -22.06
N GLU H 179 56.16 58.79 -23.36
CA GLU H 179 55.75 59.65 -24.48
C GLU H 179 54.63 59.10 -25.41
N TYR H 180 54.88 57.93 -26.05
CA TYR H 180 54.06 57.23 -27.07
C TYR H 180 54.23 57.81 -28.46
N ILE H 181 54.48 56.93 -29.43
CA ILE H 181 54.56 57.29 -30.86
C ILE H 181 53.16 57.78 -31.29
N LYS H 182 53.11 58.66 -32.27
CA LYS H 182 51.86 59.20 -32.80
C LYS H 182 51.56 58.56 -34.16
N HIS H 183 52.57 57.91 -34.74
CA HIS H 183 52.47 57.30 -36.05
C HIS H 183 53.13 55.94 -36.12
N LEU H 184 52.48 55.03 -36.86
CA LEU H 184 53.00 53.70 -37.12
C LEU H 184 52.89 53.42 -38.61
N GLY H 185 54.03 53.26 -39.25
CA GLY H 185 54.11 52.91 -40.66
C GLY H 185 54.44 51.43 -40.78
N VAL H 186 53.77 50.73 -41.71
CA VAL H 186 53.98 49.29 -41.93
C VAL H 186 54.23 49.06 -43.43
N TYR H 187 55.33 48.38 -43.77
CA TYR H 187 55.63 48.00 -45.15
C TYR H 187 55.54 46.49 -45.23
N ILE H 188 54.64 45.99 -46.07
CA ILE H 188 54.38 44.56 -46.24
C ILE H 188 54.01 44.25 -47.67
N ASN H 189 54.34 43.02 -48.14
CA ASN H 189 53.99 42.55 -49.48
C ASN H 189 52.49 42.25 -49.50
N ASN H 190 51.79 42.63 -50.60
CA ASN H 190 50.33 42.49 -50.77
C ASN H 190 49.59 43.26 -49.68
N ALA H 191 50.03 44.52 -49.44
CA ALA H 191 49.52 45.42 -48.41
C ALA H 191 48.03 45.61 -48.39
N ASP H 192 47.38 45.67 -49.57
CA ASP H 192 45.93 45.84 -49.68
C ASP H 192 45.14 44.77 -48.94
N THR H 193 45.63 43.52 -48.93
CA THR H 193 44.98 42.39 -48.22
C THR H 193 45.11 42.52 -46.68
N TYR H 194 46.16 43.21 -46.17
CA TYR H 194 46.43 43.36 -44.73
C TYR H 194 45.79 44.58 -44.09
N LYS H 195 45.42 45.59 -44.90
CA LYS H 195 44.81 46.84 -44.44
C LYS H 195 43.60 46.68 -43.52
N GLU H 196 42.69 45.70 -43.83
CA GLU H 196 41.50 45.43 -43.01
C GLU H 196 41.86 44.87 -41.61
N GLU H 197 43.10 44.37 -41.42
CA GLU H 197 43.54 43.81 -40.15
C GLU H 197 43.87 44.88 -39.14
N VAL H 198 44.21 46.08 -39.61
CA VAL H 198 44.59 47.20 -38.74
C VAL H 198 43.50 47.59 -37.72
N GLU H 199 42.31 47.92 -38.19
CA GLU H 199 41.22 48.30 -37.32
C GLU H 199 40.67 47.14 -36.51
N LYS H 200 40.79 45.90 -37.03
CA LYS H 200 40.38 44.68 -36.33
C LYS H 200 41.37 44.45 -35.18
N ALA H 201 42.68 44.68 -35.43
CA ALA H 201 43.71 44.57 -34.40
C ALA H 201 43.48 45.60 -33.30
N ARG H 202 43.07 46.84 -33.66
CA ARG H 202 42.83 47.90 -32.68
C ARG H 202 41.65 47.54 -31.76
N VAL H 203 40.54 47.04 -32.33
CA VAL H 203 39.34 46.62 -31.56
C VAL H 203 39.70 45.42 -30.66
N TYR H 204 40.42 44.42 -31.23
CA TYR H 204 40.85 43.25 -30.47
C TYR H 204 41.76 43.67 -29.33
N TYR H 205 42.75 44.56 -29.63
CA TYR H 205 43.63 45.11 -28.60
C TYR H 205 42.76 45.71 -27.47
N PHE H 206 41.75 46.56 -27.82
CA PHE H 206 40.93 47.16 -26.78
C PHE H 206 40.12 46.18 -25.97
N GLY H 207 39.50 45.20 -26.62
CA GLY H 207 38.72 44.17 -25.94
C GLY H 207 39.55 43.48 -24.88
N THR H 208 40.81 43.08 -25.26
CA THR H 208 41.84 42.44 -24.44
C THR H 208 42.36 43.39 -23.31
N TYR H 209 42.68 44.65 -23.68
CA TYR H 209 43.18 45.63 -22.72
C TYR H 209 42.12 46.02 -21.70
N TYR H 210 40.86 46.10 -22.14
CA TYR H 210 39.72 46.40 -21.29
C TYR H 210 39.56 45.28 -20.25
N ALA H 211 39.60 44.01 -20.69
CA ALA H 211 39.53 42.84 -19.81
C ALA H 211 40.67 42.91 -18.77
N SER H 212 41.88 43.22 -19.24
CA SER H 212 43.08 43.40 -18.44
C SER H 212 42.89 44.46 -17.34
N GLN H 213 42.29 45.61 -17.70
CA GLN H 213 42.02 46.70 -16.76
C GLN H 213 41.10 46.25 -15.62
N LEU H 214 40.05 45.46 -15.94
CA LEU H 214 39.11 44.94 -14.93
C LEU H 214 39.82 43.93 -14.03
N ILE H 215 40.62 43.02 -14.63
CA ILE H 215 41.36 42.01 -13.87
C ILE H 215 42.39 42.65 -12.94
N ALA H 216 43.23 43.55 -13.47
CA ALA H 216 44.28 44.22 -12.71
C ALA H 216 43.71 45.09 -11.60
N ALA H 217 42.50 45.66 -11.78
CA ALA H 217 41.83 46.47 -10.77
C ALA H 217 41.67 45.62 -9.49
N PRO H 218 42.22 46.07 -8.36
CA PRO H 218 42.12 45.28 -7.11
C PRO H 218 40.69 45.12 -6.63
N SER H 219 40.48 44.16 -5.73
CA SER H 219 39.17 43.80 -5.20
C SER H 219 38.44 44.89 -4.42
N ASN H 220 39.17 45.90 -3.87
CA ASN H 220 38.51 47.05 -3.23
C ASN H 220 37.90 47.97 -4.31
N TYR H 221 38.55 48.07 -5.47
CA TYR H 221 38.01 48.87 -6.60
C TYR H 221 36.96 48.07 -7.39
N CYS H 222 37.31 46.85 -7.76
CA CYS H 222 36.51 45.93 -8.57
C CYS H 222 35.83 44.91 -7.68
N ASN H 223 34.60 45.21 -7.31
CA ASN H 223 33.74 44.40 -6.46
C ASN H 223 32.45 44.09 -7.27
N PRO H 224 31.53 43.21 -6.80
CA PRO H 224 30.34 42.88 -7.62
C PRO H 224 29.49 44.06 -8.08
N VAL H 225 29.37 45.10 -7.23
CA VAL H 225 28.57 46.29 -7.56
C VAL H 225 29.31 47.16 -8.61
N SER H 226 30.60 47.49 -8.38
CA SER H 226 31.35 48.31 -9.34
C SER H 226 31.58 47.63 -10.67
N LEU H 227 31.79 46.28 -10.66
CA LEU H 227 31.98 45.53 -11.91
C LEU H 227 30.66 45.52 -12.72
N SER H 228 29.50 45.26 -12.07
CA SER H 228 28.22 45.30 -12.80
C SER H 228 27.90 46.71 -13.30
N ASN H 229 28.30 47.76 -12.54
CA ASN H 229 28.12 49.15 -12.99
C ASN H 229 29.00 49.40 -14.23
N ALA H 230 30.23 48.82 -14.26
CA ALA H 230 31.15 48.99 -15.40
C ALA H 230 30.55 48.31 -16.63
N ALA H 231 29.92 47.11 -16.45
CA ALA H 231 29.27 46.37 -17.54
C ALA H 231 28.08 47.17 -18.11
N VAL H 232 27.33 47.88 -17.26
CA VAL H 232 26.19 48.73 -17.68
C VAL H 232 26.72 49.89 -18.53
N GLU H 233 27.80 50.55 -18.07
CA GLU H 233 28.42 51.66 -18.79
C GLU H 233 28.93 51.18 -20.17
N LEU H 234 29.54 49.99 -20.22
CA LEU H 234 30.03 49.42 -21.47
C LEU H 234 28.85 49.15 -22.42
N ALA H 235 27.76 48.55 -21.89
CA ALA H 235 26.55 48.26 -22.66
C ALA H 235 25.93 49.52 -23.25
N GLN H 236 25.89 50.60 -22.45
CA GLN H 236 25.36 51.90 -22.87
C GLN H 236 26.21 52.51 -23.97
N LYS H 237 27.53 52.41 -23.85
CA LYS H 237 28.45 52.94 -24.88
C LYS H 237 28.33 52.19 -26.21
N LEU H 238 28.02 50.88 -26.16
CA LEU H 238 27.90 50.03 -27.35
C LEU H 238 26.48 49.84 -27.84
N ASN H 239 25.49 50.45 -27.16
CA ASN H 239 24.06 50.30 -27.49
C ASN H 239 23.60 48.84 -27.39
N LEU H 240 24.11 48.11 -26.38
CA LEU H 240 23.71 46.72 -26.13
C LEU H 240 22.57 46.75 -25.16
N GLU H 241 21.66 45.76 -25.25
CA GLU H 241 20.59 45.62 -24.28
C GLU H 241 21.28 45.09 -23.00
N TYR H 242 20.81 45.53 -21.84
CA TYR H 242 21.41 45.09 -20.58
C TYR H 242 20.37 44.94 -19.51
N LYS H 243 20.69 44.08 -18.55
CA LYS H 243 19.88 43.77 -17.38
C LYS H 243 20.84 43.32 -16.30
N ILE H 244 20.75 43.94 -15.11
CA ILE H 244 21.51 43.52 -13.95
C ILE H 244 20.49 42.95 -12.98
N LEU H 245 20.64 41.66 -12.64
CA LEU H 245 19.74 41.00 -11.70
C LEU H 245 20.30 41.16 -10.30
N GLY H 246 19.48 41.74 -9.43
CA GLY H 246 19.81 41.94 -8.02
C GLY H 246 19.35 40.78 -7.18
N VAL H 247 19.67 40.82 -5.88
CA VAL H 247 19.33 39.75 -4.92
C VAL H 247 17.87 39.31 -4.93
N LYS H 248 16.92 40.25 -4.91
CA LYS H 248 15.48 39.96 -4.93
C LYS H 248 15.08 39.12 -6.14
N GLU H 249 15.57 39.50 -7.33
CA GLU H 249 15.32 38.77 -8.57
C GLU H 249 16.04 37.41 -8.55
N LEU H 250 17.27 37.35 -8.01
CA LEU H 250 18.02 36.09 -7.92
C LEU H 250 17.32 35.09 -6.97
N GLU H 251 16.71 35.60 -5.88
CA GLU H 251 15.95 34.76 -4.93
C GLU H 251 14.70 34.19 -5.63
N GLU H 252 13.98 35.05 -6.42
CA GLU H 252 12.78 34.63 -7.17
C GLU H 252 13.17 33.54 -8.19
N LEU H 253 14.37 33.65 -8.79
CA LEU H 253 14.87 32.67 -9.75
C LEU H 253 15.46 31.43 -9.08
N LYS H 254 15.46 31.40 -7.73
CA LYS H 254 15.93 30.27 -6.91
C LYS H 254 17.41 29.92 -7.17
N MET H 255 18.23 30.94 -7.42
CA MET H 255 19.66 30.76 -7.65
C MET H 255 20.41 30.55 -6.31
N GLY H 256 20.10 29.44 -5.63
CA GLY H 256 20.65 29.11 -4.31
C GLY H 256 22.14 28.81 -4.27
N ALA H 257 22.70 28.22 -5.36
CA ALA H 257 24.13 27.88 -5.39
C ALA H 257 24.96 29.18 -5.48
N TYR H 258 24.59 30.05 -6.41
CA TYR H 258 25.24 31.35 -6.63
C TYR H 258 25.04 32.29 -5.40
N LEU H 259 23.82 32.37 -4.86
CA LEU H 259 23.57 33.22 -3.70
C LEU H 259 24.32 32.79 -2.46
N SER H 260 24.55 31.46 -2.27
CA SER H 260 25.27 30.95 -1.08
C SER H 260 26.71 31.42 -1.06
N VAL H 261 27.35 31.47 -2.24
CA VAL H 261 28.75 31.90 -2.37
C VAL H 261 28.91 33.35 -1.87
N GLY H 262 27.98 34.23 -2.24
CA GLY H 262 28.02 35.65 -1.92
C GLY H 262 27.51 36.05 -0.55
N LYS H 263 26.96 35.10 0.21
CA LYS H 263 26.38 35.35 1.55
C LYS H 263 27.31 36.08 2.52
N GLY H 264 28.59 35.71 2.52
CA GLY H 264 29.58 36.32 3.42
C GLY H 264 30.17 37.65 2.98
N SER H 265 29.72 38.20 1.83
CA SER H 265 30.24 39.46 1.29
C SER H 265 29.41 40.67 1.71
N MET H 266 30.09 41.83 1.85
CA MET H 266 29.42 43.11 2.13
C MET H 266 28.83 43.65 0.81
N TYR H 267 29.23 43.08 -0.34
CA TYR H 267 28.72 43.50 -1.65
C TYR H 267 27.61 42.57 -2.12
N PRO H 268 26.40 43.09 -2.38
CA PRO H 268 25.31 42.21 -2.88
C PRO H 268 25.67 41.60 -4.23
N ASN H 269 25.21 40.35 -4.46
CA ASN H 269 25.41 39.65 -5.74
C ASN H 269 24.74 40.44 -6.86
N LYS H 270 25.42 40.48 -8.03
CA LYS H 270 24.92 41.17 -9.22
C LYS H 270 25.12 40.25 -10.41
N PHE H 271 24.02 39.85 -11.07
CA PHE H 271 24.11 38.98 -12.23
C PHE H 271 24.05 39.84 -13.50
N ILE H 272 25.13 39.83 -14.29
CA ILE H 272 25.25 40.61 -15.52
C ILE H 272 24.63 39.84 -16.70
N HIS H 273 23.75 40.49 -17.46
CA HIS H 273 23.16 39.95 -18.68
C HIS H 273 23.14 41.04 -19.73
N LEU H 274 24.10 40.99 -20.65
CA LEU H 274 24.17 41.91 -21.78
C LEU H 274 23.73 41.12 -23.01
N THR H 275 23.10 41.81 -23.97
CA THR H 275 22.71 41.13 -25.21
C THR H 275 23.09 41.92 -26.45
N TYR H 276 23.70 41.23 -27.41
CA TYR H 276 23.91 41.79 -28.73
C TYR H 276 22.96 41.04 -29.67
N LYS H 277 22.20 41.76 -30.47
CA LYS H 277 21.34 41.11 -31.46
C LYS H 277 21.57 41.76 -32.81
N SER H 278 21.86 40.93 -33.84
CA SER H 278 22.07 41.39 -35.21
C SER H 278 20.76 41.93 -35.77
N LYS H 279 20.85 42.90 -36.69
CA LYS H 279 19.69 43.54 -37.30
C LYS H 279 18.79 42.63 -38.15
N GLY H 280 19.38 41.67 -38.87
CA GLY H 280 18.62 40.78 -39.73
C GLY H 280 18.12 39.51 -39.07
N ASP H 281 18.03 38.42 -39.85
CA ASP H 281 17.60 37.10 -39.39
C ASP H 281 18.66 36.50 -38.50
N VAL H 282 18.25 35.99 -37.34
CA VAL H 282 19.17 35.37 -36.38
C VAL H 282 19.31 33.88 -36.71
N LYS H 283 20.53 33.47 -37.08
CA LYS H 283 20.82 32.10 -37.47
C LYS H 283 21.48 31.27 -36.36
N LYS H 284 22.13 31.96 -35.40
CA LYS H 284 22.81 31.32 -34.30
C LYS H 284 22.62 32.15 -33.02
N LYS H 285 22.30 31.47 -31.92
CA LYS H 285 22.11 32.10 -30.60
C LYS H 285 23.15 31.49 -29.71
N ILE H 286 23.92 32.35 -29.05
CA ILE H 286 25.05 31.95 -28.21
C ILE H 286 24.98 32.62 -26.84
N ALA H 287 25.29 31.85 -25.79
CA ALA H 287 25.43 32.37 -24.45
C ALA H 287 26.90 32.19 -24.05
N LEU H 288 27.57 33.29 -23.68
CA LEU H 288 28.95 33.31 -23.21
C LEU H 288 28.86 33.59 -21.72
N VAL H 289 29.38 32.66 -20.91
CA VAL H 289 29.30 32.71 -19.46
C VAL H 289 30.69 32.86 -18.85
N GLY H 290 30.91 33.93 -18.09
CA GLY H 290 32.20 34.15 -17.45
C GLY H 290 32.13 34.04 -15.94
N LYS H 291 33.12 33.35 -15.31
CA LYS H 291 33.19 33.27 -13.83
C LYS H 291 33.56 34.67 -13.34
N GLY H 292 32.75 35.19 -12.42
CA GLY H 292 32.93 36.54 -11.91
C GLY H 292 33.11 36.64 -10.40
N ILE H 293 34.15 36.02 -9.86
CA ILE H 293 34.45 36.13 -8.43
C ILE H 293 35.44 37.27 -8.28
N THR H 294 34.98 38.40 -7.71
CA THR H 294 35.82 39.62 -7.61
C THR H 294 37.01 39.47 -6.68
N PHE H 295 36.85 38.64 -5.65
CA PHE H 295 37.90 38.23 -4.74
C PHE H 295 37.56 36.86 -4.23
N ASP H 296 38.55 35.94 -4.31
CA ASP H 296 38.34 34.60 -3.79
C ASP H 296 39.24 34.35 -2.59
N SER H 297 38.70 34.51 -1.38
CA SER H 297 39.48 34.22 -0.18
C SER H 297 39.57 32.72 0.07
N GLY H 298 38.66 31.98 -0.56
CA GLY H 298 38.46 30.56 -0.34
C GLY H 298 37.27 30.31 0.57
N GLY H 299 36.83 31.36 1.29
CA GLY H 299 35.75 31.27 2.27
C GLY H 299 36.27 30.55 3.50
N TYR H 300 35.38 29.85 4.24
CA TYR H 300 35.81 29.07 5.43
C TYR H 300 36.95 28.09 5.16
N ASN H 301 37.02 27.55 3.91
CA ASN H 301 38.16 26.77 3.43
C ASN H 301 39.18 27.79 2.91
N LEU H 302 39.66 28.66 3.81
CA LEU H 302 40.55 29.76 3.50
C LEU H 302 41.80 29.36 2.74
N LYS H 303 42.21 30.19 1.76
CA LYS H 303 43.45 29.96 1.00
C LYS H 303 44.62 30.34 1.92
N ALA H 304 44.97 29.43 2.84
CA ALA H 304 46.01 29.65 3.84
C ALA H 304 47.26 28.82 3.57
N ALA H 305 47.13 27.74 2.76
CA ALA H 305 48.21 26.83 2.43
C ALA H 305 49.34 27.54 1.65
N PRO H 306 50.64 27.17 1.86
CA PRO H 306 51.71 27.81 1.07
C PRO H 306 51.49 27.53 -0.41
N GLY H 307 51.63 28.56 -1.23
CA GLY H 307 51.41 28.45 -2.67
C GLY H 307 49.95 28.53 -3.10
N SER H 308 49.01 28.85 -2.17
CA SER H 308 47.60 28.96 -2.55
C SER H 308 47.27 30.27 -3.29
N MET H 309 48.25 31.20 -3.41
CA MET H 309 48.17 32.46 -4.17
C MET H 309 46.97 33.37 -3.86
N ILE H 310 46.60 33.51 -2.57
CA ILE H 310 45.48 34.38 -2.17
C ILE H 310 45.66 35.84 -2.66
N ASP H 311 46.92 36.32 -2.74
CA ASP H 311 47.27 37.68 -3.18
C ASP H 311 46.92 37.94 -4.65
N LEU H 312 46.70 36.88 -5.44
CA LEU H 312 46.38 36.98 -6.87
C LEU H 312 44.87 36.91 -7.12
N MET H 313 44.06 36.57 -6.08
CA MET H 313 42.64 36.31 -6.21
C MET H 313 41.70 37.41 -6.71
N LYS H 314 42.23 38.63 -6.92
CA LYS H 314 41.49 39.70 -7.60
C LYS H 314 41.25 39.25 -9.08
N PHE H 315 42.07 38.29 -9.57
CA PHE H 315 42.02 37.78 -10.95
C PHE H 315 40.89 36.76 -11.15
N ASP H 316 40.17 36.40 -10.07
CA ASP H 316 39.12 35.39 -10.15
C ASP H 316 37.85 35.77 -10.94
N MET H 317 37.83 36.99 -11.47
CA MET H 317 36.76 37.48 -12.34
C MET H 317 37.28 37.61 -13.80
N SER H 318 38.43 36.95 -14.12
CA SER H 318 39.04 36.94 -15.46
C SER H 318 38.09 36.43 -16.52
N GLY H 319 37.26 35.43 -16.17
CA GLY H 319 36.28 34.88 -17.10
C GLY H 319 35.24 35.92 -17.46
N CYS H 320 34.72 36.62 -16.43
CA CYS H 320 33.76 37.72 -16.64
C CYS H 320 34.41 38.82 -17.49
N ALA H 321 35.68 39.16 -17.15
CA ALA H 321 36.43 40.17 -17.92
C ALA H 321 36.58 39.80 -19.39
N ALA H 322 36.91 38.51 -19.70
CA ALA H 322 37.02 38.03 -21.09
C ALA H 322 35.69 38.18 -21.82
N VAL H 323 34.56 37.84 -21.14
CA VAL H 323 33.20 37.93 -21.70
C VAL H 323 32.84 39.40 -22.02
N LEU H 324 33.16 40.33 -21.10
CA LEU H 324 32.90 41.77 -21.31
C LEU H 324 33.81 42.35 -22.41
N GLY H 325 35.07 41.88 -22.48
CA GLY H 325 35.99 42.28 -23.54
C GLY H 325 35.46 41.82 -24.89
N CYS H 326 34.89 40.61 -24.92
CA CYS H 326 34.26 40.06 -26.13
C CYS H 326 33.04 40.91 -26.49
N ALA H 327 32.22 41.33 -25.48
CA ALA H 327 31.05 42.20 -25.72
C ALA H 327 31.50 43.51 -26.36
N TYR H 328 32.66 44.06 -25.92
CA TYR H 328 33.22 45.25 -26.54
C TYR H 328 33.47 44.98 -28.05
N CYS H 329 34.22 43.89 -28.38
CA CYS H 329 34.59 43.53 -29.76
C CYS H 329 33.35 43.30 -30.64
N VAL H 330 32.40 42.47 -30.15
CA VAL H 330 31.16 42.12 -30.85
C VAL H 330 30.30 43.36 -31.08
N GLY H 331 30.12 44.18 -30.04
CA GLY H 331 29.35 45.42 -30.10
C GLY H 331 29.94 46.44 -31.06
N THR H 332 31.27 46.41 -31.26
CA THR H 332 31.99 47.31 -32.15
C THR H 332 31.96 46.80 -33.59
N LEU H 333 32.28 45.51 -33.78
CA LEU H 333 32.36 44.91 -35.12
C LEU H 333 31.01 44.60 -35.73
N LYS H 334 29.97 44.49 -34.89
CA LYS H 334 28.58 44.24 -35.29
C LYS H 334 28.39 43.06 -36.27
N PRO H 335 28.69 41.79 -35.87
CA PRO H 335 28.47 40.66 -36.78
C PRO H 335 26.98 40.49 -37.14
N GLU H 336 26.73 39.89 -38.29
CA GLU H 336 25.37 39.64 -38.77
C GLU H 336 24.92 38.23 -38.37
N ASN H 337 23.60 38.01 -38.39
CA ASN H 337 22.89 36.74 -38.16
C ASN H 337 23.13 36.06 -36.83
N VAL H 338 23.48 36.82 -35.81
CA VAL H 338 23.79 36.25 -34.48
C VAL H 338 23.14 37.02 -33.33
N GLU H 339 22.82 36.30 -32.26
CA GLU H 339 22.31 36.87 -31.03
C GLU H 339 23.24 36.32 -29.95
N ILE H 340 23.93 37.21 -29.24
CA ILE H 340 24.88 36.82 -28.19
C ILE H 340 24.45 37.36 -26.83
N HIS H 341 24.40 36.48 -25.84
CA HIS H 341 24.10 36.81 -24.45
C HIS H 341 25.43 36.73 -23.70
N PHE H 342 25.80 37.82 -23.02
CA PHE H 342 27.05 37.95 -22.25
C PHE H 342 26.64 37.90 -20.79
N LEU H 343 26.96 36.78 -20.12
CA LEU H 343 26.52 36.52 -18.77
C LEU H 343 27.62 36.35 -17.76
N SER H 344 27.36 36.84 -16.54
CA SER H 344 28.25 36.60 -15.40
C SER H 344 27.53 36.71 -14.08
N ALA H 345 27.62 35.63 -13.27
CA ALA H 345 27.05 35.59 -11.93
C ALA H 345 28.15 36.15 -11.03
N VAL H 346 28.17 37.48 -10.86
CA VAL H 346 29.21 38.18 -10.11
C VAL H 346 28.96 38.18 -8.57
N CYS H 347 30.00 37.84 -7.82
CA CYS H 347 29.97 37.84 -6.36
C CYS H 347 31.37 37.82 -5.79
N GLU H 348 31.49 37.85 -4.46
CA GLU H 348 32.76 37.84 -3.77
C GLU H 348 32.72 36.72 -2.70
N ASN H 349 33.79 35.88 -2.61
CA ASN H 349 33.87 34.72 -1.70
C ASN H 349 34.65 35.06 -0.44
N MET H 350 33.94 35.37 0.65
CA MET H 350 34.50 35.91 1.88
C MET H 350 34.22 35.12 3.15
N VAL H 351 34.92 35.49 4.25
CA VAL H 351 34.78 34.87 5.57
C VAL H 351 34.05 35.86 6.47
N SER H 352 32.95 35.37 7.08
CA SER H 352 32.06 36.19 7.85
C SER H 352 31.16 35.30 8.69
N LYS H 353 30.42 35.90 9.64
CA LYS H 353 29.40 35.19 10.40
C LYS H 353 28.28 34.77 9.39
N ASN H 354 28.19 35.47 8.25
CA ASN H 354 27.16 35.25 7.26
C ASN H 354 27.52 34.29 6.14
N SER H 355 28.77 33.81 6.09
CA SER H 355 29.21 32.93 4.99
C SER H 355 28.56 31.58 4.96
N TYR H 356 28.55 30.94 3.78
CA TYR H 356 28.13 29.54 3.67
C TYR H 356 29.26 28.71 4.24
N ARG H 357 28.92 27.52 4.73
CA ARG H 357 29.91 26.67 5.40
C ARG H 357 30.19 25.40 4.64
N PRO H 358 31.40 24.79 4.84
CA PRO H 358 31.62 23.44 4.31
C PRO H 358 30.56 22.49 4.92
N GLY H 359 29.96 21.67 4.08
CA GLY H 359 28.93 20.74 4.52
C GLY H 359 27.52 21.22 4.26
N ASP H 360 27.32 22.55 4.03
CA ASP H 360 25.98 23.08 3.76
C ASP H 360 25.36 22.43 2.53
N ILE H 361 24.06 22.18 2.58
CA ILE H 361 23.32 21.66 1.43
C ILE H 361 22.50 22.82 0.87
N ILE H 362 22.75 23.14 -0.40
CA ILE H 362 22.14 24.27 -1.11
C ILE H 362 21.37 23.79 -2.34
N THR H 363 20.37 24.55 -2.78
CA THR H 363 19.56 24.15 -3.92
C THR H 363 19.80 25.06 -5.11
N ALA H 364 20.24 24.49 -6.24
CA ALA H 364 20.44 25.24 -7.48
C ALA H 364 19.08 25.56 -8.12
N SER H 365 19.06 26.52 -9.06
CA SER H 365 17.85 26.96 -9.77
C SER H 365 17.15 25.87 -10.60
N ASN H 366 17.81 24.73 -10.86
CA ASN H 366 17.15 23.61 -11.58
C ASN H 366 16.59 22.58 -10.59
N GLY H 367 16.65 22.90 -9.30
CA GLY H 367 16.14 22.04 -8.23
C GLY H 367 17.12 21.04 -7.68
N LYS H 368 18.34 20.92 -8.27
CA LYS H 368 19.34 19.98 -7.76
C LYS H 368 19.92 20.45 -6.44
N THR H 369 19.93 19.55 -5.44
CA THR H 369 20.53 19.86 -4.14
C THR H 369 22.00 19.49 -4.22
N ILE H 370 22.86 20.37 -3.65
CA ILE H 370 24.29 20.25 -3.72
C ILE H 370 24.87 20.24 -2.33
N GLU H 371 25.73 19.25 -2.04
CA GLU H 371 26.43 19.23 -0.75
C GLU H 371 27.77 19.94 -0.98
N VAL H 372 28.02 21.02 -0.23
CA VAL H 372 29.27 21.80 -0.31
C VAL H 372 30.35 21.03 0.42
N GLY H 373 31.37 20.60 -0.31
CA GLY H 373 32.48 19.88 0.32
C GLY H 373 33.60 20.81 0.68
N ASN H 374 33.72 21.93 -0.04
CA ASN H 374 34.77 22.91 0.16
C ASN H 374 34.31 24.26 -0.36
N THR H 375 34.30 25.30 0.51
CA THR H 375 33.84 26.65 0.12
C THR H 375 34.73 27.33 -0.97
N ASP H 376 35.95 26.79 -1.21
CA ASP H 376 36.90 27.29 -2.19
C ASP H 376 36.62 26.71 -3.60
N ALA H 377 35.64 25.81 -3.72
CA ALA H 377 35.24 25.34 -5.04
C ALA H 377 33.95 26.12 -5.39
N GLU H 378 34.01 27.45 -5.17
CA GLU H 378 32.87 28.35 -5.34
C GLU H 378 32.49 28.64 -6.78
N GLY H 379 33.47 28.66 -7.68
CA GLY H 379 33.26 28.99 -9.08
C GLY H 379 32.25 28.10 -9.75
N ARG H 380 32.33 26.77 -9.50
CA ARG H 380 31.39 25.82 -10.09
C ARG H 380 29.96 26.00 -9.59
N LEU H 381 29.79 26.52 -8.37
CA LEU H 381 28.45 26.80 -7.78
C LEU H 381 27.81 27.99 -8.47
N THR H 382 28.59 29.07 -8.69
CA THR H 382 28.07 30.26 -9.37
C THR H 382 27.77 29.93 -10.83
N LEU H 383 28.67 29.13 -11.45
CA LEU H 383 28.52 28.71 -12.84
C LEU H 383 27.32 27.78 -13.03
N ALA H 384 27.01 26.91 -12.05
CA ALA H 384 25.85 26.01 -12.12
C ALA H 384 24.58 26.82 -12.35
N ASP H 385 24.35 27.87 -11.52
CA ASP H 385 23.17 28.74 -11.69
C ASP H 385 23.22 29.58 -12.95
N ALA H 386 24.43 30.04 -13.36
CA ALA H 386 24.57 30.82 -14.61
C ALA H 386 24.27 29.93 -15.84
N LEU H 387 24.67 28.65 -15.78
CA LEU H 387 24.43 27.70 -16.86
C LEU H 387 22.94 27.37 -16.99
N VAL H 388 22.22 27.27 -15.85
CA VAL H 388 20.77 27.01 -15.85
C VAL H 388 20.05 28.19 -16.49
N TYR H 389 20.49 29.40 -16.13
CA TYR H 389 19.97 30.64 -16.67
C TYR H 389 20.21 30.69 -18.19
N ALA H 390 21.46 30.38 -18.64
CA ALA H 390 21.84 30.39 -20.06
C ALA H 390 20.99 29.42 -20.87
N GLU H 391 20.79 28.20 -20.37
CA GLU H 391 20.01 27.20 -21.09
C GLU H 391 18.54 27.60 -21.25
N LYS H 392 17.97 28.32 -20.25
CA LYS H 392 16.59 28.80 -20.31
C LYS H 392 16.41 29.86 -21.42
N LEU H 393 17.53 30.46 -21.90
CA LEU H 393 17.47 31.44 -23.00
C LEU H 393 17.19 30.81 -24.38
N GLY H 394 17.30 29.48 -24.49
CA GLY H 394 17.09 28.75 -25.74
C GLY H 394 18.15 29.04 -26.77
N VAL H 395 19.42 28.82 -26.41
CA VAL H 395 20.54 29.09 -27.30
C VAL H 395 21.04 27.82 -28.02
N ASP H 396 21.87 27.99 -29.07
CA ASP H 396 22.48 26.88 -29.80
C ASP H 396 23.74 26.41 -29.10
N TYR H 397 24.53 27.35 -28.55
CA TYR H 397 25.77 27.03 -27.85
C TYR H 397 25.87 27.80 -26.56
N ILE H 398 26.40 27.15 -25.54
CA ILE H 398 26.75 27.76 -24.27
C ILE H 398 28.24 27.56 -24.11
N VAL H 399 29.00 28.64 -23.95
CA VAL H 399 30.44 28.55 -23.74
C VAL H 399 30.74 29.27 -22.43
N ASP H 400 31.32 28.57 -21.46
CA ASP H 400 31.75 29.22 -20.24
C ASP H 400 33.27 29.35 -20.22
N ILE H 401 33.76 30.38 -19.54
CA ILE H 401 35.20 30.67 -19.41
C ILE H 401 35.45 31.05 -17.97
N ALA H 402 36.39 30.39 -17.31
CA ALA H 402 36.60 30.53 -15.86
C ALA H 402 38.00 30.17 -15.38
N THR H 403 38.50 30.89 -14.36
CA THR H 403 39.75 30.59 -13.65
C THR H 403 39.33 29.58 -12.58
N LEU H 404 38.97 28.38 -13.01
CA LEU H 404 38.37 27.38 -12.16
C LEU H 404 39.25 26.53 -11.29
N THR H 405 40.28 25.88 -11.86
CA THR H 405 41.09 24.96 -11.09
C THR H 405 42.60 25.23 -11.15
N GLY H 406 43.23 25.24 -9.98
CA GLY H 406 44.68 25.40 -9.89
C GLY H 406 45.46 24.29 -10.59
N ALA H 407 44.86 23.09 -10.71
CA ALA H 407 45.47 21.93 -11.40
C ALA H 407 45.80 22.23 -12.87
N MET H 408 45.17 23.25 -13.50
CA MET H 408 45.50 23.64 -14.88
C MET H 408 46.99 24.01 -14.99
N LEU H 409 47.56 24.64 -13.94
CA LEU H 409 48.99 24.98 -13.88
C LEU H 409 49.89 23.75 -13.98
N TYR H 410 49.40 22.62 -13.47
CA TYR H 410 50.12 21.34 -13.47
C TYR H 410 49.89 20.54 -14.73
N SER H 411 48.73 20.71 -15.37
CA SER H 411 48.40 19.94 -16.56
C SER H 411 48.86 20.62 -17.84
N LEU H 412 48.44 21.87 -18.09
CA LEU H 412 48.83 22.54 -19.34
C LEU H 412 49.80 23.68 -19.12
N GLY H 413 49.89 24.14 -17.89
CA GLY H 413 50.78 25.24 -17.54
C GLY H 413 50.19 26.62 -17.80
N THR H 414 51.06 27.56 -18.12
CA THR H 414 50.72 28.97 -18.31
C THR H 414 50.43 29.42 -19.73
N SER H 415 50.67 28.58 -20.76
CA SER H 415 50.45 28.99 -22.16
C SER H 415 49.16 28.52 -22.80
N TYR H 416 48.74 27.30 -22.51
CA TYR H 416 47.54 26.72 -23.14
C TYR H 416 46.42 26.59 -22.13
N ALA H 417 45.21 27.05 -22.49
CA ALA H 417 44.03 26.88 -21.64
C ALA H 417 43.46 25.50 -21.99
N GLY H 418 42.63 24.96 -21.11
CA GLY H 418 41.98 23.68 -21.37
C GLY H 418 40.52 23.88 -21.76
N VAL H 419 40.04 23.11 -22.74
CA VAL H 419 38.64 23.12 -23.15
C VAL H 419 38.03 21.76 -22.91
N PHE H 420 36.84 21.73 -22.30
CA PHE H 420 36.08 20.51 -22.00
C PHE H 420 34.68 20.74 -22.55
N GLY H 421 33.95 19.69 -22.89
CA GLY H 421 32.60 19.89 -23.41
C GLY H 421 31.78 18.63 -23.58
N ASN H 422 30.50 18.80 -23.92
CA ASN H 422 29.58 17.68 -24.15
C ASN H 422 29.28 17.51 -25.63
N ASN H 423 29.94 18.30 -26.50
CA ASN H 423 29.65 18.30 -27.95
C ASN H 423 30.93 18.52 -28.77
N GLU H 424 31.30 17.52 -29.58
CA GLU H 424 32.50 17.53 -30.41
C GLU H 424 32.55 18.65 -31.45
N GLU H 425 31.42 18.95 -32.11
CA GLU H 425 31.33 20.02 -33.11
C GLU H 425 31.66 21.37 -32.47
N LEU H 426 31.07 21.64 -31.29
CA LEU H 426 31.35 22.88 -30.55
C LEU H 426 32.82 22.97 -30.11
N ILE H 427 33.39 21.86 -29.58
CA ILE H 427 34.80 21.81 -29.19
C ILE H 427 35.69 22.17 -30.37
N ASN H 428 35.42 21.57 -31.54
CA ASN H 428 36.18 21.83 -32.79
C ASN H 428 36.10 23.30 -33.22
N LYS H 429 34.93 23.93 -33.04
CA LYS H 429 34.73 25.37 -33.32
C LYS H 429 35.61 26.23 -32.40
N ILE H 430 35.71 25.83 -31.10
CA ILE H 430 36.59 26.52 -30.14
C ILE H 430 38.06 26.34 -30.55
N LEU H 431 38.44 25.09 -30.93
CA LEU H 431 39.81 24.81 -31.38
C LEU H 431 40.18 25.60 -32.64
N GLN H 432 39.22 25.77 -33.56
CA GLN H 432 39.42 26.58 -34.78
C GLN H 432 39.61 28.07 -34.39
N SER H 433 38.78 28.56 -33.45
CA SER H 433 38.84 29.96 -32.95
C SER H 433 40.17 30.21 -32.26
N SER H 434 40.70 29.17 -31.59
CA SER H 434 42.00 29.23 -30.90
C SER H 434 43.11 29.44 -31.92
N LYS H 435 43.04 28.73 -33.07
CA LYS H 435 44.03 28.84 -34.14
C LYS H 435 44.03 30.24 -34.79
N THR H 436 42.86 30.79 -35.09
CA THR H 436 42.75 32.10 -35.75
C THR H 436 42.96 33.29 -34.82
N SER H 437 42.66 33.15 -33.51
CA SER H 437 42.89 34.21 -32.53
C SER H 437 44.32 34.15 -32.00
N ASN H 438 44.99 32.99 -32.18
CA ASN H 438 46.33 32.73 -31.67
C ASN H 438 46.37 32.74 -30.14
N GLU H 439 45.24 32.35 -29.50
CA GLU H 439 45.14 32.20 -28.04
C GLU H 439 45.04 30.70 -27.86
N PRO H 440 46.16 30.03 -27.46
CA PRO H 440 46.17 28.56 -27.47
C PRO H 440 45.30 27.84 -26.46
N VAL H 441 44.61 26.81 -26.95
CA VAL H 441 43.69 26.00 -26.16
C VAL H 441 43.94 24.50 -26.50
N TRP H 442 43.78 23.61 -25.53
CA TRP H 442 43.94 22.18 -25.76
C TRP H 442 42.70 21.45 -25.25
N TRP H 443 42.21 20.52 -26.02
CA TRP H 443 41.04 19.73 -25.66
C TRP H 443 41.39 18.68 -24.61
N LEU H 444 40.67 18.72 -23.49
CA LEU H 444 40.83 17.79 -22.37
C LEU H 444 39.53 17.01 -22.19
N PRO H 445 39.59 15.73 -21.73
CA PRO H 445 38.35 14.92 -21.69
C PRO H 445 37.49 15.09 -20.46
N ILE H 446 36.20 14.82 -20.63
CA ILE H 446 35.27 14.75 -19.49
C ILE H 446 35.15 13.23 -19.25
N ILE H 447 35.88 12.72 -18.27
CA ILE H 447 35.91 11.26 -18.01
C ILE H 447 34.73 10.84 -17.15
N ASN H 448 33.73 10.21 -17.81
CA ASN H 448 32.49 9.75 -17.15
C ASN H 448 32.68 8.82 -15.99
N GLU H 449 33.77 8.05 -15.97
CA GLU H 449 34.07 7.12 -14.87
C GLU H 449 34.20 7.87 -13.53
N TYR H 450 34.60 9.15 -13.56
CA TYR H 450 34.79 9.93 -12.33
C TYR H 450 33.46 10.49 -11.77
N ARG H 451 32.35 10.39 -12.53
CA ARG H 451 31.05 10.92 -12.09
C ARG H 451 30.57 10.33 -10.75
N ALA H 452 30.84 9.04 -10.50
CA ALA H 452 30.46 8.37 -9.24
C ALA H 452 31.11 9.02 -8.00
N THR H 453 32.22 9.73 -8.18
CA THR H 453 32.90 10.42 -7.05
C THR H 453 32.08 11.66 -6.58
N LEU H 454 31.10 12.09 -7.39
CA LEU H 454 30.22 13.21 -7.04
C LEU H 454 28.91 12.73 -6.43
N ASN H 455 28.77 11.41 -6.18
CA ASN H 455 27.54 10.89 -5.55
C ASN H 455 27.54 11.27 -4.07
N SER H 456 26.52 12.04 -3.66
CA SER H 456 26.40 12.49 -2.28
C SER H 456 25.50 11.51 -1.51
N LYS H 457 25.80 11.28 -0.22
CA LYS H 457 24.94 10.42 0.59
C LYS H 457 23.55 11.11 0.87
N TYR H 458 23.56 12.44 1.00
CA TYR H 458 22.38 13.23 1.37
C TYR H 458 21.78 14.10 0.31
N ALA H 459 22.63 14.86 -0.43
CA ALA H 459 22.15 15.74 -1.47
C ALA H 459 22.07 14.97 -2.81
N ASP H 460 21.54 15.59 -3.86
CA ASP H 460 21.49 15.00 -5.19
C ASP H 460 22.90 14.83 -5.77
N ILE H 461 23.83 15.72 -5.39
CA ILE H 461 25.20 15.71 -5.89
C ILE H 461 26.16 16.40 -4.95
N ASN H 462 27.42 15.97 -4.97
CA ASN H 462 28.52 16.61 -4.25
C ASN H 462 29.08 17.67 -5.18
N GLN H 463 29.54 18.77 -4.59
CA GLN H 463 30.22 19.85 -5.29
C GLN H 463 31.61 19.35 -5.72
N ILE H 464 32.24 18.56 -4.83
CA ILE H 464 33.59 18.05 -5.07
C ILE H 464 33.71 16.55 -4.89
N SER H 465 34.80 16.03 -5.44
CA SER H 465 35.18 14.66 -5.21
C SER H 465 36.03 14.68 -3.93
N SER H 466 35.98 13.58 -3.16
CA SER H 466 36.77 13.43 -1.94
C SER H 466 38.29 13.57 -2.21
N SER H 467 38.85 12.85 -3.33
CA SER H 467 40.25 12.82 -3.78
C SER H 467 40.67 14.14 -4.44
N VAL H 468 41.89 14.57 -4.23
CA VAL H 468 42.42 15.72 -4.94
C VAL H 468 42.51 15.47 -6.45
N LYS H 469 42.91 14.30 -6.86
CA LYS H 469 42.76 13.82 -8.18
C LYS H 469 42.62 14.86 -9.33
N ALA H 470 42.01 14.38 -10.38
CA ALA H 470 41.76 15.06 -11.65
C ALA H 470 40.68 16.15 -11.46
N SER H 471 40.96 17.15 -10.63
CA SER H 471 40.06 18.25 -10.25
C SER H 471 39.48 19.06 -11.41
N SER H 472 40.28 19.37 -12.46
CA SER H 472 39.73 20.13 -13.61
C SER H 472 38.65 19.32 -14.33
N ILE H 473 38.83 18.00 -14.41
CA ILE H 473 37.88 17.08 -15.05
C ILE H 473 36.66 16.93 -14.16
N VAL H 474 36.85 16.71 -12.83
CA VAL H 474 35.73 16.59 -11.89
C VAL H 474 34.87 17.87 -11.88
N ALA H 475 35.50 19.05 -11.93
CA ALA H 475 34.78 20.34 -12.00
C ALA H 475 33.91 20.37 -13.27
N SER H 476 34.47 19.87 -14.41
CA SER H 476 33.73 19.80 -15.70
C SER H 476 32.54 18.84 -15.61
N LEU H 477 32.71 17.70 -14.91
CA LEU H 477 31.61 16.73 -14.70
C LEU H 477 30.48 17.38 -13.87
N PHE H 478 30.85 18.19 -12.87
CA PHE H 478 29.86 18.88 -12.05
C PHE H 478 29.07 19.88 -12.92
N LEU H 479 29.78 20.70 -13.73
CA LEU H 479 29.15 21.70 -14.60
C LEU H 479 28.22 21.07 -15.62
N LYS H 480 28.63 19.91 -16.16
CA LYS H 480 27.85 19.16 -17.17
C LYS H 480 26.43 18.80 -16.64
N GLU H 481 26.28 18.62 -15.32
CA GLU H 481 25.00 18.30 -14.69
C GLU H 481 24.00 19.47 -14.77
N PHE H 482 24.48 20.68 -15.15
CA PHE H 482 23.64 21.87 -15.22
C PHE H 482 23.27 22.30 -16.62
N VAL H 483 23.58 21.44 -17.60
CA VAL H 483 23.26 21.63 -19.02
C VAL H 483 22.55 20.34 -19.45
N GLN H 484 21.25 20.45 -19.69
CA GLN H 484 20.42 19.28 -20.00
C GLN H 484 20.41 18.86 -21.48
N ASN H 485 20.25 19.81 -22.40
CA ASN H 485 20.10 19.46 -23.81
C ASN H 485 20.66 20.50 -24.77
N THR H 486 21.81 21.10 -24.43
CA THR H 486 22.43 22.12 -25.28
C THR H 486 23.91 21.83 -25.42
N ALA H 487 24.46 22.12 -26.62
CA ALA H 487 25.90 22.00 -26.90
C ALA H 487 26.60 23.01 -25.96
N TRP H 488 27.51 22.51 -25.15
CA TRP H 488 28.21 23.29 -24.14
C TRP H 488 29.70 22.97 -24.09
N ALA H 489 30.52 24.00 -23.90
CA ALA H 489 31.96 23.90 -23.74
C ALA H 489 32.40 24.77 -22.57
N HIS H 490 33.45 24.36 -21.89
CA HIS H 490 33.97 25.02 -20.69
C HIS H 490 35.47 25.24 -20.89
N ILE H 491 35.91 26.50 -20.78
CA ILE H 491 37.31 26.86 -20.98
C ILE H 491 37.92 27.23 -19.62
N ASP H 492 38.85 26.39 -19.14
CA ASP H 492 39.50 26.64 -17.87
C ASP H 492 40.77 27.44 -18.10
N ILE H 493 40.75 28.71 -17.69
CA ILE H 493 41.83 29.69 -17.87
C ILE H 493 42.62 29.99 -16.59
N ALA H 494 42.45 29.14 -15.55
CA ALA H 494 43.16 29.33 -14.27
C ALA H 494 44.70 29.42 -14.43
N GLY H 495 45.25 28.66 -15.36
CA GLY H 495 46.70 28.67 -15.59
C GLY H 495 47.21 29.76 -16.52
N VAL H 496 46.39 30.18 -17.50
CA VAL H 496 46.81 31.14 -18.52
C VAL H 496 46.46 32.60 -18.27
N SER H 497 45.51 32.89 -17.39
CA SER H 497 45.01 34.26 -17.23
C SER H 497 46.05 35.30 -16.77
N TRP H 498 46.90 34.93 -15.83
CA TRP H 498 47.89 35.83 -15.28
C TRP H 498 49.27 35.63 -15.87
N ASN H 499 49.92 36.71 -16.30
CA ASN H 499 51.29 36.64 -16.81
C ASN H 499 52.20 36.84 -15.60
N PHE H 500 52.66 35.72 -15.00
CA PHE H 500 53.50 35.73 -13.81
C PHE H 500 54.82 36.49 -13.97
N LYS H 501 55.51 36.32 -15.10
CA LYS H 501 56.78 36.99 -15.39
C LYS H 501 56.62 38.52 -15.50
N ALA H 502 55.59 38.99 -16.24
CA ALA H 502 55.32 40.43 -16.44
C ALA H 502 54.50 41.05 -15.30
N ARG H 503 53.98 40.23 -14.36
CA ARG H 503 53.18 40.66 -13.19
C ARG H 503 51.92 41.43 -13.64
N LYS H 504 51.24 40.92 -14.67
CA LYS H 504 50.05 41.57 -15.22
C LYS H 504 49.07 40.57 -15.83
N PRO H 505 47.78 40.91 -16.02
CA PRO H 505 46.88 39.95 -16.69
C PRO H 505 47.18 39.87 -18.19
N LYS H 506 46.68 38.84 -18.85
CA LYS H 506 46.82 38.70 -20.29
C LYS H 506 45.56 39.17 -21.00
N GLY H 507 44.43 39.18 -20.29
CA GLY H 507 43.12 39.47 -20.89
C GLY H 507 42.76 38.31 -21.79
N PHE H 508 43.18 37.09 -21.36
CA PHE H 508 43.03 35.86 -22.16
C PHE H 508 41.57 35.52 -22.41
N GLY H 509 41.27 35.17 -23.65
CA GLY H 509 39.93 34.72 -24.01
C GLY H 509 39.11 35.70 -24.83
N VAL H 510 39.44 37.00 -24.76
CA VAL H 510 38.71 38.01 -25.53
C VAL H 510 38.72 37.69 -27.02
N ARG H 511 39.93 37.53 -27.59
CA ARG H 511 40.10 37.28 -29.03
C ARG H 511 39.56 35.93 -29.44
N LEU H 512 39.77 34.91 -28.58
CA LEU H 512 39.27 33.55 -28.77
C LEU H 512 37.74 33.55 -28.90
N LEU H 513 37.04 34.19 -27.95
CA LEU H 513 35.58 34.25 -27.96
C LEU H 513 35.03 35.08 -29.11
N THR H 514 35.72 36.20 -29.46
CA THR H 514 35.28 37.03 -30.56
C THR H 514 35.38 36.27 -31.88
N GLU H 515 36.52 35.56 -32.10
CA GLU H 515 36.74 34.77 -33.31
C GLU H 515 35.68 33.68 -33.42
N PHE H 516 35.32 33.09 -32.28
CA PHE H 516 34.27 32.08 -32.22
C PHE H 516 32.91 32.64 -32.69
N VAL H 517 32.52 33.82 -32.17
CA VAL H 517 31.27 34.51 -32.54
C VAL H 517 31.29 34.94 -34.03
N LEU H 518 32.39 35.55 -34.48
CA LEU H 518 32.56 36.09 -35.82
C LEU H 518 32.64 35.02 -36.92
N ASN H 519 33.40 33.95 -36.68
CA ASN H 519 33.58 32.89 -37.68
C ASN H 519 32.46 31.85 -37.74
N ASP H 520 31.42 32.00 -36.88
CA ASP H 520 30.25 31.12 -36.85
C ASP H 520 29.29 31.49 -37.98
N SER I 3 13.33 31.95 18.84
CA SER I 3 12.37 31.33 17.91
C SER I 3 12.50 31.62 16.41
N GLU I 4 12.53 32.90 15.97
CA GLU I 4 12.67 33.21 14.53
C GLU I 4 14.10 32.96 14.07
N VAL I 5 14.30 32.08 13.06
CA VAL I 5 15.65 31.79 12.57
C VAL I 5 16.09 32.93 11.63
N PRO I 6 17.22 33.59 11.94
CA PRO I 6 17.71 34.64 11.01
C PRO I 6 18.18 34.03 9.67
N GLN I 7 17.98 34.80 8.60
CA GLN I 7 18.37 34.42 7.23
C GLN I 7 19.28 35.49 6.63
N VAL I 8 20.21 35.11 5.75
CA VAL I 8 21.04 36.08 5.02
C VAL I 8 20.25 36.36 3.71
N VAL I 9 19.79 35.30 3.05
CA VAL I 9 18.98 35.38 1.83
C VAL I 9 17.65 34.65 2.11
N SER I 10 16.59 34.96 1.34
CA SER I 10 15.27 34.31 1.53
C SER I 10 15.31 32.78 1.27
N LEU I 11 16.37 32.29 0.60
CA LEU I 11 16.52 30.87 0.31
C LEU I 11 17.13 30.09 1.48
N ASP I 12 17.61 30.80 2.52
CA ASP I 12 18.18 30.13 3.69
C ASP I 12 17.06 29.40 4.45
N PRO I 13 17.27 28.10 4.77
CA PRO I 13 16.22 27.36 5.49
C PRO I 13 15.97 27.89 6.91
N THR I 14 14.74 27.77 7.38
CA THR I 14 14.35 28.27 8.70
C THR I 14 13.95 27.15 9.69
N SER I 15 14.11 25.87 9.27
CA SER I 15 13.85 24.74 10.14
C SER I 15 14.64 23.52 9.69
N ILE I 16 14.82 22.57 10.58
CA ILE I 16 15.44 21.29 10.26
C ILE I 16 14.31 20.38 9.79
N PRO I 17 14.35 19.79 8.56
CA PRO I 17 13.30 18.82 8.21
C PRO I 17 13.51 17.57 9.06
N ILE I 18 12.43 17.09 9.69
CA ILE I 18 12.48 15.92 10.56
C ILE I 18 11.40 14.94 10.13
N GLU I 19 11.77 13.68 9.97
CA GLU I 19 10.83 12.62 9.65
C GLU I 19 10.56 11.90 10.98
N TYR I 20 9.31 11.97 11.47
CA TYR I 20 8.89 11.30 12.71
C TYR I 20 8.25 9.97 12.36
N ASN I 21 7.30 9.96 11.42
CA ASN I 21 6.62 8.76 10.96
C ASN I 21 7.44 8.17 9.84
N THR I 22 8.37 7.25 10.20
CA THR I 22 9.27 6.65 9.22
C THR I 22 8.66 5.36 8.70
N PRO I 23 9.12 4.82 7.54
CA PRO I 23 8.57 3.53 7.06
C PRO I 23 8.77 2.39 8.05
N ILE I 24 9.79 2.46 8.93
CA ILE I 24 10.04 1.46 9.97
C ILE I 24 8.83 1.37 10.91
N HIS I 25 8.21 2.53 11.22
CA HIS I 25 7.04 2.58 12.08
C HIS I 25 5.79 1.90 11.49
N ASP I 26 5.77 1.71 10.16
CA ASP I 26 4.66 1.04 9.45
C ASP I 26 4.86 -0.48 9.35
N ILE I 27 6.01 -1.00 9.83
CA ILE I 27 6.29 -2.42 9.81
C ILE I 27 5.54 -3.10 10.97
N LYS I 28 4.67 -4.06 10.62
CA LYS I 28 3.96 -4.88 11.59
C LYS I 28 4.89 -6.04 11.93
N VAL I 29 5.30 -6.12 13.20
CA VAL I 29 6.23 -7.15 13.71
C VAL I 29 5.49 -8.24 14.47
N GLN I 30 5.76 -9.50 14.16
CA GLN I 30 5.16 -10.67 14.81
C GLN I 30 6.28 -11.59 15.22
N VAL I 31 6.28 -12.04 16.49
CA VAL I 31 7.28 -12.94 17.05
C VAL I 31 6.60 -14.27 17.36
N TYR I 32 7.15 -15.37 16.82
CA TYR I 32 6.60 -16.72 17.01
C TYR I 32 7.64 -17.63 17.63
N ASP I 33 7.18 -18.62 18.40
CA ASP I 33 8.10 -19.58 18.99
C ASP I 33 8.50 -20.59 17.92
N ILE I 34 9.80 -20.82 17.79
CA ILE I 34 10.41 -21.73 16.84
C ILE I 34 9.94 -23.19 17.02
N LYS I 35 9.58 -23.59 18.27
CA LYS I 35 9.10 -24.95 18.55
C LYS I 35 7.85 -25.38 17.77
N GLY I 36 7.00 -24.40 17.39
CA GLY I 36 5.77 -24.65 16.63
C GLY I 36 5.97 -24.73 15.12
N GLY I 37 7.21 -24.54 14.67
CA GLY I 37 7.58 -24.61 13.25
C GLY I 37 7.40 -23.32 12.48
N CYS I 38 8.12 -23.21 11.36
CA CYS I 38 8.12 -22.03 10.49
C CYS I 38 7.21 -22.17 9.30
N ASN I 39 6.31 -21.21 9.12
CA ASN I 39 5.47 -21.18 7.94
C ASN I 39 6.23 -20.33 6.91
N VAL I 40 6.35 -20.83 5.68
CA VAL I 40 7.08 -20.14 4.59
C VAL I 40 6.06 -19.88 3.48
N GLU I 41 5.45 -18.69 3.49
CA GLU I 41 4.35 -18.38 2.59
C GLU I 41 4.48 -17.24 1.61
N GLU I 42 5.26 -16.18 1.94
CA GLU I 42 5.43 -14.99 1.10
C GLU I 42 6.68 -14.18 1.52
N GLY I 43 7.15 -13.32 0.62
CA GLY I 43 8.31 -12.47 0.83
C GLY I 43 9.59 -13.26 0.92
N LEU I 44 10.53 -12.80 1.76
CA LEU I 44 11.80 -13.48 1.93
C LEU I 44 11.92 -14.05 3.35
N THR I 45 12.36 -15.31 3.50
CA THR I 45 12.60 -15.99 4.78
C THR I 45 14.07 -16.32 4.95
N ILE I 46 14.71 -15.66 5.93
CA ILE I 46 16.14 -15.77 6.23
C ILE I 46 16.41 -16.53 7.51
N PHE I 47 17.26 -17.56 7.40
CA PHE I 47 17.72 -18.35 8.53
C PHE I 47 19.05 -17.79 8.98
N LEU I 48 19.18 -17.50 10.29
CA LEU I 48 20.45 -17.04 10.85
C LEU I 48 21.12 -18.29 11.38
N VAL I 49 22.16 -18.73 10.68
CA VAL I 49 22.82 -20.01 10.96
C VAL I 49 24.30 -19.91 11.24
N ASN I 50 24.76 -20.71 12.19
CA ASN I 50 26.17 -20.82 12.52
C ASN I 50 26.57 -22.31 12.50
N ASN I 51 27.83 -22.61 12.79
CA ASN I 51 28.32 -23.98 12.89
C ASN I 51 29.46 -23.94 13.92
N PRO I 52 29.11 -24.11 15.23
CA PRO I 52 30.15 -24.02 16.28
C PRO I 52 31.29 -25.02 16.12
N GLY I 53 32.51 -24.49 16.23
CA GLY I 53 33.75 -25.28 16.09
C GLY I 53 34.23 -25.37 14.67
N LYS I 54 33.38 -25.92 13.76
CA LYS I 54 33.68 -26.10 12.34
C LYS I 54 33.75 -24.75 11.60
N GLU I 55 34.98 -24.18 11.51
CA GLU I 55 35.27 -22.91 10.85
C GLU I 55 34.87 -23.01 9.37
N ASN I 56 33.98 -22.11 8.90
CA ASN I 56 33.41 -22.11 7.55
C ASN I 56 32.74 -23.47 7.26
N GLY I 57 32.13 -24.03 8.29
CA GLY I 57 31.43 -25.31 8.23
C GLY I 57 30.15 -25.24 7.41
N PRO I 58 29.54 -26.39 7.09
CA PRO I 58 28.32 -26.36 6.25
C PRO I 58 27.08 -25.78 6.92
N VAL I 59 26.13 -25.34 6.09
CA VAL I 59 24.82 -24.82 6.50
C VAL I 59 23.95 -26.04 6.76
N LYS I 60 23.32 -26.08 7.93
CA LYS I 60 22.38 -27.13 8.31
C LYS I 60 21.22 -26.39 8.95
N ILE I 61 20.00 -26.56 8.45
CA ILE I 61 18.79 -25.91 8.96
C ILE I 61 18.14 -26.84 10.00
N SER I 62 18.13 -26.41 11.28
CA SER I 62 17.58 -27.18 12.39
C SER I 62 16.08 -27.03 12.59
N SER I 63 15.53 -25.84 12.31
CA SER I 63 14.11 -25.55 12.52
C SER I 63 13.18 -26.43 11.73
N LYS I 64 12.02 -26.71 12.33
CA LYS I 64 10.96 -27.44 11.66
C LYS I 64 10.30 -26.40 10.75
N VAL I 65 10.10 -26.76 9.48
CA VAL I 65 9.47 -25.92 8.47
C VAL I 65 8.13 -26.59 8.13
N ASN I 66 7.00 -25.86 8.34
CA ASN I 66 5.64 -26.40 8.14
C ASN I 66 5.19 -26.39 6.68
N ASP I 67 6.09 -26.83 5.82
CA ASP I 67 5.90 -26.93 4.38
C ASP I 67 6.79 -28.06 3.92
N LYS I 68 6.19 -29.04 3.23
CA LYS I 68 6.89 -30.22 2.75
C LYS I 68 7.89 -29.89 1.65
N GLN I 69 7.50 -29.05 0.67
CA GLN I 69 8.38 -28.65 -0.43
C GLN I 69 9.60 -27.88 0.05
N VAL I 70 9.39 -26.92 0.98
CA VAL I 70 10.47 -26.08 1.49
C VAL I 70 11.41 -26.93 2.38
N SER I 71 10.83 -27.84 3.21
CA SER I 71 11.63 -28.76 4.05
C SER I 71 12.56 -29.60 3.21
N GLU I 72 12.06 -30.13 2.08
CA GLU I 72 12.82 -30.93 1.11
C GLU I 72 13.97 -30.10 0.54
N PHE I 73 13.70 -28.85 0.12
CA PHE I 73 14.72 -27.96 -0.42
C PHE I 73 15.82 -27.70 0.60
N LEU I 74 15.45 -27.50 1.87
CA LEU I 74 16.36 -27.18 2.97
C LEU I 74 17.05 -28.36 3.65
N LYS I 75 16.87 -29.60 3.14
CA LYS I 75 17.54 -30.79 3.68
C LYS I 75 19.06 -30.65 3.65
N ASP I 76 19.75 -31.30 4.61
CA ASP I 76 21.20 -31.25 4.77
C ASP I 76 22.00 -31.47 3.47
N GLU I 77 21.60 -32.47 2.67
CA GLU I 77 22.26 -32.80 1.39
C GLU I 77 22.27 -31.60 0.43
N ASN I 78 21.17 -30.82 0.39
CA ASN I 78 21.07 -29.64 -0.46
C ASN I 78 21.81 -28.44 0.10
N MET I 79 21.83 -28.29 1.45
CA MET I 79 22.44 -27.15 2.13
C MET I 79 23.95 -27.23 2.34
N GLU I 80 24.52 -28.46 2.25
CA GLU I 80 25.95 -28.68 2.51
C GLU I 80 26.92 -27.93 1.60
N LYS I 81 26.49 -27.55 0.39
CA LYS I 81 27.31 -26.77 -0.56
C LYS I 81 27.51 -25.31 -0.08
N PHE I 82 26.74 -24.89 0.94
CA PHE I 82 26.82 -23.53 1.48
C PHE I 82 27.49 -23.56 2.86
N ASN I 83 28.34 -22.56 3.16
CA ASN I 83 29.03 -22.47 4.44
C ASN I 83 28.51 -21.29 5.28
N VAL I 84 28.87 -21.30 6.57
CA VAL I 84 28.42 -20.33 7.57
C VAL I 84 29.34 -19.13 7.78
N LYS I 85 30.39 -18.94 6.93
CA LYS I 85 31.33 -17.81 7.08
C LYS I 85 30.56 -16.50 7.41
N LEU I 86 30.96 -15.82 8.51
CA LEU I 86 30.34 -14.59 9.01
C LEU I 86 30.05 -13.58 7.92
N GLY I 87 28.77 -13.25 7.76
CA GLY I 87 28.32 -12.30 6.76
C GLY I 87 28.02 -12.87 5.38
N THR I 88 28.32 -14.17 5.13
CA THR I 88 28.01 -14.83 3.85
C THR I 88 26.49 -14.98 3.78
N SER I 89 25.92 -14.83 2.60
CA SER I 89 24.50 -15.01 2.41
C SER I 89 24.19 -15.62 1.05
N LYS I 90 23.06 -16.33 0.98
CA LYS I 90 22.58 -16.92 -0.26
C LYS I 90 21.07 -16.80 -0.29
N HIS I 91 20.52 -16.64 -1.52
CA HIS I 91 19.10 -16.53 -1.86
C HIS I 91 18.67 -17.81 -2.55
N PHE I 92 17.50 -18.33 -2.19
CA PHE I 92 16.91 -19.52 -2.78
C PHE I 92 15.53 -19.18 -3.31
N TYR I 93 15.10 -19.87 -4.35
CA TYR I 93 13.80 -19.70 -4.99
C TYR I 93 13.21 -21.09 -5.15
N MET I 94 11.90 -21.21 -4.84
CA MET I 94 11.18 -22.48 -4.92
C MET I 94 9.66 -22.25 -4.80
N PHE I 95 8.88 -23.31 -5.07
CA PHE I 95 7.43 -23.34 -4.91
C PHE I 95 7.13 -24.10 -3.62
N ASN I 96 6.23 -23.54 -2.79
CA ASN I 96 5.80 -24.18 -1.53
C ASN I 96 4.63 -25.15 -1.79
N ASP I 97 4.04 -25.75 -0.71
CA ASP I 97 2.93 -26.72 -0.79
C ASP I 97 1.67 -26.20 -1.52
N ASN I 98 1.43 -24.88 -1.44
CA ASN I 98 0.30 -24.19 -2.10
C ASN I 98 0.65 -23.78 -3.55
N LYS I 99 1.83 -24.24 -4.09
CA LYS I 99 2.37 -23.94 -5.42
C LYS I 99 2.60 -22.43 -5.63
N ASN I 100 2.88 -21.73 -4.51
CA ASN I 100 3.21 -20.30 -4.56
C ASN I 100 4.73 -20.21 -4.48
N SER I 101 5.33 -19.41 -5.37
CA SER I 101 6.78 -19.30 -5.36
C SER I 101 7.17 -18.55 -4.11
N VAL I 102 8.30 -18.90 -3.54
CA VAL I 102 8.76 -18.29 -2.32
C VAL I 102 10.30 -18.10 -2.31
N ALA I 103 10.78 -17.00 -1.70
CA ALA I 103 12.21 -16.72 -1.56
C ALA I 103 12.64 -17.06 -0.13
N VAL I 104 13.69 -17.86 -0.02
CA VAL I 104 14.24 -18.30 1.23
C VAL I 104 15.74 -17.98 1.15
N GLY I 105 16.40 -17.86 2.28
CA GLY I 105 17.83 -17.61 2.30
C GLY I 105 18.42 -17.81 3.67
N TYR I 106 19.70 -17.51 3.80
CA TYR I 106 20.38 -17.58 5.08
C TYR I 106 21.45 -16.52 5.14
N VAL I 107 21.87 -16.17 6.35
CA VAL I 107 23.03 -15.31 6.62
C VAL I 107 23.91 -16.12 7.54
N GLY I 108 25.17 -16.26 7.15
CA GLY I 108 26.14 -17.01 7.95
C GLY I 108 26.56 -16.22 9.18
N CYS I 109 26.52 -16.88 10.34
CA CYS I 109 26.87 -16.27 11.62
C CYS I 109 28.19 -16.81 12.22
N GLY I 110 29.00 -17.45 11.37
CA GLY I 110 30.31 -17.96 11.74
C GLY I 110 30.33 -19.20 12.59
N SER I 111 31.43 -19.38 13.35
CA SER I 111 31.64 -20.55 14.20
C SER I 111 31.76 -20.28 15.70
N VAL I 112 31.63 -19.01 16.12
CA VAL I 112 31.69 -18.63 17.54
C VAL I 112 30.24 -18.51 18.04
N ALA I 113 29.89 -19.33 19.06
CA ALA I 113 28.55 -19.41 19.67
C ALA I 113 28.00 -18.07 20.16
N ASP I 114 28.85 -17.21 20.76
CA ASP I 114 28.42 -15.91 21.25
C ASP I 114 28.92 -14.80 20.33
N LEU I 115 27.99 -14.16 19.60
CA LEU I 115 28.33 -13.06 18.68
C LEU I 115 28.54 -11.76 19.42
N SER I 116 29.59 -11.03 19.07
CA SER I 116 29.84 -9.71 19.63
C SER I 116 28.94 -8.69 18.91
N GLU I 117 28.86 -7.45 19.44
CA GLU I 117 28.11 -6.36 18.84
C GLU I 117 28.63 -6.12 17.39
N ALA I 118 29.97 -6.21 17.19
CA ALA I 118 30.61 -6.03 15.88
C ALA I 118 30.20 -7.13 14.90
N ASP I 119 30.16 -8.40 15.37
CA ASP I 119 29.75 -9.57 14.58
C ASP I 119 28.29 -9.46 14.20
N MET I 120 27.42 -9.07 15.17
CA MET I 120 25.98 -8.89 14.93
C MET I 120 25.72 -7.82 13.87
N LYS I 121 26.51 -6.74 13.90
CA LYS I 121 26.41 -5.65 12.94
C LYS I 121 26.70 -6.18 11.53
N ARG I 122 27.72 -7.06 11.37
CA ARG I 122 28.08 -7.70 10.08
C ARG I 122 26.94 -8.57 9.57
N VAL I 123 26.26 -9.32 10.48
CA VAL I 123 25.09 -10.17 10.15
C VAL I 123 23.97 -9.27 9.64
N VAL I 124 23.67 -8.18 10.38
CA VAL I 124 22.62 -7.22 10.01
C VAL I 124 22.90 -6.58 8.66
N LEU I 125 24.14 -6.13 8.44
CA LEU I 125 24.55 -5.50 7.17
C LEU I 125 24.30 -6.43 5.97
N SER I 126 24.61 -7.74 6.12
CA SER I 126 24.39 -8.74 5.09
C SER I 126 22.91 -8.91 4.81
N LEU I 127 22.10 -8.96 5.88
CA LEU I 127 20.64 -9.07 5.79
C LEU I 127 20.04 -7.85 5.07
N VAL I 128 20.58 -6.65 5.35
CA VAL I 128 20.13 -5.42 4.69
C VAL I 128 20.49 -5.42 3.18
N THR I 129 21.67 -5.98 2.80
CA THR I 129 21.99 -6.08 1.35
C THR I 129 20.94 -6.96 0.64
N MET I 130 20.25 -7.85 1.38
CA MET I 130 19.19 -8.70 0.81
C MET I 130 17.87 -7.92 0.69
N LEU I 131 17.71 -6.87 1.50
CA LEU I 131 16.50 -6.05 1.48
C LEU I 131 16.63 -4.92 0.50
N HIS I 132 17.85 -4.49 0.21
CA HIS I 132 18.04 -3.41 -0.75
C HIS I 132 17.96 -3.96 -2.15
N ASP I 133 17.42 -3.17 -3.10
CA ASP I 133 17.29 -3.57 -4.51
C ASP I 133 16.44 -4.81 -4.75
N ASN I 134 15.50 -5.07 -3.83
CA ASN I 134 14.53 -6.16 -3.94
C ASN I 134 13.21 -5.67 -3.36
N LYS I 135 12.18 -5.63 -4.20
CA LYS I 135 10.85 -5.19 -3.79
C LYS I 135 10.10 -6.32 -3.10
N LEU I 136 10.10 -6.30 -1.77
CA LEU I 136 9.45 -7.30 -0.92
C LEU I 136 8.39 -6.65 -0.02
N SER I 137 7.33 -7.40 0.29
CA SER I 137 6.29 -6.95 1.21
C SER I 137 6.57 -7.46 2.62
N LYS I 138 7.32 -8.57 2.73
CA LYS I 138 7.58 -9.22 4.01
C LYS I 138 8.97 -9.83 4.15
N LEU I 139 9.53 -9.71 5.36
CA LEU I 139 10.76 -10.38 5.72
C LEU I 139 10.45 -11.27 6.92
N THR I 140 10.91 -12.52 6.90
CA THR I 140 10.86 -13.37 8.07
C THR I 140 12.26 -13.80 8.45
N VAL I 141 12.61 -13.68 9.73
CA VAL I 141 13.93 -14.00 10.26
C VAL I 141 13.79 -15.17 11.22
N VAL I 142 14.53 -16.27 10.96
CA VAL I 142 14.53 -17.46 11.81
C VAL I 142 15.87 -17.53 12.56
N PHE I 143 15.83 -17.40 13.89
CA PHE I 143 17.02 -17.43 14.73
C PHE I 143 17.44 -18.86 15.07
N GLU I 144 18.50 -19.35 14.42
CA GLU I 144 19.04 -20.68 14.73
C GLU I 144 20.40 -20.50 15.42
N ILE I 145 20.56 -19.35 16.07
CA ILE I 145 21.74 -18.92 16.83
C ILE I 145 21.23 -18.48 18.21
N ASN I 146 22.12 -18.51 19.21
CA ASN I 146 21.74 -18.12 20.57
C ASN I 146 22.04 -16.66 20.81
N VAL I 147 20.99 -15.92 21.15
CA VAL I 147 21.10 -14.49 21.45
C VAL I 147 20.39 -14.18 22.75
N ASP I 148 20.99 -13.34 23.60
CA ASP I 148 20.29 -12.96 24.84
C ASP I 148 19.28 -11.84 24.48
N LYS I 149 18.45 -11.40 25.45
CA LYS I 149 17.44 -10.37 25.20
C LYS I 149 18.02 -9.06 24.67
N ASN I 150 19.15 -8.60 25.25
CA ASN I 150 19.82 -7.36 24.80
C ASN I 150 20.35 -7.46 23.37
N LEU I 151 20.93 -8.61 23.01
CA LEU I 151 21.48 -8.79 21.66
C LEU I 151 20.36 -8.90 20.62
N PHE I 152 19.24 -9.54 20.99
CA PHE I 152 18.07 -9.62 20.12
C PHE I 152 17.54 -8.21 19.86
N ARG I 153 17.42 -7.37 20.89
CA ARG I 153 16.99 -5.99 20.77
C ARG I 153 17.98 -5.21 19.90
N PHE I 154 19.30 -5.44 20.08
CA PHE I 154 20.35 -4.79 19.29
C PHE I 154 20.18 -5.16 17.82
N PHE I 155 19.90 -6.44 17.53
CA PHE I 155 19.67 -6.94 16.17
C PHE I 155 18.55 -6.13 15.51
N LEU I 156 17.39 -6.00 16.21
CA LEU I 156 16.23 -5.24 15.69
C LEU I 156 16.52 -3.77 15.46
N GLU I 157 17.10 -3.07 16.50
CA GLU I 157 17.48 -1.64 16.41
C GLU I 157 18.40 -1.38 15.25
N THR I 158 19.42 -2.28 15.06
CA THR I 158 20.43 -2.17 14.02
C THR I 158 19.78 -2.38 12.67
N LEU I 159 18.94 -3.41 12.57
CA LEU I 159 18.23 -3.70 11.32
C LEU I 159 17.40 -2.49 10.91
N PHE I 160 16.57 -1.95 11.85
CA PHE I 160 15.73 -0.78 11.58
C PHE I 160 16.57 0.43 11.16
N TYR I 161 17.64 0.73 11.91
CA TYR I 161 18.52 1.87 11.63
C TYR I 161 19.22 1.77 10.27
N GLU I 162 19.82 0.63 9.96
CA GLU I 162 20.56 0.40 8.71
C GLU I 162 19.66 0.31 7.48
N TYR I 163 18.45 -0.21 7.66
CA TYR I 163 17.44 -0.33 6.58
C TYR I 163 16.93 1.04 6.14
N MET I 164 16.72 1.93 7.10
CA MET I 164 16.21 3.28 6.90
C MET I 164 17.17 4.13 6.05
N THR I 165 16.65 4.79 5.01
CA THR I 165 17.46 5.66 4.13
C THR I 165 16.95 7.10 4.28
N ASP I 166 17.87 8.02 4.63
CA ASP I 166 17.56 9.42 4.83
C ASP I 166 17.57 10.17 3.50
N GLU I 167 16.37 10.51 3.00
CA GLU I 167 16.19 11.22 1.74
C GLU I 167 15.67 12.68 1.91
N ARG I 168 15.77 13.25 3.14
CA ARG I 168 15.30 14.62 3.40
C ARG I 168 15.93 15.67 2.48
N PHE I 169 17.19 15.48 2.07
CA PHE I 169 17.91 16.46 1.26
C PHE I 169 18.02 16.09 -0.21
N LYS I 170 17.35 15.01 -0.61
CA LYS I 170 17.27 14.57 -2.01
C LYS I 170 16.08 15.29 -2.64
N SER I 171 16.24 15.74 -3.89
CA SER I 171 15.19 16.45 -4.61
C SER I 171 15.01 15.79 -5.98
N THR I 172 16.00 15.93 -6.87
CA THR I 172 15.97 15.31 -8.22
C THR I 172 16.55 13.88 -8.22
N ASP I 173 17.20 13.46 -7.12
CA ASP I 173 17.89 12.16 -7.00
C ASP I 173 17.32 11.19 -5.93
N LYS I 174 16.02 11.27 -5.68
CA LYS I 174 15.36 10.32 -4.79
C LYS I 174 15.41 8.92 -5.44
N ASN I 175 15.48 7.86 -4.64
CA ASN I 175 15.55 6.50 -5.16
C ASN I 175 14.13 6.08 -5.57
N VAL I 176 13.90 6.00 -6.88
CA VAL I 176 12.61 5.66 -7.50
C VAL I 176 12.13 4.24 -7.11
N ASN I 177 13.07 3.34 -6.77
CA ASN I 177 12.82 1.95 -6.41
C ASN I 177 12.71 1.70 -4.91
N MET I 178 12.70 2.78 -4.12
CA MET I 178 12.60 2.69 -2.67
C MET I 178 11.22 2.17 -2.17
N GLU I 179 11.13 0.87 -1.88
CA GLU I 179 9.91 0.24 -1.35
C GLU I 179 10.29 -0.56 -0.11
N TYR I 180 9.66 -0.27 1.02
CA TYR I 180 9.94 -0.94 2.30
C TYR I 180 9.00 -2.09 2.58
N ILE I 181 9.48 -3.13 3.30
CA ILE I 181 8.63 -4.24 3.76
C ILE I 181 7.54 -3.66 4.69
N LYS I 182 6.38 -4.31 4.73
CA LYS I 182 5.26 -3.89 5.58
C LYS I 182 5.12 -4.82 6.76
N HIS I 183 5.78 -5.98 6.69
CA HIS I 183 5.70 -7.01 7.71
C HIS I 183 7.04 -7.60 8.02
N LEU I 184 7.27 -7.88 9.33
CA LEU I 184 8.46 -8.55 9.81
C LEU I 184 8.04 -9.69 10.71
N GLY I 185 8.37 -10.92 10.33
CA GLY I 185 8.11 -12.11 11.12
C GLY I 185 9.41 -12.57 11.76
N VAL I 186 9.35 -12.97 13.03
CA VAL I 186 10.55 -13.43 13.76
C VAL I 186 10.23 -14.76 14.41
N TYR I 187 11.07 -15.77 14.15
CA TYR I 187 10.95 -17.07 14.78
C TYR I 187 12.16 -17.23 15.71
N ILE I 188 11.91 -17.38 17.01
CA ILE I 188 12.94 -17.51 18.04
C ILE I 188 12.49 -18.46 19.17
N ASN I 189 13.45 -19.16 19.77
CA ASN I 189 13.25 -20.07 20.90
C ASN I 189 12.83 -19.23 22.10
N ASN I 190 11.82 -19.69 22.88
CA ASN I 190 11.29 -18.97 24.05
C ASN I 190 10.82 -17.55 23.68
N ALA I 191 10.10 -17.43 22.54
CA ALA I 191 9.59 -16.19 21.96
C ALA I 191 8.85 -15.25 22.91
N ASP I 192 8.14 -15.79 23.93
CA ASP I 192 7.41 -14.96 24.89
C ASP I 192 8.33 -14.02 25.66
N THR I 193 9.58 -14.44 25.95
CA THR I 193 10.55 -13.63 26.65
C THR I 193 11.12 -12.48 25.81
N TYR I 194 11.10 -12.63 24.47
CA TYR I 194 11.65 -11.65 23.53
C TYR I 194 10.66 -10.63 23.04
N LYS I 195 9.35 -10.94 23.12
CA LYS I 195 8.28 -10.05 22.66
C LYS I 195 8.36 -8.60 23.17
N GLU I 196 8.73 -8.42 24.46
CA GLU I 196 8.87 -7.08 25.05
C GLU I 196 10.04 -6.28 24.44
N GLU I 197 11.03 -6.96 23.79
CA GLU I 197 12.16 -6.27 23.15
C GLU I 197 11.77 -5.56 21.86
N VAL I 198 10.66 -5.99 21.22
CA VAL I 198 10.22 -5.43 19.94
C VAL I 198 9.94 -3.94 20.00
N GLU I 199 8.99 -3.53 20.84
CA GLU I 199 8.67 -2.12 20.93
C GLU I 199 9.77 -1.29 21.58
N LYS I 200 10.60 -1.91 22.46
CA LYS I 200 11.75 -1.22 23.05
C LYS I 200 12.77 -0.93 21.92
N ALA I 201 13.00 -1.92 21.03
CA ALA I 201 13.88 -1.76 19.87
C ALA I 201 13.38 -0.67 18.93
N ARG I 202 12.05 -0.57 18.72
CA ARG I 202 11.48 0.45 17.84
C ARG I 202 11.71 1.86 18.40
N VAL I 203 11.59 2.02 19.73
CA VAL I 203 11.83 3.28 20.44
C VAL I 203 13.31 3.64 20.35
N TYR I 204 14.21 2.67 20.66
CA TYR I 204 15.67 2.86 20.61
C TYR I 204 16.12 3.20 19.19
N TYR I 205 15.54 2.53 18.19
CA TYR I 205 15.81 2.83 16.79
C TYR I 205 15.47 4.31 16.52
N PHE I 206 14.24 4.76 16.90
CA PHE I 206 13.86 6.13 16.59
C PHE I 206 14.68 7.18 17.31
N GLY I 207 15.01 6.96 18.59
CA GLY I 207 15.85 7.90 19.33
C GLY I 207 17.18 8.07 18.61
N THR I 208 17.78 6.95 18.16
CA THR I 208 19.06 6.93 17.45
C THR I 208 18.90 7.55 16.08
N TYR I 209 17.84 7.19 15.35
CA TYR I 209 17.60 7.73 14.02
C TYR I 209 17.32 9.24 14.06
N TYR I 210 16.57 9.69 15.07
CA TYR I 210 16.26 11.11 15.31
C TYR I 210 17.59 11.86 15.55
N ALA I 211 18.49 11.31 16.41
CA ALA I 211 19.79 11.92 16.68
C ALA I 211 20.58 12.04 15.36
N SER I 212 20.58 10.96 14.57
CA SER I 212 21.21 10.87 13.25
C SER I 212 20.69 11.96 12.28
N GLN I 213 19.37 12.18 12.25
CA GLN I 213 18.75 13.21 11.41
C GLN I 213 19.24 14.61 11.76
N LEU I 214 19.38 14.92 13.06
CA LEU I 214 19.89 16.23 13.52
C LEU I 214 21.36 16.38 13.15
N ILE I 215 22.17 15.31 13.35
CA ILE I 215 23.61 15.35 13.04
C ILE I 215 23.83 15.51 11.53
N ALA I 216 23.16 14.67 10.71
CA ALA I 216 23.31 14.71 9.26
C ALA I 216 22.83 16.04 8.65
N ALA I 217 21.82 16.69 9.28
CA ALA I 217 21.30 18.00 8.84
C ALA I 217 22.48 19.01 8.83
N PRO I 218 22.78 19.61 7.66
CA PRO I 218 23.90 20.55 7.58
C PRO I 218 23.70 21.79 8.42
N SER I 219 24.79 22.52 8.65
CA SER I 219 24.82 23.71 9.50
C SER I 219 23.96 24.88 9.04
N ASN I 220 23.61 24.96 7.74
CA ASN I 220 22.69 25.99 7.27
C ASN I 220 21.24 25.63 7.70
N TYR I 221 20.91 24.33 7.77
CA TYR I 221 19.59 23.87 8.23
C TYR I 221 19.55 23.79 9.78
N CYS I 222 20.57 23.16 10.36
CA CYS I 222 20.70 22.91 11.79
C CYS I 222 21.67 23.91 12.40
N ASN I 223 21.13 24.99 12.93
CA ASN I 223 21.85 26.09 13.56
C ASN I 223 21.30 26.22 15.01
N PRO I 224 21.88 27.07 15.89
CA PRO I 224 21.40 27.14 17.28
C PRO I 224 19.90 27.42 17.47
N VAL I 225 19.33 28.22 16.57
CA VAL I 225 17.91 28.59 16.63
C VAL I 225 17.02 27.43 16.18
N SER I 226 17.28 26.85 14.99
CA SER I 226 16.48 25.75 14.47
C SER I 226 16.62 24.46 15.33
N LEU I 227 17.80 24.20 15.92
CA LEU I 227 18.06 23.04 16.79
C LEU I 227 17.26 23.19 18.11
N SER I 228 17.28 24.38 18.72
CA SER I 228 16.48 24.61 19.93
C SER I 228 14.98 24.58 19.63
N ASN I 229 14.56 25.04 18.42
CA ASN I 229 13.17 24.96 18.01
C ASN I 229 12.75 23.50 17.87
N ALA I 230 13.63 22.65 17.30
CA ALA I 230 13.35 21.22 17.14
C ALA I 230 13.22 20.55 18.51
N ALA I 231 14.05 20.95 19.50
CA ALA I 231 13.99 20.42 20.87
C ALA I 231 12.65 20.78 21.55
N VAL I 232 12.12 22.00 21.28
CA VAL I 232 10.83 22.46 21.81
C VAL I 232 9.72 21.59 21.23
N GLU I 233 9.74 21.37 19.90
CA GLU I 233 8.75 20.56 19.20
C GLU I 233 8.75 19.12 19.74
N LEU I 234 9.95 18.56 19.98
CA LEU I 234 10.10 17.21 20.55
C LEU I 234 9.48 17.17 21.96
N ALA I 235 9.79 18.16 22.80
CA ALA I 235 9.30 18.27 24.18
C ALA I 235 7.77 18.36 24.20
N GLN I 236 7.19 19.14 23.25
CA GLN I 236 5.74 19.31 23.14
C GLN I 236 5.07 18.01 22.74
N LYS I 237 5.67 17.25 21.81
CA LYS I 237 5.13 15.95 21.38
C LYS I 237 5.18 14.92 22.50
N LEU I 238 6.19 14.99 23.39
CA LEU I 238 6.37 14.03 24.48
C LEU I 238 5.79 14.48 25.81
N ASN I 239 5.25 15.70 25.88
CA ASN I 239 4.74 16.30 27.12
C ASN I 239 5.84 16.48 28.17
N LEU I 240 7.05 16.84 27.72
CA LEU I 240 8.16 17.11 28.64
C LEU I 240 8.14 18.60 28.95
N GLU I 241 8.60 18.99 30.15
CA GLU I 241 8.74 20.40 30.52
C GLU I 241 9.95 20.92 29.71
N TYR I 242 9.89 22.16 29.24
CA TYR I 242 10.99 22.72 28.45
C TYR I 242 11.17 24.17 28.75
N LYS I 243 12.39 24.63 28.58
CA LYS I 243 12.82 26.00 28.74
C LYS I 243 14.01 26.20 27.77
N ILE I 244 13.94 27.25 26.94
CA ILE I 244 15.04 27.66 26.07
C ILE I 244 15.52 28.98 26.64
N LEU I 245 16.75 28.99 27.11
CA LEU I 245 17.34 30.20 27.66
C LEU I 245 18.01 30.97 26.51
N GLY I 246 17.60 32.22 26.33
CA GLY I 246 18.17 33.10 25.32
C GLY I 246 19.30 33.94 25.88
N VAL I 247 19.90 34.80 25.04
CA VAL I 247 21.03 35.68 25.39
C VAL I 247 20.87 36.47 26.71
N LYS I 248 19.79 37.29 26.85
CA LYS I 248 19.56 38.10 28.07
C LYS I 248 19.61 37.26 29.35
N GLU I 249 18.92 36.10 29.37
CA GLU I 249 18.95 35.18 30.54
C GLU I 249 20.36 34.60 30.71
N LEU I 250 21.02 34.24 29.61
CA LEU I 250 22.39 33.69 29.67
C LEU I 250 23.38 34.71 30.24
N GLU I 251 23.16 36.02 29.96
CA GLU I 251 23.99 37.13 30.47
C GLU I 251 23.76 37.30 31.99
N GLU I 252 22.50 37.25 32.43
CA GLU I 252 22.11 37.33 33.86
C GLU I 252 22.75 36.18 34.64
N LEU I 253 22.82 34.99 34.01
CA LEU I 253 23.45 33.81 34.62
C LEU I 253 24.97 33.82 34.54
N LYS I 254 25.55 34.89 33.93
CA LYS I 254 26.99 35.13 33.80
C LYS I 254 27.72 33.99 33.07
N MET I 255 27.08 33.42 32.05
CA MET I 255 27.67 32.34 31.26
C MET I 255 28.67 32.89 30.21
N GLY I 256 29.74 33.52 30.69
CA GLY I 256 30.77 34.15 29.86
C GLY I 256 31.59 33.24 28.98
N ALA I 257 31.85 31.98 29.42
CA ALA I 257 32.62 31.04 28.60
C ALA I 257 31.78 30.60 27.39
N TYR I 258 30.54 30.19 27.62
CA TYR I 258 29.60 29.78 26.58
C TYR I 258 29.25 30.94 25.65
N LEU I 259 28.95 32.14 26.20
CA LEU I 259 28.61 33.29 25.36
C LEU I 259 29.76 33.76 24.46
N SER I 260 31.02 33.65 24.93
CA SER I 260 32.18 34.05 24.14
C SER I 260 32.31 33.21 22.86
N VAL I 261 32.07 31.90 22.96
CA VAL I 261 32.15 30.99 21.81
C VAL I 261 31.17 31.42 20.68
N GLY I 262 29.94 31.78 21.06
CA GLY I 262 28.90 32.17 20.10
C GLY I 262 28.95 33.59 19.58
N LYS I 263 29.83 34.44 20.14
CA LYS I 263 29.97 35.87 19.75
C LYS I 263 30.08 36.12 18.25
N GLY I 264 30.84 35.30 17.55
CA GLY I 264 31.06 35.48 16.12
C GLY I 264 29.99 34.94 15.21
N SER I 265 28.90 34.38 15.76
CA SER I 265 27.83 33.77 14.98
C SER I 265 26.69 34.73 14.70
N MET I 266 26.03 34.53 13.53
CA MET I 266 24.83 35.30 13.17
C MET I 266 23.62 34.73 13.93
N TYR I 267 23.77 33.52 14.52
CA TYR I 267 22.71 32.87 15.26
C TYR I 267 22.88 33.08 16.76
N PRO I 268 21.87 33.66 17.45
CA PRO I 268 22.01 33.84 18.91
C PRO I 268 22.10 32.50 19.63
N ASN I 269 22.91 32.44 20.70
CA ASN I 269 23.05 31.26 21.55
C ASN I 269 21.68 30.87 22.12
N LYS I 270 21.42 29.56 22.19
CA LYS I 270 20.17 29.02 22.74
C LYS I 270 20.53 27.86 23.67
N PHE I 271 20.19 27.96 24.95
CA PHE I 271 20.49 26.91 25.91
C PHE I 271 19.24 26.06 26.10
N ILE I 272 19.33 24.76 25.72
CA ILE I 272 18.20 23.82 25.81
C ILE I 272 18.15 23.20 27.20
N HIS I 273 16.98 23.22 27.83
CA HIS I 273 16.72 22.57 29.11
C HIS I 273 15.36 21.88 29.05
N LEU I 274 15.39 20.56 28.84
CA LEU I 274 14.17 19.73 28.82
C LEU I 274 14.17 18.95 30.13
N THR I 275 12.98 18.67 30.69
CA THR I 275 12.91 17.89 31.93
C THR I 275 11.86 16.80 31.83
N TYR I 276 12.25 15.58 32.23
CA TYR I 276 11.31 14.48 32.39
C TYR I 276 11.22 14.26 33.91
N LYS I 277 10.01 14.17 34.43
CA LYS I 277 9.83 13.87 35.86
C LYS I 277 8.82 12.74 36.00
N SER I 278 9.20 11.68 36.72
CA SER I 278 8.32 10.54 36.97
C SER I 278 7.17 10.97 37.88
N LYS I 279 6.01 10.34 37.72
CA LYS I 279 4.86 10.54 38.61
C LYS I 279 5.28 9.64 39.78
N GLY I 280 5.18 10.13 40.99
CA GLY I 280 5.63 9.34 42.12
C GLY I 280 6.93 9.86 42.68
N ASP I 281 7.45 9.17 43.72
CA ASP I 281 8.66 9.56 44.43
C ASP I 281 9.90 9.53 43.55
N VAL I 282 10.67 10.62 43.54
CA VAL I 282 11.89 10.72 42.76
C VAL I 282 13.06 10.20 43.61
N LYS I 283 13.68 9.11 43.15
CA LYS I 283 14.78 8.48 43.86
C LYS I 283 16.16 8.85 43.30
N LYS I 284 16.20 9.25 42.02
CA LYS I 284 17.43 9.66 41.35
C LYS I 284 17.21 10.86 40.45
N LYS I 285 18.08 11.85 40.54
CA LYS I 285 18.05 13.06 39.71
C LYS I 285 19.31 13.04 38.86
N ILE I 286 19.14 13.18 37.56
CA ILE I 286 20.23 13.10 36.59
C ILE I 286 20.19 14.28 35.64
N ALA I 287 21.38 14.83 35.34
CA ALA I 287 21.55 15.86 34.30
C ALA I 287 22.41 15.25 33.19
N LEU I 288 21.87 15.23 31.96
CA LEU I 288 22.56 14.76 30.76
C LEU I 288 22.89 16.00 29.97
N VAL I 289 24.19 16.22 29.72
CA VAL I 289 24.71 17.41 29.06
C VAL I 289 25.34 17.04 27.73
N GLY I 290 24.85 17.62 26.64
CA GLY I 290 25.41 17.35 25.33
C GLY I 290 26.08 18.56 24.71
N LYS I 291 27.27 18.37 24.10
CA LYS I 291 27.96 19.46 23.40
C LYS I 291 27.13 19.78 22.16
N GLY I 292 26.78 21.05 22.02
CA GLY I 292 25.92 21.48 20.92
C GLY I 292 26.49 22.55 20.03
N ILE I 293 27.61 22.26 19.37
CA ILE I 293 28.22 23.21 18.43
C ILE I 293 27.66 22.84 17.05
N THR I 294 26.79 23.69 16.50
CA THR I 294 26.12 23.40 15.20
C THR I 294 27.06 23.40 14.01
N PHE I 295 28.14 24.20 14.11
CA PHE I 295 29.23 24.22 13.16
C PHE I 295 30.46 24.68 13.88
N ASP I 296 31.57 23.91 13.69
CA ASP I 296 32.83 24.29 14.30
C ASP I 296 33.84 24.64 13.23
N SER I 297 34.03 25.95 12.96
CA SER I 297 35.01 26.37 11.99
C SER I 297 36.41 26.36 12.63
N GLY I 298 36.43 26.35 13.97
CA GLY I 298 37.65 26.49 14.76
C GLY I 298 37.78 27.91 15.30
N GLY I 299 37.05 28.86 14.70
CA GLY I 299 37.13 30.28 15.03
C GLY I 299 38.43 30.85 14.47
N TYR I 300 39.02 31.88 15.13
CA TYR I 300 40.30 32.46 14.67
C TYR I 300 41.41 31.43 14.53
N ASN I 301 41.38 30.35 15.36
CA ASN I 301 42.26 29.18 15.20
C ASN I 301 41.55 28.26 14.19
N LEU I 302 41.38 28.76 12.97
CA LEU I 302 40.62 28.12 11.90
C LEU I 302 41.11 26.72 11.61
N LYS I 303 40.18 25.77 11.33
CA LYS I 303 40.51 24.40 10.92
C LYS I 303 41.01 24.49 9.47
N ALA I 304 42.28 24.88 9.32
CA ALA I 304 42.90 25.06 8.00
C ALA I 304 43.96 23.97 7.72
N ALA I 305 44.41 23.28 8.79
CA ALA I 305 45.44 22.25 8.71
C ALA I 305 44.97 21.04 7.88
N PRO I 306 45.88 20.39 7.12
CA PRO I 306 45.46 19.18 6.36
C PRO I 306 44.95 18.12 7.32
N GLY I 307 43.81 17.52 6.99
CA GLY I 307 43.19 16.53 7.86
C GLY I 307 42.48 17.08 9.08
N SER I 308 42.12 18.40 9.06
CA SER I 308 41.37 18.98 10.19
C SER I 308 39.87 18.72 10.08
N MET I 309 39.41 18.13 8.94
CA MET I 309 38.00 17.72 8.73
C MET I 309 36.92 18.81 8.93
N ILE I 310 37.21 20.05 8.52
CA ILE I 310 36.24 21.15 8.65
C ILE I 310 34.90 20.79 7.98
N ASP I 311 34.93 20.01 6.87
CA ASP I 311 33.75 19.62 6.10
C ASP I 311 32.76 18.72 6.88
N LEU I 312 33.23 18.13 7.97
CA LEU I 312 32.46 17.23 8.84
C LEU I 312 31.88 17.95 10.08
N MET I 313 32.28 19.22 10.31
CA MET I 313 31.94 19.94 11.55
C MET I 313 30.48 20.25 11.87
N LYS I 314 29.55 19.90 10.95
CA LYS I 314 28.12 19.95 11.24
C LYS I 314 27.82 18.87 12.33
N PHE I 315 28.73 17.88 12.50
CA PHE I 315 28.57 16.79 13.46
C PHE I 315 28.93 17.20 14.90
N ASP I 316 29.40 18.46 15.09
CA ASP I 316 29.86 18.91 16.40
C ASP I 316 28.75 19.12 17.45
N MET I 317 27.49 18.85 17.06
CA MET I 317 26.32 18.90 17.96
C MET I 317 25.80 17.46 18.21
N SER I 318 26.66 16.42 17.91
CA SER I 318 26.33 15.00 18.12
C SER I 318 25.99 14.70 19.58
N GLY I 319 26.66 15.39 20.50
CA GLY I 319 26.41 15.21 21.93
C GLY I 319 25.01 15.66 22.27
N CYS I 320 24.64 16.88 21.77
CA CYS I 320 23.30 17.42 21.96
C CYS I 320 22.27 16.47 21.32
N ALA I 321 22.56 15.96 20.11
CA ALA I 321 21.66 15.04 19.39
C ALA I 321 21.46 13.75 20.18
N ALA I 322 22.53 13.19 20.80
CA ALA I 322 22.41 11.97 21.63
C ALA I 322 21.49 12.24 22.83
N VAL I 323 21.64 13.42 23.47
CA VAL I 323 20.82 13.84 24.61
C VAL I 323 19.33 14.00 24.23
N LEU I 324 19.06 14.59 23.06
CA LEU I 324 17.69 14.75 22.56
C LEU I 324 17.06 13.42 22.14
N GLY I 325 17.87 12.53 21.55
CA GLY I 325 17.44 11.18 21.20
C GLY I 325 17.09 10.42 22.48
N CYS I 326 17.90 10.61 23.55
CA CYS I 326 17.63 10.01 24.85
C CYS I 326 16.32 10.56 25.42
N ALA I 327 16.06 11.88 25.28
CA ALA I 327 14.80 12.50 25.73
C ALA I 327 13.62 11.85 25.04
N TYR I 328 13.76 11.53 23.73
CA TYR I 328 12.69 10.83 23.00
C TYR I 328 12.42 9.44 23.67
N CYS I 329 13.47 8.64 23.89
CA CYS I 329 13.34 7.30 24.47
C CYS I 329 12.74 7.34 25.89
N VAL I 330 13.26 8.24 26.75
CA VAL I 330 12.81 8.41 28.14
C VAL I 330 11.35 8.89 28.18
N GLY I 331 11.03 9.89 27.38
CA GLY I 331 9.69 10.45 27.27
C GLY I 331 8.67 9.46 26.75
N THR I 332 9.12 8.48 25.93
CA THR I 332 8.25 7.45 25.37
C THR I 332 8.09 6.29 26.35
N LEU I 333 9.20 5.78 26.91
CA LEU I 333 9.19 4.63 27.81
C LEU I 333 8.69 4.94 29.22
N LYS I 334 8.77 6.21 29.61
CA LYS I 334 8.29 6.73 30.90
C LYS I 334 8.81 5.95 32.12
N PRO I 335 10.14 5.95 32.39
CA PRO I 335 10.63 5.26 33.60
C PRO I 335 10.10 5.89 34.89
N GLU I 336 10.04 5.08 35.96
CA GLU I 336 9.57 5.52 37.27
C GLU I 336 10.74 5.98 38.15
N ASN I 337 10.42 6.76 39.20
CA ASN I 337 11.32 7.22 40.25
C ASN I 337 12.55 8.02 39.82
N VAL I 338 12.45 8.68 38.67
CA VAL I 338 13.56 9.46 38.13
C VAL I 338 13.16 10.85 37.65
N GLU I 339 14.09 11.80 37.76
CA GLU I 339 13.94 13.14 37.22
C GLU I 339 15.18 13.35 36.36
N ILE I 340 14.96 13.60 35.07
CA ILE I 340 16.06 13.76 34.11
C ILE I 340 16.00 15.13 33.48
N HIS I 341 17.14 15.83 33.49
CA HIS I 341 17.33 17.13 32.86
C HIS I 341 18.19 16.90 31.62
N PHE I 342 17.68 17.32 30.45
CA PHE I 342 18.35 17.17 29.16
C PHE I 342 18.83 18.55 28.75
N LEU I 343 20.15 18.74 28.79
CA LEU I 343 20.73 20.06 28.62
C LEU I 343 21.71 20.15 27.49
N SER I 344 21.77 21.32 26.84
CA SER I 344 22.73 21.64 25.80
C SER I 344 22.91 23.13 25.62
N ALA I 345 24.16 23.60 25.75
CA ALA I 345 24.54 24.98 25.53
C ALA I 345 24.84 25.08 24.02
N VAL I 346 23.81 25.34 23.23
CA VAL I 346 23.89 25.37 21.77
C VAL I 346 24.42 26.70 21.23
N CYS I 347 25.39 26.62 20.31
CA CYS I 347 25.97 27.78 19.64
C CYS I 347 26.74 27.34 18.40
N GLU I 348 27.31 28.30 17.68
CA GLU I 348 28.08 28.07 16.45
C GLU I 348 29.41 28.82 16.59
N ASN I 349 30.56 28.16 16.24
CA ASN I 349 31.93 28.70 16.38
C ASN I 349 32.43 29.24 15.04
N MET I 350 32.34 30.57 14.87
CA MET I 350 32.58 31.25 13.59
C MET I 350 33.66 32.31 13.59
N VAL I 351 34.03 32.78 12.38
CA VAL I 351 35.04 33.83 12.19
C VAL I 351 34.33 35.11 11.76
N SER I 352 34.55 36.17 12.52
CA SER I 352 33.84 37.43 12.35
C SER I 352 34.62 38.54 13.05
N LYS I 353 34.26 39.80 12.79
CA LYS I 353 34.79 40.94 13.55
C LYS I 353 34.34 40.78 15.02
N ASN I 354 33.22 40.07 15.25
CA ASN I 354 32.65 39.89 16.58
C ASN I 354 33.14 38.66 17.36
N SER I 355 33.96 37.79 16.74
CA SER I 355 34.42 36.56 17.42
C SER I 355 35.34 36.78 18.61
N TYR I 356 35.37 35.80 19.52
CA TYR I 356 36.34 35.83 20.61
C TYR I 356 37.72 35.49 19.99
N ARG I 357 38.79 35.95 20.64
CA ARG I 357 40.13 35.79 20.09
C ARG I 357 41.00 34.89 20.93
N PRO I 358 42.02 34.23 20.32
CA PRO I 358 43.03 33.54 21.14
C PRO I 358 43.66 34.58 22.09
N GLY I 359 43.85 34.21 23.34
CA GLY I 359 44.39 35.11 24.35
C GLY I 359 43.35 35.79 25.20
N ASP I 360 42.08 35.86 24.76
CA ASP I 360 41.03 36.53 25.54
C ASP I 360 40.85 35.88 26.90
N ILE I 361 40.56 36.70 27.92
CA ILE I 361 40.28 36.19 29.25
C ILE I 361 38.80 36.37 29.48
N ILE I 362 38.12 35.26 29.74
CA ILE I 362 36.67 35.24 29.89
C ILE I 362 36.29 34.69 31.26
N THR I 363 35.11 35.07 31.78
CA THR I 363 34.67 34.63 33.12
C THR I 363 33.50 33.66 33.02
N ALA I 364 33.70 32.43 33.54
CA ALA I 364 32.64 31.41 33.57
C ALA I 364 31.60 31.78 34.65
N SER I 365 30.42 31.14 34.60
CA SER I 365 29.32 31.37 35.53
C SER I 365 29.61 31.04 37.01
N ASN I 366 30.71 30.33 37.30
CA ASN I 366 31.11 30.06 38.68
C ASN I 366 32.19 31.07 39.14
N GLY I 367 32.45 32.09 38.31
CA GLY I 367 33.41 33.14 38.63
C GLY I 367 34.86 32.85 38.25
N LYS I 368 35.16 31.64 37.74
CA LYS I 368 36.52 31.33 37.32
C LYS I 368 36.89 32.05 36.03
N THR I 369 38.04 32.73 36.03
CA THR I 369 38.53 33.39 34.82
C THR I 369 39.34 32.37 34.02
N ILE I 370 39.14 32.36 32.70
CA ILE I 370 39.77 31.40 31.79
C ILE I 370 40.55 32.14 30.71
N GLU I 371 41.80 31.76 30.51
CA GLU I 371 42.58 32.32 29.43
C GLU I 371 42.41 31.41 28.22
N VAL I 372 41.91 31.96 27.10
CA VAL I 372 41.69 31.21 25.86
C VAL I 372 43.03 31.03 25.17
N GLY I 373 43.49 29.79 25.04
CA GLY I 373 44.75 29.50 24.34
C GLY I 373 44.50 29.19 22.87
N ASN I 374 43.29 28.70 22.56
CA ASN I 374 42.95 28.30 21.20
C ASN I 374 41.42 28.31 21.07
N THR I 375 40.91 29.08 20.12
CA THR I 375 39.45 29.23 19.89
C THR I 375 38.78 27.93 19.39
N ASP I 376 39.58 26.95 18.91
CA ASP I 376 39.12 25.64 18.44
C ASP I 376 38.92 24.65 19.60
N ALA I 377 39.28 25.04 20.85
CA ALA I 377 38.97 24.22 22.02
C ALA I 377 37.69 24.83 22.65
N GLU I 378 36.70 25.12 21.81
CA GLU I 378 35.45 25.77 22.19
C GLU I 378 34.47 24.93 22.99
N GLY I 379 34.44 23.62 22.72
CA GLY I 379 33.50 22.70 23.35
C GLY I 379 33.63 22.70 24.85
N ARG I 380 34.88 22.69 25.37
CA ARG I 380 35.08 22.68 26.82
C ARG I 380 34.60 23.98 27.49
N LEU I 381 34.60 25.11 26.75
CA LEU I 381 34.12 26.39 27.28
C LEU I 381 32.62 26.37 27.42
N THR I 382 31.91 25.86 26.39
CA THR I 382 30.44 25.77 26.45
C THR I 382 30.02 24.78 27.53
N LEU I 383 30.75 23.65 27.61
CA LEU I 383 30.50 22.61 28.60
C LEU I 383 30.75 23.09 30.04
N ALA I 384 31.77 23.94 30.25
CA ALA I 384 32.09 24.50 31.58
C ALA I 384 30.86 25.22 32.14
N ASP I 385 30.23 26.09 31.33
CA ASP I 385 29.02 26.79 31.78
C ASP I 385 27.82 25.84 31.90
N ALA I 386 27.70 24.83 31.01
CA ALA I 386 26.58 23.88 31.10
C ALA I 386 26.72 23.02 32.36
N LEU I 387 27.95 22.68 32.74
CA LEU I 387 28.24 21.90 33.95
C LEU I 387 27.91 22.67 35.23
N VAL I 388 28.23 23.98 35.25
CA VAL I 388 27.90 24.85 36.40
C VAL I 388 26.37 24.89 36.54
N TYR I 389 25.67 25.06 35.41
CA TYR I 389 24.21 25.09 35.37
C TYR I 389 23.63 23.77 35.89
N ALA I 390 24.14 22.61 35.40
CA ALA I 390 23.71 21.29 35.80
C ALA I 390 23.88 21.06 37.30
N GLU I 391 25.05 21.45 37.86
CA GLU I 391 25.30 21.28 39.29
C GLU I 391 24.37 22.11 40.18
N LYS I 392 23.96 23.31 39.71
CA LYS I 392 23.01 24.17 40.43
C LYS I 392 21.62 23.51 40.51
N LEU I 393 21.33 22.48 39.68
CA LEU I 393 20.05 21.77 39.73
C LEU I 393 19.95 20.79 40.91
N GLY I 394 21.07 20.50 41.56
CA GLY I 394 21.11 19.57 42.70
C GLY I 394 20.80 18.14 42.29
N VAL I 395 21.56 17.61 41.32
CA VAL I 395 21.34 16.26 40.82
C VAL I 395 22.30 15.25 41.50
N ASP I 396 22.03 13.95 41.32
CA ASP I 396 22.89 12.88 41.84
C ASP I 396 24.04 12.60 40.89
N TYR I 397 23.77 12.66 39.57
CA TYR I 397 24.78 12.41 38.54
C TYR I 397 24.69 13.43 37.43
N ILE I 398 25.85 13.84 36.94
CA ILE I 398 25.97 14.70 35.76
C ILE I 398 26.77 13.86 34.77
N VAL I 399 26.21 13.64 33.58
CA VAL I 399 26.91 12.93 32.52
C VAL I 399 26.92 13.84 31.31
N ASP I 400 28.14 14.17 30.82
CA ASP I 400 28.25 14.93 29.60
C ASP I 400 28.69 14.02 28.45
N ILE I 401 28.27 14.34 27.23
CA ILE I 401 28.59 13.59 26.02
C ILE I 401 28.97 14.61 24.96
N ALA I 402 30.16 14.46 24.36
CA ALA I 402 30.69 15.47 23.45
C ALA I 402 31.69 14.95 22.43
N THR I 403 31.69 15.56 21.22
CA THR I 403 32.69 15.28 20.16
C THR I 403 33.81 16.28 20.47
N LEU I 404 34.52 16.03 21.57
CA LEU I 404 35.47 16.94 22.14
C LEU I 404 36.85 17.00 21.56
N THR I 405 37.53 15.84 21.44
CA THR I 405 38.92 15.83 21.00
C THR I 405 39.19 14.89 19.83
N GLY I 406 39.91 15.43 18.85
CA GLY I 406 40.35 14.69 17.68
C GLY I 406 41.26 13.54 18.06
N ALA I 407 41.97 13.65 19.20
CA ALA I 407 42.90 12.61 19.68
C ALA I 407 42.22 11.24 19.99
N MET I 408 40.88 11.24 20.21
CA MET I 408 40.12 10.01 20.42
C MET I 408 40.30 9.05 19.23
N LEU I 409 40.42 9.59 18.00
CA LEU I 409 40.64 8.78 16.80
C LEU I 409 41.98 8.02 16.86
N TYR I 410 42.97 8.59 17.57
CA TYR I 410 44.29 8.01 17.71
C TYR I 410 44.38 7.09 18.91
N SER I 411 43.56 7.33 19.95
CA SER I 411 43.63 6.53 21.16
C SER I 411 42.71 5.32 21.10
N LEU I 412 41.39 5.51 20.87
CA LEU I 412 40.47 4.38 20.83
C LEU I 412 39.95 4.07 19.44
N GLY I 413 40.07 5.03 18.54
CA GLY I 413 39.61 4.87 17.17
C GLY I 413 38.15 5.18 16.96
N THR I 414 37.55 4.49 16.00
CA THR I 414 36.18 4.74 15.57
C THR I 414 35.10 3.87 16.22
N SER I 415 35.47 2.82 16.98
CA SER I 415 34.50 1.90 17.57
C SER I 415 34.14 2.15 19.03
N TYR I 416 35.13 2.50 19.84
CA TYR I 416 34.94 2.67 21.28
C TYR I 416 35.04 4.13 21.66
N ALA I 417 34.05 4.64 22.42
CA ALA I 417 34.09 6.00 22.95
C ALA I 417 34.90 5.94 24.26
N GLY I 418 35.39 7.07 24.71
CA GLY I 418 36.15 7.14 25.96
C GLY I 418 35.30 7.73 27.07
N VAL I 419 35.40 7.17 28.27
CA VAL I 419 34.70 7.71 29.43
C VAL I 419 35.73 8.13 30.49
N PHE I 420 35.57 9.34 31.03
CA PHE I 420 36.44 9.91 32.07
C PHE I 420 35.48 10.37 33.18
N GLY I 421 35.95 10.46 34.40
CA GLY I 421 35.08 10.94 35.47
C GLY I 421 35.76 11.13 36.81
N ASN I 422 35.03 11.69 37.78
CA ASN I 422 35.55 11.95 39.13
C ASN I 422 34.96 10.93 40.12
N ASN I 423 34.18 9.96 39.63
CA ASN I 423 33.50 9.00 40.52
C ASN I 423 33.43 7.60 39.92
N GLU I 424 34.08 6.64 40.60
CA GLU I 424 34.17 5.25 40.14
C GLU I 424 32.82 4.54 39.99
N GLU I 425 31.89 4.75 40.94
CA GLU I 425 30.54 4.14 40.89
C GLU I 425 29.80 4.58 39.63
N LEU I 426 29.84 5.90 39.31
CA LEU I 426 29.20 6.43 38.11
C LEU I 426 29.86 5.88 36.84
N ILE I 427 31.21 5.81 36.79
CA ILE I 427 31.94 5.24 35.65
C ILE I 427 31.49 3.80 35.40
N ASN I 428 31.40 2.99 36.48
CA ASN I 428 30.93 1.59 36.39
C ASN I 428 29.51 1.47 35.88
N LYS I 429 28.62 2.42 36.25
CA LYS I 429 27.23 2.44 35.77
C LYS I 429 27.21 2.72 34.26
N ILE I 430 28.11 3.61 33.79
CA ILE I 430 28.21 3.92 32.35
C ILE I 430 28.74 2.67 31.61
N LEU I 431 29.77 2.01 32.18
CA LEU I 431 30.34 0.79 31.59
C LEU I 431 29.27 -0.31 31.51
N GLN I 432 28.43 -0.45 32.54
CA GLN I 432 27.33 -1.42 32.54
C GLN I 432 26.30 -1.07 31.45
N SER I 433 25.97 0.23 31.32
CA SER I 433 25.02 0.72 30.30
C SER I 433 25.58 0.47 28.88
N SER I 434 26.93 0.56 28.75
CA SER I 434 27.63 0.28 27.50
C SER I 434 27.43 -1.19 27.09
N LYS I 435 27.53 -2.10 28.06
CA LYS I 435 27.36 -3.54 27.84
C LYS I 435 25.93 -3.89 27.40
N THR I 436 24.91 -3.32 28.08
CA THR I 436 23.51 -3.62 27.75
C THR I 436 22.96 -2.91 26.51
N SER I 437 23.52 -1.73 26.17
CA SER I 437 23.13 -0.98 24.98
C SER I 437 23.90 -1.46 23.76
N ASN I 438 25.03 -2.13 24.00
CA ASN I 438 25.95 -2.61 22.97
C ASN I 438 26.61 -1.44 22.20
N GLU I 439 26.79 -0.29 22.90
CA GLU I 439 27.48 0.90 22.37
C GLU I 439 28.79 0.94 23.14
N PRO I 440 29.90 0.48 22.52
CA PRO I 440 31.14 0.31 23.30
C PRO I 440 31.85 1.54 23.82
N VAL I 441 32.26 1.45 25.09
CA VAL I 441 32.94 2.54 25.81
C VAL I 441 34.14 1.97 26.58
N TRP I 442 35.24 2.74 26.69
CA TRP I 442 36.40 2.31 27.48
C TRP I 442 36.75 3.40 28.48
N TRP I 443 37.03 2.99 29.71
CA TRP I 443 37.42 3.91 30.76
C TRP I 443 38.86 4.41 30.58
N LEU I 444 39.00 5.73 30.52
CA LEU I 444 40.29 6.42 30.38
C LEU I 444 40.55 7.28 31.62
N PRO I 445 41.81 7.48 32.03
CA PRO I 445 42.07 8.19 33.30
C PRO I 445 42.10 9.71 33.22
N ILE I 446 41.83 10.37 34.34
CA ILE I 446 41.99 11.80 34.49
C ILE I 446 43.29 11.88 35.31
N ILE I 447 44.40 12.15 34.61
CA ILE I 447 45.73 12.15 35.25
C ILE I 447 46.01 13.51 35.90
N ASN I 448 45.91 13.55 37.22
CA ASN I 448 46.09 14.77 38.02
C ASN I 448 47.45 15.46 37.83
N GLU I 449 48.49 14.71 37.50
CA GLU I 449 49.83 15.25 37.24
C GLU I 449 49.81 16.29 36.09
N TYR I 450 48.86 16.18 35.16
CA TYR I 450 48.78 17.12 34.04
C TYR I 450 48.04 18.42 34.39
N ARG I 451 47.41 18.50 35.58
CA ARG I 451 46.67 19.69 36.00
C ARG I 451 47.53 20.96 36.01
N ALA I 452 48.82 20.87 36.41
CA ALA I 452 49.73 22.01 36.45
C ALA I 452 49.92 22.66 35.07
N THR I 453 49.68 21.92 33.97
CA THR I 453 49.78 22.46 32.60
C THR I 453 48.65 23.47 32.30
N LEU I 454 47.60 23.49 33.13
CA LEU I 454 46.48 24.41 32.99
C LEU I 454 46.62 25.66 33.88
N ASN I 455 47.78 25.81 34.55
CA ASN I 455 48.04 26.99 35.39
C ASN I 455 48.32 28.17 34.49
N SER I 456 47.49 29.22 34.60
CA SER I 456 47.63 30.42 33.77
C SER I 456 48.43 31.48 34.54
N LYS I 457 49.24 32.27 33.85
CA LYS I 457 50.02 33.35 34.48
C LYS I 457 49.09 34.49 34.95
N TYR I 458 48.00 34.74 34.19
CA TYR I 458 47.07 35.83 34.41
C TYR I 458 45.70 35.46 34.90
N ALA I 459 45.05 34.47 34.26
CA ALA I 459 43.69 34.03 34.61
C ALA I 459 43.76 32.95 35.67
N ASP I 460 42.59 32.53 36.20
CA ASP I 460 42.55 31.47 37.20
C ASP I 460 42.99 30.14 36.59
N ILE I 461 42.70 29.94 35.30
CA ILE I 461 43.01 28.68 34.61
C ILE I 461 43.18 28.92 33.11
N ASN I 462 43.98 28.05 32.47
CA ASN I 462 44.15 28.01 31.03
C ASN I 462 43.09 27.05 30.49
N GLN I 463 42.56 27.37 29.33
CA GLN I 463 41.60 26.55 28.58
C GLN I 463 42.35 25.27 28.10
N ILE I 464 43.61 25.43 27.64
CA ILE I 464 44.41 24.33 27.09
C ILE I 464 45.79 24.26 27.68
N SER I 465 46.44 23.12 27.46
CA SER I 465 47.83 22.92 27.85
C SER I 465 48.71 23.42 26.70
N SER I 466 49.89 23.91 27.02
CA SER I 466 50.89 24.33 26.04
C SER I 466 51.64 23.06 25.55
N SER I 467 52.14 22.24 26.54
CA SER I 467 52.94 21.01 26.37
C SER I 467 52.19 19.67 26.16
N VAL I 468 51.68 19.05 27.24
CA VAL I 468 51.01 17.74 27.38
C VAL I 468 50.85 16.75 26.16
N LYS I 469 50.03 17.12 25.15
CA LYS I 469 49.65 16.31 23.97
C LYS I 469 48.51 15.31 24.29
N ALA I 470 48.39 14.82 25.59
CA ALA I 470 47.29 13.93 26.08
C ALA I 470 46.03 14.82 26.15
N SER I 471 45.63 15.28 24.96
CA SER I 471 44.58 16.22 24.66
C SER I 471 43.23 15.88 25.31
N SER I 472 42.81 14.61 25.19
CA SER I 472 41.51 14.17 25.72
C SER I 472 41.48 14.20 27.26
N ILE I 473 42.63 13.90 27.88
CA ILE I 473 42.80 13.89 29.33
C ILE I 473 42.82 15.33 29.86
N VAL I 474 43.58 16.22 29.20
CA VAL I 474 43.68 17.62 29.63
C VAL I 474 42.29 18.29 29.54
N ALA I 475 41.51 18.01 28.48
CA ALA I 475 40.14 18.52 28.33
C ALA I 475 39.28 18.05 29.52
N SER I 476 39.43 16.79 29.94
CA SER I 476 38.68 16.24 31.09
C SER I 476 39.10 16.92 32.41
N LEU I 477 40.40 17.25 32.57
CA LEU I 477 40.90 17.96 33.77
C LEU I 477 40.30 19.37 33.82
N PHE I 478 40.16 20.02 32.65
CA PHE I 478 39.54 21.35 32.56
C PHE I 478 38.07 21.25 33.01
N LEU I 479 37.31 20.27 32.47
CA LEU I 479 35.89 20.11 32.77
C LEU I 479 35.65 19.82 34.23
N LYS I 480 36.55 19.01 34.83
CA LYS I 480 36.48 18.63 36.24
C LYS I 480 36.50 19.87 37.17
N GLU I 481 37.14 20.98 36.74
CA GLU I 481 37.20 22.22 37.51
C GLU I 481 35.83 22.92 37.62
N PHE I 482 34.83 22.48 36.84
CA PHE I 482 33.48 23.07 36.82
C PHE I 482 32.42 22.23 37.50
N VAL I 483 32.86 21.15 38.19
CA VAL I 483 31.97 20.27 38.98
C VAL I 483 32.64 20.22 40.35
N GLN I 484 31.99 20.81 41.35
CA GLN I 484 32.55 20.94 42.68
C GLN I 484 32.34 19.75 43.57
N ASN I 485 31.09 19.22 43.65
CA ASN I 485 30.77 18.15 44.61
C ASN I 485 29.68 17.22 44.13
N THR I 486 29.71 16.86 42.84
CA THR I 486 28.72 15.94 42.27
C THR I 486 29.45 14.87 41.47
N ALA I 487 28.94 13.64 41.49
CA ALA I 487 29.45 12.53 40.69
C ALA I 487 29.25 12.94 39.22
N TRP I 488 30.34 12.96 38.47
CA TRP I 488 30.34 13.40 37.09
C TRP I 488 31.16 12.48 36.18
N ALA I 489 30.66 12.24 34.96
CA ALA I 489 31.35 11.46 33.95
C ALA I 489 31.24 12.19 32.62
N HIS I 490 32.28 12.04 31.78
CA HIS I 490 32.40 12.72 30.51
C HIS I 490 32.66 11.66 29.46
N ILE I 491 31.81 11.63 28.42
CA ILE I 491 31.95 10.65 27.34
C ILE I 491 32.42 11.38 26.10
N ASP I 492 33.66 11.10 25.67
CA ASP I 492 34.20 11.72 24.47
C ASP I 492 33.91 10.84 23.25
N ILE I 493 32.99 11.32 22.39
CA ILE I 493 32.49 10.61 21.22
C ILE I 493 33.04 11.17 19.89
N ALA I 494 34.12 11.98 19.95
CA ALA I 494 34.72 12.56 18.75
C ALA I 494 35.12 11.51 17.70
N GLY I 495 35.60 10.35 18.15
CA GLY I 495 36.05 9.29 17.27
C GLY I 495 34.95 8.37 16.76
N VAL I 496 33.91 8.14 17.57
CA VAL I 496 32.82 7.20 17.26
C VAL I 496 31.57 7.76 16.61
N SER I 497 31.36 9.08 16.70
CA SER I 497 30.09 9.66 16.23
C SER I 497 29.78 9.47 14.74
N TRP I 498 30.77 9.65 13.91
CA TRP I 498 30.60 9.58 12.46
C TRP I 498 31.04 8.24 11.91
N ASN I 499 30.19 7.63 11.08
CA ASN I 499 30.55 6.38 10.42
C ASN I 499 31.21 6.77 9.09
N PHE I 500 32.56 6.82 9.09
CA PHE I 500 33.33 7.23 7.91
C PHE I 500 33.11 6.36 6.68
N LYS I 501 33.06 5.04 6.84
CA LYS I 501 32.84 4.10 5.73
C LYS I 501 31.44 4.24 5.09
N ALA I 502 30.38 4.37 5.92
CA ALA I 502 29.01 4.53 5.41
C ALA I 502 28.65 6.00 5.09
N ARG I 503 29.53 6.98 5.44
CA ARG I 503 29.36 8.42 5.19
C ARG I 503 28.07 8.96 5.85
N LYS I 504 27.81 8.51 7.10
CA LYS I 504 26.60 8.91 7.83
C LYS I 504 26.84 8.92 9.35
N PRO I 505 26.00 9.59 10.16
CA PRO I 505 26.19 9.53 11.62
C PRO I 505 25.76 8.18 12.18
N LYS I 506 26.17 7.88 13.41
CA LYS I 506 25.76 6.65 14.06
C LYS I 506 24.60 6.90 15.01
N GLY I 507 24.44 8.14 15.46
CA GLY I 507 23.47 8.47 16.50
C GLY I 507 23.96 7.87 17.81
N PHE I 508 25.30 7.81 17.96
CA PHE I 508 25.99 7.20 19.10
C PHE I 508 25.63 7.87 20.41
N GLY I 509 25.33 7.03 21.41
CA GLY I 509 25.07 7.53 22.76
C GLY I 509 23.62 7.49 23.19
N VAL I 510 22.67 7.50 22.24
CA VAL I 510 21.24 7.48 22.59
C VAL I 510 20.90 6.27 23.45
N ARG I 511 21.25 5.07 22.96
CA ARG I 511 20.94 3.81 23.64
C ARG I 511 21.72 3.66 24.94
N LEU I 512 23.00 4.08 24.93
CA LEU I 512 23.87 4.09 26.10
C LEU I 512 23.24 4.95 27.22
N LEU I 513 22.86 6.19 26.91
CA LEU I 513 22.26 7.08 27.90
C LEU I 513 20.90 6.62 28.37
N THR I 514 20.08 6.05 27.46
CA THR I 514 18.76 5.56 27.88
C THR I 514 18.90 4.36 28.82
N GLU I 515 19.80 3.41 28.50
CA GLU I 515 20.05 2.24 29.35
C GLU I 515 20.54 2.70 30.74
N PHE I 516 21.36 3.74 30.77
CA PHE I 516 21.86 4.35 32.01
C PHE I 516 20.69 4.88 32.87
N VAL I 517 19.78 5.65 32.25
CA VAL I 517 18.60 6.21 32.92
C VAL I 517 17.63 5.10 33.40
N LEU I 518 17.34 4.13 32.52
CA LEU I 518 16.41 3.03 32.76
C LEU I 518 16.88 2.02 33.81
N ASN I 519 18.16 1.62 33.75
CA ASN I 519 18.70 0.63 34.68
C ASN I 519 19.11 1.18 36.05
N ASP I 520 18.97 2.50 36.27
CA ASP I 520 19.28 3.14 37.54
C ASP I 520 18.15 2.94 38.55
N ALA J 2 81.78 -11.92 23.93
CA ALA J 2 82.01 -10.52 23.56
C ALA J 2 82.43 -10.39 22.11
N SER J 3 81.67 -9.59 21.33
CA SER J 3 81.95 -9.35 19.93
C SER J 3 82.68 -8.01 19.71
N GLU J 4 83.47 -7.95 18.65
CA GLU J 4 84.23 -6.73 18.30
C GLU J 4 83.29 -5.69 17.69
N VAL J 5 83.27 -4.48 18.27
CA VAL J 5 82.44 -3.41 17.73
C VAL J 5 83.06 -2.79 16.48
N PRO J 6 82.38 -2.83 15.31
CA PRO J 6 82.98 -2.19 14.12
C PRO J 6 83.06 -0.67 14.28
N GLN J 7 84.07 -0.06 13.65
CA GLN J 7 84.34 1.36 13.71
C GLN J 7 84.44 1.91 12.29
N VAL J 8 84.06 3.19 12.09
CA VAL J 8 84.26 3.85 10.79
C VAL J 8 85.63 4.52 10.88
N VAL J 9 85.88 5.22 11.98
CA VAL J 9 87.17 5.87 12.27
C VAL J 9 87.69 5.31 13.61
N SER J 10 88.99 5.43 13.88
CA SER J 10 89.60 4.91 15.12
C SER J 10 89.08 5.62 16.36
N LEU J 11 88.48 6.82 16.17
CA LEU J 11 87.92 7.59 17.28
C LEU J 11 86.52 7.10 17.71
N ASP J 12 85.90 6.21 16.92
CA ASP J 12 84.57 5.66 17.26
C ASP J 12 84.69 4.80 18.53
N PRO J 13 83.81 5.03 19.53
CA PRO J 13 83.86 4.21 20.75
C PRO J 13 83.52 2.74 20.52
N THR J 14 84.13 1.85 21.30
CA THR J 14 83.93 0.40 21.18
C THR J 14 83.23 -0.23 22.37
N SER J 15 82.77 0.58 23.33
CA SER J 15 82.02 0.09 24.49
C SER J 15 81.16 1.19 25.09
N ILE J 16 80.14 0.78 25.86
CA ILE J 16 79.29 1.73 26.58
C ILE J 16 79.97 1.89 27.94
N PRO J 17 80.33 3.13 28.37
CA PRO J 17 80.89 3.28 29.73
C PRO J 17 79.74 3.07 30.73
N ILE J 18 79.99 2.28 31.76
CA ILE J 18 78.97 1.96 32.76
C ILE J 18 79.54 2.20 34.16
N GLU J 19 78.79 2.90 35.02
CA GLU J 19 79.14 3.13 36.41
C GLU J 19 78.35 2.13 37.24
N TYR J 20 79.02 1.17 37.90
CA TYR J 20 78.38 0.19 38.78
C TYR J 20 78.39 0.69 40.23
N ASN J 21 79.57 1.09 40.72
CA ASN J 21 79.75 1.60 42.08
C ASN J 21 79.46 3.08 42.05
N THR J 22 78.25 3.47 42.44
CA THR J 22 77.88 4.88 42.43
C THR J 22 78.00 5.47 43.85
N PRO J 23 78.07 6.82 43.98
CA PRO J 23 78.10 7.43 45.33
C PRO J 23 76.87 7.10 46.18
N ILE J 24 75.71 6.79 45.53
CA ILE J 24 74.49 6.36 46.25
C ILE J 24 74.77 5.09 47.07
N HIS J 25 75.59 4.18 46.52
CA HIS J 25 75.95 2.93 47.19
C HIS J 25 76.73 3.16 48.48
N ASP J 26 77.34 4.35 48.65
CA ASP J 26 78.13 4.70 49.84
C ASP J 26 77.30 5.40 50.92
N ILE J 27 76.01 5.65 50.66
CA ILE J 27 75.16 6.32 51.64
C ILE J 27 74.69 5.33 52.70
N LYS J 28 74.99 5.64 53.97
CA LYS J 28 74.55 4.84 55.12
C LYS J 28 73.18 5.39 55.52
N VAL J 29 72.16 4.53 55.48
CA VAL J 29 70.79 4.93 55.77
C VAL J 29 70.35 4.45 57.17
N GLN J 30 69.77 5.35 57.98
CA GLN J 30 69.24 5.02 59.31
C GLN J 30 67.80 5.50 59.38
N VAL J 31 66.90 4.64 59.86
CA VAL J 31 65.47 4.94 59.99
C VAL J 31 65.12 4.94 61.49
N TYR J 32 64.55 6.05 61.97
CA TYR J 32 64.17 6.23 63.38
C TYR J 32 62.69 6.49 63.50
N ASP J 33 62.12 6.19 64.66
CA ASP J 33 60.70 6.43 64.84
C ASP J 33 60.44 7.90 65.13
N ILE J 34 59.42 8.47 64.51
CA ILE J 34 59.08 9.89 64.73
C ILE J 34 58.56 10.18 66.18
N LYS J 35 58.05 9.14 66.90
CA LYS J 35 57.52 9.29 68.26
C LYS J 35 58.54 9.68 69.32
N GLY J 36 59.83 9.36 69.10
CA GLY J 36 60.89 9.64 70.05
C GLY J 36 61.51 11.03 70.00
N GLY J 37 61.09 11.82 69.02
CA GLY J 37 61.66 13.16 68.84
C GLY J 37 62.89 13.13 67.94
N CYS J 38 63.31 14.30 67.45
CA CYS J 38 64.40 14.35 66.49
C CYS J 38 65.69 14.94 67.00
N ASN J 39 66.79 14.35 66.55
CA ASN J 39 68.16 14.79 66.82
C ASN J 39 68.59 15.59 65.58
N VAL J 40 68.99 16.86 65.79
CA VAL J 40 69.37 17.80 64.72
C VAL J 40 70.79 18.37 65.02
N GLU J 41 71.80 17.54 64.85
CA GLU J 41 73.17 17.94 65.18
C GLU J 41 74.16 17.96 64.02
N GLU J 42 73.78 17.38 62.86
CA GLU J 42 74.67 17.34 61.71
C GLU J 42 73.94 17.54 60.38
N GLY J 43 74.63 18.21 59.45
CA GLY J 43 74.22 18.41 58.08
C GLY J 43 72.91 19.15 57.84
N LEU J 44 72.08 18.60 56.96
CA LEU J 44 70.83 19.18 56.56
C LEU J 44 69.64 18.38 57.09
N THR J 45 68.73 19.05 57.78
CA THR J 45 67.50 18.40 58.25
C THR J 45 66.33 19.06 57.54
N ILE J 46 65.45 18.24 56.93
CA ILE J 46 64.29 18.72 56.20
C ILE J 46 63.03 18.08 56.71
N PHE J 47 62.05 18.91 57.01
CA PHE J 47 60.73 18.46 57.46
C PHE J 47 59.79 18.41 56.26
N LEU J 48 59.10 17.30 56.08
CA LEU J 48 58.09 17.15 55.03
C LEU J 48 56.78 17.49 55.70
N VAL J 49 56.22 18.64 55.35
CA VAL J 49 55.04 19.17 56.01
C VAL J 49 53.87 19.49 55.06
N ASN J 50 52.68 19.23 55.54
CA ASN J 50 51.48 19.58 54.80
C ASN J 50 50.53 20.38 55.72
N ASN J 51 49.37 20.78 55.19
CA ASN J 51 48.36 21.49 55.98
C ASN J 51 47.00 21.07 55.41
N PRO J 52 46.43 19.93 55.88
CA PRO J 52 45.15 19.44 55.30
C PRO J 52 44.01 20.44 55.37
N GLY J 53 43.34 20.61 54.24
CA GLY J 53 42.23 21.54 54.10
C GLY J 53 42.65 22.93 53.68
N LYS J 54 43.52 23.59 54.51
CA LYS J 54 44.04 24.95 54.30
C LYS J 54 45.00 25.00 53.11
N GLU J 55 44.45 25.28 51.91
CA GLU J 55 45.18 25.35 50.64
C GLU J 55 46.27 26.42 50.73
N ASN J 56 47.53 26.03 50.46
CA ASN J 56 48.73 26.87 50.60
C ASN J 56 48.79 27.47 52.00
N GLY J 57 48.36 26.69 52.98
CA GLY J 57 48.32 27.11 54.38
C GLY J 57 49.71 27.23 54.99
N PRO J 58 49.80 27.79 56.21
CA PRO J 58 51.13 27.93 56.85
C PRO J 58 51.82 26.63 57.23
N VAL J 59 53.16 26.68 57.31
CA VAL J 59 53.98 25.57 57.76
C VAL J 59 53.92 25.60 59.30
N LYS J 60 53.73 24.45 59.92
CA LYS J 60 53.74 24.28 61.38
C LYS J 60 54.50 22.95 61.61
N ILE J 61 55.59 22.99 62.41
CA ILE J 61 56.43 21.79 62.65
C ILE J 61 55.99 21.18 63.98
N SER J 62 55.52 19.92 63.97
CA SER J 62 55.03 19.27 65.20
C SER J 62 56.09 18.57 66.03
N SER J 63 57.10 17.95 65.39
CA SER J 63 58.15 17.18 66.08
C SER J 63 58.94 17.94 67.11
N LYS J 64 59.27 17.24 68.22
CA LYS J 64 60.13 17.76 69.24
C LYS J 64 61.54 17.52 68.73
N VAL J 65 62.38 18.55 68.81
CA VAL J 65 63.76 18.45 68.40
C VAL J 65 64.62 18.70 69.61
N ASN J 66 65.62 17.86 69.80
CA ASN J 66 66.51 17.87 70.97
C ASN J 66 67.64 18.91 70.89
N ASP J 67 67.35 20.09 70.29
CA ASP J 67 68.29 21.20 70.20
C ASP J 67 67.53 22.49 70.42
N LYS J 68 67.98 23.30 71.41
CA LYS J 68 67.34 24.56 71.79
C LYS J 68 67.37 25.61 70.66
N GLN J 69 68.52 25.74 69.96
CA GLN J 69 68.67 26.70 68.85
C GLN J 69 67.69 26.42 67.73
N VAL J 70 67.58 25.15 67.31
CA VAL J 70 66.74 24.69 66.21
C VAL J 70 65.25 24.74 66.60
N SER J 71 64.93 24.41 67.88
CA SER J 71 63.57 24.46 68.42
C SER J 71 63.04 25.88 68.34
N GLU J 72 63.90 26.85 68.62
CA GLU J 72 63.57 28.27 68.53
C GLU J 72 63.33 28.67 67.07
N PHE J 73 64.18 28.18 66.16
CA PHE J 73 64.00 28.47 64.73
C PHE J 73 62.66 27.92 64.21
N LEU J 74 62.28 26.72 64.70
CA LEU J 74 61.08 25.97 64.28
C LEU J 74 59.79 26.39 64.99
N LYS J 75 59.83 27.47 65.78
CA LYS J 75 58.62 27.94 66.51
C LYS J 75 57.55 28.38 65.53
N ASP J 76 56.27 28.21 65.91
CA ASP J 76 55.11 28.52 65.07
C ASP J 76 55.14 29.90 64.44
N GLU J 77 55.54 30.94 65.22
CA GLU J 77 55.64 32.33 64.72
C GLU J 77 56.59 32.44 63.53
N ASN J 78 57.72 31.71 63.56
CA ASN J 78 58.69 31.69 62.46
C ASN J 78 58.22 30.89 61.26
N MET J 79 57.68 29.67 61.49
CA MET J 79 57.26 28.83 60.36
C MET J 79 56.01 29.32 59.62
N GLU J 80 55.12 30.09 60.31
CA GLU J 80 53.91 30.64 59.69
C GLU J 80 54.17 31.63 58.54
N LYS J 81 55.40 32.17 58.45
CA LYS J 81 55.84 33.08 57.38
C LYS J 81 56.02 32.29 56.06
N PHE J 82 56.06 30.94 56.17
CA PHE J 82 56.21 30.04 55.03
C PHE J 82 54.93 29.23 54.77
N ASN J 83 54.72 28.81 53.53
CA ASN J 83 53.54 28.03 53.20
C ASN J 83 53.86 26.61 52.65
N VAL J 84 52.87 25.70 52.67
CA VAL J 84 53.00 24.28 52.29
C VAL J 84 52.77 24.00 50.79
N LYS J 85 52.61 25.03 49.91
CA LYS J 85 52.38 24.76 48.48
C LYS J 85 53.34 23.65 48.00
N LEU J 86 52.78 22.60 47.38
CA LEU J 86 53.53 21.44 46.92
C LEU J 86 54.84 21.79 46.22
N GLY J 87 55.95 21.32 46.79
CA GLY J 87 57.27 21.55 46.23
C GLY J 87 57.98 22.79 46.72
N THR J 88 57.28 23.73 47.41
CA THR J 88 57.90 24.94 47.94
C THR J 88 58.89 24.52 49.04
N SER J 89 60.07 25.15 49.10
CA SER J 89 61.06 24.84 50.12
C SER J 89 61.80 26.09 50.61
N LYS J 90 62.25 26.03 51.85
CA LYS J 90 63.09 27.05 52.47
C LYS J 90 64.05 26.32 53.35
N HIS J 91 65.30 26.72 53.41
CA HIS J 91 66.25 26.08 54.32
C HIS J 91 67.24 27.11 54.77
N PHE J 92 67.63 27.05 56.05
CA PHE J 92 68.53 28.03 56.66
C PHE J 92 69.68 27.37 57.36
N TYR J 93 70.85 28.00 57.28
CA TYR J 93 72.05 27.56 58.00
C TYR J 93 72.13 28.31 59.32
N MET J 94 72.45 27.62 60.39
CA MET J 94 72.56 28.20 61.72
C MET J 94 73.50 27.35 62.57
N PHE J 95 73.84 27.83 63.76
CA PHE J 95 74.63 27.08 64.72
C PHE J 95 73.70 26.41 65.69
N ASN J 96 73.97 25.14 65.98
CA ASN J 96 73.19 24.38 66.92
C ASN J 96 73.74 24.65 68.35
N ASP J 97 73.19 23.97 69.38
CA ASP J 97 73.61 24.14 70.78
C ASP J 97 75.09 23.90 71.01
N ASN J 98 75.69 22.99 70.24
CA ASN J 98 77.11 22.62 70.34
C ASN J 98 78.00 23.46 69.43
N LYS J 99 77.46 24.59 68.92
CA LYS J 99 78.14 25.54 68.03
C LYS J 99 78.60 24.88 66.73
N ASN J 100 77.86 23.85 66.29
CA ASN J 100 78.14 23.19 65.01
C ASN J 100 77.20 23.76 63.95
N SER J 101 77.73 23.95 62.74
CA SER J 101 76.95 24.48 61.63
C SER J 101 75.97 23.40 61.14
N VAL J 102 74.65 23.66 61.21
CA VAL J 102 73.57 22.78 60.69
C VAL J 102 72.73 23.57 59.67
N ALA J 103 71.89 22.89 58.90
CA ALA J 103 70.99 23.56 57.97
C ALA J 103 69.64 22.91 58.21
N VAL J 104 68.61 23.75 58.37
CA VAL J 104 67.26 23.28 58.70
C VAL J 104 66.27 23.91 57.78
N GLY J 105 65.32 23.11 57.32
CA GLY J 105 64.28 23.63 56.44
C GLY J 105 63.10 22.70 56.33
N TYR J 106 62.36 22.85 55.23
CA TYR J 106 61.15 22.07 54.97
C TYR J 106 60.88 22.00 53.46
N VAL J 107 60.03 21.04 53.06
CA VAL J 107 59.48 20.93 51.71
C VAL J 107 57.97 20.86 51.90
N GLY J 108 57.24 21.75 51.22
CA GLY J 108 55.79 21.78 51.30
C GLY J 108 55.18 20.59 50.58
N CYS J 109 54.25 19.89 51.26
CA CYS J 109 53.61 18.69 50.71
C CYS J 109 52.11 18.91 50.37
N GLY J 110 51.72 20.17 50.24
CA GLY J 110 50.36 20.58 49.89
C GLY J 110 49.32 20.41 50.98
N SER J 111 48.06 20.28 50.56
CA SER J 111 46.92 20.19 51.46
C SER J 111 46.12 18.87 51.37
N VAL J 112 46.60 17.91 50.56
CA VAL J 112 45.95 16.60 50.41
C VAL J 112 46.77 15.60 51.21
N ALA J 113 46.11 14.96 52.21
CA ALA J 113 46.73 13.99 53.12
C ALA J 113 47.44 12.81 52.42
N ASP J 114 46.87 12.31 51.31
CA ASP J 114 47.44 11.19 50.58
C ASP J 114 48.16 11.68 49.30
N LEU J 115 49.51 11.59 49.31
CA LEU J 115 50.34 12.00 48.18
C LEU J 115 50.35 10.94 47.10
N SER J 116 50.21 11.37 45.85
CA SER J 116 50.31 10.45 44.74
C SER J 116 51.80 10.30 44.41
N GLU J 117 52.14 9.33 43.56
CA GLU J 117 53.47 9.10 43.04
C GLU J 117 54.01 10.41 42.36
N ALA J 118 53.14 11.14 41.63
CA ALA J 118 53.49 12.39 40.95
C ALA J 118 53.84 13.49 41.98
N ASP J 119 53.03 13.58 43.06
CA ASP J 119 53.22 14.54 44.14
C ASP J 119 54.54 14.25 44.87
N MET J 120 54.80 12.96 45.17
CA MET J 120 56.04 12.53 45.83
C MET J 120 57.28 12.88 45.00
N LYS J 121 57.16 12.75 43.68
CA LYS J 121 58.24 13.10 42.76
C LYS J 121 58.56 14.61 42.86
N ARG J 122 57.53 15.47 42.99
CA ARG J 122 57.71 16.93 43.12
C ARG J 122 58.40 17.27 44.45
N VAL J 123 58.04 16.56 45.53
CA VAL J 123 58.66 16.70 46.85
C VAL J 123 60.15 16.33 46.74
N VAL J 124 60.44 15.16 46.12
CA VAL J 124 61.82 14.68 45.95
C VAL J 124 62.65 15.67 45.13
N LEU J 125 62.09 16.20 44.02
CA LEU J 125 62.79 17.17 43.16
C LEU J 125 63.24 18.41 43.95
N SER J 126 62.36 18.89 44.85
CA SER J 126 62.63 20.03 45.70
C SER J 126 63.76 19.72 46.71
N LEU J 127 63.81 18.49 47.21
CA LEU J 127 64.81 18.01 48.16
C LEU J 127 66.18 17.90 47.44
N VAL J 128 66.15 17.35 46.22
CA VAL J 128 67.31 17.17 45.36
C VAL J 128 67.98 18.52 44.99
N THR J 129 67.16 19.56 44.71
CA THR J 129 67.64 20.93 44.42
C THR J 129 68.56 21.41 45.60
N MET J 130 68.07 21.24 46.86
CA MET J 130 68.85 21.58 48.06
C MET J 130 70.11 20.72 48.12
N LEU J 131 70.00 19.42 47.78
CA LEU J 131 71.18 18.53 47.78
C LEU J 131 72.23 18.89 46.73
N HIS J 132 71.81 19.45 45.57
CA HIS J 132 72.76 19.86 44.54
C HIS J 132 73.53 21.13 44.87
N ASP J 133 73.09 21.82 45.92
CA ASP J 133 73.74 23.01 46.46
C ASP J 133 74.23 22.75 47.91
N ASN J 134 74.41 21.48 48.31
CA ASN J 134 74.83 21.11 49.66
C ASN J 134 76.16 20.43 49.65
N LYS J 135 77.09 20.90 50.50
CA LYS J 135 78.38 20.23 50.67
C LYS J 135 78.41 19.51 52.03
N LEU J 136 77.27 19.38 52.73
CA LEU J 136 77.23 18.65 54.01
C LEU J 136 77.22 17.12 53.82
N SER J 137 77.55 16.37 54.88
CA SER J 137 77.70 14.91 54.81
C SER J 137 76.47 14.12 55.22
N LYS J 138 75.46 14.82 55.77
CA LYS J 138 74.23 14.17 56.18
C LYS J 138 72.99 14.92 55.76
N LEU J 139 72.00 14.17 55.31
CA LEU J 139 70.65 14.68 55.07
C LEU J 139 69.75 13.89 56.02
N THR J 140 68.85 14.59 56.72
CA THR J 140 67.84 13.96 57.58
C THR J 140 66.49 14.40 57.06
N VAL J 141 65.60 13.45 56.83
CA VAL J 141 64.26 13.73 56.34
C VAL J 141 63.23 13.33 57.41
N VAL J 142 62.40 14.30 57.84
CA VAL J 142 61.40 14.10 58.88
C VAL J 142 60.01 14.05 58.25
N PHE J 143 59.38 12.88 58.29
CA PHE J 143 58.07 12.66 57.69
C PHE J 143 56.94 13.09 58.63
N GLU J 144 56.48 14.33 58.47
CA GLU J 144 55.33 14.84 59.23
C GLU J 144 54.07 14.72 58.33
N ILE J 145 54.06 13.68 57.48
CA ILE J 145 53.07 13.27 56.49
C ILE J 145 52.94 11.74 56.55
N ASN J 146 51.84 11.19 56.00
CA ASN J 146 51.57 9.77 55.97
C ASN J 146 51.90 9.16 54.62
N VAL J 147 52.78 8.15 54.64
CA VAL J 147 53.18 7.39 53.46
C VAL J 147 53.13 5.91 53.77
N ASP J 148 52.59 5.07 52.87
CA ASP J 148 52.62 3.63 53.12
C ASP J 148 54.04 3.09 52.77
N LYS J 149 54.31 1.80 53.04
CA LYS J 149 55.61 1.16 52.79
C LYS J 149 56.10 1.30 51.35
N ASN J 150 55.22 1.05 50.37
CA ASN J 150 55.58 1.16 48.94
C ASN J 150 55.92 2.59 48.56
N LEU J 151 55.16 3.58 49.08
CA LEU J 151 55.43 4.99 48.74
C LEU J 151 56.74 5.47 49.39
N PHE J 152 57.03 4.97 50.60
CA PHE J 152 58.29 5.28 51.28
C PHE J 152 59.46 4.71 50.45
N ARG J 153 59.33 3.46 49.95
CA ARG J 153 60.38 2.88 49.11
C ARG J 153 60.52 3.70 47.81
N PHE J 154 59.38 4.14 47.23
CA PHE J 154 59.38 4.98 46.02
C PHE J 154 60.13 6.30 46.31
N PHE J 155 59.89 6.94 47.48
CA PHE J 155 60.57 8.16 47.91
C PHE J 155 62.09 7.95 47.87
N LEU J 156 62.58 6.85 48.47
CA LEU J 156 64.03 6.54 48.50
C LEU J 156 64.59 6.29 47.10
N GLU J 157 63.92 5.44 46.30
CA GLU J 157 64.37 5.13 44.92
C GLU J 157 64.48 6.40 44.09
N THR J 158 63.44 7.26 44.16
CA THR J 158 63.34 8.53 43.43
C THR J 158 64.43 9.48 43.91
N LEU J 159 64.61 9.59 45.22
CA LEU J 159 65.67 10.41 45.79
C LEU J 159 67.02 9.99 45.26
N PHE J 160 67.34 8.69 45.36
CA PHE J 160 68.61 8.15 44.88
C PHE J 160 68.81 8.41 43.39
N TYR J 161 67.81 8.09 42.58
CA TYR J 161 67.85 8.26 41.12
C TYR J 161 68.04 9.71 40.69
N GLU J 162 67.24 10.62 41.26
CA GLU J 162 67.29 12.04 40.91
C GLU J 162 68.56 12.74 41.38
N TYR J 163 69.09 12.30 42.52
CA TYR J 163 70.30 12.85 43.14
C TYR J 163 71.52 12.54 42.32
N MET J 164 71.63 11.29 41.85
CA MET J 164 72.72 10.77 41.06
C MET J 164 72.81 11.54 39.71
N THR J 165 74.01 12.06 39.38
CA THR J 165 74.26 12.81 38.14
C THR J 165 75.18 11.99 37.25
N ASP J 166 74.76 11.79 36.01
CA ASP J 166 75.49 11.03 35.00
C ASP J 166 76.54 11.89 34.34
N GLU J 167 77.83 11.67 34.70
CA GLU J 167 78.95 12.43 34.15
C GLU J 167 79.86 11.63 33.21
N ARG J 168 79.41 10.45 32.76
CA ARG J 168 80.20 9.58 31.86
C ARG J 168 80.71 10.27 30.58
N PHE J 169 79.91 11.21 30.02
CA PHE J 169 80.27 11.88 28.75
C PHE J 169 80.84 13.29 28.93
N LYS J 170 81.06 13.69 30.19
CA LYS J 170 81.61 14.99 30.54
C LYS J 170 83.11 14.84 30.55
N SER J 171 83.83 15.88 30.17
CA SER J 171 85.29 15.86 30.20
C SER J 171 85.87 16.97 31.10
N ASN J 177 80.42 22.98 44.00
CA ASN J 177 78.97 23.13 44.06
C ASN J 177 78.33 22.25 45.16
N MET J 178 78.71 20.95 45.18
CA MET J 178 78.23 19.95 46.14
C MET J 178 79.23 18.81 46.32
N GLU J 179 78.89 17.89 47.22
CA GLU J 179 79.62 16.65 47.52
C GLU J 179 78.51 15.69 47.91
N TYR J 180 78.60 14.41 47.49
CA TYR J 180 77.52 13.51 47.89
C TYR J 180 77.51 13.28 49.41
N ILE J 181 76.30 13.23 49.99
CA ILE J 181 76.10 12.95 51.40
C ILE J 181 76.60 11.50 51.62
N LYS J 182 77.07 11.22 52.84
CA LYS J 182 77.55 9.92 53.23
C LYS J 182 76.52 9.26 54.14
N HIS J 183 75.57 10.07 54.63
CA HIS J 183 74.54 9.60 55.58
C HIS J 183 73.16 10.13 55.25
N LEU J 184 72.18 9.27 55.39
CA LEU J 184 70.78 9.63 55.25
C LEU J 184 70.02 9.16 56.49
N GLY J 185 69.46 10.10 57.23
CA GLY J 185 68.61 9.81 58.38
C GLY J 185 67.15 10.01 57.99
N VAL J 186 66.27 9.12 58.46
CA VAL J 186 64.83 9.19 58.17
C VAL J 186 64.06 9.06 59.46
N TYR J 187 63.17 10.01 59.75
CA TYR J 187 62.26 9.94 60.90
C TYR J 187 60.86 9.78 60.34
N ILE J 188 60.18 8.71 60.73
CA ILE J 188 58.85 8.37 60.24
C ILE J 188 58.14 7.55 61.31
N ASN J 189 56.79 7.54 61.32
CA ASN J 189 56.05 6.71 62.26
C ASN J 189 56.15 5.23 61.80
N ASN J 190 56.16 4.28 62.75
CA ASN J 190 56.28 2.82 62.51
C ASN J 190 57.55 2.48 61.78
N ALA J 191 58.67 3.14 62.14
CA ALA J 191 60.02 3.02 61.58
C ALA J 191 60.48 1.59 61.33
N ASP J 192 60.23 0.68 62.29
CA ASP J 192 60.62 -0.72 62.18
C ASP J 192 60.04 -1.43 60.96
N THR J 193 58.81 -1.07 60.57
CA THR J 193 58.14 -1.67 59.42
C THR J 193 58.70 -1.15 58.07
N TYR J 194 59.33 0.05 58.07
CA TYR J 194 59.90 0.72 56.87
C TYR J 194 61.34 0.33 56.57
N LYS J 195 62.06 -0.21 57.58
CA LYS J 195 63.48 -0.59 57.47
C LYS J 195 63.81 -1.58 56.37
N GLU J 196 62.94 -2.57 56.11
CA GLU J 196 63.17 -3.56 55.04
C GLU J 196 63.10 -2.95 53.63
N GLU J 197 62.47 -1.76 53.50
CA GLU J 197 62.35 -1.07 52.22
C GLU J 197 63.65 -0.43 51.77
N VAL J 198 64.56 -0.15 52.70
CA VAL J 198 65.82 0.54 52.42
C VAL J 198 66.71 -0.17 51.40
N GLU J 199 67.09 -1.44 51.66
CA GLU J 199 67.95 -2.12 50.70
C GLU J 199 67.26 -2.51 49.41
N LYS J 200 65.94 -2.70 49.47
CA LYS J 200 65.14 -2.98 48.28
C LYS J 200 65.16 -1.72 47.40
N ALA J 201 65.00 -0.53 48.03
CA ALA J 201 65.06 0.78 47.32
C ALA J 201 66.42 0.96 46.65
N ARG J 202 67.51 0.55 47.33
CA ARG J 202 68.84 0.71 46.75
C ARG J 202 69.04 -0.17 45.50
N VAL J 203 68.51 -1.40 45.52
CA VAL J 203 68.56 -2.32 44.38
C VAL J 203 67.69 -1.76 43.23
N TYR J 204 66.46 -1.31 43.55
CA TYR J 204 65.52 -0.74 42.56
C TYR J 204 66.10 0.51 41.92
N TYR J 205 66.78 1.33 42.75
CA TYR J 205 67.47 2.51 42.24
C TYR J 205 68.52 2.08 41.20
N PHE J 206 69.38 1.11 41.55
CA PHE J 206 70.44 0.75 40.61
C PHE J 206 69.94 0.13 39.31
N GLY J 207 68.92 -0.73 39.39
CA GLY J 207 68.31 -1.31 38.21
C GLY J 207 67.82 -0.22 37.27
N THR J 208 67.15 0.81 37.85
CA THR J 208 66.58 1.95 37.13
C THR J 208 67.70 2.83 36.57
N TYR J 209 68.73 3.09 37.39
CA TYR J 209 69.85 3.92 37.00
C TYR J 209 70.67 3.27 35.90
N TYR J 210 70.87 1.94 36.00
CA TYR J 210 71.56 1.15 35.00
C TYR J 210 70.81 1.24 33.66
N ALA J 211 69.45 1.08 33.68
CA ALA J 211 68.62 1.18 32.48
C ALA J 211 68.83 2.60 31.86
N SER J 212 68.80 3.61 32.71
CA SER J 212 68.97 5.03 32.34
C SER J 212 70.34 5.26 31.67
N GLN J 213 71.42 4.64 32.20
CA GLN J 213 72.77 4.74 31.62
C GLN J 213 72.82 4.20 30.21
N LEU J 214 72.13 3.07 29.95
CA LEU J 214 72.08 2.46 28.61
C LEU J 214 71.27 3.35 27.66
N ILE J 215 70.11 3.88 28.13
CA ILE J 215 69.25 4.75 27.32
C ILE J 215 69.96 6.06 26.97
N ALA J 216 70.52 6.74 27.98
CA ALA J 216 71.21 8.02 27.80
C ALA J 216 72.44 7.88 26.91
N ALA J 217 73.13 6.70 26.93
CA ALA J 217 74.28 6.44 26.09
C ALA J 217 73.89 6.64 24.63
N PRO J 218 74.56 7.57 23.92
CA PRO J 218 74.18 7.84 22.50
C PRO J 218 74.41 6.62 21.61
N SER J 219 73.81 6.64 20.43
CA SER J 219 73.86 5.55 19.46
C SER J 219 75.24 5.19 18.92
N ASN J 220 76.22 6.13 18.98
CA ASN J 220 77.59 5.80 18.59
C ASN J 220 78.26 4.94 19.69
N TYR J 221 77.91 5.17 20.95
CA TYR J 221 78.41 4.37 22.09
C TYR J 221 77.60 3.08 22.25
N CYS J 222 76.27 3.21 22.26
CA CYS J 222 75.33 2.13 22.47
C CYS J 222 74.72 1.70 21.13
N ASN J 223 75.32 0.68 20.54
CA ASN J 223 74.92 0.10 19.26
C ASN J 223 74.59 -1.40 19.52
N PRO J 224 74.08 -2.19 18.54
CA PRO J 224 73.72 -3.59 18.84
C PRO J 224 74.83 -4.47 19.41
N VAL J 225 76.08 -4.24 18.96
CA VAL J 225 77.25 -4.98 19.44
C VAL J 225 77.62 -4.57 20.87
N SER J 226 77.81 -3.26 21.14
CA SER J 226 78.20 -2.80 22.48
C SER J 226 77.11 -3.06 23.52
N LEU J 227 75.82 -2.95 23.12
CA LEU J 227 74.69 -3.23 24.03
C LEU J 227 74.63 -4.69 24.43
N SER J 228 74.84 -5.60 23.46
CA SER J 228 74.86 -7.04 23.77
C SER J 228 76.10 -7.39 24.60
N ASN J 229 77.24 -6.71 24.36
CA ASN J 229 78.47 -6.93 25.17
C ASN J 229 78.22 -6.50 26.60
N ALA J 230 77.51 -5.36 26.80
CA ALA J 230 77.17 -4.86 28.15
C ALA J 230 76.24 -5.86 28.86
N ALA J 231 75.27 -6.46 28.15
CA ALA J 231 74.34 -7.45 28.69
C ALA J 231 75.11 -8.72 29.15
N VAL J 232 76.16 -9.13 28.39
CA VAL J 232 77.01 -10.28 28.74
C VAL J 232 77.77 -9.96 30.04
N GLU J 233 78.35 -8.75 30.14
CA GLU J 233 79.09 -8.31 31.33
C GLU J 233 78.17 -8.30 32.55
N LEU J 234 76.93 -7.80 32.39
CA LEU J 234 75.96 -7.79 33.49
C LEU J 234 75.63 -9.22 33.94
N ALA J 235 75.38 -10.13 32.97
CA ALA J 235 75.08 -11.55 33.23
C ALA J 235 76.23 -12.23 33.99
N GLN J 236 77.48 -11.93 33.59
CA GLN J 236 78.67 -12.47 34.24
C GLN J 236 78.80 -12.00 35.66
N LYS J 237 78.51 -10.71 35.91
CA LYS J 237 78.56 -10.14 37.26
C LYS J 237 77.48 -10.72 38.18
N LEU J 238 76.32 -11.06 37.63
CA LEU J 238 75.20 -11.58 38.41
C LEU J 238 75.10 -13.10 38.44
N ASN J 239 75.98 -13.80 37.71
CA ASN J 239 75.97 -15.26 37.58
C ASN J 239 74.69 -15.76 36.89
N LEU J 240 74.22 -15.00 35.89
CA LEU J 240 73.06 -15.38 35.09
C LEU J 240 73.55 -16.15 33.89
N GLU J 241 72.73 -17.09 33.37
CA GLU J 241 73.07 -17.79 32.13
C GLU J 241 72.89 -16.78 31.00
N TYR J 242 73.70 -16.87 29.94
CA TYR J 242 73.56 -15.92 28.83
C TYR J 242 73.90 -16.57 27.53
N LYS J 243 73.30 -16.04 26.46
CA LYS J 243 73.49 -16.47 25.09
C LYS J 243 73.22 -15.23 24.23
N ILE J 244 74.14 -14.91 23.31
CA ILE J 244 73.97 -13.84 22.34
C ILE J 244 73.88 -14.51 20.99
N LEU J 245 72.75 -14.36 20.32
CA LEU J 245 72.61 -14.99 19.00
C LEU J 245 73.05 -14.01 17.93
N GLY J 246 73.94 -14.49 17.06
CA GLY J 246 74.48 -13.72 15.95
C GLY J 246 73.71 -13.96 14.67
N VAL J 247 74.10 -13.27 13.60
CA VAL J 247 73.43 -13.31 12.29
C VAL J 247 73.19 -14.70 11.71
N LYS J 248 74.21 -15.56 11.74
CA LYS J 248 74.17 -16.95 11.24
C LYS J 248 73.11 -17.78 11.99
N GLU J 249 73.06 -17.65 13.33
CA GLU J 249 72.06 -18.35 14.14
C GLU J 249 70.66 -17.79 13.87
N LEU J 250 70.55 -16.45 13.71
CA LEU J 250 69.27 -15.78 13.44
C LEU J 250 68.72 -16.20 12.07
N GLU J 251 69.62 -16.38 11.08
CA GLU J 251 69.23 -16.87 9.75
C GLU J 251 68.70 -18.30 9.84
N GLU J 252 69.37 -19.17 10.61
CA GLU J 252 68.96 -20.58 10.83
C GLU J 252 67.58 -20.63 11.47
N LEU J 253 67.31 -19.71 12.42
CA LEU J 253 66.04 -19.59 13.10
C LEU J 253 64.96 -18.89 12.26
N LYS J 254 65.35 -18.44 11.02
CA LYS J 254 64.42 -17.82 10.05
C LYS J 254 63.78 -16.55 10.56
N MET J 255 64.52 -15.77 11.33
CA MET J 255 63.99 -14.52 11.86
C MET J 255 64.08 -13.38 10.83
N GLY J 256 63.31 -13.53 9.75
CA GLY J 256 63.27 -12.58 8.65
C GLY J 256 62.75 -11.20 8.94
N ALA J 257 61.79 -11.06 9.89
CA ALA J 257 61.23 -9.74 10.21
C ALA J 257 62.28 -8.91 10.96
N TYR J 258 62.91 -9.51 11.98
CA TYR J 258 63.96 -8.89 12.78
C TYR J 258 65.20 -8.61 11.94
N LEU J 259 65.63 -9.57 11.12
CA LEU J 259 66.82 -9.37 10.28
C LEU J 259 66.65 -8.29 9.21
N SER J 260 65.41 -8.13 8.67
CA SER J 260 65.15 -7.11 7.64
C SER J 260 65.37 -5.72 8.18
N VAL J 261 64.96 -5.47 9.45
CA VAL J 261 65.12 -4.17 10.10
C VAL J 261 66.61 -3.75 10.16
N GLY J 262 67.47 -4.70 10.54
CA GLY J 262 68.90 -4.43 10.70
C GLY J 262 69.75 -4.44 9.45
N LYS J 263 69.18 -4.80 8.29
CA LYS J 263 69.90 -4.90 7.01
C LYS J 263 70.72 -3.65 6.64
N GLY J 264 70.15 -2.46 6.88
CA GLY J 264 70.83 -1.21 6.56
C GLY J 264 71.87 -0.72 7.56
N SER J 265 72.12 -1.46 8.64
CA SER J 265 73.08 -1.08 9.67
C SER J 265 74.47 -1.64 9.44
N MET J 266 75.50 -0.89 9.90
CA MET J 266 76.90 -1.34 9.84
C MET J 266 77.14 -2.27 11.04
N TYR J 267 76.20 -2.31 12.01
CA TYR J 267 76.32 -3.16 13.20
C TYR J 267 75.50 -4.43 13.02
N PRO J 268 76.12 -5.61 13.11
CA PRO J 268 75.32 -6.85 12.98
C PRO J 268 74.30 -6.98 14.09
N ASN J 269 73.10 -7.55 13.77
CA ASN J 269 72.04 -7.81 14.75
C ASN J 269 72.56 -8.74 15.84
N LYS J 270 72.14 -8.51 17.09
CA LYS J 270 72.53 -9.32 18.24
C LYS J 270 71.31 -9.57 19.10
N PHE J 271 70.94 -10.83 19.27
CA PHE J 271 69.75 -11.17 20.04
C PHE J 271 70.21 -11.56 21.45
N ILE J 272 69.80 -10.79 22.46
CA ILE J 272 70.17 -11.02 23.86
C ILE J 272 69.20 -12.02 24.51
N HIS J 273 69.75 -13.05 25.15
CA HIS J 273 68.97 -14.03 25.90
C HIS J 273 69.68 -14.32 27.23
N LEU J 274 69.20 -13.69 28.32
CA LEU J 274 69.73 -13.96 29.65
C LEU J 274 68.70 -14.80 30.38
N THR J 275 69.15 -15.63 31.32
CA THR J 275 68.22 -16.47 32.10
C THR J 275 68.58 -16.43 33.58
N TYR J 276 67.56 -16.22 34.41
CA TYR J 276 67.68 -16.34 35.85
C TYR J 276 66.88 -17.59 36.19
N LYS J 277 67.48 -18.53 36.94
CA LYS J 277 66.75 -19.70 37.38
C LYS J 277 66.92 -19.86 38.88
N SER J 278 65.79 -19.99 39.61
CA SER J 278 65.82 -20.18 41.07
C SER J 278 66.44 -21.55 41.40
N LYS J 279 67.09 -21.65 42.57
CA LYS J 279 67.74 -22.88 43.05
C LYS J 279 66.80 -24.09 43.25
N GLY J 280 65.58 -23.86 43.74
CA GLY J 280 64.64 -24.94 43.99
C GLY J 280 63.74 -25.30 42.82
N ASP J 281 62.53 -25.76 43.13
CA ASP J 281 61.53 -26.15 42.14
C ASP J 281 61.00 -24.92 41.40
N VAL J 282 60.93 -24.98 40.08
CA VAL J 282 60.42 -23.87 39.27
C VAL J 282 58.90 -24.01 39.11
N LYS J 283 58.16 -23.05 39.65
CA LYS J 283 56.70 -23.06 39.63
C LYS J 283 56.11 -22.13 38.55
N LYS J 284 56.88 -21.10 38.14
CA LYS J 284 56.45 -20.14 37.12
C LYS J 284 57.63 -19.80 36.17
N LYS J 285 57.35 -19.76 34.87
CA LYS J 285 58.32 -19.43 33.83
C LYS J 285 57.83 -18.19 33.13
N ILE J 286 58.69 -17.17 33.05
CA ILE J 286 58.35 -15.88 32.46
C ILE J 286 59.38 -15.45 31.41
N ALA J 287 58.91 -14.89 30.31
CA ALA J 287 59.75 -14.28 29.28
C ALA J 287 59.45 -12.78 29.27
N LEU J 288 60.48 -11.96 29.49
CA LEU J 288 60.40 -10.49 29.44
C LEU J 288 61.12 -10.10 28.17
N VAL J 289 60.40 -9.41 27.28
CA VAL J 289 60.89 -9.03 25.94
C VAL J 289 60.95 -7.51 25.84
N GLY J 290 62.13 -6.99 25.55
CA GLY J 290 62.30 -5.55 25.41
C GLY J 290 62.67 -5.13 24.01
N LYS J 291 62.03 -4.07 23.48
CA LYS J 291 62.38 -3.52 22.15
C LYS J 291 63.78 -2.92 22.25
N GLY J 292 64.67 -3.35 21.36
CA GLY J 292 66.06 -2.93 21.39
C GLY J 292 66.55 -2.28 20.12
N ILE J 293 65.95 -1.14 19.72
CA ILE J 293 66.41 -0.39 18.54
C ILE J 293 67.41 0.66 19.06
N THR J 294 68.70 0.47 18.79
CA THR J 294 69.75 1.37 19.33
C THR J 294 69.69 2.78 18.76
N PHE J 295 69.20 2.91 17.52
CA PHE J 295 68.91 4.18 16.86
C PHE J 295 67.83 3.94 15.86
N ASP J 296 66.77 4.77 15.92
CA ASP J 296 65.69 4.65 14.96
C ASP J 296 65.68 5.88 14.04
N SER J 297 66.26 5.77 12.85
CA SER J 297 66.20 6.89 11.90
C SER J 297 64.83 6.93 11.21
N GLY J 298 64.11 5.81 11.27
CA GLY J 298 62.86 5.58 10.56
C GLY J 298 63.09 4.73 9.31
N GLY J 299 64.36 4.65 8.88
CA GLY J 299 64.73 3.95 7.66
C GLY J 299 64.31 4.78 6.47
N TYR J 300 64.00 4.13 5.32
CA TYR J 300 63.56 4.86 4.12
C TYR J 300 62.35 5.79 4.38
N ASN J 301 61.46 5.41 5.35
CA ASN J 301 60.39 6.31 5.85
C ASN J 301 61.07 7.15 6.95
N LEU J 302 62.05 7.96 6.53
CA LEU J 302 62.89 8.76 7.43
C LEU J 302 62.07 9.68 8.35
N LYS J 303 62.50 9.79 9.61
CA LYS J 303 61.86 10.70 10.57
C LYS J 303 62.27 12.14 10.18
N ALA J 304 61.59 12.68 9.16
CA ALA J 304 61.89 14.01 8.64
C ALA J 304 60.78 15.02 8.95
N ALA J 305 59.59 14.55 9.36
CA ALA J 305 58.47 15.43 9.67
C ALA J 305 58.76 16.28 10.93
N PRO J 306 58.29 17.56 11.02
CA PRO J 306 58.55 18.33 12.26
C PRO J 306 57.85 17.64 13.43
N GLY J 307 58.54 17.56 14.55
CA GLY J 307 58.03 16.85 15.72
C GLY J 307 58.23 15.34 15.69
N SER J 308 58.97 14.79 14.68
CA SER J 308 59.22 13.35 14.64
C SER J 308 60.31 12.90 15.62
N MET J 309 61.01 13.85 16.29
CA MET J 309 61.98 13.65 17.37
C MET J 309 63.14 12.69 17.04
N ILE J 310 63.68 12.76 15.82
CA ILE J 310 64.81 11.91 15.42
C ILE J 310 66.02 12.04 16.39
N ASP J 311 66.23 13.23 16.95
CA ASP J 311 67.33 13.52 17.88
C ASP J 311 67.24 12.73 19.21
N LEU J 312 66.07 12.20 19.52
CA LEU J 312 65.80 11.43 20.74
C LEU J 312 65.89 9.91 20.53
N MET J 313 66.01 9.47 19.27
CA MET J 313 65.93 8.07 18.90
C MET J 313 66.97 7.08 19.44
N LYS J 314 67.99 7.57 20.17
CA LYS J 314 68.90 6.71 20.92
C LYS J 314 68.08 5.99 22.04
N PHE J 315 66.89 6.54 22.40
CA PHE J 315 66.02 6.02 23.45
C PHE J 315 65.18 4.83 23.01
N ASP J 316 65.26 4.46 21.71
CA ASP J 316 64.44 3.40 21.15
C ASP J 316 64.79 1.97 21.63
N MET J 317 65.79 1.86 22.54
CA MET J 317 66.19 0.61 23.17
C MET J 317 65.80 0.64 24.67
N SER J 318 64.89 1.57 25.06
CA SER J 318 64.40 1.73 26.44
C SER J 318 63.74 0.46 26.98
N GLY J 319 63.04 -0.26 26.10
CA GLY J 319 62.41 -1.53 26.47
C GLY J 319 63.46 -2.56 26.85
N CYS J 320 64.51 -2.67 26.01
CA CYS J 320 65.64 -3.56 26.28
C CYS J 320 66.32 -3.14 27.59
N ALA J 321 66.53 -1.81 27.78
CA ALA J 321 67.14 -1.30 28.99
C ALA J 321 66.33 -1.63 30.25
N ALA J 322 64.98 -1.51 30.18
CA ALA J 322 64.10 -1.88 31.32
C ALA J 322 64.25 -3.37 31.66
N VAL J 323 64.33 -4.24 30.64
CA VAL J 323 64.50 -5.69 30.79
C VAL J 323 65.84 -6.02 31.45
N LEU J 324 66.93 -5.34 31.02
CA LEU J 324 68.26 -5.54 31.60
C LEU J 324 68.34 -5.00 33.05
N GLY J 325 67.66 -3.89 33.31
CA GLY J 325 67.59 -3.33 34.66
C GLY J 325 66.84 -4.28 35.57
N CYS J 326 65.77 -4.90 35.05
CA CYS J 326 65.01 -5.92 35.77
C CYS J 326 65.91 -7.14 36.06
N ALA J 327 66.74 -7.56 35.08
CA ALA J 327 67.70 -8.66 35.27
C ALA J 327 68.66 -8.34 36.42
N TYR J 328 69.10 -7.07 36.56
CA TYR J 328 69.94 -6.67 37.68
C TYR J 328 69.19 -6.87 39.00
N CYS J 329 67.94 -6.34 39.13
CA CYS J 329 67.14 -6.48 40.37
C CYS J 329 66.84 -7.93 40.73
N VAL J 330 66.41 -8.73 39.74
CA VAL J 330 66.10 -10.16 39.92
C VAL J 330 67.38 -10.95 40.31
N GLY J 331 68.47 -10.72 39.57
CA GLY J 331 69.75 -11.35 39.83
C GLY J 331 70.31 -11.03 41.20
N THR J 332 69.99 -9.83 41.74
CA THR J 332 70.44 -9.38 43.06
C THR J 332 69.51 -9.88 44.18
N LEU J 333 68.19 -9.75 43.99
CA LEU J 333 67.23 -10.15 45.03
C LEU J 333 66.99 -11.64 45.11
N LYS J 334 67.30 -12.35 44.02
CA LYS J 334 67.22 -13.81 43.92
C LYS J 334 65.87 -14.41 44.35
N PRO J 335 64.75 -14.11 43.63
CA PRO J 335 63.46 -14.73 44.01
C PRO J 335 63.48 -16.25 43.86
N GLU J 336 62.60 -16.91 44.61
CA GLU J 336 62.49 -18.37 44.60
C GLU J 336 61.41 -18.83 43.63
N ASN J 337 61.44 -20.12 43.22
CA ASN J 337 60.47 -20.84 42.40
C ASN J 337 60.14 -20.24 41.03
N VAL J 338 61.08 -19.47 40.45
CA VAL J 338 60.86 -18.82 39.18
C VAL J 338 62.03 -18.98 38.20
N GLU J 339 61.70 -19.01 36.91
CA GLU J 339 62.67 -19.02 35.84
C GLU J 339 62.30 -17.84 34.95
N ILE J 340 63.22 -16.88 34.78
CA ILE J 340 62.97 -15.68 33.97
C ILE J 340 63.94 -15.62 32.82
N HIS J 341 63.40 -15.41 31.61
CA HIS J 341 64.17 -15.21 30.38
C HIS J 341 64.08 -13.72 30.04
N PHE J 342 65.23 -13.07 29.90
CA PHE J 342 65.38 -11.64 29.60
C PHE J 342 65.84 -11.57 28.16
N LEU J 343 64.93 -11.13 27.28
CA LEU J 343 65.16 -11.14 25.83
C LEU J 343 65.11 -9.79 25.16
N SER J 344 65.95 -9.61 24.13
CA SER J 344 65.89 -8.44 23.27
C SER J 344 66.50 -8.69 21.90
N ALA J 345 65.70 -8.46 20.84
CA ALA J 345 66.13 -8.56 19.47
C ALA J 345 66.74 -7.18 19.13
N VAL J 346 68.05 -7.03 19.41
CA VAL J 346 68.76 -5.75 19.25
C VAL J 346 69.22 -5.49 17.81
N CYS J 347 68.94 -4.29 17.30
CA CYS J 347 69.38 -3.85 15.97
C CYS J 347 69.29 -2.34 15.85
N GLU J 348 69.67 -1.80 14.69
CA GLU J 348 69.66 -0.37 14.40
C GLU J 348 68.93 -0.14 13.07
N ASN J 349 67.98 0.84 13.01
CA ASN J 349 67.15 1.11 11.83
C ASN J 349 67.72 2.28 11.03
N MET J 350 68.44 1.97 9.95
CA MET J 350 69.23 2.93 9.19
C MET J 350 68.90 3.02 7.70
N VAL J 351 69.48 4.04 7.05
CA VAL J 351 69.28 4.32 5.60
C VAL J 351 70.59 3.99 4.89
N SER J 352 70.52 3.09 3.93
CA SER J 352 71.66 2.54 3.24
C SER J 352 71.20 1.93 1.93
N LYS J 353 72.15 1.55 1.06
CA LYS J 353 71.84 0.81 -0.15
C LYS J 353 71.30 -0.59 0.28
N ASN J 354 71.68 -1.03 1.49
CA ASN J 354 71.32 -2.36 2.03
C ASN J 354 70.05 -2.43 2.84
N SER J 355 69.39 -1.29 3.11
CA SER J 355 68.19 -1.27 3.94
C SER J 355 66.99 -1.95 3.33
N TYR J 356 66.07 -2.42 4.20
CA TYR J 356 64.78 -2.91 3.71
C TYR J 356 63.96 -1.70 3.25
N ARG J 357 63.02 -1.92 2.34
CA ARG J 357 62.24 -0.85 1.75
C ARG J 357 60.74 -0.93 2.09
N PRO J 358 60.05 0.23 2.06
CA PRO J 358 58.58 0.19 2.16
C PRO J 358 58.05 -0.69 0.99
N GLY J 359 57.13 -1.58 1.30
CA GLY J 359 56.57 -2.49 0.31
C GLY J 359 57.18 -3.88 0.33
N ASP J 360 58.39 -4.04 0.91
CA ASP J 360 59.05 -5.35 0.95
C ASP J 360 58.17 -6.39 1.66
N ILE J 361 58.18 -7.64 1.18
CA ILE J 361 57.44 -8.72 1.85
C ILE J 361 58.49 -9.60 2.48
N ILE J 362 58.40 -9.75 3.80
CA ILE J 362 59.36 -10.49 4.62
C ILE J 362 58.68 -11.62 5.36
N THR J 363 59.45 -12.66 5.72
CA THR J 363 58.89 -13.84 6.39
C THR J 363 59.37 -13.94 7.82
N ALA J 364 58.44 -13.95 8.78
CA ALA J 364 58.76 -14.10 10.20
C ALA J 364 59.12 -15.57 10.49
N SER J 365 59.75 -15.83 11.65
CA SER J 365 60.19 -17.17 12.07
C SER J 365 59.06 -18.19 12.27
N ASN J 366 57.79 -17.75 12.33
CA ASN J 366 56.64 -18.68 12.44
C ASN J 366 56.04 -18.94 11.04
N GLY J 367 56.72 -18.44 10.00
CA GLY J 367 56.27 -18.65 8.62
C GLY J 367 55.33 -17.60 8.06
N LYS J 368 54.85 -16.65 8.90
CA LYS J 368 53.92 -15.62 8.42
C LYS J 368 54.62 -14.60 7.54
N THR J 369 54.07 -14.35 6.34
CA THR J 369 54.62 -13.31 5.46
C THR J 369 54.02 -11.96 5.86
N ILE J 370 54.87 -10.93 5.90
CA ILE J 370 54.47 -9.58 6.32
C ILE J 370 54.75 -8.58 5.20
N GLU J 371 53.77 -7.74 4.86
CA GLU J 371 53.99 -6.67 3.91
C GLU J 371 54.38 -5.42 4.70
N VAL J 372 55.57 -4.87 4.43
CA VAL J 372 56.07 -3.67 5.11
C VAL J 372 55.38 -2.45 4.50
N GLY J 373 54.56 -1.75 5.28
CA GLY J 373 53.88 -0.54 4.80
C GLY J 373 54.69 0.70 5.11
N ASN J 374 55.53 0.63 6.16
CA ASN J 374 56.34 1.77 6.60
C ASN J 374 57.54 1.26 7.37
N THR J 375 58.77 1.62 6.92
CA THR J 375 60.02 1.17 7.57
C THR J 375 60.20 1.65 9.01
N ASP J 376 59.46 2.68 9.41
CA ASP J 376 59.51 3.27 10.76
C ASP J 376 58.62 2.51 11.73
N ALA J 377 57.82 1.54 11.24
CA ALA J 377 57.07 0.68 12.17
C ALA J 377 57.94 -0.60 12.40
N GLU J 378 59.24 -0.38 12.63
CA GLU J 378 60.24 -1.44 12.76
C GLU J 378 60.17 -2.25 14.06
N GLY J 379 59.75 -1.60 15.15
CA GLY J 379 59.68 -2.21 16.46
C GLY J 379 58.84 -3.46 16.49
N ARG J 380 57.65 -3.41 15.87
CA ARG J 380 56.74 -4.55 15.83
C ARG J 380 57.29 -5.73 15.04
N LEU J 381 58.17 -5.47 14.05
CA LEU J 381 58.82 -6.50 13.25
C LEU J 381 59.85 -7.24 14.07
N THR J 382 60.68 -6.52 14.84
CA THR J 382 61.69 -7.15 15.70
C THR J 382 61.00 -7.92 16.82
N LEU J 383 59.92 -7.33 17.37
CA LEU J 383 59.15 -7.95 18.45
C LEU J 383 58.42 -9.20 17.98
N ALA J 384 57.93 -9.23 16.72
CA ALA J 384 57.24 -10.41 16.17
C ALA J 384 58.16 -11.64 16.26
N ASP J 385 59.42 -11.50 15.81
CA ASP J 385 60.37 -12.61 15.90
C ASP J 385 60.80 -12.91 17.34
N ALA J 386 60.91 -11.88 18.20
CA ALA J 386 61.29 -12.10 19.61
C ALA J 386 60.15 -12.84 20.35
N LEU J 387 58.89 -12.54 19.99
CA LEU J 387 57.70 -13.18 20.57
C LEU J 387 57.62 -14.65 20.18
N VAL J 388 57.93 -14.99 18.90
CA VAL J 388 57.95 -16.38 18.41
C VAL J 388 59.02 -17.15 19.20
N TYR J 389 60.19 -16.54 19.36
CA TYR J 389 61.30 -17.11 20.12
C TYR J 389 60.87 -17.37 21.58
N ALA J 390 60.24 -16.35 22.23
CA ALA J 390 59.79 -16.44 23.63
C ALA J 390 58.78 -17.56 23.81
N GLU J 391 57.80 -17.68 22.88
CA GLU J 391 56.79 -18.72 23.00
C GLU J 391 57.35 -20.14 22.88
N LYS J 392 58.40 -20.33 22.05
CA LYS J 392 59.08 -21.62 21.90
C LYS J 392 59.78 -22.06 23.22
N LEU J 393 60.01 -21.12 24.15
CA LEU J 393 60.62 -21.43 25.46
C LEU J 393 59.67 -22.15 26.42
N GLY J 394 58.36 -22.18 26.10
CA GLY J 394 57.34 -22.81 26.93
C GLY J 394 57.14 -22.13 28.27
N VAL J 395 56.87 -20.83 28.24
CA VAL J 395 56.70 -20.05 29.47
C VAL J 395 55.21 -19.90 29.84
N ASP J 396 54.94 -19.43 31.07
CA ASP J 396 53.57 -19.17 31.54
C ASP J 396 53.11 -17.79 31.10
N TYR J 397 54.03 -16.79 31.12
CA TYR J 397 53.70 -15.43 30.72
C TYR J 397 54.78 -14.86 29.84
N ILE J 398 54.36 -14.08 28.84
CA ILE J 398 55.25 -13.32 27.97
C ILE J 398 54.85 -11.86 28.18
N VAL J 399 55.78 -11.02 28.60
CA VAL J 399 55.53 -9.60 28.77
C VAL J 399 56.52 -8.86 27.93
N ASP J 400 56.03 -8.06 26.97
CA ASP J 400 56.95 -7.22 26.18
C ASP J 400 56.80 -5.76 26.62
N ILE J 401 57.90 -5.01 26.48
CA ILE J 401 57.97 -3.60 26.86
C ILE J 401 58.68 -2.88 25.74
N ALA J 402 58.06 -1.81 25.19
CA ALA J 402 58.60 -1.15 24.01
C ALA J 402 58.18 0.29 23.83
N THR J 403 59.08 1.14 23.28
CA THR J 403 58.80 2.52 22.90
C THR J 403 58.23 2.40 21.47
N LEU J 404 57.03 1.81 21.38
CA LEU J 404 56.44 1.45 20.11
C LEU J 404 55.75 2.52 19.28
N THR J 405 54.84 3.31 19.87
CA THR J 405 54.06 4.24 19.08
C THR J 405 54.01 5.65 19.64
N GLY J 406 54.27 6.64 18.78
CA GLY J 406 54.17 8.05 19.15
C GLY J 406 52.78 8.42 19.68
N ALA J 407 51.70 7.75 19.16
CA ALA J 407 50.31 8.00 19.59
C ALA J 407 50.07 7.89 21.11
N MET J 408 50.95 7.15 21.84
CA MET J 408 50.87 7.07 23.30
C MET J 408 50.93 8.46 23.93
N LEU J 409 51.72 9.38 23.32
CA LEU J 409 51.85 10.75 23.80
C LEU J 409 50.51 11.50 23.73
N TYR J 410 49.65 11.13 22.77
CA TYR J 410 48.35 11.73 22.56
C TYR J 410 47.26 11.04 23.36
N SER J 411 47.43 9.76 23.65
CA SER J 411 46.39 9.03 24.38
C SER J 411 46.58 9.11 25.90
N LEU J 412 47.73 8.69 26.43
CA LEU J 412 47.95 8.73 27.88
C LEU J 412 48.96 9.78 28.32
N GLY J 413 49.76 10.28 27.37
CA GLY J 413 50.74 11.29 27.67
C GLY J 413 52.07 10.76 28.17
N THR J 414 52.74 11.58 28.97
CA THR J 414 54.07 11.32 29.52
C THR J 414 54.15 10.61 30.87
N SER J 415 53.02 10.46 31.59
CA SER J 415 53.03 9.85 32.92
C SER J 415 52.63 8.39 33.00
N TYR J 416 51.60 7.99 32.23
CA TYR J 416 51.08 6.63 32.27
C TYR J 416 51.43 5.87 31.00
N ALA J 417 51.98 4.66 31.16
CA ALA J 417 52.25 3.78 30.01
C ALA J 417 50.93 3.02 29.73
N GLY J 418 50.81 2.48 28.53
CA GLY J 418 49.64 1.69 28.17
C GLY J 418 49.95 0.20 28.21
N VAL J 419 49.01 -0.61 28.71
CA VAL J 419 49.16 -2.06 28.71
C VAL J 419 48.03 -2.66 27.89
N PHE J 420 48.39 -3.60 27.00
CA PHE J 420 47.45 -4.31 26.14
C PHE J 420 47.77 -5.79 26.34
N GLY J 421 46.81 -6.67 26.09
CA GLY J 421 47.09 -8.10 26.23
C GLY J 421 45.98 -9.01 25.74
N ASN J 422 46.26 -10.32 25.74
CA ASN J 422 45.28 -11.35 25.31
C ASN J 422 44.72 -12.08 26.52
N ASN J 423 45.14 -11.69 27.73
CA ASN J 423 44.79 -12.41 28.97
C ASN J 423 44.54 -11.45 30.13
N GLU J 424 43.31 -11.45 30.63
CA GLU J 424 42.87 -10.56 31.70
C GLU J 424 43.60 -10.75 33.01
N GLU J 425 43.89 -12.00 33.41
CA GLU J 425 44.63 -12.31 34.65
C GLU J 425 46.01 -11.70 34.59
N LEU J 426 46.73 -11.86 33.47
CA LEU J 426 48.06 -11.27 33.30
C LEU J 426 48.01 -9.72 33.32
N ILE J 427 47.03 -9.11 32.65
CA ILE J 427 46.86 -7.65 32.66
C ILE J 427 46.66 -7.17 34.11
N ASN J 428 45.80 -7.85 34.88
CA ASN J 428 45.56 -7.51 36.29
C ASN J 428 46.82 -7.62 37.15
N LYS J 429 47.69 -8.61 36.87
CA LYS J 429 48.97 -8.79 37.57
C LYS J 429 49.89 -7.61 37.27
N ILE J 430 49.90 -7.13 36.00
CA ILE J 430 50.68 -5.96 35.59
C ILE J 430 50.15 -4.70 36.30
N LEU J 431 48.80 -4.55 36.34
CA LEU J 431 48.16 -3.41 37.01
C LEU J 431 48.50 -3.40 38.49
N GLN J 432 48.53 -4.57 39.14
CA GLN J 432 48.89 -4.68 40.55
C GLN J 432 50.38 -4.32 40.75
N SER J 433 51.27 -4.77 39.83
CA SER J 433 52.71 -4.45 39.86
C SER J 433 52.93 -2.94 39.67
N SER J 434 52.06 -2.30 38.87
CA SER J 434 52.09 -0.86 38.62
C SER J 434 51.79 -0.11 39.91
N LYS J 435 50.79 -0.59 40.69
CA LYS J 435 50.41 0.02 41.96
C LYS J 435 51.50 -0.05 43.00
N THR J 436 52.14 -1.22 43.14
CA THR J 436 53.19 -1.42 44.14
C THR J 436 54.55 -0.82 43.76
N SER J 437 54.86 -0.72 42.44
CA SER J 437 56.12 -0.12 42.00
C SER J 437 55.99 1.40 41.89
N ASN J 438 54.72 1.89 41.82
CA ASN J 438 54.37 3.29 41.61
C ASN J 438 54.85 3.78 40.22
N GLU J 439 54.89 2.87 39.24
CA GLU J 439 55.20 3.20 37.83
C GLU J 439 53.85 3.05 37.15
N PRO J 440 53.16 4.19 36.87
CA PRO J 440 51.77 4.10 36.39
C PRO J 440 51.54 3.54 35.02
N VAL J 441 50.56 2.67 34.94
CA VAL J 441 50.15 1.98 33.72
C VAL J 441 48.61 2.01 33.63
N TRP J 442 48.07 2.08 32.43
CA TRP J 442 46.62 2.04 32.24
C TRP J 442 46.29 1.00 31.20
N TRP J 443 45.27 0.19 31.47
CA TRP J 443 44.83 -0.85 30.56
C TRP J 443 44.09 -0.26 29.35
N LEU J 444 44.58 -0.57 28.16
CA LEU J 444 43.98 -0.14 26.90
C LEU J 444 43.49 -1.37 26.12
N PRO J 445 42.40 -1.26 25.33
CA PRO J 445 41.85 -2.47 24.69
C PRO J 445 42.51 -2.89 23.39
N ILE J 446 42.44 -4.18 23.08
CA ILE J 446 42.82 -4.71 21.79
C ILE J 446 41.46 -4.90 21.11
N ILE J 447 41.11 -3.95 20.24
CA ILE J 447 39.79 -3.94 19.59
C ILE J 447 39.83 -4.82 18.34
N ASN J 448 39.21 -5.99 18.46
CA ASN J 448 39.19 -7.01 17.40
C ASN J 448 38.62 -6.56 16.08
N GLU J 449 37.69 -5.60 16.09
CA GLU J 449 37.07 -5.03 14.90
C GLU J 449 38.12 -4.39 13.98
N TYR J 450 39.26 -3.94 14.53
CA TYR J 450 40.30 -3.31 13.70
C TYR J 450 41.25 -4.32 13.04
N ARG J 451 41.14 -5.63 13.38
CA ARG J 451 42.01 -6.66 12.80
C ARG J 451 41.97 -6.71 11.27
N ALA J 452 40.78 -6.52 10.67
CA ALA J 452 40.61 -6.52 9.21
C ALA J 452 41.47 -5.47 8.49
N THR J 453 41.87 -4.39 9.19
CA THR J 453 42.72 -3.35 8.59
C THR J 453 44.16 -3.86 8.34
N LEU J 454 44.52 -5.02 8.92
CA LEU J 454 45.82 -5.65 8.73
C LEU J 454 45.79 -6.74 7.66
N ASN J 455 44.64 -6.92 6.98
CA ASN J 455 44.55 -7.89 5.89
C ASN J 455 45.30 -7.35 4.69
N SER J 456 46.35 -8.04 4.27
CA SER J 456 47.18 -7.65 3.14
C SER J 456 46.62 -8.29 1.87
N LYS J 457 46.70 -7.57 0.74
CA LYS J 457 46.30 -8.10 -0.56
C LYS J 457 47.24 -9.26 -1.00
N TYR J 458 48.55 -9.13 -0.66
CA TYR J 458 49.58 -10.08 -1.11
C TYR J 458 50.17 -10.98 -0.04
N ALA J 459 50.57 -10.40 1.11
CA ALA J 459 51.19 -11.14 2.20
C ALA J 459 50.12 -11.70 3.14
N ASP J 460 50.53 -12.51 4.13
CA ASP J 460 49.58 -13.06 5.10
C ASP J 460 49.01 -11.94 5.96
N ILE J 461 49.82 -10.89 6.22
CA ILE J 461 49.42 -9.77 7.06
C ILE J 461 50.17 -8.50 6.69
N ASN J 462 49.53 -7.37 6.96
CA ASN J 462 50.13 -6.06 6.82
C ASN J 462 50.79 -5.75 8.15
N GLN J 463 51.93 -5.05 8.10
CA GLN J 463 52.67 -4.55 9.25
C GLN J 463 51.81 -3.39 9.89
N ILE J 464 51.22 -2.56 9.02
CA ILE J 464 50.44 -1.41 9.48
C ILE J 464 49.08 -1.32 8.79
N SER J 465 48.19 -0.55 9.40
CA SER J 465 46.89 -0.23 8.83
C SER J 465 47.10 0.96 7.87
N SER J 466 46.22 1.12 6.87
CA SER J 466 46.31 2.26 5.95
C SER J 466 45.97 3.60 6.67
N SER J 467 45.11 3.56 7.72
CA SER J 467 44.74 4.75 8.50
C SER J 467 45.62 4.94 9.75
N VAL J 468 45.68 6.19 10.25
CA VAL J 468 46.38 6.55 11.49
C VAL J 468 45.43 6.25 12.71
N LYS J 469 44.22 5.74 12.40
CA LYS J 469 43.24 5.43 13.42
C LYS J 469 43.74 4.35 14.35
N ALA J 470 43.82 4.72 15.64
CA ALA J 470 44.14 3.87 16.76
C ALA J 470 45.43 3.05 16.54
N SER J 471 46.55 3.75 16.27
CA SER J 471 47.82 3.10 15.97
C SER J 471 48.43 2.21 17.05
N SER J 472 48.28 2.57 18.35
CA SER J 472 48.80 1.74 19.42
C SER J 472 47.99 0.41 19.52
N ILE J 473 46.67 0.47 19.25
CA ILE J 473 45.79 -0.70 19.26
C ILE J 473 46.13 -1.60 18.06
N VAL J 474 46.28 -1.00 16.85
CA VAL J 474 46.65 -1.76 15.66
C VAL J 474 48.01 -2.45 15.84
N ALA J 475 49.00 -1.75 16.46
CA ALA J 475 50.32 -2.35 16.73
C ALA J 475 50.16 -3.58 17.64
N SER J 476 49.25 -3.51 18.63
CA SER J 476 48.97 -4.61 19.57
C SER J 476 48.32 -5.76 18.86
N LEU J 477 47.42 -5.49 17.90
CA LEU J 477 46.75 -6.53 17.10
C LEU J 477 47.78 -7.26 16.25
N PHE J 478 48.78 -6.53 15.72
CA PHE J 478 49.86 -7.13 14.93
C PHE J 478 50.67 -8.07 15.81
N LEU J 479 51.11 -7.60 16.99
CA LEU J 479 51.91 -8.41 17.92
C LEU J 479 51.18 -9.66 18.39
N LYS J 480 49.86 -9.55 18.63
CA LYS J 480 49.01 -10.66 19.06
C LYS J 480 49.06 -11.84 18.07
N GLU J 481 49.31 -11.57 16.77
CA GLU J 481 49.40 -12.60 15.74
C GLU J 481 50.64 -13.50 15.91
N PHE J 482 51.60 -13.09 16.75
CA PHE J 482 52.85 -13.80 16.98
C PHE J 482 52.91 -14.55 18.31
N VAL J 483 51.76 -14.61 19.01
CA VAL J 483 51.61 -15.37 20.26
C VAL J 483 50.37 -16.27 20.04
N GLN J 484 50.60 -17.59 19.94
CA GLN J 484 49.54 -18.53 19.64
C GLN J 484 48.73 -19.03 20.81
N ASN J 485 49.39 -19.45 21.89
CA ASN J 485 48.68 -20.06 23.01
C ASN J 485 49.29 -19.77 24.39
N THR J 486 49.78 -18.54 24.60
CA THR J 486 50.39 -18.16 25.87
C THR J 486 49.81 -16.82 26.30
N ALA J 487 49.63 -16.63 27.62
CA ALA J 487 49.20 -15.38 28.24
C ALA J 487 50.30 -14.35 27.91
N TRP J 488 49.90 -13.26 27.25
CA TRP J 488 50.81 -12.22 26.80
C TRP J 488 50.28 -10.83 27.07
N ALA J 489 51.17 -9.91 27.47
CA ALA J 489 50.86 -8.50 27.70
C ALA J 489 51.95 -7.66 27.05
N HIS J 490 51.57 -6.49 26.56
CA HIS J 490 52.46 -5.57 25.84
C HIS J 490 52.37 -4.21 26.51
N ILE J 491 53.50 -3.66 26.93
CA ILE J 491 53.55 -2.38 27.61
C ILE J 491 54.17 -1.35 26.68
N ASP J 492 53.37 -0.38 26.20
CA ASP J 492 53.86 0.65 25.30
C ASP J 492 54.33 1.84 26.13
N ILE J 493 55.66 2.05 26.17
CA ILE J 493 56.34 3.08 26.95
C ILE J 493 56.87 4.25 26.10
N ALA J 494 56.43 4.37 24.83
CA ALA J 494 56.85 5.46 23.93
C ALA J 494 56.65 6.85 24.51
N GLY J 495 55.55 7.04 25.24
CA GLY J 495 55.24 8.33 25.86
C GLY J 495 55.93 8.60 27.19
N VAL J 496 56.18 7.56 27.98
CA VAL J 496 56.72 7.70 29.35
C VAL J 496 58.21 7.53 29.53
N SER J 497 58.91 6.96 28.54
CA SER J 497 60.32 6.62 28.72
C SER J 497 61.25 7.83 28.97
N TRP J 498 61.03 8.90 28.21
CA TRP J 498 61.92 10.06 28.29
C TRP J 498 61.32 11.17 29.13
N ASN J 499 62.10 11.73 30.05
CA ASN J 499 61.68 12.85 30.86
C ASN J 499 62.09 14.11 30.08
N PHE J 500 61.13 14.67 29.31
CA PHE J 500 61.38 15.83 28.44
C PHE J 500 61.83 17.06 29.19
N LYS J 501 61.19 17.37 30.34
CA LYS J 501 61.54 18.53 31.17
C LYS J 501 62.98 18.45 31.74
N ALA J 502 63.39 17.29 32.27
CA ALA J 502 64.71 17.07 32.86
C ALA J 502 65.79 16.68 31.81
N ARG J 503 65.38 16.43 30.56
CA ARG J 503 66.26 16.07 29.44
C ARG J 503 67.06 14.79 29.73
N LYS J 504 66.37 13.78 30.29
CA LYS J 504 67.01 12.53 30.68
C LYS J 504 66.04 11.34 30.65
N PRO J 505 66.52 10.07 30.62
CA PRO J 505 65.56 8.94 30.65
C PRO J 505 65.00 8.77 32.05
N LYS J 506 63.91 8.02 32.16
CA LYS J 506 63.33 7.69 33.45
C LYS J 506 63.77 6.30 33.90
N GLY J 507 64.22 5.44 32.98
CA GLY J 507 64.50 4.04 33.31
C GLY J 507 63.18 3.35 33.61
N PHE J 508 62.11 3.79 32.94
CA PHE J 508 60.73 3.32 33.17
C PHE J 508 60.59 1.83 32.89
N GLY J 509 59.93 1.14 33.82
CA GLY J 509 59.64 -0.27 33.64
C GLY J 509 60.45 -1.23 34.48
N VAL J 510 61.63 -0.81 34.95
CA VAL J 510 62.49 -1.68 35.76
C VAL J 510 61.74 -2.15 37.01
N ARG J 511 61.21 -1.20 37.77
CA ARG J 511 60.53 -1.47 39.04
C ARG J 511 59.23 -2.21 38.84
N LEU J 512 58.49 -1.82 37.79
CA LEU J 512 57.24 -2.46 37.40
C LEU J 512 57.47 -3.94 37.10
N LEU J 513 58.46 -4.27 36.23
CA LEU J 513 58.77 -5.65 35.88
C LEU J 513 59.31 -6.45 37.05
N THR J 514 60.14 -5.83 37.91
CA THR J 514 60.68 -6.54 39.08
C THR J 514 59.54 -6.88 40.07
N GLU J 515 58.66 -5.93 40.35
CA GLU J 515 57.50 -6.16 41.23
C GLU J 515 56.63 -7.29 40.66
N PHE J 516 56.48 -7.34 39.33
CA PHE J 516 55.72 -8.39 38.65
C PHE J 516 56.34 -9.79 38.91
N VAL J 517 57.65 -9.90 38.73
CA VAL J 517 58.33 -11.18 38.94
C VAL J 517 58.42 -11.59 40.43
N LEU J 518 58.62 -10.60 41.34
CA LEU J 518 58.71 -10.83 42.79
C LEU J 518 57.37 -11.15 43.45
N ASN J 519 56.30 -10.43 43.07
CA ASN J 519 54.97 -10.62 43.68
C ASN J 519 54.15 -11.76 43.07
N ASP J 520 54.71 -12.51 42.10
CA ASP J 520 54.08 -13.65 41.44
C ASP J 520 54.12 -14.86 42.36
N SER K 3 73.56 -11.98 -13.50
CA SER K 3 72.82 -13.20 -13.13
C SER K 3 72.65 -13.53 -11.63
N GLU K 4 73.74 -13.54 -10.82
CA GLU K 4 73.60 -13.83 -9.37
C GLU K 4 73.02 -12.63 -8.62
N VAL K 5 71.88 -12.81 -7.94
CA VAL K 5 71.26 -11.72 -7.21
C VAL K 5 71.98 -11.53 -5.86
N PRO K 6 72.54 -10.32 -5.59
CA PRO K 6 73.23 -10.13 -4.30
C PRO K 6 72.24 -10.15 -3.14
N GLN K 7 72.71 -10.61 -1.97
CA GLN K 7 71.87 -10.70 -0.76
C GLN K 7 72.55 -9.98 0.38
N VAL K 8 71.76 -9.38 1.29
CA VAL K 8 72.33 -8.77 2.52
C VAL K 8 72.38 -9.91 3.57
N VAL K 9 71.25 -10.63 3.71
CA VAL K 9 71.11 -11.79 4.60
C VAL K 9 70.72 -12.98 3.75
N SER K 10 70.97 -14.21 4.22
CA SER K 10 70.65 -15.43 3.48
C SER K 10 69.14 -15.59 3.21
N LEU K 11 68.30 -14.87 3.99
CA LEU K 11 66.84 -14.92 3.83
C LEU K 11 66.34 -14.01 2.71
N ASP K 12 67.23 -13.17 2.12
CA ASP K 12 66.83 -12.29 1.01
C ASP K 12 66.52 -13.11 -0.23
N PRO K 13 65.35 -12.89 -0.88
CA PRO K 13 65.02 -13.72 -2.05
C PRO K 13 65.95 -13.48 -3.25
N THR K 14 66.15 -14.52 -4.07
CA THR K 14 67.06 -14.44 -5.23
C THR K 14 66.33 -14.58 -6.57
N SER K 15 65.00 -14.62 -6.55
CA SER K 15 64.22 -14.63 -7.81
C SER K 15 62.82 -14.12 -7.56
N ILE K 16 62.15 -13.71 -8.66
CA ILE K 16 60.75 -13.30 -8.57
C ILE K 16 59.93 -14.58 -8.80
N PRO K 17 59.04 -15.01 -7.88
CA PRO K 17 58.19 -16.16 -8.20
C PRO K 17 57.21 -15.74 -9.30
N ILE K 18 57.04 -16.60 -10.31
CA ILE K 18 56.15 -16.34 -11.43
C ILE K 18 55.23 -17.54 -11.65
N GLU K 19 53.93 -17.28 -11.80
CA GLU K 19 52.94 -18.31 -12.13
C GLU K 19 52.65 -18.19 -13.61
N TYR K 20 53.01 -19.19 -14.42
CA TYR K 20 52.75 -19.22 -15.87
C TYR K 20 51.44 -19.97 -16.17
N ASN K 21 51.27 -21.15 -15.57
CA ASN K 21 50.08 -21.99 -15.74
C ASN K 21 49.08 -21.60 -14.69
N THR K 22 48.12 -20.75 -15.05
CA THR K 22 47.14 -20.28 -14.10
C THR K 22 45.79 -21.05 -14.24
N PRO K 23 44.92 -21.04 -13.22
CA PRO K 23 43.61 -21.70 -13.34
C PRO K 23 42.75 -21.16 -14.50
N ILE K 24 42.97 -19.90 -14.92
CA ILE K 24 42.27 -19.31 -16.07
C ILE K 24 42.56 -20.13 -17.34
N HIS K 25 43.80 -20.63 -17.48
CA HIS K 25 44.21 -21.43 -18.63
C HIS K 25 43.44 -22.77 -18.71
N ASP K 26 42.83 -23.22 -17.59
CA ASP K 26 42.07 -24.47 -17.53
C ASP K 26 40.57 -24.29 -17.81
N ILE K 27 40.12 -23.05 -18.02
CA ILE K 27 38.72 -22.79 -18.32
C ILE K 27 38.42 -23.07 -19.80
N LYS K 28 37.46 -23.98 -20.05
CA LYS K 28 37.00 -24.32 -21.38
C LYS K 28 35.88 -23.31 -21.71
N VAL K 29 36.08 -22.54 -22.78
CA VAL K 29 35.11 -21.53 -23.20
C VAL K 29 34.28 -21.98 -24.43
N GLN K 30 32.95 -21.87 -24.35
CA GLN K 30 32.07 -22.22 -25.49
C GLN K 30 31.15 -21.02 -25.74
N VAL K 31 31.04 -20.60 -27.01
CA VAL K 31 30.22 -19.45 -27.42
C VAL K 31 29.06 -19.97 -28.25
N TYR K 32 27.83 -19.60 -27.85
CA TYR K 32 26.60 -20.04 -28.50
C TYR K 32 25.76 -18.85 -28.90
N ASP K 33 24.98 -19.02 -29.96
CA ASP K 33 24.10 -17.95 -30.40
C ASP K 33 22.83 -17.99 -29.56
N ILE K 34 22.31 -16.80 -29.17
CA ILE K 34 21.07 -16.70 -28.37
C ILE K 34 19.86 -17.31 -29.10
N LYS K 35 19.83 -17.16 -30.43
CA LYS K 35 18.77 -17.70 -31.26
C LYS K 35 18.80 -19.20 -31.06
N GLY K 36 17.67 -19.76 -30.69
CA GLY K 36 17.63 -21.17 -30.36
C GLY K 36 17.43 -21.39 -28.88
N GLY K 37 17.49 -20.30 -28.10
CA GLY K 37 17.23 -20.34 -26.66
C GLY K 37 18.43 -20.75 -25.83
N CYS K 38 18.40 -20.43 -24.55
CA CYS K 38 19.48 -20.73 -23.63
C CYS K 38 19.14 -21.96 -22.80
N ASN K 39 20.09 -22.87 -22.64
CA ASN K 39 19.91 -24.03 -21.77
C ASN K 39 20.47 -23.65 -20.41
N VAL K 40 19.77 -24.01 -19.32
CA VAL K 40 20.21 -23.74 -17.94
C VAL K 40 20.23 -25.11 -17.26
N GLU K 41 21.41 -25.76 -17.26
CA GLU K 41 21.52 -27.12 -16.75
C GLU K 41 22.37 -27.25 -15.49
N GLU K 42 23.38 -26.36 -15.33
CA GLU K 42 24.28 -26.42 -14.18
C GLU K 42 24.95 -25.07 -13.85
N GLY K 43 25.69 -25.05 -12.74
CA GLY K 43 26.42 -23.88 -12.28
C GLY K 43 25.59 -22.62 -12.18
N LEU K 44 26.21 -21.48 -12.54
CA LEU K 44 25.58 -20.16 -12.47
C LEU K 44 25.33 -19.59 -13.88
N THR K 45 24.12 -19.02 -14.10
CA THR K 45 23.71 -18.37 -15.36
C THR K 45 23.37 -16.93 -15.08
N ILE K 46 24.15 -16.01 -15.63
CA ILE K 46 23.97 -14.58 -15.42
C ILE K 46 23.56 -13.88 -16.71
N PHE K 47 22.48 -13.12 -16.64
CA PHE K 47 21.96 -12.31 -17.75
C PHE K 47 22.48 -10.89 -17.59
N LEU K 48 23.04 -10.32 -18.66
CA LEU K 48 23.55 -8.95 -18.67
C LEU K 48 22.45 -8.11 -19.23
N VAL K 49 21.76 -7.39 -18.36
CA VAL K 49 20.56 -6.67 -18.75
C VAL K 49 20.60 -5.18 -18.51
N ASN K 50 20.03 -4.44 -19.45
CA ASN K 50 19.90 -3.00 -19.33
C ASN K 50 18.45 -2.60 -19.49
N ASN K 51 18.17 -1.28 -19.43
CA ASN K 51 16.82 -0.75 -19.66
C ASN K 51 17.03 0.63 -20.28
N PRO K 52 17.16 0.75 -21.61
CA PRO K 52 17.48 2.06 -22.18
C PRO K 52 16.23 2.91 -22.37
N LYS K 54 13.06 3.14 -17.26
CA LYS K 54 14.25 3.64 -17.95
C LYS K 54 15.46 3.70 -16.98
N GLU K 55 15.89 4.91 -16.48
CA GLU K 55 17.01 5.04 -15.51
C GLU K 55 16.62 4.27 -14.24
N ASN K 56 17.47 3.30 -13.84
CA ASN K 56 17.25 2.34 -12.75
C ASN K 56 15.91 1.62 -12.93
N GLY K 57 15.56 1.39 -14.20
CA GLY K 57 14.33 0.72 -14.58
C GLY K 57 14.35 -0.76 -14.24
N PRO K 58 13.18 -1.43 -14.41
CA PRO K 58 13.11 -2.86 -14.08
C PRO K 58 13.96 -3.77 -14.97
N VAL K 59 14.30 -4.94 -14.44
CA VAL K 59 14.98 -6.00 -15.16
C VAL K 59 13.86 -6.75 -15.91
N LYS K 60 14.09 -7.03 -17.21
CA LYS K 60 13.21 -7.81 -18.07
C LYS K 60 14.13 -8.70 -18.90
N ILE K 61 13.93 -10.03 -18.86
CA ILE K 61 14.77 -10.99 -19.60
C ILE K 61 14.12 -11.26 -20.96
N SER K 62 14.82 -10.94 -22.06
CA SER K 62 14.28 -11.13 -23.44
C SER K 62 14.48 -12.54 -23.96
N SER K 63 15.60 -13.18 -23.59
CA SER K 63 15.95 -14.54 -24.07
C SER K 63 15.03 -15.64 -23.64
N LYS K 64 14.69 -16.54 -24.59
CA LYS K 64 13.94 -17.76 -24.32
C LYS K 64 14.92 -18.69 -23.58
N VAL K 65 14.43 -19.32 -22.50
CA VAL K 65 15.22 -20.25 -21.70
C VAL K 65 14.53 -21.60 -21.83
N ASN K 66 15.32 -22.63 -22.22
CA ASN K 66 14.82 -23.95 -22.52
C ASN K 66 14.67 -24.85 -21.28
N ASP K 67 14.23 -24.26 -20.14
CA ASP K 67 13.95 -24.91 -18.85
C ASP K 67 12.69 -24.22 -18.31
N LYS K 68 11.66 -24.99 -17.96
CA LYS K 68 10.37 -24.48 -17.48
C LYS K 68 10.45 -23.82 -16.10
N GLN K 69 11.24 -24.39 -15.17
CA GLN K 69 11.42 -23.87 -13.81
C GLN K 69 12.13 -22.52 -13.85
N VAL K 70 13.23 -22.42 -14.59
CA VAL K 70 14.01 -21.19 -14.73
C VAL K 70 13.18 -20.09 -15.47
N SER K 71 12.47 -20.45 -16.57
CA SER K 71 11.59 -19.54 -17.31
C SER K 71 10.57 -18.89 -16.37
N GLU K 72 10.02 -19.69 -15.44
CA GLU K 72 9.03 -19.23 -14.47
C GLU K 72 9.68 -18.21 -13.52
N PHE K 73 10.94 -18.44 -13.16
CA PHE K 73 11.64 -17.53 -12.28
C PHE K 73 11.91 -16.23 -13.02
N LEU K 74 12.31 -16.34 -14.29
CA LEU K 74 12.63 -15.23 -15.17
C LEU K 74 11.43 -14.44 -15.69
N LYS K 75 10.19 -14.80 -15.27
CA LYS K 75 9.01 -14.06 -15.76
C LYS K 75 9.10 -12.60 -15.34
N ASP K 76 8.55 -11.70 -16.18
CA ASP K 76 8.56 -10.25 -15.96
C ASP K 76 8.12 -9.82 -14.56
N GLU K 77 7.06 -10.44 -14.03
CA GLU K 77 6.50 -10.15 -12.70
C GLU K 77 7.53 -10.40 -11.60
N ASN K 78 8.38 -11.41 -11.74
CA ASN K 78 9.45 -11.63 -10.74
C ASN K 78 10.64 -10.70 -10.97
N MET K 79 11.02 -10.51 -12.24
CA MET K 79 12.21 -9.73 -12.58
C MET K 79 12.10 -8.24 -12.30
N GLU K 80 10.89 -7.68 -12.41
CA GLU K 80 10.62 -6.25 -12.16
C GLU K 80 10.80 -5.83 -10.72
N LYS K 81 10.95 -6.79 -9.80
CA LYS K 81 11.25 -6.57 -8.38
C LYS K 81 12.72 -6.08 -8.31
N PHE K 82 13.49 -6.31 -9.39
CA PHE K 82 14.89 -5.94 -9.49
C PHE K 82 15.05 -4.81 -10.50
N ASN K 83 16.18 -4.09 -10.42
CA ASN K 83 16.47 -2.93 -11.25
C ASN K 83 17.88 -3.01 -11.89
N VAL K 84 18.06 -2.33 -13.04
CA VAL K 84 19.27 -2.36 -13.90
C VAL K 84 20.41 -1.44 -13.51
N LYS K 85 20.32 -0.71 -12.37
CA LYS K 85 21.41 0.18 -11.97
C LYS K 85 22.76 -0.51 -12.19
N LEU K 86 23.65 0.16 -12.93
CA LEU K 86 24.96 -0.35 -13.31
C LEU K 86 25.71 -1.02 -12.15
N GLY K 87 26.00 -2.30 -12.32
CA GLY K 87 26.69 -3.09 -11.31
C GLY K 87 25.82 -3.79 -10.29
N THR K 88 24.52 -3.48 -10.22
CA THR K 88 23.58 -4.14 -9.29
C THR K 88 23.42 -5.59 -9.73
N SER K 89 23.43 -6.52 -8.78
CA SER K 89 23.26 -7.94 -9.10
C SER K 89 22.42 -8.67 -8.08
N LYS K 90 21.76 -9.72 -8.55
CA LYS K 90 21.00 -10.66 -7.72
C LYS K 90 21.21 -12.05 -8.33
N HIS K 91 21.31 -13.06 -7.50
CA HIS K 91 21.38 -14.45 -7.99
C HIS K 91 20.73 -15.36 -6.98
N PHE K 92 19.94 -16.31 -7.47
CA PHE K 92 19.17 -17.25 -6.68
C PHE K 92 19.52 -18.68 -7.03
N TYR K 93 19.54 -19.56 -6.03
CA TYR K 93 19.72 -20.99 -6.22
C TYR K 93 18.34 -21.62 -6.29
N MET K 94 18.14 -22.54 -7.26
CA MET K 94 16.86 -23.23 -7.45
C MET K 94 17.05 -24.59 -8.12
N PHE K 95 15.99 -25.36 -8.17
CA PHE K 95 16.04 -26.60 -8.91
C PHE K 95 15.49 -26.36 -10.31
N ASN K 96 16.17 -26.87 -11.32
CA ASN K 96 15.71 -26.72 -12.70
C ASN K 96 14.71 -27.92 -13.00
N ASP K 97 14.35 -28.14 -14.29
CA ASP K 97 13.43 -29.24 -14.70
C ASP K 97 13.93 -30.64 -14.36
N ASN K 98 15.25 -30.82 -14.31
CA ASN K 98 15.88 -32.13 -14.06
C ASN K 98 16.17 -32.33 -12.57
N LYS K 99 15.64 -31.42 -11.70
CA LYS K 99 15.88 -31.42 -10.26
C LYS K 99 17.38 -31.24 -9.93
N ASN K 100 18.08 -30.51 -10.82
CA ASN K 100 19.48 -30.18 -10.61
C ASN K 100 19.54 -28.76 -10.07
N SER K 101 20.41 -28.56 -9.08
CA SER K 101 20.62 -27.27 -8.45
C SER K 101 21.35 -26.37 -9.46
N VAL K 102 20.73 -25.25 -9.79
CA VAL K 102 21.29 -24.27 -10.71
C VAL K 102 21.18 -22.90 -9.98
N ALA K 103 22.06 -21.97 -10.32
CA ALA K 103 21.93 -20.63 -9.78
C ALA K 103 21.73 -19.71 -10.97
N VAL K 104 20.74 -18.81 -10.87
CA VAL K 104 20.36 -17.90 -11.97
C VAL K 104 20.29 -16.47 -11.45
N GLY K 105 20.83 -15.56 -12.23
CA GLY K 105 20.82 -14.16 -11.83
C GLY K 105 21.06 -13.20 -12.97
N TYR K 106 21.39 -11.95 -12.59
CA TYR K 106 21.64 -10.89 -13.56
C TYR K 106 22.64 -9.88 -13.00
N VAL K 107 23.25 -9.09 -13.90
CA VAL K 107 24.05 -7.94 -13.55
C VAL K 107 23.43 -6.78 -14.33
N GLY K 108 23.08 -5.71 -13.60
CA GLY K 108 22.50 -4.51 -14.20
C GLY K 108 23.53 -3.78 -15.03
N CYS K 109 23.17 -3.44 -16.27
CA CYS K 109 24.07 -2.75 -17.21
C CYS K 109 23.61 -1.30 -17.49
N GLY K 110 22.75 -0.78 -16.63
CA GLY K 110 22.25 0.59 -16.69
C GLY K 110 21.27 0.92 -17.80
N SER K 111 21.28 2.16 -18.19
CA SER K 111 20.33 2.69 -19.18
C SER K 111 20.95 3.22 -20.48
N VAL K 112 22.27 3.14 -20.61
CA VAL K 112 22.98 3.59 -21.81
C VAL K 112 23.27 2.36 -22.68
N ALA K 113 22.75 2.35 -23.92
CA ALA K 113 22.90 1.24 -24.89
C ALA K 113 24.36 0.86 -25.18
N ASP K 114 25.27 1.83 -25.27
CA ASP K 114 26.69 1.55 -25.53
C ASP K 114 27.52 1.70 -24.26
N LEU K 115 28.03 0.57 -23.73
CA LEU K 115 28.84 0.57 -22.52
C LEU K 115 30.27 0.99 -22.81
N SER K 116 30.84 1.85 -21.96
CA SER K 116 32.24 2.23 -22.07
C SER K 116 33.07 1.11 -21.39
N GLU K 117 34.41 1.14 -21.57
CA GLU K 117 35.29 0.17 -20.91
C GLU K 117 35.15 0.29 -19.36
N ALA K 118 34.95 1.51 -18.86
CA ALA K 118 34.78 1.73 -17.43
C ALA K 118 33.46 1.08 -16.93
N ASP K 119 32.37 1.23 -17.71
CA ASP K 119 31.07 0.60 -17.41
C ASP K 119 31.20 -0.92 -17.46
N MET K 120 31.86 -1.46 -18.49
CA MET K 120 32.09 -2.91 -18.65
C MET K 120 32.91 -3.47 -17.49
N LYS K 121 33.90 -2.71 -17.00
CA LYS K 121 34.70 -3.12 -15.84
C LYS K 121 33.81 -3.26 -14.60
N ARG K 122 32.84 -2.32 -14.41
CA ARG K 122 31.90 -2.39 -13.28
C ARG K 122 31.00 -3.64 -13.39
N VAL K 123 30.54 -3.97 -14.60
CA VAL K 123 29.73 -5.17 -14.86
C VAL K 123 30.56 -6.42 -14.49
N VAL K 124 31.80 -6.49 -14.98
CA VAL K 124 32.72 -7.60 -14.70
C VAL K 124 32.99 -7.77 -13.19
N LEU K 125 33.25 -6.66 -12.47
CA LEU K 125 33.50 -6.66 -11.02
C LEU K 125 32.32 -7.25 -10.25
N SER K 126 31.09 -6.92 -10.67
CA SER K 126 29.90 -7.46 -10.03
C SER K 126 29.84 -9.00 -10.26
N LEU K 127 30.16 -9.45 -11.47
CA LEU K 127 30.21 -10.89 -11.83
C LEU K 127 31.30 -11.66 -11.05
N VAL K 128 32.49 -11.03 -10.89
CA VAL K 128 33.65 -11.61 -10.17
C VAL K 128 33.32 -11.88 -8.71
N THR K 129 32.61 -10.93 -8.07
CA THR K 129 32.13 -11.00 -6.68
C THR K 129 31.28 -12.25 -6.48
N MET K 130 30.40 -12.56 -7.46
CA MET K 130 29.58 -13.77 -7.44
C MET K 130 30.48 -14.99 -7.61
N LEU K 131 31.45 -14.93 -8.54
CA LEU K 131 32.36 -16.07 -8.72
C LEU K 131 33.25 -16.35 -7.51
N HIS K 132 33.68 -15.30 -6.78
CA HIS K 132 34.53 -15.48 -5.60
C HIS K 132 33.73 -15.99 -4.38
N ASP K 133 32.37 -15.95 -4.44
CA ASP K 133 31.45 -16.29 -3.35
C ASP K 133 30.66 -17.59 -3.52
N ASN K 134 30.92 -18.35 -4.58
CA ASN K 134 30.18 -19.58 -4.83
C ASN K 134 31.16 -20.59 -5.43
N LYS K 135 31.17 -21.84 -4.89
CA LYS K 135 31.97 -22.95 -5.44
C LYS K 135 31.16 -23.48 -6.63
N LEU K 136 31.58 -23.12 -7.85
CA LEU K 136 30.89 -23.43 -9.09
C LEU K 136 31.82 -24.12 -10.06
N SER K 137 31.28 -25.03 -10.88
CA SER K 137 32.07 -25.71 -11.91
C SER K 137 31.92 -24.93 -13.23
N LYS K 138 30.80 -24.20 -13.37
CA LYS K 138 30.48 -23.51 -14.62
C LYS K 138 29.81 -22.15 -14.42
N LEU K 139 30.19 -21.19 -15.27
CA LEU K 139 29.53 -19.90 -15.36
C LEU K 139 29.03 -19.76 -16.78
N THR K 140 27.79 -19.31 -16.93
CA THR K 140 27.23 -18.99 -18.24
C THR K 140 26.81 -17.53 -18.20
N VAL K 141 27.21 -16.76 -19.23
CA VAL K 141 26.88 -15.34 -19.33
C VAL K 141 25.99 -15.14 -20.56
N VAL K 142 24.81 -14.51 -20.36
CA VAL K 142 23.87 -14.27 -21.44
C VAL K 142 23.92 -12.76 -21.75
N PHE K 143 24.35 -12.40 -22.97
CA PHE K 143 24.44 -11.00 -23.35
C PHE K 143 23.13 -10.47 -23.92
N GLU K 144 22.38 -9.71 -23.12
CA GLU K 144 21.15 -9.07 -23.62
C GLU K 144 21.39 -7.55 -23.78
N ILE K 145 22.63 -7.22 -24.11
CA ILE K 145 23.20 -5.87 -24.32
C ILE K 145 24.05 -5.96 -25.58
N ASN K 146 24.33 -4.83 -26.20
CA ASN K 146 25.15 -4.76 -27.43
C ASN K 146 26.60 -4.49 -27.13
N VAL K 147 27.46 -5.36 -27.64
CA VAL K 147 28.89 -5.27 -27.43
C VAL K 147 29.59 -5.59 -28.76
N ASP K 148 30.55 -4.73 -29.22
CA ASP K 148 31.27 -5.04 -30.45
C ASP K 148 32.37 -6.11 -30.18
N LYS K 149 33.08 -6.59 -31.21
CA LYS K 149 34.11 -7.62 -31.04
C LYS K 149 35.21 -7.25 -30.02
N ASN K 150 35.72 -6.01 -30.10
CA ASN K 150 36.76 -5.54 -29.19
C ASN K 150 36.25 -5.45 -27.75
N LEU K 151 34.99 -5.00 -27.54
CA LEU K 151 34.44 -4.89 -26.19
C LEU K 151 34.17 -6.27 -25.60
N PHE K 152 33.76 -7.24 -26.44
CA PHE K 152 33.58 -8.64 -26.03
C PHE K 152 34.91 -9.23 -25.57
N ARG K 153 35.98 -8.96 -26.34
CA ARG K 153 37.32 -9.43 -25.96
C ARG K 153 37.76 -8.76 -24.66
N PHE K 154 37.52 -7.44 -24.51
CA PHE K 154 37.82 -6.72 -23.29
C PHE K 154 37.04 -7.29 -22.09
N PHE K 155 35.76 -7.68 -22.27
CA PHE K 155 34.94 -8.31 -21.22
C PHE K 155 35.64 -9.58 -20.71
N LEU K 156 36.04 -10.46 -21.65
CA LEU K 156 36.71 -11.73 -21.38
C LEU K 156 38.04 -11.50 -20.69
N GLU K 157 38.90 -10.58 -21.19
CA GLU K 157 40.21 -10.27 -20.59
C GLU K 157 40.05 -9.77 -19.16
N THR K 158 39.08 -8.82 -18.94
CA THR K 158 38.82 -8.21 -17.62
C THR K 158 38.30 -9.29 -16.67
N LEU K 159 37.37 -10.14 -17.16
CA LEU K 159 36.85 -11.23 -16.35
C LEU K 159 37.99 -12.13 -15.88
N PHE K 160 38.83 -12.62 -16.81
CA PHE K 160 39.99 -13.47 -16.48
C PHE K 160 40.94 -12.80 -15.52
N TYR K 161 41.33 -11.54 -15.80
CA TYR K 161 42.26 -10.80 -14.95
C TYR K 161 41.73 -10.57 -13.54
N GLU K 162 40.49 -10.09 -13.40
CA GLU K 162 39.89 -9.79 -12.10
C GLU K 162 39.58 -11.05 -11.30
N TYR K 163 39.27 -12.15 -11.98
CA TYR K 163 38.93 -13.44 -11.34
C TYR K 163 40.15 -14.08 -10.70
N MET K 164 41.28 -13.97 -11.39
CA MET K 164 42.57 -14.50 -10.95
C MET K 164 43.07 -13.85 -9.66
N THR K 165 43.46 -14.66 -8.66
CA THR K 165 43.96 -14.14 -7.37
C THR K 165 45.43 -14.51 -7.22
N ASP K 166 46.28 -13.50 -7.01
CA ASP K 166 47.73 -13.68 -6.86
C ASP K 166 48.08 -14.11 -5.44
N GLU K 167 48.44 -15.39 -5.28
CA GLU K 167 48.77 -15.99 -3.97
C GLU K 167 50.23 -16.34 -3.77
N ARG K 168 51.12 -15.82 -4.66
CA ARG K 168 52.57 -16.07 -4.58
C ARG K 168 53.21 -15.74 -3.23
N PHE K 169 52.72 -14.69 -2.56
CA PHE K 169 53.31 -14.22 -1.30
C PHE K 169 52.54 -14.65 -0.06
N LYS K 170 51.52 -15.48 -0.24
CA LYS K 170 50.71 -16.04 0.86
C LYS K 170 51.41 -17.29 1.33
N SER K 171 51.40 -17.54 2.64
CA SER K 171 52.03 -18.73 3.20
C SER K 171 51.05 -19.44 4.13
N GLU K 179 38.95 -23.14 -5.47
CA GLU K 179 38.28 -23.79 -6.63
C GLU K 179 37.65 -22.82 -7.66
N TYR K 180 38.26 -22.74 -8.83
CA TYR K 180 37.86 -21.94 -9.99
C TYR K 180 36.89 -22.74 -10.89
N ILE K 181 36.05 -22.04 -11.67
CA ILE K 181 35.17 -22.66 -12.67
C ILE K 181 36.05 -23.39 -13.70
N LYS K 182 35.54 -24.44 -14.30
CA LYS K 182 36.25 -25.21 -15.32
C LYS K 182 35.66 -24.91 -16.69
N HIS K 183 34.47 -24.29 -16.70
CA HIS K 183 33.75 -23.99 -17.95
C HIS K 183 33.15 -22.62 -17.94
N LEU K 184 33.22 -21.96 -19.09
CA LEU K 184 32.59 -20.67 -19.32
C LEU K 184 31.74 -20.76 -20.60
N GLY K 185 30.44 -20.56 -20.45
CA GLY K 185 29.52 -20.50 -21.57
C GLY K 185 29.11 -19.06 -21.84
N VAL K 186 29.02 -18.68 -23.12
CA VAL K 186 28.59 -17.32 -23.47
C VAL K 186 27.45 -17.42 -24.46
N TYR K 187 26.34 -16.73 -24.19
CA TYR K 187 25.23 -16.65 -25.16
C TYR K 187 25.27 -15.24 -25.65
N ILE K 188 25.37 -15.09 -26.97
CA ILE K 188 25.48 -13.79 -27.61
C ILE K 188 24.92 -13.82 -29.04
N ASN K 189 24.37 -12.69 -29.50
CA ASN K 189 23.85 -12.63 -30.86
C ASN K 189 25.03 -12.56 -31.83
N ASN K 190 24.95 -13.33 -32.95
CA ASN K 190 26.01 -13.47 -33.97
C ASN K 190 27.29 -14.05 -33.36
N ALA K 191 27.13 -15.12 -32.56
CA ALA K 191 28.17 -15.84 -31.82
C ALA K 191 29.41 -16.21 -32.63
N ASP K 192 29.20 -16.63 -33.89
CA ASP K 192 30.29 -17.02 -34.80
C ASP K 192 31.35 -15.94 -34.98
N THR K 193 30.92 -14.67 -35.03
CA THR K 193 31.84 -13.54 -35.18
C THR K 193 32.70 -13.29 -33.91
N TYR K 194 32.23 -13.72 -32.73
CA TYR K 194 32.92 -13.49 -31.46
C TYR K 194 33.92 -14.58 -31.06
N LYS K 195 33.78 -15.77 -31.64
CA LYS K 195 34.61 -16.95 -31.34
C LYS K 195 36.12 -16.73 -31.43
N GLU K 196 36.59 -15.98 -32.44
CA GLU K 196 38.02 -15.69 -32.64
C GLU K 196 38.64 -14.86 -31.51
N GLU K 197 37.80 -14.09 -30.78
CA GLU K 197 38.23 -13.24 -29.69
C GLU K 197 38.61 -14.02 -28.44
N VAL K 198 38.11 -15.25 -28.29
CA VAL K 198 38.34 -16.05 -27.09
C VAL K 198 39.81 -16.32 -26.79
N GLU K 199 40.53 -16.94 -27.73
CA GLU K 199 41.95 -17.23 -27.49
C GLU K 199 42.82 -16.01 -27.49
N LYS K 200 42.41 -14.95 -28.20
CA LYS K 200 43.13 -13.69 -28.20
C LYS K 200 42.99 -13.08 -26.78
N ALA K 201 41.76 -13.12 -26.21
CA ALA K 201 41.51 -12.63 -24.86
C ALA K 201 42.36 -13.38 -23.82
N ARG K 202 42.53 -14.71 -24.00
CA ARG K 202 43.33 -15.51 -23.07
C ARG K 202 44.81 -15.11 -23.09
N VAL K 203 45.35 -14.84 -24.28
CA VAL K 203 46.74 -14.36 -24.47
C VAL K 203 46.89 -12.96 -23.84
N TYR K 204 45.94 -12.04 -24.16
CA TYR K 204 45.94 -10.67 -23.62
C TYR K 204 45.84 -10.67 -22.10
N TYR K 205 44.99 -11.55 -21.55
CA TYR K 205 44.87 -11.71 -20.10
C TYR K 205 46.26 -12.09 -19.53
N PHE K 206 46.92 -13.13 -20.09
CA PHE K 206 48.20 -13.54 -19.50
C PHE K 206 49.31 -12.48 -19.59
N GLY K 207 49.41 -11.78 -20.71
CA GLY K 207 50.39 -10.71 -20.86
C GLY K 207 50.19 -9.66 -19.76
N THR K 208 48.93 -9.27 -19.53
CA THR K 208 48.51 -8.28 -18.51
C THR K 208 48.77 -8.84 -17.12
N TYR K 209 48.40 -10.12 -16.88
CA TYR K 209 48.59 -10.75 -15.57
C TYR K 209 50.07 -10.94 -15.24
N TYR K 210 50.88 -11.27 -16.26
CA TYR K 210 52.32 -11.43 -16.12
C TYR K 210 52.94 -10.07 -15.71
N ALA K 211 52.54 -8.97 -16.40
CA ALA K 211 53.00 -7.62 -16.08
C ALA K 211 52.65 -7.30 -14.61
N SER K 212 51.41 -7.63 -14.22
CA SER K 212 50.87 -7.44 -12.88
C SER K 212 51.71 -8.18 -11.82
N GLN K 213 52.11 -9.42 -12.11
CA GLN K 213 52.95 -10.23 -11.22
C GLN K 213 54.30 -9.56 -10.96
N LEU K 214 54.92 -8.99 -11.99
CA LEU K 214 56.20 -8.28 -11.85
C LEU K 214 56.03 -7.00 -11.02
N ILE K 215 54.96 -6.22 -11.31
CA ILE K 215 54.67 -4.97 -10.59
C ILE K 215 54.37 -5.25 -9.11
N ALA K 216 53.44 -6.19 -8.83
CA ALA K 216 53.04 -6.54 -7.46
C ALA K 216 54.20 -7.11 -6.63
N ALA K 217 55.14 -7.81 -7.28
CA ALA K 217 56.32 -8.36 -6.63
C ALA K 217 57.08 -7.20 -5.95
N PRO K 218 57.29 -7.29 -4.61
CA PRO K 218 57.98 -6.20 -3.90
C PRO K 218 59.42 -6.04 -4.35
N SER K 219 60.01 -4.89 -4.03
CA SER K 219 61.37 -4.51 -4.41
C SER K 219 62.49 -5.42 -3.88
N ASN K 220 62.25 -6.18 -2.79
CA ASN K 220 63.25 -7.14 -2.30
C ASN K 220 63.24 -8.39 -3.23
N TYR K 221 62.07 -8.74 -3.79
CA TYR K 221 61.97 -9.86 -4.73
C TYR K 221 62.36 -9.40 -6.15
N CYS K 222 61.76 -8.28 -6.60
CA CYS K 222 61.92 -7.71 -7.94
C CYS K 222 62.89 -6.55 -7.88
N ASN K 223 64.15 -6.85 -8.15
CA ASN K 223 65.26 -5.91 -8.17
C ASN K 223 65.88 -5.94 -9.59
N PRO K 224 66.85 -5.07 -9.95
CA PRO K 224 67.37 -5.06 -11.33
C PRO K 224 67.91 -6.39 -11.83
N VAL K 225 68.53 -7.19 -10.93
CA VAL K 225 69.10 -8.50 -11.28
C VAL K 225 67.99 -9.55 -11.48
N SER K 226 67.08 -9.69 -10.50
CA SER K 226 65.99 -10.68 -10.62
C SER K 226 65.00 -10.34 -11.75
N LEU K 227 64.74 -9.03 -11.99
CA LEU K 227 63.84 -8.60 -13.08
C LEU K 227 64.45 -8.94 -14.46
N SER K 228 65.75 -8.66 -14.65
CA SER K 228 66.42 -9.01 -15.90
C SER K 228 66.52 -10.54 -16.06
N ASN K 229 66.67 -11.31 -14.96
CA ASN K 229 66.69 -12.78 -15.03
C ASN K 229 65.31 -13.29 -15.46
N ALA K 230 64.23 -12.67 -14.95
CA ALA K 230 62.85 -13.04 -15.32
C ALA K 230 62.63 -12.77 -16.83
N ALA K 231 63.16 -11.64 -17.35
CA ALA K 231 63.05 -11.27 -18.77
C ALA K 231 63.80 -12.32 -19.65
N VAL K 232 64.96 -12.84 -19.18
CA VAL K 232 65.72 -13.88 -19.89
C VAL K 232 64.89 -15.17 -19.96
N GLU K 233 64.29 -15.57 -18.84
CA GLU K 233 63.45 -16.77 -18.76
C GLU K 233 62.25 -16.66 -19.72
N LEU K 234 61.61 -15.46 -19.76
CA LEU K 234 60.50 -15.22 -20.65
C LEU K 234 60.94 -15.37 -22.11
N ALA K 235 62.07 -14.74 -22.46
CA ALA K 235 62.64 -14.77 -23.82
C ALA K 235 62.96 -16.20 -24.26
N GLN K 236 63.52 -17.02 -23.33
CA GLN K 236 63.83 -18.42 -23.59
C GLN K 236 62.57 -19.25 -23.84
N LYS K 237 61.52 -19.01 -23.06
CA LYS K 237 60.24 -19.71 -23.24
C LYS K 237 59.55 -19.35 -24.55
N LEU K 238 59.73 -18.10 -25.02
CA LEU K 238 59.09 -17.63 -26.25
C LEU K 238 59.97 -17.73 -27.50
N ASN K 239 61.22 -18.18 -27.36
CA ASN K 239 62.19 -18.23 -28.44
C ASN K 239 62.51 -16.84 -29.02
N LEU K 240 62.59 -15.84 -28.13
CA LEU K 240 62.95 -14.48 -28.52
C LEU K 240 64.47 -14.36 -28.34
N GLU K 241 65.11 -13.50 -29.13
CA GLU K 241 66.53 -13.19 -28.97
C GLU K 241 66.63 -12.30 -27.73
N TYR K 242 67.72 -12.43 -26.96
CA TYR K 242 67.88 -11.62 -25.76
C TYR K 242 69.32 -11.25 -25.51
N LYS K 243 69.52 -10.13 -24.83
CA LYS K 243 70.81 -9.61 -24.43
C LYS K 243 70.56 -8.77 -23.16
N ILE K 244 71.31 -9.05 -22.09
CA ILE K 244 71.29 -8.25 -20.86
C ILE K 244 72.63 -7.51 -20.81
N LEU K 245 72.58 -6.18 -20.82
CA LEU K 245 73.82 -5.39 -20.76
C LEU K 245 74.13 -5.09 -19.30
N GLY K 246 75.34 -5.45 -18.88
CA GLY K 246 75.84 -5.19 -17.52
C GLY K 246 76.59 -3.88 -17.44
N VAL K 247 77.03 -3.52 -16.23
CA VAL K 247 77.76 -2.27 -15.93
C VAL K 247 78.95 -1.98 -16.85
N LYS K 248 79.82 -2.98 -17.09
CA LYS K 248 81.00 -2.81 -17.96
C LYS K 248 80.59 -2.38 -19.37
N GLU K 249 79.56 -3.03 -19.93
CA GLU K 249 79.07 -2.71 -21.29
C GLU K 249 78.38 -1.34 -21.27
N LEU K 250 77.64 -1.02 -20.19
CA LEU K 250 76.95 0.28 -20.06
C LEU K 250 77.95 1.43 -19.96
N GLU K 251 79.11 1.19 -19.29
CA GLU K 251 80.19 2.18 -19.19
C GLU K 251 80.79 2.41 -20.57
N GLU K 252 81.05 1.33 -21.34
CA GLU K 252 81.60 1.42 -22.72
C GLU K 252 80.66 2.22 -23.61
N LEU K 253 79.33 2.05 -23.41
CA LEU K 253 78.31 2.77 -24.18
C LEU K 253 78.09 4.20 -23.66
N LYS K 254 78.81 4.58 -22.58
CA LYS K 254 78.78 5.93 -21.99
C LYS K 254 77.40 6.34 -21.50
N MET K 255 76.65 5.37 -20.96
CA MET K 255 75.29 5.63 -20.45
C MET K 255 75.34 6.27 -19.06
N GLY K 256 75.93 7.48 -18.99
CA GLY K 256 76.14 8.22 -17.75
C GLY K 256 74.90 8.66 -17.01
N ALA K 257 73.80 8.98 -17.75
CA ALA K 257 72.56 9.39 -17.09
C ALA K 257 71.92 8.19 -16.37
N TYR K 258 71.81 7.06 -17.07
CA TYR K 258 71.25 5.82 -16.52
C TYR K 258 72.14 5.26 -15.41
N LEU K 259 73.48 5.22 -15.61
CA LEU K 259 74.37 4.70 -14.57
C LEU K 259 74.38 5.53 -13.30
N SER K 260 74.19 6.87 -13.40
CA SER K 260 74.18 7.76 -12.22
C SER K 260 73.03 7.44 -11.30
N VAL K 261 71.86 7.14 -11.88
CA VAL K 261 70.67 6.77 -11.11
C VAL K 261 70.90 5.53 -10.21
N GLY K 262 71.53 4.52 -10.78
CA GLY K 262 71.81 3.26 -10.08
C GLY K 262 73.01 3.22 -9.16
N LYS K 263 73.79 4.31 -9.10
CA LYS K 263 75.00 4.39 -8.28
C LYS K 263 74.81 4.02 -6.80
N GLY K 264 73.72 4.49 -6.20
CA GLY K 264 73.43 4.23 -4.79
C GLY K 264 72.82 2.89 -4.46
N SER K 265 72.61 2.01 -5.47
CA SER K 265 71.99 0.70 -5.25
C SER K 265 73.01 -0.43 -5.01
N MET K 266 72.60 -1.45 -4.23
CA MET K 266 73.41 -2.66 -4.01
C MET K 266 73.26 -3.61 -5.22
N TYR K 267 72.27 -3.33 -6.09
CA TYR K 267 72.02 -4.15 -7.28
C TYR K 267 72.62 -3.47 -8.50
N PRO K 268 73.52 -4.17 -9.23
CA PRO K 268 74.08 -3.58 -10.45
C PRO K 268 72.99 -3.33 -11.51
N ASN K 269 73.14 -2.24 -12.28
CA ASN K 269 72.22 -1.89 -13.38
C ASN K 269 72.21 -3.01 -14.40
N LYS K 270 71.03 -3.30 -14.95
CA LYS K 270 70.85 -4.34 -15.98
C LYS K 270 69.97 -3.78 -17.08
N PHE K 271 70.48 -3.72 -18.30
CA PHE K 271 69.71 -3.20 -19.42
C PHE K 271 69.12 -4.37 -20.20
N ILE K 272 67.78 -4.48 -20.23
CA ILE K 272 67.08 -5.55 -20.93
C ILE K 272 66.89 -5.20 -22.41
N HIS K 273 67.28 -6.14 -23.30
CA HIS K 273 67.07 -6.00 -24.74
C HIS K 273 66.58 -7.33 -25.29
N LEU K 274 65.27 -7.44 -25.52
CA LEU K 274 64.66 -8.64 -26.10
C LEU K 274 64.28 -8.27 -27.53
N THR K 275 64.31 -9.25 -28.44
CA THR K 275 63.93 -8.98 -29.84
C THR K 275 63.02 -10.05 -30.38
N TYR K 276 61.91 -9.62 -31.00
CA TYR K 276 61.02 -10.50 -31.76
C TYR K 276 61.27 -10.14 -33.23
N LYS K 277 61.53 -11.14 -34.07
CA LYS K 277 61.67 -10.89 -35.50
C LYS K 277 60.77 -11.85 -36.27
N SER K 278 59.93 -11.31 -37.16
CA SER K 278 59.04 -12.13 -37.99
C SER K 278 59.85 -12.97 -38.96
N LYS K 279 59.30 -14.14 -39.37
CA LYS K 279 59.93 -15.07 -40.30
C LYS K 279 60.21 -14.51 -41.70
N GLY K 280 59.28 -13.74 -42.26
CA GLY K 280 59.41 -13.19 -43.62
C GLY K 280 60.12 -11.85 -43.70
N ASP K 281 59.73 -11.04 -44.70
CA ASP K 281 60.28 -9.69 -44.91
C ASP K 281 59.85 -8.75 -43.78
N VAL K 282 60.81 -7.99 -43.23
CA VAL K 282 60.51 -7.03 -42.17
C VAL K 282 60.16 -5.68 -42.81
N LYS K 283 58.92 -5.23 -42.58
CA LYS K 283 58.40 -3.99 -43.13
C LYS K 283 58.40 -2.83 -42.14
N LYS K 284 58.36 -3.15 -40.83
CA LYS K 284 58.34 -2.15 -39.78
C LYS K 284 59.23 -2.60 -38.62
N LYS K 285 60.04 -1.67 -38.12
CA LYS K 285 60.92 -1.91 -36.96
C LYS K 285 60.45 -0.99 -35.86
N ILE K 286 60.20 -1.57 -34.67
CA ILE K 286 59.68 -0.84 -33.52
C ILE K 286 60.53 -1.11 -32.28
N ALA K 287 60.81 -0.05 -31.50
CA ALA K 287 61.46 -0.16 -30.19
C ALA K 287 60.41 0.27 -29.15
N LEU K 288 60.15 -0.62 -28.20
CA LEU K 288 59.25 -0.36 -27.07
C LEU K 288 60.14 -0.24 -25.84
N VAL K 289 60.12 0.94 -25.22
CA VAL K 289 60.99 1.30 -24.10
C VAL K 289 60.17 1.46 -22.82
N GLY K 290 60.49 0.69 -21.79
CA GLY K 290 59.76 0.77 -20.52
C GLY K 290 60.62 1.26 -19.40
N LYS K 291 60.11 2.18 -18.56
CA LYS K 291 60.84 2.67 -17.39
C LYS K 291 60.89 1.51 -16.40
N GLY K 292 62.10 1.19 -15.94
CA GLY K 292 62.34 0.06 -15.06
C GLY K 292 63.01 0.38 -13.75
N ILE K 293 62.38 1.22 -12.93
CA ILE K 293 62.91 1.56 -11.61
C ILE K 293 62.27 0.57 -10.64
N THR K 294 63.04 -0.39 -10.12
CA THR K 294 62.50 -1.46 -9.25
C THR K 294 62.04 -0.96 -7.90
N PHE K 295 62.63 0.14 -7.43
CA PHE K 295 62.23 0.87 -6.24
C PHE K 295 62.69 2.28 -6.39
N ASP K 296 61.75 3.21 -6.19
CA ASP K 296 62.09 4.63 -6.26
C ASP K 296 61.95 5.27 -4.87
N SER K 297 63.06 5.44 -4.17
CA SER K 297 63.03 6.10 -2.87
C SER K 297 62.98 7.63 -3.07
N GLY K 298 63.36 8.07 -4.26
CA GLY K 298 63.53 9.47 -4.60
C GLY K 298 65.00 9.86 -4.57
N GLY K 299 65.83 9.02 -3.94
CA GLY K 299 67.25 9.29 -3.76
C GLY K 299 67.43 10.37 -2.70
N TYR K 300 68.50 11.19 -2.78
CA TYR K 300 68.73 12.29 -1.84
C TYR K 300 67.55 13.25 -1.72
N ASN K 301 66.77 13.42 -2.84
CA ASN K 301 65.49 14.12 -2.82
C ASN K 301 64.44 13.06 -2.39
N LEU K 302 64.60 12.56 -1.16
CA LEU K 302 63.78 11.48 -0.61
C LEU K 302 62.29 11.75 -0.66
N LYS K 303 61.48 10.70 -0.95
CA LYS K 303 60.01 10.82 -0.97
C LYS K 303 59.57 10.82 0.49
N ALA K 304 59.68 11.99 1.13
CA ALA K 304 59.38 12.15 2.56
C ALA K 304 58.12 13.01 2.78
N ALA K 305 57.69 13.77 1.76
CA ALA K 305 56.50 14.64 1.82
C ALA K 305 55.20 13.83 2.01
N PRO K 306 54.20 14.32 2.78
CA PRO K 306 52.95 13.55 2.92
C PRO K 306 52.29 13.39 1.55
N GLY K 307 51.83 12.19 1.26
CA GLY K 307 51.23 11.89 -0.03
C GLY K 307 52.23 11.58 -1.13
N SER K 308 53.55 11.45 -0.80
CA SER K 308 54.55 11.13 -1.83
C SER K 308 54.56 9.66 -2.24
N MET K 309 53.75 8.81 -1.54
CA MET K 309 53.49 7.40 -1.86
C MET K 309 54.74 6.51 -1.99
N ILE K 310 55.75 6.70 -1.13
CA ILE K 310 56.97 5.89 -1.16
C ILE K 310 56.65 4.37 -1.03
N ASP K 311 55.57 4.02 -0.28
CA ASP K 311 55.16 2.63 -0.05
C ASP K 311 54.68 1.92 -1.33
N LEU K 312 54.37 2.69 -2.38
CA LEU K 312 53.90 2.18 -3.66
C LEU K 312 55.01 2.04 -4.69
N MET K 313 56.21 2.57 -4.40
CA MET K 313 57.32 2.68 -5.35
C MET K 313 57.92 1.42 -5.96
N LYS K 314 57.47 0.23 -5.50
CA LYS K 314 57.81 -1.03 -6.16
C LYS K 314 57.17 -1.03 -7.58
N PHE K 315 56.13 -0.15 -7.79
CA PHE K 315 55.40 -0.06 -9.07
C PHE K 315 56.14 0.75 -10.12
N ASP K 316 57.30 1.34 -9.77
CA ASP K 316 58.04 2.20 -10.68
C ASP K 316 58.69 1.51 -11.90
N MET K 317 58.52 0.19 -11.98
CA MET K 317 58.98 -0.64 -13.10
C MET K 317 57.77 -1.10 -13.93
N SER K 318 56.58 -0.47 -13.74
CA SER K 318 55.33 -0.77 -14.48
C SER K 318 55.50 -0.65 -15.99
N GLY K 319 56.32 0.31 -16.44
CA GLY K 319 56.58 0.53 -17.86
C GLY K 319 57.34 -0.67 -18.42
N CYS K 320 58.38 -1.10 -17.69
CA CYS K 320 59.15 -2.29 -18.06
C CYS K 320 58.23 -3.52 -18.07
N ALA K 321 57.36 -3.66 -17.04
CA ALA K 321 56.43 -4.77 -16.96
C ALA K 321 55.46 -4.79 -18.14
N ALA K 322 54.93 -3.61 -18.56
CA ALA K 322 54.02 -3.52 -19.72
C ALA K 322 54.75 -3.98 -21.01
N VAL K 323 56.01 -3.58 -21.17
CA VAL K 323 56.86 -3.95 -22.32
C VAL K 323 57.10 -5.47 -22.35
N LEU K 324 57.38 -6.09 -21.17
CA LEU K 324 57.59 -7.54 -21.08
C LEU K 324 56.29 -8.33 -21.29
N GLY K 325 55.17 -7.79 -20.80
CA GLY K 325 53.85 -8.37 -21.02
C GLY K 325 53.50 -8.32 -22.51
N CYS K 326 53.89 -7.23 -23.17
CA CYS K 326 53.71 -7.10 -24.63
C CYS K 326 54.59 -8.16 -25.34
N ALA K 327 55.86 -8.35 -24.88
CA ALA K 327 56.76 -9.38 -25.45
C ALA K 327 56.11 -10.76 -25.35
N TYR K 328 55.40 -11.06 -24.23
CA TYR K 328 54.69 -12.33 -24.12
C TYR K 328 53.63 -12.44 -25.23
N CYS K 329 52.78 -11.41 -25.39
CA CYS K 329 51.69 -11.44 -26.38
C CYS K 329 52.22 -11.53 -27.82
N VAL K 330 53.25 -10.70 -28.16
CA VAL K 330 53.81 -10.74 -29.53
C VAL K 330 54.55 -12.03 -29.84
N GLY K 331 55.27 -12.56 -28.82
CA GLY K 331 55.96 -13.83 -28.95
C GLY K 331 55.00 -15.01 -29.08
N THR K 332 53.80 -14.90 -28.53
CA THR K 332 52.77 -15.95 -28.59
C THR K 332 51.96 -15.84 -29.89
N LEU K 333 51.50 -14.64 -30.24
CA LEU K 333 50.64 -14.45 -31.42
C LEU K 333 51.41 -14.45 -32.74
N LYS K 334 52.74 -14.21 -32.66
CA LYS K 334 53.67 -14.22 -33.79
C LYS K 334 53.24 -13.36 -34.99
N PRO K 335 53.13 -12.02 -34.85
CA PRO K 335 52.75 -11.20 -36.02
C PRO K 335 53.81 -11.27 -37.13
N GLU K 336 53.38 -11.00 -38.36
CA GLU K 336 54.24 -11.02 -39.55
C GLU K 336 54.76 -9.63 -39.85
N ASN K 337 55.83 -9.56 -40.66
CA ASN K 337 56.49 -8.38 -41.23
C ASN K 337 56.98 -7.33 -40.24
N VAL K 338 57.25 -7.74 -39.00
CA VAL K 338 57.69 -6.82 -37.96
C VAL K 338 58.92 -7.30 -37.21
N GLU K 339 59.72 -6.34 -36.74
CA GLU K 339 60.85 -6.60 -35.86
C GLU K 339 60.63 -5.68 -34.66
N ILE K 340 60.48 -6.25 -33.46
CA ILE K 340 60.23 -5.50 -32.24
C ILE K 340 61.34 -5.68 -31.24
N HIS K 341 61.86 -4.57 -30.72
CA HIS K 341 62.89 -4.52 -29.68
C HIS K 341 62.18 -4.10 -28.38
N PHE K 342 62.32 -4.93 -27.34
CA PHE K 342 61.69 -4.72 -26.03
C PHE K 342 62.83 -4.31 -25.09
N LEU K 343 62.84 -3.03 -24.71
CA LEU K 343 63.93 -2.45 -23.95
C LEU K 343 63.56 -1.90 -22.60
N SER K 344 64.50 -2.00 -21.66
CA SER K 344 64.37 -1.39 -20.34
C SER K 344 65.69 -1.18 -19.66
N ALA K 345 65.99 0.09 -19.30
CA ALA K 345 67.19 0.46 -18.55
C ALA K 345 66.80 0.27 -17.07
N VAL K 346 66.99 -0.95 -16.56
CA VAL K 346 66.56 -1.32 -15.19
C VAL K 346 67.59 -0.93 -14.13
N CYS K 347 67.12 -0.30 -13.04
CA CYS K 347 67.95 0.07 -11.90
C CYS K 347 67.06 0.39 -10.70
N GLU K 348 67.69 0.73 -9.58
CA GLU K 348 67.00 1.05 -8.34
C GLU K 348 67.53 2.41 -7.84
N ASN K 349 66.63 3.35 -7.42
CA ASN K 349 66.98 4.71 -6.97
C ASN K 349 67.02 4.77 -5.45
N MET K 350 68.24 4.71 -4.90
CA MET K 350 68.48 4.59 -3.46
C MET K 350 69.32 5.68 -2.81
N VAL K 351 69.35 5.67 -1.46
CA VAL K 351 70.13 6.63 -0.65
C VAL K 351 71.33 5.89 -0.08
N SER K 352 72.51 6.44 -0.32
CA SER K 352 73.76 5.77 0.04
C SER K 352 74.91 6.78 -0.01
N LYS K 353 76.07 6.40 0.50
CA LYS K 353 77.26 7.26 0.36
C LYS K 353 77.61 7.30 -1.15
N ASN K 354 77.16 6.27 -1.92
CA ASN K 354 77.47 6.13 -3.34
C ASN K 354 76.46 6.77 -4.30
N SER K 355 75.35 7.31 -3.80
CA SER K 355 74.31 7.87 -4.68
C SER K 355 74.72 9.13 -5.41
N TYR K 356 74.05 9.40 -6.53
CA TYR K 356 74.22 10.66 -7.22
C TYR K 356 73.50 11.73 -6.38
N ARG K 357 73.94 12.97 -6.52
CA ARG K 357 73.40 14.06 -5.71
C ARG K 357 72.65 15.09 -6.53
N PRO K 358 71.74 15.85 -5.88
CA PRO K 358 71.13 17.00 -6.55
C PRO K 358 72.27 17.98 -6.88
N GLY K 359 72.27 18.51 -8.11
CA GLY K 359 73.32 19.40 -8.57
C GLY K 359 74.40 18.73 -9.40
N ASP K 360 74.51 17.39 -9.33
CA ASP K 360 75.53 16.66 -10.12
C ASP K 360 75.35 16.91 -11.63
N ILE K 361 76.47 17.02 -12.36
CA ILE K 361 76.41 17.16 -13.82
C ILE K 361 76.88 15.84 -14.39
N ILE K 362 76.00 15.20 -15.16
CA ILE K 362 76.24 13.87 -15.73
C ILE K 362 76.19 13.92 -17.27
N THR K 363 76.84 12.98 -17.94
CA THR K 363 76.90 12.97 -19.40
C THR K 363 76.16 11.79 -19.97
N ALA K 364 75.12 12.06 -20.80
CA ALA K 364 74.34 11.01 -21.46
C ALA K 364 75.17 10.40 -22.60
N SER K 365 74.74 9.23 -23.10
CA SER K 365 75.42 8.49 -24.17
C SER K 365 75.50 9.22 -25.52
N ASN K 366 74.72 10.29 -25.71
CA ASN K 366 74.80 11.09 -26.95
C ASN K 366 75.72 12.32 -26.73
N GLY K 367 76.42 12.35 -25.59
CA GLY K 367 77.34 13.44 -25.26
C GLY K 367 76.72 14.66 -24.58
N LYS K 368 75.36 14.70 -24.42
CA LYS K 368 74.72 15.84 -23.76
C LYS K 368 74.99 15.84 -22.26
N THR K 369 75.47 16.98 -21.72
CA THR K 369 75.67 17.10 -20.27
C THR K 369 74.35 17.55 -19.64
N ILE K 370 73.98 16.92 -18.52
CA ILE K 370 72.73 17.17 -17.82
C ILE K 370 72.98 17.62 -16.39
N GLU K 371 72.33 18.71 -15.97
CA GLU K 371 72.42 19.15 -14.59
C GLU K 371 71.25 18.55 -13.83
N VAL K 372 71.54 17.74 -12.79
CA VAL K 372 70.51 17.08 -11.97
C VAL K 372 69.93 18.12 -11.02
N GLY K 373 68.64 18.42 -11.16
CA GLY K 373 68.01 19.39 -10.27
C GLY K 373 67.32 18.69 -9.11
N ASN K 374 66.92 17.42 -9.33
CA ASN K 374 66.21 16.64 -8.33
C ASN K 374 66.43 15.17 -8.62
N THR K 375 66.99 14.41 -7.66
CA THR K 375 67.29 12.97 -7.82
C THR K 375 66.02 12.10 -7.98
N ASP K 376 64.85 12.66 -7.66
CA ASP K 376 63.57 11.96 -7.78
C ASP K 376 63.01 12.09 -9.23
N ALA K 377 63.67 12.87 -10.10
CA ALA K 377 63.26 12.90 -11.52
C ALA K 377 64.22 11.94 -12.26
N GLU K 378 64.38 10.73 -11.68
CA GLU K 378 65.33 9.72 -12.18
C GLU K 378 64.90 9.01 -13.45
N GLY K 379 63.59 8.84 -13.63
CA GLY K 379 63.03 8.13 -14.76
C GLY K 379 63.44 8.69 -16.10
N ARG K 380 63.40 10.03 -16.22
CA ARG K 380 63.79 10.71 -17.47
C ARG K 380 65.27 10.54 -17.81
N LEU K 381 66.12 10.38 -16.79
CA LEU K 381 67.56 10.15 -16.96
C LEU K 381 67.82 8.76 -17.53
N THR K 382 67.15 7.74 -16.97
CA THR K 382 67.30 6.36 -17.45
C THR K 382 66.72 6.24 -18.86
N LEU K 383 65.58 6.92 -19.10
CA LEU K 383 64.91 6.93 -20.41
C LEU K 383 65.73 7.64 -21.46
N ALA K 384 66.47 8.71 -21.10
CA ALA K 384 67.31 9.44 -22.03
C ALA K 384 68.34 8.48 -22.67
N ASP K 385 69.05 7.67 -21.84
CA ASP K 385 70.01 6.72 -22.37
C ASP K 385 69.34 5.56 -23.11
N ALA K 386 68.15 5.11 -22.65
CA ALA K 386 67.42 4.03 -23.33
C ALA K 386 66.93 4.52 -24.73
N LEU K 387 66.56 5.83 -24.83
CA LEU K 387 66.11 6.41 -26.09
C LEU K 387 67.25 6.55 -27.10
N VAL K 388 68.46 6.94 -26.62
CA VAL K 388 69.67 7.03 -27.48
C VAL K 388 69.99 5.62 -28.01
N TYR K 389 69.90 4.59 -27.14
CA TYR K 389 70.12 3.19 -27.49
C TYR K 389 69.09 2.74 -28.54
N ALA K 390 67.81 3.04 -28.31
CA ALA K 390 66.72 2.67 -29.23
C ALA K 390 66.93 3.30 -30.61
N GLU K 391 67.27 4.60 -30.67
CA GLU K 391 67.46 5.27 -31.96
C GLU K 391 68.64 4.71 -32.77
N LYS K 392 69.71 4.25 -32.09
CA LYS K 392 70.87 3.62 -32.74
C LYS K 392 70.48 2.30 -33.43
N LEU K 393 69.33 1.70 -33.05
CA LEU K 393 68.83 0.45 -33.65
C LEU K 393 68.26 0.63 -35.05
N GLY K 394 68.03 1.89 -35.47
CA GLY K 394 67.49 2.21 -36.79
C GLY K 394 66.06 1.74 -36.95
N VAL K 395 65.16 2.12 -36.05
CA VAL K 395 63.76 1.69 -36.06
C VAL K 395 62.86 2.75 -36.72
N ASP K 396 61.62 2.39 -37.02
CA ASP K 396 60.62 3.31 -37.57
C ASP K 396 59.93 4.08 -36.48
N TYR K 397 59.63 3.43 -35.36
CA TYR K 397 58.94 4.04 -34.22
C TYR K 397 59.61 3.67 -32.94
N ILE K 398 59.67 4.63 -32.03
CA ILE K 398 60.12 4.43 -30.66
C ILE K 398 58.92 4.82 -29.81
N VAL K 399 58.46 3.91 -28.96
CA VAL K 399 57.37 4.19 -28.04
C VAL K 399 57.88 3.88 -26.65
N ASP K 400 57.87 4.90 -25.76
CA ASP K 400 58.24 4.64 -24.38
C ASP K 400 56.97 4.67 -23.49
N ILE K 401 57.01 3.91 -22.41
CA ILE K 401 55.91 3.80 -21.45
C ILE K 401 56.54 3.88 -20.05
N ALA K 402 56.05 4.80 -19.22
CA ALA K 402 56.68 5.08 -17.94
C ALA K 402 55.76 5.69 -16.88
N THR K 403 55.96 5.33 -15.60
CA THR K 403 55.27 5.93 -14.45
C THR K 403 56.14 7.15 -14.10
N LEU K 404 56.12 8.14 -14.99
CA LEU K 404 57.01 9.28 -14.92
C LEU K 404 56.67 10.42 -13.99
N THR K 405 55.46 10.97 -14.06
CA THR K 405 55.12 12.16 -13.30
C THR K 405 53.88 12.06 -12.47
N GLY K 406 53.99 12.44 -11.19
CA GLY K 406 52.88 12.48 -10.25
C GLY K 406 51.76 13.40 -10.71
N ALA K 407 52.09 14.45 -11.49
CA ALA K 407 51.11 15.40 -12.04
C ALA K 407 50.04 14.74 -12.92
N MET K 408 50.30 13.53 -13.46
CA MET K 408 49.30 12.79 -14.26
C MET K 408 48.02 12.54 -13.44
N LEU K 409 48.19 12.29 -12.12
CA LEU K 409 47.04 12.08 -11.23
C LEU K 409 46.14 13.33 -11.15
N TYR K 410 46.72 14.52 -11.33
CA TYR K 410 46.03 15.80 -11.29
C TYR K 410 45.48 16.21 -12.65
N SER K 411 46.11 15.76 -13.72
CA SER K 411 45.68 16.15 -15.06
C SER K 411 44.64 15.20 -15.63
N LEU K 412 44.95 13.89 -15.73
CA LEU K 412 44.00 12.94 -16.29
C LEU K 412 43.41 11.98 -15.28
N GLY K 413 44.05 11.87 -14.13
CA GLY K 413 43.58 11.01 -13.07
C GLY K 413 44.05 9.57 -13.18
N THR K 414 43.21 8.67 -12.69
CA THR K 414 43.50 7.24 -12.62
C THR K 414 43.02 6.37 -13.77
N SER K 415 42.22 6.93 -14.70
CA SER K 415 41.66 6.13 -15.80
C SER K 415 42.34 6.26 -17.14
N TYR K 416 42.75 7.48 -17.50
CA TYR K 416 43.37 7.76 -18.79
C TYR K 416 44.85 8.06 -18.65
N ALA K 417 45.69 7.38 -19.45
CA ALA K 417 47.13 7.66 -19.48
C ALA K 417 47.31 8.84 -20.47
N GLY K 418 48.43 9.54 -20.38
CA GLY K 418 48.73 10.62 -21.30
C GLY K 418 49.71 10.19 -22.36
N VAL K 419 49.51 10.62 -23.60
CA VAL K 419 50.46 10.36 -24.68
C VAL K 419 51.00 11.69 -25.21
N PHE K 420 52.31 11.76 -25.39
CA PHE K 420 53.04 12.92 -25.91
C PHE K 420 53.94 12.41 -27.01
N GLY K 421 54.25 13.24 -27.99
CA GLY K 421 55.12 12.78 -29.08
C GLY K 421 55.62 13.87 -30.00
N ASN K 422 56.53 13.50 -30.91
CA ASN K 422 57.11 14.40 -31.91
C ASN K 422 56.52 14.14 -33.30
N ASN K 423 55.56 13.19 -33.40
CA ASN K 423 55.02 12.76 -34.69
C ASN K 423 53.52 12.45 -34.59
N GLU K 424 52.70 13.23 -35.30
CA GLU K 424 51.25 13.09 -35.29
C GLU K 424 50.74 11.73 -35.77
N GLU K 425 51.34 11.17 -36.85
CA GLU K 425 50.95 9.85 -37.37
C GLU K 425 51.12 8.77 -36.29
N LEU K 426 52.27 8.78 -35.59
CA LEU K 426 52.51 7.82 -34.50
C LEU K 426 51.53 8.00 -33.34
N ILE K 427 51.27 9.27 -32.93
CA ILE K 427 50.30 9.57 -31.86
C ILE K 427 48.91 8.98 -32.24
N ASN K 428 48.47 9.20 -33.48
CA ASN K 428 47.19 8.68 -33.97
C ASN K 428 47.12 7.17 -33.95
N LYS K 429 48.24 6.48 -34.27
CA LYS K 429 48.33 5.02 -34.20
C LYS K 429 48.17 4.55 -32.75
N ILE K 430 48.75 5.28 -31.79
CA ILE K 430 48.62 4.98 -30.36
C ILE K 430 47.16 5.16 -29.95
N LEU K 431 46.53 6.30 -30.36
CA LEU K 431 45.14 6.57 -30.06
C LEU K 431 44.20 5.50 -30.61
N GLN K 432 44.48 5.01 -31.83
CA GLN K 432 43.70 3.94 -32.45
C GLN K 432 43.90 2.61 -31.65
N SER K 433 45.13 2.32 -31.21
CA SER K 433 45.44 1.13 -30.38
C SER K 433 44.73 1.22 -29.03
N SER K 434 44.58 2.44 -28.50
CA SER K 434 43.87 2.71 -27.26
C SER K 434 42.38 2.33 -27.41
N LYS K 435 41.77 2.70 -28.55
CA LYS K 435 40.37 2.40 -28.86
C LYS K 435 40.10 0.91 -28.98
N THR K 436 40.97 0.18 -29.69
CA THR K 436 40.80 -1.26 -29.88
C THR K 436 41.20 -2.12 -28.67
N SER K 437 42.16 -1.66 -27.85
CA SER K 437 42.56 -2.40 -26.64
C SER K 437 41.66 -2.06 -25.46
N ASN K 438 40.95 -0.92 -25.56
CA ASN K 438 40.09 -0.37 -24.51
C ASN K 438 40.91 0.00 -23.26
N GLU K 439 42.17 0.44 -23.48
CA GLU K 439 43.04 0.95 -22.44
C GLU K 439 43.13 2.44 -22.77
N PRO K 440 42.36 3.28 -22.04
CA PRO K 440 42.26 4.69 -22.45
C PRO K 440 43.48 5.57 -22.32
N VAL K 441 43.73 6.33 -23.38
CA VAL K 441 44.85 7.25 -23.52
C VAL K 441 44.32 8.59 -24.04
N TRP K 442 44.94 9.71 -23.60
CA TRP K 442 44.56 11.03 -24.13
C TRP K 442 45.79 11.74 -24.61
N TRP K 443 45.71 12.38 -25.77
CA TRP K 443 46.83 13.11 -26.34
C TRP K 443 47.04 14.44 -25.61
N LEU K 444 48.25 14.66 -25.10
CA LEU K 444 48.65 15.86 -24.40
C LEU K 444 49.76 16.55 -25.19
N PRO K 445 49.85 17.89 -25.16
CA PRO K 445 50.84 18.56 -26.04
C PRO K 445 52.25 18.66 -25.49
N ILE K 446 53.21 18.77 -26.40
CA ILE K 446 54.60 19.09 -26.04
C ILE K 446 54.68 20.58 -26.40
N ILE K 447 54.56 21.45 -25.39
CA ILE K 447 54.54 22.90 -25.57
C ILE K 447 55.97 23.45 -25.66
N ASN K 448 56.40 23.78 -26.88
CA ASN K 448 57.75 24.26 -27.18
C ASN K 448 58.17 25.49 -26.42
N GLU K 449 57.20 26.35 -26.05
CA GLU K 449 57.45 27.57 -25.26
C GLU K 449 58.11 27.27 -23.91
N TYR K 450 57.88 26.07 -23.35
CA TYR K 450 58.44 25.70 -22.05
C TYR K 450 59.89 25.19 -22.15
N ARG K 451 60.37 24.91 -23.38
CA ARG K 451 61.73 24.40 -23.59
C ARG K 451 62.83 25.27 -22.91
N ALA K 452 62.68 26.61 -22.94
CA ALA K 452 63.66 27.54 -22.35
C ALA K 452 63.86 27.32 -20.84
N THR K 453 62.87 26.71 -20.15
CA THR K 453 62.95 26.40 -18.70
C THR K 453 63.97 25.28 -18.43
N LEU K 454 64.40 24.56 -19.46
CA LEU K 454 65.39 23.50 -19.34
C LEU K 454 66.81 23.99 -19.68
N ASN K 455 66.96 25.31 -19.96
CA ASN K 455 68.28 25.85 -20.27
C ASN K 455 69.08 25.93 -18.97
N SER K 456 70.21 25.22 -18.90
CA SER K 456 71.07 25.17 -17.71
C SER K 456 72.12 26.24 -17.84
N LYS K 457 72.51 26.85 -16.71
CA LYS K 457 73.59 27.83 -16.69
C LYS K 457 74.96 27.16 -17.00
N TYR K 458 75.14 25.90 -16.56
CA TYR K 458 76.41 25.17 -16.67
C TYR K 458 76.44 24.01 -17.64
N ALA K 459 75.44 23.14 -17.58
CA ALA K 459 75.36 21.95 -18.42
C ALA K 459 74.67 22.29 -19.73
N ASP K 460 74.60 21.33 -20.66
CA ASP K 460 73.89 21.52 -21.94
C ASP K 460 72.40 21.68 -21.69
N ILE K 461 71.89 20.99 -20.67
CA ILE K 461 70.46 20.99 -20.37
C ILE K 461 70.21 20.68 -18.89
N ASN K 462 69.09 21.18 -18.36
CA ASN K 462 68.60 20.89 -17.03
C ASN K 462 67.73 19.66 -17.15
N GLN K 463 67.75 18.82 -16.11
CA GLN K 463 66.90 17.64 -15.99
C GLN K 463 65.45 18.12 -15.73
N ILE K 464 65.30 19.19 -14.92
CA ILE K 464 63.99 19.69 -14.55
C ILE K 464 63.90 21.18 -14.69
N SER K 465 62.67 21.68 -14.73
CA SER K 465 62.37 23.12 -14.74
C SER K 465 62.40 23.57 -13.26
N SER K 466 62.73 24.84 -13.03
CA SER K 466 62.72 25.38 -11.66
C SER K 466 61.28 25.44 -11.05
N SER K 467 60.22 25.49 -11.89
CA SER K 467 58.82 25.52 -11.46
C SER K 467 58.16 24.13 -11.58
N VAL K 468 57.01 23.93 -10.90
CA VAL K 468 56.22 22.70 -10.97
C VAL K 468 55.10 22.82 -12.06
N LYS K 469 55.12 23.95 -12.78
CA LYS K 469 54.16 24.21 -13.84
C LYS K 469 54.39 23.21 -14.97
N ALA K 470 53.33 22.44 -15.31
CA ALA K 470 53.28 21.48 -16.39
C ALA K 470 54.45 20.48 -16.40
N SER K 471 54.68 19.76 -15.27
CA SER K 471 55.80 18.84 -15.14
C SER K 471 55.78 17.64 -16.07
N SER K 472 54.58 17.20 -16.51
CA SER K 472 54.46 16.08 -17.45
C SER K 472 54.92 16.51 -18.85
N ILE K 473 54.62 17.78 -19.22
CA ILE K 473 55.01 18.36 -20.50
C ILE K 473 56.50 18.60 -20.47
N VAL K 474 57.03 19.21 -19.37
CA VAL K 474 58.48 19.49 -19.24
C VAL K 474 59.29 18.17 -19.34
N ALA K 475 58.80 17.09 -18.69
CA ALA K 475 59.46 15.79 -18.75
C ALA K 475 59.51 15.30 -20.22
N SER K 476 58.42 15.51 -20.99
CA SER K 476 58.35 15.14 -22.42
C SER K 476 59.31 15.98 -23.27
N LEU K 477 59.47 17.28 -22.95
CA LEU K 477 60.41 18.16 -23.63
C LEU K 477 61.84 17.68 -23.40
N PHE K 478 62.14 17.21 -22.18
CA PHE K 478 63.47 16.67 -21.85
C PHE K 478 63.73 15.41 -22.68
N LEU K 479 62.78 14.47 -22.70
CA LEU K 479 62.92 13.21 -23.44
C LEU K 479 63.09 13.43 -24.94
N LYS K 480 62.36 14.43 -25.50
CA LYS K 480 62.41 14.81 -26.91
C LYS K 480 63.84 15.15 -27.34
N GLU K 481 64.68 15.68 -26.43
CA GLU K 481 66.08 16.04 -26.71
C GLU K 481 66.97 14.81 -26.98
N PHE K 482 66.48 13.60 -26.68
CA PHE K 482 67.24 12.35 -26.85
C PHE K 482 66.78 11.51 -28.05
N VAL K 483 65.90 12.08 -28.89
CA VAL K 483 65.41 11.48 -30.13
C VAL K 483 65.66 12.51 -31.23
N GLN K 484 66.61 12.21 -32.12
CA GLN K 484 67.02 13.14 -33.15
C GLN K 484 66.22 13.14 -34.41
N ASN K 485 65.94 11.96 -34.97
CA ASN K 485 65.26 11.88 -36.27
C ASN K 485 64.36 10.63 -36.43
N THR K 486 63.65 10.26 -35.36
CA THR K 486 62.75 9.10 -35.41
C THR K 486 61.41 9.48 -34.80
N ALA K 487 60.32 8.95 -35.37
CA ALA K 487 58.96 9.13 -34.83
C ALA K 487 58.97 8.50 -33.44
N TRP K 488 58.60 9.30 -32.43
CA TRP K 488 58.63 8.90 -31.04
C TRP K 488 57.40 9.37 -30.28
N ALA K 489 56.90 8.51 -29.39
CA ALA K 489 55.75 8.79 -28.52
C ALA K 489 56.10 8.31 -27.13
N HIS K 490 55.58 9.01 -26.12
CA HIS K 490 55.83 8.76 -24.71
C HIS K 490 54.50 8.64 -24.01
N ILE K 491 54.27 7.51 -23.35
CA ILE K 491 53.02 7.25 -22.64
C ILE K 491 53.31 7.34 -21.13
N ASP K 492 52.75 8.37 -20.47
CA ASP K 492 52.92 8.54 -19.03
C ASP K 492 51.79 7.84 -18.30
N ILE K 493 52.13 6.74 -17.61
CA ILE K 493 51.18 5.86 -16.91
C ILE K 493 51.26 5.98 -15.37
N ALA K 494 51.90 7.04 -14.86
CA ALA K 494 52.01 7.28 -13.42
C ALA K 494 50.67 7.27 -12.69
N GLY K 495 49.64 7.82 -13.35
CA GLY K 495 48.31 7.89 -12.76
C GLY K 495 47.47 6.64 -12.87
N VAL K 496 47.63 5.88 -13.95
CA VAL K 496 46.80 4.71 -14.29
C VAL K 496 47.35 3.35 -13.91
N SER K 497 48.63 3.21 -13.61
CA SER K 497 49.23 1.92 -13.39
C SER K 497 48.68 1.14 -12.18
N TRP K 498 48.46 1.82 -11.07
CA TRP K 498 48.02 1.20 -9.84
C TRP K 498 46.54 1.36 -9.60
N ASN K 499 45.86 0.27 -9.28
CA ASN K 499 44.43 0.33 -8.97
C ASN K 499 44.36 0.56 -7.45
N PHE K 500 44.22 1.83 -7.03
CA PHE K 500 44.20 2.21 -5.62
C PHE K 500 43.10 1.55 -4.82
N LYS K 501 41.88 1.49 -5.39
CA LYS K 501 40.71 0.91 -4.71
C LYS K 501 40.89 -0.60 -4.46
N ALA K 502 41.35 -1.36 -5.49
CA ALA K 502 41.57 -2.81 -5.39
C ALA K 502 42.94 -3.19 -4.77
N ARG K 503 43.82 -2.21 -4.54
CA ARG K 503 45.17 -2.39 -3.94
C ARG K 503 46.03 -3.36 -4.77
N LYS K 504 46.00 -3.20 -6.10
CA LYS K 504 46.74 -4.09 -6.99
C LYS K 504 47.11 -3.38 -8.30
N PRO K 505 48.07 -3.91 -9.10
CA PRO K 505 48.38 -3.24 -10.39
C PRO K 505 47.28 -3.54 -11.40
N LYS K 506 47.27 -2.77 -12.49
CA LYS K 506 46.33 -3.00 -13.58
C LYS K 506 47.01 -3.77 -14.71
N GLY K 507 48.34 -3.69 -14.79
CA GLY K 507 49.09 -4.28 -15.89
C GLY K 507 48.82 -3.43 -17.12
N PHE K 508 48.60 -2.12 -16.87
CA PHE K 508 48.27 -1.16 -17.90
C PHE K 508 49.33 -1.05 -18.98
N GLY K 509 48.88 -1.07 -20.23
CA GLY K 509 49.75 -0.89 -21.38
C GLY K 509 50.06 -2.11 -22.20
N VAL K 510 49.97 -3.29 -21.60
CA VAL K 510 50.25 -4.56 -22.28
C VAL K 510 49.36 -4.68 -23.56
N ARG K 511 48.02 -4.56 -23.40
CA ARG K 511 47.08 -4.68 -24.52
C ARG K 511 47.18 -3.55 -25.52
N LEU K 512 47.39 -2.32 -25.02
CA LEU K 512 47.60 -1.12 -25.83
C LEU K 512 48.81 -1.31 -26.76
N LEU K 513 49.96 -1.72 -26.19
CA LEU K 513 51.18 -1.94 -26.99
C LEU K 513 51.05 -3.11 -27.95
N THR K 514 50.36 -4.19 -27.55
CA THR K 514 50.17 -5.35 -28.43
C THR K 514 49.31 -4.98 -29.62
N GLU K 515 48.19 -4.26 -29.37
CA GLU K 515 47.30 -3.79 -30.45
C GLU K 515 48.06 -2.91 -31.41
N PHE K 516 48.95 -2.05 -30.88
CA PHE K 516 49.81 -1.18 -31.69
C PHE K 516 50.72 -1.99 -32.63
N VAL K 517 51.40 -3.02 -32.08
CA VAL K 517 52.30 -3.90 -32.84
C VAL K 517 51.51 -4.74 -33.89
N LEU K 518 50.39 -5.34 -33.46
CA LEU K 518 49.56 -6.21 -34.30
C LEU K 518 48.84 -5.49 -35.44
N ASN K 519 48.28 -4.31 -35.16
CA ASN K 519 47.47 -3.59 -36.13
C ASN K 519 48.25 -2.58 -36.94
N SER L 3 95.08 11.54 -2.54
CA SER L 3 95.30 11.87 -3.97
C SER L 3 94.41 11.19 -5.02
N GLU L 4 94.25 9.84 -4.98
CA GLU L 4 93.38 9.17 -5.95
C GLU L 4 91.90 9.34 -5.60
N VAL L 5 91.12 9.91 -6.54
CA VAL L 5 89.70 10.11 -6.30
C VAL L 5 88.89 8.82 -6.48
N PRO L 6 88.18 8.36 -5.44
CA PRO L 6 87.38 7.13 -5.62
C PRO L 6 86.22 7.34 -6.58
N GLN L 7 85.85 6.27 -7.29
CA GLN L 7 84.76 6.28 -8.27
C GLN L 7 83.78 5.13 -7.98
N VAL L 8 82.49 5.35 -8.27
CA VAL L 8 81.49 4.28 -8.15
C VAL L 8 81.48 3.57 -9.53
N VAL L 9 81.43 4.37 -10.62
CA VAL L 9 81.44 3.88 -11.99
C VAL L 9 82.63 4.56 -12.70
N SER L 10 83.14 3.96 -13.79
CA SER L 10 84.28 4.53 -14.55
C SER L 10 83.97 5.91 -15.14
N LEU L 11 82.67 6.27 -15.25
CA LEU L 11 82.25 7.57 -15.78
C LEU L 11 82.32 8.68 -14.74
N ASP L 12 82.53 8.35 -13.45
CA ASP L 12 82.64 9.37 -12.39
C ASP L 12 83.92 10.21 -12.59
N PRO L 13 83.80 11.55 -12.60
CA PRO L 13 85.00 12.39 -12.81
C PRO L 13 86.01 12.28 -11.67
N THR L 14 87.31 12.45 -12.00
CA THR L 14 88.40 12.31 -11.02
C THR L 14 89.14 13.61 -10.74
N SER L 15 88.66 14.73 -11.30
CA SER L 15 89.25 16.04 -11.07
C SER L 15 88.27 17.15 -11.37
N ILE L 16 88.53 18.34 -10.81
CA ILE L 16 87.70 19.52 -11.07
C ILE L 16 88.36 20.18 -12.30
N PRO L 17 87.64 20.40 -13.42
CA PRO L 17 88.26 21.16 -14.53
C PRO L 17 88.41 22.62 -14.08
N ILE L 18 89.57 23.20 -14.31
CA ILE L 18 89.86 24.58 -13.91
C ILE L 18 90.44 25.31 -15.11
N GLU L 19 89.91 26.51 -15.39
CA GLU L 19 90.42 27.38 -16.43
C GLU L 19 91.28 28.44 -15.73
N TYR L 20 92.59 28.44 -16.01
CA TYR L 20 93.50 29.44 -15.44
C TYR L 20 93.71 30.60 -16.41
N ASN L 21 94.00 30.27 -17.67
CA ASN L 21 94.22 31.25 -18.74
C ASN L 21 92.85 31.59 -19.33
N THR L 22 92.23 32.66 -18.86
CA THR L 22 90.91 33.02 -19.35
C THR L 22 91.02 34.12 -20.45
N PRO L 23 89.96 34.33 -21.27
CA PRO L 23 90.01 35.42 -22.27
C PRO L 23 90.20 36.81 -21.65
N ILE L 24 89.79 37.00 -20.38
CA ILE L 24 90.00 38.26 -19.65
C ILE L 24 91.50 38.59 -19.56
N HIS L 25 92.34 37.56 -19.36
CA HIS L 25 93.78 37.71 -19.28
C HIS L 25 94.41 38.23 -20.59
N ASP L 26 93.70 38.10 -21.72
CA ASP L 26 94.17 38.56 -23.03
C ASP L 26 93.74 40.00 -23.36
N ILE L 27 92.93 40.63 -22.47
CA ILE L 27 92.47 42.01 -22.69
C ILE L 27 93.57 43.01 -22.35
N LYS L 28 93.96 43.82 -23.33
CA LYS L 28 94.95 44.89 -23.14
C LYS L 28 94.18 46.14 -22.68
N VAL L 29 94.50 46.65 -21.50
CA VAL L 29 93.80 47.78 -20.91
C VAL L 29 94.63 49.07 -20.99
N GLN L 30 94.01 50.17 -21.44
CA GLN L 30 94.66 51.48 -21.54
C GLN L 30 93.77 52.50 -20.84
N VAL L 31 94.39 53.33 -19.98
CA VAL L 31 93.68 54.38 -19.23
C VAL L 31 94.16 55.75 -19.73
N TYR L 32 93.21 56.59 -20.16
CA TYR L 32 93.49 57.91 -20.73
C TYR L 32 92.79 59.00 -19.95
N ASP L 33 93.35 60.23 -19.96
CA ASP L 33 92.71 61.38 -19.30
C ASP L 33 91.63 61.93 -20.21
N ILE L 34 90.50 62.30 -19.62
CA ILE L 34 89.34 62.84 -20.33
C ILE L 34 89.61 64.20 -20.97
N LYS L 35 90.55 64.99 -20.37
CA LYS L 35 90.92 66.35 -20.80
C LYS L 35 91.27 66.57 -22.27
N GLY L 36 91.92 65.59 -22.90
CA GLY L 36 92.33 65.65 -24.29
C GLY L 36 91.28 65.26 -25.32
N GLY L 37 90.09 64.90 -24.85
CA GLY L 37 88.99 64.46 -25.69
C GLY L 37 89.05 62.96 -25.95
N CYS L 38 87.91 62.36 -26.33
CA CYS L 38 87.86 60.93 -26.59
C CYS L 38 87.94 60.62 -28.07
N ASN L 39 88.78 59.63 -28.44
CA ASN L 39 88.91 59.15 -29.81
C ASN L 39 87.92 58.00 -30.02
N VAL L 40 87.14 58.03 -31.09
CA VAL L 40 86.17 56.97 -31.41
C VAL L 40 86.55 56.41 -32.80
N GLU L 41 87.41 55.39 -32.82
CA GLU L 41 87.92 54.80 -34.07
C GLU L 41 87.44 53.38 -34.33
N GLU L 42 87.16 52.61 -33.26
CA GLU L 42 86.71 51.23 -33.39
C GLU L 42 85.82 50.78 -32.23
N GLY L 43 85.24 49.61 -32.43
CA GLY L 43 84.43 48.91 -31.45
C GLY L 43 83.30 49.72 -30.88
N LEU L 44 83.09 49.54 -29.58
CA LEU L 44 82.03 50.18 -28.81
C LEU L 44 82.57 51.19 -27.81
N THR L 45 81.95 52.39 -27.78
CA THR L 45 82.25 53.48 -26.85
C THR L 45 81.02 53.72 -26.00
N ILE L 46 81.17 53.52 -24.67
CA ILE L 46 80.08 53.73 -23.73
C ILE L 46 80.41 54.86 -22.76
N PHE L 47 79.48 55.84 -22.66
CA PHE L 47 79.59 56.95 -21.74
C PHE L 47 78.81 56.61 -20.49
N LEU L 48 79.44 56.74 -19.31
CA LEU L 48 78.77 56.48 -18.02
C LEU L 48 78.25 57.83 -17.56
N VAL L 49 76.92 58.03 -17.67
CA VAL L 49 76.33 59.34 -17.42
C VAL L 49 75.27 59.39 -16.37
N ASN L 50 75.30 60.44 -15.56
CA ASN L 50 74.30 60.65 -14.54
C ASN L 50 73.66 62.02 -14.78
N ASN L 51 72.60 62.33 -14.01
CA ASN L 51 71.96 63.62 -14.04
C ASN L 51 71.62 63.99 -12.59
N PRO L 52 72.55 64.62 -11.85
CA PRO L 52 72.23 65.00 -10.45
C PRO L 52 71.16 66.10 -10.42
N GLY L 53 70.27 66.03 -9.44
CA GLY L 53 69.20 67.01 -9.34
C GLY L 53 68.15 66.98 -10.45
N LYS L 54 67.92 65.76 -11.02
CA LYS L 54 66.89 65.41 -12.02
C LYS L 54 66.71 63.88 -12.14
N GLU L 55 65.82 63.32 -11.29
CA GLU L 55 65.51 61.88 -11.25
C GLU L 55 64.99 61.43 -12.62
N ASN L 56 65.67 60.41 -13.21
CA ASN L 56 65.42 59.86 -14.54
C ASN L 56 65.44 60.97 -15.62
N GLY L 57 66.27 61.98 -15.37
CA GLY L 57 66.48 63.13 -16.23
C GLY L 57 67.14 62.78 -17.56
N PRO L 58 67.21 63.75 -18.50
CA PRO L 58 67.81 63.45 -19.81
C PRO L 58 69.32 63.19 -19.77
N VAL L 59 69.81 62.49 -20.80
CA VAL L 59 71.23 62.21 -20.97
C VAL L 59 71.84 63.45 -21.60
N LYS L 60 72.98 63.92 -21.06
CA LYS L 60 73.74 65.04 -21.61
C LYS L 60 75.21 64.66 -21.52
N ILE L 61 75.92 64.65 -22.67
CA ILE L 61 77.34 64.25 -22.74
C ILE L 61 78.25 65.45 -22.59
N SER L 62 79.11 65.42 -21.56
CA SER L 62 80.03 66.52 -21.23
C SER L 62 81.39 66.45 -21.92
N SER L 63 81.93 65.25 -22.15
CA SER L 63 83.26 65.07 -22.74
C SER L 63 83.37 65.52 -24.18
N LYS L 64 84.59 65.89 -24.59
CA LYS L 64 84.84 66.23 -25.99
C LYS L 64 85.12 64.91 -26.72
N VAL L 65 84.59 64.80 -27.93
CA VAL L 65 84.75 63.64 -28.78
C VAL L 65 85.47 64.12 -30.03
N ASN L 66 86.64 63.52 -30.32
CA ASN L 66 87.53 63.89 -31.43
C ASN L 66 87.14 63.23 -32.76
N ASP L 67 85.82 63.20 -33.02
CA ASP L 67 85.19 62.70 -34.23
C ASP L 67 83.94 63.55 -34.48
N LYS L 68 83.88 64.20 -35.65
CA LYS L 68 82.79 65.08 -36.05
C LYS L 68 81.44 64.34 -36.16
N GLN L 69 81.44 63.11 -36.72
CA GLN L 69 80.23 62.28 -36.88
C GLN L 69 79.63 61.90 -35.52
N VAL L 70 80.45 61.29 -34.62
CA VAL L 70 80.06 60.85 -33.27
C VAL L 70 79.60 62.05 -32.43
N SER L 71 80.35 63.19 -32.50
CA SER L 71 79.98 64.46 -31.84
C SER L 71 78.55 64.87 -32.23
N GLU L 72 78.21 64.80 -33.55
CA GLU L 72 76.88 65.14 -34.06
C GLU L 72 75.80 64.19 -33.47
N PHE L 73 76.11 62.88 -33.43
CA PHE L 73 75.22 61.89 -32.82
C PHE L 73 74.98 62.23 -31.33
N LEU L 74 76.06 62.65 -30.62
CA LEU L 74 76.06 62.95 -29.18
C LEU L 74 75.54 64.34 -28.77
N LYS L 75 75.02 65.13 -29.74
CA LYS L 75 74.47 66.46 -29.47
C LYS L 75 73.31 66.37 -28.49
N ASP L 76 73.15 67.41 -27.65
CA ASP L 76 72.13 67.49 -26.61
C ASP L 76 70.71 67.17 -27.07
N GLU L 77 70.32 67.68 -28.26
CA GLU L 77 69.00 67.46 -28.86
C GLU L 77 68.73 65.97 -29.09
N ASN L 78 69.75 65.20 -29.52
CA ASN L 78 69.62 63.75 -29.72
C ASN L 78 69.63 62.99 -28.40
N MET L 79 70.51 63.37 -27.46
CA MET L 79 70.65 62.64 -26.19
C MET L 79 69.50 62.85 -25.18
N GLU L 80 68.80 64.00 -25.26
CA GLU L 80 67.66 64.34 -24.40
C GLU L 80 66.51 63.31 -24.52
N LYS L 81 66.38 62.65 -25.70
CA LYS L 81 65.39 61.61 -26.01
C LYS L 81 65.61 60.36 -25.13
N PHE L 82 66.81 60.26 -24.49
CA PHE L 82 67.20 59.18 -23.59
C PHE L 82 67.31 59.66 -22.15
N ASN L 83 67.12 58.74 -21.19
CA ASN L 83 67.16 59.06 -19.76
C ASN L 83 68.22 58.33 -18.95
N VAL L 84 68.53 58.87 -17.79
CA VAL L 84 69.60 58.37 -16.91
C VAL L 84 69.17 57.30 -15.87
N LYS L 85 67.88 56.89 -15.86
CA LYS L 85 67.44 55.86 -14.91
C LYS L 85 68.49 54.72 -14.81
N LEU L 86 69.01 54.50 -13.59
CA LEU L 86 70.07 53.55 -13.28
C LEU L 86 69.98 52.26 -14.06
N GLY L 87 71.02 51.99 -14.86
CA GLY L 87 71.10 50.77 -15.68
C GLY L 87 70.48 50.82 -17.05
N THR L 88 69.75 51.91 -17.38
CA THR L 88 69.16 52.06 -18.72
C THR L 88 70.33 52.30 -19.70
N SER L 89 70.24 51.69 -20.91
CA SER L 89 71.29 51.85 -21.90
C SER L 89 70.74 51.92 -23.31
N LYS L 90 71.52 52.53 -24.18
CA LYS L 90 71.22 52.63 -25.61
C LYS L 90 72.56 52.67 -26.28
N HIS L 91 72.65 52.02 -27.45
CA HIS L 91 73.86 52.02 -28.27
C HIS L 91 73.43 51.88 -29.72
N PHE L 92 74.12 52.61 -30.60
CA PHE L 92 73.81 52.68 -32.02
C PHE L 92 75.07 52.46 -32.83
N TYR L 93 74.94 51.75 -33.95
CA TYR L 93 76.01 51.58 -34.92
C TYR L 93 75.91 52.72 -35.94
N MET L 94 77.06 53.29 -36.31
CA MET L 94 77.16 54.38 -37.28
C MET L 94 78.58 54.40 -37.88
N PHE L 95 78.81 55.23 -38.90
CA PHE L 95 80.14 55.42 -39.48
C PHE L 95 80.79 56.65 -38.87
N ASN L 96 82.11 56.58 -38.62
CA ASN L 96 82.83 57.72 -38.05
C ASN L 96 83.43 58.59 -39.17
N ASP L 97 84.34 59.54 -38.85
CA ASP L 97 85.00 60.43 -39.83
C ASP L 97 85.82 59.67 -40.86
N ASN L 98 86.39 58.52 -40.48
CA ASN L 98 87.22 57.68 -41.35
C ASN L 98 86.40 56.58 -42.03
N LYS L 99 85.06 56.71 -42.02
CA LYS L 99 84.10 55.77 -42.62
C LYS L 99 84.23 54.35 -42.05
N ASN L 100 84.63 54.26 -40.77
CA ASN L 100 84.74 52.99 -40.06
C ASN L 100 83.48 52.79 -39.22
N SER L 101 82.97 51.56 -39.17
CA SER L 101 81.78 51.23 -38.39
C SER L 101 82.15 51.24 -36.91
N VAL L 102 81.47 52.10 -36.12
CA VAL L 102 81.70 52.26 -34.69
C VAL L 102 80.35 52.26 -33.99
N ALA L 103 80.29 51.70 -32.79
CA ALA L 103 79.06 51.71 -32.02
C ALA L 103 79.29 52.64 -30.82
N VAL L 104 78.35 53.56 -30.59
CA VAL L 104 78.42 54.55 -29.52
C VAL L 104 77.14 54.51 -28.68
N GLY L 105 77.32 54.52 -27.38
CA GLY L 105 76.18 54.48 -26.46
C GLY L 105 76.46 55.04 -25.07
N TYR L 106 75.54 54.75 -24.15
CA TYR L 106 75.65 55.21 -22.77
C TYR L 106 74.98 54.21 -21.84
N VAL L 107 75.33 54.28 -20.55
CA VAL L 107 74.67 53.56 -19.48
C VAL L 107 74.29 54.64 -18.45
N GLY L 108 73.02 54.65 -18.05
CA GLY L 108 72.49 55.57 -17.06
C GLY L 108 72.98 55.25 -15.66
N CYS L 109 73.51 56.26 -14.97
CA CYS L 109 74.01 56.17 -13.59
C CYS L 109 73.14 56.89 -12.53
N GLY L 110 71.88 57.12 -12.86
CA GLY L 110 70.92 57.73 -11.94
C GLY L 110 71.17 59.19 -11.63
N SER L 111 70.78 59.61 -10.43
CA SER L 111 70.90 61.00 -10.02
C SER L 111 71.74 61.22 -8.76
N VAL L 112 72.21 60.14 -8.14
CA VAL L 112 73.02 60.27 -6.94
C VAL L 112 74.47 60.35 -7.36
N ALA L 113 75.17 61.44 -7.01
CA ALA L 113 76.57 61.67 -7.39
C ALA L 113 77.55 60.58 -6.93
N ASP L 114 77.33 59.99 -5.75
CA ASP L 114 78.19 58.91 -5.25
C ASP L 114 77.48 57.55 -5.40
N LEU L 115 77.96 56.72 -6.35
CA LEU L 115 77.39 55.40 -6.63
C LEU L 115 77.83 54.41 -5.59
N SER L 116 76.90 53.57 -5.12
CA SER L 116 77.31 52.54 -4.18
C SER L 116 77.83 51.35 -4.98
N GLU L 117 78.31 50.35 -4.28
CA GLU L 117 78.76 49.09 -4.87
C GLU L 117 77.58 48.41 -5.63
N ALA L 118 76.33 48.48 -5.04
CA ALA L 118 75.13 47.89 -5.65
C ALA L 118 74.76 48.57 -6.97
N ASP L 119 74.81 49.90 -7.00
CA ASP L 119 74.54 50.72 -8.18
C ASP L 119 75.57 50.49 -9.26
N MET L 120 76.88 50.41 -8.86
CA MET L 120 77.97 50.19 -9.80
C MET L 120 77.80 48.79 -10.46
N LYS L 121 77.34 47.79 -9.68
CA LYS L 121 77.05 46.44 -10.19
C LYS L 121 75.94 46.49 -11.29
N ARG L 122 74.90 47.33 -11.08
CA ARG L 122 73.81 47.51 -12.06
C ARG L 122 74.32 48.15 -13.34
N VAL L 123 75.24 49.12 -13.21
CA VAL L 123 75.89 49.78 -14.35
C VAL L 123 76.69 48.73 -15.15
N VAL L 124 77.51 47.94 -14.45
CA VAL L 124 78.33 46.88 -15.06
C VAL L 124 77.47 45.83 -15.78
N LEU L 125 76.35 45.39 -15.16
CA LEU L 125 75.43 44.41 -15.76
C LEU L 125 74.89 44.92 -17.10
N SER L 126 74.57 46.21 -17.18
CA SER L 126 74.06 46.83 -18.39
C SER L 126 75.15 46.85 -19.48
N LEU L 127 76.41 47.13 -19.10
CA LEU L 127 77.57 47.13 -19.99
C LEU L 127 77.84 45.71 -20.56
N VAL L 128 77.75 44.70 -19.70
CA VAL L 128 77.99 43.30 -20.03
C VAL L 128 76.92 42.75 -20.99
N THR L 129 75.66 43.21 -20.87
CA THR L 129 74.59 42.82 -21.79
C THR L 129 74.98 43.25 -23.22
N MET L 130 75.64 44.43 -23.37
CA MET L 130 76.06 44.89 -24.70
C MET L 130 77.25 44.11 -25.19
N LEU L 131 78.17 43.74 -24.31
CA LEU L 131 79.32 42.92 -24.75
C LEU L 131 78.89 41.50 -25.18
N HIS L 132 77.88 40.93 -24.49
CA HIS L 132 77.37 39.59 -24.81
C HIS L 132 76.61 39.51 -26.11
N ASP L 133 76.03 40.61 -26.55
CA ASP L 133 75.29 40.53 -27.80
C ASP L 133 75.84 41.34 -28.96
N ASN L 134 77.16 41.60 -28.94
CA ASN L 134 77.90 42.30 -29.99
C ASN L 134 79.34 41.71 -30.16
N LYS L 135 79.70 41.32 -31.42
CA LYS L 135 81.04 40.83 -31.79
C LYS L 135 81.92 42.11 -31.90
N LEU L 136 82.72 42.38 -30.87
CA LEU L 136 83.54 43.59 -30.77
C LEU L 136 84.98 43.25 -30.50
N SER L 137 85.91 44.05 -31.03
CA SER L 137 87.34 43.84 -30.75
C SER L 137 87.77 44.75 -29.59
N LYS L 138 87.03 45.84 -29.38
CA LYS L 138 87.35 46.85 -28.39
C LYS L 138 86.15 47.48 -27.70
N LEU L 139 86.26 47.69 -26.40
CA LEU L 139 85.31 48.46 -25.62
C LEU L 139 86.04 49.65 -25.03
N THR L 140 85.45 50.84 -25.10
CA THR L 140 85.97 52.02 -24.41
C THR L 140 84.89 52.54 -23.49
N VAL L 141 85.27 52.82 -22.27
CA VAL L 141 84.36 53.34 -21.27
C VAL L 141 84.79 54.76 -20.91
N VAL L 142 83.86 55.71 -21.01
CA VAL L 142 84.08 57.13 -20.69
C VAL L 142 83.33 57.45 -19.41
N PHE L 143 84.11 57.83 -18.39
CA PHE L 143 83.63 58.14 -17.06
C PHE L 143 83.20 59.59 -16.95
N GLU L 144 81.87 59.83 -17.00
CA GLU L 144 81.31 61.19 -16.83
C GLU L 144 80.61 61.25 -15.47
N ILE L 145 81.12 60.44 -14.54
CA ILE L 145 80.68 60.29 -13.15
C ILE L 145 81.95 60.32 -12.28
N ASN L 146 81.80 60.57 -10.99
CA ASN L 146 82.94 60.60 -10.07
C ASN L 146 83.07 59.27 -9.33
N VAL L 147 84.19 58.56 -9.51
CA VAL L 147 84.43 57.29 -8.81
C VAL L 147 85.80 57.37 -8.14
N ASP L 148 85.96 56.84 -6.92
CA ASP L 148 87.28 56.84 -6.31
C ASP L 148 88.11 55.64 -6.84
N LYS L 149 89.37 55.54 -6.43
CA LYS L 149 90.26 54.45 -6.84
C LYS L 149 89.72 53.05 -6.53
N ASN L 150 89.20 52.83 -5.29
CA ASN L 150 88.63 51.55 -4.89
C ASN L 150 87.40 51.21 -5.71
N LEU L 151 86.52 52.21 -5.98
CA LEU L 151 85.31 51.98 -6.77
C LEU L 151 85.67 51.72 -8.26
N PHE L 152 86.75 52.37 -8.73
CA PHE L 152 87.23 52.16 -10.11
C PHE L 152 87.75 50.72 -10.25
N ARG L 153 88.55 50.25 -9.27
CA ARG L 153 89.03 48.88 -9.29
C ARG L 153 87.84 47.91 -9.26
N PHE L 154 86.83 48.19 -8.41
CA PHE L 154 85.61 47.37 -8.26
C PHE L 154 84.89 47.29 -9.61
N PHE L 155 84.76 48.42 -10.30
CA PHE L 155 84.14 48.48 -11.64
C PHE L 155 84.82 47.47 -12.60
N LEU L 156 86.15 47.50 -12.66
CA LEU L 156 86.97 46.65 -13.54
C LEU L 156 86.82 45.17 -13.15
N GLU L 157 86.97 44.83 -11.85
CA GLU L 157 86.82 43.45 -11.33
C GLU L 157 85.46 42.89 -11.68
N THR L 158 84.41 43.69 -11.46
CA THR L 158 83.01 43.29 -11.69
C THR L 158 82.79 43.10 -13.18
N LEU L 159 83.32 44.03 -14.00
CA LEU L 159 83.21 43.92 -15.44
C LEU L 159 83.83 42.61 -15.91
N PHE L 160 85.08 42.34 -15.51
CA PHE L 160 85.80 41.10 -15.87
C PHE L 160 85.05 39.85 -15.41
N TYR L 161 84.60 39.82 -14.14
CA TYR L 161 83.89 38.69 -13.57
C TYR L 161 82.57 38.42 -14.27
N GLU L 162 81.73 39.45 -14.48
CA GLU L 162 80.41 39.28 -15.11
C GLU L 162 80.51 38.96 -16.59
N TYR L 163 81.54 39.47 -17.27
CA TYR L 163 81.77 39.25 -18.70
C TYR L 163 82.16 37.79 -18.99
N MET L 164 83.00 37.23 -18.11
CA MET L 164 83.49 35.86 -18.22
C MET L 164 82.36 34.84 -18.11
N THR L 165 82.27 33.89 -19.07
CA THR L 165 81.24 32.85 -19.04
C THR L 165 81.91 31.49 -18.85
N ASP L 166 81.47 30.76 -17.85
CA ASP L 166 81.99 29.46 -17.47
C ASP L 166 81.37 28.36 -18.33
N GLU L 167 82.16 27.82 -19.27
CA GLU L 167 81.73 26.78 -20.20
C GLU L 167 82.35 25.41 -19.96
N ARG L 168 82.95 25.17 -18.77
CA ARG L 168 83.60 23.91 -18.44
C ARG L 168 82.69 22.68 -18.55
N PHE L 169 81.39 22.85 -18.27
CA PHE L 169 80.46 21.72 -18.26
C PHE L 169 79.58 21.62 -19.50
N LYS L 170 79.83 22.50 -20.46
CA LYS L 170 79.10 22.56 -21.73
C LYS L 170 79.81 21.63 -22.68
N SER L 171 79.04 20.91 -23.51
CA SER L 171 79.61 20.01 -24.50
C SER L 171 79.07 20.37 -25.88
N GLU L 179 85.12 36.47 -30.43
CA GLU L 179 84.17 36.40 -29.31
C GLU L 179 84.38 37.54 -28.27
N TYR L 180 85.42 37.43 -27.40
CA TYR L 180 85.75 38.43 -26.39
C TYR L 180 86.55 39.60 -26.97
N ILE L 181 86.39 40.81 -26.40
CA ILE L 181 87.17 41.99 -26.79
C ILE L 181 88.66 41.69 -26.47
N LYS L 182 89.55 42.33 -27.23
CA LYS L 182 90.99 42.16 -27.04
C LYS L 182 91.56 43.43 -26.40
N HIS L 183 90.77 44.51 -26.40
CA HIS L 183 91.19 45.81 -25.87
C HIS L 183 90.10 46.47 -25.06
N LEU L 184 90.53 47.12 -23.98
CA LEU L 184 89.66 47.91 -23.13
C LEU L 184 90.30 49.30 -22.93
N GLY L 185 89.61 50.32 -23.40
CA GLY L 185 90.00 51.71 -23.23
C GLY L 185 89.17 52.34 -22.12
N VAL L 186 89.82 53.13 -21.24
CA VAL L 186 89.13 53.82 -20.15
C VAL L 186 89.49 55.31 -20.19
N TYR L 187 88.46 56.17 -20.23
CA TYR L 187 88.61 57.62 -20.18
C TYR L 187 88.09 58.11 -18.84
N ILE L 188 89.01 58.66 -18.04
CA ILE L 188 88.69 59.14 -16.71
C ILE L 188 89.54 60.36 -16.39
N ASN L 189 88.99 61.28 -15.61
CA ASN L 189 89.71 62.44 -15.10
C ASN L 189 90.75 61.95 -14.12
N ASN L 190 91.98 62.52 -14.21
CA ASN L 190 93.14 62.15 -13.38
C ASN L 190 93.52 60.70 -13.59
N ALA L 191 93.56 60.26 -14.86
CA ALA L 191 93.88 58.90 -15.30
C ALA L 191 95.09 58.26 -14.60
N ASP L 192 96.21 59.02 -14.43
CA ASP L 192 97.45 58.54 -13.80
C ASP L 192 97.20 57.88 -12.46
N THR L 193 96.30 58.48 -11.67
CA THR L 193 95.85 58.02 -10.35
C THR L 193 95.17 56.61 -10.38
N TYR L 194 94.55 56.24 -11.52
CA TYR L 194 93.83 54.97 -11.65
C TYR L 194 94.61 53.80 -12.26
N LYS L 195 95.72 54.10 -12.97
CA LYS L 195 96.54 53.11 -13.67
C LYS L 195 96.99 51.89 -12.84
N GLU L 196 97.38 52.12 -11.57
CA GLU L 196 97.82 51.06 -10.65
C GLU L 196 96.69 50.08 -10.27
N GLU L 197 95.44 50.55 -10.40
CA GLU L 197 94.27 49.75 -10.08
C GLU L 197 93.98 48.64 -11.10
N VAL L 198 94.49 48.79 -12.36
CA VAL L 198 94.22 47.87 -13.46
C VAL L 198 94.69 46.44 -13.21
N GLU L 199 95.98 46.25 -12.95
CA GLU L 199 96.50 44.91 -12.73
C GLU L 199 96.05 44.30 -11.40
N LYS L 200 95.76 45.16 -10.41
CA LYS L 200 95.23 44.69 -9.14
C LYS L 200 93.80 44.12 -9.40
N ALA L 201 92.99 44.84 -10.20
CA ALA L 201 91.64 44.40 -10.58
C ALA L 201 91.69 43.06 -11.32
N ARG L 202 92.69 42.86 -12.20
CA ARG L 202 92.84 41.59 -12.94
C ARG L 202 93.13 40.40 -12.00
N VAL L 203 93.96 40.63 -10.98
CA VAL L 203 94.28 39.62 -9.97
C VAL L 203 93.02 39.32 -9.13
N TYR L 204 92.33 40.37 -8.65
CA TYR L 204 91.12 40.24 -7.83
C TYR L 204 90.02 39.52 -8.60
N TYR L 205 89.90 39.84 -9.90
CA TYR L 205 88.95 39.15 -10.78
C TYR L 205 89.27 37.65 -10.78
N PHE L 206 90.55 37.26 -11.02
CA PHE L 206 90.88 35.84 -11.09
C PHE L 206 90.67 35.08 -9.79
N GLY L 207 91.03 35.70 -8.68
CA GLY L 207 90.83 35.09 -7.36
C GLY L 207 89.37 34.78 -7.14
N THR L 208 88.50 35.73 -7.50
CA THR L 208 87.03 35.65 -7.41
C THR L 208 86.50 34.62 -8.37
N TYR L 209 87.00 34.65 -9.62
CA TYR L 209 86.57 33.73 -10.66
C TYR L 209 86.99 32.29 -10.36
N TYR L 210 88.21 32.12 -9.80
CA TYR L 210 88.73 30.85 -9.40
C TYR L 210 87.82 30.25 -8.29
N ALA L 211 87.45 31.07 -7.28
CA ALA L 211 86.57 30.65 -6.18
C ALA L 211 85.23 30.19 -6.78
N SER L 212 84.70 30.98 -7.72
CA SER L 212 83.46 30.73 -8.43
C SER L 212 83.49 29.39 -9.19
N GLN L 213 84.63 29.08 -9.85
CA GLN L 213 84.81 27.82 -10.58
C GLN L 213 84.70 26.61 -9.64
N LEU L 214 85.30 26.69 -8.45
CA LEU L 214 85.24 25.62 -7.45
C LEU L 214 83.80 25.45 -6.91
N ILE L 215 83.13 26.59 -6.62
CA ILE L 215 81.76 26.58 -6.11
C ILE L 215 80.79 26.00 -7.12
N ALA L 216 80.83 26.52 -8.37
CA ALA L 216 79.95 26.08 -9.44
C ALA L 216 80.17 24.61 -9.81
N ALA L 217 81.40 24.10 -9.66
CA ALA L 217 81.72 22.70 -9.94
C ALA L 217 80.81 21.81 -9.05
N PRO L 218 80.00 20.93 -9.68
CA PRO L 218 79.07 20.10 -8.89
C PRO L 218 79.81 19.12 -7.97
N SER L 219 79.07 18.58 -7.00
CA SER L 219 79.61 17.69 -5.98
C SER L 219 80.23 16.37 -6.47
N ASN L 220 79.85 15.90 -7.68
CA ASN L 220 80.47 14.71 -8.27
C ASN L 220 81.87 15.08 -8.79
N TYR L 221 82.05 16.32 -9.28
CA TYR L 221 83.37 16.80 -9.73
C TYR L 221 84.22 17.30 -8.56
N CYS L 222 83.63 18.16 -7.71
CA CYS L 222 84.26 18.80 -6.57
C CYS L 222 83.85 18.09 -5.29
N ASN L 223 84.70 17.15 -4.87
CA ASN L 223 84.53 16.32 -3.68
C ASN L 223 85.77 16.57 -2.79
N PRO L 224 85.84 16.05 -1.54
CA PRO L 224 87.00 16.35 -0.70
C PRO L 224 88.38 16.03 -1.28
N VAL L 225 88.46 14.95 -2.08
CA VAL L 225 89.72 14.52 -2.67
C VAL L 225 90.10 15.44 -3.83
N SER L 226 89.17 15.66 -4.80
CA SER L 226 89.47 16.52 -5.95
C SER L 226 89.69 17.99 -5.53
N LEU L 227 88.99 18.45 -4.46
CA LEU L 227 89.16 19.82 -3.98
C LEU L 227 90.53 20.03 -3.36
N SER L 228 90.98 19.08 -2.53
CA SER L 228 92.32 19.17 -1.93
C SER L 228 93.40 19.00 -2.99
N ASN L 229 93.14 18.20 -4.07
CA ASN L 229 94.07 18.08 -5.19
C ASN L 229 94.19 19.42 -5.93
N ALA L 230 93.05 20.13 -6.10
CA ALA L 230 93.03 21.45 -6.74
C ALA L 230 93.82 22.48 -5.92
N ALA L 231 93.70 22.45 -4.60
CA ALA L 231 94.44 23.36 -3.73
C ALA L 231 95.93 23.12 -3.84
N VAL L 232 96.37 21.82 -3.91
CA VAL L 232 97.78 21.44 -4.08
C VAL L 232 98.30 22.03 -5.38
N GLU L 233 97.54 21.89 -6.47
CA GLU L 233 97.92 22.40 -7.78
C GLU L 233 98.08 23.92 -7.73
N LEU L 234 97.14 24.62 -7.03
CA LEU L 234 97.20 26.06 -6.90
C LEU L 234 98.48 26.47 -6.14
N ALA L 235 98.76 25.77 -5.01
CA ALA L 235 99.92 26.02 -4.17
C ALA L 235 101.22 25.86 -4.95
N GLN L 236 101.29 24.81 -5.81
CA GLN L 236 102.44 24.52 -6.66
C GLN L 236 102.64 25.60 -7.68
N LYS L 237 101.56 26.10 -8.28
CA LYS L 237 101.65 27.18 -9.28
C LYS L 237 102.09 28.51 -8.65
N LEU L 238 101.73 28.76 -7.38
CA LEU L 238 102.07 30.02 -6.69
C LEU L 238 103.32 29.93 -5.83
N ASN L 239 103.94 28.74 -5.76
CA ASN L 239 105.12 28.49 -4.90
C ASN L 239 104.80 28.69 -3.41
N LEU L 240 103.59 28.28 -3.01
CA LEU L 240 103.18 28.35 -1.60
C LEU L 240 103.50 27.01 -0.97
N GLU L 241 103.84 26.99 0.33
CA GLU L 241 104.01 25.75 1.07
C GLU L 241 102.62 25.13 1.23
N TYR L 242 102.55 23.79 1.19
CA TYR L 242 101.28 23.10 1.33
C TYR L 242 101.44 21.80 2.07
N LYS L 243 100.37 21.38 2.71
CA LYS L 243 100.25 20.15 3.46
C LYS L 243 98.75 19.75 3.39
N ILE L 244 98.46 18.51 2.99
CA ILE L 244 97.14 17.95 3.02
C ILE L 244 97.15 16.88 4.12
N LEU L 245 96.27 17.00 5.10
CA LEU L 245 96.18 16.02 6.17
C LEU L 245 95.12 15.00 5.79
N GLY L 246 95.52 13.73 5.83
CA GLY L 246 94.62 12.62 5.57
C GLY L 246 94.01 12.06 6.85
N VAL L 247 93.08 11.11 6.73
CA VAL L 247 92.37 10.48 7.85
C VAL L 247 93.28 10.00 9.01
N LYS L 248 94.37 9.28 8.69
CA LYS L 248 95.29 8.76 9.70
C LYS L 248 95.86 9.88 10.57
N GLU L 249 96.31 10.99 9.93
CA GLU L 249 96.86 12.16 10.63
C GLU L 249 95.76 12.86 11.42
N LEU L 250 94.53 12.96 10.84
CA LEU L 250 93.39 13.60 11.52
C LEU L 250 92.96 12.81 12.77
N GLU L 251 93.06 11.47 12.71
CA GLU L 251 92.77 10.61 13.86
C GLU L 251 93.81 10.85 14.96
N GLU L 252 95.10 10.92 14.59
CA GLU L 252 96.21 11.18 15.54
C GLU L 252 96.00 12.55 16.22
N LEU L 253 95.49 13.54 15.46
CA LEU L 253 95.20 14.87 15.99
C LEU L 253 93.89 14.94 16.77
N LYS L 254 93.16 13.81 16.84
CA LYS L 254 91.91 13.67 17.59
C LYS L 254 90.81 14.63 17.11
N MET L 255 90.77 14.90 15.79
CA MET L 255 89.75 15.75 15.21
C MET L 255 88.40 15.00 15.05
N GLY L 256 87.83 14.60 16.18
CA GLY L 256 86.57 13.85 16.25
C GLY L 256 85.32 14.56 15.73
N ALA L 257 85.25 15.89 15.88
CA ALA L 257 84.07 16.61 15.42
C ALA L 257 84.06 16.64 13.88
N TYR L 258 85.21 17.00 13.28
CA TYR L 258 85.39 17.03 11.84
C TYR L 258 85.27 15.62 11.22
N LEU L 259 85.92 14.61 11.83
CA LEU L 259 85.85 13.25 11.30
C LEU L 259 84.46 12.64 11.33
N SER L 260 83.65 12.96 12.38
CA SER L 260 82.27 12.44 12.49
C SER L 260 81.41 12.90 11.33
N VAL L 261 81.56 14.16 10.89
CA VAL L 261 80.78 14.71 9.77
C VAL L 261 81.02 13.91 8.47
N GLY L 262 82.28 13.56 8.20
CA GLY L 262 82.67 12.85 6.98
C GLY L 262 82.51 11.34 7.00
N LYS L 263 82.10 10.76 8.15
CA LYS L 263 81.92 9.30 8.31
C LYS L 263 81.05 8.63 7.25
N GLY L 264 79.95 9.28 6.87
CA GLY L 264 79.01 8.73 5.90
C GLY L 264 79.39 8.93 4.45
N SER L 265 80.56 9.52 4.16
CA SER L 265 80.98 9.80 2.78
C SER L 265 81.86 8.69 2.20
N MET L 266 81.77 8.49 0.87
CA MET L 266 82.67 7.59 0.14
C MET L 266 84.03 8.29 -0.08
N TYR L 267 84.08 9.62 0.16
CA TYR L 267 85.32 10.39 -0.01
C TYR L 267 86.02 10.60 1.32
N PRO L 268 87.29 10.18 1.47
CA PRO L 268 87.99 10.44 2.75
C PRO L 268 88.16 11.94 3.01
N ASN L 269 88.06 12.35 4.29
CA ASN L 269 88.29 13.74 4.71
C ASN L 269 89.71 14.18 4.34
N LYS L 270 89.83 15.43 3.90
CA LYS L 270 91.13 16.02 3.52
C LYS L 270 91.20 17.42 4.11
N PHE L 271 92.21 17.66 4.95
CA PHE L 271 92.37 18.97 5.58
C PHE L 271 93.43 19.76 4.81
N ILE L 272 93.03 20.88 4.22
CA ILE L 272 93.92 21.73 3.41
C ILE L 272 94.66 22.74 4.31
N HIS L 273 95.99 22.81 4.18
CA HIS L 273 96.81 23.78 4.88
C HIS L 273 97.83 24.35 3.92
N LEU L 274 97.55 25.56 3.42
CA LEU L 274 98.48 26.27 2.54
C LEU L 274 99.10 27.39 3.35
N THR L 275 100.31 27.83 3.00
CA THR L 275 100.92 28.97 3.68
C THR L 275 101.71 29.91 2.78
N TYR L 276 101.45 31.22 2.99
CA TYR L 276 102.19 32.30 2.35
C TYR L 276 103.01 33.00 3.43
N LYS L 277 104.24 33.34 3.09
CA LYS L 277 105.08 34.10 4.01
C LYS L 277 105.83 35.12 3.20
N SER L 278 105.68 36.39 3.57
CA SER L 278 106.37 37.51 2.92
C SER L 278 107.87 37.30 3.03
N LYS L 279 108.63 37.83 2.06
CA LYS L 279 110.09 37.86 2.11
C LYS L 279 110.35 38.89 3.21
N GLY L 280 111.34 38.63 4.04
CA GLY L 280 111.68 39.56 5.12
C GLY L 280 110.91 39.33 6.41
N ASP L 281 110.95 40.33 7.30
CA ASP L 281 110.38 40.32 8.63
C ASP L 281 108.89 40.17 8.64
N VAL L 282 108.41 39.20 9.40
CA VAL L 282 106.97 38.97 9.56
C VAL L 282 106.54 39.73 10.79
N LYS L 283 105.57 40.62 10.59
CA LYS L 283 105.04 41.42 11.68
C LYS L 283 103.63 40.92 12.06
N LYS L 284 102.95 40.25 11.12
CA LYS L 284 101.60 39.74 11.37
C LYS L 284 101.42 38.33 10.92
N LYS L 285 100.76 37.52 11.74
CA LYS L 285 100.48 36.12 11.44
C LYS L 285 98.96 35.93 11.46
N ILE L 286 98.42 35.45 10.35
CA ILE L 286 96.96 35.31 10.20
C ILE L 286 96.62 33.91 9.71
N ALA L 287 95.54 33.32 10.28
CA ALA L 287 94.96 32.06 9.83
C ALA L 287 93.58 32.38 9.24
N LEU L 288 93.36 32.00 7.99
CA LEU L 288 92.08 32.15 7.27
C LEU L 288 91.51 30.75 7.15
N VAL L 289 90.31 30.55 7.72
CA VAL L 289 89.66 29.26 7.81
C VAL L 289 88.36 29.29 7.00
N GLY L 290 88.23 28.40 6.03
CA GLY L 290 87.02 28.31 5.22
C GLY L 290 86.27 27.03 5.41
N LYS L 291 84.92 27.09 5.54
CA LYS L 291 84.07 25.91 5.62
C LYS L 291 84.12 25.19 4.27
N GLY L 292 84.44 23.90 4.32
CA GLY L 292 84.64 23.11 3.09
C GLY L 292 83.76 21.88 2.98
N ILE L 293 82.44 22.06 2.97
CA ILE L 293 81.50 20.93 2.82
C ILE L 293 81.20 20.83 1.34
N THR L 294 81.70 19.80 0.66
CA THR L 294 81.55 19.69 -0.82
C THR L 294 80.12 19.41 -1.26
N PHE L 295 79.35 18.74 -0.39
CA PHE L 295 77.91 18.53 -0.54
C PHE L 295 77.32 18.38 0.82
N ASP L 296 76.27 19.16 1.10
CA ASP L 296 75.58 19.09 2.36
C ASP L 296 74.17 18.53 2.19
N SER L 297 74.01 17.21 2.36
CA SER L 297 72.66 16.60 2.25
C SER L 297 71.83 16.91 3.49
N GLY L 298 72.52 17.28 4.55
CA GLY L 298 71.94 17.45 5.89
C GLY L 298 72.21 16.23 6.77
N GLY L 299 72.64 15.12 6.16
CA GLY L 299 72.88 13.88 6.87
C GLY L 299 71.55 13.27 7.29
N TYR L 300 71.51 12.50 8.40
CA TYR L 300 70.25 11.92 8.90
C TYR L 300 69.14 12.96 9.13
N ASN L 301 69.52 14.21 9.47
CA ASN L 301 68.58 15.35 9.52
C ASN L 301 68.56 15.92 8.07
N LEU L 302 68.07 15.08 7.15
CA LEU L 302 68.07 15.35 5.71
C LEU L 302 67.36 16.66 5.35
N LYS L 303 67.92 17.40 4.37
CA LYS L 303 67.30 18.64 3.86
C LYS L 303 66.10 18.22 2.97
N ALA L 304 65.00 17.85 3.62
CA ALA L 304 63.79 17.37 2.97
C ALA L 304 62.65 18.37 3.00
N ALA L 305 62.72 19.37 3.91
CA ALA L 305 61.68 20.39 4.06
C ALA L 305 61.55 21.28 2.81
N PRO L 306 60.34 21.74 2.41
CA PRO L 306 60.25 22.64 1.24
C PRO L 306 61.05 23.92 1.52
N GLY L 307 61.85 24.36 0.55
CA GLY L 307 62.69 25.54 0.73
C GLY L 307 64.02 25.25 1.40
N SER L 308 64.36 23.96 1.64
CA SER L 308 65.65 23.66 2.28
C SER L 308 66.86 23.74 1.32
N MET L 309 66.60 23.96 0.03
CA MET L 309 67.59 24.20 -1.03
C MET L 309 68.70 23.13 -1.17
N ILE L 310 68.36 21.84 -1.01
CA ILE L 310 69.33 20.74 -1.15
C ILE L 310 70.05 20.80 -2.50
N ASP L 311 69.35 21.24 -3.57
CA ASP L 311 69.89 21.31 -4.93
C ASP L 311 71.05 22.32 -5.08
N LEU L 312 71.19 23.25 -4.12
CA LEU L 312 72.23 24.29 -4.11
C LEU L 312 73.45 23.90 -3.27
N MET L 313 73.36 22.78 -2.52
CA MET L 313 74.37 22.38 -1.53
C MET L 313 75.78 22.06 -1.99
N LYS L 314 76.03 22.07 -3.31
CA LYS L 314 77.40 22.01 -3.84
C LYS L 314 78.15 23.31 -3.43
N PHE L 315 77.40 24.37 -3.05
CA PHE L 315 77.94 25.68 -2.67
C PHE L 315 78.44 25.71 -1.23
N ASP L 316 78.27 24.61 -0.49
CA ASP L 316 78.65 24.57 0.92
C ASP L 316 80.16 24.59 1.22
N MET L 317 80.99 24.65 0.16
CA MET L 317 82.44 24.79 0.26
C MET L 317 82.86 26.21 -0.21
N SER L 318 81.88 27.15 -0.27
CA SER L 318 82.13 28.56 -0.67
C SER L 318 83.15 29.26 0.20
N GLY L 319 83.17 28.92 1.51
CA GLY L 319 84.12 29.48 2.46
C GLY L 319 85.53 29.03 2.12
N CYS L 320 85.68 27.72 1.85
CA CYS L 320 86.96 27.15 1.41
C CYS L 320 87.40 27.80 0.08
N ALA L 321 86.44 27.95 -0.88
CA ALA L 321 86.72 28.57 -2.17
C ALA L 321 87.19 30.02 -2.00
N ALA L 322 86.56 30.81 -1.08
CA ALA L 322 86.98 32.20 -0.83
C ALA L 322 88.42 32.24 -0.30
N VAL L 323 88.77 31.31 0.61
CA VAL L 323 90.10 31.20 1.20
C VAL L 323 91.16 30.84 0.12
N LEU L 324 90.82 29.90 -0.79
CA LEU L 324 91.73 29.52 -1.89
C LEU L 324 91.90 30.65 -2.92
N GLY L 325 90.81 31.39 -3.18
CA GLY L 325 90.84 32.53 -4.08
C GLY L 325 91.72 33.62 -3.47
N CYS L 326 91.64 33.78 -2.15
CA CYS L 326 92.48 34.73 -1.42
C CYS L 326 93.96 34.30 -1.52
N ALA L 327 94.25 32.97 -1.40
CA ALA L 327 95.61 32.43 -1.55
C ALA L 327 96.15 32.77 -2.93
N TYR L 328 95.30 32.74 -3.98
CA TYR L 328 95.74 33.14 -5.33
C TYR L 328 96.15 34.61 -5.33
N CYS L 329 95.28 35.51 -4.82
CA CYS L 329 95.57 36.95 -4.80
C CYS L 329 96.83 37.31 -3.98
N VAL L 330 96.92 36.78 -2.76
CA VAL L 330 98.08 37.03 -1.87
C VAL L 330 99.37 36.46 -2.50
N GLY L 331 99.31 35.20 -2.98
CA GLY L 331 100.44 34.55 -3.65
C GLY L 331 100.92 35.28 -4.89
N THR L 332 100.00 36.00 -5.55
CA THR L 332 100.33 36.76 -6.76
C THR L 332 100.84 38.17 -6.42
N LEU L 333 100.14 38.88 -5.53
CA LEU L 333 100.50 40.26 -5.20
C LEU L 333 101.69 40.37 -4.27
N LYS L 334 101.99 39.27 -3.55
CA LYS L 334 103.12 39.15 -2.64
C LYS L 334 103.21 40.31 -1.61
N PRO L 335 102.21 40.50 -0.71
CA PRO L 335 102.32 41.58 0.29
C PRO L 335 103.49 41.34 1.25
N GLU L 336 104.00 42.42 1.86
CA GLU L 336 105.10 42.34 2.79
C GLU L 336 104.60 42.23 4.24
N ASN L 337 105.48 41.76 5.18
CA ASN L 337 105.27 41.72 6.64
C ASN L 337 104.21 40.77 7.15
N VAL L 338 103.78 39.83 6.32
CA VAL L 338 102.69 38.95 6.75
C VAL L 338 103.02 37.45 6.55
N GLU L 339 102.36 36.58 7.34
CA GLU L 339 102.40 35.12 7.23
C GLU L 339 100.96 34.67 7.31
N ILE L 340 100.46 34.07 6.23
CA ILE L 340 99.07 33.65 6.13
C ILE L 340 98.96 32.17 5.96
N HIS L 341 98.11 31.55 6.80
CA HIS L 341 97.79 30.14 6.73
C HIS L 341 96.37 30.05 6.15
N PHE L 342 96.21 29.30 5.06
CA PHE L 342 94.94 29.12 4.34
C PHE L 342 94.45 27.70 4.70
N LEU L 343 93.37 27.63 5.47
CA LEU L 343 92.94 26.34 5.98
C LEU L 343 91.53 25.98 5.64
N SER L 344 91.28 24.67 5.47
CA SER L 344 89.94 24.13 5.26
C SER L 344 89.83 22.66 5.65
N ALA L 345 88.90 22.35 6.57
CA ALA L 345 88.60 20.98 6.98
C ALA L 345 87.53 20.50 5.97
N VAL L 346 88.02 19.93 4.85
CA VAL L 346 87.13 19.50 3.75
C VAL L 346 86.52 18.11 3.97
N CYS L 347 85.19 18.00 3.75
CA CYS L 347 84.46 16.73 3.84
C CYS L 347 83.12 16.85 3.16
N GLU L 348 82.34 15.77 3.16
CA GLU L 348 81.03 15.71 2.52
C GLU L 348 80.04 15.13 3.56
N ASN L 349 78.83 15.75 3.71
CA ASN L 349 77.81 15.38 4.72
C ASN L 349 76.72 14.52 4.07
N MET L 350 76.85 13.19 4.23
CA MET L 350 76.02 12.20 3.54
C MET L 350 75.22 11.26 4.42
N VAL L 351 74.29 10.51 3.80
CA VAL L 351 73.41 9.54 4.47
C VAL L 351 73.89 8.13 4.12
N SER L 352 74.20 7.33 5.14
CA SER L 352 74.80 6.02 4.95
C SER L 352 74.61 5.21 6.21
N LYS L 353 74.94 3.89 6.16
CA LYS L 353 75.00 3.06 7.36
C LYS L 353 76.14 3.60 8.24
N ASN L 354 77.13 4.28 7.62
CA ASN L 354 78.32 4.79 8.32
C ASN L 354 78.23 6.18 8.88
N SER L 355 77.12 6.91 8.61
CA SER L 355 76.99 8.30 9.05
C SER L 355 76.90 8.48 10.55
N TYR L 356 77.28 9.70 11.01
CA TYR L 356 77.04 10.05 12.40
C TYR L 356 75.54 10.32 12.54
N ARG L 357 75.01 10.14 13.76
CA ARG L 357 73.58 10.26 14.00
C ARG L 357 73.23 11.43 14.89
N PRO L 358 71.99 11.95 14.81
CA PRO L 358 71.53 12.92 15.80
C PRO L 358 71.60 12.25 17.20
N GLY L 359 72.14 12.97 18.17
CA GLY L 359 72.29 12.46 19.52
C GLY L 359 73.68 11.94 19.82
N ASP L 360 74.49 11.65 18.79
CA ASP L 360 75.87 11.16 19.00
C ASP L 360 76.70 12.14 19.81
N ILE L 361 77.57 11.60 20.68
CA ILE L 361 78.48 12.44 21.47
C ILE L 361 79.85 12.21 20.91
N ILE L 362 80.45 13.29 20.43
CA ILE L 362 81.75 13.26 19.76
C ILE L 362 82.76 14.14 20.50
N THR L 363 84.05 13.84 20.34
CA THR L 363 85.09 14.59 21.04
C THR L 363 85.91 15.44 20.09
N ALA L 364 85.95 16.77 20.30
CA ALA L 364 86.77 17.66 19.48
C ALA L 364 88.23 17.51 19.87
N SER L 365 89.16 18.03 19.03
CA SER L 365 90.61 17.95 19.24
C SER L 365 91.11 18.68 20.49
N ASN L 366 90.31 19.55 21.10
CA ASN L 366 90.74 20.20 22.35
C ASN L 366 90.18 19.43 23.58
N GLY L 367 89.57 18.26 23.34
CA GLY L 367 89.01 17.42 24.39
C GLY L 367 87.56 17.69 24.77
N LYS L 368 86.94 18.75 24.21
CA LYS L 368 85.53 19.04 24.53
C LYS L 368 84.57 18.04 23.89
N THR L 369 83.67 17.47 24.70
CA THR L 369 82.67 16.53 24.18
C THR L 369 81.48 17.35 23.71
N ILE L 370 80.94 16.98 22.55
CA ILE L 370 79.85 17.70 21.92
C ILE L 370 78.67 16.75 21.69
N GLU L 371 77.49 17.19 22.12
CA GLU L 371 76.29 16.40 21.80
C GLU L 371 75.65 16.93 20.50
N VAL L 372 75.58 16.04 19.48
CA VAL L 372 75.02 16.39 18.16
C VAL L 372 73.49 16.46 18.28
N GLY L 373 72.92 17.65 18.10
CA GLY L 373 71.48 17.76 18.17
C GLY L 373 70.86 17.68 16.80
N ASN L 374 71.64 17.99 15.75
CA ASN L 374 71.14 17.97 14.37
C ASN L 374 72.34 17.80 13.42
N THR L 375 72.35 16.72 12.63
CA THR L 375 73.46 16.42 11.69
C THR L 375 73.65 17.48 10.59
N ASP L 376 72.67 18.37 10.41
CA ASP L 376 72.70 19.45 9.42
C ASP L 376 73.40 20.69 9.98
N ALA L 377 73.74 20.69 11.28
CA ALA L 377 74.55 21.80 11.79
C ALA L 377 76.02 21.27 11.77
N GLU L 378 76.46 20.74 10.60
CA GLU L 378 77.76 20.10 10.44
C GLU L 378 78.93 21.06 10.31
N GLY L 379 78.68 22.23 9.73
CA GLY L 379 79.72 23.24 9.49
C GLY L 379 80.44 23.65 10.74
N ARG L 380 79.70 23.89 11.83
CA ARG L 380 80.30 24.31 13.11
C ARG L 380 81.17 23.23 13.73
N LEU L 381 80.88 21.94 13.44
CA LEU L 381 81.67 20.81 13.93
C LEU L 381 83.01 20.75 13.22
N THR L 382 83.01 20.92 11.89
CA THR L 382 84.26 20.91 11.11
C THR L 382 85.10 22.14 11.48
N LEU L 383 84.42 23.29 11.66
CA LEU L 383 85.08 24.55 12.03
C LEU L 383 85.70 24.49 13.41
N ALA L 384 85.04 23.81 14.37
CA ALA L 384 85.56 23.66 15.74
C ALA L 384 86.97 23.06 15.71
N ASP L 385 87.15 21.95 14.95
CA ASP L 385 88.46 21.31 14.85
C ASP L 385 89.45 22.16 14.04
N ALA L 386 88.97 22.86 12.99
CA ALA L 386 89.86 23.72 12.18
C ALA L 386 90.33 24.92 13.03
N LEU L 387 89.47 25.45 13.92
CA LEU L 387 89.80 26.55 14.81
C LEU L 387 90.85 26.17 15.86
N VAL L 388 90.75 24.96 16.44
CA VAL L 388 91.73 24.44 17.42
C VAL L 388 93.10 24.34 16.68
N TYR L 389 93.08 23.78 15.46
CA TYR L 389 94.26 23.63 14.61
C TYR L 389 94.89 25.00 14.34
N ALA L 390 94.05 26.00 13.96
CA ALA L 390 94.52 27.36 13.64
C ALA L 390 95.17 28.00 14.85
N GLU L 391 94.54 27.86 16.04
CA GLU L 391 95.08 28.45 17.26
C GLU L 391 96.44 27.87 17.67
N LYS L 392 96.65 26.56 17.41
CA LYS L 392 97.93 25.89 17.69
C LYS L 392 99.07 26.47 16.83
N LEU L 393 98.73 27.16 15.71
CA LEU L 393 99.74 27.77 14.84
C LEU L 393 100.39 29.04 15.43
N GLY L 394 99.82 29.58 16.51
CA GLY L 394 100.30 30.77 17.19
C GLY L 394 100.18 32.00 16.31
N VAL L 395 98.97 32.30 15.82
CA VAL L 395 98.72 33.45 14.95
C VAL L 395 98.18 34.64 15.75
N ASP L 396 98.17 35.82 15.13
CA ASP L 396 97.64 37.04 15.76
C ASP L 396 96.12 37.09 15.57
N TYR L 397 95.64 36.72 14.38
CA TYR L 397 94.21 36.72 14.07
C TYR L 397 93.81 35.44 13.39
N ILE L 398 92.61 34.97 13.73
CA ILE L 398 91.95 33.83 13.09
C ILE L 398 90.66 34.40 12.52
N VAL L 399 90.47 34.25 11.22
CA VAL L 399 89.26 34.70 10.56
C VAL L 399 88.67 33.48 9.86
N ASP L 400 87.43 33.12 10.21
CA ASP L 400 86.75 32.06 9.50
C ASP L 400 85.68 32.62 8.59
N ILE L 401 85.40 31.91 7.49
CA ILE L 401 84.38 32.32 6.51
C ILE L 401 83.60 31.06 6.15
N ALA L 402 82.27 31.11 6.26
CA ALA L 402 81.44 29.92 6.08
C ALA L 402 79.99 30.21 5.69
N THR L 403 79.39 29.30 4.90
CA THR L 403 77.96 29.33 4.52
C THR L 403 77.28 28.54 5.64
N LEU L 404 77.30 29.11 6.84
CA LEU L 404 76.90 28.44 8.06
C LEU L 404 75.41 28.37 8.39
N THR L 405 74.68 29.49 8.35
CA THR L 405 73.28 29.47 8.78
C THR L 405 72.33 30.08 7.78
N GLY L 406 71.25 29.35 7.52
CA GLY L 406 70.19 29.80 6.62
C GLY L 406 69.53 31.09 7.09
N ALA L 407 69.54 31.34 8.40
CA ALA L 407 68.96 32.53 9.03
C ALA L 407 69.59 33.84 8.53
N MET L 408 70.83 33.80 7.99
CA MET L 408 71.45 34.98 7.39
C MET L 408 70.57 35.56 6.26
N LEU L 409 69.85 34.69 5.50
CA LEU L 409 68.92 35.14 4.45
C LEU L 409 67.78 35.99 5.03
N TYR L 410 67.41 35.74 6.28
CA TYR L 410 66.32 36.45 6.96
C TYR L 410 66.82 37.67 7.72
N SER L 411 68.08 37.67 8.14
CA SER L 411 68.60 38.79 8.90
C SER L 411 69.23 39.86 8.00
N LEU L 412 70.22 39.49 7.19
CA LEU L 412 70.87 40.48 6.32
C LEU L 412 70.54 40.33 4.87
N GLY L 413 70.01 39.18 4.48
CA GLY L 413 69.62 38.93 3.11
C GLY L 413 70.76 38.47 2.23
N THR L 414 70.66 38.79 0.95
CA THR L 414 71.60 38.34 -0.08
C THR L 414 72.75 39.28 -0.38
N SER L 415 72.74 40.53 0.15
CA SER L 415 73.80 41.50 -0.18
C SER L 415 74.91 41.67 0.85
N TYR L 416 74.57 41.63 2.13
CA TYR L 416 75.53 41.86 3.21
C TYR L 416 75.79 40.59 3.98
N ALA L 417 77.08 40.25 4.17
CA ALA L 417 77.45 39.10 5.00
C ALA L 417 77.47 39.60 6.46
N GLY L 418 77.38 38.71 7.42
CA GLY L 418 77.43 39.06 8.83
C GLY L 418 78.78 38.69 9.42
N VAL L 419 79.35 39.60 10.21
CA VAL L 419 80.61 39.35 10.89
C VAL L 419 80.36 39.33 12.41
N PHE L 420 80.90 38.31 13.09
CA PHE L 420 80.80 38.12 14.54
C PHE L 420 82.22 37.92 15.05
N GLY L 421 82.49 38.24 16.30
CA GLY L 421 83.85 38.06 16.82
C GLY L 421 84.03 38.29 18.29
N ASN L 422 85.23 37.99 18.80
CA ASN L 422 85.57 38.15 20.22
C ASN L 422 86.49 39.38 20.44
N ASN L 423 86.80 40.12 19.37
CA ASN L 423 87.75 41.23 19.41
C ASN L 423 87.34 42.37 18.50
N GLU L 424 87.07 43.54 19.11
CA GLU L 424 86.60 44.73 18.42
C GLU L 424 87.55 45.29 17.37
N GLU L 425 88.87 45.31 17.69
CA GLU L 425 89.90 45.77 16.76
C GLU L 425 89.92 44.93 15.47
N LEU L 426 89.82 43.59 15.60
CA LEU L 426 89.75 42.67 14.45
C LEU L 426 88.48 42.88 13.64
N ILE L 427 87.32 43.04 14.32
CA ILE L 427 86.05 43.31 13.65
C ILE L 427 86.15 44.59 12.81
N ASN L 428 86.74 45.66 13.39
CA ASN L 428 86.90 46.94 12.71
C ASN L 428 87.78 46.84 11.48
N LYS L 429 88.83 45.98 11.54
CA LYS L 429 89.72 45.72 10.41
C LYS L 429 88.95 45.03 9.29
N ILE L 430 88.03 44.10 9.64
CA ILE L 430 87.18 43.42 8.65
C ILE L 430 86.22 44.43 8.02
N LEU L 431 85.61 45.30 8.86
CA LEU L 431 84.69 46.35 8.37
C LEU L 431 85.43 47.32 7.43
N GLN L 432 86.68 47.68 7.74
CA GLN L 432 87.48 48.55 6.88
C GLN L 432 87.80 47.83 5.55
N SER L 433 88.11 46.51 5.61
CA SER L 433 88.38 45.70 4.40
C SER L 433 87.14 45.58 3.52
N SER L 434 85.96 45.55 4.16
CA SER L 434 84.67 45.51 3.49
C SER L 434 84.45 46.79 2.70
N LYS L 435 84.81 47.95 3.28
CA LYS L 435 84.68 49.26 2.61
C LYS L 435 85.62 49.38 1.39
N THR L 436 86.89 48.94 1.55
CA THR L 436 87.85 49.06 0.45
C THR L 436 87.70 47.98 -0.63
N SER L 437 87.23 46.77 -0.27
CA SER L 437 87.01 45.67 -1.23
C SER L 437 85.65 45.85 -1.94
N ASN L 438 84.73 46.64 -1.31
CA ASN L 438 83.34 46.85 -1.75
C ASN L 438 82.52 45.53 -1.69
N GLU L 439 82.87 44.63 -0.76
CA GLU L 439 82.13 43.38 -0.50
C GLU L 439 81.46 43.66 0.84
N PRO L 440 80.15 43.97 0.86
CA PRO L 440 79.53 44.45 2.10
C PRO L 440 79.36 43.45 3.22
N VAL L 441 79.71 43.91 4.43
CA VAL L 441 79.67 43.12 5.67
C VAL L 441 79.05 43.96 6.78
N TRP L 442 78.26 43.34 7.68
CA TRP L 442 77.67 44.08 8.79
C TRP L 442 78.01 43.36 10.07
N TRP L 443 78.38 44.13 11.11
CA TRP L 443 78.74 43.57 12.39
C TRP L 443 77.47 43.16 13.18
N LEU L 444 77.44 41.88 13.57
CA LEU L 444 76.35 41.30 14.36
C LEU L 444 76.89 40.86 15.72
N PRO L 445 76.07 40.90 16.80
CA PRO L 445 76.63 40.60 18.12
C PRO L 445 76.70 39.13 18.49
N ILE L 446 77.65 38.80 19.38
CA ILE L 446 77.70 37.49 20.02
C ILE L 446 77.08 37.77 21.38
N ILE L 447 75.79 37.39 21.54
CA ILE L 447 75.03 37.66 22.76
C ILE L 447 75.30 36.56 23.79
N ASN L 448 76.15 36.86 24.78
CA ASN L 448 76.55 35.95 25.85
C ASN L 448 75.42 35.34 26.64
N GLU L 449 74.28 36.03 26.76
CA GLU L 449 73.08 35.55 27.44
C GLU L 449 72.55 34.23 26.83
N TYR L 450 72.80 34.02 25.53
CA TYR L 450 72.32 32.81 24.88
C TYR L 450 73.22 31.58 25.10
N ARG L 451 74.43 31.78 25.68
CA ARG L 451 75.38 30.70 25.90
C ARG L 451 74.80 29.52 26.71
N ALA L 452 73.98 29.80 27.72
CA ALA L 452 73.35 28.78 28.57
C ALA L 452 72.49 27.77 27.76
N THR L 453 72.01 28.17 26.56
CA THR L 453 71.22 27.29 25.68
C THR L 453 72.10 26.17 25.09
N LEU L 454 73.43 26.32 25.16
CA LEU L 454 74.38 25.30 24.68
C LEU L 454 74.84 24.35 25.79
N ASN L 455 74.29 24.49 27.01
CA ASN L 455 74.64 23.60 28.10
C ASN L 455 73.98 22.25 27.84
N SER L 456 74.77 21.19 27.72
CA SER L 456 74.29 19.85 27.45
C SER L 456 74.11 19.12 28.77
N LYS L 457 73.09 18.24 28.84
CA LYS L 457 72.86 17.44 30.04
C LYS L 457 73.99 16.39 30.21
N TYR L 458 74.49 15.87 29.09
CA TYR L 458 75.49 14.78 29.08
C TYR L 458 76.89 15.14 28.66
N ALA L 459 77.03 15.86 27.55
CA ALA L 459 78.32 16.26 26.98
C ALA L 459 78.77 17.59 27.60
N ASP L 460 79.98 18.03 27.27
CA ASP L 460 80.47 19.33 27.76
C ASP L 460 79.68 20.48 27.16
N ILE L 461 79.21 20.31 25.91
CA ILE L 461 78.48 21.34 25.19
C ILE L 461 77.54 20.73 24.15
N ASN L 462 76.45 21.45 23.87
CA ASN L 462 75.53 21.12 22.79
C ASN L 462 76.05 21.80 21.52
N GLN L 463 75.85 21.13 20.40
CA GLN L 463 76.16 21.63 19.06
C GLN L 463 75.14 22.77 18.74
N ILE L 464 73.87 22.55 19.09
CA ILE L 464 72.77 23.47 18.83
C ILE L 464 71.95 23.74 20.08
N SER L 465 71.23 24.85 20.04
CA SER L 465 70.26 25.25 21.04
C SER L 465 68.95 24.53 20.68
N SER L 466 68.09 24.29 21.67
CA SER L 466 66.76 23.68 21.38
C SER L 466 65.88 24.73 20.62
N SER L 467 66.07 26.01 21.01
CA SER L 467 65.57 27.31 20.53
C SER L 467 64.68 27.39 19.32
N VAL L 468 65.22 26.96 18.13
CA VAL L 468 64.68 27.10 16.75
C VAL L 468 64.93 28.57 16.29
N LYS L 469 65.59 29.37 17.19
CA LYS L 469 65.80 30.81 17.30
C LYS L 469 66.92 31.53 16.55
N ALA L 470 67.66 32.47 17.27
CA ALA L 470 68.78 33.32 16.80
C ALA L 470 69.97 32.44 16.48
N SER L 471 69.78 31.56 15.50
CA SER L 471 70.73 30.54 15.09
C SER L 471 72.11 31.02 14.65
N SER L 472 72.22 32.19 14.01
CA SER L 472 73.54 32.67 13.58
C SER L 472 74.41 33.08 14.77
N ILE L 473 73.76 33.69 15.78
CA ILE L 473 74.39 34.09 17.04
C ILE L 473 74.77 32.86 17.84
N VAL L 474 73.86 31.86 17.94
CA VAL L 474 74.13 30.61 18.68
C VAL L 474 75.32 29.85 18.01
N ALA L 475 75.36 29.79 16.68
CA ALA L 475 76.46 29.13 15.95
C ALA L 475 77.79 29.83 16.30
N SER L 476 77.80 31.17 16.40
CA SER L 476 78.99 31.98 16.76
C SER L 476 79.42 31.71 18.19
N LEU L 477 78.44 31.52 19.12
CA LEU L 477 78.74 31.20 20.52
C LEU L 477 79.41 29.83 20.60
N PHE L 478 78.94 28.86 19.77
CA PHE L 478 79.54 27.52 19.73
C PHE L 478 81.01 27.63 19.24
N LEU L 479 81.24 28.35 18.12
CA LEU L 479 82.60 28.52 17.57
C LEU L 479 83.55 29.19 18.53
N LYS L 480 83.04 30.20 19.27
CA LYS L 480 83.83 30.95 20.26
C LYS L 480 84.47 30.04 21.31
N GLU L 481 83.81 28.89 21.62
CA GLU L 481 84.31 27.90 22.59
C GLU L 481 85.59 27.20 22.12
N PHE L 482 85.94 27.33 20.84
CA PHE L 482 87.10 26.65 20.27
C PHE L 482 88.29 27.57 20.00
N VAL L 483 88.20 28.81 20.48
CA VAL L 483 89.27 29.84 20.41
C VAL L 483 89.48 30.32 21.85
N GLN L 484 90.61 29.95 22.42
CA GLN L 484 90.88 30.25 23.84
C GLN L 484 91.45 31.63 24.12
N ASN L 485 92.46 32.07 23.35
CA ASN L 485 93.16 33.33 23.64
C ASN L 485 93.70 34.01 22.39
N THR L 486 92.92 34.03 21.30
CA THR L 486 93.34 34.68 20.06
C THR L 486 92.21 35.53 19.54
N ALA L 487 92.54 36.74 18.97
CA ALA L 487 91.55 37.61 18.32
C ALA L 487 90.98 36.77 17.16
N TRP L 488 89.64 36.61 17.14
CA TRP L 488 88.93 35.78 16.17
C TRP L 488 87.65 36.45 15.66
N ALA L 489 87.38 36.29 14.36
CA ALA L 489 86.19 36.82 13.71
C ALA L 489 85.62 35.73 12.80
N HIS L 490 84.30 35.70 12.65
CA HIS L 490 83.57 34.71 11.90
C HIS L 490 82.66 35.42 10.91
N ILE L 491 82.81 35.10 9.62
CA ILE L 491 82.02 35.73 8.57
C ILE L 491 81.03 34.72 8.03
N ASP L 492 79.73 34.94 8.30
CA ASP L 492 78.72 34.03 7.82
C ASP L 492 78.22 34.54 6.44
N ILE L 493 78.53 33.76 5.40
CA ILE L 493 78.25 34.07 3.99
C ILE L 493 77.13 33.22 3.39
N ALA L 494 76.35 32.53 4.25
CA ALA L 494 75.25 31.67 3.79
C ALA L 494 74.24 32.42 2.91
N GLY L 495 73.99 33.70 3.22
CA GLY L 495 73.04 34.49 2.45
C GLY L 495 73.59 35.11 1.17
N VAL L 496 74.88 35.48 1.18
CA VAL L 496 75.52 36.22 0.08
C VAL L 496 76.26 35.41 -0.96
N SER L 497 76.61 34.17 -0.66
CA SER L 497 77.48 33.39 -1.55
C SER L 497 76.93 33.12 -2.96
N TRP L 498 75.65 32.77 -3.04
CA TRP L 498 75.01 32.43 -4.30
C TRP L 498 74.20 33.57 -4.89
N ASN L 499 74.41 33.86 -6.17
CA ASN L 499 73.63 34.86 -6.88
C ASN L 499 72.41 34.12 -7.46
N PHE L 500 71.28 34.16 -6.74
CA PHE L 500 70.06 33.47 -7.11
C PHE L 500 69.50 33.91 -8.46
N LYS L 501 69.49 35.22 -8.74
CA LYS L 501 68.96 35.76 -9.99
C LYS L 501 69.80 35.33 -11.20
N ALA L 502 71.14 35.39 -11.10
CA ALA L 502 72.04 35.00 -12.20
C ALA L 502 72.35 33.49 -12.23
N ARG L 503 71.88 32.73 -11.22
CA ARG L 503 72.06 31.26 -11.11
C ARG L 503 73.55 30.87 -11.10
N LYS L 504 74.37 31.64 -10.36
CA LYS L 504 75.81 31.40 -10.31
C LYS L 504 76.43 31.84 -8.98
N PRO L 505 77.66 31.41 -8.63
CA PRO L 505 78.26 31.91 -7.39
C PRO L 505 78.75 33.33 -7.55
N LYS L 506 79.02 34.00 -6.43
CA LYS L 506 79.59 35.33 -6.45
C LYS L 506 81.10 35.29 -6.26
N GLY L 507 81.61 34.22 -5.66
CA GLY L 507 83.01 34.13 -5.25
C GLY L 507 83.23 35.11 -4.11
N PHE L 508 82.17 35.32 -3.29
CA PHE L 508 82.15 36.30 -2.19
C PHE L 508 83.23 36.01 -1.17
N GLY L 509 83.95 37.06 -0.77
CA GLY L 509 84.93 36.98 0.30
C GLY L 509 86.37 37.02 -0.14
N VAL L 510 86.65 36.69 -1.42
CA VAL L 510 88.02 36.70 -1.93
C VAL L 510 88.64 38.08 -1.76
N ARG L 511 87.97 39.12 -2.29
CA ARG L 511 88.48 40.49 -2.27
C ARG L 511 88.50 41.06 -0.87
N LEU L 512 87.47 40.73 -0.06
CA LEU L 512 87.37 41.12 1.34
C LEU L 512 88.58 40.60 2.14
N LEU L 513 88.88 39.30 2.03
CA LEU L 513 90.00 38.71 2.74
C LEU L 513 91.36 39.21 2.22
N THR L 514 91.48 39.46 0.91
CA THR L 514 92.74 39.96 0.35
C THR L 514 92.99 41.38 0.83
N GLU L 515 91.93 42.23 0.81
CA GLU L 515 92.02 43.62 1.30
C GLU L 515 92.43 43.62 2.79
N PHE L 516 91.91 42.65 3.57
CA PHE L 516 92.24 42.46 4.99
C PHE L 516 93.72 42.15 5.16
N VAL L 517 94.26 41.25 4.36
CA VAL L 517 95.69 40.99 4.47
C VAL L 517 96.56 42.17 3.97
N LEU L 518 96.15 42.82 2.88
CA LEU L 518 96.89 43.95 2.30
C LEU L 518 96.93 45.19 3.20
N ASN L 519 95.78 45.54 3.86
CA ASN L 519 95.62 46.69 4.78
C ASN L 519 96.51 46.57 5.98
N ASP L 520 96.58 45.36 6.56
CA ASP L 520 97.45 45.01 7.68
C ASP L 520 98.91 44.99 7.22
#